data_9RWR
#
_entry.id   9RWR
#
_cell.length_a   1.00
_cell.length_b   1.00
_cell.length_c   1.00
_cell.angle_alpha   90.00
_cell.angle_beta   90.00
_cell.angle_gamma   90.00
#
_symmetry.space_group_name_H-M   'P 1'
#
_entity_poly.entity_id   1
_entity_poly.type   'polypeptide(L)'
_entity_poly.pdbx_seq_one_letter_code
;AKQIKFDTDARNALLRGVDKLADAVKVTLGPKGRNVIIEKKFGAPTITKDGVTVAKEIELEDPFENMGAQMVKEVASKTS
DVAGDGTTTATVLAQAIVREGLKNVAAGANPMDLKRGIDKAVEAVVEELKKMAKPVNGKEEIAQVATISANNDPEIGKLI
AEAMEKVGKDGVITVEESKSTETTLDVVEGMQFDRGYLSPYFVTDSEKMEAVLENPYILIYDKKISNMKDLLPILEKVAQ
SGKPLLIIAEDVEGEALATLVVNKLRGTLKVCAVKAPGFGDRRKAMLEDIAILTGGTVISEETGYKLENATLDYLGRAKR
VTIDKDNTTIVDGAGDKEDIKARVNQIKKQIENTTSDYDREKLQERLAKLAGGVAVIKVGAATEVEMKEKKARVEDALHA
TRAAVEEGIVPGGGVALIRAAKALENLEGENGDQKTGVKIVRRALEEPLRQIVANAGLEGSVVVNKVKEGKGNFGYNART
EEYDLIEAGVIDPAKVTRTALQNAASIAGMLLTTECVITEKP
;
_entity_poly.pdbx_strand_id   A,B,C,D,E,F,G,H,I,J,K,L,M,N
#
# COMPACT_ATOMS: atom_id res chain seq x y z
N ALA A 1 0.66 32.99 5.46
CA ALA A 1 -0.74 32.46 5.60
C ALA A 1 -1.09 32.32 7.08
N LYS A 2 -2.33 32.65 7.40
CA LYS A 2 -2.82 32.59 8.78
C LYS A 2 -3.74 31.38 8.92
N GLN A 3 -3.41 30.50 9.87
CA GLN A 3 -4.37 29.50 10.30
C GLN A 3 -5.44 30.18 11.13
N ILE A 4 -6.70 29.80 10.92
CA ILE A 4 -7.83 30.38 11.64
C ILE A 4 -8.72 29.23 12.09
N LYS A 5 -8.96 29.16 13.40
CA LYS A 5 -9.93 28.24 13.99
C LYS A 5 -11.02 29.05 14.66
N PHE A 6 -12.25 28.52 14.66
CA PHE A 6 -13.41 29.25 15.10
C PHE A 6 -14.17 28.47 16.17
N ASP A 7 -14.64 29.19 17.19
CA ASP A 7 -15.65 28.70 18.13
C ASP A 7 -15.08 27.51 18.90
N THR A 8 -15.74 26.35 18.91
CA THR A 8 -15.32 25.27 19.79
C THR A 8 -13.95 24.75 19.42
N ASP A 9 -13.61 24.73 18.13
CA ASP A 9 -12.30 24.23 17.73
C ASP A 9 -11.17 25.07 18.30
N ALA A 10 -11.32 26.40 18.31
CA ALA A 10 -10.29 27.26 18.87
C ALA A 10 -10.30 27.21 20.39
N ARG A 11 -11.49 27.19 21.00
CA ARG A 11 -11.57 27.21 22.45
C ARG A 11 -11.00 25.93 23.04
N ASN A 12 -11.24 24.79 22.39
CA ASN A 12 -10.68 23.53 22.87
C ASN A 12 -9.16 23.53 22.77
N ALA A 13 -8.62 24.10 21.69
CA ALA A 13 -7.17 24.18 21.55
C ALA A 13 -6.56 25.05 22.65
N LEU A 14 -7.20 26.19 22.94
CA LEU A 14 -6.72 27.03 24.02
C LEU A 14 -6.80 26.31 25.35
N LEU A 15 -7.88 25.55 25.57
CA LEU A 15 -8.02 24.79 26.81
C LEU A 15 -6.90 23.77 26.93
N ARG A 16 -6.58 23.08 25.83
CA ARG A 16 -5.53 22.08 25.85
C ARG A 16 -4.18 22.70 26.17
N GLY A 17 -3.89 23.85 25.58
CA GLY A 17 -2.64 24.53 25.88
C GLY A 17 -2.54 24.95 27.34
N VAL A 18 -3.60 25.56 27.86
CA VAL A 18 -3.59 25.98 29.26
C VAL A 18 -3.49 24.76 30.18
N ASP A 19 -4.13 23.66 29.79
CA ASP A 19 -4.04 22.44 30.58
C ASP A 19 -2.62 21.93 30.64
N LYS A 20 -1.93 21.93 29.51
CA LYS A 20 -0.54 21.47 29.51
C LYS A 20 0.33 22.35 30.39
N LEU A 21 0.16 23.67 30.27
CA LEU A 21 0.97 24.58 31.06
C LEU A 21 0.71 24.38 32.56
N ALA A 22 -0.56 24.35 32.96
CA ALA A 22 -0.87 24.20 34.37
C ALA A 22 -0.44 22.85 34.92
N ASP A 23 -0.62 21.78 34.15
CA ASP A 23 -0.15 20.47 34.59
C ASP A 23 1.36 20.47 34.78
N ALA A 24 2.08 21.17 33.91
CA ALA A 24 3.51 21.31 34.11
C ALA A 24 3.82 22.10 35.38
N VAL A 25 3.02 23.12 35.70
CA VAL A 25 3.37 24.05 36.76
C VAL A 25 2.79 23.60 38.10
N LYS A 26 1.57 23.07 38.13
CA LYS A 26 0.89 22.84 39.41
C LYS A 26 1.52 21.70 40.22
N VAL A 27 2.45 20.94 39.65
CA VAL A 27 3.12 19.90 40.40
C VAL A 27 3.87 20.50 41.59
N THR A 28 4.46 21.67 41.40
CA THR A 28 5.34 22.28 42.38
C THR A 28 4.60 23.04 43.47
N LEU A 29 3.27 23.10 43.43
CA LEU A 29 2.52 23.92 44.36
C LEU A 29 2.51 23.28 45.74
N GLY A 30 2.74 24.11 46.77
CA GLY A 30 2.55 23.69 48.14
C GLY A 30 3.85 23.40 48.87
N PRO A 31 3.79 23.24 50.19
CA PRO A 31 5.01 22.94 50.96
C PRO A 31 5.54 21.54 50.75
N LYS A 32 4.73 20.61 50.24
CA LYS A 32 5.16 19.26 49.90
C LYS A 32 5.09 19.06 48.39
N GLY A 33 5.52 20.05 47.65
CA GLY A 33 5.53 19.95 46.21
C GLY A 33 6.56 18.96 45.72
N ARG A 34 6.38 18.54 44.47
CA ARG A 34 7.24 17.59 43.80
C ARG A 34 7.98 18.25 42.64
N ASN A 35 9.00 17.56 42.16
CA ASN A 35 10.05 18.17 41.36
C ASN A 35 9.71 18.16 39.87
N VAL A 36 10.39 19.04 39.14
CA VAL A 36 10.26 19.15 37.69
C VAL A 36 11.65 19.21 37.11
N ILE A 37 11.92 18.37 36.10
CA ILE A 37 13.21 18.35 35.43
C ILE A 37 13.13 19.24 34.19
N ILE A 38 14.10 20.12 34.04
CA ILE A 38 14.15 21.12 32.97
C ILE A 38 15.40 20.85 32.15
N GLU A 39 15.29 20.96 30.82
CA GLU A 39 16.47 20.90 29.97
C GLU A 39 17.52 21.92 30.34
N LYS A 40 18.73 21.65 29.87
CA LYS A 40 19.73 22.67 29.67
C LYS A 40 20.40 22.36 28.34
N LYS A 41 20.65 23.39 27.54
CA LYS A 41 21.40 23.20 26.30
C LYS A 41 22.74 22.53 26.59
N PHE A 42 23.56 23.18 27.41
CA PHE A 42 24.86 22.66 27.81
C PHE A 42 24.85 22.44 29.31
N GLY A 43 25.45 21.34 29.75
CA GLY A 43 25.62 21.05 31.16
C GLY A 43 24.52 20.15 31.70
N ALA A 44 24.63 19.87 33.00
CA ALA A 44 23.69 18.99 33.63
C ALA A 44 22.30 19.66 33.70
N PRO A 45 21.22 18.89 33.62
CA PRO A 45 19.89 19.52 33.68
C PRO A 45 19.56 19.98 35.09
N THR A 46 18.66 20.95 35.15
CA THR A 46 18.26 21.57 36.41
C THR A 46 16.97 20.95 36.90
N ILE A 47 16.93 20.62 38.18
CA ILE A 47 15.73 20.11 38.83
C ILE A 47 15.18 21.22 39.71
N THR A 48 13.94 21.62 39.44
CA THR A 48 13.34 22.80 40.05
C THR A 48 12.03 22.43 40.75
N LYS A 49 11.89 22.89 41.99
CA LYS A 49 10.65 22.77 42.75
C LYS A 49 9.87 24.07 42.79
N ASP A 50 10.23 25.06 41.97
CA ASP A 50 9.59 26.36 41.95
C ASP A 50 8.80 26.51 40.66
N GLY A 51 7.52 26.86 40.80
CA GLY A 51 6.66 26.98 39.63
C GLY A 51 7.06 28.08 38.67
N VAL A 52 7.65 29.16 39.19
CA VAL A 52 8.00 30.28 38.32
C VAL A 52 9.07 29.86 37.32
N THR A 53 10.09 29.16 37.78
CA THR A 53 11.12 28.68 36.88
C THR A 53 10.56 27.67 35.90
N VAL A 54 9.56 26.89 36.32
CA VAL A 54 8.91 25.97 35.40
C VAL A 54 8.16 26.74 34.33
N ALA A 55 7.49 27.84 34.72
CA ALA A 55 6.59 28.54 33.81
C ALA A 55 7.33 29.12 32.60
N LYS A 56 8.51 29.69 32.83
CA LYS A 56 9.20 30.41 31.76
C LYS A 56 9.92 29.50 30.79
N GLU A 57 9.88 28.18 30.98
CA GLU A 57 10.43 27.20 30.05
C GLU A 57 9.33 26.30 29.49
N ILE A 58 8.18 26.90 29.16
CA ILE A 58 7.06 26.20 28.55
C ILE A 58 6.65 26.95 27.29
N GLU A 59 6.88 26.34 26.14
CA GLU A 59 6.25 26.73 24.90
C GLU A 59 6.08 25.49 24.04
N LEU A 60 4.94 25.43 23.36
CA LEU A 60 4.43 24.19 22.78
C LEU A 60 4.49 24.25 21.26
N GLU A 61 4.55 23.07 20.65
CA GLU A 61 4.74 22.99 19.20
C GLU A 61 3.51 23.51 18.45
N ASP A 62 2.32 23.08 18.86
CA ASP A 62 1.11 23.50 18.17
C ASP A 62 0.95 25.00 18.44
N PRO A 63 0.74 25.84 17.42
CA PRO A 63 0.62 27.28 17.69
C PRO A 63 -0.56 27.66 18.55
N PHE A 64 -1.68 26.93 18.48
CA PHE A 64 -2.84 27.28 19.30
C PHE A 64 -2.60 26.96 20.77
N GLU A 65 -2.04 25.78 21.04
CA GLU A 65 -1.70 25.44 22.42
C GLU A 65 -0.66 26.40 22.97
N ASN A 66 0.32 26.76 22.14
CA ASN A 66 1.31 27.75 22.55
C ASN A 66 0.63 29.09 22.83
N MET A 67 -0.41 29.42 22.06
CA MET A 67 -1.17 30.64 22.31
C MET A 67 -1.78 30.64 23.69
N GLY A 68 -2.50 29.57 24.03
CA GLY A 68 -3.09 29.48 25.36
C GLY A 68 -2.03 29.55 26.45
N ALA A 69 -0.92 28.85 26.25
CA ALA A 69 0.15 28.84 27.23
C ALA A 69 0.71 30.24 27.45
N GLN A 70 1.00 30.97 26.37
CA GLN A 70 1.54 32.31 26.53
C GLN A 70 0.52 33.26 27.14
N MET A 71 -0.77 33.09 26.83
CA MET A 71 -1.77 33.98 27.41
C MET A 71 -1.80 33.82 28.93
N VAL A 72 -1.85 32.57 29.40
CA VAL A 72 -1.88 32.38 30.85
C VAL A 72 -0.54 32.76 31.47
N LYS A 73 0.58 32.53 30.78
CA LYS A 73 1.87 32.94 31.30
C LYS A 73 1.93 34.45 31.49
N GLU A 74 1.44 35.20 30.50
CA GLU A 74 1.44 36.65 30.62
C GLU A 74 0.54 37.10 31.75
N VAL A 75 -0.69 36.57 31.81
CA VAL A 75 -1.63 37.09 32.81
C VAL A 75 -1.21 36.72 34.23
N ALA A 76 -0.59 35.56 34.44
CA ALA A 76 -0.16 35.17 35.78
C ALA A 76 1.09 35.91 36.25
N SER A 77 1.91 36.44 35.33
CA SER A 77 3.13 37.11 35.71
C SER A 77 2.91 38.48 36.32
N LYS A 78 1.69 39.03 36.27
CA LYS A 78 1.40 40.34 36.81
C LYS A 78 1.11 40.32 38.32
N THR A 79 1.29 39.18 38.98
CA THR A 79 1.05 39.11 40.41
C THR A 79 1.99 40.05 41.16
N SER A 80 1.48 40.58 42.28
CA SER A 80 2.25 41.54 43.07
C SER A 80 3.56 40.92 43.58
N ASP A 81 3.49 39.69 44.08
CA ASP A 81 4.64 38.97 44.60
C ASP A 81 4.99 37.84 43.64
N VAL A 82 6.16 37.93 43.02
CA VAL A 82 6.69 36.86 42.19
C VAL A 82 7.70 36.00 42.93
N ALA A 83 7.78 36.14 44.26
CA ALA A 83 8.75 35.36 45.03
C ALA A 83 8.33 33.91 45.16
N GLY A 84 7.05 33.66 45.43
CA GLY A 84 6.61 32.29 45.60
C GLY A 84 5.11 32.12 45.74
N ASP A 85 4.58 31.06 45.11
CA ASP A 85 3.18 30.67 45.23
C ASP A 85 2.21 31.72 44.72
N GLY A 86 2.68 32.70 43.94
CA GLY A 86 1.82 33.70 43.36
C GLY A 86 1.34 33.29 41.99
N THR A 87 2.28 32.97 41.11
CA THR A 87 1.95 32.60 39.73
C THR A 87 1.43 31.17 39.62
N THR A 88 1.63 30.34 40.63
CA THR A 88 1.13 28.97 40.61
C THR A 88 -0.32 28.88 41.05
N THR A 89 -0.68 29.58 42.12
CA THR A 89 -2.08 29.62 42.54
C THR A 89 -2.95 30.21 41.45
N ALA A 90 -2.45 31.27 40.79
CA ALA A 90 -3.20 31.90 39.72
C ALA A 90 -3.45 30.93 38.57
N THR A 91 -2.43 30.19 38.16
CA THR A 91 -2.61 29.31 37.01
C THR A 91 -3.46 28.10 37.36
N VAL A 92 -3.39 27.63 38.61
CA VAL A 92 -4.27 26.53 39.02
C VAL A 92 -5.72 26.99 39.00
N LEU A 93 -6.00 28.17 39.55
CA LEU A 93 -7.36 28.69 39.53
C LEU A 93 -7.84 28.93 38.10
N ALA A 94 -6.95 29.46 37.25
CA ALA A 94 -7.32 29.70 35.87
C ALA A 94 -7.64 28.40 35.15
N GLN A 95 -6.85 27.36 35.40
CA GLN A 95 -7.14 26.06 34.81
C GLN A 95 -8.51 25.56 35.24
N ALA A 96 -8.80 25.64 36.54
CA ALA A 96 -10.07 25.13 37.04
C ALA A 96 -11.24 25.87 36.40
N ILE A 97 -11.18 27.20 36.44
CA ILE A 97 -12.31 27.99 35.93
C ILE A 97 -12.45 27.79 34.43
N VAL A 98 -11.35 27.83 33.68
CA VAL A 98 -11.42 27.70 32.23
C VAL A 98 -11.99 26.33 31.86
N ARG A 99 -11.44 25.26 32.45
CA ARG A 99 -11.88 23.91 32.13
C ARG A 99 -13.37 23.75 32.39
N GLU A 100 -13.78 23.92 33.64
CA GLU A 100 -15.14 23.54 34.00
C GLU A 100 -16.16 24.60 33.61
N GLY A 101 -15.72 25.84 33.35
CA GLY A 101 -16.56 26.79 32.65
C GLY A 101 -16.80 26.41 31.21
N LEU A 102 -15.77 25.94 30.50
CA LEU A 102 -16.00 25.49 29.13
C LEU A 102 -16.89 24.26 29.09
N LYS A 103 -16.76 23.38 30.08
CA LYS A 103 -17.65 22.23 30.18
C LYS A 103 -19.10 22.69 30.34
N ASN A 104 -19.33 23.71 31.17
CA ASN A 104 -20.68 24.27 31.25
C ASN A 104 -21.11 24.95 29.95
N VAL A 105 -20.19 25.61 29.25
CA VAL A 105 -20.54 26.29 28.00
C VAL A 105 -21.01 25.28 26.97
N ALA A 106 -20.40 24.09 26.97
CA ALA A 106 -20.88 23.02 26.09
C ALA A 106 -22.32 22.60 26.40
N ALA A 107 -22.83 22.91 27.59
CA ALA A 107 -24.21 22.65 27.94
C ALA A 107 -25.15 23.78 27.57
N GLY A 108 -24.77 24.62 26.61
CA GLY A 108 -25.64 25.66 26.10
C GLY A 108 -25.66 26.96 26.87
N ALA A 109 -24.88 27.07 27.95
CA ALA A 109 -24.86 28.29 28.74
C ALA A 109 -24.25 29.44 27.95
N ASN A 110 -24.81 30.62 28.12
CA ASN A 110 -24.33 31.80 27.43
C ASN A 110 -22.95 32.16 28.03
N PRO A 111 -21.89 32.27 27.21
CA PRO A 111 -20.59 32.63 27.80
C PRO A 111 -20.56 34.01 28.44
N MET A 112 -21.27 34.99 27.90
CA MET A 112 -21.21 36.34 28.47
C MET A 112 -21.77 36.36 29.89
N ASP A 113 -22.90 35.68 30.10
CA ASP A 113 -23.46 35.60 31.44
C ASP A 113 -22.52 34.86 32.38
N LEU A 114 -21.83 33.83 31.89
CA LEU A 114 -20.85 33.16 32.73
C LEU A 114 -19.74 34.10 33.15
N LYS A 115 -19.23 34.91 32.21
CA LYS A 115 -18.17 35.84 32.56
C LYS A 115 -18.66 36.87 33.57
N ARG A 116 -19.87 37.39 33.37
CA ARG A 116 -20.39 38.37 34.31
C ARG A 116 -20.58 37.76 35.69
N GLY A 117 -21.10 36.54 35.76
CA GLY A 117 -21.26 35.88 37.05
C GLY A 117 -19.93 35.63 37.72
N ILE A 118 -18.92 35.22 36.95
CA ILE A 118 -17.59 34.99 37.51
C ILE A 118 -17.05 36.29 38.08
N ASP A 119 -17.20 37.38 37.35
CA ASP A 119 -16.71 38.67 37.83
C ASP A 119 -17.43 39.11 39.09
N LYS A 120 -18.76 38.93 39.14
CA LYS A 120 -19.52 39.32 40.31
C LYS A 120 -19.12 38.51 41.53
N ALA A 121 -19.00 37.19 41.37
CA ALA A 121 -18.60 36.35 42.48
C ALA A 121 -17.18 36.64 42.91
N VAL A 122 -16.30 36.99 41.97
CA VAL A 122 -14.93 37.33 42.33
C VAL A 122 -14.90 38.64 43.10
N GLU A 123 -15.77 39.59 42.73
CA GLU A 123 -15.88 40.82 43.49
C GLU A 123 -16.32 40.54 44.92
N ALA A 124 -17.32 39.67 45.08
CA ALA A 124 -17.76 39.28 46.42
C ALA A 124 -16.63 38.60 47.19
N VAL A 125 -15.88 37.72 46.53
CA VAL A 125 -14.82 36.97 47.18
C VAL A 125 -13.71 37.91 47.63
N VAL A 126 -13.33 38.88 46.79
CA VAL A 126 -12.26 39.79 47.19
C VAL A 126 -12.73 40.69 48.32
N GLU A 127 -14.00 41.10 48.32
CA GLU A 127 -14.51 41.86 49.46
C GLU A 127 -14.43 41.05 50.73
N GLU A 128 -14.81 39.77 50.66
CA GLU A 128 -14.78 38.94 51.86
C GLU A 128 -13.34 38.70 52.30
N LEU A 129 -12.42 38.59 51.34
CA LEU A 129 -11.00 38.46 51.67
C LEU A 129 -10.48 39.70 52.37
N LYS A 130 -10.88 40.88 51.91
CA LYS A 130 -10.52 42.11 52.61
C LYS A 130 -11.06 42.11 54.03
N LYS A 131 -12.27 41.59 54.21
CA LYS A 131 -12.87 41.58 55.55
C LYS A 131 -12.19 40.56 56.46
N MET A 132 -11.68 39.47 55.89
CA MET A 132 -11.18 38.37 56.71
C MET A 132 -9.77 38.63 57.23
N ALA A 133 -8.98 39.40 56.49
CA ALA A 133 -7.54 39.48 56.76
C ALA A 133 -7.24 40.13 58.11
N LYS A 134 -6.09 39.77 58.68
CA LYS A 134 -5.62 40.33 59.93
C LYS A 134 -4.65 41.47 59.64
N PRO A 135 -4.91 42.70 60.04
CA PRO A 135 -3.99 43.78 59.70
C PRO A 135 -2.72 43.74 60.54
N VAL A 136 -1.62 44.15 59.91
CA VAL A 136 -0.29 44.15 60.52
C VAL A 136 0.15 45.59 60.70
N ASN A 137 0.30 46.01 61.96
CA ASN A 137 0.74 47.36 62.27
C ASN A 137 1.33 47.32 63.69
N GLY A 138 2.66 47.38 63.77
CA GLY A 138 3.36 47.31 65.03
C GLY A 138 4.65 46.54 64.88
N LYS A 139 5.72 47.00 65.55
CA LYS A 139 7.06 46.49 65.27
C LYS A 139 7.18 45.01 65.61
N GLU A 140 6.65 44.61 66.76
CA GLU A 140 6.83 43.22 67.19
C GLU A 140 6.15 42.25 66.23
N GLU A 141 4.94 42.58 65.79
CA GLU A 141 4.24 41.70 64.86
C GLU A 141 4.77 41.81 63.43
N ILE A 142 5.34 42.96 63.05
CA ILE A 142 6.07 43.01 61.79
C ILE A 142 7.25 42.04 61.84
N ALA A 143 7.97 42.04 62.97
CA ALA A 143 9.08 41.10 63.12
C ALA A 143 8.59 39.67 63.09
N GLN A 144 7.44 39.38 63.71
CA GLN A 144 6.87 38.04 63.62
C GLN A 144 6.62 37.65 62.17
N VAL A 145 5.95 38.53 61.42
CA VAL A 145 5.61 38.21 60.03
C VAL A 145 6.87 38.01 59.20
N ALA A 146 7.88 38.85 59.42
CA ALA A 146 9.15 38.67 58.73
C ALA A 146 9.77 37.33 59.06
N THR A 147 9.73 36.94 60.33
CA THR A 147 10.29 35.65 60.72
C THR A 147 9.57 34.50 60.05
N ILE A 148 8.23 34.56 59.96
CA ILE A 148 7.52 33.54 59.20
C ILE A 148 7.97 33.57 57.75
N SER A 149 8.22 34.76 57.22
CA SER A 149 8.59 34.89 55.82
C SER A 149 10.02 34.46 55.53
N ALA A 150 10.86 34.29 56.56
CA ALA A 150 12.27 33.97 56.40
C ALA A 150 12.61 32.63 57.06
N ASN A 151 11.67 31.70 57.05
CA ASN A 151 11.89 30.35 57.57
C ASN A 151 12.25 30.37 59.05
N ASN A 152 11.70 31.33 59.79
CA ASN A 152 11.84 31.41 61.24
C ASN A 152 13.31 31.56 61.66
N ASP A 153 13.90 32.70 61.29
CA ASP A 153 15.18 33.13 61.84
C ASP A 153 14.95 34.51 62.44
N PRO A 154 15.28 34.76 63.71
CA PRO A 154 14.91 36.04 64.31
C PRO A 154 15.80 37.20 63.91
N GLU A 155 17.02 36.96 63.45
CA GLU A 155 17.91 38.06 63.14
C GLU A 155 17.41 38.86 61.95
N ILE A 156 17.06 38.17 60.85
CA ILE A 156 16.58 38.86 59.66
C ILE A 156 15.27 39.58 59.95
N GLY A 157 14.39 38.95 60.73
CA GLY A 157 13.13 39.59 61.07
C GLY A 157 13.33 40.86 61.88
N LYS A 158 14.20 40.81 62.89
CA LYS A 158 14.47 41.99 63.68
C LYS A 158 15.09 43.08 62.81
N LEU A 159 16.04 42.70 61.96
CA LEU A 159 16.71 43.68 61.10
C LEU A 159 15.72 44.38 60.18
N ILE A 160 14.92 43.61 59.46
CA ILE A 160 14.01 44.21 58.50
C ILE A 160 12.91 44.99 59.21
N ALA A 161 12.42 44.51 60.34
CA ALA A 161 11.41 45.27 61.08
C ALA A 161 11.96 46.61 61.53
N GLU A 162 13.19 46.63 62.04
CA GLU A 162 13.79 47.88 62.50
C GLU A 162 13.99 48.83 61.32
N ALA A 163 14.39 48.27 60.17
CA ALA A 163 14.56 49.10 58.98
C ALA A 163 13.25 49.76 58.57
N MET A 164 12.17 48.97 58.50
CA MET A 164 10.88 49.55 58.13
C MET A 164 10.40 50.53 59.19
N GLU A 165 10.79 50.32 60.44
CA GLU A 165 10.46 51.30 61.47
C GLU A 165 11.14 52.63 61.17
N LYS A 166 12.42 52.60 60.77
CA LYS A 166 13.10 53.86 60.50
C LYS A 166 12.53 54.55 59.27
N VAL A 167 12.43 53.84 58.14
CA VAL A 167 12.28 54.54 56.87
C VAL A 167 10.83 54.91 56.60
N GLY A 168 9.88 54.14 57.12
CA GLY A 168 8.47 54.37 56.87
C GLY A 168 7.86 53.25 56.05
N LYS A 169 6.54 53.11 56.10
CA LYS A 169 5.88 51.99 55.43
C LYS A 169 6.04 52.06 53.92
N ASP A 170 5.83 53.24 53.35
CA ASP A 170 5.94 53.44 51.91
C ASP A 170 7.34 53.80 51.46
N GLY A 171 8.30 53.88 52.38
CA GLY A 171 9.66 54.24 52.02
C GLY A 171 10.32 53.18 51.18
N VAL A 172 11.62 53.40 50.92
CA VAL A 172 12.42 52.54 50.06
C VAL A 172 13.43 51.80 50.92
N ILE A 173 13.45 50.48 50.77
CA ILE A 173 14.42 49.61 51.42
C ILE A 173 15.04 48.75 50.33
N THR A 174 16.37 48.68 50.30
CA THR A 174 17.10 48.05 49.21
C THR A 174 18.24 47.20 49.76
N VAL A 175 18.60 46.18 48.98
CA VAL A 175 19.49 45.11 49.42
C VAL A 175 20.80 45.22 48.64
N GLU A 176 21.92 45.23 49.36
CA GLU A 176 23.25 45.36 48.80
C GLU A 176 24.13 44.16 49.12
N GLU A 177 24.96 43.81 48.15
CA GLU A 177 25.95 42.74 48.29
C GLU A 177 27.09 43.27 49.14
N SER A 178 26.98 43.11 50.45
CA SER A 178 28.00 43.60 51.34
C SER A 178 29.26 42.74 51.25
N LYS A 179 30.33 43.21 51.89
CA LYS A 179 31.57 42.48 52.01
C LYS A 179 31.98 42.21 53.45
N SER A 180 31.64 43.09 54.39
CA SER A 180 31.92 42.81 55.79
C SER A 180 31.10 41.61 56.26
N THR A 181 31.71 40.79 57.10
CA THR A 181 31.02 39.62 57.63
C THR A 181 29.87 39.98 58.57
N GLU A 182 29.86 41.19 59.11
CA GLU A 182 28.72 41.67 59.88
C GLU A 182 27.67 42.27 58.95
N THR A 183 26.48 42.46 59.49
CA THR A 183 25.36 43.09 58.80
C THR A 183 25.05 44.41 59.49
N THR A 184 24.74 45.44 58.70
CA THR A 184 24.55 46.79 59.22
C THR A 184 23.30 47.41 58.61
N LEU A 185 22.83 48.46 59.29
CA LEU A 185 21.65 49.23 58.89
C LEU A 185 21.99 50.71 58.91
N ASP A 186 21.88 51.35 57.74
CA ASP A 186 22.06 52.79 57.60
C ASP A 186 20.84 53.37 56.89
N VAL A 187 20.43 54.55 57.32
CA VAL A 187 19.40 55.32 56.65
C VAL A 187 20.09 56.53 56.05
N VAL A 188 20.14 56.58 54.72
CA VAL A 188 20.94 57.54 53.99
C VAL A 188 20.05 58.25 52.97
N GLU A 189 20.67 59.14 52.20
CA GLU A 189 19.95 59.95 51.23
C GLU A 189 19.90 59.23 49.89
N GLY A 190 18.74 59.27 49.25
CA GLY A 190 18.56 58.61 47.97
C GLY A 190 17.21 58.95 47.38
N MET A 191 17.04 58.53 46.12
CA MET A 191 15.88 58.90 45.32
C MET A 191 15.19 57.63 44.84
N GLN A 192 14.00 57.82 44.27
CA GLN A 192 13.18 56.72 43.78
C GLN A 192 12.11 57.29 42.86
N PHE A 193 12.03 56.81 41.63
CA PHE A 193 10.97 57.26 40.75
C PHE A 193 10.59 56.13 39.80
N ASP A 194 9.31 56.08 39.46
CA ASP A 194 8.73 54.89 38.83
C ASP A 194 8.73 55.05 37.30
N ARG A 195 9.90 54.82 36.74
CA ARG A 195 10.08 54.80 35.29
C ARG A 195 11.27 53.93 34.96
N GLY A 196 11.05 52.92 34.12
CA GLY A 196 12.03 51.88 33.88
C GLY A 196 13.05 52.25 32.82
N TYR A 197 13.93 51.29 32.54
CA TYR A 197 14.96 51.47 31.51
C TYR A 197 14.32 51.68 30.15
N LEU A 198 15.13 52.22 29.23
CA LEU A 198 14.66 52.53 27.89
C LEU A 198 14.85 51.39 26.90
N SER A 199 15.52 50.30 27.29
CA SER A 199 15.73 49.19 26.38
C SER A 199 16.00 47.93 27.19
N PRO A 200 15.48 46.77 26.77
CA PRO A 200 15.72 45.54 27.55
C PRO A 200 17.09 44.93 27.33
N TYR A 201 17.81 45.34 26.29
CA TYR A 201 19.16 44.87 26.07
C TYR A 201 20.16 45.43 27.07
N PHE A 202 19.74 46.42 27.86
CA PHE A 202 20.63 47.14 28.76
C PHE A 202 20.80 46.42 30.10
N VAL A 203 20.01 45.39 30.36
CA VAL A 203 20.02 44.69 31.64
C VAL A 203 21.40 44.04 31.84
N THR A 204 21.95 44.21 33.05
CA THR A 204 23.15 43.50 33.44
C THR A 204 22.80 42.21 34.19
N ASP A 205 22.08 42.35 35.30
CA ASP A 205 21.68 41.20 36.12
C ASP A 205 20.49 40.53 35.46
N SER A 206 20.77 39.65 34.50
CA SER A 206 19.73 38.91 33.83
C SER A 206 18.98 37.96 34.76
N GLU A 207 19.59 37.59 35.89
CA GLU A 207 18.89 36.74 36.84
C GLU A 207 17.68 37.44 37.44
N LYS A 208 17.81 38.74 37.76
CA LYS A 208 16.76 39.50 38.40
C LYS A 208 16.15 40.56 37.50
N MET A 209 16.52 40.61 36.22
CA MET A 209 15.97 41.58 35.27
C MET A 209 16.21 43.02 35.74
N GLU A 210 17.41 43.29 36.24
CA GLU A 210 17.79 44.63 36.68
C GLU A 210 19.19 44.96 36.17
N ALA A 211 19.45 46.27 36.04
CA ALA A 211 20.74 46.80 35.65
C ALA A 211 21.32 47.55 36.83
N VAL A 212 22.52 47.17 37.26
CA VAL A 212 23.17 47.72 38.45
C VAL A 212 24.40 48.50 38.01
N LEU A 213 24.57 49.67 38.62
CA LEU A 213 25.69 50.56 38.31
C LEU A 213 26.44 50.87 39.59
N GLU A 214 27.78 50.90 39.50
CA GLU A 214 28.66 51.16 40.63
C GLU A 214 29.37 52.49 40.41
N ASN A 215 29.12 53.44 41.31
CA ASN A 215 29.66 54.80 41.24
C ASN A 215 29.43 55.39 39.85
N PRO A 216 28.18 55.64 39.46
CA PRO A 216 27.92 56.13 38.11
C PRO A 216 27.91 57.66 38.04
N TYR A 217 27.85 58.17 36.82
CA TYR A 217 27.73 59.60 36.55
C TYR A 217 26.34 59.88 36.01
N ILE A 218 25.65 60.84 36.60
CA ILE A 218 24.23 61.11 36.34
C ILE A 218 24.12 62.47 35.67
N LEU A 219 23.52 62.50 34.48
CA LEU A 219 23.31 63.75 33.75
C LEU A 219 21.85 64.17 33.87
N ILE A 220 21.64 65.48 33.97
CA ILE A 220 20.33 66.07 34.17
C ILE A 220 20.00 66.93 32.95
N TYR A 221 19.35 66.32 31.96
CA TYR A 221 19.02 66.99 30.71
C TYR A 221 17.52 67.17 30.59
N ASP A 222 17.12 68.30 30.01
CA ASP A 222 15.72 68.70 29.92
C ASP A 222 15.07 68.43 28.58
N LYS A 223 15.84 68.39 27.50
CA LYS A 223 15.31 68.24 26.16
C LYS A 223 15.48 66.81 25.67
N LYS A 224 15.15 66.59 24.40
CA LYS A 224 15.22 65.26 23.81
C LYS A 224 16.66 64.92 23.43
N ILE A 225 16.89 63.64 23.19
CA ILE A 225 18.13 63.15 22.60
C ILE A 225 17.76 62.22 21.47
N SER A 226 18.19 62.56 20.25
CA SER A 226 17.88 61.77 19.06
C SER A 226 19.12 61.37 18.27
N ASN A 227 20.09 62.27 18.14
CA ASN A 227 21.28 62.04 17.33
C ASN A 227 22.52 61.89 18.20
N MET A 228 23.57 61.37 17.59
CA MET A 228 24.82 61.07 18.26
C MET A 228 25.79 62.25 18.24
N LYS A 229 25.66 63.13 17.23
CA LYS A 229 26.60 64.22 17.00
C LYS A 229 26.64 65.25 18.12
N ASP A 230 25.66 65.28 19.02
CA ASP A 230 25.59 66.30 20.06
C ASP A 230 26.09 65.80 21.41
N LEU A 231 26.65 64.59 21.47
CA LEU A 231 26.88 63.89 22.72
C LEU A 231 28.31 63.37 22.84
N LEU A 232 29.11 63.45 21.77
CA LEU A 232 30.43 62.81 21.72
C LEU A 232 31.35 63.16 22.89
N PRO A 233 31.57 64.44 23.24
CA PRO A 233 32.57 64.73 24.30
C PRO A 233 32.19 64.18 25.65
N ILE A 234 30.90 64.10 25.97
CA ILE A 234 30.50 63.56 27.27
C ILE A 234 30.91 62.10 27.37
N LEU A 235 30.63 61.31 26.33
CA LEU A 235 31.03 59.91 26.33
C LEU A 235 32.55 59.79 26.33
N GLU A 236 33.24 60.65 25.60
CA GLU A 236 34.70 60.59 25.58
C GLU A 236 35.26 60.81 26.98
N LYS A 237 34.81 61.85 27.67
CA LYS A 237 35.35 62.13 29.00
C LYS A 237 34.90 61.09 30.01
N VAL A 238 33.71 60.52 29.84
CA VAL A 238 33.25 59.48 30.76
C VAL A 238 34.12 58.24 30.61
N ALA A 239 34.34 57.80 29.37
CA ALA A 239 35.18 56.63 29.15
C ALA A 239 36.61 56.89 29.62
N GLN A 240 37.12 58.10 29.42
CA GLN A 240 38.43 58.46 29.98
C GLN A 240 38.41 58.36 31.50
N SER A 241 37.32 58.79 32.14
CA SER A 241 37.16 58.58 33.57
C SER A 241 37.04 57.11 33.92
N GLY A 242 36.57 56.28 32.99
CA GLY A 242 36.46 54.85 33.26
C GLY A 242 35.44 54.49 34.31
N LYS A 243 34.29 55.16 34.32
CA LYS A 243 33.20 54.92 35.25
C LYS A 243 31.91 54.67 34.48
N PRO A 244 30.89 54.08 35.11
CA PRO A 244 29.58 54.00 34.44
C PRO A 244 28.88 55.36 34.42
N LEU A 245 27.77 55.42 33.68
CA LEU A 245 27.06 56.66 33.45
C LEU A 245 25.57 56.38 33.42
N LEU A 246 24.79 57.17 34.16
CA LEU A 246 23.34 57.07 34.17
C LEU A 246 22.78 58.25 33.38
N ILE A 247 21.89 57.97 32.45
CA ILE A 247 21.29 58.98 31.59
C ILE A 247 19.88 59.26 32.11
N ILE A 248 19.58 60.53 32.38
CA ILE A 248 18.25 60.98 32.74
C ILE A 248 17.89 62.10 31.79
N ALA A 249 16.81 61.91 31.04
CA ALA A 249 16.37 62.88 30.05
C ALA A 249 14.90 62.67 29.77
N GLU A 250 14.30 63.63 29.04
CA GLU A 250 12.90 63.50 28.66
C GLU A 250 12.72 62.24 27.80
N ASP A 251 13.58 62.07 26.80
CA ASP A 251 13.48 60.92 25.91
C ASP A 251 14.81 60.71 25.20
N VAL A 252 15.12 59.44 24.94
CA VAL A 252 16.24 59.04 24.09
C VAL A 252 15.71 58.01 23.11
N GLU A 253 15.81 58.30 21.82
CA GLU A 253 15.18 57.47 20.80
C GLU A 253 16.05 57.46 19.54
N GLY A 254 15.89 56.41 18.75
CA GLY A 254 16.42 56.42 17.39
C GLY A 254 17.89 56.14 17.35
N GLU A 255 18.60 56.92 16.50
CA GLU A 255 20.03 56.69 16.30
C GLU A 255 20.81 56.86 17.59
N ALA A 256 20.33 57.73 18.50
CA ALA A 256 20.96 57.82 19.81
C ALA A 256 20.90 56.49 20.54
N LEU A 257 19.71 55.88 20.61
CA LEU A 257 19.58 54.59 21.29
C LEU A 257 20.42 53.53 20.58
N ALA A 258 20.50 53.61 19.25
CA ALA A 258 21.37 52.67 18.53
C ALA A 258 22.82 52.81 18.97
N THR A 259 23.30 54.05 19.08
CA THR A 259 24.68 54.27 19.52
C THR A 259 24.90 53.77 20.93
N LEU A 260 23.98 54.09 21.84
CA LEU A 260 24.15 53.65 23.23
C LEU A 260 24.07 52.14 23.36
N VAL A 261 23.15 51.46 22.67
CA VAL A 261 23.13 50.01 22.79
C VAL A 261 24.39 49.41 22.18
N VAL A 262 24.88 49.99 21.08
CA VAL A 262 26.10 49.47 20.46
C VAL A 262 27.27 49.56 21.44
N ASN A 263 27.45 50.72 22.08
CA ASN A 263 28.55 50.82 23.03
C ASN A 263 28.28 50.06 24.32
N LYS A 264 27.02 49.69 24.58
CA LYS A 264 26.69 48.90 25.76
C LYS A 264 27.03 47.43 25.59
N LEU A 265 26.44 46.74 24.60
CA LEU A 265 26.69 45.31 24.50
C LEU A 265 28.14 45.01 24.17
N ARG A 266 28.84 45.95 23.52
CA ARG A 266 30.28 45.80 23.35
C ARG A 266 31.04 45.96 24.66
N GLY A 267 30.42 46.55 25.68
CA GLY A 267 31.09 46.74 26.95
C GLY A 267 32.03 47.92 26.99
N THR A 268 32.08 48.73 25.93
CA THR A 268 32.98 49.88 25.92
C THR A 268 32.54 50.95 26.91
N LEU A 269 31.29 50.92 27.36
CA LEU A 269 30.77 51.96 28.24
C LEU A 269 29.57 51.41 28.99
N LYS A 270 29.72 51.26 30.31
CA LYS A 270 28.64 50.80 31.18
C LYS A 270 27.65 51.95 31.38
N VAL A 271 26.54 51.93 30.65
CA VAL A 271 25.61 53.06 30.63
C VAL A 271 24.19 52.58 30.86
N CYS A 272 23.37 53.44 31.45
CA CYS A 272 21.95 53.17 31.61
C CYS A 272 21.18 54.47 31.44
N ALA A 273 19.93 54.34 31.03
CA ALA A 273 19.08 55.48 30.71
C ALA A 273 17.69 55.29 31.29
N VAL A 274 17.03 56.41 31.60
CA VAL A 274 15.68 56.42 32.14
C VAL A 274 15.01 57.73 31.77
N LYS A 275 13.70 57.66 31.53
CA LYS A 275 12.94 58.83 31.14
C LYS A 275 12.91 59.85 32.26
N ALA A 276 12.59 61.08 31.90
CA ALA A 276 12.53 62.15 32.89
C ALA A 276 11.40 61.88 33.87
N PRO A 277 11.64 62.06 35.19
CA PRO A 277 10.58 61.93 36.23
C PRO A 277 9.93 63.30 36.47
N GLY A 278 8.59 63.37 36.53
CA GLY A 278 7.85 64.58 36.79
C GLY A 278 6.90 64.90 35.65
N PHE A 279 6.47 66.17 35.62
CA PHE A 279 5.39 66.58 34.72
C PHE A 279 5.48 68.05 34.37
N GLY A 280 5.84 68.35 33.12
CA GLY A 280 5.88 69.72 32.64
C GLY A 280 6.79 70.61 33.47
N ASP A 281 6.24 71.74 33.93
CA ASP A 281 6.97 72.58 34.86
C ASP A 281 7.32 71.81 36.13
N ARG A 282 6.45 70.90 36.56
CA ARG A 282 6.78 70.05 37.68
C ARG A 282 7.93 69.12 37.31
N ARG A 283 8.09 68.82 36.02
CA ARG A 283 9.23 68.02 35.59
C ARG A 283 10.52 68.82 35.69
N LYS A 284 10.48 70.08 35.27
CA LYS A 284 11.65 70.94 35.46
C LYS A 284 12.01 71.02 36.94
N ALA A 285 10.99 71.19 37.79
CA ALA A 285 11.24 71.26 39.22
C ALA A 285 11.81 69.96 39.77
N MET A 286 11.27 68.82 39.35
CA MET A 286 11.73 67.54 39.88
C MET A 286 13.14 67.23 39.40
N LEU A 287 13.45 67.53 38.13
CA LEU A 287 14.81 67.34 37.65
C LEU A 287 15.77 68.24 38.42
N GLU A 288 15.35 69.47 38.73
CA GLU A 288 16.19 70.34 39.57
C GLU A 288 16.42 69.70 40.94
N ASP A 289 15.37 69.13 41.53
CA ASP A 289 15.50 68.55 42.87
C ASP A 289 16.44 67.36 42.86
N ILE A 290 16.28 66.43 41.92
CA ILE A 290 17.21 65.30 41.86
C ILE A 290 18.61 65.78 41.53
N ALA A 291 18.75 66.84 40.73
CA ALA A 291 20.07 67.37 40.42
C ALA A 291 20.78 67.82 41.68
N ILE A 292 20.08 68.54 42.55
CA ILE A 292 20.78 69.04 43.74
C ILE A 292 20.99 67.88 44.69
N LEU A 293 20.09 66.89 44.68
CA LEU A 293 20.29 65.71 45.50
C LEU A 293 21.57 64.98 45.11
N THR A 294 21.82 64.85 43.81
CA THR A 294 23.01 64.16 43.30
C THR A 294 24.19 65.08 43.10
N GLY A 295 24.08 66.37 43.42
CA GLY A 295 25.18 67.30 43.30
C GLY A 295 25.42 67.85 41.91
N GLY A 296 24.77 67.31 40.89
CA GLY A 296 24.90 67.81 39.55
C GLY A 296 24.07 69.07 39.36
N THR A 297 24.12 69.58 38.13
CA THR A 297 23.38 70.78 37.75
C THR A 297 22.51 70.46 36.53
N VAL A 298 21.39 71.16 36.44
CA VAL A 298 20.45 70.93 35.35
C VAL A 298 21.08 71.41 34.04
N ILE A 299 20.92 70.59 33.00
CA ILE A 299 21.34 70.92 31.65
C ILE A 299 20.09 71.23 30.86
N SER A 300 19.85 72.52 30.61
CA SER A 300 18.65 72.99 29.94
C SER A 300 18.96 74.24 29.14
N GLU A 301 18.18 74.45 28.08
CA GLU A 301 18.29 75.69 27.31
C GLU A 301 17.75 76.89 28.07
N GLU A 302 16.97 76.67 29.13
CA GLU A 302 16.54 77.79 29.98
C GLU A 302 17.74 78.46 30.63
N THR A 303 18.70 77.67 31.11
CA THR A 303 19.95 78.19 31.65
C THR A 303 21.04 78.30 30.60
N GLY A 304 20.72 78.06 29.33
CA GLY A 304 21.68 78.26 28.26
C GLY A 304 22.85 77.31 28.26
N TYR A 305 22.60 76.02 28.52
CA TYR A 305 23.63 75.00 28.49
C TYR A 305 23.27 73.95 27.45
N LYS A 306 24.16 73.75 26.48
CA LYS A 306 24.04 72.67 25.52
C LYS A 306 24.68 71.39 26.06
N LEU A 307 24.38 70.27 25.40
CA LEU A 307 24.78 68.97 25.93
C LEU A 307 26.29 68.84 26.00
N GLU A 308 26.99 69.18 24.93
CA GLU A 308 28.44 69.13 24.95
C GLU A 308 29.05 70.09 25.96
N ASN A 309 28.33 71.16 26.33
CA ASN A 309 28.82 72.05 27.37
C ASN A 309 28.89 71.36 28.72
N ALA A 310 28.10 70.30 28.92
CA ALA A 310 28.15 69.56 30.18
C ALA A 310 29.53 68.94 30.35
N THR A 311 30.07 69.06 31.56
CA THR A 311 31.40 68.59 31.91
C THR A 311 31.31 67.64 33.11
N LEU A 312 32.47 67.22 33.61
CA LEU A 312 32.51 66.35 34.78
C LEU A 312 31.85 67.01 35.98
N ASP A 313 32.13 68.30 36.19
CA ASP A 313 31.62 68.99 37.37
C ASP A 313 30.10 69.07 37.37
N TYR A 314 29.48 69.34 36.23
CA TYR A 314 28.03 69.47 36.16
C TYR A 314 27.31 68.14 36.31
N LEU A 315 27.99 67.03 36.07
CA LEU A 315 27.36 65.72 36.20
C LEU A 315 27.02 65.44 37.67
N GLY A 316 26.17 64.43 37.86
CA GLY A 316 25.78 63.97 39.18
C GLY A 316 26.47 62.67 39.51
N ARG A 317 26.77 62.48 40.80
CA ARG A 317 27.51 61.32 41.27
C ARG A 317 26.72 60.59 42.35
N ALA A 318 26.73 59.26 42.27
CA ALA A 318 26.13 58.39 43.26
C ALA A 318 27.12 57.24 43.51
N LYS A 319 26.66 56.21 44.21
CA LYS A 319 27.46 54.99 44.41
C LYS A 319 26.79 53.75 43.84
N ARG A 320 25.49 53.54 44.12
CA ARG A 320 24.73 52.43 43.56
C ARG A 320 23.47 52.97 42.91
N VAL A 321 23.17 52.46 41.72
CA VAL A 321 21.98 52.81 40.97
C VAL A 321 21.46 51.55 40.30
N THR A 322 20.25 51.12 40.67
CA THR A 322 19.64 49.91 40.13
C THR A 322 18.41 50.28 39.31
N ILE A 323 18.33 49.73 38.10
CA ILE A 323 17.26 50.01 37.15
C ILE A 323 16.60 48.67 36.83
N ASP A 324 15.35 48.49 37.25
CA ASP A 324 14.55 47.32 36.91
C ASP A 324 13.50 47.70 35.87
N LYS A 325 12.56 46.78 35.59
CA LYS A 325 11.55 47.03 34.58
C LYS A 325 10.68 48.22 34.92
N ASP A 326 10.29 48.36 36.19
CA ASP A 326 9.39 49.42 36.63
C ASP A 326 10.12 50.59 37.28
N ASN A 327 10.85 50.33 38.36
CA ASN A 327 11.35 51.37 39.24
C ASN A 327 12.86 51.53 39.09
N THR A 328 13.38 52.54 39.78
CA THR A 328 14.81 52.86 39.77
C THR A 328 15.20 53.41 41.13
N THR A 329 16.40 53.06 41.58
CA THR A 329 16.92 53.48 42.88
C THR A 329 18.18 54.31 42.73
N ILE A 330 18.25 55.39 43.50
CA ILE A 330 19.47 56.16 43.72
C ILE A 330 19.72 56.12 45.22
N VAL A 331 20.96 55.80 45.60
CA VAL A 331 21.37 55.83 47.00
C VAL A 331 22.67 56.63 47.10
N ASP A 332 22.70 57.56 48.05
CA ASP A 332 23.86 58.42 48.31
C ASP A 332 24.24 59.20 47.04
N GLY A 333 23.32 60.05 46.62
CA GLY A 333 23.66 61.08 45.66
C GLY A 333 24.67 62.03 46.27
N ALA A 334 25.77 62.28 45.58
CA ALA A 334 26.86 63.08 46.14
C ALA A 334 26.43 64.54 46.18
N GLY A 335 25.60 64.85 47.18
CA GLY A 335 25.09 66.19 47.35
C GLY A 335 25.56 66.80 48.66
N ASP A 336 25.44 68.11 48.75
CA ASP A 336 25.82 68.83 49.95
C ASP A 336 24.68 68.79 50.95
N LYS A 337 24.94 68.20 52.11
CA LYS A 337 23.88 67.95 53.09
C LYS A 337 23.22 69.25 53.55
N GLU A 338 24.01 70.32 53.66
CA GLU A 338 23.42 71.64 53.93
C GLU A 338 22.43 72.01 52.84
N ASP A 339 22.82 71.82 51.58
CA ASP A 339 21.91 72.10 50.48
C ASP A 339 20.72 71.14 50.49
N ILE A 340 20.91 69.90 50.95
CA ILE A 340 19.78 68.98 51.06
C ILE A 340 18.75 69.50 52.05
N LYS A 341 19.19 69.87 53.26
CA LYS A 341 18.20 70.40 54.19
C LYS A 341 17.64 71.73 53.72
N ALA A 342 18.40 72.50 52.94
CA ALA A 342 17.87 73.73 52.35
C ALA A 342 16.70 73.43 51.41
N ARG A 343 16.87 72.44 50.53
CA ARG A 343 15.76 71.96 49.71
C ARG A 343 14.58 71.54 50.58
N VAL A 344 14.87 70.87 51.69
CA VAL A 344 13.79 70.28 52.48
C VAL A 344 12.98 71.37 53.19
N ASN A 345 13.65 72.35 53.82
CA ASN A 345 12.83 73.39 54.49
C ASN A 345 12.24 74.35 53.49
N GLN A 346 12.88 74.56 52.33
CA GLN A 346 12.20 75.34 51.31
C GLN A 346 10.96 74.60 50.85
N ILE A 347 11.01 73.28 50.71
CA ILE A 347 9.82 72.51 50.39
C ILE A 347 8.74 72.73 51.46
N LYS A 348 9.14 72.83 52.74
CA LYS A 348 8.16 73.25 53.72
C LYS A 348 7.58 74.62 53.35
N LYS A 349 8.43 75.55 52.93
CA LYS A 349 7.94 76.91 52.68
C LYS A 349 6.92 76.93 51.54
N GLN A 350 7.22 76.24 50.43
CA GLN A 350 6.19 76.05 49.40
C GLN A 350 4.95 75.35 49.95
N ILE A 351 5.09 74.40 50.87
CA ILE A 351 3.90 73.72 51.40
C ILE A 351 3.01 74.70 52.15
N GLU A 352 3.60 75.54 53.00
CA GLU A 352 2.79 76.54 53.70
C GLU A 352 2.24 77.59 52.75
N ASN A 353 3.00 77.98 51.73
CA ASN A 353 2.56 79.08 50.86
C ASN A 353 1.35 78.70 50.02
N THR A 354 1.29 77.48 49.49
CA THR A 354 0.24 77.12 48.56
C THR A 354 -1.09 76.97 49.28
N THR A 355 -2.16 76.92 48.48
CA THR A 355 -3.53 76.78 48.97
C THR A 355 -4.25 75.62 48.31
N SER A 356 -3.94 75.34 47.05
CA SER A 356 -4.64 74.30 46.30
C SER A 356 -4.42 72.94 46.94
N ASP A 357 -5.52 72.18 47.06
CA ASP A 357 -5.43 70.87 47.70
C ASP A 357 -4.67 69.87 46.84
N TYR A 358 -4.83 69.93 45.52
CA TYR A 358 -4.09 69.03 44.64
C TYR A 358 -2.60 69.34 44.66
N ASP A 359 -2.26 70.63 44.53
CA ASP A 359 -0.86 71.03 44.60
C ASP A 359 -0.27 70.72 45.96
N ARG A 360 -1.05 70.93 47.03
CA ARG A 360 -0.58 70.62 48.37
C ARG A 360 -0.32 69.12 48.52
N GLU A 361 -1.22 68.30 47.99
CA GLU A 361 -1.03 66.85 48.06
C GLU A 361 0.21 66.43 47.29
N LYS A 362 0.41 67.00 46.09
CA LYS A 362 1.59 66.66 45.31
C LYS A 362 2.86 67.11 46.01
N LEU A 363 2.83 68.29 46.66
CA LEU A 363 4.00 68.73 47.41
C LEU A 363 4.27 67.85 48.60
N GLN A 364 3.22 67.33 49.24
CA GLN A 364 3.42 66.35 50.30
C GLN A 364 4.11 65.10 49.78
N GLU A 365 3.67 64.62 48.61
CA GLU A 365 4.34 63.49 47.97
C GLU A 365 5.80 63.83 47.67
N ARG A 366 6.04 65.06 47.21
CA ARG A 366 7.39 65.53 46.94
C ARG A 366 8.26 65.46 48.17
N LEU A 367 7.77 65.99 49.29
CA LEU A 367 8.54 66.02 50.52
C LEU A 367 8.81 64.59 51.00
N ALA A 368 7.81 63.72 50.93
CA ALA A 368 8.02 62.34 51.33
C ALA A 368 9.06 61.66 50.45
N LYS A 369 9.07 61.99 49.16
CA LYS A 369 10.00 61.35 48.23
C LYS A 369 11.42 61.85 48.44
N LEU A 370 11.59 63.14 48.71
CA LEU A 370 12.93 63.73 48.81
C LEU A 370 13.49 63.61 50.22
N ALA A 371 12.82 64.19 51.21
CA ALA A 371 13.33 64.22 52.57
C ALA A 371 13.33 62.86 53.24
N GLY A 372 12.58 61.89 52.72
CA GLY A 372 12.51 60.59 53.37
C GLY A 372 13.83 59.84 53.37
N GLY A 373 14.59 59.96 52.29
CA GLY A 373 15.80 59.19 52.14
C GLY A 373 15.49 57.76 51.77
N VAL A 374 16.54 56.93 51.78
CA VAL A 374 16.44 55.51 51.47
C VAL A 374 17.20 54.75 52.56
N ALA A 375 16.59 53.67 53.05
CA ALA A 375 17.25 52.80 54.01
C ALA A 375 17.99 51.70 53.28
N VAL A 376 19.25 51.49 53.66
CA VAL A 376 20.14 50.54 52.99
C VAL A 376 20.52 49.45 53.99
N ILE A 377 20.35 48.20 53.57
CA ILE A 377 20.75 47.04 54.36
C ILE A 377 21.92 46.37 53.66
N LYS A 378 22.93 46.01 54.44
CA LYS A 378 24.17 45.42 53.93
C LYS A 378 24.29 44.04 54.56
N VAL A 379 23.85 43.02 53.85
CA VAL A 379 23.76 41.67 54.41
C VAL A 379 25.13 41.02 54.36
N GLY A 380 25.67 40.69 55.53
CA GLY A 380 26.99 40.09 55.63
C GLY A 380 26.95 38.80 56.42
N ALA A 381 27.83 37.89 56.01
CA ALA A 381 27.93 36.57 56.64
C ALA A 381 29.31 36.02 56.33
N ALA A 382 29.49 34.71 56.52
CA ALA A 382 30.82 34.11 56.40
C ALA A 382 31.26 33.98 54.94
N THR A 383 30.53 33.21 54.15
CA THR A 383 30.99 32.76 52.84
C THR A 383 30.13 33.33 51.71
N GLU A 384 30.74 33.44 50.53
CA GLU A 384 30.01 33.84 49.33
C GLU A 384 28.78 32.97 49.11
N VAL A 385 28.96 31.65 49.09
CA VAL A 385 27.86 30.76 48.81
C VAL A 385 26.79 30.84 49.88
N GLU A 386 27.16 31.23 51.10
CA GLU A 386 26.16 31.44 52.14
C GLU A 386 25.50 32.81 52.00
N MET A 387 26.31 33.88 51.90
CA MET A 387 25.73 35.21 51.98
C MET A 387 24.94 35.58 50.74
N LYS A 388 25.26 34.99 49.59
CA LYS A 388 24.45 35.25 48.39
C LYS A 388 23.03 34.74 48.58
N GLU A 389 22.89 33.51 49.05
CA GLU A 389 21.56 32.97 49.29
C GLU A 389 20.92 33.62 50.52
N LYS A 390 21.72 34.14 51.45
CA LYS A 390 21.17 34.97 52.52
C LYS A 390 20.55 36.24 51.96
N LYS A 391 21.22 36.88 51.01
CA LYS A 391 20.65 38.05 50.34
C LYS A 391 19.38 37.67 49.59
N ALA A 392 19.37 36.48 48.98
CA ALA A 392 18.16 36.02 48.30
C ALA A 392 17.01 35.88 49.29
N ARG A 393 17.29 35.27 50.45
CA ARG A 393 16.27 35.16 51.50
C ARG A 393 15.80 36.55 51.93
N VAL A 394 16.73 37.48 52.05
CA VAL A 394 16.42 38.83 52.49
C VAL A 394 15.47 39.50 51.49
N GLU A 395 15.78 39.38 50.20
CA GLU A 395 14.93 39.99 49.18
C GLU A 395 13.54 39.37 49.18
N ASP A 396 13.47 38.04 49.30
CA ASP A 396 12.16 37.39 49.34
C ASP A 396 11.35 37.87 50.53
N ALA A 397 11.99 37.95 51.70
CA ALA A 397 11.30 38.44 52.89
C ALA A 397 10.85 39.88 52.72
N LEU A 398 11.67 40.70 52.08
CA LEU A 398 11.33 42.10 51.90
C LEU A 398 10.09 42.24 51.02
N HIS A 399 10.05 41.51 49.91
CA HIS A 399 8.87 41.58 49.05
C HIS A 399 7.63 41.07 49.78
N ALA A 400 7.76 39.94 50.48
CA ALA A 400 6.61 39.37 51.16
C ALA A 400 6.09 40.27 52.26
N THR A 401 6.98 40.85 53.06
CA THR A 401 6.52 41.72 54.13
C THR A 401 6.00 43.05 53.61
N ARG A 402 6.51 43.52 52.47
CA ARG A 402 5.91 44.70 51.85
C ARG A 402 4.48 44.41 51.44
N ALA A 403 4.23 43.23 50.86
CA ALA A 403 2.85 42.86 50.55
C ALA A 403 2.01 42.77 51.82
N ALA A 404 2.57 42.19 52.88
CA ALA A 404 1.83 42.01 54.12
C ALA A 404 1.40 43.36 54.70
N VAL A 405 2.35 44.30 54.82
CA VAL A 405 1.98 45.61 55.31
C VAL A 405 1.08 46.35 54.33
N GLU A 406 1.14 46.00 53.04
CA GLU A 406 0.23 46.61 52.08
C GLU A 406 -1.22 46.26 52.40
N GLU A 407 -1.51 44.96 52.60
CA GLU A 407 -2.91 44.53 52.72
C GLU A 407 -3.11 43.46 53.79
N GLY A 408 -2.24 43.40 54.79
CA GLY A 408 -2.43 42.43 55.84
C GLY A 408 -2.05 41.02 55.42
N ILE A 409 -2.49 40.05 56.23
CA ILE A 409 -2.14 38.66 56.07
C ILE A 409 -3.39 37.80 56.22
N VAL A 410 -3.33 36.60 55.66
CA VAL A 410 -4.44 35.65 55.71
C VAL A 410 -3.87 34.26 55.97
N PRO A 411 -4.70 33.31 56.43
CA PRO A 411 -4.20 31.94 56.61
C PRO A 411 -3.74 31.35 55.29
N GLY A 412 -2.51 30.84 55.29
CA GLY A 412 -1.90 30.34 54.07
C GLY A 412 -2.33 28.91 53.77
N GLY A 413 -1.66 28.34 52.77
CA GLY A 413 -1.95 26.98 52.36
C GLY A 413 -3.20 26.82 51.53
N GLY A 414 -3.86 27.91 51.17
CA GLY A 414 -5.05 27.84 50.34
C GLY A 414 -6.36 27.75 51.09
N VAL A 415 -6.35 27.74 52.43
CA VAL A 415 -7.60 27.74 53.19
C VAL A 415 -8.25 29.11 53.21
N ALA A 416 -7.52 30.18 52.89
CA ALA A 416 -8.11 31.51 52.87
C ALA A 416 -9.22 31.58 51.83
N LEU A 417 -8.99 31.01 50.65
CA LEU A 417 -10.04 30.98 49.64
C LEU A 417 -11.18 30.07 50.05
N ILE A 418 -10.90 29.00 50.80
CA ILE A 418 -11.96 28.14 51.29
C ILE A 418 -12.88 28.91 52.22
N ARG A 419 -12.31 29.70 53.13
CA ARG A 419 -13.13 30.55 53.99
C ARG A 419 -13.73 31.72 53.23
N ALA A 420 -13.23 32.03 52.04
CA ALA A 420 -13.84 33.04 51.20
C ALA A 420 -15.08 32.54 50.48
N ALA A 421 -15.37 31.24 50.54
CA ALA A 421 -16.51 30.67 49.83
C ALA A 421 -17.84 31.00 50.49
N LYS A 422 -17.88 31.21 51.80
CA LYS A 422 -19.15 31.50 52.47
C LYS A 422 -19.76 32.81 52.01
N ALA A 423 -18.97 33.71 51.41
CA ALA A 423 -19.52 34.93 50.82
C ALA A 423 -20.38 34.65 49.61
N LEU A 424 -20.32 33.44 49.03
CA LEU A 424 -21.13 33.04 47.90
C LEU A 424 -22.27 32.12 48.29
N GLU A 425 -22.65 32.10 49.57
CA GLU A 425 -23.70 31.19 50.01
C GLU A 425 -25.08 31.68 49.58
N ASN A 426 -25.31 32.99 49.63
CA ASN A 426 -26.60 33.60 49.34
C ASN A 426 -26.43 34.76 48.37
N LEU A 427 -25.69 34.52 47.29
CA LEU A 427 -25.49 35.50 46.23
C LEU A 427 -25.99 34.90 44.92
N GLU A 428 -27.04 35.49 44.37
CA GLU A 428 -27.65 35.06 43.12
C GLU A 428 -27.49 36.13 42.07
N GLY A 429 -27.29 35.70 40.83
CA GLY A 429 -27.11 36.61 39.73
C GLY A 429 -28.43 37.10 39.17
N GLU A 430 -28.35 37.68 37.97
CA GLU A 430 -29.55 38.18 37.31
C GLU A 430 -30.39 37.03 36.76
N ASN A 431 -29.74 36.00 36.23
CA ASN A 431 -30.44 34.86 35.65
C ASN A 431 -29.75 33.55 36.01
N GLY A 432 -30.17 32.44 35.38
CA GLY A 432 -29.62 31.15 35.74
C GLY A 432 -28.15 30.98 35.40
N ASP A 433 -27.72 31.54 34.27
CA ASP A 433 -26.35 31.35 33.84
C ASP A 433 -25.37 32.02 34.78
N GLN A 434 -25.72 33.18 35.35
CA GLN A 434 -24.84 33.80 36.32
C GLN A 434 -24.75 33.01 37.61
N LYS A 435 -25.85 32.34 38.02
CA LYS A 435 -25.75 31.44 39.16
C LYS A 435 -24.86 30.26 38.83
N THR A 436 -24.92 29.77 37.59
CA THR A 436 -24.01 28.73 37.17
C THR A 436 -22.57 29.23 37.25
N GLY A 437 -22.34 30.49 36.87
CA GLY A 437 -21.01 31.06 37.01
C GLY A 437 -20.56 31.17 38.47
N VAL A 438 -21.49 31.50 39.36
CA VAL A 438 -21.17 31.53 40.78
C VAL A 438 -20.72 30.15 41.24
N LYS A 439 -21.44 29.11 40.81
CA LYS A 439 -20.99 27.75 41.11
C LYS A 439 -19.65 27.45 40.44
N ILE A 440 -19.43 28.02 39.24
CA ILE A 440 -18.23 27.72 38.45
C ILE A 440 -17.01 28.12 39.27
N VAL A 441 -17.06 29.32 39.84
CA VAL A 441 -15.95 29.81 40.66
C VAL A 441 -15.97 29.22 42.06
N ARG A 442 -17.15 28.87 42.60
CA ARG A 442 -17.20 28.21 43.90
C ARG A 442 -16.43 26.91 43.90
N ARG A 443 -16.66 26.07 42.89
CA ARG A 443 -15.89 24.83 42.78
C ARG A 443 -14.41 25.13 42.55
N ALA A 444 -14.10 26.25 41.89
CA ALA A 444 -12.72 26.56 41.54
C ALA A 444 -11.90 27.03 42.73
N LEU A 445 -12.53 27.54 43.80
CA LEU A 445 -11.77 28.04 44.92
C LEU A 445 -11.14 26.93 45.76
N GLU A 446 -11.53 25.67 45.54
CA GLU A 446 -10.98 24.57 46.32
C GLU A 446 -9.70 24.00 45.72
N GLU A 447 -9.45 24.22 44.43
CA GLU A 447 -8.33 23.59 43.73
C GLU A 447 -6.97 23.89 44.32
N PRO A 448 -6.68 25.11 44.77
CA PRO A 448 -5.38 25.34 45.44
C PRO A 448 -5.12 24.40 46.60
N LEU A 449 -6.02 24.35 47.59
CA LEU A 449 -5.86 23.43 48.71
C LEU A 449 -5.84 21.98 48.23
N ARG A 450 -6.69 21.66 47.27
CA ARG A 450 -6.78 20.27 46.80
C ARG A 450 -5.47 19.83 46.17
N GLN A 451 -4.83 20.69 45.40
CA GLN A 451 -3.55 20.34 44.81
C GLN A 451 -2.40 20.41 45.80
N ILE A 452 -2.47 21.29 46.80
CA ILE A 452 -1.46 21.29 47.85
C ILE A 452 -1.46 19.96 48.57
N VAL A 453 -2.64 19.45 48.93
CA VAL A 453 -2.68 18.17 49.63
C VAL A 453 -2.49 16.98 48.70
N ALA A 454 -2.90 17.08 47.44
CA ALA A 454 -2.64 16.01 46.48
C ALA A 454 -1.17 15.88 46.17
N ASN A 455 -0.42 16.97 46.24
CA ASN A 455 1.03 16.89 46.11
C ASN A 455 1.65 16.09 47.24
N ALA A 456 1.00 16.02 48.40
CA ALA A 456 1.46 15.14 49.47
C ALA A 456 1.10 13.68 49.23
N GLY A 457 0.30 13.38 48.21
CA GLY A 457 -0.05 12.02 47.89
C GLY A 457 -1.28 11.50 48.59
N LEU A 458 -2.11 12.37 49.16
CA LEU A 458 -3.29 11.98 49.92
C LEU A 458 -4.55 12.27 49.11
N GLU A 459 -5.68 11.85 49.65
CA GLU A 459 -6.96 12.16 49.06
C GLU A 459 -7.44 13.53 49.51
N GLY A 460 -7.77 14.40 48.55
CA GLY A 460 -8.08 15.77 48.87
C GLY A 460 -9.49 15.99 49.38
N SER A 461 -10.42 15.11 49.00
CA SER A 461 -11.82 15.31 49.39
C SER A 461 -11.99 15.27 50.89
N VAL A 462 -11.29 14.35 51.56
CA VAL A 462 -11.42 14.24 53.01
C VAL A 462 -10.95 15.51 53.70
N VAL A 463 -9.79 16.03 53.30
CA VAL A 463 -9.27 17.20 53.99
C VAL A 463 -10.08 18.45 53.66
N VAL A 464 -10.51 18.62 52.41
CA VAL A 464 -11.30 19.80 52.11
C VAL A 464 -12.65 19.74 52.81
N ASN A 465 -13.25 18.56 52.95
CA ASN A 465 -14.48 18.47 53.73
C ASN A 465 -14.24 18.81 55.19
N LYS A 466 -13.22 18.21 55.79
CA LYS A 466 -12.99 18.41 57.23
C LYS A 466 -12.44 19.79 57.55
N VAL A 467 -11.91 20.53 56.56
CA VAL A 467 -11.52 21.91 56.79
C VAL A 467 -12.68 22.86 56.50
N LYS A 468 -13.57 22.52 55.57
CA LYS A 468 -14.80 23.27 55.42
C LYS A 468 -15.66 23.19 56.68
N GLU A 469 -15.62 22.05 57.37
CA GLU A 469 -16.39 21.92 58.60
C GLU A 469 -15.97 22.91 59.68
N GLY A 470 -14.72 23.39 59.65
CA GLY A 470 -14.23 24.31 60.65
C GLY A 470 -14.65 25.74 60.38
N LYS A 471 -14.02 26.66 61.12
CA LYS A 471 -14.29 28.08 60.97
C LYS A 471 -13.07 28.88 61.40
N GLY A 472 -13.07 30.16 61.06
CA GLY A 472 -11.99 31.03 61.49
C GLY A 472 -10.73 30.74 60.71
N ASN A 473 -9.58 30.82 61.39
CA ASN A 473 -8.28 30.56 60.78
C ASN A 473 -7.91 29.08 60.80
N PHE A 474 -8.82 28.21 61.25
CA PHE A 474 -8.59 26.78 61.25
C PHE A 474 -8.27 26.29 59.84
N GLY A 475 -7.22 25.48 59.72
CA GLY A 475 -6.77 25.06 58.41
C GLY A 475 -5.87 23.85 58.48
N TYR A 476 -5.42 23.43 57.31
CA TYR A 476 -4.54 22.27 57.15
C TYR A 476 -3.12 22.74 56.93
N ASN A 477 -2.24 22.43 57.87
CA ASN A 477 -0.80 22.70 57.75
C ASN A 477 -0.16 21.45 57.17
N ALA A 478 0.04 21.46 55.86
CA ALA A 478 0.53 20.27 55.18
C ALA A 478 1.96 19.89 55.57
N ARG A 479 2.71 20.80 56.19
CA ARG A 479 4.09 20.48 56.55
C ARG A 479 4.13 19.44 57.66
N THR A 480 3.34 19.64 58.71
CA THR A 480 3.23 18.72 59.84
C THR A 480 1.96 17.89 59.83
N GLU A 481 1.08 18.07 58.84
CA GLU A 481 -0.14 17.27 58.70
C GLU A 481 -1.09 17.43 59.88
N GLU A 482 -0.94 18.51 60.65
CA GLU A 482 -1.84 18.81 61.77
C GLU A 482 -2.97 19.72 61.28
N TYR A 483 -3.85 20.09 62.22
CA TYR A 483 -5.07 20.80 61.91
C TYR A 483 -5.22 22.06 62.76
N ASP A 484 -4.18 22.88 62.84
CA ASP A 484 -4.29 24.21 63.43
C ASP A 484 -3.38 25.17 62.69
N LEU A 485 -3.87 26.41 62.50
CA LEU A 485 -3.18 27.39 61.68
C LEU A 485 -3.26 28.82 62.23
N ILE A 486 -3.79 29.02 63.44
CA ILE A 486 -3.94 30.37 63.97
C ILE A 486 -2.58 31.01 64.15
N GLU A 487 -1.76 30.44 65.03
CA GLU A 487 -0.40 30.91 65.28
C GLU A 487 0.65 29.97 64.72
N ALA A 488 0.27 29.02 63.86
CA ALA A 488 1.19 28.00 63.40
C ALA A 488 2.34 28.60 62.61
N GLY A 489 2.05 29.61 61.79
CA GLY A 489 3.09 30.31 61.06
C GLY A 489 3.33 29.74 59.67
N VAL A 490 2.26 29.46 58.95
CA VAL A 490 2.32 29.34 57.49
C VAL A 490 1.19 30.21 56.93
N ILE A 491 1.56 31.43 56.54
CA ILE A 491 0.61 32.46 56.13
C ILE A 491 1.04 33.00 54.78
N ASP A 492 0.08 33.63 54.10
CA ASP A 492 0.29 34.30 52.83
C ASP A 492 -0.21 35.73 52.94
N PRO A 493 0.43 36.68 52.28
CA PRO A 493 -0.16 38.03 52.23
C PRO A 493 -1.49 38.01 51.52
N ALA A 494 -2.40 38.87 52.00
CA ALA A 494 -3.72 38.95 51.36
C ALA A 494 -3.60 39.44 49.93
N LYS A 495 -2.62 40.32 49.66
CA LYS A 495 -2.52 40.91 48.34
C LYS A 495 -2.20 39.87 47.28
N VAL A 496 -1.31 38.92 47.60
CA VAL A 496 -0.92 37.96 46.56
C VAL A 496 -2.08 37.03 46.23
N THR A 497 -2.84 36.58 47.23
CA THR A 497 -4.01 35.75 46.95
C THR A 497 -5.06 36.54 46.17
N ARG A 498 -5.29 37.79 46.57
CA ARG A 498 -6.24 38.64 45.87
C ARG A 498 -5.87 38.78 44.41
N THR A 499 -4.63 39.17 44.14
CA THR A 499 -4.21 39.41 42.76
C THR A 499 -4.21 38.12 41.95
N ALA A 500 -3.82 37.00 42.55
CA ALA A 500 -3.87 35.74 41.84
C ALA A 500 -5.29 35.41 41.43
N LEU A 501 -6.25 35.56 42.34
CA LEU A 501 -7.64 35.25 41.99
C LEU A 501 -8.17 36.22 40.94
N GLN A 502 -7.83 37.51 41.03
CA GLN A 502 -8.32 38.48 40.05
C GLN A 502 -7.77 38.17 38.66
N ASN A 503 -6.47 37.85 38.58
CA ASN A 503 -5.90 37.50 37.28
C ASN A 503 -6.50 36.22 36.72
N ALA A 504 -6.75 35.24 37.58
CA ALA A 504 -7.41 34.02 37.14
C ALA A 504 -8.80 34.32 36.58
N ALA A 505 -9.54 35.19 37.27
CA ALA A 505 -10.86 35.57 36.77
C ALA A 505 -10.76 36.28 35.43
N SER A 506 -9.79 37.17 35.28
CA SER A 506 -9.65 37.93 34.03
C SER A 506 -9.35 36.99 32.87
N ILE A 507 -8.40 36.07 33.05
CA ILE A 507 -8.10 35.16 31.95
C ILE A 507 -9.24 34.18 31.69
N ALA A 508 -9.95 33.73 32.73
CA ALA A 508 -11.10 32.86 32.48
C ALA A 508 -12.15 33.57 31.64
N GLY A 509 -12.44 34.83 31.99
CA GLY A 509 -13.38 35.59 31.19
C GLY A 509 -12.89 35.81 29.76
N MET A 510 -11.60 36.14 29.60
CA MET A 510 -11.07 36.45 28.29
C MET A 510 -10.92 35.23 27.40
N LEU A 511 -10.81 34.03 27.97
CA LEU A 511 -10.69 32.81 27.19
C LEU A 511 -12.04 32.13 26.95
N LEU A 512 -12.98 32.24 27.89
CA LEU A 512 -14.29 31.64 27.67
C LEU A 512 -15.04 32.33 26.53
N THR A 513 -14.78 33.61 26.31
CA THR A 513 -15.51 34.41 25.33
C THR A 513 -14.82 34.48 23.97
N THR A 514 -13.77 33.72 23.74
CA THR A 514 -13.06 33.74 22.47
C THR A 514 -13.70 32.80 21.47
N GLU A 515 -13.76 33.22 20.19
CA GLU A 515 -14.13 32.33 19.10
C GLU A 515 -13.30 32.55 17.84
N CYS A 516 -12.07 33.05 17.96
CA CYS A 516 -11.22 33.18 16.78
C CYS A 516 -9.80 33.38 17.23
N VAL A 517 -8.91 32.49 16.82
CA VAL A 517 -7.49 32.55 17.15
C VAL A 517 -6.71 32.52 15.84
N ILE A 518 -5.88 33.53 15.62
CA ILE A 518 -5.11 33.68 14.39
C ILE A 518 -3.69 33.23 14.68
N THR A 519 -3.21 32.25 13.90
CA THR A 519 -1.84 31.77 14.00
C THR A 519 -1.23 31.62 12.61
N GLU A 520 0.08 31.83 12.54
CA GLU A 520 0.78 31.71 11.26
C GLU A 520 1.02 30.26 10.89
N LYS A 521 1.20 30.03 9.61
CA LYS A 521 1.63 28.73 9.13
C LYS A 521 3.05 28.44 9.63
N PRO A 522 3.32 27.26 10.23
CA PRO A 522 4.69 26.89 10.68
C PRO A 522 5.59 26.64 9.46
N ALA B 1 10.11 25.32 20.42
CA ALA B 1 9.15 24.29 20.90
C ALA B 1 9.79 23.47 22.01
N LYS B 2 8.95 22.84 22.83
CA LYS B 2 9.45 22.02 23.94
C LYS B 2 8.42 20.95 24.25
N GLN B 3 8.81 19.68 24.07
CA GLN B 3 7.94 18.58 24.45
C GLN B 3 7.80 18.49 25.96
N ILE B 4 6.72 17.87 26.40
CA ILE B 4 6.43 17.66 27.81
C ILE B 4 5.95 16.22 27.97
N LYS B 5 6.29 15.62 29.10
CA LYS B 5 5.82 14.29 29.48
C LYS B 5 5.32 14.40 30.91
N PHE B 6 4.43 13.50 31.31
CA PHE B 6 3.74 13.63 32.59
C PHE B 6 3.63 12.29 33.31
N ASP B 7 3.82 12.33 34.62
CA ASP B 7 3.52 11.23 35.54
C ASP B 7 4.30 9.96 35.20
N THR B 8 3.63 8.80 35.20
CA THR B 8 4.32 7.54 34.96
C THR B 8 4.98 7.52 33.59
N ASP B 9 4.42 8.25 32.63
CA ASP B 9 5.01 8.28 31.29
C ASP B 9 6.40 8.89 31.34
N ALA B 10 6.56 9.96 32.14
CA ALA B 10 7.88 10.56 32.33
C ALA B 10 8.80 9.68 33.16
N ARG B 11 8.25 9.12 34.26
CA ARG B 11 9.10 8.35 35.16
C ARG B 11 9.62 7.08 34.50
N ASN B 12 8.82 6.44 33.64
CA ASN B 12 9.29 5.24 32.95
C ASN B 12 10.42 5.57 31.97
N ALA B 13 10.31 6.70 31.26
CA ALA B 13 11.39 7.09 30.35
C ALA B 13 12.67 7.38 31.13
N LEU B 14 12.54 8.05 32.27
CA LEU B 14 13.72 8.28 33.10
C LEU B 14 14.31 6.96 33.59
N LEU B 15 13.45 6.02 33.96
CA LEU B 15 13.94 4.70 34.39
C LEU B 15 14.68 4.03 33.25
N ARG B 16 14.16 4.11 32.02
CA ARG B 16 14.84 3.49 30.89
C ARG B 16 16.21 4.09 30.67
N GLY B 17 16.32 5.41 30.75
CA GLY B 17 17.63 6.05 30.62
C GLY B 17 18.60 5.63 31.71
N VAL B 18 18.13 5.64 32.95
CA VAL B 18 19.01 5.28 34.06
C VAL B 18 19.41 3.81 33.97
N ASP B 19 18.49 2.95 33.52
CA ASP B 19 18.83 1.54 33.35
C ASP B 19 19.88 1.36 32.27
N LYS B 20 19.77 2.10 31.16
CA LYS B 20 20.78 2.00 30.12
C LYS B 20 22.14 2.44 30.64
N LEU B 21 22.19 3.56 31.37
CA LEU B 21 23.47 4.02 31.91
C LEU B 21 24.05 3.01 32.90
N ALA B 22 23.22 2.55 33.85
CA ALA B 22 23.71 1.63 34.86
C ALA B 22 24.19 0.33 34.25
N ASP B 23 23.43 -0.22 33.28
CA ASP B 23 23.80 -1.48 32.67
C ASP B 23 24.99 -1.32 31.73
N ALA B 24 25.29 -0.09 31.30
CA ALA B 24 26.56 0.16 30.65
C ALA B 24 27.71 0.17 31.64
N VAL B 25 27.50 0.73 32.83
CA VAL B 25 28.59 0.98 33.78
C VAL B 25 28.70 -0.05 34.89
N LYS B 26 27.66 -0.84 35.16
CA LYS B 26 27.70 -1.80 36.26
C LYS B 26 28.34 -3.12 35.88
N VAL B 27 28.79 -3.28 34.63
CA VAL B 27 29.54 -4.48 34.25
C VAL B 27 31.01 -4.37 34.60
N THR B 28 31.44 -3.29 35.24
CA THR B 28 32.85 -3.04 35.54
C THR B 28 33.14 -3.05 37.04
N LEU B 29 32.17 -3.40 37.88
CA LEU B 29 32.34 -3.32 39.32
C LEU B 29 33.13 -4.54 39.81
N GLY B 30 34.06 -4.30 40.73
CA GLY B 30 34.82 -5.36 41.35
C GLY B 30 36.08 -5.73 40.57
N PRO B 31 36.88 -6.63 41.13
CA PRO B 31 38.12 -7.02 40.47
C PRO B 31 37.92 -7.97 39.30
N LYS B 32 36.78 -8.63 39.22
CA LYS B 32 36.44 -9.53 38.11
C LYS B 32 35.56 -8.80 37.10
N GLY B 33 35.80 -7.51 36.92
CA GLY B 33 34.99 -6.72 36.04
C GLY B 33 35.14 -7.14 34.59
N ARG B 34 34.11 -6.82 33.82
CA ARG B 34 34.01 -7.18 32.42
C ARG B 34 34.33 -5.98 31.56
N ASN B 35 34.71 -6.24 30.31
CA ASN B 35 35.28 -5.20 29.47
C ASN B 35 34.19 -4.40 28.75
N VAL B 36 34.54 -3.17 28.39
CA VAL B 36 33.66 -2.25 27.69
C VAL B 36 34.45 -1.61 26.56
N ILE B 37 33.92 -1.69 25.34
CA ILE B 37 34.56 -1.14 24.16
C ILE B 37 33.90 0.19 23.84
N ILE B 38 34.71 1.24 23.74
CA ILE B 38 34.25 2.60 23.46
C ILE B 38 34.82 3.02 22.11
N GLU B 39 33.94 3.42 21.20
CA GLU B 39 34.37 3.94 19.91
C GLU B 39 34.91 5.35 20.09
N LYS B 40 36.03 5.63 19.43
CA LYS B 40 36.59 6.97 19.33
C LYS B 40 36.51 7.44 17.89
N LYS B 41 36.53 8.75 17.71
CA LYS B 41 36.31 9.31 16.37
C LYS B 41 37.45 8.93 15.44
N PHE B 42 38.69 9.18 15.85
CA PHE B 42 39.88 8.88 15.08
C PHE B 42 40.82 8.05 15.93
N GLY B 43 41.00 6.79 15.54
CA GLY B 43 41.95 5.90 16.18
C GLY B 43 41.31 4.59 16.59
N ALA B 44 42.13 3.77 17.24
CA ALA B 44 41.74 2.43 17.59
C ALA B 44 40.70 2.45 18.73
N PRO B 45 40.00 1.34 18.94
CA PRO B 45 39.08 1.27 20.09
C PRO B 45 39.79 1.37 21.43
N THR B 46 39.01 1.71 22.44
CA THR B 46 39.44 1.72 23.83
C THR B 46 38.66 0.66 24.60
N ILE B 47 39.35 -0.36 25.07
CA ILE B 47 38.77 -1.37 25.96
C ILE B 47 39.11 -0.96 27.39
N THR B 48 38.08 -0.66 28.18
CA THR B 48 38.26 -0.11 29.51
C THR B 48 37.51 -0.96 30.53
N LYS B 49 38.11 -1.06 31.72
CA LYS B 49 37.52 -1.74 32.85
C LYS B 49 37.17 -0.78 33.99
N ASP B 50 37.41 0.51 33.82
CA ASP B 50 37.14 1.50 34.85
C ASP B 50 35.76 2.06 34.60
N GLY B 51 34.96 2.14 35.66
CA GLY B 51 33.60 2.65 35.53
C GLY B 51 33.53 4.11 35.13
N VAL B 52 34.44 4.94 35.66
CA VAL B 52 34.36 6.36 35.41
C VAL B 52 34.60 6.66 33.93
N THR B 53 35.49 5.91 33.29
CA THR B 53 35.71 6.09 31.86
C THR B 53 34.42 5.81 31.08
N VAL B 54 33.72 4.74 31.45
CA VAL B 54 32.47 4.41 30.75
C VAL B 54 31.40 5.42 31.09
N ALA B 55 31.28 5.79 32.37
CA ALA B 55 30.21 6.68 32.79
C ALA B 55 30.36 8.07 32.19
N LYS B 56 31.59 8.52 31.97
CA LYS B 56 31.80 9.82 31.32
C LYS B 56 31.34 9.84 29.88
N GLU B 57 31.10 8.69 29.26
CA GLU B 57 30.98 8.56 27.82
C GLU B 57 29.65 7.91 27.44
N ILE B 58 28.57 8.39 28.06
CA ILE B 58 27.20 7.93 27.80
C ILE B 58 26.34 9.12 27.42
N GLU B 59 25.73 9.04 26.24
CA GLU B 59 24.75 10.02 25.79
C GLU B 59 23.74 9.29 24.91
N LEU B 60 22.46 9.48 25.23
CA LEU B 60 21.38 8.73 24.61
C LEU B 60 20.65 9.58 23.58
N GLU B 61 20.18 8.93 22.52
CA GLU B 61 19.49 9.65 21.45
C GLU B 61 18.16 10.23 21.94
N ASP B 62 17.38 9.44 22.66
CA ASP B 62 16.08 9.89 23.13
C ASP B 62 16.33 10.97 24.18
N PRO B 63 15.81 12.19 24.03
CA PRO B 63 16.12 13.22 25.04
C PRO B 63 15.62 12.89 26.43
N PHE B 64 14.47 12.21 26.53
CA PHE B 64 13.94 11.89 27.85
C PHE B 64 14.83 10.92 28.60
N GLU B 65 15.26 9.83 27.93
CA GLU B 65 16.17 8.90 28.57
C GLU B 65 17.50 9.56 28.89
N ASN B 66 18.00 10.38 27.96
CA ASN B 66 19.24 11.10 28.17
C ASN B 66 19.13 12.00 29.39
N MET B 67 17.92 12.49 29.68
CA MET B 67 17.70 13.35 30.83
C MET B 67 18.04 12.63 32.13
N GLY B 68 17.44 11.45 32.34
CA GLY B 68 17.72 10.69 33.55
C GLY B 68 19.14 10.18 33.60
N ALA B 69 19.70 9.81 32.45
CA ALA B 69 21.09 9.37 32.42
C ALA B 69 22.01 10.49 32.89
N GLN B 70 21.80 11.71 32.39
CA GLN B 70 22.63 12.83 32.81
C GLN B 70 22.43 13.14 34.29
N MET B 71 21.19 13.04 34.78
CA MET B 71 20.96 13.33 36.19
C MET B 71 21.72 12.35 37.08
N VAL B 72 21.64 11.06 36.77
CA VAL B 72 22.35 10.06 37.56
C VAL B 72 23.85 10.26 37.46
N LYS B 73 24.36 10.54 36.26
CA LYS B 73 25.79 10.74 36.12
C LYS B 73 26.25 11.97 36.90
N GLU B 74 25.45 13.04 36.89
CA GLU B 74 25.84 14.24 37.60
C GLU B 74 25.87 14.01 39.10
N VAL B 75 24.82 13.41 39.66
CA VAL B 75 24.82 13.20 41.11
C VAL B 75 25.91 12.21 41.50
N ALA B 76 26.08 11.13 40.74
CA ALA B 76 27.09 10.14 41.04
C ALA B 76 28.50 10.66 40.87
N SER B 77 28.70 11.72 40.08
CA SER B 77 30.03 12.31 39.94
C SER B 77 30.50 13.02 41.18
N LYS B 78 29.62 13.29 42.15
CA LYS B 78 30.00 13.97 43.37
C LYS B 78 30.71 13.05 44.36
N THR B 79 30.87 11.77 44.05
CA THR B 79 31.61 10.88 44.93
C THR B 79 33.05 11.35 45.05
N SER B 80 33.60 11.21 46.27
CA SER B 80 34.94 11.71 46.53
C SER B 80 35.98 10.95 45.72
N ASP B 81 35.89 9.62 45.69
CA ASP B 81 36.88 8.83 44.99
C ASP B 81 36.75 9.01 43.48
N VAL B 82 37.90 9.10 42.81
CA VAL B 82 37.98 9.05 41.35
C VAL B 82 38.80 7.86 40.87
N ALA B 83 39.40 7.08 41.78
CA ALA B 83 40.16 5.91 41.38
C ALA B 83 39.26 4.85 40.75
N GLY B 84 38.18 4.50 41.42
CA GLY B 84 37.29 3.49 40.90
C GLY B 84 36.30 3.06 41.97
N ASP B 85 35.24 2.38 41.49
CA ASP B 85 34.18 1.79 42.30
C ASP B 85 33.62 2.72 43.38
N GLY B 86 33.68 4.03 43.14
CA GLY B 86 33.00 5.01 43.98
C GLY B 86 31.81 5.58 43.26
N THR B 87 32.01 5.89 41.98
CA THR B 87 30.90 6.34 41.14
C THR B 87 30.05 5.18 40.67
N THR B 88 30.67 4.04 40.36
CA THR B 88 29.92 2.87 39.91
C THR B 88 28.98 2.36 40.98
N THR B 89 29.43 2.31 42.24
CA THR B 89 28.56 1.87 43.32
C THR B 89 27.39 2.81 43.50
N ALA B 90 27.63 4.13 43.36
CA ALA B 90 26.56 5.10 43.53
C ALA B 90 25.46 4.88 42.50
N THR B 91 25.82 4.82 41.22
CA THR B 91 24.82 4.62 40.18
C THR B 91 24.19 3.24 40.25
N VAL B 92 24.92 2.22 40.70
CA VAL B 92 24.33 0.89 40.84
C VAL B 92 23.25 0.90 41.91
N LEU B 93 23.56 1.46 43.08
CA LEU B 93 22.55 1.59 44.13
C LEU B 93 21.38 2.45 43.68
N ALA B 94 21.67 3.53 42.95
CA ALA B 94 20.62 4.41 42.47
C ALA B 94 19.68 3.65 41.53
N GLN B 95 20.24 2.86 40.63
CA GLN B 95 19.40 2.08 39.72
C GLN B 95 18.53 1.11 40.50
N ALA B 96 19.11 0.41 41.48
CA ALA B 96 18.33 -0.55 42.25
C ALA B 96 17.17 0.13 42.97
N ILE B 97 17.47 1.22 43.67
CA ILE B 97 16.44 1.89 44.47
C ILE B 97 15.38 2.49 43.56
N VAL B 98 15.78 3.10 42.44
CA VAL B 98 14.82 3.72 41.54
C VAL B 98 13.91 2.65 40.93
N ARG B 99 14.48 1.53 40.49
CA ARG B 99 13.67 0.48 39.90
C ARG B 99 12.63 -0.03 40.87
N GLU B 100 13.06 -0.39 42.08
CA GLU B 100 12.11 -0.92 43.04
C GLU B 100 11.13 0.15 43.50
N GLY B 101 11.55 1.41 43.52
CA GLY B 101 10.65 2.49 43.89
C GLY B 101 9.54 2.69 42.87
N LEU B 102 9.89 2.68 41.58
CA LEU B 102 8.84 2.80 40.58
C LEU B 102 7.92 1.58 40.60
N LYS B 103 8.49 0.39 40.82
CA LYS B 103 7.65 -0.79 40.89
C LYS B 103 6.68 -0.73 42.06
N ASN B 104 7.12 -0.25 43.22
CA ASN B 104 6.26 -0.20 44.40
C ASN B 104 5.44 1.08 44.50
N VAL B 105 5.69 2.08 43.65
CA VAL B 105 4.83 3.26 43.59
C VAL B 105 3.75 3.08 42.55
N ALA B 106 3.98 2.23 41.54
CA ALA B 106 2.87 1.76 40.73
C ALA B 106 1.84 1.07 41.59
N ALA B 107 2.29 0.32 42.60
CA ALA B 107 1.44 -0.45 43.50
C ALA B 107 0.47 0.42 44.31
N GLY B 108 0.74 1.72 44.42
CA GLY B 108 -0.15 2.64 45.12
C GLY B 108 0.49 3.35 46.30
N ALA B 109 1.79 3.16 46.51
CA ALA B 109 2.49 3.86 47.57
C ALA B 109 2.62 5.34 47.23
N ASN B 110 2.76 6.15 48.29
CA ASN B 110 2.91 7.59 48.12
C ASN B 110 4.38 7.88 47.85
N PRO B 111 4.74 8.59 46.77
CA PRO B 111 6.17 8.87 46.54
C PRO B 111 6.83 9.65 47.65
N MET B 112 6.14 10.61 48.25
CA MET B 112 6.76 11.41 49.31
C MET B 112 7.03 10.57 50.55
N ASP B 113 6.09 9.68 50.90
CA ASP B 113 6.33 8.78 52.02
C ASP B 113 7.50 7.84 51.72
N LEU B 114 7.58 7.35 50.49
CA LEU B 114 8.72 6.51 50.11
C LEU B 114 10.03 7.27 50.25
N LYS B 115 10.04 8.54 49.82
CA LYS B 115 11.26 9.33 49.93
C LYS B 115 11.64 9.56 51.39
N ARG B 116 10.66 9.88 52.23
CA ARG B 116 10.96 10.08 53.65
C ARG B 116 11.50 8.80 54.26
N GLY B 117 10.92 7.66 53.91
CA GLY B 117 11.43 6.39 54.39
C GLY B 117 12.85 6.13 53.93
N ILE B 118 13.15 6.44 52.66
CA ILE B 118 14.48 6.18 52.14
C ILE B 118 15.52 7.05 52.84
N ASP B 119 15.22 8.34 53.03
CA ASP B 119 16.14 9.21 53.77
C ASP B 119 16.32 8.75 55.22
N LYS B 120 15.24 8.36 55.89
CA LYS B 120 15.37 7.89 57.26
C LYS B 120 16.24 6.64 57.32
N ALA B 121 16.01 5.71 56.40
CA ALA B 121 16.74 4.45 56.42
C ALA B 121 18.20 4.65 56.07
N VAL B 122 18.52 5.51 55.10
CA VAL B 122 19.92 5.74 54.78
C VAL B 122 20.61 6.44 55.93
N GLU B 123 19.90 7.32 56.66
CA GLU B 123 20.48 7.91 57.85
C GLU B 123 20.83 6.83 58.87
N ALA B 124 19.92 5.89 59.10
CA ALA B 124 20.20 4.80 60.03
C ALA B 124 21.38 3.95 59.56
N VAL B 125 21.41 3.63 58.27
CA VAL B 125 22.49 2.81 57.72
C VAL B 125 23.83 3.53 57.88
N VAL B 126 23.85 4.84 57.66
CA VAL B 126 25.11 5.57 57.77
C VAL B 126 25.55 5.66 59.22
N GLU B 127 24.60 5.77 60.15
CA GLU B 127 24.97 5.71 61.56
C GLU B 127 25.62 4.38 61.89
N GLU B 128 25.02 3.28 61.43
CA GLU B 128 25.63 1.97 61.65
C GLU B 128 26.98 1.86 60.97
N LEU B 129 27.14 2.46 59.79
CA LEU B 129 28.42 2.45 59.09
C LEU B 129 29.50 3.15 59.90
N LYS B 130 29.17 4.32 60.45
CA LYS B 130 30.13 5.03 61.28
C LYS B 130 30.46 4.21 62.53
N LYS B 131 29.46 3.53 63.09
CA LYS B 131 29.73 2.69 64.27
C LYS B 131 30.62 1.51 63.91
N MET B 132 30.52 1.00 62.69
CA MET B 132 31.20 -0.24 62.32
C MET B 132 32.63 0.01 61.83
N ALA B 133 32.91 1.19 61.30
CA ALA B 133 34.23 1.46 60.73
C ALA B 133 35.30 1.42 61.81
N LYS B 134 36.49 0.90 61.44
CA LYS B 134 37.63 0.85 62.34
C LYS B 134 38.55 2.02 62.05
N PRO B 135 39.08 2.73 63.06
CA PRO B 135 39.83 3.95 62.76
C PRO B 135 41.26 3.64 62.38
N VAL B 136 41.83 4.48 61.52
CA VAL B 136 43.24 4.43 61.16
C VAL B 136 43.93 5.62 61.82
N ASN B 137 44.91 5.33 62.67
CA ASN B 137 45.66 6.37 63.35
C ASN B 137 46.95 5.74 63.87
N GLY B 138 48.07 6.14 63.28
CA GLY B 138 49.37 5.56 63.59
C GLY B 138 50.11 5.20 62.32
N LYS B 139 51.42 5.48 62.30
CA LYS B 139 52.22 5.31 61.09
C LYS B 139 52.13 3.88 60.57
N GLU B 140 52.08 2.90 61.48
CA GLU B 140 52.07 1.50 61.05
C GLU B 140 50.79 1.19 60.29
N GLU B 141 49.64 1.61 60.82
CA GLU B 141 48.38 1.28 60.15
C GLU B 141 48.18 2.13 58.91
N ILE B 142 48.68 3.37 58.92
CA ILE B 142 48.62 4.19 57.71
C ILE B 142 49.41 3.51 56.60
N ALA B 143 50.61 3.03 56.93
CA ALA B 143 51.41 2.31 55.95
C ALA B 143 50.71 1.04 55.49
N GLN B 144 50.04 0.34 56.41
CA GLN B 144 49.31 -0.87 56.02
C GLN B 144 48.24 -0.56 54.98
N VAL B 145 47.39 0.43 55.27
CA VAL B 145 46.30 0.72 54.34
C VAL B 145 46.85 1.25 53.03
N ALA B 146 47.94 2.01 53.08
CA ALA B 146 48.55 2.51 51.85
C ALA B 146 49.06 1.37 50.99
N THR B 147 49.79 0.42 51.60
CA THR B 147 50.30 -0.72 50.85
C THR B 147 49.16 -1.52 50.24
N ILE B 148 48.08 -1.74 51.00
CA ILE B 148 46.94 -2.43 50.43
C ILE B 148 46.35 -1.64 49.26
N SER B 149 46.31 -0.31 49.36
CA SER B 149 45.71 0.49 48.30
C SER B 149 46.50 0.41 47.00
N ALA B 150 47.83 0.42 47.09
CA ALA B 150 48.70 0.48 45.92
C ALA B 150 49.09 -0.91 45.41
N ASN B 151 48.27 -1.92 45.70
CA ASN B 151 48.51 -3.29 45.24
C ASN B 151 49.83 -3.83 45.78
N ASN B 152 49.93 -3.86 47.12
CA ASN B 152 51.01 -4.52 47.84
C ASN B 152 52.39 -4.04 47.36
N ASP B 153 52.64 -2.75 47.60
CA ASP B 153 53.92 -2.12 47.28
C ASP B 153 54.47 -1.54 48.57
N PRO B 154 55.36 -2.23 49.30
CA PRO B 154 55.79 -1.69 50.59
C PRO B 154 56.50 -0.35 50.50
N GLU B 155 57.28 -0.11 49.44
CA GLU B 155 57.99 1.15 49.31
C GLU B 155 57.03 2.31 49.22
N ILE B 156 55.99 2.18 48.40
CA ILE B 156 55.06 3.28 48.18
C ILE B 156 54.29 3.58 49.47
N GLY B 157 53.86 2.54 50.16
CA GLY B 157 53.15 2.73 51.42
C GLY B 157 54.02 3.38 52.49
N LYS B 158 55.27 2.94 52.60
CA LYS B 158 56.16 3.57 53.56
C LYS B 158 56.38 5.04 53.22
N LEU B 159 56.55 5.34 51.93
CA LEU B 159 56.75 6.72 51.49
C LEU B 159 55.58 7.59 51.89
N ILE B 160 54.37 7.17 51.54
CA ILE B 160 53.21 8.02 51.79
C ILE B 160 52.93 8.12 53.29
N ALA B 161 53.10 7.03 54.04
CA ALA B 161 52.88 7.10 55.48
C ALA B 161 53.84 8.07 56.14
N GLU B 162 55.12 8.02 55.75
CA GLU B 162 56.08 8.95 56.34
C GLU B 162 55.76 10.38 55.90
N ALA B 163 55.32 10.57 54.66
CA ALA B 163 54.95 11.89 54.19
C ALA B 163 53.83 12.47 55.04
N MET B 164 52.81 11.65 55.32
CA MET B 164 51.74 12.10 56.19
C MET B 164 52.25 12.40 57.58
N GLU B 165 53.16 11.58 58.10
CA GLU B 165 53.69 11.79 59.44
C GLU B 165 54.37 13.15 59.55
N LYS B 166 55.16 13.51 58.54
CA LYS B 166 55.79 14.83 58.56
C LYS B 166 54.75 15.94 58.41
N VAL B 167 53.89 15.87 57.40
CA VAL B 167 53.10 17.04 57.04
C VAL B 167 51.93 17.26 58.01
N GLY B 168 51.26 16.20 58.43
CA GLY B 168 50.09 16.29 59.28
C GLY B 168 48.82 15.87 58.56
N LYS B 169 47.80 15.61 59.37
CA LYS B 169 46.56 15.06 58.84
C LYS B 169 45.86 16.02 57.90
N ASP B 170 45.77 17.29 58.29
CA ASP B 170 45.07 18.30 57.50
C ASP B 170 45.97 19.02 56.51
N GLY B 171 47.25 18.64 56.41
CA GLY B 171 48.16 19.30 55.50
C GLY B 171 47.97 18.86 54.07
N VAL B 172 48.86 19.36 53.21
CA VAL B 172 48.77 19.17 51.76
C VAL B 172 49.97 18.39 51.27
N ILE B 173 49.70 17.41 50.41
CA ILE B 173 50.72 16.62 49.73
C ILE B 173 50.43 16.68 48.23
N THR B 174 51.48 16.78 47.43
CA THR B 174 51.34 16.84 45.98
C THR B 174 52.44 16.01 45.31
N VAL B 175 52.13 15.60 44.09
CA VAL B 175 52.98 14.72 43.30
C VAL B 175 53.59 15.51 42.15
N GLU B 176 54.88 15.26 41.91
CA GLU B 176 55.64 16.03 40.94
C GLU B 176 56.54 15.08 40.17
N GLU B 177 56.99 15.53 39.00
CA GLU B 177 57.89 14.75 38.17
C GLU B 177 59.32 14.93 38.67
N SER B 178 60.02 13.82 38.91
CA SER B 178 61.44 13.84 39.16
C SER B 178 62.18 13.45 37.90
N LYS B 179 63.17 14.24 37.53
CA LYS B 179 64.10 13.87 36.48
C LYS B 179 65.19 12.94 36.98
N SER B 180 65.11 12.50 38.23
CA SER B 180 66.03 11.53 38.82
C SER B 180 65.27 10.25 39.15
N THR B 181 65.96 9.12 38.95
CA THR B 181 65.33 7.82 39.16
C THR B 181 65.08 7.51 40.62
N GLU B 182 65.65 8.25 41.56
CA GLU B 182 65.39 8.07 42.99
C GLU B 182 64.22 8.95 43.40
N THR B 183 63.40 8.40 44.30
CA THR B 183 62.22 9.07 44.83
C THR B 183 62.59 9.75 46.14
N THR B 184 62.25 11.04 46.24
CA THR B 184 62.67 11.88 47.36
C THR B 184 61.46 12.53 48.02
N LEU B 185 61.66 12.93 49.28
CA LEU B 185 60.64 13.55 50.12
C LEU B 185 61.21 14.78 50.79
N ASP B 186 60.59 15.93 50.53
CA ASP B 186 60.96 17.21 51.10
C ASP B 186 59.71 17.92 51.57
N VAL B 187 59.85 18.74 52.61
CA VAL B 187 58.78 19.58 53.12
C VAL B 187 59.20 21.03 52.88
N VAL B 188 58.34 21.78 52.19
CA VAL B 188 58.65 23.15 51.78
C VAL B 188 57.47 24.04 52.17
N GLU B 189 57.73 25.33 52.20
CA GLU B 189 56.70 26.31 52.52
C GLU B 189 55.79 26.52 51.31
N GLY B 190 54.49 26.55 51.56
CA GLY B 190 53.50 26.74 50.52
C GLY B 190 52.11 26.75 51.12
N MET B 191 51.14 27.09 50.28
CA MET B 191 49.76 27.27 50.72
C MET B 191 48.81 26.76 49.65
N GLN B 192 47.60 26.38 50.06
CA GLN B 192 46.58 25.91 49.16
C GLN B 192 45.23 26.45 49.61
N PHE B 193 44.76 27.50 48.95
CA PHE B 193 43.47 28.09 49.28
C PHE B 193 42.42 27.61 48.28
N ASP B 194 41.19 27.43 48.77
CA ASP B 194 40.14 26.74 48.02
C ASP B 194 39.32 27.74 47.20
N ARG B 195 39.95 28.27 46.15
CA ARG B 195 39.27 29.09 45.16
C ARG B 195 39.72 28.62 43.78
N GLY B 196 38.79 28.12 42.99
CA GLY B 196 39.09 27.51 41.71
C GLY B 196 39.35 28.55 40.63
N TYR B 197 39.56 28.03 39.42
CA TYR B 197 39.86 28.88 38.27
C TYR B 197 38.61 29.67 37.88
N LEU B 198 38.72 30.45 36.80
CA LEU B 198 37.63 31.28 36.31
C LEU B 198 37.08 30.86 34.97
N SER B 199 37.67 29.86 34.30
CA SER B 199 37.16 29.40 33.02
C SER B 199 37.62 27.97 32.77
N PRO B 200 36.78 27.10 32.19
CA PRO B 200 37.22 25.72 31.93
C PRO B 200 38.15 25.58 30.75
N TYR B 201 38.23 26.59 29.89
CA TYR B 201 39.13 26.55 28.74
C TYR B 201 40.59 26.75 29.14
N PHE B 202 40.86 27.13 30.38
CA PHE B 202 42.22 27.40 30.83
C PHE B 202 42.97 26.11 31.16
N VAL B 203 42.32 24.96 31.08
CA VAL B 203 42.94 23.68 31.42
C VAL B 203 44.08 23.40 30.45
N THR B 204 45.26 23.07 30.99
CA THR B 204 46.37 22.59 30.18
C THR B 204 46.35 21.07 30.12
N ASP B 205 46.38 20.42 31.28
CA ASP B 205 46.32 18.96 31.38
C ASP B 205 44.83 18.65 31.45
N SER B 206 44.24 18.31 30.30
CA SER B 206 42.84 17.94 30.25
C SER B 206 42.60 16.50 30.67
N GLU B 207 43.64 15.67 30.73
CA GLU B 207 43.47 14.30 31.20
C GLU B 207 43.00 14.27 32.64
N LYS B 208 43.70 14.98 33.52
CA LYS B 208 43.31 15.14 34.91
C LYS B 208 42.49 16.39 35.16
N MET B 209 42.10 17.11 34.10
CA MET B 209 41.31 18.34 34.21
C MET B 209 42.02 19.33 35.14
N GLU B 210 43.17 19.80 34.70
CA GLU B 210 44.05 20.62 35.52
C GLU B 210 44.96 21.46 34.63
N ALA B 211 45.25 22.67 35.11
CA ALA B 211 46.21 23.57 34.50
C ALA B 211 47.41 23.69 35.42
N VAL B 212 48.60 23.56 34.86
CA VAL B 212 49.85 23.61 35.62
C VAL B 212 50.74 24.67 35.00
N LEU B 213 51.31 25.53 35.83
CA LEU B 213 52.25 26.55 35.39
C LEU B 213 53.61 26.23 35.95
N GLU B 214 54.60 26.15 35.07
CA GLU B 214 55.98 25.90 35.45
C GLU B 214 56.62 27.25 35.70
N ASN B 215 57.04 27.49 36.94
CA ASN B 215 57.80 28.70 37.26
C ASN B 215 57.02 29.97 36.93
N PRO B 216 55.94 30.26 37.65
CA PRO B 216 55.08 31.39 37.30
C PRO B 216 55.43 32.65 38.09
N TYR B 217 55.07 33.79 37.51
CA TYR B 217 55.04 35.06 38.25
C TYR B 217 53.68 35.21 38.90
N ILE B 218 53.65 35.75 40.11
CA ILE B 218 52.42 35.93 40.88
C ILE B 218 52.21 37.43 41.12
N LEU B 219 51.06 37.94 40.72
CA LEU B 219 50.62 39.29 41.08
C LEU B 219 49.54 39.19 42.14
N ILE B 220 49.58 40.12 43.09
CA ILE B 220 48.67 40.14 44.22
C ILE B 220 47.87 41.44 44.12
N TYR B 221 46.70 41.36 43.49
CA TYR B 221 45.79 42.48 43.37
C TYR B 221 44.59 42.26 44.29
N ASP B 222 43.96 43.37 44.67
CA ASP B 222 42.86 43.38 45.62
C ASP B 222 41.52 43.75 45.00
N LYS B 223 41.51 44.69 44.07
CA LYS B 223 40.29 45.26 43.51
C LYS B 223 39.89 44.49 42.25
N LYS B 224 38.98 45.06 41.46
CA LYS B 224 38.35 44.36 40.34
C LYS B 224 39.17 44.56 39.07
N ILE B 225 39.17 43.54 38.22
CA ILE B 225 39.74 43.61 36.88
C ILE B 225 38.59 43.41 35.90
N SER B 226 38.30 44.44 35.10
CA SER B 226 37.20 44.41 34.13
C SER B 226 37.63 44.81 32.73
N ASN B 227 38.53 45.78 32.59
CA ASN B 227 38.93 46.33 31.31
C ASN B 227 40.39 46.02 31.00
N MET B 228 40.77 46.28 29.76
CA MET B 228 42.12 46.02 29.25
C MET B 228 43.05 47.21 29.31
N LYS B 229 42.55 48.42 29.62
CA LYS B 229 43.37 49.61 29.47
C LYS B 229 44.38 49.82 30.59
N ASP B 230 44.54 48.86 31.51
CA ASP B 230 45.39 49.03 32.68
C ASP B 230 46.22 47.77 32.97
N LEU B 231 46.35 46.87 31.99
CA LEU B 231 47.03 45.60 32.20
C LEU B 231 48.02 45.26 31.09
N LEU B 232 48.10 46.07 30.04
CA LEU B 232 48.96 45.73 28.90
C LEU B 232 50.43 45.60 29.26
N PRO B 233 51.06 46.55 29.98
CA PRO B 233 52.49 46.40 30.27
C PRO B 233 52.82 45.19 31.11
N ILE B 234 51.88 44.69 31.92
CA ILE B 234 52.13 43.51 32.73
C ILE B 234 52.31 42.30 31.82
N LEU B 235 51.37 42.12 30.89
CA LEU B 235 51.49 41.03 29.94
C LEU B 235 52.73 41.20 29.06
N GLU B 236 53.04 42.44 28.68
CA GLU B 236 54.22 42.67 27.84
C GLU B 236 55.50 42.26 28.56
N LYS B 237 55.66 42.68 29.82
CA LYS B 237 56.88 42.35 30.54
C LYS B 237 56.93 40.87 30.88
N VAL B 238 55.78 40.24 31.13
CA VAL B 238 55.78 38.80 31.34
C VAL B 238 56.22 38.08 30.07
N ALA B 239 55.70 38.50 28.91
CA ALA B 239 56.08 37.87 27.66
C ALA B 239 57.56 38.04 27.38
N GLN B 240 58.09 39.24 27.61
CA GLN B 240 59.52 39.47 27.42
C GLN B 240 60.33 38.62 28.39
N SER B 241 59.86 38.45 29.63
CA SER B 241 60.51 37.56 30.58
C SER B 241 60.47 36.11 30.10
N GLY B 242 59.40 35.71 29.45
CA GLY B 242 59.30 34.36 28.90
C GLY B 242 58.90 33.28 29.87
N LYS B 243 58.14 33.61 30.92
CA LYS B 243 57.58 32.63 31.85
C LYS B 243 56.07 32.78 31.94
N PRO B 244 55.35 31.74 32.40
CA PRO B 244 53.93 31.93 32.69
C PRO B 244 53.71 32.94 33.81
N LEU B 245 52.44 33.32 33.99
CA LEU B 245 52.00 34.31 34.95
C LEU B 245 50.75 33.81 35.65
N LEU B 246 50.74 33.83 36.98
CA LEU B 246 49.56 33.53 37.77
C LEU B 246 48.94 34.86 38.22
N ILE B 247 47.66 35.02 37.93
CA ILE B 247 46.92 36.24 38.26
C ILE B 247 46.02 35.95 39.45
N ILE B 248 46.15 36.75 40.50
CA ILE B 248 45.30 36.68 41.68
C ILE B 248 44.72 38.07 41.91
N ALA B 249 43.41 38.20 41.80
CA ALA B 249 42.71 39.46 42.01
C ALA B 249 41.36 39.15 42.65
N GLU B 250 40.51 40.17 42.76
CA GLU B 250 39.17 39.94 43.31
C GLU B 250 38.39 39.04 42.37
N ASP B 251 38.19 39.48 41.14
CA ASP B 251 37.51 38.72 40.12
C ASP B 251 37.93 39.32 38.78
N VAL B 252 38.00 38.47 37.76
CA VAL B 252 38.31 38.87 36.40
C VAL B 252 37.11 38.50 35.54
N GLU B 253 36.62 39.44 34.74
CA GLU B 253 35.34 39.23 34.07
C GLU B 253 35.27 40.03 32.78
N GLY B 254 34.34 39.61 31.92
CA GLY B 254 34.00 40.38 30.73
C GLY B 254 35.06 40.28 29.66
N GLU B 255 35.36 41.43 29.05
CA GLU B 255 36.42 41.48 28.05
C GLU B 255 37.74 41.01 28.62
N ALA B 256 37.94 41.18 29.93
CA ALA B 256 39.13 40.64 30.59
C ALA B 256 39.23 39.13 30.35
N LEU B 257 38.23 38.37 30.81
CA LEU B 257 38.26 36.91 30.64
C LEU B 257 38.31 36.53 29.17
N ALA B 258 37.55 37.25 28.33
CA ALA B 258 37.55 36.94 26.91
C ALA B 258 38.95 37.04 26.31
N THR B 259 39.66 38.12 26.62
CA THR B 259 41.01 38.29 26.08
C THR B 259 42.00 37.31 26.70
N LEU B 260 41.84 36.98 27.99
CA LEU B 260 42.72 35.96 28.55
C LEU B 260 42.52 34.63 27.87
N VAL B 261 41.27 34.26 27.57
CA VAL B 261 41.03 33.05 26.80
C VAL B 261 41.68 33.16 25.43
N VAL B 262 41.53 34.32 24.78
CA VAL B 262 42.05 34.49 23.42
C VAL B 262 43.56 34.30 23.40
N ASN B 263 44.26 34.90 24.36
CA ASN B 263 45.72 34.79 24.40
C ASN B 263 46.20 33.50 25.05
N LYS B 264 45.31 32.72 25.67
CA LYS B 264 45.68 31.41 26.20
C LYS B 264 45.53 30.29 25.18
N LEU B 265 44.37 30.22 24.50
CA LEU B 265 44.18 29.15 23.52
C LEU B 265 45.18 29.26 22.38
N ARG B 266 45.48 30.49 21.95
CA ARG B 266 46.47 30.68 20.89
C ARG B 266 47.86 30.24 21.32
N GLY B 267 48.12 30.14 22.62
CA GLY B 267 49.44 29.85 23.11
C GLY B 267 50.37 31.05 23.19
N THR B 268 49.86 32.25 22.93
CA THR B 268 50.70 33.44 23.01
C THR B 268 51.15 33.69 24.44
N LEU B 269 50.26 33.46 25.40
CA LEU B 269 50.54 33.68 26.81
C LEU B 269 50.11 32.46 27.61
N LYS B 270 50.96 32.04 28.54
CA LYS B 270 50.66 30.96 29.48
C LYS B 270 50.27 31.60 30.80
N VAL B 271 48.96 31.66 31.07
CA VAL B 271 48.44 32.39 32.22
C VAL B 271 47.38 31.54 32.90
N CYS B 272 47.18 31.81 34.19
CA CYS B 272 46.06 31.25 34.91
C CYS B 272 45.60 32.24 35.98
N ALA B 273 44.28 32.41 36.07
CA ALA B 273 43.67 33.41 36.93
C ALA B 273 42.71 32.73 37.90
N VAL B 274 42.78 33.11 39.17
CA VAL B 274 41.92 32.58 40.23
C VAL B 274 41.41 33.74 41.07
N LYS B 275 40.37 33.46 41.84
CA LYS B 275 39.81 34.47 42.75
C LYS B 275 40.72 34.64 43.95
N ALA B 276 40.43 35.66 44.73
CA ALA B 276 41.15 35.93 45.97
C ALA B 276 40.54 35.14 47.12
N PRO B 277 41.33 34.78 48.16
CA PRO B 277 40.82 34.03 49.33
C PRO B 277 40.51 34.97 50.49
N GLY B 278 39.76 34.49 51.48
CA GLY B 278 39.45 35.24 52.68
C GLY B 278 38.25 36.16 52.52
N PHE B 279 38.08 37.05 53.50
CA PHE B 279 36.87 37.86 53.60
C PHE B 279 37.13 39.19 54.30
N GLY B 280 37.01 40.27 53.54
CA GLY B 280 37.16 41.60 54.11
C GLY B 280 38.55 41.82 54.63
N ASP B 281 38.64 42.19 55.91
CA ASP B 281 39.93 42.30 56.55
C ASP B 281 40.68 40.97 56.49
N ARG B 282 39.96 39.86 56.59
CA ARG B 282 40.60 38.56 56.44
C ARG B 282 41.08 38.35 55.02
N ARG B 283 40.37 38.90 54.02
CA ARG B 283 40.84 38.80 52.65
C ARG B 283 42.15 39.57 52.48
N LYS B 284 42.22 40.77 53.07
CA LYS B 284 43.46 41.54 53.00
C LYS B 284 44.60 40.80 53.70
N ALA B 285 44.32 40.22 54.87
CA ALA B 285 45.35 39.49 55.60
C ALA B 285 45.82 38.27 54.81
N MET B 286 44.88 37.54 54.20
CA MET B 286 45.25 36.38 53.40
C MET B 286 46.12 36.79 52.22
N LEU B 287 45.72 37.84 51.51
CA LEU B 287 46.50 38.25 50.34
C LEU B 287 47.89 38.70 50.75
N GLU B 288 48.00 39.44 51.85
CA GLU B 288 49.31 39.89 52.32
C GLU B 288 50.16 38.70 52.73
N ASP B 289 49.54 37.70 53.37
CA ASP B 289 50.28 36.54 53.83
C ASP B 289 50.83 35.75 52.65
N ILE B 290 49.99 35.47 51.66
CA ILE B 290 50.51 34.77 50.48
C ILE B 290 51.53 35.63 49.73
N ALA B 291 51.39 36.95 49.78
CA ALA B 291 52.34 37.82 49.11
C ALA B 291 53.74 37.68 49.72
N ILE B 292 53.83 37.73 51.05
CA ILE B 292 55.14 37.49 51.67
C ILE B 292 55.57 36.03 51.57
N LEU B 293 54.64 35.11 51.34
CA LEU B 293 55.06 33.74 51.06
C LEU B 293 55.79 33.67 49.73
N THR B 294 55.24 34.28 48.69
CA THR B 294 55.92 34.33 47.41
C THR B 294 56.96 35.44 47.32
N GLY B 295 57.10 36.28 48.36
CA GLY B 295 58.16 37.26 48.42
C GLY B 295 57.90 38.55 47.68
N GLY B 296 56.78 38.67 46.96
CA GLY B 296 56.42 39.89 46.28
C GLY B 296 55.77 40.88 47.22
N THR B 297 55.12 41.87 46.62
CA THR B 297 54.37 42.88 47.36
C THR B 297 52.95 42.95 46.83
N VAL B 298 52.03 43.31 47.73
CA VAL B 298 50.62 43.42 47.34
C VAL B 298 50.43 44.61 46.41
N ILE B 299 49.39 44.52 45.58
CA ILE B 299 49.00 45.59 44.67
C ILE B 299 47.63 46.07 45.13
N SER B 300 47.55 47.33 45.54
CA SER B 300 46.32 47.93 46.03
C SER B 300 46.40 49.44 45.93
N GLU B 301 45.23 50.07 45.73
CA GLU B 301 45.14 51.52 45.83
C GLU B 301 45.05 52.00 47.28
N GLU B 302 44.88 51.08 48.23
CA GLU B 302 45.01 51.47 49.63
C GLU B 302 46.42 51.96 49.92
N THR B 303 47.42 51.27 49.38
CA THR B 303 48.82 51.68 49.48
C THR B 303 49.31 52.40 48.22
N GLY B 304 48.41 52.69 47.28
CA GLY B 304 48.73 53.57 46.16
C GLY B 304 49.69 53.01 45.13
N TYR B 305 49.50 51.74 44.73
CA TYR B 305 50.24 51.14 43.62
C TYR B 305 49.26 50.87 42.50
N LYS B 306 49.52 51.44 41.32
CA LYS B 306 48.69 51.14 40.16
C LYS B 306 49.21 49.86 39.52
N LEU B 307 48.31 49.14 38.84
CA LEU B 307 48.66 47.82 38.31
C LEU B 307 49.77 47.90 37.27
N GLU B 308 49.63 48.78 36.27
CA GLU B 308 50.70 48.93 35.30
C GLU B 308 51.96 49.55 35.89
N ASN B 309 51.82 50.32 36.97
CA ASN B 309 53.00 50.89 37.62
C ASN B 309 53.88 49.79 38.22
N ALA B 310 53.31 48.64 38.54
CA ALA B 310 54.08 47.54 39.11
C ALA B 310 55.11 47.01 38.11
N THR B 311 56.18 46.44 38.65
CA THR B 311 57.33 45.98 37.89
C THR B 311 57.55 44.49 38.19
N LEU B 312 58.63 43.93 37.62
CA LEU B 312 58.97 42.54 37.90
C LEU B 312 59.29 42.34 39.36
N ASP B 313 59.98 43.30 39.99
CA ASP B 313 60.43 43.14 41.36
C ASP B 313 59.25 43.01 42.33
N TYR B 314 58.14 43.70 42.06
CA TYR B 314 56.98 43.59 42.92
C TYR B 314 56.24 42.27 42.77
N LEU B 315 56.44 41.57 41.65
CA LEU B 315 55.75 40.30 41.44
C LEU B 315 56.31 39.22 42.38
N GLY B 316 55.52 38.16 42.53
CA GLY B 316 55.90 37.01 43.33
C GLY B 316 56.43 35.88 42.46
N ARG B 317 57.14 34.95 43.10
CA ARG B 317 57.87 33.90 42.40
C ARG B 317 57.78 32.57 43.13
N ALA B 318 57.49 31.52 42.36
CA ALA B 318 57.50 30.13 42.81
C ALA B 318 58.01 29.28 41.65
N LYS B 319 57.89 27.96 41.75
CA LYS B 319 58.39 27.05 40.73
C LYS B 319 57.31 26.19 40.10
N ARG B 320 56.30 25.74 40.84
CA ARG B 320 55.18 25.01 40.27
C ARG B 320 53.88 25.35 40.96
N VAL B 321 52.79 25.31 40.21
CA VAL B 321 51.45 25.60 40.71
C VAL B 321 50.47 24.75 39.90
N THR B 322 49.48 24.17 40.58
CA THR B 322 48.47 23.32 39.96
C THR B 322 47.07 23.83 40.27
N ILE B 323 46.24 23.84 39.24
CA ILE B 323 44.97 24.57 39.24
C ILE B 323 43.88 23.56 38.87
N ASP B 324 43.02 23.22 39.83
CA ASP B 324 41.93 22.27 39.61
C ASP B 324 40.59 23.01 39.59
N LYS B 325 39.49 22.25 39.56
CA LYS B 325 38.17 22.86 39.52
C LYS B 325 37.89 23.71 40.75
N ASP B 326 38.24 23.20 41.93
CA ASP B 326 37.88 23.84 43.19
C ASP B 326 39.05 24.58 43.84
N ASN B 327 40.15 23.89 44.05
CA ASN B 327 41.26 24.39 44.85
C ASN B 327 42.45 24.78 43.98
N THR B 328 43.55 25.12 44.65
CA THR B 328 44.80 25.51 44.02
C THR B 328 45.88 25.59 45.09
N THR B 329 47.08 25.11 44.80
CA THR B 329 48.18 25.12 45.76
C THR B 329 49.38 25.87 45.22
N ILE B 330 49.93 26.74 46.07
CA ILE B 330 51.16 27.48 45.81
C ILE B 330 52.24 26.73 46.55
N VAL B 331 53.16 26.11 45.81
CA VAL B 331 54.17 25.24 46.39
C VAL B 331 55.55 25.81 46.08
N ASP B 332 56.41 25.81 47.10
CA ASP B 332 57.79 26.25 46.98
C ASP B 332 57.86 27.71 46.53
N GLY B 333 57.33 28.60 47.36
CA GLY B 333 57.37 30.02 47.07
C GLY B 333 58.71 30.64 47.37
N ALA B 334 59.10 31.64 46.58
CA ALA B 334 60.37 32.34 46.78
C ALA B 334 60.14 33.48 47.77
N GLY B 335 60.20 33.14 49.06
CA GLY B 335 60.04 34.10 50.12
C GLY B 335 61.10 33.91 51.18
N ASP B 336 61.59 35.04 51.68
CA ASP B 336 62.68 35.03 52.65
C ASP B 336 62.25 34.30 53.92
N LYS B 337 62.98 33.25 54.28
CA LYS B 337 62.56 32.38 55.36
C LYS B 337 62.53 33.12 56.69
N GLU B 338 63.46 34.06 56.88
CA GLU B 338 63.45 34.89 58.08
C GLU B 338 62.13 35.65 58.18
N ASP B 339 61.67 36.25 57.08
CA ASP B 339 60.38 36.92 57.09
C ASP B 339 59.25 35.95 57.36
N ILE B 340 59.37 34.69 56.90
CA ILE B 340 58.31 33.73 57.14
C ILE B 340 58.20 33.41 58.62
N LYS B 341 59.33 33.16 59.28
CA LYS B 341 59.23 32.85 60.71
C LYS B 341 58.86 34.09 61.50
N ALA B 342 59.22 35.27 61.00
CA ALA B 342 58.72 36.51 61.61
C ALA B 342 57.20 36.57 61.54
N ARG B 343 56.64 36.20 60.39
CA ARG B 343 55.19 36.14 60.25
C ARG B 343 54.60 35.13 61.22
N VAL B 344 55.26 33.99 61.39
CA VAL B 344 54.77 32.99 62.32
C VAL B 344 54.75 33.54 63.74
N ASN B 345 55.80 34.28 64.13
CA ASN B 345 55.80 34.86 65.47
C ASN B 345 54.72 35.92 65.62
N GLN B 346 54.46 36.71 64.58
CA GLN B 346 53.39 37.69 64.70
C GLN B 346 52.06 36.98 64.81
N ILE B 347 51.92 35.83 64.13
CA ILE B 347 50.70 35.04 64.21
C ILE B 347 50.49 34.56 65.63
N LYS B 348 51.54 34.02 66.27
CA LYS B 348 51.40 33.63 67.66
C LYS B 348 51.11 34.81 68.57
N LYS B 349 51.69 35.97 68.28
CA LYS B 349 51.38 37.18 69.04
C LYS B 349 49.90 37.51 68.96
N GLN B 350 49.33 37.44 67.75
CA GLN B 350 47.91 37.69 67.59
C GLN B 350 47.05 36.60 68.24
N ILE B 351 47.55 35.36 68.27
CA ILE B 351 46.84 34.30 69.01
C ILE B 351 46.74 34.67 70.48
N GLU B 352 47.87 35.04 71.09
CA GLU B 352 47.85 35.37 72.51
C GLU B 352 47.24 36.73 72.79
N ASN B 353 46.99 37.55 71.76
CA ASN B 353 46.40 38.88 71.97
C ASN B 353 44.87 38.82 71.94
N THR B 354 44.29 38.18 70.95
CA THR B 354 42.84 38.14 70.79
C THR B 354 42.23 37.11 71.72
N THR B 355 40.91 37.23 71.92
CA THR B 355 40.17 36.43 72.89
C THR B 355 38.94 35.73 72.31
N SER B 356 38.22 36.36 71.40
CA SER B 356 36.96 35.82 70.91
C SER B 356 37.22 34.56 70.08
N ASP B 357 36.42 33.51 70.36
CA ASP B 357 36.75 32.17 69.91
C ASP B 357 36.78 32.06 68.40
N TYR B 358 35.91 32.79 67.69
CA TYR B 358 35.91 32.70 66.24
C TYR B 358 37.20 33.26 65.66
N ASP B 359 37.70 34.37 66.21
CA ASP B 359 38.97 34.91 65.74
C ASP B 359 40.14 33.98 66.08
N ARG B 360 40.12 33.36 67.26
CA ARG B 360 41.16 32.40 67.58
C ARG B 360 41.13 31.22 66.62
N GLU B 361 39.92 30.75 66.28
CA GLU B 361 39.80 29.66 65.31
C GLU B 361 40.39 30.06 63.97
N LYS B 362 40.06 31.27 63.50
CA LYS B 362 40.54 31.66 62.17
C LYS B 362 42.05 31.89 62.18
N LEU B 363 42.60 32.45 63.25
CA LEU B 363 44.04 32.68 63.29
C LEU B 363 44.81 31.38 63.46
N GLN B 364 44.27 30.42 64.22
CA GLN B 364 44.87 29.10 64.25
C GLN B 364 44.80 28.42 62.89
N GLU B 365 43.70 28.64 62.16
CA GLU B 365 43.63 28.13 60.79
C GLU B 365 44.73 28.74 59.94
N ARG B 366 44.97 30.04 60.07
CA ARG B 366 46.07 30.68 59.36
C ARG B 366 47.41 30.07 59.75
N LEU B 367 47.59 29.81 61.04
CA LEU B 367 48.85 29.24 61.52
C LEU B 367 49.09 27.88 60.90
N ALA B 368 48.09 27.00 60.95
CA ALA B 368 48.22 25.70 60.31
C ALA B 368 48.36 25.84 58.80
N LYS B 369 47.84 26.93 58.23
CA LYS B 369 47.85 27.11 56.78
C LYS B 369 49.23 27.51 56.27
N LEU B 370 49.94 28.36 57.02
CA LEU B 370 51.25 28.85 56.60
C LEU B 370 52.39 28.07 57.26
N ALA B 371 52.42 28.01 58.59
CA ALA B 371 53.54 27.37 59.27
C ALA B 371 53.63 25.87 58.99
N GLY B 372 52.51 25.24 58.62
CA GLY B 372 52.55 23.82 58.34
C GLY B 372 53.40 23.49 57.12
N GLY B 373 53.39 24.36 56.12
CA GLY B 373 54.12 24.09 54.89
C GLY B 373 53.38 23.09 54.03
N VAL B 374 54.11 22.50 53.10
CA VAL B 374 53.59 21.49 52.18
C VAL B 374 54.59 20.36 52.07
N ALA B 375 54.09 19.13 52.05
CA ALA B 375 54.89 17.99 51.64
C ALA B 375 54.78 17.82 50.13
N VAL B 376 55.86 17.35 49.52
CA VAL B 376 55.90 17.11 48.08
C VAL B 376 56.59 15.76 47.85
N ILE B 377 55.94 14.89 47.08
CA ILE B 377 56.52 13.62 46.66
C ILE B 377 56.91 13.78 45.20
N LYS B 378 58.12 13.34 44.87
CA LYS B 378 58.62 13.33 43.50
C LYS B 378 59.01 11.88 43.19
N VAL B 379 58.12 11.16 42.53
CA VAL B 379 58.34 9.74 42.28
C VAL B 379 59.49 9.55 41.31
N GLY B 380 60.37 8.60 41.63
CA GLY B 380 61.50 8.25 40.78
C GLY B 380 61.36 6.86 40.20
N ALA B 381 61.69 6.71 38.92
CA ALA B 381 61.57 5.43 38.24
C ALA B 381 62.54 5.40 37.07
N ALA B 382 62.58 4.25 36.39
CA ALA B 382 63.56 4.04 35.33
C ALA B 382 63.26 4.89 34.10
N THR B 383 62.01 4.89 33.65
CA THR B 383 61.65 5.49 32.37
C THR B 383 60.31 6.22 32.47
N GLU B 384 60.06 7.05 31.46
CA GLU B 384 58.89 7.94 31.49
C GLU B 384 57.59 7.16 31.38
N VAL B 385 57.52 6.17 30.48
CA VAL B 385 56.29 5.41 30.31
C VAL B 385 55.95 4.64 31.58
N GLU B 386 56.94 4.30 32.38
CA GLU B 386 56.73 3.72 33.70
C GLU B 386 56.56 4.78 34.77
N MET B 387 57.17 5.96 34.60
CA MET B 387 57.06 6.98 35.62
C MET B 387 55.65 7.57 35.65
N LYS B 388 55.00 7.69 34.50
CA LYS B 388 53.62 8.15 34.50
C LYS B 388 52.69 7.11 35.13
N GLU B 389 52.99 5.83 34.92
CA GLU B 389 52.24 4.79 35.61
C GLU B 389 52.42 4.93 37.12
N LYS B 390 53.66 5.08 37.58
CA LYS B 390 53.93 5.28 39.00
C LYS B 390 53.23 6.53 39.52
N LYS B 391 53.15 7.58 38.70
CA LYS B 391 52.37 8.76 39.03
C LYS B 391 50.93 8.40 39.34
N ALA B 392 50.31 7.63 38.45
CA ALA B 392 48.93 7.22 38.68
C ALA B 392 48.80 6.44 39.98
N ARG B 393 49.75 5.55 40.25
CA ARG B 393 49.73 4.78 41.49
C ARG B 393 49.77 5.70 42.71
N VAL B 394 50.70 6.66 42.73
CA VAL B 394 50.81 7.49 43.92
C VAL B 394 49.61 8.41 44.07
N GLU B 395 49.06 8.91 42.96
CA GLU B 395 47.88 9.77 43.08
C GLU B 395 46.71 9.00 43.64
N ASP B 396 46.50 7.77 43.17
CA ASP B 396 45.43 6.94 43.72
C ASP B 396 45.67 6.64 45.19
N ALA B 397 46.91 6.32 45.56
CA ALA B 397 47.22 6.06 46.95
C ALA B 397 47.00 7.28 47.82
N LEU B 398 47.35 8.46 47.32
CA LEU B 398 47.15 9.69 48.08
C LEU B 398 45.66 9.89 48.36
N HIS B 399 44.82 9.79 47.33
CA HIS B 399 43.40 10.00 47.54
C HIS B 399 42.82 8.95 48.50
N ALA B 400 43.18 7.69 48.30
CA ALA B 400 42.61 6.64 49.14
C ALA B 400 43.04 6.79 50.59
N THR B 401 44.32 7.09 50.82
CA THR B 401 44.79 7.24 52.20
C THR B 401 44.19 8.46 52.86
N ARG B 402 44.02 9.55 52.10
CA ARG B 402 43.34 10.72 52.67
C ARG B 402 41.92 10.37 53.08
N ALA B 403 41.21 9.60 52.26
CA ALA B 403 39.88 9.16 52.66
C ALA B 403 39.93 8.31 53.93
N ALA B 404 40.89 7.39 53.99
CA ALA B 404 40.99 6.47 55.12
C ALA B 404 41.24 7.22 56.42
N VAL B 405 42.22 8.13 56.44
CA VAL B 405 42.43 8.92 57.63
C VAL B 405 41.29 9.89 57.88
N GLU B 406 40.49 10.22 56.87
CA GLU B 406 39.33 11.05 57.12
C GLU B 406 38.32 10.30 57.98
N GLU B 407 37.84 9.14 57.53
CA GLU B 407 36.81 8.41 58.28
C GLU B 407 37.04 6.91 58.26
N GLY B 408 38.28 6.49 58.51
CA GLY B 408 38.53 5.09 58.82
C GLY B 408 38.36 4.17 57.63
N ILE B 409 38.05 2.91 57.94
CA ILE B 409 38.05 1.83 56.95
C ILE B 409 36.93 0.86 57.28
N VAL B 410 36.41 0.19 56.26
CA VAL B 410 35.38 -0.84 56.44
C VAL B 410 35.67 -1.98 55.47
N PRO B 411 35.02 -3.13 55.63
CA PRO B 411 35.20 -4.22 54.67
C PRO B 411 34.77 -3.81 53.27
N GLY B 412 35.46 -4.35 52.27
CA GLY B 412 35.27 -3.98 50.90
C GLY B 412 34.38 -4.95 50.14
N GLY B 413 34.31 -4.73 48.83
CA GLY B 413 33.55 -5.60 47.95
C GLY B 413 32.08 -5.64 48.24
N GLY B 414 31.50 -4.53 48.69
CA GLY B 414 30.09 -4.47 49.01
C GLY B 414 29.71 -5.19 50.29
N VAL B 415 30.68 -5.73 51.03
CA VAL B 415 30.35 -6.44 52.27
C VAL B 415 29.94 -5.45 53.36
N ALA B 416 30.50 -4.24 53.36
CA ALA B 416 30.14 -3.27 54.37
C ALA B 416 28.68 -2.86 54.25
N LEU B 417 28.20 -2.66 53.02
CA LEU B 417 26.81 -2.32 52.83
C LEU B 417 25.90 -3.49 53.22
N ILE B 418 26.37 -4.72 53.04
CA ILE B 418 25.62 -5.88 53.51
C ILE B 418 25.50 -5.85 55.03
N ARG B 419 26.62 -5.68 55.72
CA ARG B 419 26.65 -5.80 57.16
C ARG B 419 26.13 -4.57 57.88
N ALA B 420 25.92 -3.46 57.18
CA ALA B 420 25.27 -2.30 57.76
C ALA B 420 23.76 -2.45 57.82
N ALA B 421 23.20 -3.52 57.26
CA ALA B 421 21.76 -3.71 57.21
C ALA B 421 21.16 -4.19 58.52
N LYS B 422 21.99 -4.54 59.51
CA LYS B 422 21.45 -4.99 60.79
C LYS B 422 20.78 -3.88 61.57
N ALA B 423 21.10 -2.62 61.28
CA ALA B 423 20.42 -1.51 61.94
C ALA B 423 19.01 -1.28 61.43
N LEU B 424 18.68 -1.78 60.24
CA LEU B 424 17.34 -1.66 59.69
C LEU B 424 16.45 -2.84 60.08
N GLU B 425 16.87 -3.66 61.05
CA GLU B 425 16.13 -4.88 61.35
C GLU B 425 14.91 -4.59 62.23
N ASN B 426 14.90 -3.48 62.96
CA ASN B 426 13.76 -3.08 63.78
C ASN B 426 13.44 -1.61 63.56
N LEU B 427 13.37 -1.18 62.30
CA LEU B 427 13.05 0.20 61.94
C LEU B 427 11.71 0.18 61.23
N GLU B 428 10.70 0.79 61.85
CA GLU B 428 9.38 0.95 61.28
C GLU B 428 9.04 2.44 61.19
N GLY B 429 8.62 2.86 60.01
CA GLY B 429 8.25 4.24 59.78
C GLY B 429 6.90 4.56 60.38
N GLU B 430 6.39 5.75 60.03
CA GLU B 430 5.11 6.19 60.58
C GLU B 430 3.95 5.44 59.94
N ASN B 431 4.03 5.18 58.64
CA ASN B 431 2.98 4.52 57.88
C ASN B 431 3.60 3.42 57.04
N GLY B 432 2.74 2.66 56.35
CA GLY B 432 3.20 1.50 55.61
C GLY B 432 4.15 1.84 54.48
N ASP B 433 3.95 2.97 53.83
CA ASP B 433 4.80 3.33 52.70
C ASP B 433 6.24 3.58 53.13
N GLN B 434 6.44 4.17 54.31
CA GLN B 434 7.80 4.35 54.80
C GLN B 434 8.47 3.01 55.07
N LYS B 435 7.72 2.05 55.61
CA LYS B 435 8.28 0.71 55.78
C LYS B 435 8.58 0.07 54.44
N THR B 436 7.75 0.33 53.43
CA THR B 436 8.04 -0.19 52.09
C THR B 436 9.33 0.40 51.56
N GLY B 437 9.57 1.70 51.78
CA GLY B 437 10.82 2.29 51.37
C GLY B 437 12.02 1.72 52.14
N VAL B 438 11.82 1.45 53.42
CA VAL B 438 12.88 0.83 54.21
C VAL B 438 13.22 -0.54 53.65
N LYS B 439 12.19 -1.31 53.29
CA LYS B 439 12.45 -2.60 52.66
C LYS B 439 13.12 -2.43 51.31
N ILE B 440 12.79 -1.36 50.59
CA ILE B 440 13.40 -1.11 49.29
C ILE B 440 14.90 -0.93 49.46
N VAL B 441 15.31 -0.08 50.39
CA VAL B 441 16.74 0.17 50.54
C VAL B 441 17.45 -1.00 51.23
N ARG B 442 16.75 -1.77 52.05
CA ARG B 442 17.36 -3.00 52.56
C ARG B 442 17.66 -3.95 51.41
N ARG B 443 16.74 -4.04 50.45
CA ARG B 443 17.00 -4.85 49.26
C ARG B 443 18.18 -4.29 48.47
N ALA B 444 18.22 -2.98 48.30
CA ALA B 444 19.19 -2.35 47.42
C ALA B 444 20.62 -2.47 47.91
N LEU B 445 20.85 -2.43 49.21
CA LEU B 445 22.20 -2.62 49.74
C LEU B 445 22.76 -3.98 49.37
N GLU B 446 21.90 -4.98 49.15
CA GLU B 446 22.38 -6.31 48.82
C GLU B 446 22.98 -6.39 47.42
N GLU B 447 22.48 -5.59 46.50
CA GLU B 447 22.66 -5.83 45.07
C GLU B 447 24.06 -5.45 44.58
N PRO B 448 24.78 -4.47 45.19
CA PRO B 448 26.19 -4.30 44.80
C PRO B 448 27.02 -5.56 44.96
N LEU B 449 26.85 -6.28 46.06
CA LEU B 449 27.55 -7.56 46.21
C LEU B 449 27.09 -8.54 45.14
N ARG B 450 25.81 -8.52 44.82
CA ARG B 450 25.28 -9.37 43.77
C ARG B 450 25.94 -9.09 42.42
N GLN B 451 26.18 -7.82 42.12
CA GLN B 451 26.80 -7.50 40.84
C GLN B 451 28.28 -7.80 40.79
N ILE B 452 29.03 -7.55 41.88
CA ILE B 452 30.43 -7.96 41.88
C ILE B 452 30.55 -9.47 41.73
N VAL B 453 29.68 -10.24 42.40
CA VAL B 453 29.79 -11.69 42.29
C VAL B 453 29.20 -12.22 40.99
N ALA B 454 28.29 -11.48 40.35
CA ALA B 454 27.73 -11.90 39.07
C ALA B 454 28.63 -11.55 37.90
N ASN B 455 29.45 -10.51 38.03
CA ASN B 455 30.44 -10.22 37.01
C ASN B 455 31.45 -11.34 36.87
N ALA B 456 31.69 -12.09 37.95
CA ALA B 456 32.53 -13.27 37.90
C ALA B 456 31.78 -14.49 37.39
N GLY B 457 30.51 -14.35 37.02
CA GLY B 457 29.77 -15.47 36.47
C GLY B 457 29.32 -16.51 37.47
N LEU B 458 29.26 -16.16 38.74
CA LEU B 458 28.79 -17.04 39.80
C LEU B 458 27.41 -16.61 40.26
N GLU B 459 26.64 -17.58 40.72
CA GLU B 459 25.24 -17.34 41.06
C GLU B 459 25.17 -16.58 42.38
N GLY B 460 24.58 -15.38 42.34
CA GLY B 460 24.72 -14.45 43.43
C GLY B 460 24.06 -14.87 44.72
N SER B 461 22.90 -15.52 44.63
CA SER B 461 22.05 -15.75 45.80
C SER B 461 22.77 -16.55 46.88
N VAL B 462 23.48 -17.61 46.48
CA VAL B 462 24.18 -18.45 47.45
C VAL B 462 25.24 -17.65 48.19
N VAL B 463 26.03 -16.87 47.46
CA VAL B 463 27.12 -16.12 48.07
C VAL B 463 26.57 -15.08 49.02
N VAL B 464 25.52 -14.38 48.60
CA VAL B 464 25.01 -13.30 49.45
C VAL B 464 24.36 -13.91 50.69
N ASN B 465 23.69 -15.04 50.56
CA ASN B 465 23.09 -15.66 51.74
C ASN B 465 24.17 -16.11 52.71
N LYS B 466 25.24 -16.72 52.20
CA LYS B 466 26.24 -17.31 53.07
C LYS B 466 27.23 -16.27 53.57
N VAL B 467 27.20 -15.04 53.04
CA VAL B 467 27.94 -13.95 53.67
C VAL B 467 27.05 -13.19 54.65
N LYS B 468 25.74 -13.13 54.39
CA LYS B 468 24.82 -12.58 55.38
C LYS B 468 24.80 -13.42 56.65
N GLU B 469 24.93 -14.74 56.52
CA GLU B 469 25.04 -15.59 57.71
C GLU B 469 26.26 -15.23 58.55
N GLY B 470 27.32 -14.70 57.94
CA GLY B 470 28.49 -14.31 58.70
C GLY B 470 28.27 -13.01 59.47
N LYS B 471 29.17 -12.76 60.41
CA LYS B 471 29.13 -11.60 61.27
C LYS B 471 30.50 -10.94 61.30
N GLY B 472 30.52 -9.64 61.55
CA GLY B 472 31.77 -8.90 61.59
C GLY B 472 32.26 -8.56 60.20
N ASN B 473 33.53 -8.86 59.93
CA ASN B 473 34.16 -8.57 58.66
C ASN B 473 34.20 -9.78 57.72
N PHE B 474 33.43 -10.83 58.02
CA PHE B 474 33.34 -11.97 57.14
C PHE B 474 32.78 -11.52 55.79
N GLY B 475 33.44 -11.94 54.71
CA GLY B 475 33.13 -11.38 53.41
C GLY B 475 33.60 -12.29 52.30
N TYR B 476 33.26 -11.88 51.07
CA TYR B 476 33.58 -12.62 49.86
C TYR B 476 34.69 -11.88 49.12
N ASN B 477 35.82 -12.54 48.94
CA ASN B 477 36.97 -11.99 48.24
C ASN B 477 36.87 -12.45 46.80
N ALA B 478 36.42 -11.56 45.91
CA ALA B 478 36.21 -11.94 44.52
C ALA B 478 37.50 -12.35 43.81
N ARG B 479 38.63 -11.75 44.18
CA ARG B 479 39.89 -12.08 43.53
C ARG B 479 40.26 -13.56 43.75
N THR B 480 40.03 -14.06 44.96
CA THR B 480 40.42 -15.41 45.35
C THR B 480 39.27 -16.36 45.61
N GLU B 481 38.03 -15.86 45.65
CA GLU B 481 36.85 -16.70 45.88
C GLU B 481 36.87 -17.38 47.25
N GLU B 482 37.64 -16.84 48.20
CA GLU B 482 37.69 -17.32 49.57
C GLU B 482 36.79 -16.45 50.45
N TYR B 483 36.64 -16.85 51.71
CA TYR B 483 35.63 -16.28 52.59
C TYR B 483 36.22 -15.74 53.90
N ASP B 484 37.23 -14.88 53.79
CA ASP B 484 37.67 -14.07 54.92
C ASP B 484 38.07 -12.71 54.40
N LEU B 485 37.82 -11.65 55.17
CA LEU B 485 38.11 -10.30 54.73
C LEU B 485 38.79 -9.47 55.82
N ILE B 486 39.11 -10.07 56.97
CA ILE B 486 39.65 -9.28 58.09
C ILE B 486 41.03 -8.74 57.74
N GLU B 487 41.98 -9.65 57.52
CA GLU B 487 43.36 -9.30 57.19
C GLU B 487 43.71 -9.61 55.75
N ALA B 488 42.76 -10.14 54.96
CA ALA B 488 43.07 -10.50 53.58
C ALA B 488 43.46 -9.29 52.73
N GLY B 489 43.00 -8.10 53.10
CA GLY B 489 43.47 -6.89 52.47
C GLY B 489 42.73 -6.52 51.20
N VAL B 490 41.41 -6.51 51.23
CA VAL B 490 40.59 -5.83 50.23
C VAL B 490 39.69 -4.88 51.00
N ILE B 491 40.08 -3.60 51.01
CA ILE B 491 39.53 -2.56 51.87
C ILE B 491 39.10 -1.39 51.01
N ASP B 492 37.97 -0.80 51.35
CA ASP B 492 37.50 0.45 50.78
C ASP B 492 37.28 1.45 51.92
N PRO B 493 37.64 2.72 51.74
CA PRO B 493 37.37 3.70 52.80
C PRO B 493 35.88 3.83 53.06
N ALA B 494 35.55 4.07 54.33
CA ALA B 494 34.16 4.29 54.68
C ALA B 494 33.59 5.54 54.04
N LYS B 495 34.43 6.54 53.76
CA LYS B 495 33.94 7.77 53.16
C LYS B 495 33.36 7.49 51.77
N VAL B 496 34.05 6.71 50.95
CA VAL B 496 33.60 6.54 49.57
C VAL B 496 32.26 5.81 49.53
N THR B 497 32.11 4.74 50.31
CA THR B 497 30.85 4.01 50.28
C THR B 497 29.74 4.77 50.98
N ARG B 498 30.08 5.53 52.03
CA ARG B 498 29.10 6.40 52.67
C ARG B 498 28.53 7.40 51.67
N THR B 499 29.42 8.17 51.02
CA THR B 499 28.95 9.18 50.08
C THR B 499 28.25 8.56 48.88
N ALA B 500 28.68 7.37 48.46
CA ALA B 500 27.96 6.69 47.39
C ALA B 500 26.53 6.39 47.81
N LEU B 501 26.34 5.93 49.05
CA LEU B 501 25.00 5.62 49.51
C LEU B 501 24.15 6.88 49.67
N GLN B 502 24.74 7.96 50.20
CA GLN B 502 24.02 9.24 50.27
C GLN B 502 23.57 9.70 48.89
N ASN B 503 24.47 9.67 47.92
CA ASN B 503 24.12 10.16 46.59
C ASN B 503 23.08 9.27 45.94
N ALA B 504 23.16 7.95 46.17
CA ALA B 504 22.15 7.05 45.65
C ALA B 504 20.79 7.36 46.23
N ALA B 505 20.72 7.57 47.54
CA ALA B 505 19.44 7.92 48.16
C ALA B 505 18.91 9.24 47.62
N SER B 506 19.80 10.23 47.46
CA SER B 506 19.37 11.54 46.98
C SER B 506 18.80 11.45 45.57
N ILE B 507 19.51 10.77 44.65
CA ILE B 507 19.02 10.69 43.29
C ILE B 507 17.75 9.86 43.23
N ALA B 508 17.65 8.80 44.04
CA ALA B 508 16.42 8.01 44.04
C ALA B 508 15.24 8.83 44.51
N GLY B 509 15.41 9.58 45.60
CA GLY B 509 14.31 10.42 46.07
C GLY B 509 13.94 11.50 45.07
N MET B 510 14.93 12.11 44.42
CA MET B 510 14.65 13.18 43.47
C MET B 510 14.08 12.67 42.16
N LEU B 511 14.29 11.40 41.81
CA LEU B 511 13.70 10.82 40.62
C LEU B 511 12.32 10.24 40.87
N LEU B 512 12.09 9.68 42.06
CA LEU B 512 10.76 9.20 42.41
C LEU B 512 9.76 10.36 42.45
N THR B 513 10.16 11.48 43.04
CA THR B 513 9.28 12.64 43.21
C THR B 513 9.45 13.63 42.06
N THR B 514 9.11 13.15 40.86
CA THR B 514 9.16 13.95 39.64
C THR B 514 8.01 13.54 38.75
N GLU B 515 7.18 14.52 38.36
CA GLU B 515 6.00 14.24 37.56
C GLU B 515 6.14 14.63 36.10
N CYS B 516 7.00 15.60 35.78
CA CYS B 516 7.06 16.10 34.41
C CYS B 516 8.50 16.41 34.03
N VAL B 517 8.85 16.00 32.81
CA VAL B 517 10.17 16.22 32.23
C VAL B 517 9.95 17.02 30.95
N ILE B 518 10.64 18.16 30.86
CA ILE B 518 10.38 19.15 29.82
C ILE B 518 11.58 19.15 28.90
N THR B 519 11.40 18.68 27.67
CA THR B 519 12.50 18.52 26.72
C THR B 519 12.16 19.11 25.36
N GLU B 520 13.22 19.59 24.71
CA GLU B 520 13.14 20.28 23.43
C GLU B 520 12.93 19.29 22.29
N LYS B 521 12.23 19.76 21.27
CA LYS B 521 12.06 18.97 20.06
C LYS B 521 13.31 19.09 19.20
N PRO B 522 13.97 17.96 18.83
CA PRO B 522 15.19 18.00 17.99
C PRO B 522 14.95 18.82 16.73
N ALA C 1 24.84 11.79 20.86
CA ALA C 1 23.96 10.64 20.51
C ALA C 1 24.78 9.42 20.17
N LYS C 2 24.74 8.41 21.05
CA LYS C 2 25.55 7.21 20.91
C LYS C 2 24.75 5.96 21.24
N GLN C 3 24.80 5.00 20.33
CA GLN C 3 24.07 3.75 20.47
C GLN C 3 24.77 2.85 21.48
N ILE C 4 23.97 2.09 22.24
CA ILE C 4 24.47 1.23 23.30
C ILE C 4 23.85 -0.15 23.08
N LYS C 5 24.69 -1.18 23.17
CA LYS C 5 24.27 -2.55 22.94
C LYS C 5 25.00 -3.44 23.93
N PHE C 6 24.25 -4.25 24.68
CA PHE C 6 24.79 -5.07 25.75
C PHE C 6 24.70 -6.55 25.40
N ASP C 7 25.09 -7.37 26.37
CA ASP C 7 24.73 -8.78 26.43
C ASP C 7 25.32 -9.52 25.23
N THR C 8 24.72 -10.65 24.86
CA THR C 8 25.21 -11.46 23.74
C THR C 8 24.97 -10.80 22.39
N ASP C 9 24.06 -9.83 22.29
CA ASP C 9 23.85 -9.17 21.00
C ASP C 9 25.09 -8.38 20.58
N ALA C 10 25.69 -7.65 21.52
CA ALA C 10 26.89 -6.89 21.19
C ALA C 10 28.03 -7.82 20.80
N ARG C 11 28.17 -8.93 21.52
CA ARG C 11 29.22 -9.88 21.17
C ARG C 11 28.93 -10.53 19.82
N ASN C 12 27.67 -10.75 19.48
CA ASN C 12 27.35 -11.26 18.15
C ASN C 12 27.75 -10.28 17.07
N ALA C 13 27.51 -8.99 17.30
CA ALA C 13 27.95 -7.98 16.34
C ALA C 13 29.48 -7.97 16.21
N LEU C 14 30.18 -8.05 17.34
CA LEU C 14 31.64 -8.10 17.29
C LEU C 14 32.12 -9.32 16.54
N LEU C 15 31.49 -10.48 16.78
CA LEU C 15 31.87 -11.70 16.09
C LEU C 15 31.61 -11.57 14.60
N ARG C 16 30.52 -10.92 14.22
CA ARG C 16 30.23 -10.73 12.80
C ARG C 16 31.32 -9.87 12.15
N GLY C 17 31.74 -8.81 12.83
CA GLY C 17 32.83 -8.00 12.30
C GLY C 17 34.12 -8.78 12.16
N VAL C 18 34.46 -9.57 13.18
CA VAL C 18 35.69 -10.35 13.13
C VAL C 18 35.59 -11.39 12.02
N ASP C 19 34.40 -11.95 11.81
CA ASP C 19 34.23 -12.92 10.73
C ASP C 19 34.43 -12.28 9.37
N LYS C 20 33.89 -11.07 9.19
CA LYS C 20 34.10 -10.37 7.92
C LYS C 20 35.58 -10.10 7.69
N LEU C 21 36.29 -9.62 8.72
CA LEU C 21 37.71 -9.34 8.57
C LEU C 21 38.48 -10.62 8.25
N ALA C 22 38.19 -11.70 8.98
CA ALA C 22 38.94 -12.93 8.79
C ALA C 22 38.69 -13.52 7.41
N ASP C 23 37.44 -13.54 6.97
CA ASP C 23 37.14 -14.03 5.62
C ASP C 23 37.81 -13.17 4.57
N ALA C 24 37.95 -11.86 4.82
CA ALA C 24 38.69 -11.04 3.89
C ALA C 24 40.18 -11.38 3.89
N VAL C 25 40.74 -11.72 5.05
CA VAL C 25 42.18 -11.85 5.23
C VAL C 25 42.64 -13.28 5.11
N LYS C 26 41.93 -14.24 5.70
CA LYS C 26 42.43 -15.60 5.81
C LYS C 26 42.56 -16.31 4.47
N VAL C 27 41.96 -15.80 3.41
CA VAL C 27 42.12 -16.42 2.09
C VAL C 27 43.52 -16.27 1.53
N THR C 28 44.32 -15.36 2.07
CA THR C 28 45.66 -15.10 1.57
C THR C 28 46.73 -15.96 2.24
N LEU C 29 46.41 -16.62 3.35
CA LEU C 29 47.39 -17.36 4.11
C LEU C 29 47.88 -18.56 3.31
N GLY C 30 49.18 -18.85 3.42
CA GLY C 30 49.76 -20.04 2.85
C GLY C 30 50.63 -19.75 1.66
N PRO C 31 51.38 -20.75 1.18
CA PRO C 31 52.25 -20.51 0.01
C PRO C 31 51.48 -20.42 -1.28
N LYS C 32 50.33 -21.07 -1.40
CA LYS C 32 49.49 -21.02 -2.59
C LYS C 32 48.10 -20.50 -2.23
N GLY C 33 48.06 -19.41 -1.48
CA GLY C 33 46.82 -18.74 -1.16
C GLY C 33 46.20 -18.09 -2.38
N ARG C 34 45.06 -17.46 -2.15
CA ARG C 34 44.24 -16.89 -3.21
C ARG C 34 44.50 -15.40 -3.30
N ASN C 35 43.77 -14.71 -4.17
CA ASN C 35 43.95 -13.29 -4.43
C ASN C 35 42.78 -12.49 -3.85
N VAL C 36 43.05 -11.22 -3.52
CA VAL C 36 42.01 -10.33 -2.92
C VAL C 36 41.99 -9.01 -3.70
N ILE C 37 41.10 -8.86 -4.67
CA ILE C 37 40.95 -7.59 -5.43
C ILE C 37 40.46 -6.54 -4.43
N ILE C 38 40.93 -5.30 -4.53
CA ILE C 38 40.49 -4.19 -3.62
C ILE C 38 40.22 -2.96 -4.50
N GLU C 39 39.26 -2.12 -4.11
CA GLU C 39 38.85 -0.94 -4.93
C GLU C 39 39.85 0.20 -4.79
N LYS C 40 40.26 0.81 -5.91
CA LYS C 40 41.19 1.96 -5.92
C LYS C 40 40.44 3.17 -6.46
N LYS C 41 40.47 4.31 -5.76
CA LYS C 41 39.68 5.51 -6.15
C LYS C 41 40.14 6.03 -7.51
N PHE C 42 41.45 6.07 -7.78
CA PHE C 42 42.00 6.61 -9.05
C PHE C 42 42.96 5.60 -9.66
N GLY C 43 42.67 5.11 -10.87
CA GLY C 43 43.50 4.14 -11.55
C GLY C 43 42.96 2.72 -11.45
N ALA C 44 43.83 1.77 -11.76
CA ALA C 44 43.43 0.39 -11.87
C ALA C 44 43.16 -0.22 -10.50
N PRO C 45 42.43 -1.33 -10.44
CA PRO C 45 42.32 -2.06 -9.17
C PRO C 45 43.59 -2.83 -8.86
N THR C 46 43.84 -3.09 -7.57
CA THR C 46 45.06 -3.76 -7.10
C THR C 46 44.76 -5.17 -6.69
N ILE C 47 45.70 -6.08 -6.90
CA ILE C 47 45.65 -7.48 -6.50
C ILE C 47 46.79 -7.74 -5.54
N THR C 48 46.49 -8.47 -4.46
CA THR C 48 47.48 -8.75 -3.44
C THR C 48 47.22 -10.13 -2.86
N LYS C 49 48.25 -10.97 -2.88
CA LYS C 49 48.27 -12.20 -2.11
C LYS C 49 48.81 -12.00 -0.70
N ASP C 50 49.14 -10.77 -0.33
CA ASP C 50 49.79 -10.47 0.94
C ASP C 50 48.70 -9.96 1.87
N GLY C 51 48.59 -10.58 3.05
CA GLY C 51 47.46 -10.29 3.92
C GLY C 51 47.51 -8.96 4.62
N VAL C 52 48.69 -8.44 4.94
CA VAL C 52 48.75 -7.21 5.72
C VAL C 52 48.17 -6.05 4.92
N THR C 53 48.42 -6.02 3.61
CA THR C 53 47.81 -5.01 2.76
C THR C 53 46.30 -5.18 2.71
N VAL C 54 45.81 -6.41 2.69
CA VAL C 54 44.37 -6.64 2.68
C VAL C 54 43.75 -6.17 3.99
N ALA C 55 44.45 -6.39 5.10
CA ALA C 55 43.91 -6.00 6.40
C ALA C 55 43.77 -4.50 6.51
N LYS C 56 44.73 -3.73 5.98
CA LYS C 56 44.72 -2.28 6.15
C LYS C 56 43.56 -1.59 5.46
N GLU C 57 42.85 -2.27 4.55
CA GLU C 57 41.78 -1.67 3.76
C GLU C 57 40.44 -2.35 4.10
N ILE C 58 40.19 -2.58 5.38
CA ILE C 58 38.94 -3.13 5.87
C ILE C 58 38.27 -2.10 6.76
N GLU C 59 37.03 -1.75 6.43
CA GLU C 59 36.22 -0.87 7.26
C GLU C 59 34.77 -1.05 6.81
N LEU C 60 33.91 -1.45 7.74
CA LEU C 60 32.57 -1.90 7.45
C LEU C 60 31.56 -0.80 7.79
N GLU C 61 30.30 -1.03 7.38
CA GLU C 61 29.29 0.01 7.50
C GLU C 61 28.68 0.05 8.89
N ASP C 62 28.16 -1.08 9.37
CA ASP C 62 27.51 -1.10 10.67
C ASP C 62 28.58 -0.94 11.74
N PRO C 63 28.51 0.09 12.60
CA PRO C 63 29.68 0.45 13.43
C PRO C 63 30.14 -0.64 14.38
N PHE C 64 29.25 -1.46 14.91
CA PHE C 64 29.68 -2.50 15.85
C PHE C 64 30.61 -3.51 15.17
N GLU C 65 30.28 -3.89 13.93
CA GLU C 65 31.16 -4.79 13.20
C GLU C 65 32.48 -4.14 12.86
N ASN C 66 32.46 -2.86 12.49
CA ASN C 66 33.71 -2.12 12.28
C ASN C 66 34.53 -2.11 13.54
N MET C 67 33.87 -1.96 14.69
CA MET C 67 34.57 -1.88 15.96
C MET C 67 35.27 -3.20 16.26
N GLY C 68 34.57 -4.30 16.05
CA GLY C 68 35.18 -5.61 16.22
C GLY C 68 36.34 -5.85 15.27
N ALA C 69 36.18 -5.48 14.00
CA ALA C 69 37.27 -5.67 13.04
C ALA C 69 38.49 -4.84 13.44
N GLN C 70 38.27 -3.61 13.88
CA GLN C 70 39.40 -2.75 14.24
C GLN C 70 40.11 -3.27 15.47
N MET C 71 39.40 -3.87 16.42
CA MET C 71 40.10 -4.43 17.58
C MET C 71 41.08 -5.52 17.15
N VAL C 72 40.62 -6.43 16.29
CA VAL C 72 41.48 -7.51 15.83
C VAL C 72 42.65 -6.96 15.03
N LYS C 73 42.39 -5.96 14.19
CA LYS C 73 43.48 -5.36 13.42
C LYS C 73 44.52 -4.75 14.34
N GLU C 74 44.09 -4.05 15.39
CA GLU C 74 45.04 -3.37 16.27
C GLU C 74 45.84 -4.37 17.08
N VAL C 75 45.19 -5.42 17.60
CA VAL C 75 45.93 -6.42 18.37
C VAL C 75 46.90 -7.18 17.47
N ALA C 76 46.42 -7.62 16.31
CA ALA C 76 47.24 -8.45 15.44
C ALA C 76 48.41 -7.69 14.85
N SER C 77 48.28 -6.39 14.64
CA SER C 77 49.34 -5.61 14.01
C SER C 77 50.59 -5.51 14.86
N LYS C 78 50.51 -5.83 16.16
CA LYS C 78 51.65 -5.71 17.05
C LYS C 78 52.69 -6.81 16.85
N THR C 79 52.42 -7.79 16.00
CA THR C 79 53.40 -8.84 15.73
C THR C 79 54.66 -8.24 15.12
N SER C 80 55.81 -8.80 15.51
CA SER C 80 57.09 -8.23 15.11
C SER C 80 57.29 -8.29 13.59
N ASP C 81 56.91 -9.39 12.96
CA ASP C 81 57.13 -9.56 11.54
C ASP C 81 56.15 -8.72 10.73
N VAL C 82 56.65 -8.15 9.63
CA VAL C 82 55.83 -7.43 8.66
C VAL C 82 55.88 -8.08 7.28
N ALA C 83 56.73 -9.09 7.07
CA ALA C 83 56.82 -9.74 5.77
C ALA C 83 55.51 -10.45 5.42
N GLY C 84 54.99 -11.23 6.33
CA GLY C 84 53.75 -11.95 6.09
C GLY C 84 53.61 -13.14 7.02
N ASP C 85 52.41 -13.71 7.00
CA ASP C 85 52.06 -14.89 7.78
C ASP C 85 52.10 -14.64 9.29
N GLY C 86 52.23 -13.39 9.73
CA GLY C 86 52.22 -13.06 11.14
C GLY C 86 50.91 -12.45 11.58
N THR C 87 50.42 -11.50 10.80
CA THR C 87 49.12 -10.89 11.09
C THR C 87 47.99 -11.81 10.68
N THR C 88 48.14 -12.50 9.56
CA THR C 88 47.08 -13.38 9.08
C THR C 88 46.89 -14.57 10.02
N THR C 89 47.99 -15.12 10.52
CA THR C 89 47.89 -16.24 11.46
C THR C 89 47.19 -15.79 12.74
N ALA C 90 47.53 -14.60 13.24
CA ALA C 90 46.87 -14.09 14.43
C ALA C 90 45.39 -13.86 14.19
N THR C 91 45.03 -13.32 13.03
CA THR C 91 43.63 -13.11 12.71
C THR C 91 42.87 -14.43 12.64
N VAL C 92 43.47 -15.44 12.02
CA VAL C 92 42.81 -16.73 11.88
C VAL C 92 42.61 -17.37 13.25
N LEU C 93 43.66 -17.34 14.08
CA LEU C 93 43.55 -17.93 15.41
C LEU C 93 42.51 -17.20 16.25
N ALA C 94 42.49 -15.86 16.16
CA ALA C 94 41.49 -15.10 16.91
C ALA C 94 40.08 -15.44 16.43
N GLN C 95 39.89 -15.58 15.12
CA GLN C 95 38.60 -15.99 14.59
C GLN C 95 38.17 -17.32 15.18
N ALA C 96 39.04 -18.32 15.13
CA ALA C 96 38.69 -19.65 15.61
C ALA C 96 38.36 -19.62 17.10
N ILE C 97 39.23 -19.01 17.90
CA ILE C 97 39.04 -19.01 19.34
C ILE C 97 37.78 -18.25 19.71
N VAL C 98 37.54 -17.09 19.08
CA VAL C 98 36.39 -16.27 19.44
C VAL C 98 35.10 -16.96 19.04
N ARG C 99 35.06 -17.57 17.86
CA ARG C 99 33.85 -18.25 17.44
C ARG C 99 33.53 -19.41 18.36
N GLU C 100 34.52 -20.25 18.67
CA GLU C 100 34.26 -21.36 19.58
C GLU C 100 33.89 -20.86 20.97
N GLY C 101 34.50 -19.76 21.41
CA GLY C 101 34.20 -19.22 22.72
C GLY C 101 32.77 -18.71 22.81
N LEU C 102 32.29 -18.00 21.80
CA LEU C 102 30.90 -17.58 21.81
C LEU C 102 29.96 -18.77 21.73
N LYS C 103 30.29 -19.78 20.92
CA LYS C 103 29.40 -20.92 20.84
C LYS C 103 29.32 -21.66 22.18
N ASN C 104 30.41 -21.69 22.94
CA ASN C 104 30.39 -22.33 24.25
C ASN C 104 29.81 -21.44 25.34
N VAL C 105 29.93 -20.11 25.21
CA VAL C 105 29.27 -19.23 26.15
C VAL C 105 27.77 -19.30 25.98
N ALA C 106 27.30 -19.32 24.73
CA ALA C 106 25.90 -19.60 24.47
C ALA C 106 25.51 -21.01 24.92
N ALA C 107 26.48 -21.93 25.01
CA ALA C 107 26.22 -23.25 25.55
C ALA C 107 25.99 -23.23 27.05
N GLY C 108 26.46 -22.19 27.75
CA GLY C 108 26.23 -22.04 29.18
C GLY C 108 27.51 -21.97 30.00
N ALA C 109 28.60 -21.53 29.38
CA ALA C 109 29.90 -21.48 30.04
C ALA C 109 30.13 -20.10 30.65
N ASN C 110 30.85 -20.09 31.77
CA ASN C 110 31.26 -18.83 32.39
C ASN C 110 32.36 -18.20 31.53
N PRO C 111 32.20 -16.96 31.05
CA PRO C 111 33.31 -16.35 30.29
C PRO C 111 34.58 -16.18 31.09
N MET C 112 34.50 -15.94 32.40
CA MET C 112 35.70 -15.79 33.21
C MET C 112 36.54 -17.06 33.18
N ASP C 113 35.89 -18.21 33.43
CA ASP C 113 36.62 -19.47 33.39
C ASP C 113 37.15 -19.77 32.01
N LEU C 114 36.40 -19.46 30.96
CA LEU C 114 36.87 -19.71 29.60
C LEU C 114 38.12 -18.88 29.31
N LYS C 115 38.12 -17.61 29.69
CA LYS C 115 39.29 -16.77 29.48
C LYS C 115 40.48 -17.28 30.26
N ARG C 116 40.28 -17.68 31.52
CA ARG C 116 41.39 -18.17 32.32
C ARG C 116 41.94 -19.47 31.74
N GLY C 117 41.06 -20.33 31.24
CA GLY C 117 41.51 -21.55 30.61
C GLY C 117 42.30 -21.29 29.35
N ILE C 118 41.84 -20.34 28.53
CA ILE C 118 42.58 -19.98 27.32
C ILE C 118 43.95 -19.44 27.69
N ASP C 119 44.03 -18.61 28.72
CA ASP C 119 45.32 -18.06 29.14
C ASP C 119 46.26 -19.16 29.61
N LYS C 120 45.76 -20.09 30.44
CA LYS C 120 46.59 -21.17 30.93
C LYS C 120 47.06 -22.05 29.79
N ALA C 121 46.16 -22.36 28.86
CA ALA C 121 46.53 -23.22 27.74
C ALA C 121 47.53 -22.55 26.82
N VAL C 122 47.36 -21.26 26.54
CA VAL C 122 48.32 -20.60 25.66
C VAL C 122 49.67 -20.47 26.34
N GLU C 123 49.69 -20.33 27.67
CA GLU C 123 50.98 -20.40 28.37
C GLU C 123 51.62 -21.77 28.18
N ALA C 124 50.83 -22.83 28.26
CA ALA C 124 51.38 -24.17 28.04
C ALA C 124 51.92 -24.33 26.62
N VAL C 125 51.18 -23.83 25.63
CA VAL C 125 51.64 -23.91 24.24
C VAL C 125 52.90 -23.06 24.05
N VAL C 126 53.01 -21.92 24.73
CA VAL C 126 54.21 -21.11 24.63
C VAL C 126 55.40 -21.87 25.19
N GLU C 127 55.22 -22.54 26.33
CA GLU C 127 56.30 -23.34 26.89
C GLU C 127 56.69 -24.48 25.94
N GLU C 128 55.70 -25.11 25.32
CA GLU C 128 55.99 -26.19 24.38
C GLU C 128 56.75 -25.68 23.16
N LEU C 129 56.37 -24.51 22.64
CA LEU C 129 57.09 -23.92 21.52
C LEU C 129 58.52 -23.56 21.90
N LYS C 130 58.70 -23.03 23.12
CA LYS C 130 60.05 -22.78 23.61
C LYS C 130 60.87 -24.06 23.62
N LYS C 131 60.27 -25.15 24.12
CA LYS C 131 60.99 -26.43 24.16
C LYS C 131 61.32 -26.91 22.75
N MET C 132 60.39 -26.75 21.81
CA MET C 132 60.51 -27.37 20.49
C MET C 132 61.37 -26.59 19.52
N ALA C 133 61.68 -25.32 19.81
CA ALA C 133 62.40 -24.49 18.86
C ALA C 133 63.87 -24.92 18.76
N LYS C 134 64.35 -25.08 17.54
CA LYS C 134 65.76 -25.39 17.32
C LYS C 134 66.56 -24.08 17.37
N PRO C 135 67.55 -23.93 18.25
CA PRO C 135 68.30 -22.67 18.29
C PRO C 135 69.20 -22.49 17.08
N VAL C 136 69.51 -21.22 16.80
CA VAL C 136 70.39 -20.82 15.72
C VAL C 136 71.48 -19.96 16.35
N ASN C 137 72.62 -20.57 16.64
CA ASN C 137 73.77 -19.88 17.23
C ASN C 137 74.98 -20.36 16.47
N GLY C 138 75.34 -19.65 15.40
CA GLY C 138 76.41 -20.09 14.54
C GLY C 138 76.32 -19.59 13.12
N LYS C 139 77.49 -19.30 12.53
CA LYS C 139 77.55 -18.58 11.26
C LYS C 139 76.94 -19.42 10.14
N GLU C 140 77.23 -20.73 10.11
CA GLU C 140 76.77 -21.55 9.00
C GLU C 140 75.24 -21.65 8.98
N GLU C 141 74.61 -21.95 10.11
CA GLU C 141 73.16 -22.07 10.05
C GLU C 141 72.45 -20.72 10.05
N ILE C 142 73.09 -19.62 10.47
CA ILE C 142 72.42 -18.35 10.14
C ILE C 142 72.47 -18.17 8.62
N ALA C 143 73.55 -18.62 7.98
CA ALA C 143 73.60 -18.53 6.51
C ALA C 143 72.46 -19.33 5.89
N GLN C 144 72.24 -20.56 6.37
CA GLN C 144 71.10 -21.33 5.85
C GLN C 144 69.77 -20.63 6.10
N VAL C 145 69.54 -20.13 7.32
CA VAL C 145 68.23 -19.54 7.58
C VAL C 145 68.03 -18.27 6.76
N ALA C 146 69.11 -17.51 6.54
CA ALA C 146 69.02 -16.37 5.64
C ALA C 146 68.66 -16.80 4.23
N THR C 147 69.26 -17.91 3.76
CA THR C 147 68.91 -18.40 2.43
C THR C 147 67.44 -18.79 2.36
N ILE C 148 66.92 -19.45 3.39
CA ILE C 148 65.51 -19.83 3.37
C ILE C 148 64.63 -18.59 3.32
N SER C 149 64.96 -17.58 4.12
CA SER C 149 64.13 -16.38 4.18
C SER C 149 64.24 -15.52 2.92
N ALA C 150 65.18 -15.80 2.02
CA ALA C 150 65.39 -15.00 0.82
C ALA C 150 65.05 -15.78 -0.46
N ASN C 151 64.22 -16.80 -0.34
CA ASN C 151 63.78 -17.59 -1.49
C ASN C 151 64.95 -18.23 -2.23
N ASN C 152 65.92 -18.74 -1.47
CA ASN C 152 66.93 -19.66 -1.98
C ASN C 152 67.80 -19.04 -3.08
N ASP C 153 68.55 -18.00 -2.70
CA ASP C 153 69.68 -17.51 -3.48
C ASP C 153 70.82 -17.31 -2.49
N PRO C 154 71.86 -18.16 -2.50
CA PRO C 154 72.85 -18.10 -1.41
C PRO C 154 73.59 -16.78 -1.28
N GLU C 155 73.63 -15.95 -2.31
CA GLU C 155 74.46 -14.75 -2.27
C GLU C 155 74.02 -13.80 -1.16
N ILE C 156 72.73 -13.47 -1.13
CA ILE C 156 72.22 -12.59 -0.09
C ILE C 156 72.35 -13.26 1.27
N GLY C 157 72.22 -14.59 1.30
CA GLY C 157 72.37 -15.31 2.55
C GLY C 157 73.75 -15.14 3.16
N LYS C 158 74.80 -15.34 2.36
CA LYS C 158 76.14 -15.18 2.92
C LYS C 158 76.43 -13.72 3.23
N LEU C 159 75.86 -12.80 2.43
CA LEU C 159 76.06 -11.39 2.71
C LEU C 159 75.52 -11.03 4.09
N ILE C 160 74.26 -11.38 4.36
CA ILE C 160 73.69 -11.02 5.65
C ILE C 160 74.31 -11.83 6.77
N ALA C 161 74.76 -13.06 6.49
CA ALA C 161 75.46 -13.83 7.52
C ALA C 161 76.73 -13.11 7.95
N GLU C 162 77.52 -12.61 6.99
CA GLU C 162 78.72 -11.87 7.35
C GLU C 162 78.38 -10.56 8.06
N ALA C 163 77.31 -9.89 7.61
CA ALA C 163 76.91 -8.63 8.24
C ALA C 163 76.58 -8.84 9.71
N MET C 164 75.77 -9.85 10.01
CA MET C 164 75.57 -10.26 11.39
C MET C 164 76.88 -10.56 12.08
N GLU C 165 77.70 -11.44 11.49
CA GLU C 165 78.91 -11.92 12.15
C GLU C 165 79.81 -10.77 12.57
N LYS C 166 79.79 -9.67 11.81
CA LYS C 166 80.53 -8.49 12.22
C LYS C 166 79.78 -7.68 13.28
N VAL C 167 78.51 -7.40 13.06
CA VAL C 167 77.87 -6.30 13.81
C VAL C 167 77.62 -6.68 15.27
N GLY C 168 77.33 -7.95 15.54
CA GLY C 168 76.94 -8.40 16.86
C GLY C 168 75.43 -8.58 16.98
N LYS C 169 75.04 -9.40 17.95
CA LYS C 169 73.63 -9.79 18.05
C LYS C 169 72.72 -8.59 18.31
N ASP C 170 72.96 -7.88 19.40
CA ASP C 170 72.21 -6.65 19.66
C ASP C 170 72.61 -5.52 18.73
N GLY C 171 73.71 -5.65 18.00
CA GLY C 171 74.08 -4.65 17.03
C GLY C 171 73.04 -4.56 15.93
N VAL C 172 73.05 -3.42 15.24
CA VAL C 172 71.96 -3.03 14.35
C VAL C 172 72.49 -2.85 12.94
N ILE C 173 71.72 -3.35 11.97
CA ILE C 173 72.05 -3.30 10.55
C ILE C 173 70.92 -2.54 9.86
N THR C 174 71.27 -1.77 8.83
CA THR C 174 70.29 -1.06 8.01
C THR C 174 70.56 -1.32 6.54
N VAL C 175 69.54 -1.09 5.72
CA VAL C 175 69.58 -1.29 4.27
C VAL C 175 69.63 0.08 3.61
N GLU C 176 70.61 0.27 2.72
CA GLU C 176 70.84 1.55 2.07
C GLU C 176 70.64 1.32 0.59
N GLU C 177 69.96 2.26 -0.07
CA GLU C 177 69.75 2.18 -1.52
C GLU C 177 71.05 2.56 -2.22
N SER C 178 71.78 1.56 -2.71
CA SER C 178 73.10 1.80 -3.28
C SER C 178 72.99 2.32 -4.72
N LYS C 179 74.09 2.90 -5.18
CA LYS C 179 74.18 3.47 -6.51
C LYS C 179 75.08 2.68 -7.44
N SER C 180 76.04 1.94 -6.91
CA SER C 180 76.93 1.12 -7.71
C SER C 180 76.31 -0.23 -7.98
N THR C 181 76.66 -0.81 -9.14
CA THR C 181 76.11 -2.10 -9.53
C THR C 181 76.47 -3.21 -8.56
N GLU C 182 77.65 -3.13 -7.93
CA GLU C 182 78.09 -4.15 -7.01
C GLU C 182 77.45 -3.95 -5.65
N THR C 183 77.28 -5.05 -4.93
CA THR C 183 76.77 -5.04 -3.56
C THR C 183 77.96 -5.07 -2.61
N THR C 184 78.04 -4.06 -1.74
CA THR C 184 79.14 -3.93 -0.81
C THR C 184 78.60 -3.73 0.60
N LEU C 185 79.42 -4.10 1.57
CA LEU C 185 79.08 -4.08 2.99
C LEU C 185 80.12 -3.26 3.74
N ASP C 186 79.65 -2.33 4.58
CA ASP C 186 80.53 -1.50 5.38
C ASP C 186 80.04 -1.47 6.82
N VAL C 187 80.99 -1.50 7.75
CA VAL C 187 80.74 -1.30 9.17
C VAL C 187 81.32 0.06 9.53
N VAL C 188 80.44 0.99 9.88
CA VAL C 188 80.80 2.37 10.16
C VAL C 188 80.27 2.74 11.55
N GLU C 189 80.63 3.92 12.01
CA GLU C 189 80.17 4.41 13.29
C GLU C 189 78.74 4.92 13.17
N GLY C 190 77.93 4.61 14.17
CA GLY C 190 76.53 5.00 14.13
C GLY C 190 75.89 4.87 15.49
N MET C 191 74.58 5.07 15.52
CA MET C 191 73.83 5.09 16.76
C MET C 191 72.42 4.56 16.54
N GLN C 192 71.78 4.21 17.65
CA GLN C 192 70.41 3.72 17.68
C GLN C 192 69.79 4.01 19.03
N PHE C 193 68.61 4.62 19.02
CA PHE C 193 67.85 4.77 20.26
C PHE C 193 66.37 4.71 19.93
N ASP C 194 65.61 4.12 20.84
CA ASP C 194 64.19 3.87 20.62
C ASP C 194 63.36 5.10 21.01
N ARG C 195 63.42 6.10 20.15
CA ARG C 195 62.56 7.28 20.24
C ARG C 195 62.29 7.76 18.83
N GLY C 196 61.04 7.58 18.37
CA GLY C 196 60.67 7.92 17.02
C GLY C 196 60.25 9.37 16.88
N TYR C 197 59.64 9.67 15.72
CA TYR C 197 59.17 11.02 15.44
C TYR C 197 58.11 11.45 16.45
N LEU C 198 57.94 12.76 16.57
CA LEU C 198 56.93 13.33 17.45
C LEU C 198 55.55 13.44 16.81
N SER C 199 55.44 13.25 15.50
CA SER C 199 54.12 13.25 14.87
C SER C 199 54.20 12.50 13.55
N PRO C 200 53.10 11.89 13.10
CA PRO C 200 53.14 11.11 11.85
C PRO C 200 53.16 11.95 10.59
N TYR C 201 53.08 13.27 10.69
CA TYR C 201 53.18 14.15 9.53
C TYR C 201 54.60 14.35 9.04
N PHE C 202 55.57 13.64 9.64
CA PHE C 202 56.97 13.76 9.29
C PHE C 202 57.41 12.72 8.27
N VAL C 203 56.59 11.71 8.00
CA VAL C 203 57.01 10.57 7.19
C VAL C 203 57.26 11.03 5.76
N THR C 204 58.40 10.63 5.21
CA THR C 204 58.71 10.82 3.80
C THR C 204 58.35 9.59 2.99
N ASP C 205 58.84 8.42 3.41
CA ASP C 205 58.56 7.15 2.76
C ASP C 205 57.39 6.55 3.54
N SER C 206 56.18 6.81 3.06
CA SER C 206 54.99 6.26 3.67
C SER C 206 54.78 4.79 3.35
N GLU C 207 55.51 4.24 2.36
CA GLU C 207 55.37 2.82 2.05
C GLU C 207 55.82 1.96 3.22
N LYS C 208 56.95 2.30 3.83
CA LYS C 208 57.46 1.64 5.02
C LYS C 208 57.22 2.45 6.31
N MET C 209 56.54 3.59 6.22
CA MET C 209 56.26 4.44 7.38
C MET C 209 57.56 4.84 8.08
N GLU C 210 58.44 5.53 7.34
CA GLU C 210 59.75 5.96 7.90
C GLU C 210 60.19 7.22 7.18
N ALA C 211 60.80 8.19 7.86
CA ALA C 211 61.27 9.46 7.32
C ALA C 211 62.79 9.43 7.24
N VAL C 212 63.34 9.77 6.08
CA VAL C 212 64.77 9.70 5.81
C VAL C 212 65.27 11.10 5.49
N LEU C 213 66.34 11.51 6.17
CA LEU C 213 67.03 12.76 5.89
C LEU C 213 68.43 12.45 5.38
N GLU C 214 68.74 12.95 4.19
CA GLU C 214 70.02 12.68 3.53
C GLU C 214 71.01 13.79 3.89
N ASN C 215 72.14 13.40 4.47
CA ASN C 215 73.19 14.29 4.92
C ASN C 215 72.62 15.42 5.77
N PRO C 216 72.02 15.12 6.91
CA PRO C 216 71.33 16.17 7.66
C PRO C 216 72.23 16.90 8.64
N TYR C 217 71.68 17.93 9.29
CA TYR C 217 72.31 18.59 10.42
C TYR C 217 71.60 18.20 11.70
N ILE C 218 72.39 17.87 12.72
CA ILE C 218 71.88 17.41 14.01
C ILE C 218 72.34 18.36 15.09
N LEU C 219 71.39 18.83 15.90
CA LEU C 219 71.67 19.66 17.07
C LEU C 219 71.38 18.87 18.34
N ILE C 220 72.07 19.23 19.40
CA ILE C 220 72.03 18.51 20.67
C ILE C 220 71.61 19.54 21.73
N TYR C 221 70.33 19.54 22.08
CA TYR C 221 69.76 20.48 23.03
C TYR C 221 69.37 19.76 24.31
N ASP C 222 69.61 20.42 25.44
CA ASP C 222 69.36 19.83 26.75
C ASP C 222 68.04 20.25 27.37
N LYS C 223 67.56 21.46 27.08
CA LYS C 223 66.35 22.00 27.68
C LYS C 223 65.16 21.75 26.76
N LYS C 224 64.03 22.37 27.10
CA LYS C 224 62.76 22.20 26.41
C LYS C 224 62.53 23.30 25.40
N ILE C 225 61.88 22.95 24.30
CA ILE C 225 61.48 23.88 23.24
C ILE C 225 59.97 23.88 23.17
N SER C 226 59.37 25.07 23.15
CA SER C 226 57.92 25.22 23.11
C SER C 226 57.42 26.07 21.96
N ASN C 227 58.06 27.18 21.64
CA ASN C 227 57.49 28.21 20.79
C ASN C 227 58.46 28.62 19.67
N MET C 228 57.98 29.53 18.83
CA MET C 228 58.65 29.87 17.58
C MET C 228 59.85 30.79 17.81
N LYS C 229 59.74 31.71 18.77
CA LYS C 229 60.61 32.90 18.79
C LYS C 229 62.09 32.57 19.00
N ASP C 230 62.42 31.38 19.51
CA ASP C 230 63.82 31.09 19.84
C ASP C 230 64.59 30.47 18.68
N LEU C 231 63.92 29.81 17.73
CA LEU C 231 64.59 28.97 16.75
C LEU C 231 64.66 29.61 15.36
N LEU C 232 64.47 30.93 15.27
CA LEU C 232 64.59 31.60 13.97
C LEU C 232 65.95 31.43 13.30
N PRO C 233 67.08 31.75 13.95
CA PRO C 233 68.36 31.71 13.22
C PRO C 233 68.71 30.33 12.72
N ILE C 234 68.36 29.29 13.47
CA ILE C 234 68.78 27.94 13.12
C ILE C 234 68.14 27.51 11.80
N LEU C 235 66.82 27.65 11.68
CA LEU C 235 66.20 27.25 10.42
C LEU C 235 66.52 28.25 9.32
N GLU C 236 66.84 29.50 9.66
CA GLU C 236 67.31 30.43 8.63
C GLU C 236 68.60 29.92 8.00
N LYS C 237 69.61 29.62 8.82
CA LYS C 237 70.87 29.16 8.27
C LYS C 237 70.76 27.76 7.66
N VAL C 238 69.85 26.94 8.16
CA VAL C 238 69.67 25.61 7.58
C VAL C 238 69.07 25.72 6.18
N ALA C 239 68.03 26.54 6.03
CA ALA C 239 67.46 26.76 4.70
C ALA C 239 68.48 27.40 3.77
N GLN C 240 69.32 28.30 4.29
CA GLN C 240 70.41 28.83 3.47
C GLN C 240 71.37 27.72 3.05
N SER C 241 71.59 26.73 3.91
CA SER C 241 72.51 25.64 3.60
C SER C 241 71.91 24.64 2.62
N GLY C 242 70.57 24.53 2.58
CA GLY C 242 69.93 23.60 1.67
C GLY C 242 70.17 22.14 1.98
N LYS C 243 70.20 21.76 3.25
CA LYS C 243 70.29 20.38 3.72
C LYS C 243 69.28 20.18 4.83
N PRO C 244 68.87 18.93 5.10
CA PRO C 244 67.87 18.71 6.14
C PRO C 244 68.46 18.87 7.54
N LEU C 245 67.55 18.91 8.51
CA LEU C 245 67.90 19.14 9.91
C LEU C 245 67.19 18.11 10.78
N LEU C 246 67.91 17.58 11.77
CA LEU C 246 67.38 16.63 12.72
C LEU C 246 67.33 17.28 14.10
N ILE C 247 66.15 17.32 14.68
CA ILE C 247 65.89 18.03 15.94
C ILE C 247 65.95 17.01 17.06
N ILE C 248 66.94 17.16 17.94
CA ILE C 248 67.08 16.35 19.14
C ILE C 248 67.04 17.31 20.31
N ALA C 249 66.00 17.19 21.13
CA ALA C 249 65.79 18.08 22.27
C ALA C 249 64.96 17.34 23.31
N GLU C 250 64.73 18.00 24.44
CA GLU C 250 63.99 17.36 25.53
C GLU C 250 62.54 17.10 25.14
N ASP C 251 61.88 18.09 24.55
CA ASP C 251 60.48 17.95 24.17
C ASP C 251 60.15 19.14 23.29
N VAL C 252 59.31 18.92 22.29
CA VAL C 252 58.77 19.97 21.42
C VAL C 252 57.26 19.83 21.40
N GLU C 253 56.56 20.92 21.70
CA GLU C 253 55.10 20.92 21.67
C GLU C 253 54.60 22.33 21.45
N GLY C 254 53.41 22.45 20.90
CA GLY C 254 52.72 23.72 20.79
C GLY C 254 53.09 24.46 19.50
N GLU C 255 53.32 25.77 19.63
CA GLU C 255 53.53 26.61 18.45
C GLU C 255 54.79 26.20 17.70
N ALA C 256 55.82 25.73 18.40
CA ALA C 256 57.02 25.26 17.72
C ALA C 256 56.72 24.08 16.82
N LEU C 257 55.98 23.09 17.33
CA LEU C 257 55.58 21.95 16.51
C LEU C 257 54.70 22.39 15.35
N ALA C 258 53.77 23.32 15.61
CA ALA C 258 52.94 23.82 14.52
C ALA C 258 53.80 24.44 13.44
N THR C 259 54.81 25.20 13.82
CA THR C 259 55.67 25.87 12.85
C THR C 259 56.47 24.86 12.04
N LEU C 260 57.10 23.87 12.69
CA LEU C 260 57.92 22.97 11.91
C LEU C 260 57.07 22.05 11.05
N VAL C 261 55.87 21.69 11.52
CA VAL C 261 54.95 20.93 10.68
C VAL C 261 54.55 21.76 9.47
N VAL C 262 54.30 23.05 9.68
CA VAL C 262 53.87 23.91 8.56
C VAL C 262 54.97 24.01 7.52
N ASN C 263 56.19 24.32 7.95
CA ASN C 263 57.27 24.46 6.97
C ASN C 263 57.76 23.11 6.44
N LYS C 264 57.33 21.99 7.04
CA LYS C 264 57.61 20.69 6.46
C LYS C 264 56.59 20.27 5.40
N LEU C 265 55.30 20.40 5.71
CA LEU C 265 54.28 19.99 4.76
C LEU C 265 54.34 20.81 3.48
N ARG C 266 54.56 22.12 3.60
CA ARG C 266 54.77 22.96 2.42
C ARG C 266 56.03 22.57 1.65
N GLY C 267 56.96 21.85 2.29
CA GLY C 267 58.22 21.53 1.67
C GLY C 267 59.25 22.64 1.76
N THR C 268 58.94 23.74 2.44
CA THR C 268 59.90 24.83 2.55
C THR C 268 61.15 24.40 3.29
N LEU C 269 60.98 23.67 4.39
CA LEU C 269 62.08 23.20 5.22
C LEU C 269 61.91 21.73 5.48
N LYS C 270 62.93 20.94 5.14
CA LYS C 270 62.91 19.49 5.36
C LYS C 270 63.60 19.22 6.70
N VAL C 271 62.83 18.67 7.65
CA VAL C 271 63.25 18.60 9.05
C VAL C 271 62.61 17.38 9.69
N CYS C 272 63.15 16.98 10.85
CA CYS C 272 62.58 15.88 11.61
C CYS C 272 62.96 16.04 13.08
N ALA C 273 62.03 15.68 13.97
CA ALA C 273 62.17 15.90 15.41
C ALA C 273 62.00 14.58 16.16
N VAL C 274 62.92 14.32 17.08
CA VAL C 274 62.88 13.14 17.93
C VAL C 274 63.40 13.52 19.31
N LYS C 275 62.82 12.89 20.33
CA LYS C 275 63.20 13.17 21.72
C LYS C 275 64.64 12.70 21.99
N ALA C 276 65.25 13.30 23.00
CA ALA C 276 66.59 12.91 23.39
C ALA C 276 66.56 11.52 24.02
N PRO C 277 67.67 10.75 23.94
CA PRO C 277 67.71 9.36 24.44
C PRO C 277 68.02 9.31 25.93
N GLY C 278 67.37 8.40 26.67
CA GLY C 278 67.62 8.18 28.08
C GLY C 278 66.63 8.88 28.97
N PHE C 279 67.10 9.24 30.17
CA PHE C 279 66.25 9.88 31.17
C PHE C 279 67.11 10.67 32.13
N GLY C 280 66.88 11.98 32.19
CA GLY C 280 67.50 12.84 33.19
C GLY C 280 69.00 12.96 33.11
N ASP C 281 69.69 12.59 34.19
CA ASP C 281 71.16 12.57 34.16
C ASP C 281 71.65 11.68 33.03
N ARG C 282 70.97 10.55 32.83
CA ARG C 282 71.28 9.71 31.68
C ARG C 282 71.02 10.46 30.37
N ARG C 283 69.97 11.27 30.31
CA ARG C 283 69.75 12.09 29.12
C ARG C 283 70.92 13.02 28.86
N LYS C 284 71.41 13.69 29.90
CA LYS C 284 72.52 14.61 29.69
C LYS C 284 73.77 13.87 29.23
N ALA C 285 74.11 12.78 29.92
CA ALA C 285 75.32 12.02 29.56
C ALA C 285 75.22 11.47 28.14
N MET C 286 74.08 10.88 27.79
CA MET C 286 73.95 10.28 26.47
C MET C 286 73.77 11.31 25.38
N LEU C 287 73.19 12.47 25.68
CA LEU C 287 73.18 13.57 24.72
C LEU C 287 74.60 14.02 24.42
N GLU C 288 75.44 14.10 25.45
CA GLU C 288 76.83 14.47 25.23
C GLU C 288 77.58 13.38 24.45
N ASP C 289 77.23 12.10 24.66
CA ASP C 289 77.84 11.05 23.83
C ASP C 289 77.42 11.17 22.36
N ILE C 290 76.14 11.40 22.08
CA ILE C 290 75.78 11.53 20.67
C ILE C 290 76.41 12.79 20.09
N ALA C 291 76.59 13.82 20.93
CA ALA C 291 77.26 15.02 20.45
C ALA C 291 78.68 14.73 20.00
N ILE C 292 79.44 13.96 20.79
CA ILE C 292 80.78 13.64 20.33
C ILE C 292 80.72 12.73 19.11
N LEU C 293 79.74 11.82 19.07
CA LEU C 293 79.65 10.89 17.94
C LEU C 293 79.41 11.63 16.63
N THR C 294 78.52 12.62 16.63
CA THR C 294 78.19 13.36 15.43
C THR C 294 79.13 14.52 15.17
N GLY C 295 80.09 14.79 16.05
CA GLY C 295 81.02 15.87 15.86
C GLY C 295 80.53 17.24 16.29
N GLY C 296 79.29 17.35 16.76
CA GLY C 296 78.74 18.60 17.22
C GLY C 296 79.07 18.88 18.67
N THR C 297 78.30 19.81 19.25
CA THR C 297 78.44 20.19 20.64
C THR C 297 77.07 20.33 21.28
N VAL C 298 77.03 20.15 22.60
CA VAL C 298 75.77 20.25 23.32
C VAL C 298 75.37 21.72 23.46
N ILE C 299 74.07 21.95 23.43
CA ILE C 299 73.49 23.28 23.63
C ILE C 299 72.77 23.23 24.98
N SER C 300 73.47 23.64 26.04
CA SER C 300 72.94 23.59 27.39
C SER C 300 73.27 24.89 28.11
N GLU C 301 72.36 25.30 28.99
CA GLU C 301 72.60 26.47 29.83
C GLU C 301 73.69 26.20 30.87
N GLU C 302 73.98 24.93 31.17
CA GLU C 302 75.06 24.61 32.10
C GLU C 302 76.40 25.11 31.58
N THR C 303 76.62 24.98 30.27
CA THR C 303 77.82 25.50 29.61
C THR C 303 77.61 26.89 29.03
N GLY C 304 76.49 27.54 29.33
CA GLY C 304 76.25 28.91 28.91
C GLY C 304 76.13 29.09 27.41
N TYR C 305 75.44 28.18 26.73
CA TYR C 305 75.16 28.28 25.31
C TYR C 305 73.66 28.36 25.08
N LYS C 306 73.23 29.43 24.41
CA LYS C 306 71.84 29.56 24.00
C LYS C 306 71.65 28.88 22.66
N LEU C 307 70.39 28.81 22.20
CA LEU C 307 70.10 28.28 20.88
C LEU C 307 70.16 29.34 19.80
N GLU C 308 69.88 30.60 20.13
CA GLU C 308 69.84 31.64 19.10
C GLU C 308 71.23 31.92 18.55
N ASN C 309 72.25 31.85 19.41
CA ASN C 309 73.63 32.10 18.99
C ASN C 309 74.28 30.89 18.34
N ALA C 310 73.57 29.76 18.23
CA ALA C 310 74.17 28.56 17.66
C ALA C 310 74.50 28.76 16.19
N THR C 311 75.65 28.24 15.79
CA THR C 311 76.20 28.37 14.44
C THR C 311 76.43 26.99 13.85
N LEU C 312 76.82 26.96 12.56
CA LEU C 312 76.97 25.70 11.85
C LEU C 312 78.07 24.84 12.45
N ASP C 313 79.09 25.46 13.05
CA ASP C 313 80.18 24.69 13.63
C ASP C 313 79.70 23.80 14.76
N TYR C 314 78.77 24.29 15.59
CA TYR C 314 78.25 23.49 16.68
C TYR C 314 77.35 22.36 16.21
N LEU C 315 76.80 22.46 15.01
CA LEU C 315 75.92 21.41 14.50
C LEU C 315 76.73 20.17 14.15
N GLY C 316 76.05 19.02 14.16
CA GLY C 316 76.64 17.76 13.76
C GLY C 316 76.34 17.45 12.31
N ARG C 317 77.05 16.44 11.79
CA ARG C 317 76.89 16.01 10.41
C ARG C 317 76.96 14.50 10.32
N ALA C 318 76.00 13.92 9.59
CA ALA C 318 75.93 12.49 9.33
C ALA C 318 75.52 12.33 7.87
N LYS C 319 75.12 11.12 7.48
CA LYS C 319 74.69 10.83 6.12
C LYS C 319 73.22 10.45 6.02
N ARG C 320 72.78 9.46 6.79
CA ARG C 320 71.41 8.97 6.72
C ARG C 320 70.84 8.91 8.13
N VAL C 321 69.55 9.22 8.26
CA VAL C 321 68.85 9.07 9.53
C VAL C 321 67.43 8.61 9.23
N THR C 322 67.16 7.33 9.47
CA THR C 322 65.85 6.73 9.22
C THR C 322 64.99 6.90 10.47
N ILE C 323 63.97 7.73 10.38
CA ILE C 323 63.09 8.05 11.49
C ILE C 323 61.81 7.26 11.28
N ASP C 324 61.63 6.20 12.06
CA ASP C 324 60.41 5.40 12.04
C ASP C 324 59.60 5.68 13.30
N LYS C 325 58.52 4.93 13.48
CA LYS C 325 57.54 5.22 14.53
C LYS C 325 58.16 5.16 15.92
N ASP C 326 59.19 4.33 16.11
CA ASP C 326 59.77 4.06 17.42
C ASP C 326 61.28 4.23 17.51
N ASN C 327 62.03 3.90 16.46
CA ASN C 327 63.50 3.94 16.46
C ASN C 327 64.00 5.08 15.59
N THR C 328 65.31 5.29 15.64
CA THR C 328 65.98 6.29 14.81
C THR C 328 67.46 5.99 14.78
N THR C 329 67.99 5.80 13.57
CA THR C 329 69.36 5.35 13.36
C THR C 329 70.24 6.51 12.95
N ILE C 330 71.48 6.52 13.44
CA ILE C 330 72.53 7.41 12.97
C ILE C 330 73.59 6.54 12.32
N VAL C 331 74.11 6.97 11.18
CA VAL C 331 75.18 6.28 10.48
C VAL C 331 76.27 7.27 10.11
N ASP C 332 77.51 6.90 10.40
CA ASP C 332 78.70 7.70 10.09
C ASP C 332 78.55 9.14 10.58
N GLY C 333 78.47 9.27 11.90
CA GLY C 333 78.58 10.57 12.52
C GLY C 333 79.94 11.17 12.22
N ALA C 334 79.97 12.37 11.64
CA ALA C 334 81.22 12.98 11.20
C ALA C 334 81.99 13.45 12.43
N GLY C 335 82.74 12.52 13.01
CA GLY C 335 83.54 12.81 14.18
C GLY C 335 84.93 12.20 14.05
N ASP C 336 85.91 12.94 14.54
CA ASP C 336 87.29 12.50 14.45
C ASP C 336 87.49 11.22 15.25
N LYS C 337 87.85 10.15 14.54
CA LYS C 337 87.85 8.79 15.08
C LYS C 337 88.63 8.67 16.38
N GLU C 338 89.73 9.43 16.50
CA GLU C 338 90.51 9.43 17.73
C GLU C 338 89.65 9.80 18.93
N ASP C 339 88.76 10.78 18.76
CA ASP C 339 87.93 11.23 19.88
C ASP C 339 86.96 10.14 20.33
N ILE C 340 86.33 9.41 19.39
CA ILE C 340 85.39 8.39 19.82
C ILE C 340 86.13 7.22 20.47
N LYS C 341 87.29 6.84 19.93
CA LYS C 341 87.98 5.74 20.61
C LYS C 341 88.48 6.16 21.99
N ALA C 342 88.91 7.42 22.13
CA ALA C 342 89.27 7.91 23.46
C ALA C 342 88.07 7.89 24.40
N ARG C 343 86.89 8.21 23.89
CA ARG C 343 85.70 8.15 24.73
C ARG C 343 85.37 6.73 25.11
N VAL C 344 85.59 5.77 24.20
CA VAL C 344 85.42 4.36 24.55
C VAL C 344 86.39 3.98 25.67
N ASN C 345 87.63 4.47 25.58
CA ASN C 345 88.59 4.28 26.66
C ASN C 345 88.05 4.83 27.97
N GLN C 346 87.44 6.03 27.93
CA GLN C 346 86.92 6.64 29.15
C GLN C 346 85.79 5.80 29.72
N ILE C 347 84.96 5.23 28.83
CA ILE C 347 83.88 4.36 29.28
C ILE C 347 84.45 3.16 30.03
N LYS C 348 85.57 2.61 29.54
CA LYS C 348 86.12 1.47 30.28
C LYS C 348 86.77 1.89 31.60
N LYS C 349 87.31 3.12 31.65
CA LYS C 349 87.86 3.67 32.91
C LYS C 349 86.71 3.77 33.90
N GLN C 350 85.52 4.20 33.47
CA GLN C 350 84.32 4.25 34.31
C GLN C 350 83.84 2.86 34.68
N ILE C 351 83.98 1.89 33.78
CA ILE C 351 83.52 0.53 34.07
C ILE C 351 84.34 -0.09 35.20
N GLU C 352 85.67 0.04 35.14
CA GLU C 352 86.47 -0.48 36.26
C GLU C 352 86.23 0.33 37.53
N ASN C 353 85.99 1.64 37.41
CA ASN C 353 85.85 2.46 38.61
C ASN C 353 84.58 2.14 39.39
N THR C 354 83.42 2.08 38.74
CA THR C 354 82.17 1.97 39.47
C THR C 354 82.01 0.59 40.10
N THR C 355 81.21 0.54 41.16
CA THR C 355 81.08 -0.65 42.00
C THR C 355 79.73 -1.34 41.85
N SER C 356 78.66 -0.56 41.71
CA SER C 356 77.33 -1.16 41.64
C SER C 356 77.15 -1.94 40.34
N ASP C 357 76.41 -3.05 40.42
CA ASP C 357 76.19 -3.89 39.25
C ASP C 357 75.22 -3.26 38.26
N TYR C 358 74.21 -2.55 38.75
CA TYR C 358 73.25 -1.89 37.87
C TYR C 358 73.95 -0.87 36.97
N ASP C 359 74.75 0.01 37.57
CA ASP C 359 75.50 0.99 36.79
C ASP C 359 76.49 0.30 35.86
N ARG C 360 77.07 -0.83 36.30
CA ARG C 360 77.93 -1.59 35.41
C ARG C 360 77.19 -2.06 34.17
N GLU C 361 75.97 -2.58 34.35
CA GLU C 361 75.21 -3.07 33.22
C GLU C 361 74.85 -1.93 32.27
N LYS C 362 74.44 -0.78 32.83
CA LYS C 362 74.12 0.35 31.95
C LYS C 362 75.35 0.89 31.25
N LEU C 363 76.52 0.89 31.90
CA LEU C 363 77.73 1.34 31.24
C LEU C 363 78.16 0.36 30.14
N GLN C 364 77.96 -0.94 30.38
CA GLN C 364 78.22 -1.92 29.31
C GLN C 364 77.29 -1.69 28.14
N GLU C 365 76.02 -1.38 28.41
CA GLU C 365 75.09 -1.06 27.33
C GLU C 365 75.55 0.17 26.56
N ARG C 366 76.03 1.19 27.29
CA ARG C 366 76.57 2.38 26.64
C ARG C 366 77.76 2.03 25.74
N LEU C 367 78.68 1.22 26.26
CA LEU C 367 79.83 0.82 25.46
C LEU C 367 79.40 0.06 24.22
N ALA C 368 78.45 -0.86 24.38
CA ALA C 368 78.01 -1.66 23.25
C ALA C 368 77.40 -0.79 22.16
N LYS C 369 76.55 0.16 22.54
CA LYS C 369 75.90 0.97 21.51
C LYS C 369 76.85 2.00 20.90
N LEU C 370 77.81 2.52 21.65
CA LEU C 370 78.73 3.50 21.08
C LEU C 370 79.81 2.83 20.25
N ALA C 371 80.63 1.99 20.87
CA ALA C 371 81.73 1.34 20.17
C ALA C 371 81.26 0.27 19.20
N GLY C 372 80.02 -0.23 19.34
CA GLY C 372 79.57 -1.30 18.48
C GLY C 372 79.50 -0.89 17.02
N GLY C 373 79.07 0.33 16.76
CA GLY C 373 78.92 0.79 15.40
C GLY C 373 77.67 0.22 14.76
N VAL C 374 77.43 0.66 13.52
CA VAL C 374 76.26 0.26 12.76
C VAL C 374 76.74 -0.31 11.43
N ALA C 375 76.43 -1.57 11.18
CA ALA C 375 76.69 -2.17 9.88
C ALA C 375 75.71 -1.63 8.86
N VAL C 376 76.20 -1.37 7.66
CA VAL C 376 75.37 -0.89 6.55
C VAL C 376 75.66 -1.76 5.35
N ILE C 377 74.60 -2.20 4.67
CA ILE C 377 74.71 -3.05 3.49
C ILE C 377 74.27 -2.23 2.29
N LYS C 378 75.17 -2.07 1.33
CA LYS C 378 74.92 -1.28 0.12
C LYS C 378 74.47 -2.27 -0.96
N VAL C 379 73.16 -2.31 -1.19
CA VAL C 379 72.58 -3.30 -2.09
C VAL C 379 72.64 -2.76 -3.52
N GLY C 380 73.24 -3.54 -4.42
CA GLY C 380 73.43 -3.10 -5.78
C GLY C 380 73.06 -4.19 -6.77
N ALA C 381 72.55 -3.76 -7.92
CA ALA C 381 72.14 -4.66 -8.99
C ALA C 381 72.30 -3.90 -10.30
N ALA C 382 71.71 -4.44 -11.38
CA ALA C 382 71.84 -3.83 -12.68
C ALA C 382 70.85 -2.68 -12.87
N THR C 383 69.57 -2.97 -12.76
CA THR C 383 68.52 -2.04 -13.12
C THR C 383 68.06 -1.23 -11.90
N GLU C 384 66.96 -0.50 -12.08
CA GLU C 384 66.34 0.26 -11.00
C GLU C 384 65.36 -0.62 -10.23
N VAL C 385 64.32 -1.10 -10.93
CA VAL C 385 63.27 -1.86 -10.28
C VAL C 385 63.82 -3.14 -9.67
N GLU C 386 64.79 -3.77 -10.35
CA GLU C 386 65.43 -4.95 -9.78
C GLU C 386 66.13 -4.61 -8.47
N MET C 387 66.78 -3.44 -8.40
CA MET C 387 67.51 -3.11 -7.19
C MET C 387 66.56 -2.76 -6.05
N LYS C 388 65.46 -2.05 -6.33
CA LYS C 388 64.50 -1.84 -5.24
C LYS C 388 63.86 -3.15 -4.79
N GLU C 389 63.58 -4.05 -5.72
CA GLU C 389 63.01 -5.34 -5.33
C GLU C 389 63.99 -6.10 -4.45
N LYS C 390 65.27 -6.07 -4.80
CA LYS C 390 66.27 -6.73 -3.96
C LYS C 390 66.41 -6.05 -2.62
N LYS C 391 66.24 -4.73 -2.56
CA LYS C 391 66.22 -4.03 -1.28
C LYS C 391 65.09 -4.55 -0.41
N ALA C 392 63.90 -4.69 -0.98
CA ALA C 392 62.77 -5.21 -0.22
C ALA C 392 63.05 -6.64 0.23
N ARG C 393 63.65 -7.45 -0.64
CA ARG C 393 63.97 -8.82 -0.29
C ARG C 393 64.92 -8.88 0.89
N VAL C 394 65.99 -8.08 0.87
CA VAL C 394 66.92 -8.09 1.98
C VAL C 394 66.29 -7.52 3.24
N GLU C 395 65.38 -6.55 3.13
CA GLU C 395 64.72 -6.05 4.32
C GLU C 395 63.90 -7.16 4.99
N ASP C 396 63.14 -7.90 4.18
CA ASP C 396 62.39 -9.02 4.72
C ASP C 396 63.32 -10.06 5.33
N ALA C 397 64.45 -10.34 4.66
CA ALA C 397 65.40 -11.30 5.17
C ALA C 397 66.00 -10.83 6.49
N LEU C 398 66.27 -9.53 6.61
CA LEU C 398 66.85 -9.01 7.84
C LEU C 398 65.89 -9.19 9.00
N HIS C 399 64.62 -8.83 8.80
CA HIS C 399 63.64 -9.04 9.88
C HIS C 399 63.51 -10.52 10.22
N ALA C 400 63.46 -11.37 9.21
CA ALA C 400 63.27 -12.80 9.44
C ALA C 400 64.44 -13.39 10.22
N THR C 401 65.67 -13.11 9.79
CA THR C 401 66.84 -13.64 10.49
C THR C 401 66.97 -13.06 11.89
N ARG C 402 66.64 -11.78 12.06
CA ARG C 402 66.70 -11.19 13.39
C ARG C 402 65.79 -11.93 14.35
N ALA C 403 64.53 -12.14 13.95
CA ALA C 403 63.63 -12.90 14.80
C ALA C 403 64.11 -14.33 15.01
N ALA C 404 64.64 -14.94 13.96
CA ALA C 404 65.06 -16.34 14.03
C ALA C 404 66.15 -16.52 15.07
N VAL C 405 67.16 -15.66 15.08
CA VAL C 405 68.17 -15.78 16.12
C VAL C 405 67.67 -15.24 17.46
N GLU C 406 66.62 -14.42 17.45
CA GLU C 406 66.04 -13.98 18.71
C GLU C 406 65.48 -15.15 19.50
N GLU C 407 64.71 -16.03 18.84
CA GLU C 407 64.01 -17.07 19.58
C GLU C 407 64.00 -18.40 18.80
N GLY C 408 64.92 -18.58 17.86
CA GLY C 408 65.02 -19.83 17.15
C GLY C 408 63.97 -19.96 16.07
N ILE C 409 63.88 -21.18 15.53
CA ILE C 409 63.01 -21.48 14.39
C ILE C 409 62.22 -22.75 14.70
N VAL C 410 61.05 -22.84 14.10
CA VAL C 410 60.16 -23.99 14.28
C VAL C 410 59.58 -24.35 12.91
N PRO C 411 58.97 -25.53 12.77
CA PRO C 411 58.33 -25.86 11.50
C PRO C 411 57.23 -24.89 11.15
N GLY C 412 57.14 -24.55 9.86
CA GLY C 412 56.16 -23.61 9.38
C GLY C 412 54.87 -24.28 8.96
N GLY C 413 54.00 -23.49 8.33
CA GLY C 413 52.76 -24.02 7.82
C GLY C 413 51.77 -24.43 8.88
N GLY C 414 51.90 -23.91 10.10
CA GLY C 414 51.03 -24.30 11.20
C GLY C 414 51.39 -25.61 11.85
N VAL C 415 52.46 -26.27 11.40
CA VAL C 415 52.86 -27.53 12.00
C VAL C 415 53.41 -27.32 13.40
N ALA C 416 54.07 -26.18 13.64
CA ALA C 416 54.59 -25.91 14.98
C ALA C 416 53.47 -25.82 15.99
N LEU C 417 52.38 -25.14 15.64
CA LEU C 417 51.23 -25.08 16.54
C LEU C 417 50.54 -26.42 16.67
N ILE C 418 50.60 -27.26 15.63
CA ILE C 418 49.98 -28.59 15.73
C ILE C 418 50.75 -29.43 16.75
N ARG C 419 52.07 -29.55 16.55
CA ARG C 419 52.88 -30.35 17.45
C ARG C 419 52.90 -29.77 18.86
N ALA C 420 52.66 -28.48 19.00
CA ALA C 420 52.58 -27.86 20.31
C ALA C 420 51.27 -28.18 21.02
N ALA C 421 50.29 -28.77 20.32
CA ALA C 421 49.06 -29.23 20.96
C ALA C 421 49.27 -30.48 21.81
N LYS C 422 50.43 -31.11 21.73
CA LYS C 422 50.70 -32.28 22.56
C LYS C 422 50.71 -31.93 24.04
N ALA C 423 51.11 -30.70 24.38
CA ALA C 423 51.17 -30.29 25.77
C ALA C 423 49.80 -30.18 26.43
N LEU C 424 48.76 -29.88 25.65
CA LEU C 424 47.43 -29.65 26.20
C LEU C 424 46.63 -30.94 26.37
N GLU C 425 47.25 -32.11 26.20
CA GLU C 425 46.54 -33.36 26.39
C GLU C 425 46.14 -33.55 27.85
N ASN C 426 47.09 -33.33 28.76
CA ASN C 426 46.92 -33.63 30.18
C ASN C 426 46.97 -32.33 31.01
N LEU C 427 46.29 -31.30 30.52
CA LEU C 427 46.14 -30.04 31.24
C LEU C 427 44.66 -29.86 31.53
N GLU C 428 44.32 -29.82 32.82
CA GLU C 428 42.94 -29.64 33.27
C GLU C 428 42.89 -28.47 34.23
N GLY C 429 41.91 -27.59 34.02
CA GLY C 429 41.72 -26.46 34.90
C GLY C 429 41.05 -26.87 36.20
N GLU C 430 40.73 -25.85 37.00
CA GLU C 430 40.10 -26.11 38.29
C GLU C 430 38.67 -26.57 38.14
N ASN C 431 37.96 -26.13 37.09
CA ASN C 431 36.58 -26.53 36.87
C ASN C 431 36.30 -26.79 35.40
N GLY C 432 35.08 -27.22 35.09
CA GLY C 432 34.77 -27.72 33.76
C GLY C 432 34.89 -26.69 32.65
N ASP C 433 34.47 -25.45 32.90
CA ASP C 433 34.55 -24.43 31.87
C ASP C 433 35.99 -24.14 31.49
N GLN C 434 36.92 -24.23 32.43
CA GLN C 434 38.33 -24.09 32.10
C GLN C 434 38.79 -25.20 31.16
N LYS C 435 38.36 -26.43 31.42
CA LYS C 435 38.68 -27.52 30.49
C LYS C 435 38.05 -27.28 29.13
N THR C 436 36.85 -26.69 29.12
CA THR C 436 36.23 -26.34 27.85
C THR C 436 37.07 -25.32 27.08
N GLY C 437 37.62 -24.33 27.79
CA GLY C 437 38.49 -23.37 27.14
C GLY C 437 39.76 -24.00 26.62
N VAL C 438 40.31 -24.96 27.37
CA VAL C 438 41.48 -25.69 26.91
C VAL C 438 41.17 -26.42 25.62
N LYS C 439 40.02 -27.10 25.57
CA LYS C 439 39.61 -27.77 24.35
C LYS C 439 39.39 -26.77 23.22
N ILE C 440 38.86 -25.58 23.55
CA ILE C 440 38.57 -24.58 22.54
C ILE C 440 39.84 -24.14 21.84
N VAL C 441 40.88 -23.82 22.62
CA VAL C 441 42.12 -23.41 21.97
C VAL C 441 42.84 -24.59 21.33
N ARG C 442 42.65 -25.80 21.86
CA ARG C 442 43.24 -26.97 21.19
C ARG C 442 42.66 -27.15 19.79
N ARG C 443 41.34 -26.97 19.64
CA ARG C 443 40.75 -27.01 18.31
C ARG C 443 41.21 -25.82 17.47
N ALA C 444 41.49 -24.69 18.11
CA ALA C 444 41.87 -23.49 17.37
C ALA C 444 43.28 -23.57 16.81
N LEU C 445 44.18 -24.30 17.47
CA LEU C 445 45.54 -24.44 16.95
C LEU C 445 45.58 -25.17 15.62
N GLU C 446 44.57 -25.97 15.32
CA GLU C 446 44.47 -26.66 14.05
C GLU C 446 44.16 -25.73 12.88
N GLU C 447 43.70 -24.52 13.14
CA GLU C 447 43.08 -23.69 12.11
C GLU C 447 44.07 -23.05 11.13
N PRO C 448 45.26 -22.62 11.56
CA PRO C 448 46.25 -22.15 10.57
C PRO C 448 46.56 -23.16 9.49
N LEU C 449 46.93 -24.39 9.84
CA LEU C 449 47.22 -25.40 8.84
C LEU C 449 45.98 -25.74 8.03
N ARG C 450 44.82 -25.81 8.68
CA ARG C 450 43.59 -26.13 7.98
C ARG C 450 43.28 -25.10 6.92
N GLN C 451 43.47 -23.82 7.22
CA GLN C 451 43.23 -22.80 6.22
C GLN C 451 44.31 -22.80 5.16
N ILE C 452 45.56 -23.11 5.53
CA ILE C 452 46.63 -23.17 4.55
C ILE C 452 46.30 -24.22 3.49
N VAL C 453 45.83 -25.38 3.91
CA VAL C 453 45.52 -26.42 2.94
C VAL C 453 44.16 -26.22 2.28
N ALA C 454 43.21 -25.58 2.97
CA ALA C 454 41.92 -25.29 2.33
C ALA C 454 42.09 -24.29 1.20
N ASN C 455 43.02 -23.35 1.33
CA ASN C 455 43.31 -22.47 0.21
C ASN C 455 43.89 -23.22 -0.97
N ALA C 456 44.48 -24.40 -0.75
CA ALA C 456 44.98 -25.21 -1.84
C ALA C 456 43.90 -26.04 -2.52
N GLY C 457 42.66 -25.96 -2.04
CA GLY C 457 41.58 -26.72 -2.63
C GLY C 457 41.49 -28.16 -2.20
N LEU C 458 42.29 -28.59 -1.24
CA LEU C 458 42.28 -29.96 -0.76
C LEU C 458 41.39 -30.06 0.47
N GLU C 459 41.27 -31.28 1.01
CA GLU C 459 40.44 -31.56 2.16
C GLU C 459 41.27 -31.46 3.42
N GLY C 460 40.83 -30.60 4.36
CA GLY C 460 41.64 -30.30 5.52
C GLY C 460 41.80 -31.45 6.50
N SER C 461 40.73 -32.24 6.69
CA SER C 461 40.76 -33.25 7.74
C SER C 461 41.82 -34.30 7.47
N VAL C 462 41.95 -34.74 6.21
CA VAL C 462 42.91 -35.79 5.88
C VAL C 462 44.33 -35.33 6.21
N VAL C 463 44.70 -34.14 5.74
CA VAL C 463 46.07 -33.68 5.95
C VAL C 463 46.32 -33.33 7.41
N VAL C 464 45.36 -32.74 8.11
CA VAL C 464 45.61 -32.37 9.49
C VAL C 464 45.76 -33.62 10.35
N ASN C 465 44.95 -34.66 10.09
CA ASN C 465 45.15 -35.92 10.80
C ASN C 465 46.51 -36.52 10.45
N LYS C 466 46.82 -36.66 9.17
CA LYS C 466 48.06 -37.32 8.77
C LYS C 466 49.28 -36.57 9.31
N VAL C 467 49.17 -35.26 9.51
CA VAL C 467 50.26 -34.52 10.12
C VAL C 467 50.28 -34.77 11.63
N LYS C 468 49.10 -34.91 12.25
CA LYS C 468 49.05 -35.12 13.68
C LYS C 468 49.64 -36.48 14.09
N GLU C 469 49.33 -37.54 13.34
CA GLU C 469 49.93 -38.84 13.63
C GLU C 469 51.45 -38.82 13.57
N GLY C 470 52.05 -37.90 12.81
CA GLY C 470 53.49 -37.79 12.78
C GLY C 470 54.05 -37.24 14.08
N LYS C 471 55.37 -37.07 14.09
CA LYS C 471 56.07 -36.51 15.23
C LYS C 471 57.23 -35.65 14.75
N GLY C 472 57.81 -34.90 15.67
CA GLY C 472 58.95 -34.08 15.33
C GLY C 472 58.58 -33.00 14.34
N ASN C 473 59.43 -32.83 13.33
CA ASN C 473 59.22 -31.83 12.29
C ASN C 473 58.51 -32.39 11.06
N PHE C 474 57.97 -33.61 11.16
CA PHE C 474 57.15 -34.15 10.09
C PHE C 474 55.94 -33.24 9.88
N GLY C 475 55.70 -32.87 8.62
CA GLY C 475 54.66 -31.90 8.34
C GLY C 475 54.36 -31.84 6.86
N TYR C 476 53.38 -31.03 6.52
CA TYR C 476 52.88 -30.90 5.16
C TYR C 476 53.46 -29.64 4.51
N ASN C 477 54.05 -29.81 3.34
CA ASN C 477 54.62 -28.72 2.56
C ASN C 477 53.71 -28.49 1.35
N ALA C 478 52.90 -27.45 1.42
CA ALA C 478 51.90 -27.20 0.37
C ALA C 478 52.52 -26.80 -0.95
N ARG C 479 53.79 -26.38 -0.97
CA ARG C 479 54.40 -25.98 -2.23
C ARG C 479 54.59 -27.18 -3.16
N THR C 480 54.97 -28.33 -2.60
CA THR C 480 55.25 -29.53 -3.37
C THR C 480 54.40 -30.73 -2.96
N GLU C 481 53.46 -30.56 -2.03
CA GLU C 481 52.51 -31.60 -1.64
C GLU C 481 53.22 -32.84 -1.06
N GLU C 482 54.45 -32.67 -0.57
CA GLU C 482 55.21 -33.73 0.06
C GLU C 482 54.98 -33.67 1.58
N TYR C 483 55.71 -34.50 2.32
CA TYR C 483 55.48 -34.71 3.75
C TYR C 483 56.80 -34.70 4.53
N ASP C 484 57.62 -33.66 4.33
CA ASP C 484 58.81 -33.47 5.14
C ASP C 484 59.13 -31.99 5.23
N LEU C 485 59.45 -31.53 6.46
CA LEU C 485 59.81 -30.14 6.72
C LEU C 485 61.14 -29.99 7.46
N ILE C 486 61.89 -31.07 7.65
CA ILE C 486 63.11 -31.01 8.46
C ILE C 486 64.13 -30.14 7.72
N GLU C 487 64.56 -30.61 6.56
CA GLU C 487 65.50 -29.89 5.70
C GLU C 487 64.84 -29.37 4.43
N ALA C 488 63.53 -29.54 4.28
CA ALA C 488 62.84 -29.05 3.09
C ALA C 488 62.92 -27.53 2.98
N GLY C 489 63.17 -26.83 4.08
CA GLY C 489 63.44 -25.41 4.02
C GLY C 489 62.20 -24.58 3.89
N VAL C 490 61.16 -24.94 4.64
CA VAL C 490 59.99 -24.11 4.81
C VAL C 490 59.73 -24.03 6.31
N ILE C 491 60.15 -22.93 6.92
CA ILE C 491 60.06 -22.74 8.36
C ILE C 491 59.55 -21.33 8.63
N ASP C 492 59.22 -21.09 9.89
CA ASP C 492 58.92 -19.77 10.39
C ASP C 492 59.64 -19.57 11.72
N PRO C 493 60.02 -18.36 12.08
CA PRO C 493 60.61 -18.15 13.41
C PRO C 493 59.63 -18.52 14.51
N ALA C 494 60.17 -19.04 15.60
CA ALA C 494 59.34 -19.32 16.76
C ALA C 494 58.75 -18.04 17.34
N LYS C 495 59.46 -16.92 17.18
CA LYS C 495 58.98 -15.66 17.74
C LYS C 495 57.66 -15.25 17.11
N VAL C 496 57.54 -15.38 15.80
CA VAL C 496 56.32 -14.91 15.14
C VAL C 496 55.15 -15.79 15.52
N THR C 497 55.35 -17.10 15.59
CA THR C 497 54.24 -17.99 15.97
C THR C 497 53.82 -17.74 17.41
N ARG C 498 54.79 -17.57 18.31
CA ARG C 498 54.47 -17.28 19.70
C ARG C 498 53.70 -15.97 19.82
N THR C 499 54.19 -14.92 19.15
CA THR C 499 53.54 -13.62 19.27
C THR C 499 52.14 -13.66 18.66
N ALA C 500 51.98 -14.34 17.53
CA ALA C 500 50.67 -14.45 16.92
C ALA C 500 49.70 -15.18 17.84
N LEU C 501 50.13 -16.29 18.43
CA LEU C 501 49.25 -17.05 19.30
C LEU C 501 48.89 -16.25 20.55
N GLN C 502 49.87 -15.57 21.15
CA GLN C 502 49.59 -14.78 22.34
C GLN C 502 48.65 -13.61 22.02
N ASN C 503 48.86 -12.95 20.89
CA ASN C 503 47.98 -11.85 20.51
C ASN C 503 46.56 -12.36 20.26
N ALA C 504 46.44 -13.52 19.59
CA ALA C 504 45.12 -14.09 19.35
C ALA C 504 44.42 -14.42 20.66
N ALA C 505 45.14 -15.04 21.59
CA ALA C 505 44.57 -15.35 22.88
C ALA C 505 44.16 -14.09 23.63
N SER C 506 44.96 -13.03 23.53
CA SER C 506 44.62 -11.79 24.19
C SER C 506 43.34 -11.19 23.64
N ILE C 507 43.23 -11.11 22.31
CA ILE C 507 42.03 -10.48 21.73
C ILE C 507 40.81 -11.33 22.07
N ALA C 508 40.97 -12.65 22.06
CA ALA C 508 39.87 -13.51 22.47
C ALA C 508 39.48 -13.26 23.92
N GLY C 509 40.46 -13.08 24.79
CA GLY C 509 40.16 -12.79 26.18
C GLY C 509 39.39 -11.49 26.34
N MET C 510 39.79 -10.45 25.61
CA MET C 510 39.08 -9.18 25.73
C MET C 510 37.69 -9.25 25.10
N LEU C 511 37.50 -10.06 24.07
CA LEU C 511 36.22 -10.10 23.35
C LEU C 511 35.21 -11.03 24.00
N LEU C 512 35.64 -12.16 24.56
CA LEU C 512 34.71 -13.06 25.23
C LEU C 512 34.16 -12.46 26.52
N THR C 513 34.83 -11.46 27.09
CA THR C 513 34.46 -10.88 28.37
C THR C 513 33.98 -9.44 28.21
N THR C 514 33.22 -9.19 27.15
CA THR C 514 32.65 -7.89 26.85
C THR C 514 31.14 -8.00 26.93
N GLU C 515 30.50 -7.01 27.56
CA GLU C 515 29.05 -7.01 27.73
C GLU C 515 28.42 -5.64 27.51
N CYS C 516 29.15 -4.67 26.98
CA CYS C 516 28.51 -3.49 26.42
C CYS C 516 29.48 -2.79 25.48
N VAL C 517 28.99 -2.46 24.29
CA VAL C 517 29.75 -1.74 23.27
C VAL C 517 28.96 -0.48 22.95
N ILE C 518 29.63 0.67 23.01
CA ILE C 518 29.01 1.96 22.75
C ILE C 518 29.66 2.57 21.52
N THR C 519 28.84 2.85 20.51
CA THR C 519 29.27 3.34 19.20
C THR C 519 28.66 4.71 18.96
N GLU C 520 28.97 5.30 17.81
CA GLU C 520 28.46 6.59 17.38
C GLU C 520 27.47 6.43 16.24
N LYS C 521 26.28 6.98 16.42
CA LYS C 521 25.32 7.02 15.33
C LYS C 521 25.86 7.93 14.22
N PRO C 522 25.88 7.49 12.95
CA PRO C 522 26.31 8.36 11.82
C PRO C 522 25.77 9.78 11.99
N ALA D 1 34.11 3.03 5.43
CA ALA D 1 32.97 2.19 4.97
C ALA D 1 33.27 1.61 3.60
N LYS D 2 33.52 0.30 3.57
CA LYS D 2 33.84 -0.42 2.34
C LYS D 2 33.07 -1.72 2.33
N GLN D 3 32.41 -2.02 1.22
CA GLN D 3 31.65 -3.27 1.10
C GLN D 3 32.59 -4.40 0.68
N ILE D 4 32.26 -5.65 1.04
CA ILE D 4 33.16 -6.80 0.74
C ILE D 4 32.35 -8.02 0.28
N LYS D 5 32.51 -8.45 -0.96
CA LYS D 5 31.84 -9.65 -1.48
C LYS D 5 32.79 -10.79 -1.14
N PHE D 6 32.33 -12.04 -1.20
CA PHE D 6 33.18 -13.18 -0.80
C PHE D 6 32.93 -14.41 -1.67
N ASP D 7 33.96 -15.26 -1.85
CA ASP D 7 33.85 -16.52 -2.63
C ASP D 7 33.18 -16.26 -3.99
N THR D 8 32.14 -17.05 -4.36
CA THR D 8 31.39 -17.00 -5.65
C THR D 8 30.51 -15.80 -5.66
N ASP D 9 30.28 -15.23 -4.50
CA ASP D 9 29.44 -14.02 -4.41
C ASP D 9 30.19 -12.90 -5.13
N ALA D 10 31.52 -12.90 -5.05
CA ALA D 10 32.37 -11.86 -5.68
C ALA D 10 32.77 -12.28 -7.10
N ARG D 11 32.88 -13.59 -7.38
CA ARG D 11 33.34 -14.05 -8.68
C ARG D 11 32.27 -13.87 -9.75
N ASN D 12 31.00 -14.06 -9.41
CA ASN D 12 29.94 -13.87 -10.38
C ASN D 12 29.77 -12.40 -10.73
N ALA D 13 29.95 -11.52 -9.76
CA ALA D 13 29.92 -10.09 -10.07
C ALA D 13 31.05 -9.70 -11.02
N LEU D 14 32.25 -10.23 -10.76
CA LEU D 14 33.36 -10.00 -11.68
C LEU D 14 33.05 -10.54 -13.07
N LEU D 15 32.44 -11.72 -13.13
CA LEU D 15 32.09 -12.31 -14.41
C LEU D 15 31.09 -11.42 -15.15
N ARG D 16 30.13 -10.84 -14.42
CA ARG D 16 29.16 -9.96 -15.05
C ARG D 16 29.84 -8.74 -15.65
N GLY D 17 30.79 -8.15 -14.90
CA GLY D 17 31.53 -7.02 -15.45
C GLY D 17 32.32 -7.39 -16.70
N VAL D 18 32.99 -8.55 -16.66
CA VAL D 18 33.76 -8.99 -17.81
C VAL D 18 32.86 -9.23 -19.00
N ASP D 19 31.68 -9.82 -18.76
CA ASP D 19 30.72 -10.02 -19.84
C ASP D 19 30.26 -8.71 -20.45
N LYS D 20 29.98 -7.70 -19.62
CA LYS D 20 29.59 -6.41 -20.16
C LYS D 20 30.68 -5.83 -21.05
N LEU D 21 31.93 -5.85 -20.56
CA LEU D 21 33.01 -5.30 -21.38
C LEU D 21 33.19 -6.09 -22.67
N ALA D 22 33.21 -7.42 -22.58
CA ALA D 22 33.45 -8.24 -23.75
C ALA D 22 32.35 -8.06 -24.78
N ASP D 23 31.09 -8.21 -24.37
CA ASP D 23 29.99 -8.03 -25.31
C ASP D 23 29.88 -6.60 -25.82
N ALA D 24 30.47 -5.63 -25.12
CA ALA D 24 30.59 -4.29 -25.67
C ALA D 24 31.68 -4.20 -26.73
N VAL D 25 32.75 -4.99 -26.61
CA VAL D 25 33.92 -4.87 -27.48
C VAL D 25 34.09 -6.06 -28.41
N LYS D 26 33.38 -7.17 -28.18
CA LYS D 26 33.50 -8.31 -29.09
C LYS D 26 32.99 -8.01 -30.48
N VAL D 27 32.08 -7.04 -30.62
CA VAL D 27 31.42 -6.81 -31.89
C VAL D 27 32.29 -6.08 -32.91
N THR D 28 33.43 -5.53 -32.49
CA THR D 28 34.32 -4.79 -33.38
C THR D 28 35.44 -5.66 -33.93
N LEU D 29 35.35 -6.99 -33.79
CA LEU D 29 36.42 -7.89 -34.17
C LEU D 29 36.29 -8.31 -35.64
N GLY D 30 37.44 -8.40 -36.30
CA GLY D 30 37.51 -9.00 -37.61
C GLY D 30 37.34 -8.02 -38.76
N PRO D 31 37.48 -8.51 -39.99
CA PRO D 31 37.34 -7.63 -41.15
C PRO D 31 35.92 -7.25 -41.47
N LYS D 32 34.92 -7.84 -40.80
CA LYS D 32 33.52 -7.51 -41.02
C LYS D 32 32.85 -7.20 -39.70
N GLY D 33 33.50 -6.38 -38.88
CA GLY D 33 32.96 -6.04 -37.59
C GLY D 33 31.79 -5.08 -37.68
N ARG D 34 31.07 -4.99 -36.57
CA ARG D 34 29.89 -4.15 -36.47
C ARG D 34 30.28 -2.80 -35.88
N ASN D 35 29.38 -1.82 -36.02
CA ASN D 35 29.63 -0.47 -35.57
C ASN D 35 29.13 -0.29 -34.14
N VAL D 36 29.83 0.56 -33.39
CA VAL D 36 29.46 0.92 -32.03
C VAL D 36 29.39 2.43 -31.95
N ILE D 37 28.28 2.95 -31.44
CA ILE D 37 28.04 4.39 -31.36
C ILE D 37 28.21 4.78 -29.90
N ILE D 38 29.11 5.74 -29.65
CA ILE D 38 29.50 6.17 -28.32
C ILE D 38 29.19 7.66 -28.21
N GLU D 39 28.54 8.04 -27.11
CA GLU D 39 28.07 9.41 -26.94
C GLU D 39 29.21 10.28 -26.41
N LYS D 40 29.44 11.41 -27.08
CA LYS D 40 30.24 12.49 -26.57
C LYS D 40 29.32 13.60 -26.07
N LYS D 41 29.76 14.28 -25.02
CA LYS D 41 28.88 15.22 -24.34
C LYS D 41 28.63 16.46 -25.19
N PHE D 42 29.65 16.93 -25.91
CA PHE D 42 29.56 18.11 -26.77
C PHE D 42 29.82 17.69 -28.21
N GLY D 43 29.05 18.26 -29.12
CA GLY D 43 29.25 18.01 -30.53
C GLY D 43 28.69 16.67 -30.97
N ALA D 44 29.00 16.33 -32.22
CA ALA D 44 28.44 15.13 -32.81
C ALA D 44 29.08 13.88 -32.19
N PRO D 45 28.41 12.74 -32.26
CA PRO D 45 29.02 11.49 -31.75
C PRO D 45 30.06 10.93 -32.71
N THR D 46 30.58 9.77 -32.33
CA THR D 46 31.57 9.04 -33.12
C THR D 46 31.10 7.60 -33.34
N ILE D 47 31.23 7.14 -34.58
CA ILE D 47 31.03 5.74 -34.94
C ILE D 47 32.41 5.11 -35.00
N THR D 48 32.62 4.03 -34.26
CA THR D 48 33.91 3.38 -34.16
C THR D 48 33.77 1.90 -34.49
N LYS D 49 34.55 1.45 -35.47
CA LYS D 49 34.72 0.03 -35.76
C LYS D 49 35.96 -0.55 -35.09
N ASP D 50 36.70 0.25 -34.32
CA ASP D 50 37.99 -0.13 -33.76
C ASP D 50 37.82 -0.39 -32.27
N GLY D 51 38.26 -1.56 -31.82
CA GLY D 51 37.98 -2.01 -30.47
C GLY D 51 38.68 -1.24 -29.37
N VAL D 52 39.89 -0.72 -29.64
CA VAL D 52 40.57 0.02 -28.59
C VAL D 52 39.81 1.29 -28.25
N THR D 53 39.16 1.90 -29.24
CA THR D 53 38.33 3.07 -28.98
C THR D 53 37.09 2.72 -28.19
N VAL D 54 36.52 1.53 -28.40
CA VAL D 54 35.32 1.15 -27.65
C VAL D 54 35.66 0.90 -26.19
N ALA D 55 36.79 0.27 -25.92
CA ALA D 55 37.10 -0.15 -24.57
C ALA D 55 37.34 1.04 -23.63
N LYS D 56 37.90 2.13 -24.15
CA LYS D 56 38.43 3.19 -23.29
C LYS D 56 37.36 3.87 -22.46
N GLU D 57 36.09 3.77 -22.83
CA GLU D 57 35.00 4.36 -22.08
C GLU D 57 33.99 3.30 -21.65
N ILE D 58 34.49 2.19 -21.13
CA ILE D 58 33.67 1.18 -20.48
C ILE D 58 33.88 1.35 -18.99
N GLU D 59 32.92 1.99 -18.32
CA GLU D 59 33.00 2.24 -16.88
C GLU D 59 31.60 2.04 -16.32
N LEU D 60 31.40 0.91 -15.65
CA LEU D 60 30.07 0.47 -15.27
C LEU D 60 29.66 1.07 -13.93
N GLU D 61 28.34 1.19 -13.74
CA GLU D 61 27.83 1.81 -12.53
C GLU D 61 28.13 0.96 -11.29
N ASP D 62 27.80 -0.33 -11.34
CA ASP D 62 28.01 -1.18 -10.20
C ASP D 62 29.51 -1.32 -9.93
N PRO D 63 29.97 -1.20 -8.68
CA PRO D 63 31.43 -1.17 -8.46
C PRO D 63 32.11 -2.49 -8.74
N PHE D 64 31.45 -3.63 -8.51
CA PHE D 64 32.08 -4.92 -8.73
C PHE D 64 32.20 -5.22 -10.23
N GLU D 65 31.13 -4.94 -10.97
CA GLU D 65 31.19 -5.09 -12.42
C GLU D 65 32.22 -4.14 -13.02
N ASN D 66 32.29 -2.91 -12.49
CA ASN D 66 33.34 -2.00 -12.90
C ASN D 66 34.71 -2.57 -12.58
N MET D 67 34.83 -3.28 -11.45
CA MET D 67 36.10 -3.92 -11.12
C MET D 67 36.51 -4.90 -12.21
N GLY D 68 35.60 -5.81 -12.56
CA GLY D 68 35.92 -6.80 -13.58
C GLY D 68 36.27 -6.15 -14.91
N ALA D 69 35.45 -5.17 -15.33
CA ALA D 69 35.69 -4.51 -16.61
C ALA D 69 37.03 -3.80 -16.63
N GLN D 70 37.31 -2.99 -15.61
CA GLN D 70 38.55 -2.24 -15.60
C GLN D 70 39.75 -3.16 -15.49
N MET D 71 39.62 -4.28 -14.76
CA MET D 71 40.75 -5.17 -14.58
C MET D 71 41.10 -5.86 -15.89
N VAL D 72 40.09 -6.42 -16.58
CA VAL D 72 40.37 -7.05 -17.87
C VAL D 72 40.84 -6.02 -18.87
N LYS D 73 40.31 -4.79 -18.79
CA LYS D 73 40.75 -3.72 -19.67
C LYS D 73 42.24 -3.44 -19.47
N GLU D 74 42.67 -3.33 -18.22
CA GLU D 74 44.06 -2.99 -17.94
C GLU D 74 44.99 -4.11 -18.35
N VAL D 75 44.64 -5.36 -18.05
CA VAL D 75 45.51 -6.46 -18.47
C VAL D 75 45.59 -6.54 -19.98
N ALA D 76 44.44 -6.42 -20.66
CA ALA D 76 44.40 -6.56 -22.10
C ALA D 76 45.15 -5.45 -22.83
N SER D 77 45.42 -4.32 -22.18
CA SER D 77 46.10 -3.21 -22.83
C SER D 77 47.61 -3.38 -22.88
N LYS D 78 48.15 -4.46 -22.32
CA LYS D 78 49.59 -4.66 -22.25
C LYS D 78 50.16 -5.27 -23.53
N THR D 79 49.35 -5.45 -24.57
CA THR D 79 49.89 -5.94 -25.83
C THR D 79 50.66 -4.83 -26.54
N SER D 80 51.72 -5.23 -27.25
CA SER D 80 52.57 -4.25 -27.92
C SER D 80 51.81 -3.48 -28.99
N ASP D 81 51.00 -4.18 -29.78
CA ASP D 81 50.25 -3.53 -30.84
C ASP D 81 49.19 -2.61 -30.27
N VAL D 82 48.91 -1.53 -31.01
CA VAL D 82 47.78 -0.64 -30.73
C VAL D 82 46.95 -0.36 -31.97
N ALA D 83 47.33 -0.89 -33.14
CA ALA D 83 46.55 -0.64 -34.35
C ALA D 83 45.18 -1.30 -34.28
N GLY D 84 45.12 -2.56 -33.88
CA GLY D 84 43.86 -3.24 -33.75
C GLY D 84 44.05 -4.75 -33.66
N ASP D 85 42.98 -5.41 -33.23
CA ASP D 85 42.92 -6.87 -33.13
C ASP D 85 43.91 -7.46 -32.12
N GLY D 86 44.51 -6.61 -31.27
CA GLY D 86 45.40 -7.08 -30.24
C GLY D 86 44.74 -7.06 -28.87
N THR D 87 44.05 -5.97 -28.56
CA THR D 87 43.38 -5.82 -27.28
C THR D 87 41.97 -6.39 -27.26
N THR D 88 41.41 -6.72 -28.43
CA THR D 88 40.09 -7.34 -28.50
C THR D 88 40.18 -8.86 -28.52
N THR D 89 41.20 -9.40 -29.20
CA THR D 89 41.43 -10.84 -29.11
C THR D 89 41.73 -11.24 -27.67
N ALA D 90 42.48 -10.41 -26.96
CA ALA D 90 42.83 -10.69 -25.58
C ALA D 90 41.58 -10.82 -24.72
N THR D 91 40.68 -9.85 -24.80
CA THR D 91 39.49 -9.91 -23.96
C THR D 91 38.49 -10.94 -24.44
N VAL D 92 38.46 -11.26 -25.74
CA VAL D 92 37.63 -12.37 -26.21
C VAL D 92 38.08 -13.67 -25.55
N LEU D 93 39.38 -13.95 -25.61
CA LEU D 93 39.91 -15.17 -25.01
C LEU D 93 39.72 -15.16 -23.51
N ALA D 94 39.91 -14.00 -22.88
CA ALA D 94 39.75 -13.90 -21.43
C ALA D 94 38.32 -14.19 -21.02
N GLN D 95 37.35 -13.63 -21.75
CA GLN D 95 35.95 -13.90 -21.42
C GLN D 95 35.63 -15.37 -21.60
N ALA D 96 36.13 -15.98 -22.68
CA ALA D 96 35.87 -17.41 -22.88
C ALA D 96 36.42 -18.23 -21.72
N ILE D 97 37.69 -18.02 -21.39
CA ILE D 97 38.32 -18.85 -20.36
C ILE D 97 37.66 -18.60 -19.01
N VAL D 98 37.38 -17.35 -18.68
CA VAL D 98 36.77 -17.05 -17.38
C VAL D 98 35.38 -17.66 -17.28
N ARG D 99 34.58 -17.57 -18.34
CA ARG D 99 33.23 -18.11 -18.28
C ARG D 99 33.25 -19.61 -18.13
N GLU D 100 34.05 -20.31 -18.96
CA GLU D 100 34.12 -21.75 -18.82
C GLU D 100 34.68 -22.15 -17.46
N GLY D 101 35.64 -21.38 -16.94
CA GLY D 101 36.25 -21.73 -15.68
C GLY D 101 35.32 -21.57 -14.50
N LEU D 102 34.52 -20.50 -14.48
CA LEU D 102 33.48 -20.42 -13.47
C LEU D 102 32.47 -21.55 -13.62
N LYS D 103 32.08 -21.85 -14.85
CA LYS D 103 31.06 -22.87 -15.05
C LYS D 103 31.56 -24.25 -14.63
N ASN D 104 32.88 -24.47 -14.65
CA ASN D 104 33.45 -25.72 -14.16
C ASN D 104 33.77 -25.69 -12.68
N VAL D 105 34.19 -24.56 -12.11
CA VAL D 105 34.49 -24.51 -10.68
C VAL D 105 33.21 -24.56 -9.88
N ALA D 106 32.08 -24.20 -10.46
CA ALA D 106 30.80 -24.46 -9.80
C ALA D 106 30.54 -25.94 -9.64
N ALA D 107 31.14 -26.78 -10.50
CA ALA D 107 30.98 -28.22 -10.40
C ALA D 107 31.88 -28.86 -9.35
N GLY D 108 32.77 -28.09 -8.73
CA GLY D 108 33.63 -28.58 -7.67
C GLY D 108 35.10 -28.73 -8.02
N ALA D 109 35.52 -28.30 -9.20
CA ALA D 109 36.94 -28.36 -9.54
C ALA D 109 37.74 -27.39 -8.68
N ASN D 110 39.00 -27.73 -8.48
CA ASN D 110 39.88 -26.89 -7.68
C ASN D 110 40.31 -25.68 -8.49
N PRO D 111 40.11 -24.44 -8.00
CA PRO D 111 40.58 -23.28 -8.78
C PRO D 111 42.07 -23.27 -9.03
N MET D 112 42.88 -23.67 -8.06
CA MET D 112 44.32 -23.69 -8.27
C MET D 112 44.69 -24.67 -9.37
N ASP D 113 44.08 -25.85 -9.38
CA ASP D 113 44.38 -26.82 -10.42
C ASP D 113 43.93 -26.32 -11.78
N LEU D 114 42.79 -25.64 -11.86
CA LEU D 114 42.40 -25.02 -13.11
C LEU D 114 43.43 -24.01 -13.57
N LYS D 115 43.97 -23.23 -12.63
CA LYS D 115 44.98 -22.24 -12.98
C LYS D 115 46.24 -22.90 -13.52
N ARG D 116 46.72 -23.95 -12.85
CA ARG D 116 47.92 -24.63 -13.33
C ARG D 116 47.69 -25.25 -14.69
N GLY D 117 46.52 -25.86 -14.91
CA GLY D 117 46.24 -26.45 -16.20
C GLY D 117 46.18 -25.42 -17.31
N ILE D 118 45.54 -24.28 -17.04
CA ILE D 118 45.47 -23.22 -18.03
C ILE D 118 46.86 -22.72 -18.36
N ASP D 119 47.69 -22.51 -17.35
CA ASP D 119 49.05 -22.04 -17.58
C ASP D 119 49.85 -23.06 -18.40
N LYS D 120 49.71 -24.35 -18.08
CA LYS D 120 50.48 -25.36 -18.79
C LYS D 120 50.07 -25.44 -20.25
N ALA D 121 48.77 -25.48 -20.52
CA ALA D 121 48.34 -25.56 -21.90
C ALA D 121 48.63 -24.28 -22.67
N VAL D 122 48.62 -23.14 -22.00
CA VAL D 122 49.00 -21.89 -22.67
C VAL D 122 50.48 -21.92 -23.02
N GLU D 123 51.30 -22.49 -22.13
CA GLU D 123 52.72 -22.64 -22.44
C GLU D 123 52.91 -23.53 -23.67
N ALA D 124 52.16 -24.63 -23.73
CA ALA D 124 52.22 -25.50 -24.90
C ALA D 124 51.79 -24.77 -26.17
N VAL D 125 50.72 -23.99 -26.08
CA VAL D 125 50.22 -23.29 -27.25
C VAL D 125 51.23 -22.26 -27.74
N VAL D 126 51.85 -21.51 -26.82
CA VAL D 126 52.81 -20.50 -27.26
C VAL D 126 54.05 -21.17 -27.85
N GLU D 127 54.47 -22.31 -27.29
CA GLU D 127 55.59 -23.03 -27.88
C GLU D 127 55.26 -23.47 -29.31
N GLU D 128 54.05 -23.99 -29.52
CA GLU D 128 53.69 -24.40 -30.87
C GLU D 128 53.56 -23.20 -31.81
N LEU D 129 53.10 -22.06 -31.29
CA LEU D 129 53.03 -20.85 -32.11
C LEU D 129 54.42 -20.39 -32.53
N LYS D 130 55.39 -20.45 -31.61
CA LYS D 130 56.77 -20.18 -31.98
C LYS D 130 57.24 -21.15 -33.06
N LYS D 131 56.84 -22.41 -32.96
CA LYS D 131 57.23 -23.39 -33.97
C LYS D 131 56.61 -23.06 -35.33
N MET D 132 55.35 -22.62 -35.35
CA MET D 132 54.62 -22.50 -36.61
C MET D 132 55.02 -21.25 -37.40
N ALA D 133 55.43 -20.19 -36.72
CA ALA D 133 55.54 -18.89 -37.35
C ALA D 133 56.60 -18.87 -38.45
N LYS D 134 56.35 -18.05 -39.49
CA LYS D 134 57.24 -17.89 -40.63
C LYS D 134 58.19 -16.72 -40.39
N PRO D 135 59.52 -16.89 -40.48
CA PRO D 135 60.40 -15.74 -40.29
C PRO D 135 60.31 -14.76 -41.44
N VAL D 136 60.71 -13.52 -41.14
CA VAL D 136 60.75 -12.43 -42.12
C VAL D 136 62.17 -11.89 -42.09
N ASN D 137 63.00 -12.30 -43.05
CA ASN D 137 64.42 -11.98 -43.07
C ASN D 137 64.83 -11.71 -44.52
N GLY D 138 64.74 -10.44 -44.92
CA GLY D 138 65.04 -10.06 -46.28
C GLY D 138 64.19 -8.89 -46.74
N LYS D 139 64.75 -8.03 -47.59
CA LYS D 139 64.05 -6.82 -47.99
C LYS D 139 62.78 -7.13 -48.78
N GLU D 140 62.78 -8.21 -49.57
CA GLU D 140 61.62 -8.51 -50.40
C GLU D 140 60.42 -8.85 -49.52
N GLU D 141 60.58 -9.80 -48.59
CA GLU D 141 59.46 -10.13 -47.73
C GLU D 141 59.18 -9.05 -46.69
N ILE D 142 60.16 -8.23 -46.35
CA ILE D 142 59.87 -7.07 -45.52
C ILE D 142 58.94 -6.12 -46.27
N ALA D 143 59.20 -5.89 -47.55
CA ALA D 143 58.28 -5.08 -48.34
C ALA D 143 56.92 -5.71 -48.44
N GLN D 144 56.86 -7.03 -48.63
CA GLN D 144 55.57 -7.71 -48.73
C GLN D 144 54.77 -7.54 -47.44
N VAL D 145 55.40 -7.80 -46.28
CA VAL D 145 54.68 -7.72 -45.03
C VAL D 145 54.30 -6.27 -44.70
N ALA D 146 55.17 -5.31 -45.03
CA ALA D 146 54.82 -3.91 -44.84
C ALA D 146 53.61 -3.53 -45.69
N THR D 147 53.60 -3.94 -46.96
CA THR D 147 52.46 -3.64 -47.82
C THR D 147 51.20 -4.29 -47.30
N ILE D 148 51.31 -5.55 -46.84
CA ILE D 148 50.14 -6.25 -46.32
C ILE D 148 49.59 -5.54 -45.10
N SER D 149 50.47 -4.97 -44.28
CA SER D 149 50.02 -4.27 -43.09
C SER D 149 49.43 -2.89 -43.41
N ALA D 150 49.50 -2.44 -44.67
CA ALA D 150 49.07 -1.10 -45.05
C ALA D 150 48.10 -1.11 -46.23
N ASN D 151 47.43 -2.24 -46.48
CA ASN D 151 46.36 -2.31 -47.48
C ASN D 151 46.87 -2.07 -48.89
N ASN D 152 47.96 -2.75 -49.25
CA ASN D 152 48.41 -2.88 -50.63
C ASN D 152 48.74 -1.53 -51.26
N ASP D 153 49.64 -0.81 -50.61
CA ASP D 153 50.24 0.41 -51.16
C ASP D 153 51.73 0.17 -51.34
N PRO D 154 52.25 -0.09 -52.55
CA PRO D 154 53.65 -0.51 -52.66
C PRO D 154 54.64 0.58 -52.33
N GLU D 155 54.28 1.86 -52.46
CA GLU D 155 55.26 2.92 -52.22
C GLU D 155 55.66 3.01 -50.75
N ILE D 156 54.68 2.97 -49.84
CA ILE D 156 55.02 3.06 -48.42
C ILE D 156 55.73 1.79 -47.96
N GLY D 157 55.33 0.63 -48.50
CA GLY D 157 56.05 -0.59 -48.18
C GLY D 157 57.49 -0.55 -48.63
N LYS D 158 57.73 -0.03 -49.84
CA LYS D 158 59.10 0.11 -50.32
C LYS D 158 59.89 1.09 -49.44
N LEU D 159 59.25 2.20 -49.07
CA LEU D 159 59.90 3.19 -48.21
C LEU D 159 60.33 2.57 -46.89
N ILE D 160 59.41 1.92 -46.20
CA ILE D 160 59.74 1.36 -44.89
C ILE D 160 60.68 0.17 -45.01
N ALA D 161 60.61 -0.59 -46.10
CA ALA D 161 61.56 -1.68 -46.27
C ALA D 161 62.98 -1.15 -46.42
N GLU D 162 63.16 -0.10 -47.24
CA GLU D 162 64.49 0.45 -47.38
C GLU D 162 64.93 1.12 -46.08
N ALA D 163 64.00 1.70 -45.34
CA ALA D 163 64.35 2.30 -44.06
C ALA D 163 64.87 1.25 -43.08
N MET D 164 64.13 0.14 -42.93
CA MET D 164 64.57 -0.93 -42.04
C MET D 164 65.88 -1.54 -42.51
N GLU D 165 66.07 -1.67 -43.83
CA GLU D 165 67.33 -2.21 -44.32
C GLU D 165 68.49 -1.27 -43.98
N LYS D 166 68.29 0.03 -44.14
CA LYS D 166 69.35 0.97 -43.82
C LYS D 166 69.67 1.00 -42.34
N VAL D 167 68.63 1.04 -41.48
CA VAL D 167 68.85 1.31 -40.07
C VAL D 167 69.23 0.08 -39.25
N GLY D 168 69.06 -1.12 -39.80
CA GLY D 168 69.31 -2.34 -39.07
C GLY D 168 68.04 -2.87 -38.41
N LYS D 169 68.06 -4.18 -38.14
CA LYS D 169 66.88 -4.85 -37.61
C LYS D 169 66.43 -4.25 -36.29
N ASP D 170 67.36 -4.09 -35.35
CA ASP D 170 67.07 -3.49 -34.07
C ASP D 170 67.04 -1.97 -34.11
N GLY D 171 67.34 -1.36 -35.25
CA GLY D 171 67.39 0.08 -35.35
C GLY D 171 66.02 0.71 -35.16
N VAL D 172 66.04 2.02 -34.96
CA VAL D 172 64.85 2.79 -34.60
C VAL D 172 64.38 3.60 -35.80
N ILE D 173 63.07 3.77 -35.90
CA ILE D 173 62.42 4.55 -36.93
C ILE D 173 61.41 5.47 -36.26
N THR D 174 61.31 6.71 -36.75
CA THR D 174 60.33 7.67 -36.28
C THR D 174 59.72 8.40 -37.46
N VAL D 175 58.42 8.63 -37.39
CA VAL D 175 57.67 9.26 -38.46
C VAL D 175 57.61 10.76 -38.22
N GLU D 176 57.49 11.52 -39.30
CA GLU D 176 57.48 12.97 -39.27
C GLU D 176 56.27 13.50 -40.01
N GLU D 177 55.73 14.62 -39.52
CA GLU D 177 54.71 15.37 -40.23
C GLU D 177 55.44 16.42 -41.07
N SER D 178 55.72 16.06 -42.31
CA SER D 178 56.55 16.92 -43.15
C SER D 178 55.73 18.09 -43.69
N LYS D 179 56.40 18.94 -44.47
CA LYS D 179 55.77 20.08 -45.14
C LYS D 179 55.94 20.05 -46.65
N SER D 180 56.48 18.97 -47.22
CA SER D 180 56.61 18.82 -48.67
C SER D 180 55.63 17.76 -49.15
N THR D 181 55.41 17.75 -50.47
CA THR D 181 54.53 16.76 -51.10
C THR D 181 55.29 15.53 -51.57
N GLU D 182 56.62 15.54 -51.41
CA GLU D 182 57.47 14.37 -51.74
C GLU D 182 57.86 13.70 -50.42
N THR D 183 57.83 12.37 -50.36
CA THR D 183 58.21 11.60 -49.18
C THR D 183 59.68 11.24 -49.32
N THR D 184 60.49 11.61 -48.33
CA THR D 184 61.94 11.51 -48.38
C THR D 184 62.47 10.77 -47.17
N LEU D 185 63.65 10.19 -47.33
CA LEU D 185 64.26 9.30 -46.36
C LEU D 185 65.70 9.73 -46.10
N ASP D 186 66.07 9.85 -44.82
CA ASP D 186 67.46 10.09 -44.46
C ASP D 186 67.67 9.65 -43.02
N VAL D 187 68.86 9.13 -42.76
CA VAL D 187 69.29 8.70 -41.44
C VAL D 187 70.01 9.86 -40.78
N VAL D 188 69.76 10.05 -39.49
CA VAL D 188 70.36 11.12 -38.72
C VAL D 188 70.95 10.53 -37.44
N GLU D 189 71.57 11.39 -36.64
CA GLU D 189 72.13 11.01 -35.35
C GLU D 189 71.14 11.32 -34.24
N GLY D 190 71.03 10.41 -33.29
CA GLY D 190 70.12 10.60 -32.18
C GLY D 190 70.44 9.62 -31.07
N MET D 191 69.44 9.39 -30.23
CA MET D 191 69.60 8.46 -29.12
C MET D 191 68.23 8.05 -28.62
N GLN D 192 68.12 6.80 -28.21
CA GLN D 192 66.89 6.21 -27.70
C GLN D 192 67.19 5.62 -26.34
N PHE D 193 66.44 6.02 -25.32
CA PHE D 193 66.53 5.34 -24.05
C PHE D 193 65.14 5.30 -23.42
N ASP D 194 64.96 4.36 -22.50
CA ASP D 194 63.64 3.84 -22.16
C ASP D 194 63.10 4.43 -20.87
N ARG D 195 63.28 5.74 -20.68
CA ARG D 195 62.74 6.47 -19.54
C ARG D 195 61.82 7.56 -20.06
N GLY D 196 60.58 7.58 -19.57
CA GLY D 196 59.55 8.46 -20.07
C GLY D 196 59.35 9.69 -19.21
N TYR D 197 58.19 10.31 -19.39
CA TYR D 197 57.89 11.57 -18.68
C TYR D 197 57.73 11.32 -17.19
N LEU D 198 57.99 12.37 -16.42
CA LEU D 198 57.87 12.34 -14.96
C LEU D 198 56.48 12.71 -14.47
N SER D 199 55.55 13.02 -15.36
CA SER D 199 54.15 13.21 -14.97
C SER D 199 53.30 13.04 -16.21
N PRO D 200 52.02 12.65 -16.07
CA PRO D 200 51.14 12.57 -17.23
C PRO D 200 50.55 13.91 -17.66
N TYR D 201 50.82 14.99 -16.92
CA TYR D 201 50.30 16.30 -17.26
C TYR D 201 51.15 17.01 -18.31
N PHE D 202 52.28 16.44 -18.70
CA PHE D 202 53.17 17.04 -19.68
C PHE D 202 52.77 16.75 -21.12
N VAL D 203 51.76 15.90 -21.32
CA VAL D 203 51.48 15.34 -22.64
C VAL D 203 50.73 16.37 -23.48
N THR D 204 51.18 16.55 -24.72
CA THR D 204 50.52 17.43 -25.68
C THR D 204 49.67 16.65 -26.67
N ASP D 205 50.27 15.70 -27.39
CA ASP D 205 49.52 14.92 -28.35
C ASP D 205 48.64 13.92 -27.61
N SER D 206 47.49 14.39 -27.13
CA SER D 206 46.58 13.55 -26.36
C SER D 206 45.90 12.48 -27.20
N GLU D 207 46.02 12.54 -28.53
CA GLU D 207 45.52 11.45 -29.36
C GLU D 207 46.42 10.22 -29.25
N LYS D 208 47.73 10.42 -29.14
CA LYS D 208 48.71 9.33 -29.11
C LYS D 208 49.46 9.24 -27.80
N MET D 209 49.15 10.08 -26.81
CA MET D 209 49.80 10.03 -25.50
C MET D 209 51.31 10.27 -25.61
N GLU D 210 51.69 11.26 -26.42
CA GLU D 210 53.08 11.66 -26.57
C GLU D 210 53.22 13.17 -26.38
N ALA D 211 54.31 13.57 -25.73
CA ALA D 211 54.66 14.98 -25.59
C ALA D 211 55.74 15.29 -26.61
N VAL D 212 55.55 16.35 -27.39
CA VAL D 212 56.38 16.66 -28.55
C VAL D 212 57.01 18.03 -28.35
N LEU D 213 58.30 18.13 -28.66
CA LEU D 213 59.02 19.40 -28.69
C LEU D 213 59.60 19.60 -30.07
N GLU D 214 59.54 20.83 -30.56
CA GLU D 214 60.11 21.22 -31.84
C GLU D 214 61.29 22.15 -31.61
N ASN D 215 62.46 21.75 -32.11
CA ASN D 215 63.72 22.44 -31.89
C ASN D 215 63.93 22.69 -30.39
N PRO D 216 64.08 21.64 -29.58
CA PRO D 216 64.21 21.84 -28.14
C PRO D 216 65.65 22.07 -27.70
N TYR D 217 65.78 22.54 -26.46
CA TYR D 217 67.06 22.74 -25.79
C TYR D 217 67.22 21.65 -24.74
N ILE D 218 68.40 21.06 -24.66
CA ILE D 218 68.66 19.90 -23.82
C ILE D 218 69.75 20.25 -22.83
N LEU D 219 69.42 20.22 -21.53
CA LEU D 219 70.41 20.41 -20.48
C LEU D 219 70.90 19.05 -20.00
N ILE D 220 72.10 19.01 -19.48
CA ILE D 220 72.77 17.76 -19.11
C ILE D 220 73.11 17.80 -17.62
N TYR D 221 72.23 17.23 -16.80
CA TYR D 221 72.35 17.21 -15.35
C TYR D 221 72.22 15.79 -14.83
N ASP D 222 72.75 15.57 -13.62
CA ASP D 222 72.89 14.23 -13.06
C ASP D 222 72.32 14.13 -11.65
N LYS D 223 72.33 15.20 -10.84
CA LYS D 223 71.90 15.09 -9.46
C LYS D 223 70.40 15.35 -9.33
N LYS D 224 69.90 15.18 -8.11
CA LYS D 224 68.50 15.43 -7.78
C LYS D 224 68.17 16.91 -7.86
N ILE D 225 66.92 17.22 -8.20
CA ILE D 225 66.38 18.57 -8.21
C ILE D 225 65.02 18.55 -7.52
N SER D 226 64.85 19.39 -6.50
CA SER D 226 63.54 19.66 -5.91
C SER D 226 63.27 21.13 -5.61
N ASN D 227 64.29 21.98 -5.61
CA ASN D 227 64.15 23.40 -5.32
C ASN D 227 64.56 24.22 -6.54
N MET D 228 63.84 25.31 -6.76
CA MET D 228 64.08 26.17 -7.91
C MET D 228 65.20 27.16 -7.72
N LYS D 229 65.83 27.19 -6.54
CA LYS D 229 66.87 28.18 -6.29
C LYS D 229 68.12 27.96 -7.12
N ASP D 230 68.24 26.81 -7.80
CA ASP D 230 69.30 26.55 -8.76
C ASP D 230 68.76 26.44 -10.19
N LEU D 231 67.55 26.96 -10.45
CA LEU D 231 66.86 26.72 -11.72
C LEU D 231 66.18 27.95 -12.30
N LEU D 232 66.05 29.05 -11.55
CA LEU D 232 65.36 30.22 -12.09
C LEU D 232 66.02 30.79 -13.34
N PRO D 233 67.32 31.07 -13.36
CA PRO D 233 67.90 31.74 -14.55
C PRO D 233 67.79 30.90 -15.80
N ILE D 234 67.78 29.58 -15.68
CA ILE D 234 67.66 28.70 -16.83
C ILE D 234 66.32 28.95 -17.48
N LEU D 235 65.26 28.96 -16.66
CA LEU D 235 63.93 29.23 -17.19
C LEU D 235 63.84 30.62 -17.78
N GLU D 236 64.47 31.60 -17.12
CA GLU D 236 64.44 32.97 -17.64
C GLU D 236 65.08 33.06 -19.01
N LYS D 237 66.29 32.51 -19.16
CA LYS D 237 67.00 32.62 -20.43
C LYS D 237 66.35 31.76 -21.51
N VAL D 238 65.76 30.63 -21.15
CA VAL D 238 65.05 29.83 -22.15
C VAL D 238 63.81 30.59 -22.63
N ALA D 239 63.07 31.21 -21.72
CA ALA D 239 61.91 31.99 -22.11
C ALA D 239 62.31 33.17 -23.00
N GLN D 240 63.41 33.84 -22.66
CA GLN D 240 63.91 34.90 -23.52
C GLN D 240 64.30 34.37 -24.90
N SER D 241 64.96 33.22 -24.95
CA SER D 241 65.24 32.58 -26.23
C SER D 241 63.96 32.07 -26.88
N GLY D 242 62.94 31.76 -26.07
CA GLY D 242 61.65 31.36 -26.61
C GLY D 242 61.67 30.08 -27.41
N LYS D 243 62.31 29.03 -26.88
CA LYS D 243 62.36 27.71 -27.51
C LYS D 243 62.03 26.63 -26.48
N PRO D 244 61.58 25.45 -26.91
CA PRO D 244 61.28 24.39 -25.94
C PRO D 244 62.53 23.87 -25.25
N LEU D 245 62.31 23.27 -24.08
CA LEU D 245 63.38 22.76 -23.23
C LEU D 245 63.08 21.32 -22.85
N LEU D 246 64.10 20.49 -22.84
CA LEU D 246 64.02 19.11 -22.38
C LEU D 246 64.89 18.98 -21.14
N ILE D 247 64.35 18.34 -20.10
CA ILE D 247 65.00 18.26 -18.79
C ILE D 247 65.47 16.83 -18.56
N ILE D 248 66.75 16.59 -18.84
CA ILE D 248 67.44 15.37 -18.45
C ILE D 248 67.99 15.60 -17.05
N ALA D 249 67.60 14.75 -16.11
CA ALA D 249 68.04 14.87 -14.73
C ALA D 249 67.72 13.58 -14.01
N GLU D 250 68.27 13.43 -12.80
CA GLU D 250 67.99 12.24 -12.01
C GLU D 250 66.53 12.18 -11.61
N ASP D 251 66.08 13.17 -10.83
CA ASP D 251 64.74 13.08 -10.27
C ASP D 251 64.30 14.53 -10.05
N VAL D 252 63.26 14.93 -10.76
CA VAL D 252 62.49 16.13 -10.42
C VAL D 252 61.32 15.65 -9.58
N GLU D 253 61.19 16.19 -8.37
CA GLU D 253 60.13 15.75 -7.47
C GLU D 253 59.72 16.90 -6.56
N GLY D 254 58.51 16.78 -6.02
CA GLY D 254 58.05 17.72 -5.02
C GLY D 254 57.65 19.03 -5.63
N GLU D 255 58.04 20.12 -4.96
CA GLU D 255 57.71 21.46 -5.44
C GLU D 255 58.26 21.71 -6.84
N ALA D 256 59.39 21.07 -7.17
CA ALA D 256 59.92 21.19 -8.52
C ALA D 256 58.90 20.73 -9.55
N LEU D 257 58.38 19.51 -9.39
CA LEU D 257 57.37 19.01 -10.30
C LEU D 257 56.10 19.84 -10.23
N ALA D 258 55.74 20.29 -9.03
CA ALA D 258 54.49 21.05 -8.88
C ALA D 258 54.52 22.33 -9.70
N THR D 259 55.57 23.14 -9.55
CA THR D 259 55.60 24.41 -10.28
C THR D 259 55.99 24.20 -11.74
N LEU D 260 56.71 23.11 -12.08
CA LEU D 260 56.87 22.77 -13.49
C LEU D 260 55.52 22.45 -14.12
N VAL D 261 54.67 21.72 -13.41
CA VAL D 261 53.33 21.44 -13.91
C VAL D 261 52.55 22.74 -14.05
N VAL D 262 52.73 23.67 -13.11
CA VAL D 262 52.04 24.96 -13.20
C VAL D 262 52.46 25.69 -14.46
N ASN D 263 53.77 25.82 -14.69
CA ASN D 263 54.25 26.61 -15.83
C ASN D 263 54.15 25.87 -17.14
N LYS D 264 53.85 24.56 -17.13
CA LYS D 264 53.54 23.84 -18.36
C LYS D 264 52.05 23.92 -18.70
N LEU D 265 51.18 23.68 -17.72
CA LEU D 265 49.75 23.79 -17.96
C LEU D 265 49.34 25.22 -18.28
N ARG D 266 50.01 26.20 -17.67
CA ARG D 266 49.71 27.60 -17.95
C ARG D 266 50.20 28.07 -19.32
N GLY D 267 50.95 27.23 -20.04
CA GLY D 267 51.43 27.60 -21.35
C GLY D 267 52.55 28.62 -21.34
N THR D 268 53.15 28.89 -20.19
CA THR D 268 54.24 29.87 -20.14
C THR D 268 55.49 29.32 -20.81
N LEU D 269 55.77 28.03 -20.63
CA LEU D 269 57.02 27.42 -21.06
C LEU D 269 56.72 26.05 -21.66
N LYS D 270 57.28 25.80 -22.84
CA LYS D 270 57.25 24.47 -23.45
C LYS D 270 58.39 23.66 -22.85
N VAL D 271 58.07 22.80 -21.88
CA VAL D 271 59.06 22.09 -21.08
C VAL D 271 58.63 20.64 -20.90
N CYS D 272 59.63 19.79 -20.67
CA CYS D 272 59.40 18.37 -20.44
C CYS D 272 60.59 17.82 -19.66
N ALA D 273 60.34 16.75 -18.91
CA ALA D 273 61.37 16.13 -18.09
C ALA D 273 61.30 14.62 -18.22
N VAL D 274 62.47 13.98 -18.24
CA VAL D 274 62.57 12.53 -18.30
C VAL D 274 63.82 12.11 -17.53
N LYS D 275 63.71 10.94 -16.90
CA LYS D 275 64.79 10.41 -16.09
C LYS D 275 66.00 10.09 -16.97
N ALA D 276 67.19 10.24 -16.39
CA ALA D 276 68.39 10.08 -17.17
C ALA D 276 68.71 8.59 -17.37
N PRO D 277 69.45 8.23 -18.44
CA PRO D 277 69.78 6.82 -18.73
C PRO D 277 71.06 6.41 -18.03
N GLY D 278 71.21 5.11 -17.72
CA GLY D 278 72.43 4.54 -17.18
C GLY D 278 72.58 4.76 -15.68
N PHE D 279 73.26 3.84 -14.99
CA PHE D 279 73.43 3.87 -13.54
C PHE D 279 74.89 3.74 -13.19
N GLY D 280 75.37 4.63 -12.32
CA GLY D 280 76.75 4.56 -11.88
C GLY D 280 77.71 5.07 -12.93
N ASP D 281 78.81 4.34 -13.12
CA ASP D 281 79.74 4.66 -14.20
C ASP D 281 79.03 4.64 -15.55
N ARG D 282 78.06 3.73 -15.71
CA ARG D 282 77.23 3.76 -16.91
C ARG D 282 76.46 5.06 -17.00
N ARG D 283 76.01 5.59 -15.86
CA ARG D 283 75.36 6.89 -15.85
C ARG D 283 76.29 7.99 -16.32
N LYS D 284 77.52 8.01 -15.81
CA LYS D 284 78.46 9.05 -16.20
C LYS D 284 78.77 8.98 -17.69
N ALA D 285 79.01 7.77 -18.19
CA ALA D 285 79.23 7.59 -19.62
C ALA D 285 77.98 7.99 -20.42
N MET D 286 76.79 7.69 -19.89
CA MET D 286 75.56 8.04 -20.60
C MET D 286 75.42 9.54 -20.75
N LEU D 287 75.61 10.26 -19.64
CA LEU D 287 75.51 11.71 -19.68
C LEU D 287 76.57 12.30 -20.61
N GLU D 288 77.77 11.72 -20.59
CA GLU D 288 78.81 12.16 -21.51
C GLU D 288 78.37 11.98 -22.96
N ASP D 289 77.81 10.81 -23.30
CA ASP D 289 77.40 10.56 -24.67
C ASP D 289 76.28 11.49 -25.12
N ILE D 290 75.27 11.71 -24.27
CA ILE D 290 74.20 12.59 -24.72
C ILE D 290 74.74 14.02 -24.85
N ALA D 291 75.71 14.39 -24.00
CA ALA D 291 76.31 15.71 -24.13
C ALA D 291 77.02 15.87 -25.47
N ILE D 292 77.84 14.89 -25.86
CA ILE D 292 78.55 15.03 -27.12
C ILE D 292 77.55 14.97 -28.28
N LEU D 293 76.46 14.21 -28.13
CA LEU D 293 75.47 14.14 -29.19
C LEU D 293 74.79 15.49 -29.40
N THR D 294 74.34 16.11 -28.31
CA THR D 294 73.57 17.34 -28.43
C THR D 294 74.44 18.58 -28.62
N GLY D 295 75.77 18.45 -28.56
CA GLY D 295 76.66 19.55 -28.81
C GLY D 295 76.95 20.43 -27.61
N GLY D 296 76.13 20.38 -26.57
CA GLY D 296 76.40 21.08 -25.34
C GLY D 296 77.51 20.43 -24.55
N THR D 297 77.51 20.69 -23.26
CA THR D 297 78.46 20.10 -22.33
C THR D 297 77.71 19.56 -21.12
N VAL D 298 78.31 18.57 -20.46
CA VAL D 298 77.78 18.10 -19.20
C VAL D 298 77.79 19.24 -18.20
N ILE D 299 76.87 19.20 -17.24
CA ILE D 299 76.84 20.11 -16.11
C ILE D 299 77.02 19.25 -14.88
N SER D 300 78.18 19.36 -14.24
CA SER D 300 78.54 18.43 -13.17
C SER D 300 79.41 19.13 -12.13
N GLU D 301 79.27 18.66 -10.89
CA GLU D 301 79.99 19.22 -9.75
C GLU D 301 81.45 18.78 -9.69
N GLU D 302 81.78 17.57 -10.14
CA GLU D 302 83.15 17.10 -10.07
C GLU D 302 84.08 17.93 -10.96
N THR D 303 83.53 18.64 -11.95
CA THR D 303 84.27 19.59 -12.76
C THR D 303 83.86 21.05 -12.49
N GLY D 304 83.06 21.29 -11.45
CA GLY D 304 82.78 22.64 -11.00
C GLY D 304 81.91 23.48 -11.91
N TYR D 305 80.81 22.91 -12.41
CA TYR D 305 79.80 23.64 -13.18
C TYR D 305 78.52 23.71 -12.36
N LYS D 306 77.91 24.89 -12.32
CA LYS D 306 76.68 25.14 -11.58
C LYS D 306 75.50 25.13 -12.53
N LEU D 307 74.38 24.55 -12.09
CA LEU D 307 73.24 24.38 -12.97
C LEU D 307 72.62 25.72 -13.39
N GLU D 308 72.51 26.67 -12.46
CA GLU D 308 71.86 27.93 -12.80
C GLU D 308 72.76 28.82 -13.66
N ASN D 309 74.08 28.73 -13.48
CA ASN D 309 74.98 29.59 -14.25
C ASN D 309 75.05 29.17 -15.72
N ALA D 310 74.56 27.98 -16.05
CA ALA D 310 74.69 27.44 -17.40
C ALA D 310 74.05 28.34 -18.43
N THR D 311 74.88 28.96 -19.26
CA THR D 311 74.42 29.83 -20.34
C THR D 311 73.99 28.96 -21.52
N LEU D 312 73.46 29.60 -22.56
CA LEU D 312 72.93 28.85 -23.70
C LEU D 312 74.01 28.07 -24.43
N ASP D 313 75.27 28.51 -24.35
CA ASP D 313 76.34 27.80 -25.03
C ASP D 313 76.51 26.38 -24.49
N TYR D 314 76.50 26.22 -23.17
CA TYR D 314 76.57 24.89 -22.59
C TYR D 314 75.30 24.11 -22.85
N LEU D 315 74.16 24.80 -22.93
CA LEU D 315 72.87 24.15 -23.09
C LEU D 315 72.80 23.47 -24.45
N GLY D 316 72.31 22.23 -24.46
CA GLY D 316 72.25 21.45 -25.68
C GLY D 316 71.18 21.92 -26.64
N ARG D 317 71.28 21.45 -27.88
CA ARG D 317 70.35 21.78 -28.94
C ARG D 317 70.01 20.55 -29.76
N ALA D 318 68.79 20.52 -30.28
CA ALA D 318 68.32 19.46 -31.16
C ALA D 318 67.19 20.02 -32.01
N LYS D 319 66.64 19.19 -32.89
CA LYS D 319 65.62 19.60 -33.83
C LYS D 319 64.22 19.13 -33.46
N ARG D 320 64.07 17.90 -32.98
CA ARG D 320 62.77 17.43 -32.50
C ARG D 320 63.00 16.36 -31.44
N VAL D 321 62.02 16.22 -30.55
CA VAL D 321 62.07 15.24 -29.48
C VAL D 321 60.64 14.86 -29.15
N THR D 322 60.39 13.57 -28.95
CA THR D 322 59.10 13.06 -28.52
C THR D 322 59.26 12.33 -27.21
N ILE D 323 58.38 12.64 -26.26
CA ILE D 323 58.33 11.97 -24.96
C ILE D 323 57.05 11.14 -24.93
N ASP D 324 57.19 9.85 -24.69
CA ASP D 324 56.08 8.95 -24.45
C ASP D 324 56.24 8.33 -23.07
N LYS D 325 55.32 7.45 -22.71
CA LYS D 325 55.33 6.85 -21.37
C LYS D 325 56.60 6.03 -21.14
N ASP D 326 57.10 5.38 -22.18
CA ASP D 326 58.24 4.47 -22.02
C ASP D 326 59.57 5.18 -22.30
N ASN D 327 59.77 5.67 -23.51
CA ASN D 327 61.08 6.08 -24.02
C ASN D 327 61.07 7.52 -24.54
N THR D 328 62.18 7.90 -25.17
CA THR D 328 62.33 9.19 -25.82
C THR D 328 63.25 9.05 -27.02
N THR D 329 63.16 10.01 -27.94
CA THR D 329 63.92 9.99 -29.18
C THR D 329 64.52 11.37 -29.45
N ILE D 330 65.77 11.36 -29.92
CA ILE D 330 66.48 12.56 -30.33
C ILE D 330 66.60 12.47 -31.85
N VAL D 331 66.41 13.59 -32.54
CA VAL D 331 66.64 13.67 -33.97
C VAL D 331 67.45 14.92 -34.28
N ASP D 332 68.53 14.75 -35.04
CA ASP D 332 69.42 15.84 -35.43
C ASP D 332 69.92 16.60 -34.20
N GLY D 333 70.69 15.90 -33.38
CA GLY D 333 71.41 16.54 -32.31
C GLY D 333 72.51 17.41 -32.88
N ALA D 334 72.47 18.71 -32.64
CA ALA D 334 73.41 19.64 -33.25
C ALA D 334 74.77 19.46 -32.58
N GLY D 335 75.54 18.50 -33.11
CA GLY D 335 76.86 18.20 -32.60
C GLY D 335 77.86 18.06 -33.72
N ASP D 336 79.12 18.35 -33.41
CA ASP D 336 80.17 18.32 -34.40
C ASP D 336 80.48 16.88 -34.80
N LYS D 337 80.30 16.57 -36.08
CA LYS D 337 80.38 15.19 -36.55
C LYS D 337 81.76 14.59 -36.33
N GLU D 338 82.82 15.40 -36.47
CA GLU D 338 84.16 14.89 -36.23
C GLU D 338 84.31 14.38 -34.80
N ASP D 339 83.77 15.14 -33.84
CA ASP D 339 83.77 14.67 -32.47
C ASP D 339 82.94 13.41 -32.31
N ILE D 340 81.83 13.29 -33.04
CA ILE D 340 81.01 12.08 -32.96
C ILE D 340 81.80 10.86 -33.39
N LYS D 341 82.46 10.93 -34.56
CA LYS D 341 83.21 9.76 -34.97
C LYS D 341 84.47 9.54 -34.13
N ALA D 342 85.06 10.58 -33.54
CA ALA D 342 86.15 10.35 -32.60
C ALA D 342 85.65 9.58 -31.37
N ARG D 343 84.47 9.95 -30.88
CA ARG D 343 83.85 9.24 -29.77
C ARG D 343 83.60 7.78 -30.15
N VAL D 344 83.14 7.56 -31.39
CA VAL D 344 82.91 6.19 -31.87
C VAL D 344 84.23 5.42 -31.96
N ASN D 345 85.29 6.08 -32.41
CA ASN D 345 86.60 5.44 -32.46
C ASN D 345 87.06 5.04 -31.07
N GLN D 346 86.84 5.90 -30.08
CA GLN D 346 87.24 5.52 -28.73
C GLN D 346 86.39 4.37 -28.24
N ILE D 347 85.13 4.31 -28.68
CA ILE D 347 84.25 3.21 -28.27
C ILE D 347 84.82 1.88 -28.76
N LYS D 348 85.19 1.79 -30.04
CA LYS D 348 85.81 0.55 -30.50
C LYS D 348 87.17 0.31 -29.87
N LYS D 349 87.93 1.36 -29.58
CA LYS D 349 89.19 1.17 -28.86
C LYS D 349 88.94 0.53 -27.49
N GLN D 350 87.96 1.03 -26.76
CA GLN D 350 87.64 0.50 -25.44
C GLN D 350 87.14 -0.94 -25.57
N ILE D 351 86.38 -1.22 -26.64
CA ILE D 351 85.98 -2.61 -26.92
C ILE D 351 87.21 -3.49 -27.05
N GLU D 352 88.23 -3.01 -27.77
CA GLU D 352 89.45 -3.78 -27.91
C GLU D 352 90.18 -3.95 -26.58
N ASN D 353 90.17 -2.92 -25.73
CA ASN D 353 90.92 -2.99 -24.47
C ASN D 353 90.22 -3.86 -23.43
N THR D 354 88.90 -3.77 -23.32
CA THR D 354 88.21 -4.47 -22.25
C THR D 354 88.22 -5.98 -22.48
N THR D 355 87.92 -6.72 -21.41
CA THR D 355 87.90 -8.18 -21.43
C THR D 355 86.60 -8.75 -20.86
N SER D 356 86.05 -8.10 -19.85
CA SER D 356 84.89 -8.64 -19.15
C SER D 356 83.68 -8.69 -20.07
N ASP D 357 82.93 -9.79 -19.98
CA ASP D 357 81.79 -10.00 -20.88
C ASP D 357 80.69 -8.98 -20.66
N TYR D 358 80.42 -8.61 -19.40
CA TYR D 358 79.38 -7.62 -19.14
C TYR D 358 79.76 -6.27 -19.74
N ASP D 359 81.00 -5.84 -19.50
CA ASP D 359 81.49 -4.61 -20.13
C ASP D 359 81.47 -4.74 -21.65
N ARG D 360 81.84 -5.91 -22.17
CA ARG D 360 81.87 -6.09 -23.61
C ARG D 360 80.49 -5.94 -24.23
N GLU D 361 79.47 -6.56 -23.63
CA GLU D 361 78.12 -6.45 -24.20
C GLU D 361 77.57 -5.03 -24.04
N LYS D 362 77.89 -4.37 -22.92
CA LYS D 362 77.50 -2.97 -22.80
C LYS D 362 78.13 -2.13 -23.89
N LEU D 363 79.39 -2.42 -24.25
CA LEU D 363 80.07 -1.62 -25.25
C LEU D 363 79.58 -1.97 -26.67
N GLN D 364 79.19 -3.22 -26.91
CA GLN D 364 78.50 -3.51 -28.16
C GLN D 364 77.20 -2.73 -28.27
N GLU D 365 76.46 -2.62 -27.17
CA GLU D 365 75.24 -1.81 -27.21
C GLU D 365 75.58 -0.35 -27.47
N ARG D 366 76.66 0.15 -26.87
CA ARG D 366 77.12 1.51 -27.12
C ARG D 366 77.39 1.74 -28.60
N LEU D 367 78.17 0.85 -29.21
CA LEU D 367 78.50 1.02 -30.62
C LEU D 367 77.25 0.95 -31.49
N ALA D 368 76.44 -0.10 -31.30
CA ALA D 368 75.24 -0.28 -32.11
C ALA D 368 74.25 0.87 -31.95
N LYS D 369 74.24 1.56 -30.80
CA LYS D 369 73.35 2.68 -30.60
C LYS D 369 73.92 3.95 -31.22
N LEU D 370 75.10 4.38 -30.78
CA LEU D 370 75.64 5.66 -31.24
C LEU D 370 75.95 5.61 -32.74
N ALA D 371 76.69 4.62 -33.19
CA ALA D 371 77.04 4.55 -34.61
C ALA D 371 75.82 4.30 -35.48
N GLY D 372 74.83 3.58 -34.99
CA GLY D 372 73.65 3.29 -35.79
C GLY D 372 72.86 4.54 -36.13
N GLY D 373 72.71 5.44 -35.17
CA GLY D 373 71.95 6.65 -35.39
C GLY D 373 70.45 6.41 -35.35
N VAL D 374 69.73 7.40 -35.87
CA VAL D 374 68.27 7.40 -35.87
C VAL D 374 67.80 7.56 -37.31
N ALA D 375 66.84 6.74 -37.70
CA ALA D 375 66.21 6.85 -39.02
C ALA D 375 64.93 7.67 -38.87
N VAL D 376 64.81 8.73 -39.67
CA VAL D 376 63.67 9.63 -39.64
C VAL D 376 63.05 9.65 -41.03
N ILE D 377 61.75 9.39 -41.10
CA ILE D 377 61.01 9.31 -42.35
C ILE D 377 60.02 10.46 -42.38
N LYS D 378 60.01 11.21 -43.48
CA LYS D 378 59.17 12.40 -43.63
C LYS D 378 58.25 12.16 -44.82
N VAL D 379 56.95 12.05 -44.55
CA VAL D 379 55.96 11.64 -45.54
C VAL D 379 55.31 12.88 -46.13
N GLY D 380 55.04 12.84 -47.43
CA GLY D 380 54.41 13.95 -48.12
C GLY D 380 53.23 13.49 -48.94
N ALA D 381 52.28 14.40 -49.13
CA ALA D 381 51.05 14.09 -49.84
C ALA D 381 50.54 15.38 -50.50
N ALA D 382 49.27 15.36 -50.93
CA ALA D 382 48.71 16.42 -51.76
C ALA D 382 47.88 17.42 -50.96
N THR D 383 47.00 16.94 -50.07
CA THR D 383 46.16 17.83 -49.23
C THR D 383 46.59 17.74 -47.79
N GLU D 384 45.87 18.46 -46.93
CA GLU D 384 46.14 18.52 -45.49
C GLU D 384 45.82 17.19 -44.80
N VAL D 385 44.55 16.83 -44.82
CA VAL D 385 44.11 15.66 -44.06
C VAL D 385 44.59 14.39 -44.72
N GLU D 386 44.80 14.39 -46.04
CA GLU D 386 45.35 13.20 -46.67
C GLU D 386 46.77 12.93 -46.20
N MET D 387 47.59 13.99 -46.04
CA MET D 387 48.93 13.77 -45.52
C MET D 387 48.87 13.31 -44.07
N LYS D 388 47.96 13.88 -43.27
CA LYS D 388 47.86 13.41 -41.89
C LYS D 388 47.44 11.93 -41.84
N GLU D 389 46.47 11.55 -42.67
CA GLU D 389 46.05 10.16 -42.71
C GLU D 389 47.19 9.26 -43.19
N LYS D 390 47.97 9.72 -44.17
CA LYS D 390 49.09 8.92 -44.64
C LYS D 390 50.11 8.73 -43.53
N LYS D 391 50.34 9.77 -42.72
CA LYS D 391 51.22 9.62 -41.56
C LYS D 391 50.67 8.55 -40.61
N ALA D 392 49.37 8.57 -40.35
CA ALA D 392 48.78 7.59 -39.46
C ALA D 392 48.94 6.17 -40.01
N ARG D 393 48.68 5.99 -41.31
CA ARG D 393 48.84 4.68 -41.92
C ARG D 393 50.28 4.22 -41.85
N VAL D 394 51.22 5.13 -42.08
CA VAL D 394 52.63 4.75 -42.04
C VAL D 394 53.02 4.35 -40.62
N GLU D 395 52.49 5.03 -39.61
CA GLU D 395 52.81 4.66 -38.24
C GLU D 395 52.26 3.28 -37.89
N ASP D 396 51.02 3.00 -38.30
CA ASP D 396 50.45 1.68 -38.05
C ASP D 396 51.24 0.60 -38.76
N ALA D 397 51.60 0.85 -40.02
CA ALA D 397 52.43 -0.11 -40.75
C ALA D 397 53.78 -0.28 -40.09
N LEU D 398 54.32 0.79 -39.51
CA LEU D 398 55.59 0.71 -38.80
C LEU D 398 55.49 -0.27 -37.64
N HIS D 399 54.49 -0.09 -36.78
CA HIS D 399 54.34 -0.98 -35.63
C HIS D 399 54.13 -2.42 -36.09
N ALA D 400 53.32 -2.61 -37.14
CA ALA D 400 53.07 -3.95 -37.64
C ALA D 400 54.35 -4.61 -38.11
N THR D 401 55.18 -3.89 -38.87
CA THR D 401 56.39 -4.53 -39.37
C THR D 401 57.42 -4.74 -38.27
N ARG D 402 57.48 -3.86 -37.25
CA ARG D 402 58.37 -4.15 -36.13
C ARG D 402 57.97 -5.44 -35.46
N ALA D 403 56.68 -5.65 -35.23
CA ALA D 403 56.24 -6.93 -34.64
C ALA D 403 56.60 -8.09 -35.56
N ALA D 404 56.39 -7.93 -36.86
CA ALA D 404 56.65 -9.00 -37.81
C ALA D 404 58.11 -9.42 -37.80
N VAL D 405 59.04 -8.45 -37.82
CA VAL D 405 60.45 -8.81 -37.73
C VAL D 405 60.77 -9.37 -36.35
N GLU D 406 60.07 -8.90 -35.31
CA GLU D 406 60.38 -9.33 -33.97
C GLU D 406 60.15 -10.82 -33.78
N GLU D 407 58.98 -11.31 -34.22
CA GLU D 407 58.56 -12.72 -33.95
C GLU D 407 58.10 -13.48 -35.21
N GLY D 408 58.09 -12.86 -36.40
CA GLY D 408 57.59 -13.55 -37.57
C GLY D 408 56.09 -13.44 -37.73
N ILE D 409 55.56 -14.30 -38.60
CA ILE D 409 54.20 -14.22 -39.10
C ILE D 409 53.50 -15.54 -38.81
N VAL D 410 52.26 -15.46 -38.34
CA VAL D 410 51.35 -16.61 -38.25
C VAL D 410 50.14 -16.29 -39.11
N PRO D 411 49.38 -17.28 -39.60
CA PRO D 411 48.14 -16.98 -40.31
C PRO D 411 47.17 -16.20 -39.43
N GLY D 412 46.51 -15.22 -40.04
CA GLY D 412 45.61 -14.34 -39.33
C GLY D 412 44.19 -14.86 -39.30
N GLY D 413 43.28 -13.97 -38.87
CA GLY D 413 41.88 -14.32 -38.80
C GLY D 413 41.53 -15.27 -37.66
N GLY D 414 42.43 -15.50 -36.73
CA GLY D 414 42.20 -16.41 -35.64
C GLY D 414 42.46 -17.87 -35.94
N VAL D 415 42.85 -18.21 -37.18
CA VAL D 415 43.09 -19.61 -37.51
C VAL D 415 44.42 -20.11 -36.97
N ALA D 416 45.37 -19.22 -36.70
CA ALA D 416 46.63 -19.66 -36.09
C ALA D 416 46.38 -20.26 -34.72
N LEU D 417 45.44 -19.70 -33.96
CA LEU D 417 45.08 -20.32 -32.69
C LEU D 417 44.38 -21.65 -32.89
N ILE D 418 43.62 -21.80 -33.97
CA ILE D 418 42.99 -23.09 -34.26
C ILE D 418 44.04 -24.14 -34.52
N ARG D 419 45.03 -23.82 -35.36
CA ARG D 419 46.08 -24.79 -35.67
C ARG D 419 46.93 -25.12 -34.46
N ALA D 420 47.08 -24.20 -33.52
CA ALA D 420 47.92 -24.41 -32.36
C ALA D 420 47.28 -25.31 -31.31
N ALA D 421 45.98 -25.61 -31.43
CA ALA D 421 45.35 -26.55 -30.52
C ALA D 421 45.87 -27.96 -30.67
N LYS D 422 46.51 -28.28 -31.80
CA LYS D 422 47.05 -29.62 -32.02
C LYS D 422 48.11 -29.99 -31.00
N ALA D 423 48.79 -29.00 -30.41
CA ALA D 423 49.80 -29.29 -29.39
C ALA D 423 49.21 -29.85 -28.11
N LEU D 424 47.92 -29.64 -27.87
CA LEU D 424 47.25 -30.09 -26.65
C LEU D 424 46.64 -31.48 -26.77
N GLU D 425 46.65 -32.07 -27.96
CA GLU D 425 45.80 -33.23 -28.23
C GLU D 425 46.20 -34.45 -27.41
N ASN D 426 47.46 -34.54 -26.97
CA ASN D 426 47.90 -35.60 -26.08
C ASN D 426 48.67 -35.00 -24.92
N LEU D 427 48.12 -33.95 -24.32
CA LEU D 427 48.69 -33.30 -23.14
C LEU D 427 47.73 -33.55 -21.98
N GLU D 428 48.22 -34.25 -20.96
CA GLU D 428 47.43 -34.69 -19.82
C GLU D 428 48.01 -34.12 -18.54
N GLY D 429 47.13 -33.55 -17.71
CA GLY D 429 47.57 -33.00 -16.44
C GLY D 429 47.80 -34.08 -15.40
N GLU D 430 48.38 -33.65 -14.28
CA GLU D 430 48.63 -34.57 -13.18
C GLU D 430 47.34 -35.14 -12.62
N ASN D 431 46.32 -34.30 -12.47
CA ASN D 431 45.00 -34.69 -11.97
C ASN D 431 43.92 -34.32 -12.98
N GLY D 432 42.67 -34.58 -12.60
CA GLY D 432 41.56 -34.33 -13.50
C GLY D 432 41.20 -32.89 -13.68
N ASP D 433 41.35 -32.08 -12.62
CA ASP D 433 41.02 -30.66 -12.72
C ASP D 433 41.95 -29.92 -13.67
N GLN D 434 43.24 -30.25 -13.67
CA GLN D 434 44.14 -29.65 -14.65
C GLN D 434 43.74 -30.03 -16.06
N LYS D 435 43.32 -31.27 -16.26
CA LYS D 435 42.83 -31.68 -17.58
C LYS D 435 41.58 -30.90 -17.96
N THR D 436 40.71 -30.61 -16.99
CA THR D 436 39.55 -29.77 -17.27
C THR D 436 39.99 -28.38 -17.71
N GLY D 437 41.02 -27.84 -17.07
CA GLY D 437 41.54 -26.55 -17.51
C GLY D 437 42.11 -26.59 -18.92
N VAL D 438 42.81 -27.67 -19.25
CA VAL D 438 43.37 -27.81 -20.59
C VAL D 438 42.25 -27.89 -21.63
N LYS D 439 41.18 -28.62 -21.32
CA LYS D 439 40.03 -28.63 -22.20
C LYS D 439 39.41 -27.24 -22.31
N ILE D 440 39.40 -26.50 -21.20
CA ILE D 440 38.79 -25.17 -21.21
C ILE D 440 39.53 -24.26 -22.16
N VAL D 441 40.88 -24.28 -22.11
CA VAL D 441 41.63 -23.43 -23.02
C VAL D 441 41.66 -23.99 -24.43
N ARG D 442 41.42 -25.29 -24.63
CA ARG D 442 41.13 -25.78 -25.98
C ARG D 442 39.92 -25.06 -26.55
N ARG D 443 38.81 -25.07 -25.82
CA ARG D 443 37.60 -24.47 -26.34
C ARG D 443 37.75 -22.96 -26.52
N ALA D 444 38.54 -22.32 -25.67
CA ALA D 444 38.68 -20.86 -25.73
C ALA D 444 39.44 -20.39 -26.95
N LEU D 445 40.35 -21.21 -27.49
CA LEU D 445 41.12 -20.78 -28.66
C LEU D 445 40.25 -20.60 -29.89
N GLU D 446 39.07 -21.20 -29.93
CA GLU D 446 38.18 -21.04 -31.07
C GLU D 446 37.38 -19.75 -31.04
N GLU D 447 37.27 -19.10 -29.89
CA GLU D 447 36.37 -17.95 -29.75
C GLU D 447 36.74 -16.78 -30.67
N PRO D 448 38.01 -16.42 -30.86
CA PRO D 448 38.32 -15.34 -31.81
C PRO D 448 37.76 -15.56 -33.19
N LEU D 449 38.03 -16.71 -33.82
CA LEU D 449 37.48 -16.95 -35.16
C LEU D 449 35.96 -17.05 -35.13
N ARG D 450 35.41 -17.65 -34.07
CA ARG D 450 33.96 -17.79 -33.98
C ARG D 450 33.28 -16.43 -33.95
N GLN D 451 33.81 -15.48 -33.19
CA GLN D 451 33.22 -14.16 -33.18
C GLN D 451 33.56 -13.37 -34.44
N ILE D 452 34.72 -13.62 -35.06
CA ILE D 452 35.04 -12.93 -36.30
C ILE D 452 34.02 -13.28 -37.38
N VAL D 453 33.68 -14.56 -37.49
CA VAL D 453 32.69 -14.95 -38.50
C VAL D 453 31.26 -14.70 -38.04
N ALA D 454 31.00 -14.67 -36.72
CA ALA D 454 29.68 -14.30 -36.25
C ALA D 454 29.36 -12.85 -36.55
N ASN D 455 30.35 -11.96 -36.40
CA ASN D 455 30.13 -10.56 -36.77
C ASN D 455 29.84 -10.42 -38.26
N ALA D 456 30.33 -11.35 -39.08
CA ALA D 456 29.94 -11.37 -40.49
C ALA D 456 28.50 -11.80 -40.67
N GLY D 457 27.90 -12.41 -39.67
CA GLY D 457 26.52 -12.82 -39.71
C GLY D 457 26.26 -14.24 -40.14
N LEU D 458 27.31 -15.03 -40.38
CA LEU D 458 27.19 -16.41 -40.82
C LEU D 458 27.15 -17.34 -39.61
N GLU D 459 27.04 -18.63 -39.90
CA GLU D 459 27.12 -19.64 -38.86
C GLU D 459 28.58 -19.90 -38.52
N GLY D 460 28.88 -20.03 -37.23
CA GLY D 460 30.24 -20.13 -36.78
C GLY D 460 30.83 -21.53 -36.79
N SER D 461 30.11 -22.46 -36.18
CA SER D 461 30.64 -23.80 -35.99
C SER D 461 30.94 -24.48 -37.31
N VAL D 462 30.17 -24.17 -38.36
CA VAL D 462 30.42 -24.73 -39.67
C VAL D 462 31.84 -24.38 -40.13
N VAL D 463 32.20 -23.09 -40.06
CA VAL D 463 33.52 -22.69 -40.54
C VAL D 463 34.61 -23.15 -39.58
N VAL D 464 34.33 -23.19 -38.27
CA VAL D 464 35.34 -23.66 -37.34
C VAL D 464 35.66 -25.13 -37.59
N ASN D 465 34.62 -25.95 -37.79
CA ASN D 465 34.86 -27.35 -38.11
C ASN D 465 35.58 -27.50 -39.43
N LYS D 466 35.18 -26.71 -40.45
CA LYS D 466 35.80 -26.80 -41.76
C LYS D 466 37.29 -26.47 -41.70
N VAL D 467 37.65 -25.37 -41.04
CA VAL D 467 39.07 -25.04 -40.92
C VAL D 467 39.80 -26.02 -40.02
N LYS D 468 39.11 -26.66 -39.08
CA LYS D 468 39.76 -27.69 -38.28
C LYS D 468 40.05 -28.94 -39.09
N GLU D 469 39.26 -29.24 -40.12
CA GLU D 469 39.65 -30.31 -41.03
C GLU D 469 40.94 -29.99 -41.77
N GLY D 470 41.27 -28.71 -41.91
CA GLY D 470 42.42 -28.31 -42.68
C GLY D 470 43.74 -28.61 -41.99
N LYS D 471 44.81 -28.20 -42.67
CA LYS D 471 46.16 -28.32 -42.15
C LYS D 471 46.98 -27.15 -42.68
N GLY D 472 48.06 -26.83 -41.97
CA GLY D 472 48.95 -25.76 -42.38
C GLY D 472 48.27 -24.40 -42.41
N ASN D 473 48.44 -23.68 -43.51
CA ASN D 473 47.96 -22.31 -43.64
C ASN D 473 46.56 -22.23 -44.24
N PHE D 474 45.80 -23.32 -44.23
CA PHE D 474 44.43 -23.28 -44.70
C PHE D 474 43.55 -22.59 -43.65
N GLY D 475 42.77 -21.62 -44.11
CA GLY D 475 41.95 -20.84 -43.21
C GLY D 475 40.86 -20.11 -43.95
N TYR D 476 40.11 -19.31 -43.21
CA TYR D 476 38.95 -18.58 -43.71
C TYR D 476 39.29 -17.10 -43.84
N ASN D 477 39.19 -16.57 -45.06
CA ASN D 477 39.36 -15.15 -45.33
C ASN D 477 37.98 -14.52 -45.41
N ALA D 478 37.51 -13.96 -44.29
CA ALA D 478 36.16 -13.42 -44.21
C ALA D 478 35.93 -12.24 -45.14
N ARG D 479 36.99 -11.55 -45.58
CA ARG D 479 36.81 -10.41 -46.48
C ARG D 479 36.20 -10.85 -47.80
N THR D 480 36.71 -11.94 -48.38
CA THR D 480 36.23 -12.47 -49.65
C THR D 480 35.40 -13.74 -49.49
N GLU D 481 35.27 -14.27 -48.28
CA GLU D 481 34.49 -15.49 -48.02
C GLU D 481 35.02 -16.69 -48.79
N GLU D 482 36.31 -16.68 -49.12
CA GLU D 482 36.99 -17.78 -49.78
C GLU D 482 37.74 -18.60 -48.73
N TYR D 483 38.49 -19.60 -49.18
CA TYR D 483 39.04 -20.64 -48.33
C TYR D 483 40.51 -20.90 -48.67
N ASP D 484 41.31 -19.84 -48.72
CA ASP D 484 42.75 -19.97 -48.80
C ASP D 484 43.43 -18.85 -48.03
N LEU D 485 44.55 -19.16 -47.39
CA LEU D 485 45.31 -18.16 -46.64
C LEU D 485 46.82 -18.36 -46.79
N ILE D 486 47.28 -19.19 -47.71
CA ILE D 486 48.72 -19.41 -47.88
C ILE D 486 49.35 -18.11 -48.35
N GLU D 487 48.95 -17.66 -49.55
CA GLU D 487 49.44 -16.41 -50.14
C GLU D 487 48.35 -15.34 -50.19
N ALA D 488 47.15 -15.62 -49.66
CA ALA D 488 46.07 -14.64 -49.75
C ALA D 488 46.40 -13.37 -48.98
N GLY D 489 47.26 -13.47 -47.98
CA GLY D 489 47.75 -12.29 -47.30
C GLY D 489 46.75 -11.62 -46.39
N VAL D 490 46.32 -12.33 -45.35
CA VAL D 490 45.64 -11.74 -44.21
C VAL D 490 46.34 -12.31 -42.98
N ILE D 491 47.29 -11.57 -42.44
CA ILE D 491 48.25 -12.05 -41.45
C ILE D 491 48.24 -11.12 -40.25
N ASP D 492 48.66 -11.66 -39.11
CA ASP D 492 49.00 -10.88 -37.93
C ASP D 492 50.34 -11.36 -37.38
N PRO D 493 51.09 -10.50 -36.69
CA PRO D 493 52.38 -10.96 -36.13
C PRO D 493 52.18 -12.04 -35.08
N ALA D 494 53.18 -12.90 -34.97
CA ALA D 494 53.17 -13.91 -33.91
C ALA D 494 53.19 -13.25 -32.54
N LYS D 495 53.88 -12.10 -32.43
CA LYS D 495 53.99 -11.41 -31.16
C LYS D 495 52.61 -11.01 -30.63
N VAL D 496 51.75 -10.48 -31.49
CA VAL D 496 50.49 -9.93 -31.01
C VAL D 496 49.57 -11.05 -30.53
N THR D 497 49.49 -12.15 -31.27
CA THR D 497 48.62 -13.25 -30.86
C THR D 497 49.17 -13.94 -29.62
N ARG D 498 50.50 -14.14 -29.57
CA ARG D 498 51.13 -14.69 -28.38
C ARG D 498 50.82 -13.84 -27.15
N THR D 499 51.04 -12.53 -27.25
CA THR D 499 50.82 -11.65 -26.11
C THR D 499 49.34 -11.64 -25.71
N ALA D 500 48.44 -11.67 -26.69
CA ALA D 500 47.02 -11.73 -26.36
C ALA D 500 46.69 -12.98 -25.58
N LEU D 501 47.23 -14.13 -26.01
CA LEU D 501 46.94 -15.37 -25.31
C LEU D 501 47.51 -15.35 -23.90
N GLN D 502 48.75 -14.88 -23.73
CA GLN D 502 49.31 -14.85 -22.38
C GLN D 502 48.56 -13.89 -21.47
N ASN D 503 48.20 -12.71 -21.96
CA ASN D 503 47.44 -11.78 -21.12
C ASN D 503 46.09 -12.38 -20.75
N ALA D 504 45.41 -13.02 -21.70
CA ALA D 504 44.13 -13.65 -21.41
C ALA D 504 44.28 -14.76 -20.37
N ALA D 505 45.31 -15.59 -20.51
CA ALA D 505 45.53 -16.66 -19.54
C ALA D 505 45.84 -16.10 -18.16
N SER D 506 46.68 -15.07 -18.10
CA SER D 506 47.05 -14.48 -16.82
C SER D 506 45.82 -13.91 -16.13
N ILE D 507 45.01 -13.12 -16.84
CA ILE D 507 43.84 -12.54 -16.19
C ILE D 507 42.84 -13.62 -15.84
N ALA D 508 42.71 -14.67 -16.66
CA ALA D 508 41.75 -15.73 -16.36
C ALA D 508 42.14 -16.45 -15.08
N GLY D 509 43.41 -16.85 -14.96
CA GLY D 509 43.85 -17.45 -13.72
C GLY D 509 43.75 -16.52 -12.53
N MET D 510 44.03 -15.24 -12.73
CA MET D 510 43.95 -14.27 -11.65
C MET D 510 42.52 -14.12 -11.14
N LEU D 511 41.56 -14.08 -12.05
CA LEU D 511 40.16 -13.92 -11.68
C LEU D 511 39.53 -15.19 -11.16
N LEU D 512 39.99 -16.35 -11.62
CA LEU D 512 39.45 -17.60 -11.12
C LEU D 512 39.79 -17.80 -9.64
N THR D 513 41.01 -17.46 -9.24
CA THR D 513 41.44 -17.59 -7.85
C THR D 513 41.19 -16.27 -7.12
N THR D 514 39.95 -16.12 -6.66
CA THR D 514 39.53 -14.92 -5.95
C THR D 514 38.36 -15.28 -5.04
N GLU D 515 38.49 -14.96 -3.75
CA GLU D 515 37.41 -15.12 -2.78
C GLU D 515 37.07 -13.84 -2.04
N CYS D 516 37.66 -12.70 -2.39
CA CYS D 516 37.36 -11.47 -1.68
C CYS D 516 37.57 -10.28 -2.60
N VAL D 517 36.51 -9.52 -2.83
CA VAL D 517 36.53 -8.30 -3.62
C VAL D 517 35.94 -7.20 -2.75
N ILE D 518 36.77 -6.22 -2.39
CA ILE D 518 36.36 -5.14 -1.50
C ILE D 518 35.96 -3.96 -2.37
N THR D 519 34.94 -3.22 -1.94
CA THR D 519 34.45 -2.05 -2.63
C THR D 519 34.18 -0.94 -1.65
N GLU D 520 34.31 0.31 -2.11
CA GLU D 520 33.95 1.46 -1.30
C GLU D 520 32.53 1.89 -1.63
N LYS D 521 31.75 2.14 -0.59
CA LYS D 521 30.34 2.46 -0.77
C LYS D 521 30.22 3.84 -1.41
N PRO D 522 29.52 3.98 -2.55
CA PRO D 522 29.30 5.31 -3.20
C PRO D 522 28.62 6.27 -2.23
N ALA E 1 30.55 6.12 -15.10
CA ALA E 1 29.22 5.47 -15.20
C ALA E 1 28.65 5.62 -16.60
N LYS E 2 28.24 4.51 -17.20
CA LYS E 2 27.68 4.51 -18.55
C LYS E 2 26.74 3.33 -18.70
N GLN E 3 25.53 3.59 -19.17
CA GLN E 3 24.66 2.50 -19.57
C GLN E 3 25.14 1.90 -20.87
N ILE E 4 24.80 0.63 -21.08
CA ILE E 4 25.11 -0.07 -22.33
C ILE E 4 23.87 -0.87 -22.71
N LYS E 5 23.46 -0.73 -23.97
CA LYS E 5 22.35 -1.46 -24.55
C LYS E 5 22.85 -2.27 -25.74
N PHE E 6 22.36 -3.51 -25.85
CA PHE E 6 22.92 -4.50 -26.76
C PHE E 6 21.90 -4.94 -27.79
N ASP E 7 22.33 -4.98 -29.05
CA ASP E 7 21.67 -5.75 -30.12
C ASP E 7 20.26 -5.23 -30.36
N THR E 8 19.22 -6.07 -30.28
CA THR E 8 17.90 -5.66 -30.74
C THR E 8 17.32 -4.54 -29.89
N ASP E 9 17.55 -4.55 -28.59
CA ASP E 9 17.01 -3.50 -27.73
C ASP E 9 17.64 -2.16 -28.12
N ALA E 10 18.96 -2.15 -28.30
CA ALA E 10 19.64 -0.92 -28.66
C ALA E 10 19.19 -0.41 -30.03
N ARG E 11 19.07 -1.32 -30.99
CA ARG E 11 18.65 -0.88 -32.32
C ARG E 11 17.20 -0.41 -32.32
N ASN E 12 16.36 -1.01 -31.48
CA ASN E 12 14.99 -0.52 -31.34
C ASN E 12 14.97 0.87 -30.73
N ALA E 13 15.83 1.13 -29.75
CA ALA E 13 15.91 2.48 -29.18
C ALA E 13 16.36 3.49 -30.23
N LEU E 14 17.36 3.14 -31.04
CA LEU E 14 17.79 4.03 -32.10
C LEU E 14 16.68 4.25 -33.12
N LEU E 15 15.95 3.19 -33.46
CA LEU E 15 14.83 3.34 -34.38
C LEU E 15 13.78 4.26 -33.79
N ARG E 16 13.54 4.16 -32.48
CA ARG E 16 12.56 5.03 -31.83
C ARG E 16 12.99 6.49 -31.93
N GLY E 17 14.26 6.77 -31.67
CA GLY E 17 14.74 8.13 -31.78
C GLY E 17 14.65 8.67 -33.20
N VAL E 18 15.07 7.86 -34.17
CA VAL E 18 15.02 8.29 -35.56
C VAL E 18 13.58 8.49 -36.00
N ASP E 19 12.67 7.65 -35.52
CA ASP E 19 11.25 7.83 -35.85
C ASP E 19 10.72 9.13 -35.27
N LYS E 20 11.12 9.46 -34.03
CA LYS E 20 10.65 10.71 -33.45
C LYS E 20 11.15 11.90 -34.25
N LEU E 21 12.43 11.89 -34.62
CA LEU E 21 12.97 12.98 -35.44
C LEU E 21 12.25 13.06 -36.78
N ALA E 22 12.08 11.93 -37.46
CA ALA E 22 11.49 11.95 -38.79
C ALA E 22 10.04 12.39 -38.74
N ASP E 23 9.30 11.93 -37.73
CA ASP E 23 7.93 12.39 -37.57
C ASP E 23 7.87 13.88 -37.30
N ALA E 24 8.78 14.39 -36.48
CA ALA E 24 8.82 15.83 -36.25
C ALA E 24 9.15 16.61 -37.51
N VAL E 25 9.92 16.02 -38.42
CA VAL E 25 10.44 16.75 -39.57
C VAL E 25 9.64 16.46 -40.84
N LYS E 26 9.19 15.22 -41.03
CA LYS E 26 8.61 14.83 -42.32
C LYS E 26 7.31 15.56 -42.65
N VAL E 27 6.64 16.13 -41.65
CA VAL E 27 5.38 16.83 -41.90
C VAL E 27 5.54 18.13 -42.66
N THR E 28 6.77 18.64 -42.78
CA THR E 28 7.03 19.89 -43.48
C THR E 28 7.35 19.72 -44.95
N LEU E 29 7.44 18.49 -45.44
CA LEU E 29 7.87 18.26 -46.81
C LEU E 29 6.78 18.67 -47.78
N GLY E 30 7.19 19.30 -48.88
CA GLY E 30 6.29 19.62 -49.96
C GLY E 30 5.63 20.98 -49.85
N PRO E 31 4.98 21.42 -50.93
CA PRO E 31 4.31 22.73 -50.88
C PRO E 31 3.04 22.72 -50.06
N LYS E 32 2.41 21.57 -49.87
CA LYS E 32 1.21 21.43 -49.05
C LYS E 32 1.58 20.93 -47.66
N GLY E 33 2.74 21.34 -47.16
CA GLY E 33 3.18 20.89 -45.86
C GLY E 33 2.35 21.46 -44.74
N ARG E 34 2.55 20.90 -43.56
CA ARG E 34 1.85 21.32 -42.35
C ARG E 34 2.75 22.26 -41.56
N ASN E 35 2.17 22.88 -40.54
CA ASN E 35 2.86 23.85 -39.71
C ASN E 35 3.45 23.16 -38.49
N VAL E 36 4.66 23.56 -38.12
CA VAL E 36 5.35 23.07 -36.94
C VAL E 36 5.56 24.25 -36.02
N ILE E 37 5.07 24.13 -34.79
CA ILE E 37 5.28 25.22 -33.81
C ILE E 37 6.32 24.74 -32.81
N ILE E 38 7.19 25.65 -32.39
CA ILE E 38 8.33 25.38 -31.53
C ILE E 38 8.38 26.44 -30.46
N GLU E 39 8.65 26.03 -29.22
CA GLU E 39 8.79 26.99 -28.14
C GLU E 39 10.12 27.70 -28.22
N LYS E 40 10.07 29.03 -28.22
CA LYS E 40 11.22 29.86 -27.93
C LYS E 40 11.18 30.23 -26.46
N LYS E 41 12.34 30.60 -25.91
CA LYS E 41 12.46 30.74 -24.46
C LYS E 41 11.67 31.95 -23.96
N PHE E 42 12.07 33.15 -24.39
CA PHE E 42 11.51 34.39 -23.86
C PHE E 42 10.64 35.13 -24.88
N GLY E 43 10.37 34.50 -26.03
CA GLY E 43 9.62 35.15 -27.09
C GLY E 43 8.41 34.31 -27.48
N ALA E 44 7.54 34.92 -28.27
CA ALA E 44 6.37 34.21 -28.76
C ALA E 44 6.82 33.06 -29.65
N PRO E 45 6.14 31.92 -29.63
CA PRO E 45 6.62 30.76 -30.39
C PRO E 45 6.51 30.99 -31.89
N THR E 46 7.26 30.17 -32.63
CA THR E 46 7.47 30.35 -34.06
C THR E 46 6.69 29.31 -34.84
N ILE E 47 5.97 29.76 -35.87
CA ILE E 47 5.30 28.90 -36.83
C ILE E 47 6.26 28.74 -38.00
N THR E 48 6.61 27.50 -38.32
CA THR E 48 7.58 27.22 -39.37
C THR E 48 7.08 26.10 -40.26
N LYS E 49 7.46 26.19 -41.54
CA LYS E 49 7.15 25.19 -42.55
C LYS E 49 8.40 24.65 -43.22
N ASP E 50 9.59 25.07 -42.80
CA ASP E 50 10.85 24.61 -43.36
C ASP E 50 11.46 23.64 -42.35
N GLY E 51 11.78 22.44 -42.82
CA GLY E 51 12.25 21.40 -41.92
C GLY E 51 13.65 21.60 -41.40
N VAL E 52 14.45 22.43 -42.06
CA VAL E 52 15.80 22.70 -41.56
C VAL E 52 15.71 23.41 -40.21
N THR E 53 14.72 24.28 -40.03
CA THR E 53 14.52 24.88 -38.71
C THR E 53 14.00 23.86 -37.71
N VAL E 54 13.17 22.92 -38.15
CA VAL E 54 12.67 21.89 -37.25
C VAL E 54 13.77 20.89 -36.91
N ALA E 55 14.68 20.63 -37.85
CA ALA E 55 15.68 19.59 -37.65
C ALA E 55 16.68 19.98 -36.56
N LYS E 56 17.22 21.20 -36.62
CA LYS E 56 18.23 21.59 -35.63
C LYS E 56 17.69 21.63 -34.22
N GLU E 57 16.37 21.77 -34.07
CA GLU E 57 15.77 22.20 -32.82
C GLU E 57 15.13 21.01 -32.10
N ILE E 58 15.70 19.83 -32.32
CA ILE E 58 15.17 18.54 -31.88
C ILE E 58 16.19 17.93 -30.95
N GLU E 59 15.74 17.53 -29.76
CA GLU E 59 16.58 16.77 -28.84
C GLU E 59 15.66 16.07 -27.85
N LEU E 60 16.01 14.85 -27.48
CA LEU E 60 15.12 13.95 -26.75
C LEU E 60 15.68 13.64 -25.38
N GLU E 61 14.79 13.19 -24.50
CA GLU E 61 15.15 12.98 -23.10
C GLU E 61 16.01 11.73 -22.93
N ASP E 62 15.48 10.57 -23.29
CA ASP E 62 16.21 9.33 -23.09
C ASP E 62 17.44 9.32 -24.00
N PRO E 63 18.65 9.08 -23.47
CA PRO E 63 19.85 9.32 -24.28
C PRO E 63 19.98 8.45 -25.51
N PHE E 64 19.32 7.29 -25.58
CA PHE E 64 19.43 6.43 -26.76
C PHE E 64 18.61 6.98 -27.93
N GLU E 65 17.37 7.41 -27.66
CA GLU E 65 16.59 8.06 -28.70
C GLU E 65 17.28 9.32 -29.17
N ASN E 66 17.81 10.09 -28.23
CA ASN E 66 18.64 11.24 -28.57
C ASN E 66 19.83 10.83 -29.42
N MET E 67 20.40 9.66 -29.14
CA MET E 67 21.56 9.16 -29.86
C MET E 67 21.23 9.01 -31.34
N GLY E 68 20.16 8.27 -31.62
CA GLY E 68 19.75 8.06 -32.99
C GLY E 68 19.32 9.33 -33.68
N ALA E 69 18.62 10.20 -32.96
CA ALA E 69 18.16 11.45 -33.55
C ALA E 69 19.33 12.30 -34.02
N GLN E 70 20.32 12.51 -33.14
CA GLN E 70 21.47 13.29 -33.55
C GLN E 70 22.28 12.60 -34.65
N MET E 71 22.33 11.27 -34.66
CA MET E 71 23.06 10.59 -35.72
C MET E 71 22.44 10.89 -37.08
N VAL E 72 21.13 10.68 -37.21
CA VAL E 72 20.46 10.93 -38.49
C VAL E 72 20.51 12.42 -38.82
N LYS E 73 20.38 13.28 -37.82
CA LYS E 73 20.43 14.71 -38.08
C LYS E 73 21.78 15.14 -38.64
N GLU E 74 22.86 14.64 -38.04
CA GLU E 74 24.18 15.03 -38.50
C GLU E 74 24.45 14.49 -39.89
N VAL E 75 24.04 13.25 -40.18
CA VAL E 75 24.30 12.72 -41.52
C VAL E 75 23.47 13.48 -42.55
N ALA E 76 22.21 13.77 -42.24
CA ALA E 76 21.32 14.40 -43.20
C ALA E 76 21.72 15.84 -43.53
N SER E 77 22.34 16.55 -42.60
CA SER E 77 22.67 17.95 -42.79
C SER E 77 23.82 18.17 -43.76
N LYS E 78 24.52 17.11 -44.18
CA LYS E 78 25.66 17.24 -45.07
C LYS E 78 25.26 17.41 -46.54
N THR E 79 23.96 17.44 -46.84
CA THR E 79 23.53 17.62 -48.21
C THR E 79 23.92 19.00 -48.73
N SER E 80 24.03 19.10 -50.06
CA SER E 80 24.59 20.30 -50.67
C SER E 80 23.71 21.52 -50.42
N ASP E 81 22.43 21.42 -50.73
CA ASP E 81 21.53 22.55 -50.58
C ASP E 81 21.11 22.73 -49.13
N VAL E 82 20.88 24.00 -48.77
CA VAL E 82 20.31 24.37 -47.48
C VAL E 82 18.97 25.09 -47.61
N ALA E 83 18.51 25.36 -48.84
CA ALA E 83 17.23 26.04 -49.01
C ALA E 83 16.08 25.19 -48.50
N GLY E 84 16.07 23.90 -48.84
CA GLY E 84 15.02 23.02 -48.38
C GLY E 84 14.92 21.80 -49.26
N ASP E 85 14.16 20.82 -48.76
CA ASP E 85 13.89 19.57 -49.45
C ASP E 85 15.15 18.72 -49.68
N GLY E 86 16.24 19.05 -49.00
CA GLY E 86 17.46 18.26 -49.04
C GLY E 86 17.66 17.52 -47.74
N THR E 87 17.34 18.20 -46.63
CA THR E 87 17.48 17.60 -45.31
C THR E 87 16.21 16.90 -44.84
N THR E 88 15.06 17.21 -45.43
CA THR E 88 13.82 16.52 -45.13
C THR E 88 13.70 15.21 -45.92
N THR E 89 14.05 15.25 -47.20
CA THR E 89 14.02 14.06 -48.03
C THR E 89 14.96 12.99 -47.47
N ALA E 90 16.16 13.41 -47.07
CA ALA E 90 17.14 12.46 -46.56
C ALA E 90 16.65 11.78 -45.30
N THR E 91 16.08 12.54 -44.36
CA THR E 91 15.63 11.90 -43.12
C THR E 91 14.42 11.02 -43.38
N VAL E 92 13.54 11.39 -44.30
CA VAL E 92 12.40 10.53 -44.62
C VAL E 92 12.91 9.21 -45.19
N LEU E 93 13.86 9.28 -46.12
CA LEU E 93 14.40 8.06 -46.71
C LEU E 93 15.12 7.21 -45.65
N ALA E 94 15.87 7.86 -44.76
CA ALA E 94 16.57 7.13 -43.71
C ALA E 94 15.58 6.44 -42.79
N GLN E 95 14.50 7.13 -42.41
CA GLN E 95 13.47 6.51 -41.59
C GLN E 95 12.90 5.28 -42.28
N ALA E 96 12.57 5.41 -43.56
CA ALA E 96 11.99 4.30 -44.29
C ALA E 96 12.93 3.11 -44.33
N ILE E 97 14.18 3.34 -44.70
CA ILE E 97 15.12 2.23 -44.87
C ILE E 97 15.42 1.58 -43.53
N VAL E 98 15.64 2.38 -42.48
CA VAL E 98 15.95 1.83 -41.18
C VAL E 98 14.79 1.00 -40.65
N ARG E 99 13.55 1.52 -40.79
CA ARG E 99 12.39 0.78 -40.30
C ARG E 99 12.24 -0.54 -41.04
N GLU E 100 12.30 -0.51 -42.38
CA GLU E 100 12.11 -1.74 -43.14
C GLU E 100 13.23 -2.74 -42.85
N GLY E 101 14.48 -2.25 -42.76
CA GLY E 101 15.58 -3.14 -42.50
C GLY E 101 15.50 -3.78 -41.13
N LEU E 102 14.95 -3.06 -40.17
CA LEU E 102 14.91 -3.58 -38.79
C LEU E 102 13.77 -4.56 -38.72
N LYS E 103 12.66 -4.33 -39.46
CA LYS E 103 11.60 -5.33 -39.54
C LYS E 103 12.10 -6.60 -40.22
N ASN E 104 12.94 -6.48 -41.23
CA ASN E 104 13.46 -7.66 -41.93
C ASN E 104 14.53 -8.40 -41.14
N VAL E 105 15.34 -7.69 -40.34
CA VAL E 105 16.34 -8.35 -39.52
C VAL E 105 15.71 -8.99 -38.29
N ALA E 106 14.55 -8.50 -37.84
CA ALA E 106 13.77 -9.25 -36.88
C ALA E 106 13.30 -10.59 -37.44
N ALA E 107 13.19 -10.70 -38.76
CA ALA E 107 12.77 -11.93 -39.42
C ALA E 107 13.93 -12.87 -39.75
N GLY E 108 15.14 -12.52 -39.37
CA GLY E 108 16.29 -13.39 -39.52
C GLY E 108 17.25 -13.06 -40.66
N ALA E 109 17.11 -11.93 -41.31
CA ALA E 109 18.05 -11.55 -42.36
C ALA E 109 19.38 -11.13 -41.76
N ASN E 110 20.45 -11.44 -42.48
CA ASN E 110 21.78 -11.01 -42.09
C ASN E 110 21.89 -9.49 -42.27
N PRO E 111 22.25 -8.73 -41.22
CA PRO E 111 22.39 -7.27 -41.44
C PRO E 111 23.42 -6.90 -42.49
N MET E 112 24.53 -7.63 -42.58
CA MET E 112 25.61 -7.23 -43.48
C MET E 112 25.22 -7.42 -44.94
N ASP E 113 24.56 -8.54 -45.26
CA ASP E 113 24.07 -8.72 -46.62
C ASP E 113 23.02 -7.66 -46.96
N LEU E 114 22.15 -7.32 -46.01
CA LEU E 114 21.20 -6.25 -46.24
C LEU E 114 21.91 -4.93 -46.54
N LYS E 115 22.97 -4.63 -45.80
CA LYS E 115 23.71 -3.39 -46.05
C LYS E 115 24.35 -3.40 -47.43
N ARG E 116 24.96 -4.51 -47.82
CA ARG E 116 25.58 -4.57 -49.14
C ARG E 116 24.53 -4.42 -50.24
N GLY E 117 23.37 -5.06 -50.06
CA GLY E 117 22.30 -4.88 -51.03
C GLY E 117 21.82 -3.44 -51.09
N ILE E 118 21.75 -2.78 -49.94
CA ILE E 118 21.31 -1.38 -49.92
C ILE E 118 22.30 -0.52 -50.68
N ASP E 119 23.60 -0.74 -50.46
CA ASP E 119 24.61 0.03 -51.20
C ASP E 119 24.53 -0.25 -52.69
N LYS E 120 24.34 -1.50 -53.08
CA LYS E 120 24.25 -1.81 -54.51
C LYS E 120 23.03 -1.15 -55.15
N ALA E 121 21.89 -1.21 -54.48
CA ALA E 121 20.68 -0.58 -55.00
C ALA E 121 20.87 0.93 -55.10
N VAL E 122 21.51 1.54 -54.11
CA VAL E 122 21.71 2.99 -54.12
C VAL E 122 22.64 3.36 -55.26
N GLU E 123 23.68 2.57 -55.49
CA GLU E 123 24.58 2.86 -56.61
C GLU E 123 23.84 2.75 -57.95
N ALA E 124 22.99 1.73 -58.09
CA ALA E 124 22.23 1.60 -59.32
C ALA E 124 21.29 2.79 -59.52
N VAL E 125 20.65 3.23 -58.44
CA VAL E 125 19.74 4.38 -58.54
C VAL E 125 20.53 5.63 -58.89
N VAL E 126 21.74 5.76 -58.36
CA VAL E 126 22.56 6.94 -58.67
C VAL E 126 22.94 6.94 -60.14
N GLU E 127 23.29 5.77 -60.69
CA GLU E 127 23.60 5.70 -62.11
C GLU E 127 22.38 6.08 -62.94
N GLU E 128 21.21 5.58 -62.53
CA GLU E 128 19.98 5.93 -63.23
C GLU E 128 19.71 7.43 -63.20
N LEU E 129 19.89 8.05 -62.04
CA LEU E 129 19.65 9.48 -61.92
C LEU E 129 20.64 10.28 -62.76
N LYS E 130 21.90 9.88 -62.78
CA LYS E 130 22.89 10.55 -63.61
C LYS E 130 22.51 10.45 -65.08
N LYS E 131 22.03 9.28 -65.51
CA LYS E 131 21.60 9.14 -66.91
C LYS E 131 20.36 9.99 -67.19
N MET E 132 19.47 10.13 -66.21
CA MET E 132 18.14 10.69 -66.47
C MET E 132 18.19 12.20 -66.60
N ALA E 133 19.04 12.87 -65.83
CA ALA E 133 18.96 14.31 -65.68
C ALA E 133 19.21 15.04 -66.99
N LYS E 134 18.61 16.23 -67.12
CA LYS E 134 18.73 17.07 -68.31
C LYS E 134 19.86 18.07 -68.13
N PRO E 135 20.91 18.08 -68.97
CA PRO E 135 21.99 19.04 -68.76
C PRO E 135 21.55 20.47 -69.02
N VAL E 136 22.02 21.38 -68.17
CA VAL E 136 21.73 22.80 -68.27
C VAL E 136 22.98 23.53 -68.72
N ASN E 137 23.05 23.86 -70.01
CA ASN E 137 24.19 24.56 -70.59
C ASN E 137 23.65 25.53 -71.63
N GLY E 138 23.52 26.79 -71.26
CA GLY E 138 22.99 27.81 -72.13
C GLY E 138 22.30 28.92 -71.37
N LYS E 139 22.41 30.16 -71.88
CA LYS E 139 21.90 31.30 -71.14
C LYS E 139 20.39 31.22 -70.95
N GLU E 140 19.67 30.77 -71.99
CA GLU E 140 18.21 30.67 -71.88
C GLU E 140 17.82 29.67 -70.80
N GLU E 141 18.50 28.53 -70.75
CA GLU E 141 18.12 27.49 -69.79
C GLU E 141 18.52 27.86 -68.37
N ILE E 142 19.69 28.49 -68.16
CA ILE E 142 20.00 28.97 -66.82
C ILE E 142 18.98 30.02 -66.41
N ALA E 143 18.52 30.85 -67.34
CA ALA E 143 17.49 31.82 -67.01
C ALA E 143 16.21 31.11 -66.57
N GLN E 144 15.84 30.06 -67.29
CA GLN E 144 14.65 29.30 -66.93
C GLN E 144 14.77 28.71 -65.53
N VAL E 145 15.87 28.02 -65.23
CA VAL E 145 15.96 27.36 -63.93
C VAL E 145 16.10 28.38 -62.82
N ALA E 146 16.76 29.50 -63.08
CA ALA E 146 16.83 30.57 -62.08
C ALA E 146 15.44 31.11 -61.79
N THR E 147 14.63 31.31 -62.83
CA THR E 147 13.26 31.78 -62.61
C THR E 147 12.45 30.77 -61.82
N ILE E 148 12.61 29.48 -62.11
CA ILE E 148 11.86 28.47 -61.38
C ILE E 148 12.30 28.44 -59.92
N SER E 149 13.58 28.68 -59.65
CA SER E 149 14.08 28.61 -58.29
C SER E 149 13.82 29.87 -57.48
N ALA E 150 13.26 30.93 -58.08
CA ALA E 150 13.01 32.20 -57.41
C ALA E 150 11.53 32.52 -57.33
N ASN E 151 10.65 31.54 -57.53
CA ASN E 151 9.20 31.75 -57.49
C ASN E 151 8.76 32.74 -58.58
N ASN E 152 9.25 32.52 -59.79
CA ASN E 152 8.77 33.20 -60.99
C ASN E 152 8.94 34.72 -60.89
N ASP E 153 10.20 35.14 -60.84
CA ASP E 153 10.57 36.55 -60.97
C ASP E 153 11.59 36.67 -62.10
N PRO E 154 11.23 37.15 -63.30
CA PRO E 154 12.20 37.12 -64.39
C PRO E 154 13.38 38.07 -64.20
N GLU E 155 13.25 39.09 -63.36
CA GLU E 155 14.34 40.02 -63.15
C GLU E 155 15.55 39.31 -62.53
N ILE E 156 15.33 38.60 -61.42
CA ILE E 156 16.43 37.90 -60.78
C ILE E 156 16.94 36.79 -61.68
N GLY E 157 16.05 36.13 -62.43
CA GLY E 157 16.49 35.08 -63.33
C GLY E 157 17.45 35.61 -64.38
N LYS E 158 17.08 36.70 -65.05
CA LYS E 158 17.97 37.29 -66.04
C LYS E 158 19.26 37.78 -65.39
N LEU E 159 19.14 38.40 -64.21
CA LEU E 159 20.32 38.97 -63.55
C LEU E 159 21.32 37.87 -63.24
N ILE E 160 20.89 36.79 -62.60
CA ILE E 160 21.80 35.70 -62.28
C ILE E 160 22.26 34.98 -63.53
N ALA E 161 21.45 34.97 -64.59
CA ALA E 161 21.92 34.40 -65.86
C ALA E 161 23.13 35.16 -66.38
N GLU E 162 23.04 36.50 -66.46
CA GLU E 162 24.21 37.26 -66.89
C GLU E 162 25.35 37.09 -65.90
N ALA E 163 25.05 36.98 -64.61
CA ALA E 163 26.12 36.87 -63.61
C ALA E 163 26.93 35.59 -63.82
N MET E 164 26.26 34.44 -63.90
CA MET E 164 27.00 33.20 -64.03
C MET E 164 27.47 32.97 -65.46
N GLU E 165 26.99 33.76 -66.42
CA GLU E 165 27.63 33.77 -67.74
C GLU E 165 28.94 34.55 -67.67
N LYS E 166 28.95 35.66 -66.94
CA LYS E 166 30.15 36.49 -66.88
C LYS E 166 31.26 35.82 -66.09
N VAL E 167 30.93 35.28 -64.92
CA VAL E 167 31.99 34.90 -63.98
C VAL E 167 32.61 33.56 -64.34
N GLY E 168 31.92 32.74 -65.14
CA GLY E 168 32.36 31.40 -65.42
C GLY E 168 31.69 30.39 -64.51
N LYS E 169 31.54 29.15 -64.99
CA LYS E 169 30.76 28.16 -64.24
C LYS E 169 31.43 27.82 -62.92
N ASP E 170 32.72 27.55 -62.95
CA ASP E 170 33.46 27.25 -61.71
C ASP E 170 33.57 28.55 -60.92
N GLY E 171 33.53 29.71 -61.57
CA GLY E 171 33.74 30.95 -60.86
C GLY E 171 32.74 31.14 -59.74
N VAL E 172 33.08 32.04 -58.82
CA VAL E 172 32.32 32.26 -57.59
C VAL E 172 31.58 33.58 -57.67
N ILE E 173 30.42 33.62 -57.00
CA ILE E 173 29.60 34.82 -56.91
C ILE E 173 29.22 34.98 -55.44
N THR E 174 29.20 36.23 -54.98
CA THR E 174 28.86 36.57 -53.62
C THR E 174 27.71 37.56 -53.59
N VAL E 175 26.81 37.37 -52.62
CA VAL E 175 25.63 38.20 -52.45
C VAL E 175 25.97 39.32 -51.50
N GLU E 176 25.74 40.56 -51.94
CA GLU E 176 26.18 41.76 -51.23
C GLU E 176 25.01 42.72 -51.04
N GLU E 177 24.94 43.27 -49.83
CA GLU E 177 23.81 44.11 -49.42
C GLU E 177 24.00 45.50 -50.00
N SER E 178 23.13 45.89 -50.93
CA SER E 178 23.21 47.21 -51.53
C SER E 178 22.47 48.24 -50.68
N LYS E 179 22.81 49.50 -50.89
CA LYS E 179 22.13 50.62 -50.26
C LYS E 179 21.39 51.48 -51.29
N SER E 180 21.20 51.00 -52.51
CA SER E 180 20.58 51.73 -53.59
C SER E 180 19.19 51.17 -53.87
N THR E 181 18.47 51.86 -54.75
CA THR E 181 17.13 51.42 -55.16
C THR E 181 17.15 50.43 -56.31
N GLU E 182 18.27 50.31 -57.02
CA GLU E 182 18.41 49.42 -58.16
C GLU E 182 19.35 48.28 -57.82
N THR E 183 19.28 47.23 -58.63
CA THR E 183 20.18 46.08 -58.53
C THR E 183 21.16 46.13 -59.68
N THR E 184 22.45 46.03 -59.37
CA THR E 184 23.52 46.20 -60.34
C THR E 184 24.44 44.98 -60.33
N LEU E 185 25.15 44.81 -61.44
CA LEU E 185 26.10 43.73 -61.64
C LEU E 185 27.47 44.31 -61.87
N ASP E 186 28.45 43.86 -61.08
CA ASP E 186 29.84 44.25 -61.25
C ASP E 186 30.72 43.02 -61.09
N VAL E 187 31.85 43.04 -61.80
CA VAL E 187 32.91 42.05 -61.66
C VAL E 187 34.14 42.76 -61.13
N VAL E 188 34.68 42.26 -60.03
CA VAL E 188 35.79 42.91 -59.33
C VAL E 188 36.82 41.84 -59.00
N GLU E 189 38.09 42.26 -58.90
CA GLU E 189 39.13 41.31 -58.59
C GLU E 189 38.97 40.81 -57.16
N GLY E 190 39.19 39.51 -56.98
CA GLY E 190 38.94 38.88 -55.70
C GLY E 190 39.62 37.52 -55.65
N MET E 191 39.29 36.76 -54.61
CA MET E 191 39.97 35.51 -54.39
C MET E 191 39.07 34.59 -53.57
N GLN E 192 39.35 33.30 -53.67
CA GLN E 192 38.63 32.26 -52.94
C GLN E 192 39.65 31.24 -52.48
N PHE E 193 39.62 30.88 -51.20
CA PHE E 193 40.46 29.80 -50.70
C PHE E 193 39.70 29.05 -49.60
N ASP E 194 39.78 27.72 -49.67
CA ASP E 194 38.83 26.87 -48.95
C ASP E 194 39.32 26.47 -47.57
N ARG E 195 39.52 27.46 -46.71
CA ARG E 195 39.81 27.24 -45.29
C ARG E 195 38.99 28.23 -44.48
N GLY E 196 38.15 27.71 -43.60
CA GLY E 196 37.20 28.51 -42.85
C GLY E 196 37.75 29.06 -41.56
N TYR E 197 36.83 29.43 -40.67
CA TYR E 197 37.21 30.04 -39.40
C TYR E 197 37.94 29.05 -38.51
N LEU E 198 38.73 29.58 -37.59
CA LEU E 198 39.45 28.80 -36.58
C LEU E 198 38.68 28.59 -35.29
N SER E 199 37.51 29.20 -35.14
CA SER E 199 36.74 29.03 -33.93
C SER E 199 35.29 29.34 -34.24
N PRO E 200 34.33 28.49 -33.88
CA PRO E 200 32.93 28.82 -34.13
C PRO E 200 32.45 30.04 -33.36
N TYR E 201 33.14 30.42 -32.30
CA TYR E 201 32.80 31.62 -31.54
C TYR E 201 33.07 32.90 -32.32
N PHE E 202 33.82 32.83 -33.42
CA PHE E 202 34.18 34.01 -34.18
C PHE E 202 33.07 34.48 -35.11
N VAL E 203 31.96 33.74 -35.18
CA VAL E 203 30.88 34.09 -36.10
C VAL E 203 30.28 35.43 -35.68
N THR E 204 30.10 36.32 -36.66
CA THR E 204 29.41 37.58 -36.43
C THR E 204 27.93 37.46 -36.73
N ASP E 205 27.59 37.05 -37.96
CA ASP E 205 26.20 36.88 -38.39
C ASP E 205 25.81 35.44 -38.09
N SER E 206 25.37 35.19 -36.85
CA SER E 206 25.18 33.82 -36.36
C SER E 206 24.09 33.08 -37.11
N GLU E 207 23.12 33.77 -37.71
CA GLU E 207 22.03 33.08 -38.39
C GLU E 207 22.54 32.27 -39.58
N LYS E 208 23.40 32.85 -40.40
CA LYS E 208 24.01 32.14 -41.52
C LYS E 208 25.28 31.40 -41.14
N MET E 209 25.64 31.35 -39.85
CA MET E 209 26.88 30.73 -39.38
C MET E 209 28.09 31.33 -40.11
N GLU E 210 28.02 32.63 -40.37
CA GLU E 210 28.96 33.32 -41.24
C GLU E 210 29.49 34.55 -40.54
N ALA E 211 30.80 34.80 -40.70
CA ALA E 211 31.48 35.93 -40.09
C ALA E 211 31.93 36.89 -41.18
N VAL E 212 31.48 38.14 -41.09
CA VAL E 212 31.70 39.15 -42.12
C VAL E 212 32.37 40.36 -41.49
N LEU E 213 33.35 40.93 -42.18
CA LEU E 213 33.99 42.18 -41.79
C LEU E 213 33.80 43.23 -42.89
N GLU E 214 33.73 44.48 -42.47
CA GLU E 214 33.55 45.62 -43.36
C GLU E 214 34.85 46.42 -43.40
N ASN E 215 35.36 46.63 -44.61
CA ASN E 215 36.66 47.27 -44.84
C ASN E 215 37.74 46.67 -43.95
N PRO E 216 38.00 45.36 -44.03
CA PRO E 216 38.98 44.76 -43.12
C PRO E 216 40.41 44.97 -43.58
N TYR E 217 41.36 44.47 -42.79
CA TYR E 217 42.78 44.55 -43.09
C TYR E 217 43.36 43.15 -43.10
N ILE E 218 44.07 42.81 -44.18
CA ILE E 218 44.59 41.47 -44.41
C ILE E 218 46.08 41.48 -44.13
N LEU E 219 46.51 40.75 -43.11
CA LEU E 219 47.92 40.52 -42.86
C LEU E 219 48.34 39.18 -43.47
N ILE E 220 49.62 39.05 -43.75
CA ILE E 220 50.16 37.96 -44.55
C ILE E 220 51.36 37.41 -43.79
N TYR E 221 51.15 36.29 -43.08
CA TYR E 221 52.18 35.61 -42.32
C TYR E 221 52.20 34.14 -42.70
N ASP E 222 53.38 33.52 -42.58
CA ASP E 222 53.60 32.15 -43.03
C ASP E 222 54.19 31.22 -41.99
N LYS E 223 54.76 31.75 -40.90
CA LYS E 223 55.24 30.91 -39.82
C LYS E 223 54.13 30.69 -38.79
N LYS E 224 54.42 29.86 -37.81
CA LYS E 224 53.41 29.50 -36.82
C LYS E 224 53.19 30.65 -35.86
N ILE E 225 51.93 30.84 -35.48
CA ILE E 225 51.53 31.75 -34.41
C ILE E 225 51.00 30.89 -33.28
N SER E 226 51.53 31.10 -32.07
CA SER E 226 51.11 30.31 -30.92
C SER E 226 50.81 31.19 -29.71
N ASN E 227 51.59 32.24 -29.51
CA ASN E 227 51.66 32.95 -28.24
C ASN E 227 51.27 34.41 -28.42
N MET E 228 51.34 35.21 -27.35
CA MET E 228 50.86 36.63 -27.42
C MET E 228 52.03 37.62 -27.46
N LYS E 229 53.26 37.23 -27.08
CA LYS E 229 54.37 38.18 -26.98
C LYS E 229 55.00 38.54 -28.31
N ASP E 230 54.37 38.26 -29.46
CA ASP E 230 54.94 38.54 -30.77
C ASP E 230 53.97 39.23 -31.71
N LEU E 231 52.81 39.70 -31.21
CA LEU E 231 51.81 40.32 -32.08
C LEU E 231 51.13 41.53 -31.44
N LEU E 232 51.74 42.16 -30.44
CA LEU E 232 51.15 43.37 -29.87
C LEU E 232 50.97 44.49 -30.89
N PRO E 233 52.00 44.93 -31.62
CA PRO E 233 51.88 46.19 -32.38
C PRO E 233 50.83 46.13 -33.47
N ILE E 234 50.61 44.96 -34.07
CA ILE E 234 49.55 44.84 -35.08
C ILE E 234 48.21 45.13 -34.44
N LEU E 235 47.95 44.54 -33.27
CA LEU E 235 46.70 44.80 -32.58
C LEU E 235 46.56 46.27 -32.21
N GLU E 236 47.64 46.88 -31.70
CA GLU E 236 47.53 48.27 -31.29
C GLU E 236 47.32 49.21 -32.48
N LYS E 237 48.05 49.02 -33.57
CA LYS E 237 47.84 49.88 -34.74
C LYS E 237 46.46 49.66 -35.34
N VAL E 238 45.96 48.43 -35.31
CA VAL E 238 44.61 48.17 -35.82
C VAL E 238 43.58 48.88 -34.94
N ALA E 239 43.73 48.77 -33.62
CA ALA E 239 42.79 49.42 -32.72
C ALA E 239 42.80 50.92 -32.90
N GLN E 240 43.99 51.52 -33.05
CA GLN E 240 44.06 52.95 -33.29
C GLN E 240 43.46 53.31 -34.64
N SER E 241 43.63 52.46 -35.65
CA SER E 241 43.03 52.70 -36.95
C SER E 241 41.52 52.50 -36.93
N GLY E 242 41.02 51.67 -36.01
CA GLY E 242 39.59 51.53 -35.85
C GLY E 242 38.88 50.82 -36.97
N LYS E 243 39.54 49.88 -37.64
CA LYS E 243 38.95 49.05 -38.68
C LYS E 243 39.21 47.58 -38.40
N PRO E 244 38.42 46.66 -38.96
CA PRO E 244 38.66 45.24 -38.71
C PRO E 244 39.93 44.73 -39.38
N LEU E 245 40.38 43.56 -38.91
CA LEU E 245 41.63 42.93 -39.37
C LEU E 245 41.38 41.46 -39.67
N LEU E 246 41.69 41.02 -40.88
CA LEU E 246 41.70 39.62 -41.24
C LEU E 246 43.09 39.06 -40.99
N ILE E 247 43.16 37.90 -40.32
CA ILE E 247 44.41 37.24 -39.98
C ILE E 247 44.58 36.05 -40.91
N ILE E 248 45.76 35.94 -41.51
CA ILE E 248 46.15 34.77 -42.30
C ILE E 248 47.53 34.35 -41.82
N ALA E 249 47.62 33.14 -41.26
CA ALA E 249 48.87 32.59 -40.77
C ALA E 249 48.87 31.09 -41.04
N GLU E 250 50.01 30.45 -40.73
CA GLU E 250 50.10 29.00 -40.92
C GLU E 250 49.13 28.28 -40.01
N ASP E 251 49.16 28.57 -38.72
CA ASP E 251 48.30 27.92 -37.74
C ASP E 251 48.33 28.72 -36.46
N VAL E 252 47.17 28.92 -35.86
CA VAL E 252 47.02 29.61 -34.58
C VAL E 252 46.53 28.59 -33.56
N GLU E 253 47.08 28.64 -32.35
CA GLU E 253 46.75 27.66 -31.33
C GLU E 253 47.15 28.19 -29.95
N GLY E 254 46.34 27.86 -28.95
CA GLY E 254 46.72 28.04 -27.57
C GLY E 254 46.36 29.42 -27.04
N GLU E 255 47.30 30.04 -26.33
CA GLU E 255 47.05 31.35 -25.74
C GLU E 255 46.74 32.40 -26.80
N ALA E 256 47.25 32.20 -28.01
CA ALA E 256 46.83 33.03 -29.13
C ALA E 256 45.31 33.02 -29.29
N LEU E 257 44.74 31.83 -29.51
CA LEU E 257 43.29 31.73 -29.63
C LEU E 257 42.58 32.24 -28.38
N ALA E 258 43.16 31.99 -27.20
CA ALA E 258 42.53 32.49 -25.98
C ALA E 258 42.39 34.01 -26.02
N THR E 259 43.47 34.72 -26.37
CA THR E 259 43.42 36.17 -26.39
C THR E 259 42.53 36.70 -27.51
N LEU E 260 42.58 36.08 -28.70
CA LEU E 260 41.69 36.54 -29.77
C LEU E 260 40.23 36.31 -29.42
N VAL E 261 39.88 35.17 -28.84
CA VAL E 261 38.50 34.95 -28.42
C VAL E 261 38.10 35.96 -27.36
N VAL E 262 39.02 36.27 -26.43
CA VAL E 262 38.70 37.22 -25.37
C VAL E 262 38.42 38.60 -25.96
N ASN E 263 39.30 39.08 -26.84
CA ASN E 263 39.11 40.43 -27.37
C ASN E 263 38.07 40.50 -28.48
N LYS E 264 37.61 39.36 -29.00
CA LYS E 264 36.48 39.35 -29.93
C LYS E 264 35.15 39.33 -29.19
N LEU E 265 34.99 38.39 -28.25
CA LEU E 265 33.73 38.28 -27.53
C LEU E 265 33.42 39.54 -26.74
N ARG E 266 34.45 40.18 -26.17
CA ARG E 266 34.26 41.44 -25.47
C ARG E 266 33.88 42.58 -26.41
N GLY E 267 34.08 42.42 -27.72
CA GLY E 267 33.82 43.50 -28.65
C GLY E 267 34.92 44.53 -28.73
N THR E 268 36.03 44.32 -28.03
CA THR E 268 37.12 45.29 -28.07
C THR E 268 37.74 45.39 -29.46
N LEU E 269 37.88 44.26 -30.15
CA LEU E 269 38.54 44.19 -31.45
C LEU E 269 37.67 43.41 -32.42
N LYS E 270 37.61 43.91 -33.66
CA LYS E 270 36.96 43.21 -34.77
C LYS E 270 38.04 42.50 -35.57
N VAL E 271 38.00 41.16 -35.59
CA VAL E 271 39.06 40.40 -36.20
C VAL E 271 38.52 39.05 -36.67
N CYS E 272 39.04 38.57 -37.79
CA CYS E 272 38.81 37.20 -38.23
C CYS E 272 40.17 36.58 -38.55
N ALA E 273 40.20 35.24 -38.53
CA ALA E 273 41.39 34.49 -38.87
C ALA E 273 41.03 33.39 -39.84
N VAL E 274 41.98 33.01 -40.69
CA VAL E 274 41.83 31.86 -41.58
C VAL E 274 43.21 31.25 -41.75
N LYS E 275 43.28 29.91 -41.82
CA LYS E 275 44.55 29.25 -42.07
C LYS E 275 45.07 29.60 -43.45
N ALA E 276 46.39 29.66 -43.57
CA ALA E 276 47.00 29.93 -44.86
C ALA E 276 46.70 28.78 -45.82
N PRO E 277 46.44 29.06 -47.11
CA PRO E 277 46.21 28.00 -48.14
C PRO E 277 47.48 27.67 -48.91
N GLY E 278 47.77 26.39 -49.15
CA GLY E 278 48.88 25.94 -49.98
C GLY E 278 49.78 24.97 -49.26
N PHE E 279 51.00 24.75 -49.77
CA PHE E 279 51.90 23.74 -49.21
C PHE E 279 53.34 24.08 -49.56
N GLY E 280 54.14 24.40 -48.54
CA GLY E 280 55.55 24.68 -48.71
C GLY E 280 55.85 25.75 -49.74
N ASP E 281 56.56 25.36 -50.80
CA ASP E 281 56.82 26.29 -51.89
C ASP E 281 55.54 26.73 -52.56
N ARG E 282 54.59 25.81 -52.65
CA ARG E 282 53.28 26.08 -53.30
C ARG E 282 52.51 27.03 -52.35
N ARG E 283 52.75 27.01 -51.04
CA ARG E 283 52.18 27.96 -50.07
C ARG E 283 52.80 29.33 -50.24
N LYS E 284 54.13 29.38 -50.36
CA LYS E 284 54.80 30.66 -50.51
C LYS E 284 54.35 31.36 -51.78
N ALA E 285 54.25 30.61 -52.89
CA ALA E 285 53.83 31.21 -54.15
C ALA E 285 52.40 31.73 -54.07
N MET E 286 51.48 30.93 -53.52
CA MET E 286 50.08 31.36 -53.53
C MET E 286 49.85 32.46 -52.52
N LEU E 287 50.58 32.47 -51.40
CA LEU E 287 50.49 33.58 -50.48
C LEU E 287 51.03 34.85 -51.10
N GLU E 288 52.09 34.75 -51.90
CA GLU E 288 52.54 35.91 -52.67
C GLU E 288 51.45 36.38 -53.61
N ASP E 289 50.71 35.44 -54.21
CA ASP E 289 49.59 35.82 -55.06
C ASP E 289 48.50 36.56 -54.27
N ILE E 290 48.15 36.07 -53.08
CA ILE E 290 47.11 36.77 -52.30
C ILE E 290 47.62 38.14 -51.89
N ALA E 291 48.92 38.24 -51.57
CA ALA E 291 49.50 39.52 -51.19
C ALA E 291 49.39 40.53 -52.32
N ILE E 292 49.78 40.13 -53.53
CA ILE E 292 49.69 41.08 -54.65
C ILE E 292 48.24 41.42 -54.94
N LEU E 293 47.32 40.49 -54.68
CA LEU E 293 45.90 40.82 -54.85
C LEU E 293 45.49 41.92 -53.88
N THR E 294 45.81 41.76 -52.59
CA THR E 294 45.39 42.73 -51.59
C THR E 294 46.33 43.94 -51.51
N GLY E 295 47.42 43.95 -52.26
CA GLY E 295 48.29 45.10 -52.33
C GLY E 295 49.31 45.22 -51.21
N GLY E 296 49.22 44.38 -50.18
CA GLY E 296 50.20 44.38 -49.11
C GLY E 296 51.48 43.67 -49.53
N THR E 297 52.18 43.15 -48.52
CA THR E 297 53.36 42.34 -48.74
C THR E 297 53.39 41.21 -47.72
N VAL E 298 54.11 40.14 -48.07
CA VAL E 298 54.24 39.01 -47.17
C VAL E 298 55.17 39.36 -46.02
N ILE E 299 54.88 38.80 -44.86
CA ILE E 299 55.74 38.90 -43.68
C ILE E 299 56.39 37.53 -43.49
N SER E 300 57.65 37.42 -43.90
CA SER E 300 58.36 36.16 -43.94
C SER E 300 59.77 36.32 -43.40
N GLU E 301 60.27 35.27 -42.74
CA GLU E 301 61.66 35.25 -42.29
C GLU E 301 62.64 35.03 -43.43
N GLU E 302 62.16 34.56 -44.59
CA GLU E 302 63.04 34.45 -45.75
C GLU E 302 63.54 35.82 -46.19
N THR E 303 62.68 36.83 -46.09
CA THR E 303 63.05 38.21 -46.39
C THR E 303 63.31 39.03 -45.12
N GLY E 304 63.46 38.39 -43.97
CA GLY E 304 63.91 39.07 -42.77
C GLY E 304 62.95 40.10 -42.21
N TYR E 305 61.68 39.75 -42.10
CA TYR E 305 60.66 40.63 -41.52
C TYR E 305 60.07 39.95 -40.28
N LYS E 306 60.01 40.71 -39.18
CA LYS E 306 59.43 40.27 -37.92
C LYS E 306 58.06 40.92 -37.76
N LEU E 307 57.12 40.16 -37.18
CA LEU E 307 55.73 40.61 -37.13
C LEU E 307 55.57 41.92 -36.38
N GLU E 308 56.44 42.19 -35.41
CA GLU E 308 56.48 43.52 -34.82
C GLU E 308 56.80 44.58 -35.86
N ASN E 309 57.71 44.26 -36.80
CA ASN E 309 58.16 45.21 -37.79
C ASN E 309 57.11 45.51 -38.85
N ALA E 310 56.09 44.67 -38.99
CA ALA E 310 55.06 44.87 -40.01
C ALA E 310 54.29 46.15 -39.72
N THR E 311 54.43 47.13 -40.62
CA THR E 311 53.81 48.44 -40.45
C THR E 311 52.50 48.50 -41.25
N LEU E 312 51.90 49.68 -41.35
CA LEU E 312 50.66 49.83 -42.09
C LEU E 312 50.86 49.55 -43.57
N ASP E 313 51.98 50.01 -44.14
CA ASP E 313 52.18 49.92 -45.58
C ASP E 313 52.30 48.47 -46.06
N TYR E 314 53.00 47.63 -45.31
CA TYR E 314 53.11 46.21 -45.69
C TYR E 314 51.77 45.50 -45.62
N LEU E 315 50.89 45.95 -44.73
CA LEU E 315 49.61 45.28 -44.52
C LEU E 315 48.72 45.41 -45.75
N GLY E 316 47.79 44.47 -45.89
CA GLY E 316 46.88 44.42 -47.02
C GLY E 316 45.50 44.96 -46.66
N ARG E 317 44.77 45.41 -47.68
CA ARG E 317 43.49 46.07 -47.53
C ARG E 317 42.47 45.48 -48.49
N ALA E 318 41.20 45.46 -48.06
CA ALA E 318 40.10 44.99 -48.87
C ALA E 318 38.82 45.64 -48.37
N LYS E 319 37.72 45.39 -49.08
CA LYS E 319 36.43 46.01 -48.75
C LYS E 319 35.58 45.13 -47.83
N ARG E 320 35.29 43.90 -48.23
CA ARG E 320 34.44 43.01 -47.46
C ARG E 320 34.93 41.58 -47.61
N VAL E 321 34.99 40.86 -46.50
CA VAL E 321 35.44 39.47 -46.48
C VAL E 321 34.48 38.65 -45.64
N THR E 322 34.17 37.45 -46.12
CA THR E 322 33.18 36.58 -45.51
C THR E 322 33.86 35.28 -45.11
N ILE E 323 33.66 34.86 -43.86
CA ILE E 323 34.24 33.65 -43.30
C ILE E 323 33.10 32.72 -42.92
N ASP E 324 33.18 31.48 -43.35
CA ASP E 324 32.25 30.44 -42.94
C ASP E 324 33.04 29.22 -42.45
N LYS E 325 32.33 28.11 -42.24
CA LYS E 325 32.97 26.90 -41.74
C LYS E 325 33.97 26.34 -42.75
N ASP E 326 33.66 26.45 -44.04
CA ASP E 326 34.46 25.81 -45.09
C ASP E 326 35.48 26.80 -45.66
N ASN E 327 35.00 27.88 -46.27
CA ASN E 327 35.81 28.70 -47.16
C ASN E 327 35.66 30.19 -46.84
N THR E 328 36.23 31.05 -47.69
CA THR E 328 36.06 32.49 -47.53
C THR E 328 36.33 33.19 -48.85
N THR E 329 35.81 34.42 -48.96
CA THR E 329 35.81 35.19 -50.20
C THR E 329 36.45 36.55 -49.98
N ILE E 330 37.22 36.97 -50.98
CA ILE E 330 37.91 38.27 -50.99
C ILE E 330 37.31 39.06 -52.14
N VAL E 331 36.91 40.30 -51.87
CA VAL E 331 36.29 41.17 -52.86
C VAL E 331 36.92 42.56 -52.79
N ASP E 332 37.21 43.12 -53.96
CA ASP E 332 37.89 44.42 -54.08
C ASP E 332 39.20 44.43 -53.29
N GLY E 333 40.04 43.45 -53.58
CA GLY E 333 41.38 43.45 -53.03
C GLY E 333 42.15 44.68 -53.47
N ALA E 334 42.46 45.57 -52.53
CA ALA E 334 43.02 46.87 -52.86
C ALA E 334 44.46 46.68 -53.31
N GLY E 335 44.62 46.46 -54.62
CA GLY E 335 45.93 46.25 -55.19
C GLY E 335 46.01 46.89 -56.58
N ASP E 336 47.25 47.13 -57.00
CA ASP E 336 47.51 47.84 -58.24
C ASP E 336 47.16 46.95 -59.43
N LYS E 337 46.15 47.35 -60.20
CA LYS E 337 45.63 46.46 -61.24
C LYS E 337 46.66 46.25 -62.35
N GLU E 338 47.57 47.22 -62.56
CA GLU E 338 48.71 46.96 -63.42
C GLU E 338 49.48 45.74 -62.94
N ASP E 339 49.78 45.70 -61.64
CA ASP E 339 50.48 44.55 -61.08
C ASP E 339 49.64 43.29 -61.15
N ILE E 340 48.31 43.41 -61.11
CA ILE E 340 47.47 42.23 -61.23
C ILE E 340 47.63 41.60 -62.61
N LYS E 341 47.51 42.40 -63.68
CA LYS E 341 47.75 41.80 -64.99
C LYS E 341 49.20 41.41 -65.19
N ALA E 342 50.14 42.07 -64.51
CA ALA E 342 51.54 41.64 -64.58
C ALA E 342 51.68 40.24 -63.99
N ARG E 343 51.02 39.97 -62.87
CA ARG E 343 51.06 38.65 -62.28
C ARG E 343 50.38 37.63 -63.18
N VAL E 344 49.29 38.02 -63.84
CA VAL E 344 48.62 37.11 -64.76
C VAL E 344 49.57 36.73 -65.89
N ASN E 345 50.27 37.72 -66.45
CA ASN E 345 51.24 37.43 -67.49
C ASN E 345 52.37 36.54 -66.97
N GLN E 346 52.82 36.78 -65.74
CA GLN E 346 53.84 35.93 -65.15
C GLN E 346 53.36 34.49 -65.05
N ILE E 347 52.11 34.30 -64.63
CA ILE E 347 51.58 32.95 -64.50
C ILE E 347 51.47 32.29 -65.86
N LYS E 348 51.14 33.07 -66.90
CA LYS E 348 51.06 32.46 -68.22
C LYS E 348 52.44 32.09 -68.76
N LYS E 349 53.46 32.91 -68.49
CA LYS E 349 54.82 32.50 -68.84
C LYS E 349 55.20 31.22 -68.10
N GLN E 350 54.86 31.11 -66.82
CA GLN E 350 55.11 29.88 -66.10
C GLN E 350 54.34 28.72 -66.70
N ILE E 351 53.15 28.98 -67.24
CA ILE E 351 52.34 27.92 -67.83
C ILE E 351 53.01 27.37 -69.08
N GLU E 352 53.45 28.24 -69.99
CA GLU E 352 54.13 27.72 -71.16
C GLU E 352 55.52 27.18 -70.83
N ASN E 353 56.11 27.60 -69.71
CA ASN E 353 57.45 27.12 -69.36
C ASN E 353 57.43 25.71 -68.77
N THR E 354 56.43 25.37 -67.96
CA THR E 354 56.47 24.13 -67.21
C THR E 354 56.31 22.92 -68.10
N THR E 355 56.61 21.75 -67.55
CA THR E 355 56.67 20.49 -68.29
C THR E 355 55.77 19.40 -67.74
N SER E 356 55.69 19.23 -66.43
CA SER E 356 54.99 18.10 -65.84
C SER E 356 53.51 18.38 -65.69
N ASP E 357 52.70 17.34 -65.91
CA ASP E 357 51.25 17.50 -65.98
C ASP E 357 50.68 18.05 -64.67
N TYR E 358 51.17 17.58 -63.53
CA TYR E 358 50.70 18.10 -62.26
C TYR E 358 51.04 19.58 -62.10
N ASP E 359 52.25 19.98 -62.49
CA ASP E 359 52.59 21.39 -62.46
C ASP E 359 51.67 22.18 -63.39
N ARG E 360 51.38 21.63 -64.57
CA ARG E 360 50.45 22.31 -65.47
C ARG E 360 49.09 22.48 -64.83
N GLU E 361 48.58 21.46 -64.13
CA GLU E 361 47.24 21.60 -63.60
C GLU E 361 47.20 22.59 -62.43
N LYS E 362 48.21 22.61 -61.56
CA LYS E 362 48.16 23.62 -60.50
C LYS E 362 48.31 25.02 -61.08
N LEU E 363 49.16 25.18 -62.09
CA LEU E 363 49.32 26.49 -62.68
C LEU E 363 48.05 26.96 -63.40
N GLN E 364 47.37 26.05 -64.09
CA GLN E 364 46.11 26.39 -64.73
C GLN E 364 45.06 26.75 -63.68
N GLU E 365 45.07 26.02 -62.56
CA GLU E 365 44.13 26.29 -61.44
C GLU E 365 44.43 27.68 -60.87
N ARG E 366 45.71 28.05 -60.75
CA ARG E 366 46.10 29.38 -60.30
C ARG E 366 45.63 30.47 -61.24
N LEU E 367 45.85 30.27 -62.55
CA LEU E 367 45.44 31.26 -63.53
C LEU E 367 43.93 31.45 -63.51
N ALA E 368 43.18 30.34 -63.62
CA ALA E 368 41.73 30.42 -63.63
C ALA E 368 41.17 31.01 -62.35
N LYS E 369 41.88 30.86 -61.22
CA LYS E 369 41.37 31.38 -59.96
C LYS E 369 41.73 32.84 -59.75
N LEU E 370 42.84 33.31 -60.32
CA LEU E 370 43.30 34.68 -60.10
C LEU E 370 42.80 35.64 -61.17
N ALA E 371 42.80 35.25 -62.44
CA ALA E 371 42.35 36.13 -63.49
C ALA E 371 40.83 36.30 -63.50
N GLY E 372 40.09 35.30 -63.05
CA GLY E 372 38.64 35.38 -63.14
C GLY E 372 38.05 36.47 -62.27
N GLY E 373 38.55 36.61 -61.05
CA GLY E 373 37.97 37.54 -60.11
C GLY E 373 36.66 37.02 -59.53
N VAL E 374 35.93 37.93 -58.92
CA VAL E 374 34.66 37.62 -58.25
C VAL E 374 33.60 38.55 -58.81
N ALA E 375 32.39 38.00 -58.95
CA ALA E 375 31.22 38.75 -59.39
C ALA E 375 30.37 39.08 -58.17
N VAL E 376 29.95 40.34 -58.08
CA VAL E 376 29.18 40.84 -56.95
C VAL E 376 27.81 41.24 -57.47
N ILE E 377 26.76 40.87 -56.73
CA ILE E 377 25.38 41.21 -57.05
C ILE E 377 24.86 42.09 -55.94
N LYS E 378 24.78 43.40 -56.20
CA LYS E 378 24.31 44.38 -55.22
C LYS E 378 22.80 44.48 -55.39
N VAL E 379 22.08 43.54 -54.78
CA VAL E 379 20.63 43.51 -54.88
C VAL E 379 20.06 44.75 -54.20
N GLY E 380 19.15 45.43 -54.89
CA GLY E 380 18.54 46.65 -54.39
C GLY E 380 17.03 46.61 -54.47
N ALA E 381 16.36 47.35 -53.60
CA ALA E 381 14.91 47.36 -53.55
C ALA E 381 14.48 48.72 -52.99
N ALA E 382 13.19 48.83 -52.61
CA ALA E 382 12.67 50.09 -52.11
C ALA E 382 13.09 50.34 -50.66
N THR E 383 12.84 49.39 -49.77
CA THR E 383 12.97 49.56 -48.34
C THR E 383 13.81 48.43 -47.74
N GLU E 384 13.87 48.40 -46.41
CA GLU E 384 14.85 47.55 -45.72
C GLU E 384 14.49 46.08 -45.80
N VAL E 385 13.36 45.69 -45.19
CA VAL E 385 13.08 44.27 -44.98
C VAL E 385 12.73 43.60 -46.30
N GLU E 386 12.08 44.32 -47.22
CA GLU E 386 11.89 43.79 -48.56
C GLU E 386 13.23 43.52 -49.23
N MET E 387 14.20 44.41 -49.06
CA MET E 387 15.52 44.16 -49.62
C MET E 387 16.15 42.93 -48.99
N LYS E 388 16.00 42.78 -47.67
CA LYS E 388 16.61 41.64 -46.99
C LYS E 388 16.00 40.32 -47.45
N GLU E 389 14.68 40.27 -47.60
CA GLU E 389 14.07 39.04 -48.06
C GLU E 389 14.37 38.80 -49.53
N LYS E 390 14.56 39.89 -50.30
CA LYS E 390 15.06 39.75 -51.66
C LYS E 390 16.43 39.12 -51.68
N LYS E 391 17.32 39.57 -50.79
CA LYS E 391 18.61 38.91 -50.61
C LYS E 391 18.44 37.43 -50.32
N ALA E 392 17.50 37.08 -49.44
CA ALA E 392 17.31 35.69 -49.09
C ALA E 392 16.96 34.85 -50.32
N ARG E 393 15.96 35.31 -51.10
CA ARG E 393 15.61 34.55 -52.29
C ARG E 393 16.75 34.55 -53.30
N VAL E 394 17.54 35.62 -53.34
CA VAL E 394 18.69 35.66 -54.24
C VAL E 394 19.69 34.58 -53.87
N GLU E 395 19.95 34.43 -52.57
CA GLU E 395 20.89 33.41 -52.11
C GLU E 395 20.39 32.01 -52.45
N ASP E 396 19.11 31.75 -52.22
CA ASP E 396 18.60 30.41 -52.56
C ASP E 396 18.65 30.19 -54.07
N ALA E 397 18.37 31.22 -54.87
CA ALA E 397 18.45 31.08 -56.31
C ALA E 397 19.87 30.79 -56.76
N LEU E 398 20.84 31.46 -56.15
CA LEU E 398 22.24 31.23 -56.50
C LEU E 398 22.65 29.79 -56.19
N HIS E 399 22.31 29.31 -54.99
CA HIS E 399 22.66 27.94 -54.65
C HIS E 399 21.97 26.94 -55.57
N ALA E 400 20.68 27.17 -55.86
CA ALA E 400 19.94 26.25 -56.70
C ALA E 400 20.51 26.20 -58.11
N THR E 401 20.79 27.36 -58.70
CA THR E 401 21.28 27.36 -60.07
C THR E 401 22.71 26.82 -60.14
N ARG E 402 23.52 27.06 -59.11
CA ARG E 402 24.86 26.47 -59.11
C ARG E 402 24.77 24.95 -59.06
N ALA E 403 23.90 24.40 -58.20
CA ALA E 403 23.75 22.95 -58.16
C ALA E 403 23.22 22.41 -59.47
N ALA E 404 22.26 23.11 -60.07
CA ALA E 404 21.66 22.67 -61.32
C ALA E 404 22.70 22.61 -62.43
N VAL E 405 23.56 23.63 -62.52
CA VAL E 405 24.64 23.55 -63.49
C VAL E 405 25.64 22.47 -63.11
N GLU E 406 25.78 22.17 -61.81
CA GLU E 406 26.78 21.21 -61.39
C GLU E 406 26.42 19.80 -61.85
N GLU E 407 25.14 19.40 -61.71
CA GLU E 407 24.72 18.07 -62.17
C GLU E 407 23.34 18.07 -62.82
N GLY E 408 22.92 19.15 -63.44
CA GLY E 408 21.66 19.12 -64.15
C GLY E 408 20.46 19.14 -63.22
N ILE E 409 19.29 18.82 -63.81
CA ILE E 409 18.01 18.90 -63.13
C ILE E 409 17.20 17.65 -63.40
N VAL E 410 16.33 17.31 -62.46
CA VAL E 410 15.46 16.13 -62.54
C VAL E 410 14.07 16.57 -62.11
N PRO E 411 13.00 15.91 -62.59
CA PRO E 411 11.66 16.28 -62.12
C PRO E 411 11.51 16.08 -60.61
N GLY E 412 11.17 17.17 -59.93
CA GLY E 412 11.09 17.17 -58.48
C GLY E 412 9.73 16.71 -57.99
N GLY E 413 9.46 17.00 -56.73
CA GLY E 413 8.22 16.58 -56.11
C GLY E 413 8.15 15.11 -55.80
N GLY E 414 9.28 14.43 -55.68
CA GLY E 414 9.29 13.02 -55.36
C GLY E 414 9.10 12.08 -56.54
N VAL E 415 9.00 12.61 -57.76
CA VAL E 415 8.79 11.75 -58.92
C VAL E 415 10.11 11.22 -59.47
N ALA E 416 11.22 11.91 -59.22
CA ALA E 416 12.52 11.43 -59.71
C ALA E 416 12.87 10.08 -59.09
N LEU E 417 12.66 9.95 -57.78
CA LEU E 417 13.05 8.71 -57.11
C LEU E 417 12.14 7.55 -57.52
N ILE E 418 10.87 7.82 -57.82
CA ILE E 418 10.01 6.80 -58.38
C ILE E 418 10.53 6.37 -59.75
N ARG E 419 10.77 7.35 -60.62
CA ARG E 419 11.21 7.01 -61.97
C ARG E 419 12.65 6.52 -62.02
N ALA E 420 13.40 6.68 -60.93
CA ALA E 420 14.74 6.11 -60.83
C ALA E 420 14.72 4.65 -60.39
N ALA E 421 13.58 4.14 -59.95
CA ALA E 421 13.47 2.76 -59.50
C ALA E 421 13.45 1.75 -60.64
N LYS E 422 13.39 2.21 -61.90
CA LYS E 422 13.43 1.28 -63.02
C LYS E 422 14.73 0.48 -63.08
N ALA E 423 15.81 1.02 -62.53
CA ALA E 423 17.10 0.33 -62.60
C ALA E 423 17.18 -0.87 -61.67
N LEU E 424 16.30 -0.95 -60.67
CA LEU E 424 16.30 -2.06 -59.71
C LEU E 424 15.39 -3.20 -60.11
N GLU E 425 14.84 -3.17 -61.33
CA GLU E 425 13.83 -4.17 -61.70
C GLU E 425 14.45 -5.55 -61.85
N ASN E 426 15.63 -5.63 -62.48
CA ASN E 426 16.28 -6.90 -62.79
C ASN E 426 17.70 -6.96 -62.21
N LEU E 427 17.92 -6.33 -61.07
CA LEU E 427 19.21 -6.36 -60.37
C LEU E 427 19.05 -7.29 -59.17
N GLU E 428 19.75 -8.43 -59.23
CA GLU E 428 19.67 -9.46 -58.20
C GLU E 428 21.03 -9.60 -57.52
N GLY E 429 20.98 -9.93 -56.23
CA GLY E 429 22.18 -9.96 -55.40
C GLY E 429 22.83 -11.33 -55.35
N GLU E 430 23.80 -11.45 -54.45
CA GLU E 430 24.51 -12.72 -54.30
C GLU E 430 23.63 -13.76 -53.63
N ASN E 431 22.86 -13.37 -52.62
CA ASN E 431 21.92 -14.28 -51.97
C ASN E 431 20.64 -13.54 -51.63
N GLY E 432 19.68 -14.25 -51.03
CA GLY E 432 18.35 -13.70 -50.82
C GLY E 432 18.32 -12.48 -49.93
N ASP E 433 19.26 -12.37 -48.98
CA ASP E 433 19.28 -11.22 -48.09
C ASP E 433 19.55 -9.94 -48.87
N GLN E 434 20.48 -9.98 -49.83
CA GLN E 434 20.75 -8.80 -50.64
C GLN E 434 19.54 -8.43 -51.49
N LYS E 435 18.80 -9.44 -51.97
CA LYS E 435 17.59 -9.16 -52.71
C LYS E 435 16.55 -8.50 -51.81
N THR E 436 16.47 -8.94 -50.55
CA THR E 436 15.60 -8.28 -49.60
C THR E 436 16.01 -6.82 -49.40
N GLY E 437 17.31 -6.57 -49.33
CA GLY E 437 17.78 -5.20 -49.21
C GLY E 437 17.42 -4.36 -50.42
N VAL E 438 17.55 -4.92 -51.62
CA VAL E 438 17.17 -4.20 -52.83
C VAL E 438 15.69 -3.89 -52.82
N LYS E 439 14.88 -4.84 -52.39
CA LYS E 439 13.44 -4.61 -52.27
C LYS E 439 13.15 -3.50 -51.28
N ILE E 440 13.89 -3.48 -50.17
CA ILE E 440 13.69 -2.45 -49.15
C ILE E 440 14.01 -1.08 -49.74
N VAL E 441 15.11 -0.97 -50.48
CA VAL E 441 15.48 0.31 -51.06
C VAL E 441 14.44 0.74 -52.08
N ARG E 442 13.97 -0.19 -52.92
CA ARG E 442 12.97 0.16 -53.92
C ARG E 442 11.68 0.65 -53.27
N ARG E 443 11.23 -0.03 -52.21
CA ARG E 443 10.01 0.39 -51.53
C ARG E 443 10.21 1.73 -50.84
N ALA E 444 11.40 2.00 -50.31
CA ALA E 444 11.68 3.23 -49.61
C ALA E 444 11.84 4.43 -50.54
N LEU E 445 12.17 4.20 -51.81
CA LEU E 445 12.26 5.31 -52.76
C LEU E 445 10.90 5.96 -53.00
N GLU E 446 9.80 5.26 -52.70
CA GLU E 446 8.48 5.82 -52.87
C GLU E 446 8.03 6.68 -51.70
N GLU E 447 8.73 6.61 -50.56
CA GLU E 447 8.28 7.34 -49.38
C GLU E 447 8.28 8.85 -49.55
N PRO E 448 9.25 9.48 -50.22
CA PRO E 448 9.14 10.94 -50.42
C PRO E 448 7.89 11.37 -51.19
N LEU E 449 7.57 10.69 -52.29
CA LEU E 449 6.34 11.03 -53.01
C LEU E 449 5.13 10.74 -52.14
N ARG E 450 5.17 9.66 -51.38
CA ARG E 450 4.06 9.31 -50.51
C ARG E 450 3.84 10.38 -49.44
N GLN E 451 4.90 10.93 -48.89
CA GLN E 451 4.73 11.94 -47.85
C GLN E 451 4.34 13.30 -48.42
N ILE E 452 4.89 13.69 -49.58
CA ILE E 452 4.46 14.96 -50.17
C ILE E 452 2.98 14.89 -50.56
N VAL E 453 2.50 13.74 -51.03
CA VAL E 453 1.08 13.64 -51.37
C VAL E 453 0.22 13.42 -50.13
N ALA E 454 0.75 12.83 -49.06
CA ALA E 454 -0.03 12.61 -47.85
C ALA E 454 -0.12 13.83 -46.96
N ASN E 455 0.84 14.76 -47.06
CA ASN E 455 0.72 16.01 -46.34
C ASN E 455 -0.47 16.81 -46.82
N ALA E 456 -0.86 16.65 -48.08
CA ALA E 456 -2.06 17.27 -48.61
C ALA E 456 -3.33 16.51 -48.23
N GLY E 457 -3.21 15.41 -47.48
CA GLY E 457 -4.38 14.69 -47.03
C GLY E 457 -5.03 13.80 -48.05
N LEU E 458 -4.39 13.59 -49.21
CA LEU E 458 -4.89 12.68 -50.22
C LEU E 458 -4.31 11.29 -50.00
N GLU E 459 -5.04 10.28 -50.47
CA GLU E 459 -4.55 8.92 -50.43
C GLU E 459 -3.32 8.79 -51.31
N GLY E 460 -2.20 8.39 -50.71
CA GLY E 460 -0.95 8.36 -51.44
C GLY E 460 -0.79 7.17 -52.36
N SER E 461 -1.49 6.08 -52.05
CA SER E 461 -1.34 4.87 -52.86
C SER E 461 -1.79 5.10 -54.29
N VAL E 462 -2.94 5.75 -54.47
CA VAL E 462 -3.45 5.99 -55.82
C VAL E 462 -2.48 6.87 -56.60
N VAL E 463 -1.98 7.93 -55.96
CA VAL E 463 -1.14 8.89 -56.67
C VAL E 463 0.20 8.27 -57.03
N VAL E 464 0.83 7.54 -56.10
CA VAL E 464 2.10 6.92 -56.41
C VAL E 464 1.91 5.83 -57.46
N ASN E 465 0.80 5.10 -57.42
CA ASN E 465 0.57 4.05 -58.41
C ASN E 465 0.44 4.64 -59.81
N LYS E 466 -0.45 5.61 -59.98
CA LYS E 466 -0.65 6.15 -61.33
C LYS E 466 0.45 7.12 -61.73
N VAL E 467 1.34 7.49 -60.82
CA VAL E 467 2.61 8.08 -61.21
C VAL E 467 3.54 7.00 -61.76
N LYS E 468 3.57 5.83 -61.12
CA LYS E 468 4.44 4.76 -61.57
C LYS E 468 4.06 4.26 -62.96
N GLU E 469 2.76 4.16 -63.25
CA GLU E 469 2.38 3.73 -64.60
C GLU E 469 2.75 4.76 -65.67
N GLY E 470 3.06 5.99 -65.28
CA GLY E 470 3.56 6.96 -66.24
C GLY E 470 4.98 6.67 -66.66
N LYS E 471 5.38 7.31 -67.75
CA LYS E 471 6.75 7.14 -68.28
C LYS E 471 7.33 8.53 -68.45
N GLY E 472 8.63 8.61 -68.58
CA GLY E 472 9.28 9.88 -68.83
C GLY E 472 9.13 10.80 -67.65
N ASN E 473 8.88 12.08 -67.95
CA ASN E 473 8.78 13.11 -66.91
C ASN E 473 7.35 13.32 -66.44
N PHE E 474 6.47 12.34 -66.66
CA PHE E 474 5.12 12.42 -66.11
C PHE E 474 5.20 12.38 -64.59
N GLY E 475 4.40 13.22 -63.94
CA GLY E 475 4.45 13.27 -62.49
C GLY E 475 3.29 14.07 -61.94
N TYR E 476 3.32 14.22 -60.61
CA TYR E 476 2.25 14.86 -59.86
C TYR E 476 2.73 16.19 -59.29
N ASN E 477 2.00 17.25 -59.58
CA ASN E 477 2.25 18.56 -59.01
C ASN E 477 1.29 18.74 -57.83
N ALA E 478 1.85 18.71 -56.61
CA ALA E 478 1.03 18.87 -55.42
C ALA E 478 0.42 20.25 -55.33
N ARG E 479 0.97 21.24 -56.03
CA ARG E 479 0.46 22.60 -55.90
C ARG E 479 -0.89 22.76 -56.58
N THR E 480 -1.04 22.21 -57.78
CA THR E 480 -2.23 22.43 -58.60
C THR E 480 -3.01 21.15 -58.91
N GLU E 481 -2.68 20.03 -58.26
CA GLU E 481 -3.43 18.77 -58.39
C GLU E 481 -3.40 18.21 -59.81
N GLU E 482 -2.56 18.75 -60.70
CA GLU E 482 -2.51 18.38 -62.10
C GLU E 482 -1.52 17.22 -62.27
N TYR E 483 -1.44 16.67 -63.47
CA TYR E 483 -0.64 15.48 -63.75
C TYR E 483 0.22 15.69 -64.99
N ASP E 484 0.90 16.84 -65.04
CA ASP E 484 1.96 17.09 -66.00
C ASP E 484 3.09 17.81 -65.29
N LEU E 485 4.33 17.45 -65.65
CA LEU E 485 5.51 17.95 -64.94
C LEU E 485 6.68 18.31 -65.84
N ILE E 486 6.52 18.29 -67.16
CA ILE E 486 7.66 18.50 -68.06
C ILE E 486 8.07 19.96 -67.97
N GLU E 487 7.18 20.85 -68.38
CA GLU E 487 7.39 22.30 -68.31
C GLU E 487 6.58 22.96 -67.21
N ALA E 488 6.01 22.18 -66.30
CA ALA E 488 5.18 22.75 -65.25
C ALA E 488 5.97 23.67 -64.33
N GLY E 489 7.28 23.45 -64.23
CA GLY E 489 8.15 24.39 -63.56
C GLY E 489 8.35 24.17 -62.08
N VAL E 490 8.36 22.91 -61.63
CA VAL E 490 8.85 22.56 -60.30
C VAL E 490 9.85 21.43 -60.49
N ILE E 491 11.09 21.67 -60.09
CA ILE E 491 12.20 20.77 -60.37
C ILE E 491 13.22 20.91 -59.26
N ASP E 492 13.98 19.83 -59.03
CA ASP E 492 15.03 19.78 -58.04
C ASP E 492 16.36 19.47 -58.72
N PRO E 493 17.49 20.00 -58.24
CA PRO E 493 18.77 19.60 -58.83
C PRO E 493 19.03 18.12 -58.61
N ALA E 494 19.72 17.51 -59.58
CA ALA E 494 20.08 16.10 -59.43
C ALA E 494 21.03 15.91 -58.27
N LYS E 495 21.91 16.88 -58.03
CA LYS E 495 22.91 16.75 -56.98
C LYS E 495 22.26 16.59 -55.61
N VAL E 496 21.22 17.37 -55.31
CA VAL E 496 20.63 17.30 -53.97
C VAL E 496 19.92 15.97 -53.77
N THR E 497 19.22 15.47 -54.80
CA THR E 497 18.55 14.18 -54.66
C THR E 497 19.58 13.06 -54.48
N ARG E 498 20.66 13.10 -55.27
CA ARG E 498 21.72 12.10 -55.12
C ARG E 498 22.29 12.14 -53.71
N THR E 499 22.61 13.34 -53.22
CA THR E 499 23.24 13.44 -51.91
C THR E 499 22.30 12.98 -50.82
N ALA E 500 21.00 13.29 -50.94
CA ALA E 500 20.04 12.83 -49.95
C ALA E 500 19.97 11.31 -49.94
N LEU E 501 19.92 10.70 -51.13
CA LEU E 501 19.84 9.24 -51.19
C LEU E 501 21.09 8.60 -50.58
N GLN E 502 22.27 9.08 -50.95
CA GLN E 502 23.50 8.50 -50.41
C GLN E 502 23.62 8.70 -48.91
N ASN E 503 23.25 9.87 -48.40
CA ASN E 503 23.30 10.09 -46.95
C ASN E 503 22.33 9.16 -46.23
N ALA E 504 21.13 9.00 -46.76
CA ALA E 504 20.16 8.10 -46.13
C ALA E 504 20.67 6.68 -46.13
N ALA E 505 21.26 6.24 -47.24
CA ALA E 505 21.82 4.89 -47.31
C ALA E 505 22.94 4.71 -46.31
N SER E 506 23.83 5.71 -46.20
CA SER E 506 24.94 5.60 -45.28
C SER E 506 24.48 5.48 -43.83
N ILE E 507 23.56 6.36 -43.42
CA ILE E 507 23.11 6.28 -42.03
C ILE E 507 22.30 5.01 -41.80
N ALA E 508 21.53 4.55 -42.79
CA ALA E 508 20.79 3.32 -42.62
C ALA E 508 21.73 2.14 -42.44
N GLY E 509 22.79 2.06 -43.24
CA GLY E 509 23.77 1.02 -43.04
C GLY E 509 24.47 1.11 -41.71
N MET E 510 24.77 2.34 -41.26
CA MET E 510 25.42 2.51 -39.97
C MET E 510 24.54 2.03 -38.83
N LEU E 511 23.25 2.36 -38.87
CA LEU E 511 22.34 1.99 -37.79
C LEU E 511 21.95 0.53 -37.84
N LEU E 512 21.81 -0.06 -39.03
CA LEU E 512 21.43 -1.47 -39.10
C LEU E 512 22.55 -2.38 -38.64
N THR E 513 23.81 -1.94 -38.76
CA THR E 513 24.98 -2.73 -38.41
C THR E 513 25.55 -2.33 -37.06
N THR E 514 24.68 -1.99 -36.12
CA THR E 514 25.06 -1.57 -34.78
C THR E 514 24.65 -2.64 -33.78
N GLU E 515 25.51 -2.88 -32.78
CA GLU E 515 25.27 -3.89 -31.77
C GLU E 515 25.42 -3.38 -30.34
N CYS E 516 25.92 -2.15 -30.15
CA CYS E 516 26.16 -1.64 -28.80
C CYS E 516 26.08 -0.12 -28.83
N VAL E 517 25.52 0.45 -27.77
CA VAL E 517 25.38 1.89 -27.62
C VAL E 517 25.82 2.26 -26.20
N ILE E 518 26.68 3.26 -26.09
CA ILE E 518 27.26 3.66 -24.81
C ILE E 518 26.87 5.12 -24.58
N THR E 519 26.13 5.38 -23.50
CA THR E 519 25.69 6.70 -23.11
C THR E 519 25.93 6.91 -21.62
N GLU E 520 26.08 8.18 -21.23
CA GLU E 520 26.45 8.52 -19.87
C GLU E 520 25.21 8.68 -19.01
N LYS E 521 25.27 8.15 -17.79
CA LYS E 521 24.17 8.27 -16.85
C LYS E 521 23.95 9.74 -16.50
N PRO E 522 22.70 10.24 -16.47
CA PRO E 522 22.41 11.65 -16.08
C PRO E 522 23.01 11.96 -14.71
N ALA F 1 16.59 18.44 -23.24
CA ALA F 1 15.43 17.51 -23.11
C ALA F 1 14.14 18.25 -23.47
N LYS F 2 13.40 17.72 -24.44
CA LYS F 2 12.22 18.39 -24.97
C LYS F 2 11.13 17.38 -25.27
N GLN F 3 9.90 17.72 -24.91
CA GLN F 3 8.75 16.88 -25.15
C GLN F 3 8.14 17.25 -26.50
N ILE F 4 7.80 16.22 -27.29
CA ILE F 4 7.26 16.41 -28.63
C ILE F 4 5.94 15.65 -28.71
N LYS F 5 4.85 16.39 -28.90
CA LYS F 5 3.56 15.81 -29.18
C LYS F 5 3.33 15.81 -30.70
N PHE F 6 2.36 15.01 -31.13
CA PHE F 6 2.12 14.81 -32.55
C PHE F 6 0.63 14.69 -32.83
N ASP F 7 0.22 15.22 -33.98
CA ASP F 7 -1.09 14.96 -34.56
C ASP F 7 -2.24 15.37 -33.62
N THR F 8 -3.24 14.50 -33.43
CA THR F 8 -4.43 14.91 -32.70
C THR F 8 -4.11 15.24 -31.24
N ASP F 9 -3.09 14.61 -30.67
CA ASP F 9 -2.70 14.94 -29.30
C ASP F 9 -2.23 16.39 -29.21
N ALA F 10 -1.35 16.79 -30.13
CA ALA F 10 -0.87 18.17 -30.16
C ALA F 10 -2.02 19.13 -30.42
N ARG F 11 -2.90 18.80 -31.36
CA ARG F 11 -4.00 19.71 -31.67
C ARG F 11 -4.96 19.82 -30.50
N ASN F 12 -5.20 18.74 -29.77
CA ASN F 12 -6.08 18.81 -28.60
C ASN F 12 -5.46 19.64 -27.50
N ALA F 13 -4.16 19.52 -27.28
CA ALA F 13 -3.51 20.37 -26.28
C ALA F 13 -3.60 21.84 -26.67
N LEU F 14 -3.39 22.14 -27.94
CA LEU F 14 -3.52 23.52 -28.40
C LEU F 14 -4.95 24.00 -28.23
N LEU F 15 -5.93 23.16 -28.55
CA LEU F 15 -7.32 23.50 -28.32
C LEU F 15 -7.59 23.82 -26.87
N ARG F 16 -7.05 23.02 -25.95
CA ARG F 16 -7.29 23.27 -24.54
C ARG F 16 -6.71 24.60 -24.11
N GLY F 17 -5.50 24.91 -24.58
CA GLY F 17 -4.91 26.20 -24.24
C GLY F 17 -5.72 27.37 -24.77
N VAL F 18 -6.11 27.30 -26.05
CA VAL F 18 -6.90 28.38 -26.63
C VAL F 18 -8.26 28.48 -25.96
N ASP F 19 -8.84 27.35 -25.55
CA ASP F 19 -10.13 27.40 -24.87
C ASP F 19 -10.00 28.11 -23.53
N LYS F 20 -8.95 27.82 -22.78
CA LYS F 20 -8.78 28.50 -21.49
C LYS F 20 -8.56 30.00 -21.70
N LEU F 21 -7.74 30.37 -22.68
CA LEU F 21 -7.52 31.79 -22.94
C LEU F 21 -8.81 32.48 -23.35
N ALA F 22 -9.55 31.88 -24.28
CA ALA F 22 -10.78 32.50 -24.76
C ALA F 22 -11.81 32.61 -23.65
N ASP F 23 -11.94 31.56 -22.83
CA ASP F 23 -12.89 31.61 -21.73
C ASP F 23 -12.53 32.72 -20.75
N ALA F 24 -11.24 32.91 -20.49
CA ALA F 24 -10.84 34.04 -19.67
C ALA F 24 -11.17 35.37 -20.34
N VAL F 25 -10.99 35.46 -21.65
CA VAL F 25 -11.11 36.74 -22.35
C VAL F 25 -12.53 37.01 -22.83
N LYS F 26 -13.27 35.96 -23.20
CA LYS F 26 -14.57 36.16 -23.85
C LYS F 26 -15.69 36.48 -22.87
N VAL F 27 -15.45 36.41 -21.57
CA VAL F 27 -16.47 36.83 -20.60
C VAL F 27 -16.60 38.33 -20.49
N THR F 28 -15.61 39.09 -20.97
CA THR F 28 -15.61 40.54 -20.85
C THR F 28 -16.15 41.24 -22.10
N LEU F 29 -16.63 40.49 -23.09
CA LEU F 29 -17.13 41.08 -24.32
C LEU F 29 -18.48 41.72 -24.07
N GLY F 30 -18.79 42.76 -24.86
CA GLY F 30 -20.09 43.36 -24.86
C GLY F 30 -20.21 44.48 -23.84
N PRO F 31 -21.23 45.32 -23.97
CA PRO F 31 -21.39 46.44 -23.04
C PRO F 31 -21.76 46.01 -21.64
N LYS F 32 -22.29 44.81 -21.46
CA LYS F 32 -22.69 44.29 -20.16
C LYS F 32 -21.81 43.11 -19.78
N GLY F 33 -20.51 43.23 -20.05
CA GLY F 33 -19.59 42.19 -19.71
C GLY F 33 -19.40 42.06 -18.21
N ARG F 34 -18.94 40.88 -17.81
CA ARG F 34 -18.80 40.51 -16.42
C ARG F 34 -17.34 40.70 -15.98
N ASN F 35 -17.12 40.70 -14.67
CA ASN F 35 -15.84 41.06 -14.08
C ASN F 35 -14.88 39.88 -14.07
N VAL F 36 -13.58 40.20 -13.96
CA VAL F 36 -12.52 39.23 -13.81
C VAL F 36 -11.58 39.73 -12.73
N ILE F 37 -11.21 38.87 -11.79
CA ILE F 37 -10.36 39.24 -10.66
C ILE F 37 -8.95 38.76 -11.00
N ILE F 38 -7.96 39.62 -10.79
CA ILE F 38 -6.57 39.34 -11.17
C ILE F 38 -5.68 39.57 -9.95
N GLU F 39 -4.68 38.70 -9.78
CA GLU F 39 -3.74 38.82 -8.69
C GLU F 39 -2.77 39.98 -8.91
N LYS F 40 -2.22 40.48 -7.81
CA LYS F 40 -1.10 41.39 -7.84
C LYS F 40 -0.23 41.09 -6.63
N LYS F 41 1.09 41.08 -6.86
CA LYS F 41 2.00 40.68 -5.78
C LYS F 41 2.04 41.71 -4.67
N PHE F 42 1.81 42.98 -4.97
CA PHE F 42 1.83 44.06 -3.99
C PHE F 42 0.54 44.85 -4.12
N GLY F 43 -0.40 44.61 -3.21
CA GLY F 43 -1.64 45.36 -3.12
C GLY F 43 -2.85 44.46 -3.30
N ALA F 44 -4.01 45.11 -3.37
CA ALA F 44 -5.25 44.38 -3.50
C ALA F 44 -5.42 43.83 -4.91
N PRO F 45 -6.28 42.83 -5.10
CA PRO F 45 -6.58 42.38 -6.46
C PRO F 45 -7.35 43.44 -7.24
N THR F 46 -7.26 43.34 -8.56
CA THR F 46 -7.81 44.32 -9.49
C THR F 46 -8.96 43.72 -10.29
N ILE F 47 -10.02 44.49 -10.43
CA ILE F 47 -11.17 44.12 -11.26
C ILE F 47 -11.01 44.80 -12.62
N THR F 48 -11.19 44.04 -13.68
CA THR F 48 -10.98 44.50 -15.04
C THR F 48 -12.09 44.00 -15.95
N LYS F 49 -12.75 44.93 -16.63
CA LYS F 49 -13.71 44.61 -17.68
C LYS F 49 -13.10 44.71 -19.08
N ASP F 50 -11.81 45.03 -19.19
CA ASP F 50 -11.15 45.20 -20.47
C ASP F 50 -10.51 43.87 -20.84
N GLY F 51 -10.84 43.37 -22.03
CA GLY F 51 -10.34 42.08 -22.46
C GLY F 51 -8.85 42.06 -22.74
N VAL F 52 -8.27 43.19 -23.14
CA VAL F 52 -6.84 43.20 -23.40
C VAL F 52 -6.07 42.97 -22.11
N THR F 53 -6.49 43.63 -21.02
CA THR F 53 -5.78 43.50 -19.76
C THR F 53 -5.82 42.07 -19.24
N VAL F 54 -6.96 41.40 -19.38
CA VAL F 54 -7.03 39.99 -18.99
C VAL F 54 -6.12 39.17 -19.87
N ALA F 55 -6.13 39.42 -21.18
CA ALA F 55 -5.34 38.61 -22.11
C ALA F 55 -3.85 38.72 -21.83
N LYS F 56 -3.36 39.91 -21.48
CA LYS F 56 -1.94 40.09 -21.21
C LYS F 56 -1.47 39.34 -19.96
N GLU F 57 -2.36 38.88 -19.11
CA GLU F 57 -1.95 38.29 -17.81
C GLU F 57 -2.37 36.83 -17.76
N ILE F 58 -2.39 36.15 -18.89
CA ILE F 58 -2.73 34.72 -19.01
C ILE F 58 -1.49 33.97 -19.46
N GLU F 59 -0.97 33.10 -18.61
CA GLU F 59 -0.09 32.03 -19.03
C GLU F 59 -0.47 30.78 -18.26
N LEU F 60 -0.21 29.62 -18.87
CA LEU F 60 -0.68 28.34 -18.39
C LEU F 60 0.51 27.46 -17.99
N GLU F 61 0.29 26.63 -16.98
CA GLU F 61 1.37 25.78 -16.46
C GLU F 61 1.86 24.81 -17.51
N ASP F 62 0.95 24.06 -18.12
CA ASP F 62 1.34 23.07 -19.12
C ASP F 62 1.91 23.79 -20.33
N PRO F 63 3.16 23.53 -20.75
CA PRO F 63 3.68 24.26 -21.91
C PRO F 63 2.90 23.99 -23.19
N PHE F 64 2.32 22.81 -23.34
CA PHE F 64 1.58 22.49 -24.56
C PHE F 64 0.34 23.35 -24.70
N GLU F 65 -0.21 23.84 -23.60
CA GLU F 65 -1.37 24.73 -23.63
C GLU F 65 -0.96 26.20 -23.68
N ASN F 66 0.12 26.55 -22.98
CA ASN F 66 0.67 27.90 -23.11
C ASN F 66 1.08 28.19 -24.55
N MET F 67 1.47 27.16 -25.29
CA MET F 67 1.70 27.25 -26.73
C MET F 67 0.53 27.93 -27.44
N GLY F 68 -0.64 27.31 -27.38
CA GLY F 68 -1.80 27.87 -28.04
C GLY F 68 -2.23 29.20 -27.46
N ALA F 69 -2.11 29.36 -26.14
CA ALA F 69 -2.47 30.63 -25.52
C ALA F 69 -1.64 31.77 -26.08
N GLN F 70 -0.31 31.60 -26.12
CA GLN F 70 0.55 32.67 -26.62
C GLN F 70 0.38 32.86 -28.12
N MET F 71 0.11 31.78 -28.86
CA MET F 71 -0.18 31.94 -30.29
C MET F 71 -1.38 32.86 -30.50
N VAL F 72 -2.49 32.59 -29.82
CA VAL F 72 -3.68 33.40 -30.02
C VAL F 72 -3.44 34.82 -29.51
N LYS F 73 -2.72 34.97 -28.40
CA LYS F 73 -2.45 36.31 -27.89
C LYS F 73 -1.63 37.13 -28.88
N GLU F 74 -0.62 36.51 -29.49
CA GLU F 74 0.22 37.24 -30.42
C GLU F 74 -0.57 37.59 -31.68
N VAL F 75 -1.38 36.65 -32.18
CA VAL F 75 -2.09 36.91 -33.43
C VAL F 75 -3.16 37.98 -33.21
N ALA F 76 -3.97 37.83 -32.16
CA ALA F 76 -5.07 38.76 -31.92
C ALA F 76 -4.60 40.18 -31.61
N SER F 77 -3.41 40.33 -31.03
CA SER F 77 -2.91 41.65 -30.66
C SER F 77 -2.48 42.48 -31.87
N LYS F 78 -2.46 41.91 -33.06
CA LYS F 78 -2.06 42.65 -34.25
C LYS F 78 -3.07 43.68 -34.69
N THR F 79 -4.28 43.69 -34.12
CA THR F 79 -5.28 44.66 -34.48
C THR F 79 -4.83 46.09 -34.13
N SER F 80 -5.22 47.04 -34.98
CA SER F 80 -4.85 48.43 -34.75
C SER F 80 -5.50 48.99 -33.50
N ASP F 81 -6.78 48.72 -33.30
CA ASP F 81 -7.49 49.23 -32.13
C ASP F 81 -6.91 48.60 -30.87
N VAL F 82 -6.84 49.40 -29.81
CA VAL F 82 -6.40 48.95 -28.49
C VAL F 82 -7.37 49.35 -27.38
N ALA F 83 -8.45 50.08 -27.71
CA ALA F 83 -9.40 50.46 -26.68
C ALA F 83 -10.12 49.24 -26.12
N GLY F 84 -10.62 48.37 -26.99
CA GLY F 84 -11.31 47.18 -26.55
C GLY F 84 -12.20 46.64 -27.63
N ASP F 85 -12.66 45.40 -27.41
CA ASP F 85 -13.59 44.69 -28.29
C ASP F 85 -12.98 44.34 -29.64
N GLY F 86 -11.66 44.51 -29.80
CA GLY F 86 -10.97 44.12 -31.02
C GLY F 86 -10.22 42.83 -30.84
N THR F 87 -9.50 42.72 -29.72
CA THR F 87 -8.82 41.48 -29.40
C THR F 87 -9.78 40.42 -28.87
N THR F 88 -10.78 40.85 -28.10
CA THR F 88 -11.77 39.91 -27.60
C THR F 88 -12.56 39.28 -28.75
N THR F 89 -12.95 40.09 -29.74
CA THR F 89 -13.66 39.56 -30.89
C THR F 89 -12.79 38.58 -31.67
N ALA F 90 -11.53 38.93 -31.88
CA ALA F 90 -10.63 38.04 -32.61
C ALA F 90 -10.45 36.73 -31.86
N THR F 91 -10.27 36.80 -30.54
CA THR F 91 -10.09 35.58 -29.75
C THR F 91 -11.34 34.71 -29.81
N VAL F 92 -12.53 35.32 -29.71
CA VAL F 92 -13.77 34.55 -29.77
C VAL F 92 -13.91 33.86 -31.12
N LEU F 93 -13.65 34.61 -32.20
CA LEU F 93 -13.77 34.02 -33.53
C LEU F 93 -12.77 32.90 -33.73
N ALA F 94 -11.53 33.10 -33.26
CA ALA F 94 -10.52 32.05 -33.39
C ALA F 94 -10.91 30.80 -32.62
N GLN F 95 -11.41 30.99 -31.39
CA GLN F 95 -11.81 29.84 -30.58
C GLN F 95 -12.93 29.07 -31.26
N ALA F 96 -13.93 29.78 -31.79
CA ALA F 96 -15.04 29.12 -32.45
C ALA F 96 -14.58 28.33 -33.68
N ILE F 97 -13.82 29.00 -34.56
CA ILE F 97 -13.40 28.34 -35.79
C ILE F 97 -12.51 27.15 -35.47
N VAL F 98 -11.61 27.28 -34.50
CA VAL F 98 -10.69 26.20 -34.19
C VAL F 98 -11.45 25.01 -33.62
N ARG F 99 -12.42 25.25 -32.73
CA ARG F 99 -13.18 24.14 -32.17
C ARG F 99 -13.95 23.41 -33.26
N GLU F 100 -14.68 24.15 -34.10
CA GLU F 100 -15.47 23.47 -35.13
C GLU F 100 -14.56 22.76 -36.14
N GLY F 101 -13.44 23.36 -36.48
CA GLY F 101 -12.52 22.73 -37.41
C GLY F 101 -11.93 21.44 -36.86
N LEU F 102 -11.54 21.46 -35.59
CA LEU F 102 -11.00 20.23 -35.00
C LEU F 102 -12.08 19.16 -34.88
N LYS F 103 -13.30 19.54 -34.52
CA LYS F 103 -14.39 18.57 -34.45
C LYS F 103 -14.63 17.93 -35.81
N ASN F 104 -14.59 18.72 -36.88
CA ASN F 104 -14.77 18.16 -38.21
C ASN F 104 -13.56 17.37 -38.68
N VAL F 105 -12.35 17.75 -38.24
CA VAL F 105 -11.15 17.00 -38.59
C VAL F 105 -11.21 15.62 -37.97
N ALA F 106 -11.71 15.52 -36.74
CA ALA F 106 -11.96 14.20 -36.17
C ALA F 106 -12.97 13.41 -36.97
N ALA F 107 -13.87 14.08 -37.68
CA ALA F 107 -14.84 13.44 -38.55
C ALA F 107 -14.29 13.15 -39.94
N GLY F 108 -12.98 13.17 -40.12
CA GLY F 108 -12.35 12.75 -41.35
C GLY F 108 -12.18 13.83 -42.40
N ALA F 109 -12.48 15.08 -42.09
CA ALA F 109 -12.34 16.16 -43.06
C ALA F 109 -10.86 16.44 -43.33
N ASN F 110 -10.57 16.70 -44.60
CA ASN F 110 -9.21 17.09 -44.98
C ASN F 110 -8.89 18.43 -44.33
N PRO F 111 -7.84 18.54 -43.50
CA PRO F 111 -7.56 19.84 -42.88
C PRO F 111 -7.20 20.93 -43.87
N MET F 112 -6.43 20.61 -44.92
CA MET F 112 -6.06 21.64 -45.88
C MET F 112 -7.28 22.17 -46.61
N ASP F 113 -8.22 21.30 -46.95
CA ASP F 113 -9.45 21.77 -47.58
C ASP F 113 -10.25 22.66 -46.64
N LEU F 114 -10.29 22.33 -45.35
CA LEU F 114 -10.96 23.18 -44.39
C LEU F 114 -10.31 24.56 -44.33
N LYS F 115 -8.99 24.61 -44.31
CA LYS F 115 -8.29 25.88 -44.29
C LYS F 115 -8.59 26.67 -45.56
N ARG F 116 -8.59 26.00 -46.72
CA ARG F 116 -8.84 26.70 -47.96
C ARG F 116 -10.26 27.27 -47.98
N GLY F 117 -11.23 26.49 -47.51
CA GLY F 117 -12.60 26.98 -47.47
C GLY F 117 -12.75 28.15 -46.51
N ILE F 118 -12.06 28.10 -45.37
CA ILE F 118 -12.09 29.22 -44.44
C ILE F 118 -11.53 30.47 -45.11
N ASP F 119 -10.44 30.31 -45.85
CA ASP F 119 -9.85 31.46 -46.53
C ASP F 119 -10.80 32.04 -47.57
N LYS F 120 -11.42 31.18 -48.39
CA LYS F 120 -12.37 31.68 -49.39
C LYS F 120 -13.53 32.41 -48.75
N ALA F 121 -14.13 31.81 -47.73
CA ALA F 121 -15.29 32.45 -47.12
C ALA F 121 -14.91 33.72 -46.37
N VAL F 122 -13.70 33.78 -45.81
CA VAL F 122 -13.27 35.01 -45.16
C VAL F 122 -13.05 36.10 -46.19
N GLU F 123 -12.54 35.74 -47.37
CA GLU F 123 -12.46 36.70 -48.46
C GLU F 123 -13.84 37.22 -48.82
N ALA F 124 -14.83 36.32 -48.88
CA ALA F 124 -16.19 36.73 -49.18
C ALA F 124 -16.72 37.68 -48.12
N VAL F 125 -16.45 37.38 -46.85
CA VAL F 125 -16.95 38.24 -45.77
C VAL F 125 -16.32 39.62 -45.84
N VAL F 126 -15.01 39.70 -46.12
CA VAL F 126 -14.40 41.02 -46.17
C VAL F 126 -14.93 41.81 -47.35
N GLU F 127 -15.17 41.14 -48.49
CA GLU F 127 -15.78 41.84 -49.62
C GLU F 127 -17.17 42.35 -49.26
N GLU F 128 -17.95 41.53 -48.56
CA GLU F 128 -19.28 41.94 -48.15
C GLU F 128 -19.21 43.14 -47.21
N LEU F 129 -18.28 43.13 -46.25
CA LEU F 129 -18.15 44.24 -45.32
C LEU F 129 -17.70 45.51 -46.02
N LYS F 130 -16.80 45.39 -47.00
CA LYS F 130 -16.49 46.54 -47.86
C LYS F 130 -17.74 47.08 -48.52
N LYS F 131 -18.60 46.19 -49.01
CA LYS F 131 -19.85 46.63 -49.64
C LYS F 131 -20.79 47.27 -48.62
N MET F 132 -20.73 46.86 -47.36
CA MET F 132 -21.77 47.20 -46.39
C MET F 132 -21.50 48.52 -45.69
N ALA F 133 -20.23 48.85 -45.46
CA ALA F 133 -19.89 49.95 -44.57
C ALA F 133 -20.33 51.29 -45.14
N LYS F 134 -20.79 52.17 -44.24
CA LYS F 134 -21.13 53.55 -44.58
C LYS F 134 -19.84 54.38 -44.58
N PRO F 135 -19.50 55.08 -45.67
CA PRO F 135 -18.32 55.95 -45.60
C PRO F 135 -18.55 57.14 -44.68
N VAL F 136 -17.47 57.63 -44.10
CA VAL F 136 -17.48 58.77 -43.18
C VAL F 136 -16.51 59.79 -43.73
N ASN F 137 -17.03 60.82 -44.39
CA ASN F 137 -16.21 61.92 -44.89
C ASN F 137 -17.08 63.18 -44.95
N GLY F 138 -16.79 64.13 -44.07
CA GLY F 138 -17.62 65.30 -43.89
C GLY F 138 -17.75 65.65 -42.41
N LYS F 139 -17.45 66.91 -42.09
CA LYS F 139 -17.18 67.30 -40.70
C LYS F 139 -18.34 66.98 -39.78
N GLU F 140 -19.57 67.06 -40.27
CA GLU F 140 -20.73 66.75 -39.43
C GLU F 140 -20.68 65.31 -38.95
N GLU F 141 -20.49 64.36 -39.87
CA GLU F 141 -20.44 62.97 -39.43
C GLU F 141 -19.11 62.58 -38.79
N ILE F 142 -18.01 63.29 -39.07
CA ILE F 142 -16.83 63.08 -38.24
C ILE F 142 -17.14 63.45 -36.79
N ALA F 143 -17.82 64.57 -36.60
CA ALA F 143 -18.20 64.97 -35.24
C ALA F 143 -19.14 63.95 -34.62
N GLN F 144 -20.10 63.45 -35.39
CA GLN F 144 -21.06 62.49 -34.84
C GLN F 144 -20.36 61.21 -34.40
N VAL F 145 -19.55 60.61 -35.28
CA VAL F 145 -18.86 59.39 -34.92
C VAL F 145 -17.89 59.62 -33.76
N ALA F 146 -17.26 60.80 -33.72
CA ALA F 146 -16.43 61.13 -32.56
C ALA F 146 -17.26 61.14 -31.29
N THR F 147 -18.46 61.69 -31.35
CA THR F 147 -19.33 61.70 -30.17
C THR F 147 -19.70 60.29 -29.73
N ILE F 148 -20.01 59.41 -30.68
CA ILE F 148 -20.33 58.03 -30.29
C ILE F 148 -19.12 57.38 -29.63
N SER F 149 -17.93 57.60 -30.19
CA SER F 149 -16.74 57.01 -29.58
C SER F 149 -16.45 57.57 -28.20
N ALA F 150 -16.69 58.87 -27.99
CA ALA F 150 -16.27 59.57 -26.78
C ALA F 150 -17.37 59.60 -25.72
N ASN F 151 -18.22 58.57 -25.68
CA ASN F 151 -19.27 58.46 -24.67
C ASN F 151 -20.24 59.63 -24.70
N ASN F 152 -20.57 60.09 -25.91
CA ASN F 152 -21.64 61.06 -26.12
C ASN F 152 -21.39 62.38 -25.38
N ASP F 153 -20.35 63.08 -25.81
CA ASP F 153 -20.05 64.40 -25.25
C ASP F 153 -19.63 65.26 -26.45
N PRO F 154 -20.45 66.20 -26.91
CA PRO F 154 -20.09 66.94 -28.14
C PRO F 154 -18.80 67.75 -28.07
N GLU F 155 -18.25 68.07 -26.90
CA GLU F 155 -17.07 68.93 -26.87
C GLU F 155 -15.88 68.26 -27.54
N ILE F 156 -15.57 67.02 -27.17
CA ILE F 156 -14.45 66.35 -27.82
C ILE F 156 -14.77 66.05 -29.27
N GLY F 157 -16.04 65.80 -29.60
CA GLY F 157 -16.38 65.57 -30.99
C GLY F 157 -16.08 66.78 -31.86
N LYS F 158 -16.51 67.96 -31.41
CA LYS F 158 -16.21 69.18 -32.15
C LYS F 158 -14.71 69.42 -32.22
N LEU F 159 -14.04 69.19 -31.08
CA LEU F 159 -12.57 69.39 -30.98
C LEU F 159 -11.85 68.53 -32.01
N ILE F 160 -12.17 67.23 -32.13
CA ILE F 160 -11.48 66.33 -33.03
C ILE F 160 -11.92 66.52 -34.48
N ALA F 161 -13.18 66.86 -34.72
CA ALA F 161 -13.61 67.16 -36.08
C ALA F 161 -12.86 68.36 -36.63
N GLU F 162 -12.74 69.43 -35.82
CA GLU F 162 -12.00 70.60 -36.27
C GLU F 162 -10.54 70.24 -36.52
N ALA F 163 -9.94 69.43 -35.64
CA ALA F 163 -8.54 69.06 -35.81
C ALA F 163 -8.32 68.29 -37.10
N MET F 164 -9.14 67.27 -37.34
CA MET F 164 -8.95 66.45 -38.52
C MET F 164 -9.29 67.24 -39.79
N GLU F 165 -10.22 68.18 -39.70
CA GLU F 165 -10.44 69.08 -40.83
C GLU F 165 -9.20 69.92 -41.10
N LYS F 166 -8.58 70.45 -40.06
CA LYS F 166 -7.47 71.37 -40.26
C LYS F 166 -6.23 70.66 -40.81
N VAL F 167 -5.84 69.55 -40.21
CA VAL F 167 -4.58 68.92 -40.61
C VAL F 167 -4.77 67.99 -41.79
N GLY F 168 -5.99 67.53 -42.04
CA GLY F 168 -6.30 66.67 -43.17
C GLY F 168 -6.42 65.21 -42.75
N LYS F 169 -6.90 64.41 -43.71
CA LYS F 169 -7.15 62.99 -43.43
C LYS F 169 -5.85 62.24 -43.17
N ASP F 170 -4.86 62.41 -44.04
CA ASP F 170 -3.62 61.66 -43.96
C ASP F 170 -2.62 62.24 -42.97
N GLY F 171 -2.95 63.36 -42.32
CA GLY F 171 -2.06 63.95 -41.35
C GLY F 171 -2.05 63.20 -40.04
N VAL F 172 -1.27 63.73 -39.10
CA VAL F 172 -1.04 63.10 -37.80
C VAL F 172 -1.53 64.01 -36.70
N ILE F 173 -2.20 63.41 -35.72
CA ILE F 173 -2.67 64.08 -34.51
C ILE F 173 -1.80 63.57 -33.37
N THR F 174 -1.37 64.49 -32.50
CA THR F 174 -0.76 64.15 -31.23
C THR F 174 -1.48 64.88 -30.12
N VAL F 175 -1.56 64.23 -28.96
CA VAL F 175 -2.28 64.76 -27.81
C VAL F 175 -1.27 64.90 -26.68
N GLU F 176 -1.26 66.07 -26.04
CA GLU F 176 -0.29 66.41 -25.01
C GLU F 176 -1.01 66.86 -23.75
N GLU F 177 -0.46 66.43 -22.61
CA GLU F 177 -1.04 66.72 -21.30
C GLU F 177 -0.87 68.20 -21.02
N SER F 178 -1.95 68.86 -20.59
CA SER F 178 -1.95 70.29 -20.44
C SER F 178 -1.65 70.72 -19.01
N LYS F 179 -1.37 72.01 -18.87
CA LYS F 179 -1.29 72.67 -17.57
C LYS F 179 -2.33 73.77 -17.42
N SER F 180 -3.23 73.93 -18.37
CA SER F 180 -4.28 74.94 -18.35
C SER F 180 -5.64 74.26 -18.25
N THR F 181 -6.60 74.97 -17.68
CA THR F 181 -7.96 74.47 -17.59
C THR F 181 -8.64 74.37 -18.95
N GLU F 182 -8.29 75.23 -19.90
CA GLU F 182 -8.93 75.25 -21.20
C GLU F 182 -8.30 74.22 -22.13
N THR F 183 -9.13 73.69 -23.04
CA THR F 183 -8.69 72.77 -24.06
C THR F 183 -8.48 73.54 -25.36
N THR F 184 -7.26 73.47 -25.90
CA THR F 184 -6.86 74.28 -27.04
C THR F 184 -6.36 73.41 -28.17
N LEU F 185 -6.56 73.91 -29.39
CA LEU F 185 -6.17 73.23 -30.62
C LEU F 185 -5.29 74.19 -31.41
N ASP F 186 -4.16 73.68 -31.91
CA ASP F 186 -3.33 74.46 -32.81
C ASP F 186 -2.53 73.51 -33.69
N VAL F 187 -2.18 73.98 -34.88
CA VAL F 187 -1.43 73.20 -35.86
C VAL F 187 -0.12 73.94 -36.10
N VAL F 188 0.98 73.21 -36.02
CA VAL F 188 2.31 73.77 -36.26
C VAL F 188 3.21 72.66 -36.80
N GLU F 189 4.39 73.06 -37.24
CA GLU F 189 5.33 72.15 -37.87
C GLU F 189 5.74 70.99 -36.95
N GLY F 190 5.98 69.84 -37.57
CA GLY F 190 6.49 68.67 -36.89
C GLY F 190 6.76 67.58 -37.90
N MET F 191 7.22 66.42 -37.40
CA MET F 191 7.61 65.31 -38.27
C MET F 191 7.09 64.02 -37.65
N GLN F 192 7.03 62.97 -38.48
CA GLN F 192 6.55 61.66 -38.03
C GLN F 192 7.11 60.60 -38.96
N PHE F 193 7.82 59.61 -38.41
CA PHE F 193 8.42 58.53 -39.18
C PHE F 193 7.92 57.20 -38.66
N ASP F 194 7.92 56.20 -39.53
CA ASP F 194 7.46 54.85 -39.19
C ASP F 194 8.60 54.02 -38.60
N ARG F 195 9.28 54.57 -37.60
CA ARG F 195 10.45 53.95 -36.98
C ARG F 195 10.49 54.38 -35.53
N GLY F 196 10.78 53.44 -34.64
CA GLY F 196 10.59 53.63 -33.20
C GLY F 196 11.77 53.15 -32.39
N TYR F 197 11.45 52.59 -31.22
CA TYR F 197 12.47 52.19 -30.25
C TYR F 197 13.46 51.19 -30.83
N LEU F 198 14.59 51.06 -30.13
CA LEU F 198 15.66 50.15 -30.51
C LEU F 198 16.13 49.24 -29.38
N SER F 199 15.66 49.45 -28.15
CA SER F 199 16.02 48.58 -27.04
C SER F 199 14.85 48.60 -26.06
N PRO F 200 14.35 47.45 -25.61
CA PRO F 200 13.09 47.44 -24.86
C PRO F 200 13.17 48.15 -23.51
N TYR F 201 14.38 48.33 -22.97
CA TYR F 201 14.56 49.00 -21.68
C TYR F 201 14.55 50.51 -21.81
N PHE F 202 14.16 51.06 -22.97
CA PHE F 202 14.12 52.49 -23.19
C PHE F 202 12.70 53.05 -23.16
N VAL F 203 11.69 52.22 -22.86
CA VAL F 203 10.35 52.73 -22.67
C VAL F 203 10.27 53.45 -21.34
N THR F 204 9.75 54.69 -21.37
CA THR F 204 9.46 55.44 -20.16
C THR F 204 8.02 55.23 -19.72
N ASP F 205 7.06 55.60 -20.56
CA ASP F 205 5.65 55.39 -20.26
C ASP F 205 5.38 53.94 -20.63
N SER F 206 5.60 53.04 -19.67
CA SER F 206 5.36 51.62 -19.87
C SER F 206 3.88 51.27 -19.84
N GLU F 207 3.03 52.14 -19.29
CA GLU F 207 1.60 51.88 -19.28
C GLU F 207 1.06 51.76 -20.71
N LYS F 208 1.53 52.63 -21.61
CA LYS F 208 1.11 52.65 -23.01
C LYS F 208 2.24 52.31 -23.96
N MET F 209 3.34 51.73 -23.45
CA MET F 209 4.45 51.26 -24.29
C MET F 209 5.02 52.37 -25.17
N GLU F 210 5.26 53.54 -24.57
CA GLU F 210 5.87 54.67 -25.26
C GLU F 210 6.97 55.28 -24.41
N ALA F 211 7.97 55.83 -25.09
CA ALA F 211 9.02 56.63 -24.48
C ALA F 211 8.88 58.07 -24.97
N VAL F 212 9.02 59.03 -24.06
CA VAL F 212 8.83 60.43 -24.37
C VAL F 212 9.99 61.22 -23.79
N LEU F 213 10.47 62.20 -24.55
CA LEU F 213 11.54 63.10 -24.13
C LEU F 213 11.05 64.52 -24.20
N GLU F 214 11.01 65.20 -23.06
CA GLU F 214 10.62 66.60 -22.99
C GLU F 214 11.83 67.48 -23.29
N ASN F 215 11.73 68.30 -24.32
CA ASN F 215 12.79 69.24 -24.70
C ASN F 215 14.09 68.50 -25.00
N PRO F 216 14.13 67.71 -26.06
CA PRO F 216 15.31 66.91 -26.36
C PRO F 216 16.28 67.65 -27.29
N TYR F 217 17.51 67.17 -27.31
CA TYR F 217 18.48 67.50 -28.33
C TYR F 217 18.38 66.45 -29.42
N ILE F 218 18.45 66.88 -30.69
CA ILE F 218 18.36 65.99 -31.83
C ILE F 218 19.66 66.09 -32.60
N LEU F 219 20.35 64.96 -32.75
CA LEU F 219 21.55 64.86 -33.57
C LEU F 219 21.23 64.18 -34.89
N ILE F 220 21.99 64.55 -35.92
CA ILE F 220 21.73 64.14 -37.29
C ILE F 220 23.01 63.48 -37.80
N TYR F 221 23.01 62.15 -37.86
CA TYR F 221 24.19 61.38 -38.24
C TYR F 221 23.86 60.42 -39.37
N ASP F 222 24.89 60.07 -40.14
CA ASP F 222 24.76 59.34 -41.40
C ASP F 222 25.24 57.90 -41.32
N LYS F 223 26.18 57.58 -40.44
CA LYS F 223 26.81 56.27 -40.37
C LYS F 223 26.43 55.56 -39.08
N LYS F 224 27.04 54.40 -38.86
CA LYS F 224 26.73 53.57 -37.72
C LYS F 224 27.50 54.04 -36.49
N ILE F 225 27.05 53.61 -35.32
CA ILE F 225 27.71 53.89 -34.06
C ILE F 225 27.82 52.58 -33.29
N SER F 226 29.04 52.24 -32.86
CA SER F 226 29.31 50.96 -32.22
C SER F 226 29.99 51.08 -30.88
N ASN F 227 30.93 52.01 -30.72
CA ASN F 227 31.93 51.97 -29.65
C ASN F 227 31.88 53.24 -28.80
N MET F 228 32.62 53.19 -27.69
CA MET F 228 32.71 54.32 -26.77
C MET F 228 33.47 55.49 -27.38
N LYS F 229 34.49 55.21 -28.17
CA LYS F 229 35.58 56.14 -28.46
C LYS F 229 35.25 57.20 -29.51
N ASP F 230 33.97 57.45 -29.78
CA ASP F 230 33.57 58.48 -30.75
C ASP F 230 32.49 59.40 -30.21
N LEU F 231 31.96 59.15 -29.01
CA LEU F 231 30.74 59.79 -28.53
C LEU F 231 30.85 60.38 -27.13
N LEU F 232 31.99 60.23 -26.45
CA LEU F 232 32.07 60.67 -25.06
C LEU F 232 31.81 62.16 -24.87
N PRO F 233 32.45 63.08 -25.60
CA PRO F 233 32.23 64.51 -25.31
C PRO F 233 30.82 64.97 -25.57
N ILE F 234 30.12 64.37 -26.53
CA ILE F 234 28.77 64.81 -26.85
C ILE F 234 27.84 64.52 -25.68
N LEU F 235 27.86 63.29 -25.16
CA LEU F 235 27.01 62.98 -24.03
C LEU F 235 27.50 63.66 -22.76
N GLU F 236 28.81 63.95 -22.65
CA GLU F 236 29.29 64.74 -21.52
C GLU F 236 28.66 66.13 -21.53
N LYS F 237 28.64 66.77 -22.69
CA LYS F 237 28.03 68.10 -22.78
C LYS F 237 26.52 68.03 -22.60
N VAL F 238 25.89 66.94 -23.05
CA VAL F 238 24.46 66.79 -22.84
C VAL F 238 24.16 66.69 -21.35
N ALA F 239 24.94 65.89 -20.62
CA ALA F 239 24.78 65.80 -19.18
C ALA F 239 25.03 67.14 -18.51
N GLN F 240 26.05 67.88 -18.96
CA GLN F 240 26.33 69.19 -18.38
C GLN F 240 25.15 70.14 -18.60
N SER F 241 24.63 70.20 -19.83
CA SER F 241 23.45 71.02 -20.09
C SER F 241 22.22 70.50 -19.35
N GLY F 242 22.17 69.20 -19.07
CA GLY F 242 21.04 68.65 -18.35
C GLY F 242 19.73 68.72 -19.09
N LYS F 243 19.72 68.40 -20.39
CA LYS F 243 18.51 68.28 -21.19
C LYS F 243 18.53 66.95 -21.94
N PRO F 244 17.38 66.36 -22.27
CA PRO F 244 17.40 65.10 -23.01
C PRO F 244 18.00 65.23 -24.40
N LEU F 245 18.32 64.08 -24.97
CA LEU F 245 18.95 63.97 -26.27
C LEU F 245 18.21 62.91 -27.08
N LEU F 246 18.25 63.05 -28.40
CA LEU F 246 17.59 62.12 -29.32
C LEU F 246 18.63 61.72 -30.36
N ILE F 247 18.99 60.44 -30.35
CA ILE F 247 20.02 59.89 -31.22
C ILE F 247 19.33 59.44 -32.50
N ILE F 248 19.76 59.99 -33.63
CA ILE F 248 19.31 59.58 -34.95
C ILE F 248 20.55 59.35 -35.80
N ALA F 249 20.76 58.11 -36.22
CA ALA F 249 21.90 57.73 -37.05
C ALA F 249 21.41 56.65 -38.03
N GLU F 250 22.35 56.08 -38.78
CA GLU F 250 21.98 54.96 -39.65
C GLU F 250 21.48 53.79 -38.83
N ASP F 251 22.32 53.29 -37.92
CA ASP F 251 21.94 52.20 -37.03
C ASP F 251 23.02 52.10 -35.97
N VAL F 252 22.62 51.97 -34.72
CA VAL F 252 23.53 51.83 -33.59
C VAL F 252 23.51 50.37 -33.13
N GLU F 253 24.71 49.79 -32.93
CA GLU F 253 24.83 48.37 -32.62
C GLU F 253 25.77 48.16 -31.43
N GLY F 254 25.47 47.13 -30.65
CA GLY F 254 26.45 46.52 -29.77
C GLY F 254 26.79 47.36 -28.54
N GLU F 255 28.09 47.56 -28.32
CA GLU F 255 28.56 48.23 -27.11
C GLU F 255 27.98 49.63 -26.99
N ALA F 256 27.61 50.26 -28.11
CA ALA F 256 26.91 51.53 -28.02
C ALA F 256 25.62 51.40 -27.21
N LEU F 257 24.73 50.47 -27.60
CA LEU F 257 23.54 50.24 -26.80
C LEU F 257 23.87 49.75 -25.41
N ALA F 258 25.01 49.09 -25.22
CA ALA F 258 25.41 48.78 -23.85
C ALA F 258 25.59 50.06 -23.05
N THR F 259 26.23 51.07 -23.64
CA THR F 259 26.42 52.34 -22.94
C THR F 259 25.08 53.04 -22.70
N LEU F 260 24.27 53.15 -23.75
CA LEU F 260 22.99 53.84 -23.61
C LEU F 260 22.06 53.15 -22.62
N VAL F 261 21.98 51.82 -22.66
CA VAL F 261 21.10 51.15 -21.70
C VAL F 261 21.68 51.26 -20.29
N VAL F 262 23.00 51.28 -20.14
CA VAL F 262 23.59 51.44 -18.82
C VAL F 262 23.19 52.80 -18.24
N ASN F 263 23.39 53.87 -19.03
CA ASN F 263 23.14 55.21 -18.48
C ASN F 263 21.66 55.57 -18.45
N LYS F 264 20.81 54.86 -19.21
CA LYS F 264 19.38 55.07 -19.13
C LYS F 264 18.74 54.30 -17.98
N LEU F 265 19.11 53.04 -17.80
CA LEU F 265 18.60 52.29 -16.66
C LEU F 265 19.05 52.92 -15.35
N ARG F 266 20.30 53.40 -15.29
CA ARG F 266 20.76 54.14 -14.13
C ARG F 266 20.09 55.50 -14.01
N GLY F 267 19.50 56.01 -15.08
CA GLY F 267 18.79 57.27 -15.04
C GLY F 267 19.67 58.51 -15.13
N THR F 268 20.98 58.34 -15.27
CA THR F 268 21.86 59.51 -15.35
C THR F 268 21.58 60.33 -16.60
N LEU F 269 21.40 59.67 -17.73
CA LEU F 269 21.15 60.31 -19.01
C LEU F 269 19.78 59.90 -19.53
N LYS F 270 18.98 60.89 -19.91
CA LYS F 270 17.69 60.66 -20.55
C LYS F 270 17.88 60.83 -22.05
N VAL F 271 17.97 59.72 -22.77
CA VAL F 271 18.25 59.70 -24.19
C VAL F 271 17.30 58.70 -24.84
N CYS F 272 17.27 58.67 -26.18
CA CYS F 272 16.47 57.67 -26.95
C CYS F 272 17.01 57.53 -28.38
N ALA F 273 17.58 56.38 -28.74
CA ALA F 273 18.15 56.14 -30.09
C ALA F 273 17.09 55.57 -31.02
N VAL F 274 16.96 56.12 -32.24
CA VAL F 274 16.01 55.62 -33.27
C VAL F 274 16.76 55.64 -34.61
N LYS F 275 16.50 54.69 -35.51
CA LYS F 275 17.26 54.59 -36.79
C LYS F 275 16.83 55.73 -37.74
N ALA F 276 17.67 56.06 -38.72
CA ALA F 276 17.41 57.17 -39.68
C ALA F 276 16.36 56.74 -40.71
N PRO F 277 15.48 57.66 -41.17
CA PRO F 277 14.43 57.35 -42.18
C PRO F 277 14.87 57.72 -43.60
N GLY F 278 14.97 56.75 -44.52
CA GLY F 278 15.29 57.06 -45.92
C GLY F 278 15.94 55.91 -46.67
N PHE F 279 16.66 56.20 -47.76
CA PHE F 279 17.35 55.23 -48.60
C PHE F 279 18.38 55.99 -49.45
N GLY F 280 19.65 55.90 -49.08
CA GLY F 280 20.73 56.46 -49.88
C GLY F 280 20.62 57.94 -50.18
N ASP F 281 20.41 58.27 -51.45
CA ASP F 281 20.17 59.67 -51.81
C ASP F 281 18.95 60.22 -51.07
N ARG F 282 17.89 59.42 -51.01
CA ARG F 282 16.73 59.80 -50.21
C ARG F 282 17.08 59.89 -48.73
N ARG F 283 18.01 59.06 -48.27
CA ARG F 283 18.44 59.16 -46.87
C ARG F 283 19.06 60.52 -46.61
N LYS F 284 19.95 60.97 -47.50
CA LYS F 284 20.54 62.28 -47.35
C LYS F 284 19.47 63.37 -47.39
N ALA F 285 18.49 63.22 -48.29
CA ALA F 285 17.45 64.23 -48.41
C ALA F 285 16.62 64.35 -47.13
N MET F 286 16.09 63.23 -46.63
CA MET F 286 15.33 63.32 -45.38
C MET F 286 16.19 63.70 -44.18
N LEU F 287 17.44 63.25 -44.10
CA LEU F 287 18.27 63.67 -42.99
C LEU F 287 18.46 65.17 -43.01
N GLU F 288 18.64 65.75 -44.19
CA GLU F 288 18.83 67.19 -44.27
C GLU F 288 17.55 67.92 -43.90
N ASP F 289 16.38 67.41 -44.32
CA ASP F 289 15.16 68.15 -43.98
C ASP F 289 14.78 68.02 -42.51
N ILE F 290 14.97 66.85 -41.88
CA ILE F 290 14.71 66.79 -40.44
C ILE F 290 15.69 67.70 -39.74
N ALA F 291 16.93 67.80 -40.25
CA ALA F 291 17.90 68.71 -39.65
C ALA F 291 17.40 70.16 -39.70
N ILE F 292 16.91 70.60 -40.86
CA ILE F 292 16.42 71.99 -40.91
C ILE F 292 15.17 72.16 -40.07
N LEU F 293 14.30 71.16 -40.00
CA LEU F 293 13.07 71.30 -39.24
C LEU F 293 13.34 71.42 -37.75
N THR F 294 14.25 70.60 -37.22
CA THR F 294 14.59 70.69 -35.80
C THR F 294 15.48 71.88 -35.47
N GLY F 295 16.03 72.57 -36.47
CA GLY F 295 16.98 73.62 -36.23
C GLY F 295 18.41 73.16 -36.03
N GLY F 296 18.73 71.93 -36.43
CA GLY F 296 20.09 71.41 -36.32
C GLY F 296 20.79 71.45 -37.67
N THR F 297 21.87 70.65 -37.75
CA THR F 297 22.63 70.51 -38.97
C THR F 297 23.08 69.06 -39.12
N VAL F 298 23.27 68.65 -40.38
CA VAL F 298 23.70 67.28 -40.65
C VAL F 298 25.15 67.12 -40.21
N ILE F 299 25.45 65.97 -39.61
CA ILE F 299 26.81 65.57 -39.26
C ILE F 299 27.23 64.54 -40.30
N SER F 300 28.06 64.96 -41.26
CA SER F 300 28.41 64.15 -42.41
C SER F 300 29.88 64.30 -42.75
N GLU F 301 30.42 63.29 -43.44
CA GLU F 301 31.79 63.27 -43.91
C GLU F 301 31.91 63.74 -45.35
N GLU F 302 30.79 63.80 -46.08
CA GLU F 302 30.79 64.48 -47.38
C GLU F 302 31.16 65.94 -47.21
N THR F 303 30.67 66.57 -46.14
CA THR F 303 31.07 67.91 -45.74
C THR F 303 32.03 67.91 -44.57
N GLY F 304 32.34 66.75 -43.99
CA GLY F 304 33.49 66.61 -43.13
C GLY F 304 33.31 67.04 -41.70
N TYR F 305 32.29 66.54 -41.01
CA TYR F 305 32.10 66.77 -39.58
C TYR F 305 32.16 65.42 -38.86
N LYS F 306 33.21 65.22 -38.08
CA LYS F 306 33.35 64.05 -37.22
C LYS F 306 32.32 64.15 -36.10
N LEU F 307 32.02 63.04 -35.43
CA LEU F 307 30.93 63.04 -34.47
C LEU F 307 31.22 63.93 -33.28
N GLU F 308 32.38 63.79 -32.65
CA GLU F 308 32.69 64.63 -31.49
C GLU F 308 33.03 66.06 -31.89
N ASN F 309 33.22 66.35 -33.18
CA ASN F 309 33.25 67.74 -33.63
C ASN F 309 31.88 68.40 -33.45
N ALA F 310 30.82 67.61 -33.41
CA ALA F 310 29.48 68.16 -33.19
C ALA F 310 29.41 68.85 -31.83
N THR F 311 28.63 69.93 -31.77
CA THR F 311 28.49 70.74 -30.56
C THR F 311 27.03 71.14 -30.37
N LEU F 312 26.75 71.93 -29.34
CA LEU F 312 25.38 72.31 -29.05
C LEU F 312 24.78 73.14 -30.18
N ASP F 313 25.59 74.00 -30.81
CA ASP F 313 25.07 74.85 -31.87
C ASP F 313 24.56 74.04 -33.06
N TYR F 314 25.22 72.92 -33.37
CA TYR F 314 24.79 72.08 -34.48
C TYR F 314 23.58 71.23 -34.14
N LEU F 315 23.33 70.99 -32.86
CA LEU F 315 22.32 70.03 -32.44
C LEU F 315 20.92 70.57 -32.74
N GLY F 316 19.95 69.66 -32.75
CA GLY F 316 18.57 69.99 -33.09
C GLY F 316 17.72 70.23 -31.86
N ARG F 317 16.73 71.12 -32.02
CA ARG F 317 15.95 71.64 -30.91
C ARG F 317 14.47 71.36 -31.13
N ALA F 318 13.80 70.83 -30.11
CA ALA F 318 12.35 70.67 -30.09
C ALA F 318 11.90 70.69 -28.64
N LYS F 319 10.60 70.46 -28.40
CA LYS F 319 10.04 70.43 -27.05
C LYS F 319 9.35 69.13 -26.70
N ARG F 320 8.84 68.38 -27.67
CA ARG F 320 8.23 67.08 -27.38
C ARG F 320 8.52 66.08 -28.49
N VAL F 321 8.77 64.84 -28.08
CA VAL F 321 8.96 63.71 -28.98
C VAL F 321 8.41 62.49 -28.26
N THR F 322 7.67 61.66 -28.97
CA THR F 322 7.20 60.38 -28.44
C THR F 322 7.81 59.25 -29.26
N ILE F 323 8.11 58.15 -28.58
CA ILE F 323 8.73 56.98 -29.20
C ILE F 323 7.78 55.82 -28.93
N ASP F 324 6.86 55.58 -29.87
CA ASP F 324 6.00 54.41 -29.83
C ASP F 324 6.74 53.25 -30.51
N LYS F 325 6.14 52.07 -30.50
CA LYS F 325 6.86 50.88 -30.97
C LYS F 325 7.17 51.00 -32.46
N ASP F 326 6.16 51.33 -33.27
CA ASP F 326 6.33 51.36 -34.72
C ASP F 326 6.89 52.70 -35.19
N ASN F 327 6.20 53.78 -34.87
CA ASN F 327 6.48 55.10 -35.41
C ASN F 327 7.21 55.95 -34.37
N THR F 328 7.52 57.20 -34.75
CA THR F 328 8.03 58.18 -33.81
C THR F 328 7.89 59.56 -34.44
N THR F 329 7.47 60.52 -33.63
CA THR F 329 7.18 61.88 -34.10
C THR F 329 7.83 62.90 -33.19
N ILE F 330 8.37 63.94 -33.83
CA ILE F 330 8.82 65.14 -33.15
C ILE F 330 7.87 66.28 -33.53
N VAL F 331 7.47 67.04 -32.52
CA VAL F 331 6.48 68.11 -32.69
C VAL F 331 7.03 69.41 -32.12
N ASP F 332 6.86 70.50 -32.89
CA ASP F 332 7.36 71.85 -32.48
C ASP F 332 8.88 71.82 -32.62
N GLY F 333 9.38 71.39 -33.78
CA GLY F 333 10.82 71.40 -33.99
C GLY F 333 11.32 72.82 -34.18
N ALA F 334 12.00 73.37 -33.17
CA ALA F 334 12.39 74.78 -33.16
C ALA F 334 13.33 75.04 -34.33
N GLY F 335 12.81 75.77 -35.33
CA GLY F 335 13.60 76.14 -36.49
C GLY F 335 13.09 77.46 -37.06
N ASP F 336 13.95 78.08 -37.86
CA ASP F 336 13.59 79.32 -38.54
C ASP F 336 12.49 79.03 -39.55
N LYS F 337 11.35 79.69 -39.38
CA LYS F 337 10.19 79.44 -40.25
C LYS F 337 10.51 79.77 -41.70
N GLU F 338 11.33 80.80 -41.93
CA GLU F 338 11.62 81.22 -43.29
C GLU F 338 12.30 80.10 -44.08
N ASP F 339 13.22 79.38 -43.44
CA ASP F 339 13.83 78.25 -44.09
C ASP F 339 12.81 77.17 -44.43
N ILE F 340 11.78 77.00 -43.60
CA ILE F 340 10.79 75.96 -43.88
C ILE F 340 9.94 76.35 -45.09
N LYS F 341 9.47 77.61 -45.17
CA LYS F 341 8.76 77.96 -46.40
C LYS F 341 9.69 77.95 -47.61
N ALA F 342 10.97 78.31 -47.42
CA ALA F 342 11.95 78.20 -48.50
C ALA F 342 12.00 76.77 -49.03
N ARG F 343 12.09 75.81 -48.12
CA ARG F 343 12.12 74.42 -48.54
C ARG F 343 10.80 74.02 -49.18
N VAL F 344 9.69 74.63 -48.78
CA VAL F 344 8.42 74.33 -49.43
C VAL F 344 8.47 74.74 -50.90
N ASN F 345 8.93 75.96 -51.19
CA ASN F 345 8.93 76.34 -52.60
C ASN F 345 9.96 75.55 -53.39
N GLN F 346 11.10 75.19 -52.80
CA GLN F 346 12.04 74.41 -53.59
C GLN F 346 11.47 73.01 -53.82
N ILE F 347 10.67 72.51 -52.87
CA ILE F 347 9.99 71.23 -53.08
C ILE F 347 9.08 71.31 -54.29
N LYS F 348 8.29 72.38 -54.39
CA LYS F 348 7.44 72.51 -55.57
C LYS F 348 8.25 72.73 -56.84
N LYS F 349 9.39 73.41 -56.75
CA LYS F 349 10.29 73.50 -57.90
C LYS F 349 10.73 72.11 -58.34
N GLN F 350 11.04 71.25 -57.38
CA GLN F 350 11.45 69.89 -57.71
C GLN F 350 10.31 69.10 -58.35
N ILE F 351 9.08 69.25 -57.84
CA ILE F 351 7.99 68.46 -58.41
C ILE F 351 7.68 68.93 -59.82
N GLU F 352 7.75 70.24 -60.10
CA GLU F 352 7.59 70.66 -61.48
C GLU F 352 8.80 70.30 -62.33
N ASN F 353 9.96 70.05 -61.71
CA ASN F 353 11.14 69.62 -62.44
C ASN F 353 11.16 68.13 -62.74
N THR F 354 10.65 67.30 -61.82
CA THR F 354 10.68 65.86 -62.01
C THR F 354 9.64 65.41 -63.02
N THR F 355 9.83 64.21 -63.55
CA THR F 355 8.93 63.59 -64.51
C THR F 355 8.52 62.18 -64.12
N SER F 356 9.42 61.39 -63.57
CA SER F 356 9.14 59.98 -63.34
C SER F 356 8.09 59.82 -62.25
N ASP F 357 7.18 58.85 -62.46
CA ASP F 357 6.06 58.70 -61.55
C ASP F 357 6.50 58.26 -60.16
N TYR F 358 7.53 57.42 -60.04
CA TYR F 358 7.96 56.97 -58.72
C TYR F 358 8.62 58.10 -57.94
N ASP F 359 9.56 58.82 -58.58
CA ASP F 359 10.19 59.95 -57.90
C ASP F 359 9.18 61.05 -57.65
N ARG F 360 8.24 61.25 -58.58
CA ARG F 360 7.17 62.20 -58.36
C ARG F 360 6.36 61.83 -57.13
N GLU F 361 6.01 60.55 -57.00
CA GLU F 361 5.23 60.10 -55.85
C GLU F 361 6.00 60.30 -54.56
N LYS F 362 7.30 59.96 -54.56
CA LYS F 362 8.13 60.19 -53.38
C LYS F 362 8.19 61.67 -53.05
N LEU F 363 8.15 62.54 -54.07
CA LEU F 363 8.20 63.97 -53.80
C LEU F 363 6.88 64.47 -53.23
N GLN F 364 5.75 63.90 -53.66
CA GLN F 364 4.50 64.28 -52.99
C GLN F 364 4.49 63.76 -51.56
N GLU F 365 5.06 62.59 -51.31
CA GLU F 365 5.21 62.11 -49.95
C GLU F 365 6.00 63.10 -49.11
N ARG F 366 7.14 63.55 -49.65
CA ARG F 366 7.93 64.58 -48.98
C ARG F 366 7.10 65.84 -48.74
N LEU F 367 6.35 66.27 -49.75
CA LEU F 367 5.57 67.51 -49.64
C LEU F 367 4.55 67.41 -48.51
N ALA F 368 3.67 66.42 -48.59
CA ALA F 368 2.64 66.26 -47.58
C ALA F 368 3.23 65.97 -46.20
N LYS F 369 4.41 65.37 -46.16
CA LYS F 369 4.97 64.95 -44.88
C LYS F 369 5.69 66.10 -44.18
N LEU F 370 6.28 67.02 -44.95
CA LEU F 370 6.97 68.17 -44.40
C LEU F 370 6.04 69.38 -44.26
N ALA F 371 5.48 69.84 -45.37
CA ALA F 371 4.63 71.03 -45.34
C ALA F 371 3.35 70.81 -44.57
N GLY F 372 2.87 69.57 -44.46
CA GLY F 372 1.60 69.32 -43.79
C GLY F 372 1.62 69.72 -42.33
N GLY F 373 2.76 69.57 -41.67
CA GLY F 373 2.87 69.87 -40.26
C GLY F 373 2.11 68.85 -39.44
N VAL F 374 1.94 69.18 -38.16
CA VAL F 374 1.28 68.31 -37.19
C VAL F 374 0.29 69.12 -36.38
N ALA F 375 -0.90 68.56 -36.17
CA ALA F 375 -1.90 69.13 -35.30
C ALA F 375 -1.72 68.57 -33.90
N VAL F 376 -1.62 69.47 -32.93
CA VAL F 376 -1.37 69.13 -31.53
C VAL F 376 -2.47 69.75 -30.69
N ILE F 377 -3.01 68.98 -29.76
CA ILE F 377 -4.12 69.40 -28.91
C ILE F 377 -3.72 69.31 -27.46
N LYS F 378 -3.94 70.41 -26.74
CA LYS F 378 -3.69 70.52 -25.31
C LYS F 378 -5.04 70.30 -24.64
N VAL F 379 -5.18 69.22 -23.88
CA VAL F 379 -6.47 68.82 -23.32
C VAL F 379 -6.49 69.24 -21.85
N GLY F 380 -7.27 70.27 -21.55
CA GLY F 380 -7.33 70.83 -20.21
C GLY F 380 -8.65 70.55 -19.52
N ALA F 381 -8.61 70.46 -18.20
CA ALA F 381 -9.79 70.16 -17.40
C ALA F 381 -9.61 70.80 -16.03
N ALA F 382 -10.43 70.39 -15.06
CA ALA F 382 -10.46 71.08 -13.77
C ALA F 382 -9.33 70.62 -12.85
N THR F 383 -9.34 69.36 -12.44
CA THR F 383 -8.34 68.80 -11.54
C THR F 383 -7.47 67.82 -12.30
N GLU F 384 -6.50 67.24 -11.58
CA GLU F 384 -5.46 66.45 -12.22
C GLU F 384 -5.99 65.11 -12.71
N VAL F 385 -6.57 64.31 -11.82
CA VAL F 385 -6.92 62.93 -12.18
C VAL F 385 -7.99 62.92 -13.25
N GLU F 386 -8.96 63.84 -13.18
CA GLU F 386 -9.95 63.90 -14.24
C GLU F 386 -9.35 64.39 -15.55
N MET F 387 -8.34 65.25 -15.49
CA MET F 387 -7.66 65.63 -16.73
C MET F 387 -6.98 64.43 -17.35
N LYS F 388 -6.36 63.58 -16.53
CA LYS F 388 -5.73 62.37 -17.05
C LYS F 388 -6.77 61.41 -17.62
N GLU F 389 -7.93 61.31 -16.98
CA GLU F 389 -8.96 60.42 -17.49
C GLU F 389 -9.49 60.93 -18.83
N LYS F 390 -9.69 62.24 -18.95
CA LYS F 390 -10.13 62.81 -20.22
C LYS F 390 -9.04 62.72 -21.27
N LYS F 391 -7.78 62.82 -20.87
CA LYS F 391 -6.65 62.51 -21.76
C LYS F 391 -6.79 61.11 -22.35
N ALA F 392 -6.99 60.11 -21.50
CA ALA F 392 -7.11 58.74 -22.00
C ALA F 392 -8.32 58.61 -22.93
N ARG F 393 -9.43 59.25 -22.56
CA ARG F 393 -10.62 59.21 -23.40
C ARG F 393 -10.34 59.83 -24.77
N VAL F 394 -9.62 60.94 -24.79
CA VAL F 394 -9.31 61.61 -26.05
C VAL F 394 -8.44 60.72 -26.91
N GLU F 395 -7.48 60.03 -26.30
CA GLU F 395 -6.63 59.12 -27.07
C GLU F 395 -7.46 58.00 -27.70
N ASP F 396 -8.34 57.39 -26.92
CA ASP F 396 -9.18 56.32 -27.46
C ASP F 396 -10.07 56.83 -28.58
N ALA F 397 -10.70 57.99 -28.37
CA ALA F 397 -11.56 58.55 -29.41
C ALA F 397 -10.78 58.89 -30.66
N LEU F 398 -9.54 59.36 -30.49
CA LEU F 398 -8.70 59.67 -31.63
C LEU F 398 -8.44 58.43 -32.47
N HIS F 399 -8.05 57.33 -31.81
CA HIS F 399 -7.82 56.10 -32.56
C HIS F 399 -9.09 55.62 -33.26
N ALA F 400 -10.23 55.71 -32.56
CA ALA F 400 -11.49 55.25 -33.16
C ALA F 400 -11.83 56.07 -34.40
N THR F 401 -11.74 57.40 -34.31
CA THR F 401 -12.09 58.22 -35.46
C THR F 401 -11.10 58.07 -36.59
N ARG F 402 -9.82 57.86 -36.30
CA ARG F 402 -8.87 57.59 -37.37
C ARG F 402 -9.25 56.32 -38.12
N ALA F 403 -9.59 55.26 -37.38
CA ALA F 403 -10.02 54.03 -38.04
C ALA F 403 -11.28 54.25 -38.87
N ALA F 404 -12.27 54.94 -38.31
CA ALA F 404 -13.53 55.15 -39.00
C ALA F 404 -13.34 55.96 -40.28
N VAL F 405 -12.53 57.01 -40.23
CA VAL F 405 -12.26 57.78 -41.44
C VAL F 405 -11.51 56.93 -42.44
N GLU F 406 -10.62 56.05 -41.96
CA GLU F 406 -9.84 55.22 -42.87
C GLU F 406 -10.75 54.29 -43.66
N GLU F 407 -11.65 53.56 -42.97
CA GLU F 407 -12.29 52.40 -43.58
C GLU F 407 -13.81 52.39 -43.44
N GLY F 408 -14.43 53.47 -42.97
CA GLY F 408 -15.87 53.47 -42.79
C GLY F 408 -16.28 52.86 -41.46
N ILE F 409 -17.59 52.78 -41.26
CA ILE F 409 -18.18 52.23 -40.05
C ILE F 409 -19.23 51.19 -40.41
N VAL F 410 -19.49 50.29 -39.47
CA VAL F 410 -20.48 49.23 -39.65
C VAL F 410 -21.24 49.08 -38.34
N PRO F 411 -22.41 48.45 -38.36
CA PRO F 411 -23.15 48.25 -37.11
C PRO F 411 -22.34 47.46 -36.08
N GLY F 412 -22.42 47.89 -34.83
CA GLY F 412 -21.66 47.28 -33.76
C GLY F 412 -22.37 46.11 -33.14
N GLY F 413 -21.86 45.70 -31.97
CA GLY F 413 -22.43 44.57 -31.26
C GLY F 413 -22.38 43.26 -32.01
N GLY F 414 -21.52 43.14 -33.02
CA GLY F 414 -21.42 41.93 -33.81
C GLY F 414 -22.46 41.81 -34.90
N VAL F 415 -23.38 42.77 -35.03
CA VAL F 415 -24.44 42.65 -36.02
C VAL F 415 -23.88 42.73 -37.43
N ALA F 416 -22.79 43.47 -37.63
CA ALA F 416 -22.20 43.56 -38.95
C ALA F 416 -21.71 42.20 -39.43
N LEU F 417 -21.13 41.41 -38.54
CA LEU F 417 -20.72 40.06 -38.90
C LEU F 417 -21.92 39.19 -39.21
N ILE F 418 -23.03 39.36 -38.49
CA ILE F 418 -24.23 38.59 -38.78
C ILE F 418 -24.74 38.90 -40.18
N ARG F 419 -24.84 40.19 -40.51
CA ARG F 419 -25.34 40.57 -41.83
C ARG F 419 -24.39 40.15 -42.94
N ALA F 420 -23.10 40.08 -42.66
CA ALA F 420 -22.14 39.63 -43.66
C ALA F 420 -22.30 38.17 -44.03
N ALA F 421 -22.97 37.38 -43.20
CA ALA F 421 -23.18 35.97 -43.49
C ALA F 421 -24.04 35.74 -44.72
N LYS F 422 -24.81 36.75 -45.17
CA LYS F 422 -25.61 36.60 -46.37
C LYS F 422 -24.75 36.36 -47.61
N ALA F 423 -23.51 36.84 -47.62
CA ALA F 423 -22.62 36.60 -48.75
C ALA F 423 -22.18 35.16 -48.87
N LEU F 424 -22.40 34.33 -47.84
CA LEU F 424 -22.01 32.93 -47.84
C LEU F 424 -23.15 31.98 -48.16
N GLU F 425 -24.32 32.50 -48.55
CA GLU F 425 -25.47 31.63 -48.78
C GLU F 425 -25.26 30.76 -50.01
N ASN F 426 -24.76 31.35 -51.10
CA ASN F 426 -24.64 30.68 -52.39
C ASN F 426 -23.18 30.52 -52.83
N LEU F 427 -22.29 30.28 -51.88
CA LEU F 427 -20.87 30.07 -52.15
C LEU F 427 -20.53 28.62 -51.89
N GLU F 428 -19.81 28.00 -52.84
CA GLU F 428 -19.46 26.58 -52.80
C GLU F 428 -17.98 26.43 -53.09
N GLY F 429 -17.36 25.45 -52.44
CA GLY F 429 -15.99 25.09 -52.73
C GLY F 429 -15.89 24.09 -53.85
N GLU F 430 -14.64 23.68 -54.13
CA GLU F 430 -14.42 22.70 -55.19
C GLU F 430 -14.82 21.30 -54.75
N ASN F 431 -14.67 21.00 -53.46
CA ASN F 431 -15.08 19.74 -52.86
C ASN F 431 -15.97 20.00 -51.65
N GLY F 432 -16.37 18.91 -50.99
CA GLY F 432 -17.26 19.02 -49.85
C GLY F 432 -16.60 19.56 -48.60
N ASP F 433 -15.30 19.28 -48.42
CA ASP F 433 -14.61 19.73 -47.23
C ASP F 433 -14.48 21.25 -47.20
N GLN F 434 -14.24 21.87 -48.35
CA GLN F 434 -14.22 23.34 -48.38
C GLN F 434 -15.58 23.91 -48.02
N LYS F 435 -16.66 23.26 -48.45
CA LYS F 435 -17.98 23.72 -48.01
C LYS F 435 -18.18 23.50 -46.53
N THR F 436 -17.59 22.44 -45.96
CA THR F 436 -17.64 22.27 -44.52
C THR F 436 -16.94 23.43 -43.82
N GLY F 437 -15.80 23.87 -44.36
CA GLY F 437 -15.14 25.04 -43.81
C GLY F 437 -15.98 26.30 -43.95
N VAL F 438 -16.68 26.44 -45.07
CA VAL F 438 -17.56 27.58 -45.26
C VAL F 438 -18.66 27.59 -44.21
N LYS F 439 -19.26 26.42 -43.96
CA LYS F 439 -20.25 26.30 -42.91
C LYS F 439 -19.65 26.66 -41.55
N ILE F 440 -18.42 26.20 -41.31
CA ILE F 440 -17.78 26.42 -40.02
C ILE F 440 -17.61 27.92 -39.77
N VAL F 441 -17.09 28.65 -40.76
CA VAL F 441 -16.90 30.08 -40.54
C VAL F 441 -18.22 30.84 -40.58
N ARG F 442 -19.24 30.32 -41.26
CA ARG F 442 -20.55 30.94 -41.18
C ARG F 442 -21.08 30.87 -39.76
N ARG F 443 -20.98 29.69 -39.13
CA ARG F 443 -21.47 29.55 -37.77
C ARG F 443 -20.61 30.32 -36.77
N ALA F 444 -19.36 30.59 -37.12
CA ALA F 444 -18.48 31.31 -36.20
C ALA F 444 -18.80 32.80 -36.14
N LEU F 445 -19.34 33.38 -37.20
CA LEU F 445 -19.72 34.79 -37.17
C LEU F 445 -20.80 35.07 -36.13
N GLU F 446 -21.56 34.06 -35.72
CA GLU F 446 -22.59 34.23 -34.70
C GLU F 446 -22.05 34.29 -33.29
N GLU F 447 -20.82 33.82 -33.05
CA GLU F 447 -20.32 33.70 -31.70
C GLU F 447 -20.05 35.04 -31.01
N PRO F 448 -19.58 36.08 -31.73
CA PRO F 448 -19.49 37.39 -31.07
C PRO F 448 -20.79 37.88 -30.46
N LEU F 449 -21.86 37.92 -31.24
CA LEU F 449 -23.13 38.38 -30.69
C LEU F 449 -23.68 37.41 -29.65
N ARG F 450 -23.46 36.11 -29.86
CA ARG F 450 -23.95 35.13 -28.90
C ARG F 450 -23.31 35.32 -27.53
N GLN F 451 -22.01 35.62 -27.49
CA GLN F 451 -21.41 35.90 -26.19
C GLN F 451 -21.76 37.30 -25.69
N ILE F 452 -21.98 38.25 -26.59
CA ILE F 452 -22.38 39.59 -26.17
C ILE F 452 -23.67 39.51 -25.37
N VAL F 453 -24.62 38.71 -25.84
CA VAL F 453 -25.86 38.50 -25.09
C VAL F 453 -25.71 37.47 -23.97
N ALA F 454 -24.81 36.49 -24.10
CA ALA F 454 -24.63 35.52 -23.02
C ALA F 454 -24.10 36.18 -21.76
N ASN F 455 -23.20 37.16 -21.90
CA ASN F 455 -22.79 37.92 -20.73
C ASN F 455 -23.93 38.73 -20.14
N ALA F 456 -24.99 39.00 -20.89
CA ALA F 456 -26.19 39.61 -20.35
C ALA F 456 -27.06 38.60 -19.60
N GLY F 457 -26.76 37.31 -19.66
CA GLY F 457 -27.53 36.30 -18.98
C GLY F 457 -28.80 35.87 -19.70
N LEU F 458 -29.09 36.42 -20.87
CA LEU F 458 -30.26 36.03 -21.63
C LEU F 458 -29.91 34.90 -22.59
N GLU F 459 -30.94 34.34 -23.23
CA GLU F 459 -30.73 33.24 -24.17
C GLU F 459 -30.29 33.80 -25.51
N GLY F 460 -29.16 33.29 -26.01
CA GLY F 460 -28.57 33.87 -27.21
C GLY F 460 -29.26 33.41 -28.49
N SER F 461 -29.88 32.23 -28.45
CA SER F 461 -30.50 31.70 -29.66
C SER F 461 -31.62 32.61 -30.16
N VAL F 462 -32.48 33.08 -29.26
CA VAL F 462 -33.63 33.88 -29.67
C VAL F 462 -33.17 35.19 -30.28
N VAL F 463 -32.20 35.87 -29.66
CA VAL F 463 -31.79 37.17 -30.18
C VAL F 463 -31.02 37.00 -31.48
N VAL F 464 -30.17 35.97 -31.58
CA VAL F 464 -29.44 35.74 -32.82
C VAL F 464 -30.42 35.46 -33.94
N ASN F 465 -31.44 34.64 -33.68
CA ASN F 465 -32.46 34.38 -34.69
C ASN F 465 -33.16 35.67 -35.10
N LYS F 466 -33.63 36.44 -34.13
CA LYS F 466 -34.46 37.59 -34.47
C LYS F 466 -33.67 38.69 -35.17
N VAL F 467 -32.37 38.83 -34.89
CA VAL F 467 -31.56 39.74 -35.68
C VAL F 467 -31.26 39.17 -37.07
N LYS F 468 -31.18 37.84 -37.21
CA LYS F 468 -31.04 37.26 -38.53
C LYS F 468 -32.29 37.45 -39.38
N GLU F 469 -33.48 37.49 -38.78
CA GLU F 469 -34.69 37.78 -39.56
C GLU F 469 -34.66 39.17 -40.17
N GLY F 470 -33.92 40.11 -39.58
CA GLY F 470 -33.90 41.47 -40.08
C GLY F 470 -33.04 41.63 -41.30
N LYS F 471 -32.90 42.87 -41.73
CA LYS F 471 -32.10 43.23 -42.89
C LYS F 471 -31.57 44.64 -42.69
N GLY F 472 -30.49 44.96 -43.39
CA GLY F 472 -29.89 46.26 -43.25
C GLY F 472 -29.21 46.40 -41.91
N ASN F 473 -29.36 47.57 -41.29
CA ASN F 473 -28.69 47.89 -40.03
C ASN F 473 -29.52 47.52 -38.81
N PHE F 474 -30.63 46.80 -39.00
CA PHE F 474 -31.41 46.32 -37.86
C PHE F 474 -30.54 45.43 -36.98
N GLY F 475 -30.59 45.66 -35.67
CA GLY F 475 -29.71 44.93 -34.79
C GLY F 475 -30.17 45.03 -33.35
N TYR F 476 -29.34 44.48 -32.47
CA TYR F 476 -29.63 44.39 -31.03
C TYR F 476 -28.73 45.36 -30.28
N ASN F 477 -29.35 46.25 -29.51
CA ASN F 477 -28.64 47.18 -28.64
C ASN F 477 -28.64 46.59 -27.23
N ALA F 478 -27.54 45.94 -26.87
CA ALA F 478 -27.47 45.28 -25.57
C ALA F 478 -27.58 46.25 -24.40
N ARG F 479 -27.21 47.52 -24.59
CA ARG F 479 -27.28 48.48 -23.50
C ARG F 479 -28.71 48.75 -23.09
N THR F 480 -29.58 49.09 -24.05
CA THR F 480 -30.95 49.50 -23.78
C THR F 480 -31.97 48.40 -24.02
N GLU F 481 -31.55 47.20 -24.39
CA GLU F 481 -32.46 46.06 -24.60
C GLU F 481 -33.42 46.32 -25.76
N GLU F 482 -33.11 47.27 -26.64
CA GLU F 482 -33.94 47.61 -27.78
C GLU F 482 -33.42 46.88 -29.02
N TYR F 483 -34.05 47.16 -30.17
CA TYR F 483 -33.80 46.45 -31.42
C TYR F 483 -33.64 47.43 -32.58
N ASP F 484 -32.79 48.45 -32.40
CA ASP F 484 -32.42 49.32 -33.51
C ASP F 484 -31.01 49.86 -33.30
N LEU F 485 -30.20 49.85 -34.36
CA LEU F 485 -28.81 50.27 -34.32
C LEU F 485 -28.45 51.29 -35.40
N ILE F 486 -29.42 51.81 -36.13
CA ILE F 486 -29.12 52.69 -37.26
C ILE F 486 -28.47 53.97 -36.73
N GLU F 487 -29.23 54.73 -35.95
CA GLU F 487 -28.76 55.96 -35.32
C GLU F 487 -28.65 55.81 -33.80
N ALA F 488 -28.84 54.60 -33.27
CA ALA F 488 -28.87 54.41 -31.82
C ALA F 488 -27.55 54.75 -31.16
N GLY F 489 -26.46 54.79 -31.92
CA GLY F 489 -25.19 55.24 -31.39
C GLY F 489 -24.36 54.13 -30.77
N VAL F 490 -24.33 52.98 -31.44
CA VAL F 490 -23.36 51.94 -31.13
C VAL F 490 -22.82 51.42 -32.46
N ILE F 491 -21.54 51.65 -32.72
CA ILE F 491 -20.94 51.38 -34.02
C ILE F 491 -19.44 51.19 -33.81
N ASP F 492 -18.81 50.45 -34.73
CA ASP F 492 -17.36 50.16 -34.65
C ASP F 492 -16.70 50.50 -35.96
N PRO F 493 -15.38 50.68 -36.01
CA PRO F 493 -14.70 50.88 -37.29
C PRO F 493 -14.96 49.67 -38.13
N ALA F 494 -14.67 49.73 -39.40
CA ALA F 494 -14.84 48.56 -40.29
C ALA F 494 -13.50 47.88 -40.37
N LYS F 495 -12.46 48.68 -40.30
CA LYS F 495 -11.11 48.13 -40.31
C LYS F 495 -11.02 47.19 -39.12
N VAL F 496 -11.73 47.43 -38.04
CA VAL F 496 -11.54 46.61 -36.82
C VAL F 496 -12.38 45.34 -36.93
N THR F 497 -13.51 45.38 -37.64
CA THR F 497 -14.34 44.19 -37.84
C THR F 497 -13.59 43.30 -38.78
N ARG F 498 -12.90 43.88 -39.74
CA ARG F 498 -12.21 43.09 -40.78
C ARG F 498 -11.00 42.44 -40.15
N THR F 499 -10.17 43.17 -39.43
CA THR F 499 -8.89 42.67 -38.98
C THR F 499 -9.07 41.60 -37.92
N ALA F 500 -10.09 41.72 -37.06
CA ALA F 500 -10.37 40.66 -36.11
C ALA F 500 -10.73 39.37 -36.83
N LEU F 501 -11.60 39.45 -37.84
CA LEU F 501 -11.96 38.26 -38.58
C LEU F 501 -10.76 37.65 -39.29
N GLN F 502 -9.94 38.48 -39.93
CA GLN F 502 -8.80 37.97 -40.68
C GLN F 502 -7.76 37.34 -39.74
N ASN F 503 -7.50 37.99 -38.60
CA ASN F 503 -6.54 37.43 -37.65
C ASN F 503 -7.05 36.11 -37.07
N ALA F 504 -8.35 36.05 -36.75
CA ALA F 504 -8.93 34.82 -36.26
C ALA F 504 -8.81 33.71 -37.30
N ALA F 505 -9.08 34.04 -38.56
CA ALA F 505 -8.96 33.05 -39.62
C ALA F 505 -7.52 32.58 -39.77
N SER F 506 -6.56 33.50 -39.67
CA SER F 506 -5.16 33.13 -39.79
C SER F 506 -4.75 32.17 -38.69
N ILE F 507 -5.09 32.48 -37.43
CA ILE F 507 -4.67 31.60 -36.35
C ILE F 507 -5.39 30.27 -36.46
N ALA F 508 -6.65 30.29 -36.89
CA ALA F 508 -7.39 29.03 -37.03
C ALA F 508 -6.78 28.14 -38.11
N GLY F 509 -6.48 28.70 -39.26
CA GLY F 509 -5.83 27.92 -40.31
C GLY F 509 -4.47 27.43 -39.89
N MET F 510 -3.73 28.23 -39.13
CA MET F 510 -2.42 27.80 -38.65
C MET F 510 -2.55 26.63 -37.70
N LEU F 511 -3.48 26.70 -36.74
CA LEU F 511 -3.61 25.62 -35.76
C LEU F 511 -4.17 24.36 -36.37
N LEU F 512 -5.16 24.48 -37.26
CA LEU F 512 -5.76 23.30 -37.86
C LEU F 512 -4.79 22.53 -38.74
N THR F 513 -3.78 23.19 -39.30
CA THR F 513 -2.79 22.59 -40.18
C THR F 513 -1.47 22.35 -39.46
N THR F 514 -1.55 21.99 -38.18
CA THR F 514 -0.39 21.74 -37.34
C THR F 514 -0.46 20.32 -36.82
N GLU F 515 0.67 19.59 -36.89
CA GLU F 515 0.72 18.23 -36.37
C GLU F 515 2.04 17.90 -35.66
N CYS F 516 2.69 18.88 -35.04
CA CYS F 516 3.70 18.58 -34.03
C CYS F 516 4.01 19.84 -33.24
N VAL F 517 4.20 19.66 -31.94
CA VAL F 517 4.48 20.73 -30.99
C VAL F 517 5.72 20.35 -30.20
N ILE F 518 6.73 21.22 -30.22
CA ILE F 518 8.00 20.98 -29.52
C ILE F 518 8.09 21.98 -28.38
N THR F 519 8.21 21.47 -27.15
CA THR F 519 8.27 22.30 -25.95
C THR F 519 9.43 21.87 -25.07
N GLU F 520 9.90 22.81 -24.25
CA GLU F 520 11.05 22.59 -23.38
C GLU F 520 10.56 22.01 -22.06
N LYS F 521 11.03 20.80 -21.76
CA LYS F 521 10.61 20.06 -20.57
C LYS F 521 11.12 20.81 -19.35
N PRO F 522 10.25 21.50 -18.57
CA PRO F 522 10.69 22.31 -17.39
C PRO F 522 11.98 21.77 -16.81
N ALA G 1 3.38 30.30 -15.05
CA ALA G 1 2.31 29.58 -14.32
C ALA G 1 1.27 30.54 -13.75
N LYS G 2 0.00 30.31 -14.08
CA LYS G 2 -1.10 31.07 -13.50
C LYS G 2 -2.36 30.20 -13.52
N GLN G 3 -2.76 29.70 -12.35
CA GLN G 3 -3.98 28.92 -12.26
C GLN G 3 -5.19 29.80 -12.56
N ILE G 4 -6.20 29.21 -13.20
CA ILE G 4 -7.42 29.90 -13.60
C ILE G 4 -8.60 29.04 -13.16
N LYS G 5 -9.55 29.67 -12.46
CA LYS G 5 -10.85 29.09 -12.16
C LYS G 5 -11.95 29.90 -12.83
N PHE G 6 -13.07 29.23 -13.09
CA PHE G 6 -14.14 29.78 -13.91
C PHE G 6 -15.48 29.55 -13.22
N ASP G 7 -16.37 30.53 -13.37
CA ASP G 7 -17.78 30.36 -13.06
C ASP G 7 -18.01 29.99 -11.59
N THR G 8 -18.87 29.00 -11.31
CA THR G 8 -19.28 28.73 -9.94
C THR G 8 -18.10 28.32 -9.07
N ASP G 9 -17.10 27.66 -9.66
CA ASP G 9 -15.94 27.26 -8.88
C ASP G 9 -15.20 28.48 -8.34
N ALA G 10 -14.91 29.45 -9.22
CA ALA G 10 -14.27 30.68 -8.79
C ALA G 10 -15.13 31.44 -7.79
N ARG G 11 -16.43 31.54 -8.06
CA ARG G 11 -17.28 32.32 -7.16
C ARG G 11 -17.41 31.65 -5.81
N ASN G 12 -17.36 30.32 -5.75
CA ASN G 12 -17.41 29.63 -4.47
C ASN G 12 -16.11 29.76 -3.70
N ALA G 13 -14.96 29.74 -4.38
CA ALA G 13 -13.70 30.02 -3.69
C ALA G 13 -13.71 31.43 -3.11
N LEU G 14 -14.19 32.40 -3.89
CA LEU G 14 -14.28 33.76 -3.40
C LEU G 14 -15.24 33.85 -2.21
N LEU G 15 -16.38 33.16 -2.29
CA LEU G 15 -17.31 33.11 -1.18
C LEU G 15 -16.64 32.55 0.07
N ARG G 16 -15.85 31.50 -0.09
CA ARG G 16 -15.20 30.89 1.07
C ARG G 16 -14.24 31.87 1.72
N GLY G 17 -13.48 32.60 0.90
CA GLY G 17 -12.59 33.62 1.46
C GLY G 17 -13.34 34.70 2.21
N VAL G 18 -14.41 35.22 1.60
CA VAL G 18 -15.18 36.28 2.24
C VAL G 18 -15.81 35.77 3.53
N ASP G 19 -16.31 34.53 3.52
CA ASP G 19 -16.91 33.96 4.71
C ASP G 19 -15.89 33.83 5.84
N LYS G 20 -14.68 33.37 5.51
CA LYS G 20 -13.66 33.24 6.54
C LYS G 20 -13.30 34.60 7.14
N LEU G 21 -13.12 35.60 6.29
CA LEU G 21 -12.79 36.94 6.80
C LEU G 21 -13.94 37.48 7.65
N ALA G 22 -15.18 37.30 7.21
CA ALA G 22 -16.31 37.86 7.93
C ALA G 22 -16.49 37.18 9.28
N ASP G 23 -16.41 35.85 9.30
CA ASP G 23 -16.46 35.12 10.56
C ASP G 23 -15.33 35.53 11.49
N ALA G 24 -14.16 35.85 10.93
CA ALA G 24 -13.08 36.37 11.77
C ALA G 24 -13.45 37.71 12.37
N VAL G 25 -14.09 38.59 11.59
CA VAL G 25 -14.27 39.98 11.98
C VAL G 25 -15.65 40.31 12.55
N LYS G 26 -16.68 39.56 12.18
CA LYS G 26 -18.02 39.92 12.64
C LYS G 26 -18.28 39.62 14.11
N VAL G 27 -17.51 38.72 14.72
CA VAL G 27 -17.74 38.43 16.14
C VAL G 27 -17.46 39.64 17.01
N THR G 28 -16.56 40.52 16.59
CA THR G 28 -16.20 41.71 17.38
C THR G 28 -17.05 42.90 16.94
N LEU G 29 -18.36 42.71 16.97
CA LEU G 29 -19.33 43.72 16.56
C LEU G 29 -20.23 44.03 17.74
N GLY G 30 -20.33 45.30 18.10
CA GLY G 30 -21.27 45.75 19.11
C GLY G 30 -20.62 46.05 20.45
N PRO G 31 -21.43 46.55 21.39
CA PRO G 31 -20.91 46.82 22.73
C PRO G 31 -20.65 45.58 23.56
N LYS G 32 -21.12 44.41 23.09
CA LYS G 32 -20.86 43.15 23.78
C LYS G 32 -20.26 42.17 22.78
N GLY G 33 -19.30 42.65 22.01
CA GLY G 33 -18.58 41.79 21.09
C GLY G 33 -17.72 40.81 21.84
N ARG G 34 -17.15 39.86 21.10
CA ARG G 34 -16.38 38.78 21.66
C ARG G 34 -14.91 38.93 21.26
N ASN G 35 -14.04 38.22 21.98
CA ASN G 35 -12.61 38.43 21.89
C ASN G 35 -11.99 37.63 20.74
N VAL G 36 -10.92 38.17 20.17
CA VAL G 36 -10.17 37.54 19.10
C VAL G 36 -8.69 37.61 19.45
N ILE G 37 -8.00 36.49 19.34
CA ILE G 37 -6.58 36.38 19.69
C ILE G 37 -5.76 36.31 18.41
N ILE G 38 -4.60 36.98 18.42
CA ILE G 38 -3.76 37.10 17.23
C ILE G 38 -2.32 36.78 17.61
N GLU G 39 -1.69 35.90 16.82
CA GLU G 39 -0.24 35.69 16.89
C GLU G 39 0.51 37.00 16.70
N LYS G 40 1.48 37.23 17.59
CA LYS G 40 2.54 38.19 17.38
C LYS G 40 3.86 37.43 17.33
N LYS G 41 4.74 37.86 16.43
CA LYS G 41 6.01 37.17 16.25
C LYS G 41 6.83 37.20 17.53
N PHE G 42 6.91 38.36 18.16
CA PHE G 42 7.76 38.58 19.33
C PHE G 42 6.87 39.01 20.50
N GLY G 43 7.02 38.33 21.63
CA GLY G 43 6.43 38.79 22.87
C GLY G 43 5.02 38.30 23.12
N ALA G 44 4.27 39.05 23.93
CA ALA G 44 2.96 38.60 24.34
C ALA G 44 1.97 38.68 23.18
N PRO G 45 0.92 37.85 23.17
CA PRO G 45 -0.12 37.99 22.14
C PRO G 45 -1.15 39.07 22.45
N THR G 46 -2.07 39.31 21.52
CA THR G 46 -3.02 40.40 21.60
C THR G 46 -4.43 39.85 21.80
N ILE G 47 -5.19 40.49 22.69
CA ILE G 47 -6.60 40.21 22.90
C ILE G 47 -7.36 41.45 22.45
N THR G 48 -7.95 41.38 21.26
CA THR G 48 -8.58 42.53 20.62
C THR G 48 -10.06 42.27 20.38
N LYS G 49 -10.88 43.26 20.72
CA LYS G 49 -12.30 43.28 20.40
C LYS G 49 -12.62 44.29 19.30
N ASP G 50 -11.61 44.72 18.54
CA ASP G 50 -11.78 45.74 17.52
C ASP G 50 -11.79 45.07 16.15
N GLY G 51 -12.84 45.32 15.38
CA GLY G 51 -12.94 44.72 14.06
C GLY G 51 -11.86 45.20 13.11
N VAL G 52 -11.42 46.44 13.25
CA VAL G 52 -10.41 46.97 12.34
C VAL G 52 -9.11 46.23 12.53
N THR G 53 -8.68 46.04 13.79
CA THR G 53 -7.41 45.36 14.04
C THR G 53 -7.46 43.90 13.59
N VAL G 54 -8.62 43.26 13.72
CA VAL G 54 -8.75 41.88 13.25
C VAL G 54 -8.57 41.82 11.74
N ALA G 55 -9.17 42.76 11.02
CA ALA G 55 -9.16 42.71 9.56
C ALA G 55 -7.76 42.83 8.97
N LYS G 56 -6.84 43.52 9.64
CA LYS G 56 -5.49 43.66 9.10
C LYS G 56 -4.80 42.31 9.01
N GLU G 57 -4.78 41.56 10.10
CA GLU G 57 -4.09 40.28 10.15
C GLU G 57 -5.00 39.15 9.69
N ILE G 58 -5.40 39.23 8.41
CA ILE G 58 -6.18 38.19 7.76
C ILE G 58 -5.62 37.99 6.36
N GLU G 59 -4.87 36.90 6.18
CA GLU G 59 -4.51 36.40 4.87
C GLU G 59 -4.67 34.89 4.93
N LEU G 60 -4.88 34.27 3.78
CA LEU G 60 -5.23 32.86 3.71
C LEU G 60 -4.30 32.10 2.78
N GLU G 61 -4.07 30.84 3.10
CA GLU G 61 -3.13 30.04 2.33
C GLU G 61 -3.60 29.84 0.90
N ASP G 62 -4.86 29.47 0.73
CA ASP G 62 -5.40 29.28 -0.62
C ASP G 62 -5.47 30.65 -1.29
N PRO G 63 -4.77 30.87 -2.43
CA PRO G 63 -4.73 32.23 -2.97
C PRO G 63 -6.07 32.78 -3.37
N PHE G 64 -7.00 31.92 -3.78
CA PHE G 64 -8.33 32.39 -4.18
C PHE G 64 -9.08 32.96 -2.98
N GLU G 65 -9.07 32.20 -1.88
CA GLU G 65 -9.65 32.70 -0.63
C GLU G 65 -8.93 33.96 -0.18
N ASN G 66 -7.61 33.99 -0.37
CA ASN G 66 -6.83 35.18 0.02
C ASN G 66 -7.30 36.40 -0.74
N MET G 67 -7.50 36.29 -2.04
CA MET G 67 -7.86 37.49 -2.80
C MET G 67 -9.29 37.88 -2.51
N GLY G 68 -10.16 36.92 -2.20
CA GLY G 68 -11.49 37.30 -1.73
C GLY G 68 -11.43 38.11 -0.46
N ALA G 69 -10.64 37.64 0.51
CA ALA G 69 -10.51 38.36 1.78
C ALA G 69 -9.92 39.74 1.54
N GLN G 70 -8.87 39.83 0.72
CA GLN G 70 -8.23 41.12 0.50
C GLN G 70 -9.14 42.07 -0.27
N MET G 71 -9.96 41.53 -1.17
CA MET G 71 -10.87 42.39 -1.92
C MET G 71 -11.94 42.97 -1.00
N VAL G 72 -12.51 42.14 -0.13
CA VAL G 72 -13.49 42.66 0.81
C VAL G 72 -12.84 43.64 1.76
N LYS G 73 -11.59 43.39 2.16
CA LYS G 73 -10.90 44.34 3.02
C LYS G 73 -10.70 45.68 2.32
N GLU G 74 -10.29 45.64 1.05
CA GLU G 74 -9.98 46.89 0.35
C GLU G 74 -11.26 47.68 0.09
N VAL G 75 -12.35 47.02 -0.25
CA VAL G 75 -13.60 47.75 -0.42
C VAL G 75 -14.08 48.28 0.93
N ALA G 76 -14.10 47.43 1.95
CA ALA G 76 -14.71 47.80 3.23
C ALA G 76 -13.94 48.88 3.97
N SER G 77 -12.67 49.09 3.65
CA SER G 77 -11.86 50.08 4.35
C SER G 77 -12.18 51.51 3.95
N LYS G 78 -12.98 51.71 2.91
CA LYS G 78 -13.20 53.04 2.34
C LYS G 78 -14.14 53.90 3.18
N THR G 79 -14.82 53.34 4.16
CA THR G 79 -15.64 54.15 5.04
C THR G 79 -14.75 55.11 5.84
N SER G 80 -15.30 56.28 6.16
CA SER G 80 -14.50 57.32 6.79
C SER G 80 -14.11 56.94 8.22
N ASP G 81 -15.06 56.42 9.00
CA ASP G 81 -14.81 56.15 10.40
C ASP G 81 -13.82 54.99 10.48
N VAL G 82 -12.87 55.12 11.40
CA VAL G 82 -11.89 54.08 11.70
C VAL G 82 -11.93 53.64 13.16
N ALA G 83 -12.71 54.33 14.01
CA ALA G 83 -12.80 53.94 15.41
C ALA G 83 -13.40 52.55 15.56
N GLY G 84 -14.44 52.24 14.81
CA GLY G 84 -15.05 50.94 14.87
C GLY G 84 -16.48 50.97 14.36
N ASP G 85 -16.98 49.77 14.07
CA ASP G 85 -18.36 49.55 13.64
C ASP G 85 -18.66 50.17 12.27
N GLY G 86 -17.63 50.59 11.53
CA GLY G 86 -17.82 51.08 10.18
C GLY G 86 -17.41 50.08 9.14
N THR G 87 -16.24 49.47 9.33
CA THR G 87 -15.75 48.46 8.40
C THR G 87 -16.21 47.06 8.75
N THR G 88 -16.78 46.86 9.94
CA THR G 88 -17.36 45.57 10.30
C THR G 88 -18.80 45.45 9.82
N THR G 89 -19.57 46.54 9.90
CA THR G 89 -20.93 46.52 9.38
C THR G 89 -20.92 46.29 7.87
N ALA G 90 -20.02 46.96 7.17
CA ALA G 90 -19.91 46.76 5.72
C ALA G 90 -19.52 45.33 5.41
N THR G 91 -18.59 44.76 6.18
CA THR G 91 -18.19 43.37 5.94
C THR G 91 -19.34 42.41 6.18
N VAL G 92 -20.13 42.64 7.24
CA VAL G 92 -21.27 41.77 7.52
C VAL G 92 -22.29 41.86 6.40
N LEU G 93 -22.59 43.08 5.94
CA LEU G 93 -23.55 43.23 4.85
C LEU G 93 -23.03 42.57 3.58
N ALA G 94 -21.73 42.72 3.31
CA ALA G 94 -21.15 42.09 2.12
C ALA G 94 -21.26 40.58 2.22
N GLN G 95 -20.96 40.01 3.38
CA GLN G 95 -21.07 38.56 3.56
C GLN G 95 -22.49 38.10 3.31
N ALA G 96 -23.46 38.78 3.92
CA ALA G 96 -24.85 38.37 3.79
C ALA G 96 -25.31 38.44 2.33
N ILE G 97 -25.07 39.57 1.68
CA ILE G 97 -25.54 39.75 0.31
C ILE G 97 -24.84 38.76 -0.62
N VAL G 98 -23.54 38.57 -0.45
CA VAL G 98 -22.80 37.67 -1.34
C VAL G 98 -23.29 36.24 -1.17
N ARG G 99 -23.41 35.76 0.08
CA ARG G 99 -23.88 34.40 0.32
C ARG G 99 -25.26 34.19 -0.27
N GLU G 100 -26.20 35.06 0.08
CA GLU G 100 -27.58 34.87 -0.37
C GLU G 100 -27.70 35.02 -1.88
N GLY G 101 -26.96 35.96 -2.47
CA GLY G 101 -27.02 36.13 -3.91
C GLY G 101 -26.47 34.95 -4.65
N LEU G 102 -25.36 34.37 -4.17
CA LEU G 102 -24.84 33.18 -4.81
C LEU G 102 -25.80 32.01 -4.65
N LYS G 103 -26.44 31.89 -3.49
CA LYS G 103 -27.45 30.85 -3.31
C LYS G 103 -28.57 31.00 -4.32
N ASN G 104 -29.01 32.24 -4.58
CA ASN G 104 -30.07 32.44 -5.56
C ASN G 104 -29.57 32.23 -6.99
N VAL G 105 -28.31 32.58 -7.26
CA VAL G 105 -27.76 32.42 -8.60
C VAL G 105 -27.66 30.94 -8.96
N ALA G 106 -27.28 30.10 -7.98
CA ALA G 106 -27.29 28.67 -8.23
C ALA G 106 -28.68 28.15 -8.53
N ALA G 107 -29.72 28.85 -8.11
CA ALA G 107 -31.09 28.46 -8.42
C ALA G 107 -31.55 28.90 -9.81
N GLY G 108 -30.71 29.62 -10.56
CA GLY G 108 -30.99 29.95 -11.93
C GLY G 108 -31.35 31.39 -12.21
N ALA G 109 -31.22 32.29 -11.24
CA ALA G 109 -31.48 33.69 -11.48
C ALA G 109 -30.36 34.31 -12.31
N ASN G 110 -30.71 35.36 -13.03
CA ASN G 110 -29.73 36.09 -13.83
C ASN G 110 -28.85 36.94 -12.92
N PRO G 111 -27.53 36.71 -12.88
CA PRO G 111 -26.70 37.52 -11.97
C PRO G 111 -26.73 39.01 -12.24
N MET G 112 -26.76 39.42 -13.51
CA MET G 112 -26.73 40.85 -13.81
C MET G 112 -27.97 41.54 -13.29
N ASP G 113 -29.14 40.92 -13.45
CA ASP G 113 -30.36 41.51 -12.92
C ASP G 113 -30.33 41.55 -11.40
N LEU G 114 -29.70 40.57 -10.77
CA LEU G 114 -29.53 40.63 -9.32
C LEU G 114 -28.67 41.83 -8.92
N LYS G 115 -27.61 42.10 -9.68
CA LYS G 115 -26.79 43.27 -9.40
C LYS G 115 -27.59 44.55 -9.56
N ARG G 116 -28.38 44.66 -10.63
CA ARG G 116 -29.18 45.86 -10.83
C ARG G 116 -30.21 46.03 -9.72
N GLY G 117 -30.84 44.94 -9.30
CA GLY G 117 -31.79 45.03 -8.21
C GLY G 117 -31.15 45.45 -6.91
N ILE G 118 -29.96 44.91 -6.62
CA ILE G 118 -29.25 45.30 -5.40
C ILE G 118 -28.94 46.78 -5.45
N ASP G 119 -28.46 47.27 -6.60
CA ASP G 119 -28.13 48.68 -6.72
C ASP G 119 -29.37 49.55 -6.53
N LYS G 120 -30.50 49.16 -7.14
CA LYS G 120 -31.70 49.98 -7.03
C LYS G 120 -32.21 50.03 -5.61
N ALA G 121 -32.27 48.88 -4.94
CA ALA G 121 -32.74 48.88 -3.56
C ALA G 121 -31.77 49.60 -2.64
N VAL G 122 -30.47 49.55 -2.92
CA VAL G 122 -29.51 50.28 -2.11
C VAL G 122 -29.71 51.78 -2.28
N GLU G 123 -30.01 52.21 -3.51
CA GLU G 123 -30.32 53.63 -3.72
C GLU G 123 -31.57 54.04 -2.94
N ALA G 124 -32.59 53.19 -2.98
CA ALA G 124 -33.81 53.50 -2.23
C ALA G 124 -33.54 53.58 -0.73
N VAL G 125 -32.76 52.64 -0.20
CA VAL G 125 -32.44 52.66 1.22
C VAL G 125 -31.60 53.88 1.56
N VAL G 126 -30.72 54.31 0.65
CA VAL G 126 -29.92 55.50 0.91
C VAL G 126 -30.82 56.73 0.99
N GLU G 127 -31.82 56.82 0.10
CA GLU G 127 -32.76 57.92 0.17
C GLU G 127 -33.55 57.88 1.48
N GLU G 128 -33.96 56.69 1.90
CA GLU G 128 -34.62 56.53 3.19
C GLU G 128 -33.74 57.00 4.34
N LEU G 129 -32.46 56.61 4.34
CA LEU G 129 -31.55 57.04 5.39
C LEU G 129 -31.39 58.55 5.38
N LYS G 130 -31.34 59.14 4.19
CA LYS G 130 -31.23 60.59 4.09
C LYS G 130 -32.44 61.26 4.73
N LYS G 131 -33.64 60.72 4.48
CA LYS G 131 -34.84 61.34 5.03
C LYS G 131 -34.95 61.10 6.54
N MET G 132 -34.41 59.99 7.03
CA MET G 132 -34.68 59.58 8.41
C MET G 132 -33.75 60.25 9.41
N ALA G 133 -32.54 60.61 8.99
CA ALA G 133 -31.53 61.09 9.93
C ALA G 133 -31.95 62.41 10.57
N LYS G 134 -31.63 62.56 11.86
CA LYS G 134 -31.91 63.79 12.60
C LYS G 134 -30.76 64.79 12.36
N PRO G 135 -31.02 66.01 11.90
CA PRO G 135 -29.91 66.96 11.74
C PRO G 135 -29.38 67.42 13.09
N VAL G 136 -28.11 67.82 13.08
CA VAL G 136 -27.45 68.41 14.24
C VAL G 136 -26.83 69.72 13.77
N ASN G 137 -27.41 70.84 14.23
CA ASN G 137 -26.97 72.18 13.85
C ASN G 137 -27.18 73.07 15.08
N GLY G 138 -26.11 73.28 15.84
CA GLY G 138 -26.17 74.11 17.03
C GLY G 138 -25.29 73.58 18.15
N LYS G 139 -24.57 74.50 18.81
CA LYS G 139 -23.50 74.12 19.73
C LYS G 139 -24.01 73.15 20.81
N GLU G 140 -25.27 73.29 21.21
CA GLU G 140 -25.80 72.40 22.24
C GLU G 140 -25.82 70.95 21.75
N GLU G 141 -26.41 70.70 20.58
CA GLU G 141 -26.49 69.32 20.12
C GLU G 141 -25.16 68.80 19.58
N ILE G 142 -24.28 69.68 19.08
CA ILE G 142 -22.92 69.22 18.78
C ILE G 142 -22.24 68.75 20.07
N ALA G 143 -22.42 69.49 21.16
CA ALA G 143 -21.86 69.05 22.43
C ALA G 143 -22.49 67.73 22.87
N GLN G 144 -23.79 67.57 22.64
CA GLN G 144 -24.47 66.35 23.06
C GLN G 144 -23.91 65.13 22.31
N VAL G 145 -23.84 65.20 20.99
CA VAL G 145 -23.33 64.06 20.23
C VAL G 145 -21.84 63.85 20.51
N ALA G 146 -21.09 64.91 20.78
CA ALA G 146 -19.70 64.73 21.16
C ALA G 146 -19.59 63.98 22.48
N THR G 147 -20.41 64.36 23.46
CA THR G 147 -20.38 63.69 24.77
C THR G 147 -20.74 62.23 24.63
N ILE G 148 -21.78 61.93 23.84
CA ILE G 148 -22.16 60.53 23.68
C ILE G 148 -21.16 59.77 22.83
N SER G 149 -20.31 60.47 22.08
CA SER G 149 -19.29 59.77 21.29
C SER G 149 -18.14 59.29 22.17
N ALA G 150 -17.78 60.04 23.20
CA ALA G 150 -16.61 59.77 24.03
C ALA G 150 -16.98 59.21 25.39
N ASN G 151 -18.02 58.37 25.43
CA ASN G 151 -18.42 57.67 26.65
C ASN G 151 -18.79 58.63 27.77
N ASN G 152 -19.53 59.68 27.41
CA ASN G 152 -20.22 60.54 28.38
C ASN G 152 -19.23 61.23 29.32
N ASP G 153 -18.35 62.04 28.74
CA ASP G 153 -17.50 62.96 29.49
C ASP G 153 -17.95 64.35 29.06
N PRO G 154 -18.62 65.13 29.92
CA PRO G 154 -19.00 66.49 29.53
C PRO G 154 -17.87 67.37 29.02
N GLU G 155 -16.65 67.23 29.54
CA GLU G 155 -15.59 68.18 29.23
C GLU G 155 -15.19 68.09 27.76
N ILE G 156 -14.94 66.88 27.27
CA ILE G 156 -14.51 66.72 25.87
C ILE G 156 -15.61 67.22 24.94
N GLY G 157 -16.87 66.90 25.24
CA GLY G 157 -17.95 67.39 24.40
C GLY G 157 -18.03 68.90 24.38
N LYS G 158 -17.88 69.53 25.54
CA LYS G 158 -17.95 70.99 25.60
C LYS G 158 -16.83 71.62 24.79
N LEU G 159 -15.59 71.17 24.98
CA LEU G 159 -14.50 71.88 24.33
C LEU G 159 -14.45 71.58 22.84
N ILE G 160 -14.85 70.37 22.42
CA ILE G 160 -14.87 70.10 20.99
C ILE G 160 -16.02 70.83 20.31
N ALA G 161 -17.17 70.97 20.99
CA ALA G 161 -18.23 71.80 20.43
C ALA G 161 -17.78 73.24 20.30
N GLU G 162 -17.05 73.75 21.29
CA GLU G 162 -16.55 75.11 21.19
C GLU G 162 -15.57 75.25 20.04
N ALA G 163 -14.70 74.25 19.85
CA ALA G 163 -13.75 74.28 18.75
C ALA G 163 -14.45 74.30 17.41
N MET G 164 -15.45 73.44 17.24
CA MET G 164 -16.22 73.44 15.99
C MET G 164 -16.96 74.75 15.80
N GLU G 165 -17.42 75.36 16.88
CA GLU G 165 -18.09 76.65 16.77
C GLU G 165 -17.12 77.70 16.23
N LYS G 166 -15.93 77.80 16.82
CA LYS G 166 -15.00 78.84 16.40
C LYS G 166 -14.51 78.59 14.98
N VAL G 167 -14.09 77.36 14.68
CA VAL G 167 -13.34 77.12 13.45
C VAL G 167 -14.21 77.14 12.20
N GLY G 168 -15.52 77.07 12.35
CA GLY G 168 -16.41 76.97 11.20
C GLY G 168 -16.71 75.54 10.84
N LYS G 169 -17.83 75.35 10.12
CA LYS G 169 -18.33 74.00 9.88
C LYS G 169 -17.37 73.21 9.00
N ASP G 170 -16.82 73.86 7.98
CA ASP G 170 -15.78 73.28 7.14
C ASP G 170 -14.38 73.55 7.65
N GLY G 171 -14.24 74.12 8.85
CA GLY G 171 -12.93 74.42 9.37
C GLY G 171 -12.15 73.17 9.71
N VAL G 172 -10.85 73.36 9.90
CA VAL G 172 -9.90 72.27 10.12
C VAL G 172 -9.46 72.30 11.58
N ILE G 173 -9.57 71.16 12.23
CA ILE G 173 -9.14 70.97 13.62
C ILE G 173 -8.14 69.84 13.66
N THR G 174 -7.08 70.01 14.44
CA THR G 174 -6.10 68.98 14.69
C THR G 174 -5.74 68.96 16.17
N VAL G 175 -5.28 67.81 16.63
CA VAL G 175 -4.95 67.57 18.04
C VAL G 175 -3.49 67.19 18.16
N GLU G 176 -2.84 67.67 19.22
CA GLU G 176 -1.42 67.44 19.45
C GLU G 176 -1.20 67.04 20.90
N GLU G 177 -0.13 66.28 21.13
CA GLU G 177 0.23 65.83 22.47
C GLU G 177 0.99 66.94 23.17
N SER G 178 0.30 67.67 24.05
CA SER G 178 0.92 68.76 24.76
C SER G 178 1.62 68.25 26.03
N LYS G 179 2.43 69.12 26.62
CA LYS G 179 3.14 68.83 27.85
C LYS G 179 2.49 69.47 29.07
N SER G 180 1.34 70.11 28.90
CA SER G 180 0.62 70.76 29.99
C SER G 180 -0.39 69.79 30.60
N THR G 181 -0.68 70.00 31.89
CA THR G 181 -1.66 69.17 32.59
C THR G 181 -3.08 69.68 32.45
N GLU G 182 -3.30 70.84 31.81
CA GLU G 182 -4.62 71.32 31.45
C GLU G 182 -4.73 71.35 29.93
N THR G 183 -5.97 71.30 29.46
CA THR G 183 -6.26 71.28 28.03
C THR G 183 -6.72 72.66 27.59
N THR G 184 -6.08 73.18 26.53
CA THR G 184 -6.35 74.51 26.02
C THR G 184 -6.75 74.44 24.55
N LEU G 185 -7.63 75.37 24.16
CA LEU G 185 -8.17 75.46 22.82
C LEU G 185 -7.85 76.85 22.27
N ASP G 186 -7.12 76.89 21.16
CA ASP G 186 -6.70 78.15 20.58
C ASP G 186 -6.67 78.05 19.06
N VAL G 187 -7.19 79.09 18.41
CA VAL G 187 -7.20 79.19 16.95
C VAL G 187 -5.89 79.81 16.51
N VAL G 188 -5.29 79.25 15.46
CA VAL G 188 -4.03 79.75 14.90
C VAL G 188 -4.13 79.72 13.39
N GLU G 189 -3.37 80.59 12.74
CA GLU G 189 -3.32 80.57 11.28
C GLU G 189 -2.58 79.34 10.78
N GLY G 190 -3.13 78.70 9.74
CA GLY G 190 -2.52 77.50 9.15
C GLY G 190 -2.89 77.37 7.68
N MET G 191 -2.82 76.16 7.12
CA MET G 191 -3.16 75.91 5.68
C MET G 191 -3.56 74.43 5.55
N GLN G 192 -4.10 74.02 4.40
CA GLN G 192 -4.43 72.58 4.15
C GLN G 192 -4.61 72.37 2.64
N PHE G 193 -4.16 71.22 2.13
CA PHE G 193 -4.34 70.86 0.69
C PHE G 193 -4.49 69.34 0.61
N ASP G 194 -4.81 68.81 -0.58
CA ASP G 194 -5.07 67.34 -0.74
C ASP G 194 -3.84 66.63 -1.29
N ARG G 195 -2.64 67.10 -0.98
CA ARG G 195 -1.38 66.47 -1.46
C ARG G 195 -0.73 65.72 -0.29
N GLY G 196 -0.87 64.39 -0.25
CA GLY G 196 -0.33 63.56 0.84
C GLY G 196 1.08 63.07 0.52
N TYR G 197 1.66 62.19 1.35
CA TYR G 197 3.02 61.74 1.16
C TYR G 197 3.15 60.97 -0.15
N LEU G 198 4.36 61.02 -0.72
CA LEU G 198 4.68 60.40 -1.99
C LEU G 198 5.48 59.12 -1.85
N SER G 199 5.78 58.67 -0.63
CA SER G 199 6.41 57.39 -0.40
C SER G 199 5.77 56.85 0.88
N PRO G 200 5.31 55.59 0.91
CA PRO G 200 4.89 55.02 2.20
C PRO G 200 5.97 55.02 3.25
N TYR G 201 7.24 54.96 2.86
CA TYR G 201 8.35 54.93 3.81
C TYR G 201 8.60 56.27 4.50
N PHE G 202 7.86 57.32 4.13
CA PHE G 202 7.98 58.61 4.78
C PHE G 202 7.15 58.72 6.06
N VAL G 203 6.50 57.64 6.48
CA VAL G 203 5.62 57.68 7.65
C VAL G 203 6.46 57.66 8.92
N THR G 204 6.09 58.50 9.89
CA THR G 204 6.76 58.54 11.20
C THR G 204 5.95 57.82 12.25
N ASP G 205 4.71 58.27 12.48
CA ASP G 205 3.80 57.64 13.44
C ASP G 205 3.02 56.56 12.71
N SER G 206 3.66 55.40 12.57
CA SER G 206 3.03 54.29 11.85
C SER G 206 1.74 53.83 12.50
N GLU G 207 1.56 54.06 13.79
CA GLU G 207 0.33 53.66 14.47
C GLU G 207 -0.91 54.33 13.88
N LYS G 208 -0.77 55.51 13.26
CA LYS G 208 -1.88 56.20 12.62
C LYS G 208 -1.58 56.60 11.18
N MET G 209 -0.52 56.05 10.58
CA MET G 209 -0.24 56.22 9.15
C MET G 209 -0.09 57.70 8.77
N GLU G 210 0.64 58.46 9.59
CA GLU G 210 0.96 59.85 9.30
C GLU G 210 2.44 60.10 9.50
N ALA G 211 2.96 61.09 8.79
CA ALA G 211 4.29 61.64 9.03
C ALA G 211 4.13 63.01 9.67
N VAL G 212 4.83 63.23 10.78
CA VAL G 212 4.79 64.50 11.51
C VAL G 212 6.22 64.99 11.66
N LEU G 213 6.44 66.26 11.32
CA LEU G 213 7.75 66.90 11.45
C LEU G 213 7.60 68.10 12.38
N GLU G 214 8.39 68.11 13.45
CA GLU G 214 8.32 69.17 14.45
C GLU G 214 9.30 70.29 14.09
N ASN G 215 8.80 71.53 14.12
CA ASN G 215 9.54 72.72 13.74
C ASN G 215 10.18 72.50 12.37
N PRO G 216 9.38 72.45 11.30
CA PRO G 216 9.94 72.17 9.98
C PRO G 216 10.38 73.43 9.25
N TYR G 217 11.16 73.26 8.19
CA TYR G 217 11.48 74.31 7.23
C TYR G 217 10.75 74.00 5.94
N ILE G 218 9.98 74.96 5.45
CA ILE G 218 9.11 74.77 4.28
C ILE G 218 9.69 75.58 3.12
N LEU G 219 9.91 74.91 1.99
CA LEU G 219 10.39 75.56 0.78
C LEU G 219 9.26 75.70 -0.22
N ILE G 220 9.38 76.74 -1.06
CA ILE G 220 8.38 77.04 -2.07
C ILE G 220 9.01 76.92 -3.45
N TYR G 221 8.71 75.82 -4.13
CA TYR G 221 9.18 75.57 -5.49
C TYR G 221 8.02 75.01 -6.30
N ASP G 222 8.08 75.19 -7.63
CA ASP G 222 6.99 74.78 -8.50
C ASP G 222 7.44 74.17 -9.82
N LYS G 223 8.69 73.76 -9.97
CA LYS G 223 9.17 73.07 -11.15
C LYS G 223 9.44 71.60 -10.80
N LYS G 224 9.74 70.81 -11.82
CA LYS G 224 9.97 69.38 -11.62
C LYS G 224 11.24 69.15 -10.81
N ILE G 225 11.29 68.02 -10.12
CA ILE G 225 12.43 67.62 -9.28
C ILE G 225 12.77 66.17 -9.62
N SER G 226 13.90 65.97 -10.28
CA SER G 226 14.40 64.63 -10.59
C SER G 226 15.84 64.40 -10.17
N ASN G 227 16.70 65.40 -10.30
CA ASN G 227 18.14 65.25 -10.12
C ASN G 227 18.61 66.01 -8.90
N MET G 228 19.45 65.37 -8.10
CA MET G 228 19.93 65.95 -6.86
C MET G 228 21.04 66.97 -7.05
N LYS G 229 21.53 67.15 -8.29
CA LYS G 229 22.66 68.04 -8.51
C LYS G 229 22.33 69.49 -8.17
N ASP G 230 21.06 69.88 -8.22
CA ASP G 230 20.60 71.19 -7.77
C ASP G 230 20.09 71.18 -6.35
N LEU G 231 20.06 70.01 -5.69
CA LEU G 231 19.37 69.84 -4.42
C LEU G 231 20.32 69.70 -3.23
N LEU G 232 21.60 69.39 -3.47
CA LEU G 232 22.50 69.07 -2.36
C LEU G 232 22.63 70.19 -1.33
N PRO G 233 22.99 71.43 -1.70
CA PRO G 233 23.35 72.41 -0.67
C PRO G 233 22.22 72.74 0.29
N ILE G 234 20.96 72.68 -0.18
CA ILE G 234 19.83 72.84 0.73
C ILE G 234 19.88 71.76 1.80
N LEU G 235 20.12 70.52 1.38
CA LEU G 235 20.20 69.43 2.35
C LEU G 235 21.37 69.63 3.31
N GLU G 236 22.52 70.09 2.81
CA GLU G 236 23.66 70.27 3.71
C GLU G 236 23.37 71.35 4.76
N LYS G 237 22.87 72.52 4.34
CA LYS G 237 22.66 73.56 5.33
C LYS G 237 21.45 73.28 6.22
N VAL G 238 20.49 72.47 5.76
CA VAL G 238 19.41 72.06 6.65
C VAL G 238 19.94 71.09 7.70
N ALA G 239 20.72 70.09 7.29
CA ALA G 239 21.31 69.18 8.25
C ALA G 239 22.21 69.91 9.24
N GLN G 240 22.94 70.92 8.77
CA GLN G 240 23.67 71.79 9.68
C GLN G 240 22.71 72.51 10.61
N SER G 241 21.56 72.94 10.11
CA SER G 241 20.55 73.54 10.97
C SER G 241 20.01 72.54 11.97
N GLY G 242 19.92 71.27 11.59
CA GLY G 242 19.44 70.26 12.52
C GLY G 242 17.95 70.31 12.78
N LYS G 243 17.15 70.76 11.81
CA LYS G 243 15.69 70.78 11.89
C LYS G 243 15.11 70.11 10.66
N PRO G 244 13.95 69.44 10.76
CA PRO G 244 13.36 68.83 9.55
C PRO G 244 12.97 69.87 8.52
N LEU G 245 12.84 69.40 7.28
CA LEU G 245 12.55 70.25 6.13
C LEU G 245 11.38 69.65 5.37
N LEU G 246 10.41 70.51 5.02
CA LEU G 246 9.26 70.12 4.22
C LEU G 246 9.50 70.59 2.79
N ILE G 247 9.42 69.67 1.84
CA ILE G 247 9.67 69.94 0.43
C ILE G 247 8.33 70.05 -0.27
N ILE G 248 8.03 71.22 -0.82
CA ILE G 248 6.84 71.44 -1.63
C ILE G 248 7.32 71.80 -3.02
N ALA G 249 7.09 70.91 -3.98
CA ALA G 249 7.48 71.10 -5.36
C ALA G 249 6.34 70.65 -6.26
N GLU G 250 6.53 70.79 -7.57
CA GLU G 250 5.52 70.34 -8.52
C GLU G 250 5.34 68.82 -8.42
N ASP G 251 6.43 68.08 -8.62
CA ASP G 251 6.47 66.64 -8.43
C ASP G 251 7.89 66.24 -8.09
N VAL G 252 8.04 65.02 -7.58
CA VAL G 252 9.36 64.43 -7.35
C VAL G 252 9.26 62.93 -7.52
N GLU G 253 10.06 62.37 -8.43
CA GLU G 253 10.04 60.94 -8.72
C GLU G 253 11.43 60.50 -9.15
N GLY G 254 11.69 59.21 -9.02
CA GLY G 254 12.87 58.60 -9.59
C GLY G 254 14.06 58.64 -8.64
N GLU G 255 15.24 58.97 -9.18
CA GLU G 255 16.46 59.00 -8.38
C GLU G 255 16.38 60.02 -7.26
N ALA G 256 15.58 61.06 -7.41
CA ALA G 256 15.33 61.98 -6.30
C ALA G 256 14.71 61.24 -5.12
N LEU G 257 13.67 60.46 -5.38
CA LEU G 257 13.09 59.65 -4.32
C LEU G 257 14.07 58.61 -3.82
N ALA G 258 14.92 58.06 -4.70
CA ALA G 258 15.92 57.10 -4.25
C ALA G 258 16.84 57.73 -3.21
N THR G 259 17.37 58.92 -3.51
CA THR G 259 18.29 59.59 -2.58
C THR G 259 17.57 59.97 -1.29
N LEU G 260 16.37 60.55 -1.41
CA LEU G 260 15.66 60.95 -0.20
C LEU G 260 15.26 59.75 0.65
N VAL G 261 14.82 58.65 0.04
CA VAL G 261 14.48 57.47 0.81
C VAL G 261 15.73 56.89 1.48
N VAL G 262 16.86 56.92 0.77
CA VAL G 262 18.10 56.40 1.34
C VAL G 262 18.49 57.21 2.58
N ASN G 263 18.47 58.54 2.45
CA ASN G 263 18.87 59.35 3.61
C ASN G 263 17.79 59.42 4.68
N LYS G 264 16.56 59.00 4.39
CA LYS G 264 15.55 58.92 5.44
C LYS G 264 15.71 57.62 6.22
N LEU G 265 15.69 56.47 5.52
CA LEU G 265 15.63 55.18 6.21
C LEU G 265 16.85 54.93 7.07
N ARG G 266 17.98 55.57 6.77
CA ARG G 266 19.13 55.54 7.65
C ARG G 266 18.96 56.44 8.88
N GLY G 267 17.89 57.25 8.93
CA GLY G 267 17.72 58.22 9.99
C GLY G 267 18.56 59.46 9.82
N THR G 268 19.24 59.63 8.68
CA THR G 268 20.15 60.76 8.53
C THR G 268 19.40 62.07 8.41
N LEU G 269 18.29 62.08 7.69
CA LEU G 269 17.52 63.29 7.41
C LEU G 269 16.04 63.06 7.67
N LYS G 270 15.41 64.00 8.37
CA LYS G 270 13.97 63.99 8.65
C LYS G 270 13.31 64.95 7.66
N VAL G 271 12.68 64.40 6.63
CA VAL G 271 12.11 65.20 5.54
C VAL G 271 10.88 64.49 5.02
N CYS G 272 9.86 65.26 4.65
CA CYS G 272 8.72 64.76 3.90
C CYS G 272 8.43 65.71 2.76
N ALA G 273 7.94 65.16 1.64
CA ALA G 273 7.70 65.91 0.42
C ALA G 273 6.29 65.62 -0.09
N VAL G 274 5.70 66.61 -0.76
CA VAL G 274 4.38 66.48 -1.37
C VAL G 274 4.35 67.31 -2.65
N LYS G 275 3.27 67.16 -3.42
CA LYS G 275 3.11 67.84 -4.70
C LYS G 275 2.44 69.20 -4.51
N ALA G 276 2.73 70.10 -5.44
CA ALA G 276 2.15 71.43 -5.41
C ALA G 276 0.65 71.36 -5.67
N PRO G 277 -0.20 72.01 -4.84
CA PRO G 277 -1.69 72.00 -5.02
C PRO G 277 -2.15 73.15 -5.91
N GLY G 278 -3.29 73.00 -6.61
CA GLY G 278 -3.86 74.04 -7.46
C GLY G 278 -4.03 73.57 -8.89
N PHE G 279 -3.97 74.50 -9.85
CA PHE G 279 -3.82 74.14 -11.26
C PHE G 279 -3.34 75.34 -12.05
N GLY G 280 -2.15 75.21 -12.63
CA GLY G 280 -1.57 76.24 -13.47
C GLY G 280 -1.48 77.59 -12.79
N ASP G 281 -2.30 78.53 -13.27
CA ASP G 281 -2.38 79.84 -12.64
C ASP G 281 -2.80 79.72 -11.18
N ARG G 282 -3.75 78.83 -10.88
CA ARG G 282 -4.14 78.64 -9.49
C ARG G 282 -3.04 77.99 -8.68
N ARG G 283 -2.29 77.06 -9.28
CA ARG G 283 -1.09 76.55 -8.63
C ARG G 283 -0.16 77.68 -8.23
N LYS G 284 0.19 78.56 -9.17
CA LYS G 284 1.09 79.65 -8.84
C LYS G 284 0.50 80.56 -7.78
N ALA G 285 -0.80 80.84 -7.90
CA ALA G 285 -1.47 81.78 -7.00
C ALA G 285 -1.40 81.32 -5.54
N MET G 286 -1.82 80.07 -5.28
CA MET G 286 -1.83 79.67 -3.87
C MET G 286 -0.55 79.00 -3.43
N LEU G 287 0.39 78.72 -4.35
CA LEU G 287 1.78 78.59 -3.91
C LEU G 287 2.27 79.91 -3.35
N GLU G 288 1.92 81.02 -4.00
CA GLU G 288 2.31 82.32 -3.48
C GLU G 288 1.64 82.63 -2.15
N ASP G 289 0.34 82.30 -2.00
CA ASP G 289 -0.28 82.55 -0.71
C ASP G 289 0.25 81.63 0.41
N ILE G 290 0.54 80.35 0.14
CA ILE G 290 1.20 79.58 1.20
C ILE G 290 2.60 80.12 1.46
N ALA G 291 3.26 80.66 0.44
CA ALA G 291 4.58 81.24 0.65
C ALA G 291 4.50 82.42 1.62
N ILE G 292 3.57 83.36 1.38
CA ILE G 292 3.44 84.48 2.28
C ILE G 292 2.90 84.05 3.63
N LEU G 293 2.21 82.91 3.72
CA LEU G 293 1.83 82.40 5.02
C LEU G 293 3.05 81.90 5.79
N THR G 294 3.90 81.09 5.18
CA THR G 294 4.98 80.44 5.89
C THR G 294 6.19 81.33 6.11
N GLY G 295 6.21 82.53 5.55
CA GLY G 295 7.29 83.47 5.79
C GLY G 295 8.49 83.34 4.88
N GLY G 296 8.53 82.33 4.03
CA GLY G 296 9.60 82.18 3.06
C GLY G 296 9.33 83.01 1.82
N THR G 297 9.91 82.57 0.70
CA THR G 297 9.75 83.22 -0.59
C THR G 297 9.57 82.17 -1.67
N VAL G 298 8.91 82.58 -2.75
CA VAL G 298 8.70 81.68 -3.89
C VAL G 298 9.99 81.56 -4.68
N ILE G 299 10.48 80.34 -4.81
CA ILE G 299 11.66 80.04 -5.61
C ILE G 299 11.19 79.70 -7.00
N SER G 300 11.44 80.60 -7.95
CA SER G 300 10.97 80.43 -9.32
C SER G 300 11.93 81.10 -10.28
N GLU G 301 12.12 80.48 -11.44
CA GLU G 301 12.89 81.09 -12.50
C GLU G 301 12.16 82.28 -13.14
N GLU G 302 10.84 82.35 -12.98
CA GLU G 302 10.11 83.51 -13.47
C GLU G 302 10.59 84.78 -12.78
N THR G 303 10.75 84.73 -11.46
CA THR G 303 11.42 85.77 -10.71
C THR G 303 12.93 85.58 -10.65
N GLY G 304 13.42 84.38 -10.97
CA GLY G 304 14.83 84.19 -11.23
C GLY G 304 15.68 83.78 -10.05
N TYR G 305 15.26 82.76 -9.31
CA TYR G 305 16.11 82.12 -8.31
C TYR G 305 16.05 80.62 -8.54
N LYS G 306 17.16 80.03 -8.92
CA LYS G 306 17.23 78.57 -9.05
C LYS G 306 17.37 77.96 -7.65
N LEU G 307 17.21 76.64 -7.58
CA LEU G 307 16.83 76.00 -6.33
C LEU G 307 17.87 76.17 -5.22
N GLU G 308 19.13 75.82 -5.49
CA GLU G 308 20.11 75.82 -4.41
C GLU G 308 20.44 77.21 -3.89
N ASN G 309 20.07 78.27 -4.61
CA ASN G 309 20.24 79.62 -4.09
C ASN G 309 19.25 79.95 -2.99
N ALA G 310 18.22 79.12 -2.78
CA ALA G 310 17.32 79.32 -1.65
C ALA G 310 18.09 79.08 -0.35
N THR G 311 18.18 80.12 0.47
CA THR G 311 18.89 80.10 1.74
C THR G 311 17.88 80.02 2.89
N LEU G 312 18.42 79.85 4.11
CA LEU G 312 17.57 79.64 5.27
C LEU G 312 16.62 80.81 5.49
N ASP G 313 17.01 82.02 5.10
CA ASP G 313 16.11 83.15 5.14
C ASP G 313 14.96 83.00 4.15
N TYR G 314 15.23 82.49 2.95
CA TYR G 314 14.18 82.32 1.95
C TYR G 314 13.25 81.16 2.27
N LEU G 315 13.65 80.25 3.14
CA LEU G 315 12.78 79.16 3.55
C LEU G 315 11.62 79.68 4.38
N GLY G 316 10.60 78.84 4.53
CA GLY G 316 9.44 79.14 5.36
C GLY G 316 9.50 78.32 6.64
N ARG G 317 8.90 78.85 7.70
CA ARG G 317 8.98 78.27 9.03
C ARG G 317 7.60 78.08 9.63
N ALA G 318 7.51 77.07 10.50
CA ALA G 318 6.29 76.71 11.21
C ALA G 318 6.70 75.86 12.41
N LYS G 319 5.71 75.30 13.11
CA LYS G 319 5.97 74.42 14.25
C LYS G 319 5.61 72.97 13.98
N ARG G 320 4.47 72.71 13.35
CA ARG G 320 4.02 71.34 13.10
C ARG G 320 3.50 71.21 11.67
N VAL G 321 3.77 70.06 11.08
CA VAL G 321 3.21 69.68 9.79
C VAL G 321 2.88 68.21 9.84
N THR G 322 1.74 67.82 9.29
CA THR G 322 1.25 66.46 9.31
C THR G 322 0.99 66.01 7.88
N ILE G 323 1.51 64.84 7.53
CA ILE G 323 1.40 64.28 6.18
C ILE G 323 0.70 62.93 6.30
N ASP G 324 -0.56 62.88 5.87
CA ASP G 324 -1.30 61.62 5.74
C ASP G 324 -1.44 61.28 4.26
N LYS G 325 -2.19 60.22 3.97
CA LYS G 325 -2.26 59.70 2.61
C LYS G 325 -3.08 60.62 1.71
N ASP G 326 -4.23 61.08 2.18
CA ASP G 326 -5.04 62.04 1.42
C ASP G 326 -4.64 63.50 1.67
N ASN G 327 -4.79 63.97 2.91
CA ASN G 327 -4.62 65.38 3.22
C ASN G 327 -3.29 65.64 3.93
N THR G 328 -3.11 66.89 4.37
CA THR G 328 -1.97 67.29 5.16
C THR G 328 -2.26 68.66 5.76
N THR G 329 -1.61 68.95 6.88
CA THR G 329 -1.95 70.11 7.70
C THR G 329 -0.71 70.97 7.94
N ILE G 330 -0.91 72.28 7.86
CA ILE G 330 0.09 73.28 8.20
C ILE G 330 -0.48 74.09 9.35
N VAL G 331 0.34 74.35 10.37
CA VAL G 331 -0.06 75.20 11.49
C VAL G 331 1.02 76.25 11.71
N ASP G 332 0.58 77.39 12.24
CA ASP G 332 1.39 78.54 12.66
C ASP G 332 2.59 78.81 11.75
N GLY G 333 2.28 79.01 10.48
CA GLY G 333 3.29 79.44 9.53
C GLY G 333 3.87 80.78 9.95
N ALA G 334 5.19 80.84 10.14
CA ALA G 334 5.84 82.01 10.71
C ALA G 334 5.87 83.13 9.67
N GLY G 335 4.70 83.73 9.46
CA GLY G 335 4.54 84.84 8.54
C GLY G 335 4.02 86.07 9.27
N ASP G 336 4.37 87.23 8.73
CA ASP G 336 3.95 88.50 9.31
C ASP G 336 2.43 88.62 9.24
N LYS G 337 1.80 88.63 10.42
CA LYS G 337 0.34 88.62 10.47
C LYS G 337 -0.25 89.88 9.84
N GLU G 338 0.45 91.00 9.93
CA GLU G 338 -0.01 92.20 9.21
C GLU G 338 -0.10 91.92 7.72
N ASP G 339 0.92 91.27 7.15
CA ASP G 339 0.86 90.88 5.75
C ASP G 339 -0.23 89.84 5.52
N ILE G 340 -0.56 89.02 6.53
CA ILE G 340 -1.64 88.06 6.36
C ILE G 340 -2.96 88.79 6.17
N LYS G 341 -3.26 89.77 7.03
CA LYS G 341 -4.51 90.49 6.83
C LYS G 341 -4.47 91.31 5.55
N ALA G 342 -3.30 91.84 5.19
CA ALA G 342 -3.17 92.55 3.91
C ALA G 342 -3.55 91.64 2.75
N ARG G 343 -3.04 90.41 2.74
CA ARG G 343 -3.40 89.48 1.69
C ARG G 343 -4.87 89.12 1.75
N VAL G 344 -5.45 89.13 2.95
CA VAL G 344 -6.89 88.85 3.07
C VAL G 344 -7.71 89.95 2.38
N ASN G 345 -7.35 91.22 2.62
CA ASN G 345 -8.06 92.29 1.91
C ASN G 345 -7.82 92.18 0.41
N GLN G 346 -6.61 91.79 0.00
CA GLN G 346 -6.35 91.61 -1.43
C GLN G 346 -7.26 90.53 -2.00
N ILE G 347 -7.47 89.44 -1.26
CA ILE G 347 -8.31 88.35 -1.74
C ILE G 347 -9.74 88.83 -1.91
N LYS G 348 -10.29 89.56 -0.92
CA LYS G 348 -11.64 90.06 -1.14
C LYS G 348 -11.68 91.10 -2.26
N LYS G 349 -10.62 91.89 -2.42
CA LYS G 349 -10.58 92.86 -3.51
C LYS G 349 -10.74 92.18 -4.85
N GLN G 350 -9.94 91.14 -5.09
CA GLN G 350 -10.12 90.38 -6.33
C GLN G 350 -11.45 89.64 -6.37
N ILE G 351 -12.07 89.35 -5.21
CA ILE G 351 -13.39 88.74 -5.24
C ILE G 351 -14.41 89.73 -5.81
N GLU G 352 -14.45 90.96 -5.29
CA GLU G 352 -15.39 91.92 -5.87
C GLU G 352 -15.01 92.31 -7.30
N ASN G 353 -13.73 92.31 -7.65
CA ASN G 353 -13.36 92.71 -9.00
C ASN G 353 -13.86 91.73 -10.05
N THR G 354 -13.83 90.43 -9.76
CA THR G 354 -14.18 89.43 -10.75
C THR G 354 -15.70 89.33 -10.91
N THR G 355 -16.12 88.64 -11.98
CA THR G 355 -17.53 88.46 -12.33
C THR G 355 -17.91 87.02 -12.60
N SER G 356 -17.01 86.22 -13.18
CA SER G 356 -17.37 84.86 -13.57
C SER G 356 -17.58 83.98 -12.34
N ASP G 357 -18.59 83.11 -12.42
CA ASP G 357 -18.96 82.28 -11.28
C ASP G 357 -17.86 81.29 -10.92
N TYR G 358 -17.16 80.77 -11.93
CA TYR G 358 -16.05 79.85 -11.65
C TYR G 358 -14.97 80.56 -10.82
N ASP G 359 -14.53 81.73 -11.29
CA ASP G 359 -13.52 82.47 -10.55
C ASP G 359 -14.01 82.89 -9.18
N ARG G 360 -15.28 83.30 -9.05
CA ARG G 360 -15.81 83.62 -7.73
C ARG G 360 -15.76 82.41 -6.82
N GLU G 361 -16.06 81.23 -7.36
CA GLU G 361 -16.05 80.01 -6.56
C GLU G 361 -14.64 79.77 -6.04
N LYS G 362 -13.64 79.82 -6.93
CA LYS G 362 -12.28 79.51 -6.50
C LYS G 362 -11.78 80.55 -5.52
N LEU G 363 -12.07 81.82 -5.77
CA LEU G 363 -11.58 82.87 -4.88
C LEU G 363 -12.26 82.82 -3.52
N GLN G 364 -13.55 82.47 -3.48
CA GLN G 364 -14.21 82.29 -2.20
C GLN G 364 -13.64 81.09 -1.45
N GLU G 365 -13.29 80.03 -2.16
CA GLU G 365 -12.60 78.91 -1.52
C GLU G 365 -11.29 79.39 -0.90
N ARG G 366 -10.53 80.19 -1.66
CA ARG G 366 -9.28 80.74 -1.15
C ARG G 366 -9.52 81.57 0.10
N LEU G 367 -10.53 82.45 0.07
CA LEU G 367 -10.78 83.33 1.20
C LEU G 367 -11.20 82.51 2.42
N ALA G 368 -12.16 81.62 2.24
CA ALA G 368 -12.66 80.83 3.36
C ALA G 368 -11.57 79.98 3.98
N LYS G 369 -10.60 79.53 3.17
CA LYS G 369 -9.49 78.67 3.67
C LYS G 369 -8.47 79.57 4.38
N LEU G 370 -7.99 80.62 3.71
CA LEU G 370 -6.92 81.47 4.26
C LEU G 370 -7.36 82.18 5.54
N ALA G 371 -8.56 82.76 5.55
CA ALA G 371 -8.96 83.57 6.70
C ALA G 371 -9.34 82.73 7.91
N GLY G 372 -9.80 81.50 7.71
CA GLY G 372 -10.31 80.72 8.83
C GLY G 372 -9.25 80.37 9.85
N GLY G 373 -8.09 79.91 9.39
CA GLY G 373 -7.06 79.44 10.28
C GLY G 373 -7.34 78.02 10.75
N VAL G 374 -6.34 77.44 11.42
CA VAL G 374 -6.40 76.06 11.90
C VAL G 374 -6.64 76.08 13.40
N ALA G 375 -7.57 75.24 13.85
CA ALA G 375 -7.85 75.08 15.26
C ALA G 375 -6.98 73.97 15.83
N VAL G 376 -6.32 74.25 16.94
CA VAL G 376 -5.48 73.28 17.64
C VAL G 376 -6.03 73.14 19.06
N ILE G 377 -6.23 71.90 19.49
CA ILE G 377 -6.57 71.59 20.87
C ILE G 377 -5.41 70.79 21.46
N LYS G 378 -4.78 71.36 22.48
CA LYS G 378 -3.62 70.78 23.14
C LYS G 378 -4.14 70.05 24.38
N VAL G 379 -4.34 68.74 24.25
CA VAL G 379 -4.90 67.97 25.36
C VAL G 379 -3.90 67.93 26.51
N GLY G 380 -4.43 67.98 27.72
CA GLY G 380 -3.61 67.85 28.92
C GLY G 380 -4.22 66.85 29.87
N ALA G 381 -3.37 66.09 30.54
CA ALA G 381 -3.79 65.02 31.44
C ALA G 381 -2.78 64.96 32.58
N ALA G 382 -2.72 63.83 33.28
CA ALA G 382 -1.85 63.68 34.45
C ALA G 382 -0.63 62.80 34.18
N THR G 383 -0.76 61.79 33.32
CA THR G 383 0.34 60.87 33.01
C THR G 383 0.40 60.59 31.52
N GLU G 384 1.60 60.14 31.10
CA GLU G 384 1.92 59.80 29.72
C GLU G 384 0.83 58.95 29.08
N VAL G 385 0.55 57.79 29.69
CA VAL G 385 -0.42 56.86 29.11
C VAL G 385 -1.80 57.50 29.10
N GLU G 386 -2.11 58.32 30.09
CA GLU G 386 -3.39 59.00 30.11
C GLU G 386 -3.50 60.04 29.00
N MET G 387 -2.43 60.80 28.73
CA MET G 387 -2.55 61.72 27.60
C MET G 387 -2.72 60.95 26.30
N LYS G 388 -2.00 59.84 26.13
CA LYS G 388 -2.16 59.08 24.90
C LYS G 388 -3.59 58.55 24.75
N GLU G 389 -4.14 57.98 25.82
CA GLU G 389 -5.49 57.43 25.74
C GLU G 389 -6.52 58.54 25.50
N LYS G 390 -6.38 59.65 26.22
CA LYS G 390 -7.31 60.75 26.05
C LYS G 390 -7.19 61.37 24.67
N LYS G 391 -5.97 61.43 24.13
CA LYS G 391 -5.76 61.92 22.78
C LYS G 391 -6.46 61.03 21.75
N ALA G 392 -6.34 59.71 21.92
CA ALA G 392 -7.09 58.81 21.04
C ALA G 392 -8.58 59.05 21.17
N ARG G 393 -9.05 59.28 22.39
CA ARG G 393 -10.48 59.51 22.61
C ARG G 393 -10.94 60.77 21.88
N VAL G 394 -10.20 61.88 22.02
CA VAL G 394 -10.63 63.11 21.36
C VAL G 394 -10.50 62.99 19.86
N GLU G 395 -9.53 62.23 19.35
CA GLU G 395 -9.44 62.09 17.90
C GLU G 395 -10.62 61.31 17.35
N ASP G 396 -10.99 60.21 18.01
CA ASP G 396 -12.17 59.46 17.60
C ASP G 396 -13.41 60.34 17.69
N ALA G 397 -13.50 61.14 18.76
CA ALA G 397 -14.62 62.07 18.89
C ALA G 397 -14.65 63.08 17.76
N LEU G 398 -13.48 63.59 17.38
CA LEU G 398 -13.39 64.55 16.28
C LEU G 398 -13.95 63.95 15.00
N HIS G 399 -13.53 62.73 14.67
CA HIS G 399 -14.06 62.08 13.47
C HIS G 399 -15.57 61.88 13.57
N ALA G 400 -16.04 61.44 14.73
CA ALA G 400 -17.47 61.16 14.90
C ALA G 400 -18.30 62.43 14.72
N THR G 401 -17.92 63.52 15.39
CA THR G 401 -18.69 64.74 15.26
C THR G 401 -18.58 65.33 13.87
N ARG G 402 -17.42 65.22 13.22
CA ARG G 402 -17.33 65.72 11.85
C ARG G 402 -18.31 64.98 10.95
N ALA G 403 -18.39 63.66 11.07
CA ALA G 403 -19.37 62.92 10.29
C ALA G 403 -20.80 63.32 10.65
N ALA G 404 -21.07 63.49 11.96
CA ALA G 404 -22.42 63.83 12.40
C ALA G 404 -22.88 65.16 11.82
N VAL G 405 -22.04 66.19 11.88
CA VAL G 405 -22.41 67.46 11.26
C VAL G 405 -22.44 67.34 9.74
N GLU G 406 -21.66 66.44 9.16
CA GLU G 406 -21.68 66.27 7.72
C GLU G 406 -23.06 65.83 7.24
N GLU G 407 -23.62 64.74 7.83
CA GLU G 407 -24.90 64.23 7.36
C GLU G 407 -25.84 63.75 8.47
N GLY G 408 -25.68 64.23 9.69
CA GLY G 408 -26.65 63.94 10.73
C GLY G 408 -26.43 62.59 11.40
N ILE G 409 -27.34 62.27 12.33
CA ILE G 409 -27.25 61.09 13.18
C ILE G 409 -28.46 60.21 12.93
N VAL G 410 -28.26 58.91 13.14
CA VAL G 410 -29.32 57.91 13.01
C VAL G 410 -29.21 56.95 14.19
N PRO G 411 -30.26 56.16 14.46
CA PRO G 411 -30.16 55.16 15.52
C PRO G 411 -29.05 54.16 15.23
N GLY G 412 -28.37 53.75 16.30
CA GLY G 412 -27.26 52.82 16.20
C GLY G 412 -27.69 51.38 16.39
N GLY G 413 -26.69 50.50 16.46
CA GLY G 413 -26.93 49.10 16.69
C GLY G 413 -27.64 48.39 15.56
N GLY G 414 -27.55 48.92 14.34
CA GLY G 414 -28.22 48.31 13.22
C GLY G 414 -29.70 48.59 13.15
N VAL G 415 -30.24 49.39 14.07
CA VAL G 415 -31.66 49.69 14.05
C VAL G 415 -32.00 50.59 12.88
N ALA G 416 -31.08 51.48 12.49
CA ALA G 416 -31.33 52.36 11.37
C ALA G 416 -31.51 51.57 10.08
N LEU G 417 -30.65 50.58 9.84
CA LEU G 417 -30.78 49.77 8.64
C LEU G 417 -32.07 48.95 8.65
N ILE G 418 -32.47 48.44 9.81
CA ILE G 418 -33.75 47.74 9.90
C ILE G 418 -34.89 48.67 9.56
N ARG G 419 -34.89 49.87 10.14
CA ARG G 419 -35.95 50.83 9.87
C ARG G 419 -35.97 51.26 8.41
N ALA G 420 -34.82 51.27 7.75
CA ALA G 420 -34.75 51.72 6.36
C ALA G 420 -35.31 50.71 5.38
N ALA G 421 -35.63 49.50 5.82
CA ALA G 421 -36.27 48.51 4.96
C ALA G 421 -37.71 48.87 4.62
N LYS G 422 -38.28 49.90 5.23
CA LYS G 422 -39.63 50.33 4.89
C LYS G 422 -39.73 50.72 3.43
N ALA G 423 -38.71 51.43 2.91
CA ALA G 423 -38.76 51.95 1.56
C ALA G 423 -38.79 50.85 0.49
N LEU G 424 -38.43 49.61 0.85
CA LEU G 424 -38.43 48.49 -0.08
C LEU G 424 -39.73 47.70 -0.06
N GLU G 425 -40.73 48.15 0.71
CA GLU G 425 -41.97 47.38 0.83
C GLU G 425 -42.73 47.31 -0.49
N ASN G 426 -42.86 48.45 -1.17
CA ASN G 426 -43.67 48.57 -2.39
C ASN G 426 -42.81 48.89 -3.61
N LEU G 427 -41.60 48.37 -3.66
CA LEU G 427 -40.66 48.62 -4.75
C LEU G 427 -40.42 47.33 -5.50
N GLU G 428 -40.60 47.38 -6.83
CA GLU G 428 -40.46 46.23 -7.69
C GLU G 428 -39.57 46.59 -8.87
N GLY G 429 -38.77 45.63 -9.30
CA GLY G 429 -37.86 45.83 -10.41
C GLY G 429 -38.53 45.62 -11.74
N GLU G 430 -37.70 45.52 -12.78
CA GLU G 430 -38.24 45.32 -14.12
C GLU G 430 -38.72 43.89 -14.33
N ASN G 431 -38.14 42.93 -13.60
CA ASN G 431 -38.54 41.53 -13.72
C ASN G 431 -38.36 40.81 -12.39
N GLY G 432 -38.68 39.53 -12.35
CA GLY G 432 -38.63 38.79 -11.09
C GLY G 432 -37.24 38.70 -10.50
N ASP G 433 -36.21 38.65 -11.35
CA ASP G 433 -34.84 38.56 -10.85
C ASP G 433 -34.49 39.82 -10.04
N GLN G 434 -34.87 40.99 -10.54
CA GLN G 434 -34.63 42.21 -9.80
C GLN G 434 -35.41 42.21 -8.49
N LYS G 435 -36.64 41.71 -8.51
CA LYS G 435 -37.44 41.70 -7.28
C LYS G 435 -36.81 40.80 -6.23
N THR G 436 -36.33 39.62 -6.62
CA THR G 436 -35.67 38.77 -5.63
C THR G 436 -34.34 39.34 -5.21
N GLY G 437 -33.68 40.14 -6.05
CA GLY G 437 -32.50 40.87 -5.59
C GLY G 437 -32.86 41.89 -4.51
N VAL G 438 -33.98 42.59 -4.69
CA VAL G 438 -34.44 43.53 -3.68
C VAL G 438 -34.75 42.80 -2.38
N LYS G 439 -35.42 41.64 -2.49
CA LYS G 439 -35.64 40.80 -1.32
C LYS G 439 -34.32 40.40 -0.69
N ILE G 440 -33.32 40.13 -1.52
CA ILE G 440 -32.04 39.62 -1.04
C ILE G 440 -31.35 40.68 -0.19
N VAL G 441 -31.35 41.92 -0.66
CA VAL G 441 -30.74 42.99 0.14
C VAL G 441 -31.62 43.40 1.31
N ARG G 442 -32.94 43.24 1.22
CA ARG G 442 -33.78 43.45 2.39
C ARG G 442 -33.45 42.47 3.50
N ARG G 443 -33.19 41.21 3.13
CA ARG G 443 -32.78 40.21 4.12
C ARG G 443 -31.47 40.61 4.79
N ALA G 444 -30.51 41.11 4.01
CA ALA G 444 -29.19 41.42 4.53
C ALA G 444 -29.18 42.61 5.47
N LEU G 445 -30.18 43.50 5.39
CA LEU G 445 -30.20 44.65 6.28
C LEU G 445 -30.42 44.26 7.73
N GLU G 446 -30.93 43.06 8.00
CA GLU G 446 -31.15 42.60 9.36
C GLU G 446 -29.92 41.96 9.98
N GLU G 447 -28.87 41.71 9.20
CA GLU G 447 -27.75 40.93 9.67
C GLU G 447 -26.88 41.69 10.68
N PRO G 448 -26.69 43.02 10.55
CA PRO G 448 -25.95 43.71 11.62
C PRO G 448 -26.57 43.55 13.00
N LEU G 449 -27.87 43.82 13.14
CA LEU G 449 -28.51 43.65 14.44
C LEU G 449 -28.56 42.18 14.85
N ARG G 450 -28.76 41.28 13.89
CA ARG G 450 -28.80 39.87 14.24
C ARG G 450 -27.46 39.44 14.84
N GLN G 451 -26.35 39.89 14.27
CA GLN G 451 -25.07 39.56 14.86
C GLN G 451 -24.79 40.35 16.14
N ILE G 452 -25.31 41.57 16.27
CA ILE G 452 -25.02 42.33 17.47
C ILE G 452 -25.68 41.66 18.67
N VAL G 453 -26.84 41.04 18.46
CA VAL G 453 -27.51 40.34 19.57
C VAL G 453 -26.98 38.91 19.69
N ALA G 454 -26.53 38.32 18.57
CA ALA G 454 -25.96 36.98 18.66
C ALA G 454 -24.65 36.97 19.43
N ASN G 455 -23.85 38.03 19.29
CA ASN G 455 -22.62 38.13 20.07
C ASN G 455 -22.90 38.18 21.56
N ALA G 456 -24.03 38.77 21.96
CA ALA G 456 -24.45 38.77 23.35
C ALA G 456 -24.96 37.41 23.82
N GLY G 457 -25.11 36.44 22.93
CA GLY G 457 -25.53 35.12 23.33
C GLY G 457 -27.01 34.97 23.59
N LEU G 458 -27.83 35.74 22.88
CA LEU G 458 -29.28 35.71 23.03
C LEU G 458 -29.93 35.20 21.75
N GLU G 459 -31.24 35.05 21.78
CA GLU G 459 -32.00 34.63 20.62
C GLU G 459 -32.30 35.85 19.76
N GLY G 460 -31.76 35.85 18.54
CA GLY G 460 -31.80 37.03 17.71
C GLY G 460 -33.12 37.30 17.03
N SER G 461 -33.87 36.23 16.72
CA SER G 461 -35.07 36.40 15.93
C SER G 461 -36.16 37.14 16.71
N VAL G 462 -36.33 36.82 17.99
CA VAL G 462 -37.37 37.49 18.76
C VAL G 462 -37.08 38.98 18.86
N VAL G 463 -35.82 39.34 19.11
CA VAL G 463 -35.48 40.75 19.24
C VAL G 463 -35.61 41.47 17.90
N VAL G 464 -35.17 40.84 16.80
CA VAL G 464 -35.25 41.53 15.52
C VAL G 464 -36.70 41.69 15.09
N ASN G 465 -37.52 40.67 15.32
CA ASN G 465 -38.94 40.80 15.02
C ASN G 465 -39.59 41.89 15.87
N LYS G 466 -39.31 41.90 17.16
CA LYS G 466 -40.00 42.81 18.06
C LYS G 466 -39.54 44.25 17.93
N VAL G 467 -38.32 44.49 17.41
CA VAL G 467 -37.99 45.84 16.99
C VAL G 467 -38.64 46.16 15.66
N LYS G 468 -38.85 45.16 14.80
CA LYS G 468 -39.55 45.41 13.56
C LYS G 468 -41.00 45.82 13.80
N GLU G 469 -41.63 45.32 14.87
CA GLU G 469 -42.98 45.79 15.19
C GLU G 469 -42.96 47.26 15.58
N GLY G 470 -41.90 47.73 16.23
CA GLY G 470 -41.80 49.11 16.61
C GLY G 470 -41.67 50.03 15.41
N LYS G 471 -41.66 51.32 15.68
CA LYS G 471 -41.61 52.35 14.66
C LYS G 471 -40.61 53.43 15.06
N GLY G 472 -40.05 54.09 14.06
CA GLY G 472 -39.10 55.17 14.28
C GLY G 472 -37.85 54.75 15.03
N ASN G 473 -37.52 55.51 16.08
CA ASN G 473 -36.27 55.35 16.80
C ASN G 473 -36.34 54.27 17.87
N PHE G 474 -37.48 53.61 18.04
CA PHE G 474 -37.56 52.44 18.90
C PHE G 474 -36.56 51.40 18.44
N GLY G 475 -35.78 50.87 19.38
CA GLY G 475 -34.69 49.99 19.01
C GLY G 475 -34.15 49.25 20.21
N TYR G 476 -33.22 48.36 19.92
CA TYR G 476 -32.65 47.45 20.92
C TYR G 476 -31.32 48.02 21.41
N ASN G 477 -31.26 48.33 22.71
CA ASN G 477 -30.05 48.83 23.33
C ASN G 477 -29.29 47.63 23.89
N ALA G 478 -28.26 47.19 23.17
CA ALA G 478 -27.54 45.99 23.55
C ALA G 478 -26.82 46.14 24.89
N ARG G 479 -26.41 47.36 25.26
CA ARG G 479 -25.67 47.53 26.50
C ARG G 479 -26.52 47.19 27.71
N THR G 480 -27.71 47.78 27.81
CA THR G 480 -28.56 47.70 28.99
C THR G 480 -29.75 46.77 28.81
N GLU G 481 -29.89 46.14 27.65
CA GLU G 481 -30.98 45.19 27.39
C GLU G 481 -32.35 45.85 27.46
N GLU G 482 -32.42 47.17 27.29
CA GLU G 482 -33.66 47.92 27.26
C GLU G 482 -34.01 48.27 25.81
N TYR G 483 -35.18 48.87 25.64
CA TYR G 483 -35.82 49.03 24.33
C TYR G 483 -36.17 50.50 24.08
N ASP G 484 -35.21 51.40 24.26
CA ASP G 484 -35.38 52.79 23.86
C ASP G 484 -34.06 53.35 23.37
N LEU G 485 -34.09 53.99 22.19
CA LEU G 485 -32.91 54.63 21.61
C LEU G 485 -33.15 56.08 21.19
N ILE G 486 -34.22 56.71 21.65
CA ILE G 486 -34.51 58.08 21.25
C ILE G 486 -33.46 58.98 21.87
N GLU G 487 -33.43 59.05 23.20
CA GLU G 487 -32.48 59.84 23.96
C GLU G 487 -31.49 58.98 24.73
N ALA G 488 -31.59 57.65 24.65
CA ALA G 488 -30.70 56.79 25.42
C ALA G 488 -29.25 56.96 24.99
N GLY G 489 -29.02 57.40 23.76
CA GLY G 489 -27.69 57.81 23.35
C GLY G 489 -26.81 56.67 22.90
N VAL G 490 -27.32 55.86 21.97
CA VAL G 490 -26.52 54.93 21.19
C VAL G 490 -26.84 55.25 19.72
N ILE G 491 -26.01 56.08 19.11
CA ILE G 491 -26.24 56.61 17.78
C ILE G 491 -25.02 56.39 16.90
N ASP G 492 -25.25 56.36 15.59
CA ASP G 492 -24.22 56.34 14.58
C ASP G 492 -24.45 57.50 13.61
N PRO G 493 -23.40 58.04 12.99
CA PRO G 493 -23.62 59.00 11.91
C PRO G 493 -24.34 58.34 10.74
N ALA G 494 -25.18 59.14 10.07
CA ALA G 494 -25.81 58.64 8.86
C ALA G 494 -24.77 58.33 7.79
N LYS G 495 -23.66 59.06 7.79
CA LYS G 495 -22.64 58.88 6.76
C LYS G 495 -22.02 57.49 6.84
N VAL G 496 -21.70 57.03 8.05
CA VAL G 496 -21.00 55.75 8.16
C VAL G 496 -21.92 54.60 7.74
N THR G 497 -23.19 54.65 8.13
CA THR G 497 -24.10 53.58 7.73
C THR G 497 -24.38 53.61 6.24
N ARG G 498 -24.58 54.82 5.69
CA ARG G 498 -24.79 54.94 4.26
C ARG G 498 -23.61 54.40 3.48
N THR G 499 -22.40 54.82 3.85
CA THR G 499 -21.21 54.39 3.12
C THR G 499 -20.97 52.90 3.28
N ALA G 500 -21.24 52.35 4.47
CA ALA G 500 -21.10 50.91 4.65
C ALA G 500 -22.05 50.16 3.75
N LEU G 501 -23.30 50.61 3.66
CA LEU G 501 -24.27 49.96 2.79
C LEU G 501 -23.83 50.04 1.33
N GLN G 502 -23.37 51.22 0.88
CA GLN G 502 -22.96 51.34 -0.51
C GLN G 502 -21.73 50.50 -0.81
N ASN G 503 -20.77 50.44 0.11
CA ASN G 503 -19.59 49.63 -0.12
C ASN G 503 -19.96 48.15 -0.17
N ALA G 504 -20.85 47.71 0.72
CA ALA G 504 -21.31 46.33 0.69
C ALA G 504 -22.01 46.01 -0.62
N ALA G 505 -22.85 46.94 -1.08
CA ALA G 505 -23.55 46.73 -2.36
C ALA G 505 -22.55 46.63 -3.50
N SER G 506 -21.54 47.50 -3.51
CA SER G 506 -20.56 47.47 -4.58
C SER G 506 -19.80 46.15 -4.60
N ILE G 507 -19.28 45.71 -3.45
CA ILE G 507 -18.51 44.48 -3.44
C ILE G 507 -19.40 43.30 -3.78
N ALA G 508 -20.63 43.26 -3.26
CA ALA G 508 -21.50 42.15 -3.54
C ALA G 508 -21.84 42.08 -5.03
N GLY G 509 -22.14 43.22 -5.65
CA GLY G 509 -22.44 43.21 -7.07
C GLY G 509 -21.24 42.81 -7.91
N MET G 510 -20.06 43.33 -7.58
CA MET G 510 -18.86 43.01 -8.33
C MET G 510 -18.40 41.57 -8.13
N LEU G 511 -18.79 40.93 -7.03
CA LEU G 511 -18.43 39.54 -6.80
C LEU G 511 -19.47 38.55 -7.27
N LEU G 512 -20.74 38.96 -7.34
CA LEU G 512 -21.76 38.10 -7.93
C LEU G 512 -21.66 38.03 -9.45
N THR G 513 -20.97 39.00 -10.08
CA THR G 513 -20.81 39.08 -11.52
C THR G 513 -19.36 38.89 -11.93
N THR G 514 -18.68 37.93 -11.31
CA THR G 514 -17.33 37.53 -11.68
C THR G 514 -17.33 36.09 -12.15
N GLU G 515 -16.73 35.86 -13.33
CA GLU G 515 -16.65 34.54 -13.94
C GLU G 515 -15.25 34.03 -14.20
N CYS G 516 -14.20 34.81 -13.94
CA CYS G 516 -12.84 34.32 -14.08
C CYS G 516 -12.01 34.86 -12.92
N VAL G 517 -11.19 33.99 -12.35
CA VAL G 517 -10.27 34.35 -11.28
C VAL G 517 -8.91 33.76 -11.64
N ILE G 518 -7.88 34.59 -11.64
CA ILE G 518 -6.54 34.19 -12.05
C ILE G 518 -5.60 34.43 -10.88
N THR G 519 -4.89 33.38 -10.47
CA THR G 519 -3.87 33.45 -9.44
C THR G 519 -2.69 32.58 -9.84
N GLU G 520 -1.56 32.79 -9.18
CA GLU G 520 -0.33 32.09 -9.52
C GLU G 520 -0.06 30.96 -8.53
N LYS G 521 0.48 29.86 -9.05
CA LYS G 521 0.90 28.76 -8.20
C LYS G 521 2.16 29.23 -7.48
N PRO G 522 2.17 29.29 -6.13
CA PRO G 522 3.39 29.66 -5.35
C PRO G 522 4.64 29.07 -6.01
N ALA H 1 -19.25 -13.57 23.47
CA ALA H 1 -20.12 -13.15 22.34
C ALA H 1 -21.12 -12.10 22.81
N LYS H 2 -20.68 -11.21 23.69
CA LYS H 2 -21.50 -10.11 24.19
C LYS H 2 -20.63 -8.86 24.24
N GLN H 3 -20.92 -7.90 23.37
CA GLN H 3 -20.26 -6.60 23.43
C GLN H 3 -20.77 -5.85 24.66
N ILE H 4 -19.85 -5.28 25.45
CA ILE H 4 -20.23 -4.60 26.74
C ILE H 4 -19.77 -3.14 26.69
N LYS H 5 -20.70 -2.18 26.60
CA LYS H 5 -20.36 -0.74 26.65
C LYS H 5 -20.38 -0.33 28.13
N PHE H 6 -19.80 0.83 28.47
CA PHE H 6 -19.71 1.27 29.90
C PHE H 6 -19.64 2.79 29.99
N ASP H 7 -19.85 3.33 31.19
CA ASP H 7 -19.75 4.80 31.45
C ASP H 7 -20.51 5.58 30.36
N THR H 8 -19.90 6.61 29.77
CA THR H 8 -20.54 7.47 28.74
C THR H 8 -20.27 6.90 27.37
N ASP H 9 -19.46 5.84 27.26
CA ASP H 9 -19.26 5.16 25.96
C ASP H 9 -20.59 4.51 25.58
N ALA H 10 -21.33 4.04 26.58
CA ALA H 10 -22.64 3.36 26.35
C ALA H 10 -23.77 4.39 26.20
N ARG H 11 -23.69 5.54 26.89
CA ARG H 11 -24.80 6.48 26.88
C ARG H 11 -24.82 7.31 25.60
N ASN H 12 -23.67 7.61 25.02
CA ASN H 12 -23.64 8.30 23.73
C ASN H 12 -24.28 7.45 22.64
N ALA H 13 -24.01 6.15 22.65
CA ALA H 13 -24.64 5.28 21.66
C ALA H 13 -26.15 5.25 21.85
N LEU H 14 -26.61 5.20 23.10
CA LEU H 14 -28.05 5.25 23.34
C LEU H 14 -28.66 6.55 22.84
N LEU H 15 -28.00 7.67 23.11
CA LEU H 15 -28.49 8.96 22.61
C LEU H 15 -28.49 9.01 21.09
N ARG H 16 -27.49 8.41 20.44
CA ARG H 16 -27.48 8.37 18.99
C ARG H 16 -28.66 7.59 18.45
N GLY H 17 -28.98 6.46 19.07
CA GLY H 17 -30.16 5.72 18.66
C GLY H 17 -31.44 6.51 18.85
N VAL H 18 -31.57 7.17 20.01
CA VAL H 18 -32.76 7.97 20.26
C VAL H 18 -32.89 9.09 19.25
N ASP H 19 -31.77 9.71 18.88
CA ASP H 19 -31.81 10.74 17.84
C ASP H 19 -32.27 10.14 16.52
N LYS H 20 -31.67 9.05 16.09
CA LYS H 20 -32.00 8.52 14.77
C LYS H 20 -33.42 7.97 14.70
N LEU H 21 -34.04 7.70 15.85
CA LEU H 21 -35.45 7.34 15.86
C LEU H 21 -36.33 8.59 15.86
N ALA H 22 -36.18 9.44 16.88
CA ALA H 22 -37.11 10.54 17.05
C ALA H 22 -36.97 11.59 15.97
N ASP H 23 -35.82 11.68 15.29
CA ASP H 23 -35.75 12.52 14.11
C ASP H 23 -36.63 11.99 13.00
N ALA H 24 -36.63 10.67 12.80
CA ALA H 24 -37.55 10.07 11.86
C ALA H 24 -39.00 10.25 12.27
N VAL H 25 -39.27 10.36 13.57
CA VAL H 25 -40.64 10.47 14.06
C VAL H 25 -41.09 11.92 14.20
N LYS H 26 -40.20 12.81 14.65
CA LYS H 26 -40.62 14.17 14.96
C LYS H 26 -40.99 15.00 13.74
N VAL H 27 -40.60 14.56 12.53
CA VAL H 27 -40.97 15.31 11.33
C VAL H 27 -42.43 15.14 10.94
N THR H 28 -43.19 14.30 11.63
CA THR H 28 -44.57 14.00 11.28
C THR H 28 -45.58 14.69 12.19
N LEU H 29 -45.13 15.60 13.06
CA LEU H 29 -45.99 16.14 14.11
C LEU H 29 -46.71 17.39 13.63
N GLY H 30 -47.94 17.57 14.12
CA GLY H 30 -48.69 18.77 13.86
C GLY H 30 -49.58 18.68 12.63
N PRO H 31 -50.35 19.74 12.38
CA PRO H 31 -51.27 19.72 11.23
C PRO H 31 -50.59 19.91 9.88
N LYS H 32 -49.37 20.44 9.86
CA LYS H 32 -48.61 20.61 8.63
C LYS H 32 -47.40 19.70 8.67
N GLY H 33 -47.62 18.46 9.11
CA GLY H 33 -46.52 17.52 9.21
C GLY H 33 -45.92 17.22 7.85
N ARG H 34 -44.61 16.98 7.87
CA ARG H 34 -43.88 16.63 6.66
C ARG H 34 -44.23 15.18 6.31
N ASN H 35 -43.60 14.66 5.25
CA ASN H 35 -43.82 13.30 4.79
C ASN H 35 -42.61 12.44 5.12
N VAL H 36 -42.86 11.18 5.44
CA VAL H 36 -41.82 10.16 5.56
C VAL H 36 -42.16 9.05 4.58
N ILE H 37 -41.23 8.74 3.69
CA ILE H 37 -41.43 7.75 2.64
C ILE H 37 -40.75 6.48 3.15
N ILE H 38 -41.47 5.37 3.12
CA ILE H 38 -41.05 4.12 3.75
C ILE H 38 -41.10 3.01 2.71
N GLU H 39 -40.02 2.25 2.62
CA GLU H 39 -39.95 1.15 1.66
C GLU H 39 -40.83 0.00 2.11
N LYS H 40 -41.47 -0.65 1.14
CA LYS H 40 -42.15 -1.92 1.33
C LYS H 40 -41.56 -2.93 0.35
N LYS H 41 -41.61 -4.20 0.76
CA LYS H 41 -40.83 -5.22 0.04
C LYS H 41 -41.33 -5.41 -1.39
N PHE H 42 -42.64 -5.48 -1.57
CA PHE H 42 -43.26 -5.75 -2.87
C PHE H 42 -44.36 -4.70 -3.08
N GLY H 43 -44.11 -3.76 -3.99
CA GLY H 43 -45.03 -2.69 -4.31
C GLY H 43 -44.34 -1.36 -4.17
N ALA H 44 -45.10 -0.29 -4.39
CA ALA H 44 -44.54 1.04 -4.31
C ALA H 44 -44.30 1.42 -2.85
N PRO H 45 -43.33 2.28 -2.56
CA PRO H 45 -43.14 2.72 -1.17
C PRO H 45 -44.32 3.55 -0.71
N THR H 46 -44.56 3.50 0.60
CA THR H 46 -45.69 4.19 1.20
C THR H 46 -45.26 5.54 1.76
N ILE H 47 -46.12 6.53 1.58
CA ILE H 47 -45.90 7.90 2.04
C ILE H 47 -46.92 8.17 3.13
N THR H 48 -46.44 8.59 4.30
CA THR H 48 -47.28 8.73 5.49
C THR H 48 -47.00 10.04 6.20
N LYS H 49 -48.02 10.52 6.88
CA LYS H 49 -47.92 11.65 7.81
C LYS H 49 -48.09 11.24 9.26
N ASP H 50 -48.38 9.97 9.54
CA ASP H 50 -48.68 9.49 10.88
C ASP H 50 -47.40 8.91 11.46
N GLY H 51 -46.99 9.43 12.62
CA GLY H 51 -45.73 9.01 13.22
C GLY H 51 -45.73 7.60 13.76
N VAL H 52 -46.91 7.04 14.07
CA VAL H 52 -46.95 5.69 14.60
C VAL H 52 -46.50 4.70 13.53
N THR H 53 -46.89 4.93 12.28
CA THR H 53 -46.42 4.09 11.18
C THR H 53 -44.92 4.22 11.00
N VAL H 54 -44.39 5.45 11.10
CA VAL H 54 -42.95 5.63 10.97
C VAL H 54 -42.24 5.02 12.18
N ALA H 55 -42.78 5.24 13.38
CA ALA H 55 -42.14 4.73 14.58
C ALA H 55 -42.17 3.21 14.64
N LYS H 56 -43.13 2.56 13.99
CA LYS H 56 -43.22 1.11 14.04
C LYS H 56 -42.14 0.45 13.18
N GLU H 57 -41.72 1.13 12.11
CA GLU H 57 -40.97 0.51 11.02
C GLU H 57 -39.57 1.14 10.96
N ILE H 58 -38.95 1.27 12.14
CA ILE H 58 -37.63 1.89 12.29
C ILE H 58 -36.84 0.99 13.24
N GLU H 59 -35.85 0.28 12.72
CA GLU H 59 -34.89 -0.46 13.54
C GLU H 59 -33.51 -0.41 12.89
N LEU H 60 -32.47 -0.28 13.71
CA LEU H 60 -31.21 0.29 13.30
C LEU H 60 -30.14 -0.78 13.11
N GLU H 61 -29.01 -0.36 12.54
CA GLU H 61 -27.89 -1.27 12.25
C GLU H 61 -27.01 -1.48 13.47
N ASP H 62 -26.45 -0.40 14.01
CA ASP H 62 -25.60 -0.49 15.18
C ASP H 62 -26.42 -1.06 16.34
N PRO H 63 -26.01 -2.18 16.96
CA PRO H 63 -26.90 -2.80 17.95
C PRO H 63 -27.22 -1.92 19.15
N PHE H 64 -26.29 -1.09 19.61
CA PHE H 64 -26.61 -0.23 20.74
C PHE H 64 -27.63 0.84 20.37
N GLU H 65 -27.45 1.45 19.19
CA GLU H 65 -28.40 2.45 18.75
C GLU H 65 -29.78 1.83 18.52
N ASN H 66 -29.81 0.64 17.93
CA ASN H 66 -31.09 -0.06 17.80
C ASN H 66 -31.67 -0.38 19.16
N MET H 67 -30.84 -0.68 20.15
CA MET H 67 -31.31 -1.02 21.48
C MET H 67 -32.04 0.16 22.10
N GLY H 68 -31.40 1.34 22.03
CA GLY H 68 -32.03 2.55 22.52
C GLY H 68 -33.28 2.93 21.76
N ALA H 69 -33.24 2.81 20.42
CA ALA H 69 -34.41 3.13 19.62
C ALA H 69 -35.58 2.23 19.97
N GLN H 70 -35.32 0.93 20.13
CA GLN H 70 -36.37 0.01 20.53
C GLN H 70 -36.91 0.36 21.91
N MET H 71 -36.04 0.80 22.83
CA MET H 71 -36.55 1.10 24.17
C MET H 71 -37.42 2.35 24.16
N VAL H 72 -37.05 3.37 23.38
CA VAL H 72 -37.95 4.53 23.23
C VAL H 72 -39.25 4.11 22.58
N LYS H 73 -39.17 3.27 21.54
CA LYS H 73 -40.37 2.79 20.88
C LYS H 73 -41.29 2.07 21.86
N GLU H 74 -40.72 1.27 22.75
CA GLU H 74 -41.54 0.49 23.67
C GLU H 74 -42.10 1.34 24.79
N VAL H 75 -41.35 2.33 25.28
CA VAL H 75 -41.87 3.18 26.34
C VAL H 75 -42.98 4.08 25.78
N ALA H 76 -42.76 4.68 24.62
CA ALA H 76 -43.71 5.61 24.05
C ALA H 76 -44.97 4.94 23.51
N SER H 77 -45.00 3.61 23.43
CA SER H 77 -46.15 2.89 22.91
C SER H 77 -47.19 2.59 23.97
N LYS H 78 -46.92 2.89 25.24
CA LYS H 78 -47.90 2.66 26.30
C LYS H 78 -48.99 3.73 26.36
N THR H 79 -48.86 4.81 25.59
CA THR H 79 -49.84 5.89 25.67
C THR H 79 -51.22 5.40 25.24
N SER H 80 -52.24 5.90 25.92
CA SER H 80 -53.61 5.46 25.65
C SER H 80 -54.02 5.79 24.22
N ASP H 81 -53.70 6.99 23.75
CA ASP H 81 -54.07 7.40 22.41
C ASP H 81 -53.21 6.67 21.38
N VAL H 82 -53.83 6.34 20.24
CA VAL H 82 -53.15 5.80 19.07
C VAL H 82 -53.47 6.58 17.81
N ALA H 83 -54.21 7.68 17.92
CA ALA H 83 -54.62 8.44 16.75
C ALA H 83 -53.45 9.20 16.14
N GLY H 84 -52.67 9.86 16.98
CA GLY H 84 -51.54 10.66 16.51
C GLY H 84 -51.21 11.75 17.52
N ASP H 85 -49.93 12.13 17.53
CA ASP H 85 -49.39 13.16 18.41
C ASP H 85 -49.40 12.73 19.88
N GLY H 86 -49.64 11.45 20.17
CA GLY H 86 -49.48 10.92 21.52
C GLY H 86 -48.13 10.25 21.66
N THR H 87 -47.81 9.38 20.72
CA THR H 87 -46.49 8.74 20.71
C THR H 87 -45.41 9.70 20.23
N THR H 88 -45.72 10.48 19.19
CA THR H 88 -44.75 11.42 18.65
C THR H 88 -44.34 12.45 19.70
N THR H 89 -45.31 12.97 20.45
CA THR H 89 -44.99 13.91 21.52
C THR H 89 -44.09 13.25 22.56
N ALA H 90 -44.37 11.99 22.88
CA ALA H 90 -43.57 11.28 23.86
C ALA H 90 -42.12 11.13 23.39
N THR H 91 -41.92 10.77 22.13
CA THR H 91 -40.55 10.62 21.63
C THR H 91 -39.84 11.96 21.54
N VAL H 92 -40.57 13.03 21.18
CA VAL H 92 -39.94 14.34 21.11
C VAL H 92 -39.47 14.78 22.49
N LEU H 93 -40.34 14.64 23.50
CA LEU H 93 -39.94 14.99 24.86
C LEU H 93 -38.81 14.10 25.36
N ALA H 94 -38.83 12.82 24.99
CA ALA H 94 -37.75 11.92 25.37
C ALA H 94 -36.42 12.39 24.81
N GLN H 95 -36.41 12.76 23.52
CA GLN H 95 -35.18 13.29 22.93
C GLN H 95 -34.72 14.53 23.67
N ALA H 96 -35.64 15.44 23.94
CA ALA H 96 -35.27 16.70 24.58
C ALA H 96 -34.62 16.45 25.93
N ILE H 97 -35.30 15.69 26.79
CA ILE H 97 -34.80 15.50 28.14
C ILE H 97 -33.52 14.70 28.12
N VAL H 98 -33.43 13.67 27.27
CA VAL H 98 -32.22 12.85 27.23
C VAL H 98 -31.03 13.68 26.76
N ARG H 99 -31.21 14.47 25.70
CA ARG H 99 -30.10 15.25 25.17
C ARG H 99 -29.62 16.27 26.18
N GLU H 100 -30.55 17.01 26.79
CA GLU H 100 -30.13 18.00 27.79
C GLU H 100 -29.52 17.34 29.01
N GLY H 101 -30.05 16.19 29.45
CA GLY H 101 -29.50 15.51 30.60
C GLY H 101 -28.10 15.00 30.37
N LEU H 102 -27.83 14.47 29.17
CA LEU H 102 -26.48 14.01 28.88
C LEU H 102 -25.52 15.19 28.70
N LYS H 103 -25.99 16.30 28.14
CA LYS H 103 -25.15 17.49 28.08
C LYS H 103 -24.79 17.96 29.48
N ASN H 104 -25.76 17.92 30.40
CA ASN H 104 -25.51 18.39 31.76
C ASN H 104 -24.71 17.41 32.60
N VAL H 105 -24.82 16.10 32.36
CA VAL H 105 -24.00 15.15 33.08
C VAL H 105 -22.58 15.15 32.54
N ALA H 106 -22.39 15.53 31.28
CA ALA H 106 -21.04 15.85 30.81
C ALA H 106 -20.47 17.05 31.55
N ALA H 107 -21.32 17.95 32.05
CA ALA H 107 -20.89 19.13 32.79
C ALA H 107 -20.63 18.85 34.26
N GLY H 108 -20.84 17.62 34.72
CA GLY H 108 -20.53 17.23 36.07
C GLY H 108 -21.70 17.16 37.03
N ALA H 109 -22.87 16.74 36.58
CA ALA H 109 -24.04 16.59 37.44
C ALA H 109 -24.20 15.15 37.89
N ASN H 110 -24.79 14.99 39.07
CA ASN H 110 -25.13 13.67 39.60
C ASN H 110 -26.36 13.14 38.87
N PRO H 111 -26.31 11.96 38.23
CA PRO H 111 -27.52 11.46 37.55
C PRO H 111 -28.73 11.27 38.45
N MET H 112 -28.57 10.80 39.69
CA MET H 112 -29.73 10.68 40.58
C MET H 112 -30.34 12.03 40.92
N ASP H 113 -29.52 13.05 41.13
CA ASP H 113 -30.08 14.36 41.36
C ASP H 113 -30.84 14.86 40.15
N LEU H 114 -30.31 14.60 38.94
CA LEU H 114 -31.04 14.98 37.73
C LEU H 114 -32.36 14.22 37.63
N LYS H 115 -32.34 12.92 37.93
CA LYS H 115 -33.56 12.14 37.83
C LYS H 115 -34.60 12.60 38.85
N ARG H 116 -34.17 12.88 40.07
CA ARG H 116 -35.10 13.32 41.10
C ARG H 116 -35.69 14.69 40.74
N GLY H 117 -34.86 15.59 40.23
CA GLY H 117 -35.38 16.88 39.79
C GLY H 117 -36.37 16.74 38.65
N ILE H 118 -36.05 15.88 37.68
CA ILE H 118 -36.95 15.66 36.55
C ILE H 118 -38.28 15.11 37.05
N ASP H 119 -38.23 14.11 37.94
CA ASP H 119 -39.45 13.51 38.45
C ASP H 119 -40.27 14.51 39.25
N LYS H 120 -39.61 15.32 40.08
CA LYS H 120 -40.33 16.31 40.89
C LYS H 120 -41.03 17.32 40.00
N ALA H 121 -40.31 17.88 39.03
CA ALA H 121 -40.91 18.87 38.16
C ALA H 121 -41.98 18.25 37.27
N VAL H 122 -41.83 16.98 36.91
CA VAL H 122 -42.87 16.33 36.10
C VAL H 122 -44.13 16.13 36.93
N GLU H 123 -43.97 15.79 38.20
CA GLU H 123 -45.14 15.69 39.08
C GLU H 123 -45.82 17.04 39.22
N ALA H 124 -45.02 18.11 39.36
CA ALA H 124 -45.61 19.45 39.45
C ALA H 124 -46.35 19.81 38.16
N VAL H 125 -45.78 19.49 37.01
CA VAL H 125 -46.42 19.79 35.74
C VAL H 125 -47.70 18.99 35.59
N VAL H 126 -47.70 17.73 36.05
CA VAL H 126 -48.91 16.92 35.98
C VAL H 126 -49.99 17.49 36.88
N GLU H 127 -49.61 17.96 38.07
CA GLU H 127 -50.59 18.58 38.96
C GLU H 127 -51.19 19.82 38.32
N GLU H 128 -50.35 20.66 37.73
CA GLU H 128 -50.87 21.88 37.10
C GLU H 128 -51.71 21.54 35.87
N LEU H 129 -51.37 20.46 35.17
CA LEU H 129 -52.19 20.01 34.05
C LEU H 129 -53.57 19.57 34.53
N LYS H 130 -53.62 18.83 35.63
CA LYS H 130 -54.91 18.45 36.21
C LYS H 130 -55.70 19.68 36.61
N LYS H 131 -55.03 20.67 37.19
CA LYS H 131 -55.71 21.91 37.59
C LYS H 131 -56.25 22.65 36.37
N MET H 132 -55.50 22.63 35.25
CA MET H 132 -55.81 23.50 34.13
C MET H 132 -56.86 22.90 33.21
N ALA H 133 -56.98 21.58 33.18
CA ALA H 133 -57.85 20.92 32.20
C ALA H 133 -59.31 21.28 32.44
N LYS H 134 -60.02 21.60 31.34
CA LYS H 134 -61.43 21.91 31.44
C LYS H 134 -62.23 20.61 31.50
N PRO H 135 -63.19 20.48 32.42
CA PRO H 135 -63.93 19.21 32.51
C PRO H 135 -65.11 19.17 31.55
N VAL H 136 -65.24 18.06 30.84
CA VAL H 136 -66.32 17.85 29.88
C VAL H 136 -67.37 16.97 30.56
N ASN H 137 -68.52 17.58 30.88
CA ASN H 137 -69.66 16.89 31.49
C ASN H 137 -70.91 17.47 30.83
N GLY H 138 -71.48 16.73 29.88
CA GLY H 138 -72.76 17.11 29.31
C GLY H 138 -72.98 16.75 27.85
N LYS H 139 -74.26 16.73 27.45
CA LYS H 139 -74.62 16.42 26.08
C LYS H 139 -74.00 17.41 25.10
N GLU H 140 -74.15 18.70 25.38
CA GLU H 140 -73.71 19.71 24.40
C GLU H 140 -72.19 19.70 24.25
N GLU H 141 -71.47 19.61 25.37
CA GLU H 141 -70.01 19.68 25.29
C GLU H 141 -69.42 18.37 24.81
N ILE H 142 -70.04 17.23 25.11
CA ILE H 142 -69.57 15.99 24.50
C ILE H 142 -69.85 16.00 23.00
N ALA H 143 -70.96 16.60 22.56
CA ALA H 143 -71.16 16.75 21.13
C ALA H 143 -70.08 17.64 20.52
N GLN H 144 -69.73 18.73 21.22
CA GLN H 144 -68.70 19.64 20.71
C GLN H 144 -67.36 18.92 20.57
N VAL H 145 -66.93 18.22 21.62
CA VAL H 145 -65.64 17.55 21.57
C VAL H 145 -65.67 16.41 20.56
N ALA H 146 -66.80 15.72 20.40
CA ALA H 146 -66.88 14.67 19.39
C ALA H 146 -66.76 15.25 17.99
N THR H 147 -67.43 16.38 17.73
CA THR H 147 -67.32 17.02 16.42
C THR H 147 -65.90 17.49 16.16
N ILE H 148 -65.26 18.09 17.16
CA ILE H 148 -63.89 18.57 17.00
C ILE H 148 -62.96 17.40 16.71
N SER H 149 -63.17 16.27 17.39
CA SER H 149 -62.30 15.12 17.21
C SER H 149 -62.57 14.35 15.93
N ALA H 150 -63.64 14.67 15.21
CA ALA H 150 -64.04 13.93 14.01
C ALA H 150 -63.89 14.75 12.74
N ASN H 151 -62.99 15.74 12.76
CA ASN H 151 -62.75 16.60 11.61
C ASN H 151 -64.00 17.39 11.22
N ASN H 152 -64.69 17.91 12.23
CA ASN H 152 -65.67 19.00 12.05
C ASN H 152 -66.81 18.61 11.10
N ASP H 153 -67.60 17.63 11.53
CA ASP H 153 -68.80 17.24 10.80
C ASP H 153 -69.81 16.62 11.75
N PRO H 154 -71.05 17.18 11.86
CA PRO H 154 -71.85 16.97 13.09
C PRO H 154 -72.29 15.53 13.38
N GLU H 155 -72.78 14.80 12.37
CA GLU H 155 -73.64 13.65 12.65
C GLU H 155 -72.90 12.53 13.37
N ILE H 156 -71.61 12.30 13.10
CA ILE H 156 -70.89 11.30 13.88
C ILE H 156 -70.75 11.78 15.31
N GLY H 157 -70.53 13.09 15.50
CA GLY H 157 -70.45 13.61 16.84
C GLY H 157 -71.74 13.42 17.61
N LYS H 158 -72.87 13.69 16.97
CA LYS H 158 -74.16 13.48 17.63
C LYS H 158 -74.39 12.01 17.93
N LEU H 159 -74.00 11.13 17.01
CA LEU H 159 -74.17 9.69 17.24
C LEU H 159 -73.38 9.25 18.45
N ILE H 160 -72.10 9.62 18.51
CA ILE H 160 -71.26 9.18 19.63
C ILE H 160 -71.73 9.83 20.92
N ALA H 161 -72.18 11.08 20.87
CA ALA H 161 -72.69 11.74 22.07
C ALA H 161 -73.92 11.03 22.61
N GLU H 162 -74.87 10.72 21.74
CA GLU H 162 -76.08 10.03 22.17
C GLU H 162 -75.73 8.66 22.72
N ALA H 163 -74.82 7.94 22.07
CA ALA H 163 -74.45 6.61 22.54
C ALA H 163 -73.82 6.68 23.93
N MET H 164 -72.88 7.61 24.12
CA MET H 164 -72.22 7.75 25.41
C MET H 164 -73.21 8.13 26.49
N GLU H 165 -74.12 9.05 26.21
CA GLU H 165 -75.12 9.43 27.19
C GLU H 165 -76.02 8.25 27.53
N LYS H 166 -76.44 7.49 26.52
CA LYS H 166 -77.45 6.47 26.69
C LYS H 166 -76.90 5.18 27.30
N VAL H 167 -75.58 4.96 27.24
CA VAL H 167 -75.01 3.76 27.85
C VAL H 167 -74.55 4.02 29.28
N GLY H 168 -73.94 5.18 29.54
CA GLY H 168 -73.31 5.47 30.81
C GLY H 168 -71.85 5.83 30.64
N LYS H 169 -71.25 6.45 31.67
CA LYS H 169 -69.88 6.93 31.54
C LYS H 169 -68.90 5.77 31.40
N ASP H 170 -68.98 4.80 32.30
CA ASP H 170 -68.08 3.66 32.28
C ASP H 170 -68.52 2.56 31.31
N GLY H 171 -69.54 2.80 30.50
CA GLY H 171 -70.04 1.79 29.60
C GLY H 171 -69.04 1.43 28.52
N VAL H 172 -69.50 0.61 27.57
CA VAL H 172 -68.69 0.10 26.49
C VAL H 172 -69.40 0.35 25.17
N ILE H 173 -68.66 0.89 24.20
CA ILE H 173 -69.11 1.08 22.83
C ILE H 173 -68.32 0.14 21.94
N THR H 174 -68.93 -0.31 20.85
CA THR H 174 -68.29 -1.21 19.91
C THR H 174 -68.67 -0.84 18.48
N VAL H 175 -67.66 -0.67 17.65
CA VAL H 175 -67.84 -0.31 16.24
C VAL H 175 -68.01 -1.58 15.43
N GLU H 176 -68.95 -1.57 14.48
CA GLU H 176 -69.19 -2.70 13.58
C GLU H 176 -69.31 -2.22 12.15
N GLU H 177 -68.90 -3.11 11.24
CA GLU H 177 -69.02 -2.91 9.80
C GLU H 177 -70.48 -3.12 9.42
N SER H 178 -71.12 -2.08 8.87
CA SER H 178 -72.53 -2.14 8.53
C SER H 178 -72.74 -2.76 7.16
N LYS H 179 -73.96 -3.24 6.93
CA LYS H 179 -74.41 -3.69 5.62
C LYS H 179 -75.53 -2.82 5.05
N SER H 180 -76.11 -1.94 5.85
CA SER H 180 -77.13 -1.00 5.42
C SER H 180 -76.52 0.38 5.25
N THR H 181 -77.12 1.16 4.33
CA THR H 181 -76.67 2.52 4.09
C THR H 181 -76.87 3.44 5.29
N GLU H 182 -77.89 3.19 6.10
CA GLU H 182 -78.16 3.99 7.29
C GLU H 182 -77.35 3.47 8.46
N THR H 183 -77.02 4.38 9.38
CA THR H 183 -76.23 4.08 10.56
C THR H 183 -77.13 4.15 11.79
N THR H 184 -77.12 3.08 12.59
CA THR H 184 -78.06 2.89 13.68
C THR H 184 -77.33 2.71 15.00
N LEU H 185 -78.02 3.10 16.07
CA LEU H 185 -77.52 3.02 17.44
C LEU H 185 -78.44 2.12 18.25
N ASP H 186 -77.87 1.07 18.84
CA ASP H 186 -78.64 0.12 19.65
C ASP H 186 -77.83 -0.28 20.87
N VAL H 187 -78.54 -0.68 21.92
CA VAL H 187 -77.94 -1.19 23.16
C VAL H 187 -78.47 -2.60 23.36
N VAL H 188 -77.58 -3.54 23.65
CA VAL H 188 -77.94 -4.92 23.88
C VAL H 188 -77.15 -5.45 25.07
N GLU H 189 -77.54 -6.64 25.53
CA GLU H 189 -76.84 -7.29 26.62
C GLU H 189 -75.53 -7.89 26.13
N GLY H 190 -74.46 -7.61 26.86
CA GLY H 190 -73.15 -8.10 26.50
C GLY H 190 -72.14 -7.79 27.58
N MET H 191 -70.97 -8.40 27.45
CA MET H 191 -69.95 -8.40 28.49
C MET H 191 -68.66 -7.81 27.95
N GLN H 192 -67.75 -7.38 28.84
CA GLN H 192 -66.41 -6.91 28.41
C GLN H 192 -65.49 -6.82 29.63
N PHE H 193 -64.41 -7.63 29.70
CA PHE H 193 -63.49 -7.68 30.82
C PHE H 193 -62.06 -7.65 30.30
N ASP H 194 -61.15 -7.27 31.19
CA ASP H 194 -59.78 -6.89 30.81
C ASP H 194 -58.84 -8.09 30.77
N ARG H 195 -59.19 -9.14 30.02
CA ARG H 195 -58.39 -10.36 29.92
C ARG H 195 -58.36 -10.81 28.46
N GLY H 196 -57.20 -10.73 27.83
CA GLY H 196 -57.05 -10.96 26.41
C GLY H 196 -56.62 -12.36 26.05
N TYR H 197 -56.25 -12.54 24.78
CA TYR H 197 -55.81 -13.83 24.25
C TYR H 197 -54.66 -14.38 25.09
N LEU H 198 -54.46 -15.70 24.99
CA LEU H 198 -53.29 -16.33 25.57
C LEU H 198 -52.05 -16.21 24.69
N SER H 199 -52.22 -15.96 23.40
CA SER H 199 -51.10 -15.70 22.51
C SER H 199 -51.59 -14.85 21.35
N PRO H 200 -50.71 -14.12 20.66
CA PRO H 200 -51.18 -13.21 19.60
C PRO H 200 -51.33 -13.87 18.25
N TYR H 201 -51.18 -15.20 18.18
CA TYR H 201 -51.14 -15.89 16.89
C TYR H 201 -52.52 -16.11 16.28
N PHE H 202 -53.61 -15.77 16.98
CA PHE H 202 -54.95 -15.93 16.44
C PHE H 202 -55.48 -14.63 15.81
N VAL H 203 -54.62 -13.62 15.66
CA VAL H 203 -55.07 -12.32 15.16
C VAL H 203 -55.55 -12.47 13.72
N THR H 204 -56.70 -11.86 13.43
CA THR H 204 -57.25 -11.80 12.08
C THR H 204 -57.02 -10.43 11.46
N ASP H 205 -57.49 -9.37 12.11
CA ASP H 205 -57.27 -8.00 11.67
C ASP H 205 -55.97 -7.51 12.29
N SER H 206 -54.85 -7.92 11.71
CA SER H 206 -53.55 -7.50 12.22
C SER H 206 -53.36 -5.99 12.13
N GLU H 207 -54.07 -5.31 11.21
CA GLU H 207 -53.90 -3.87 11.07
C GLU H 207 -54.38 -3.14 12.33
N LYS H 208 -55.62 -3.40 12.76
CA LYS H 208 -56.06 -2.93 14.06
C LYS H 208 -55.56 -3.88 15.14
N MET H 209 -55.05 -5.05 14.75
CA MET H 209 -54.32 -5.96 15.63
C MET H 209 -55.26 -6.51 16.71
N GLU H 210 -56.28 -7.25 16.28
CA GLU H 210 -57.16 -8.03 17.15
C GLU H 210 -57.64 -9.28 16.44
N ALA H 211 -58.14 -10.23 17.23
CA ALA H 211 -58.85 -11.39 16.71
C ALA H 211 -60.34 -11.19 16.92
N VAL H 212 -61.12 -11.44 15.87
CA VAL H 212 -62.57 -11.29 15.89
C VAL H 212 -63.20 -12.52 15.27
N LEU H 213 -64.31 -12.97 15.86
CA LEU H 213 -65.03 -14.16 15.42
C LEU H 213 -66.49 -13.81 15.21
N GLU H 214 -67.01 -14.17 14.04
CA GLU H 214 -68.40 -13.92 13.68
C GLU H 214 -69.24 -15.13 14.06
N ASN H 215 -70.15 -14.93 15.01
CA ASN H 215 -71.08 -15.97 15.47
C ASN H 215 -70.34 -17.19 15.99
N PRO H 216 -69.60 -17.07 17.10
CA PRO H 216 -68.90 -18.23 17.65
C PRO H 216 -69.77 -19.04 18.60
N TYR H 217 -69.20 -20.11 19.17
CA TYR H 217 -69.73 -20.75 20.36
C TYR H 217 -68.76 -20.54 21.51
N ILE H 218 -69.30 -20.40 22.71
CA ILE H 218 -68.53 -20.12 23.92
C ILE H 218 -68.68 -21.31 24.86
N LEU H 219 -67.56 -21.92 25.21
CA LEU H 219 -67.53 -22.97 26.22
C LEU H 219 -67.03 -22.38 27.53
N ILE H 220 -67.68 -22.77 28.63
CA ILE H 220 -67.37 -22.24 29.95
C ILE H 220 -66.80 -23.37 30.79
N TYR H 221 -65.48 -23.37 30.94
CA TYR H 221 -64.74 -24.41 31.65
C TYR H 221 -63.90 -23.79 32.74
N ASP H 222 -63.60 -24.59 33.78
CA ASP H 222 -62.86 -24.12 34.94
C ASP H 222 -61.54 -24.83 35.19
N LYS H 223 -61.29 -25.97 34.54
CA LYS H 223 -60.02 -26.67 34.67
C LYS H 223 -59.11 -26.30 33.50
N LYS H 224 -57.80 -26.31 33.78
CA LYS H 224 -56.82 -26.00 32.76
C LYS H 224 -56.88 -27.04 31.65
N ILE H 225 -56.19 -26.74 30.54
CA ILE H 225 -56.04 -27.66 29.43
C ILE H 225 -54.56 -27.70 29.06
N SER H 226 -53.96 -28.88 29.18
CA SER H 226 -52.57 -29.11 28.79
C SER H 226 -52.44 -30.05 27.60
N ASN H 227 -53.34 -31.02 27.46
CA ASN H 227 -53.26 -32.06 26.45
C ASN H 227 -54.42 -31.94 25.47
N MET H 228 -54.21 -32.47 24.27
CA MET H 228 -55.24 -32.52 23.25
C MET H 228 -56.25 -33.63 23.49
N LYS H 229 -55.89 -34.64 24.30
CA LYS H 229 -56.66 -35.88 24.38
C LYS H 229 -58.06 -35.66 24.94
N ASP H 230 -58.32 -34.57 25.67
CA ASP H 230 -59.63 -34.32 26.25
C ASP H 230 -60.48 -33.41 25.37
N LEU H 231 -59.94 -32.92 24.26
CA LEU H 231 -60.55 -31.84 23.50
C LEU H 231 -61.09 -32.27 22.14
N LEU H 232 -60.89 -33.53 21.73
CA LEU H 232 -61.24 -33.92 20.37
C LEU H 232 -62.71 -33.73 20.03
N PRO H 233 -63.68 -34.20 20.82
CA PRO H 233 -65.07 -34.13 20.35
C PRO H 233 -65.61 -32.72 20.26
N ILE H 234 -65.17 -31.81 21.14
CA ILE H 234 -65.69 -30.45 21.10
C ILE H 234 -65.26 -29.77 19.82
N LEU H 235 -63.98 -29.88 19.47
CA LEU H 235 -63.50 -29.34 18.21
C LEU H 235 -64.15 -30.04 17.03
N GLU H 236 -64.39 -31.34 17.14
CA GLU H 236 -65.02 -32.07 16.04
C GLU H 236 -66.42 -31.55 15.77
N LYS H 237 -67.22 -31.37 16.82
CA LYS H 237 -68.59 -30.88 16.62
C LYS H 237 -68.60 -29.43 16.19
N VAL H 238 -67.63 -28.63 16.66
CA VAL H 238 -67.53 -27.26 16.18
C VAL H 238 -67.24 -27.23 14.69
N ALA H 239 -66.30 -28.08 14.23
CA ALA H 239 -66.00 -28.15 12.80
C ALA H 239 -67.19 -28.65 12.01
N GLN H 240 -67.91 -29.65 12.53
CA GLN H 240 -69.10 -30.13 11.84
C GLN H 240 -70.17 -29.04 11.77
N SER H 241 -70.23 -28.17 12.77
CA SER H 241 -71.16 -27.04 12.71
C SER H 241 -70.69 -25.99 11.71
N GLY H 242 -69.38 -25.72 11.66
CA GLY H 242 -68.85 -24.80 10.68
C GLY H 242 -68.90 -23.34 11.06
N LYS H 243 -68.83 -23.01 12.35
CA LYS H 243 -68.75 -21.65 12.85
C LYS H 243 -67.65 -21.58 13.89
N PRO H 244 -67.14 -20.38 14.21
CA PRO H 244 -66.01 -20.29 15.13
C PRO H 244 -66.36 -20.79 16.53
N LEU H 245 -65.32 -20.85 17.37
CA LEU H 245 -65.45 -21.25 18.77
C LEU H 245 -64.58 -20.32 19.60
N LEU H 246 -65.07 -19.97 20.79
CA LEU H 246 -64.35 -19.15 21.75
C LEU H 246 -64.04 -20.02 22.96
N ILE H 247 -62.76 -20.14 23.29
CA ILE H 247 -62.30 -21.00 24.38
C ILE H 247 -62.05 -20.12 25.60
N ILE H 248 -63.00 -20.13 26.53
CA ILE H 248 -62.85 -19.51 27.84
C ILE H 248 -62.64 -20.64 28.85
N ALA H 249 -61.47 -20.65 29.48
CA ALA H 249 -61.12 -21.71 30.41
C ALA H 249 -60.10 -21.16 31.40
N GLU H 250 -59.56 -22.05 32.24
CA GLU H 250 -58.59 -21.63 33.25
C GLU H 250 -57.28 -21.20 32.60
N ASP H 251 -56.60 -22.12 31.91
CA ASP H 251 -55.34 -21.80 31.25
C ASP H 251 -55.02 -22.90 30.26
N VAL H 252 -54.84 -22.52 28.99
CA VAL H 252 -54.36 -23.44 27.96
C VAL H 252 -52.86 -23.27 27.86
N GLU H 253 -52.14 -24.39 27.76
CA GLU H 253 -50.69 -24.31 27.71
C GLU H 253 -50.11 -25.61 27.15
N GLY H 254 -48.89 -25.52 26.64
CA GLY H 254 -48.14 -26.71 26.26
C GLY H 254 -48.61 -27.28 24.94
N GLU H 255 -48.72 -28.61 24.89
CA GLU H 255 -49.18 -29.28 23.68
C GLU H 255 -50.57 -28.82 23.30
N ALA H 256 -51.39 -28.41 24.27
CA ALA H 256 -52.69 -27.82 23.96
C ALA H 256 -52.53 -26.62 23.05
N LEU H 257 -51.87 -25.57 23.55
CA LEU H 257 -51.67 -24.36 22.75
C LEU H 257 -50.95 -24.66 21.45
N ALA H 258 -50.05 -25.64 21.44
CA ALA H 258 -49.44 -26.05 20.18
C ALA H 258 -50.50 -26.52 19.19
N THR H 259 -51.43 -27.37 19.65
CA THR H 259 -52.46 -27.88 18.77
C THR H 259 -53.41 -26.78 18.30
N LEU H 260 -53.85 -25.92 19.22
CA LEU H 260 -54.73 -24.83 18.82
C LEU H 260 -54.04 -23.88 17.86
N VAL H 261 -52.77 -23.56 18.07
CA VAL H 261 -52.06 -22.69 17.13
C VAL H 261 -51.91 -23.38 15.78
N VAL H 262 -51.68 -24.70 15.79
CA VAL H 262 -51.55 -25.44 14.53
C VAL H 262 -52.85 -25.37 13.74
N ASN H 263 -53.96 -25.68 14.39
CA ASN H 263 -55.24 -25.73 13.66
C ASN H 263 -55.81 -24.34 13.39
N LYS H 264 -55.32 -23.30 14.07
CA LYS H 264 -55.70 -21.94 13.71
C LYS H 264 -54.89 -21.43 12.52
N LEU H 265 -53.56 -21.54 12.59
CA LEU H 265 -52.72 -21.01 11.52
C LEU H 265 -52.99 -21.71 10.21
N ARG H 266 -53.24 -23.02 10.23
CA ARG H 266 -53.67 -23.72 9.03
C ARG H 266 -55.03 -23.25 8.55
N GLY H 267 -55.85 -22.67 9.43
CA GLY H 267 -57.17 -22.23 9.05
C GLY H 267 -58.22 -23.31 9.00
N THR H 268 -57.84 -24.56 9.30
CA THR H 268 -58.81 -25.64 9.29
C THR H 268 -59.89 -25.43 10.34
N LEU H 269 -59.49 -24.96 11.53
CA LEU H 269 -60.40 -24.75 12.65
C LEU H 269 -60.05 -23.40 13.28
N LYS H 270 -60.99 -22.46 13.19
CA LYS H 270 -60.78 -21.09 13.62
C LYS H 270 -61.33 -20.90 15.04
N VAL H 271 -60.42 -20.59 15.98
CA VAL H 271 -60.72 -20.49 17.40
C VAL H 271 -59.89 -19.37 18.00
N CYS H 272 -60.12 -19.12 19.29
CA CYS H 272 -59.30 -18.22 20.08
C CYS H 272 -59.50 -18.57 21.55
N ALA H 273 -58.42 -18.43 22.33
CA ALA H 273 -58.40 -18.84 23.73
C ALA H 273 -58.14 -17.63 24.61
N VAL H 274 -58.95 -17.49 25.66
CA VAL H 274 -58.83 -16.40 26.62
C VAL H 274 -59.05 -16.96 28.01
N LYS H 275 -58.35 -16.37 28.98
CA LYS H 275 -58.40 -16.84 30.36
C LYS H 275 -59.66 -16.32 31.03
N ALA H 276 -60.45 -17.22 31.61
CA ALA H 276 -61.68 -16.81 32.29
C ALA H 276 -61.35 -15.96 33.50
N PRO H 277 -62.11 -14.88 33.74
CA PRO H 277 -61.72 -13.87 34.74
C PRO H 277 -62.16 -14.11 36.17
N GLY H 278 -61.79 -13.17 37.04
CA GLY H 278 -62.11 -13.15 38.44
C GLY H 278 -61.18 -14.07 39.23
N PHE H 279 -61.54 -14.24 40.51
CA PHE H 279 -60.69 -15.02 41.40
C PHE H 279 -61.50 -15.61 42.55
N GLY H 280 -61.20 -16.87 42.86
CA GLY H 280 -61.92 -17.61 43.87
C GLY H 280 -63.41 -17.66 43.61
N ASP H 281 -64.18 -17.39 44.65
CA ASP H 281 -65.63 -17.30 44.51
C ASP H 281 -66.01 -16.27 43.46
N ARG H 282 -65.23 -15.20 43.34
CA ARG H 282 -65.49 -14.24 42.27
C ARG H 282 -65.25 -14.87 40.90
N ARG H 283 -64.26 -15.75 40.77
CA ARG H 283 -64.05 -16.41 39.48
C ARG H 283 -65.26 -17.28 39.16
N LYS H 284 -65.70 -18.08 40.12
CA LYS H 284 -66.81 -18.99 39.84
C LYS H 284 -68.06 -18.19 39.49
N ALA H 285 -68.29 -17.09 40.20
CA ALA H 285 -69.45 -16.25 39.92
C ALA H 285 -69.36 -15.65 38.53
N MET H 286 -68.16 -15.20 38.12
CA MET H 286 -68.03 -14.61 36.79
C MET H 286 -68.22 -15.63 35.68
N LEU H 287 -67.72 -16.85 35.85
CA LEU H 287 -68.09 -17.91 34.91
C LEU H 287 -69.60 -18.10 34.88
N GLU H 288 -70.26 -18.02 36.03
CA GLU H 288 -71.70 -18.29 36.05
C GLU H 288 -72.46 -17.25 35.25
N ASP H 289 -72.20 -15.96 35.46
CA ASP H 289 -73.02 -14.97 34.75
C ASP H 289 -72.61 -14.86 33.29
N ILE H 290 -71.32 -15.04 32.95
CA ILE H 290 -71.00 -15.04 31.52
C ILE H 290 -71.63 -16.26 30.84
N ALA H 291 -71.70 -17.40 31.54
CA ALA H 291 -72.35 -18.57 30.98
C ALA H 291 -73.82 -18.31 30.70
N ILE H 292 -74.55 -17.76 31.67
CA ILE H 292 -75.96 -17.49 31.42
C ILE H 292 -76.18 -16.30 30.49
N LEU H 293 -75.17 -15.47 30.28
CA LEU H 293 -75.26 -14.45 29.24
C LEU H 293 -75.17 -15.07 27.85
N THR H 294 -74.21 -15.97 27.63
CA THR H 294 -74.06 -16.58 26.32
C THR H 294 -75.07 -17.69 26.05
N GLY H 295 -75.92 -18.03 27.03
CA GLY H 295 -76.97 -19.00 26.82
C GLY H 295 -76.56 -20.45 27.02
N GLY H 296 -75.28 -20.74 27.13
CA GLY H 296 -74.82 -22.08 27.40
C GLY H 296 -74.92 -22.42 28.87
N THR H 297 -74.33 -23.55 29.23
CA THR H 297 -74.29 -24.03 30.60
C THR H 297 -72.84 -24.26 31.00
N VAL H 298 -72.55 -24.01 32.28
CA VAL H 298 -71.18 -24.10 32.76
C VAL H 298 -70.79 -25.57 32.81
N ILE H 299 -69.72 -25.92 32.11
CA ILE H 299 -69.17 -27.27 32.08
C ILE H 299 -68.02 -27.31 33.08
N SER H 300 -68.12 -28.20 34.06
CA SER H 300 -67.09 -28.28 35.09
C SER H 300 -67.21 -29.60 35.83
N GLU H 301 -66.08 -30.06 36.36
CA GLU H 301 -66.07 -31.19 37.28
C GLU H 301 -66.63 -30.84 38.64
N GLU H 302 -66.86 -29.55 38.92
CA GLU H 302 -67.59 -29.18 40.13
C GLU H 302 -69.02 -29.72 40.09
N THR H 303 -69.66 -29.66 38.92
CA THR H 303 -70.97 -30.26 38.70
C THR H 303 -70.88 -31.64 38.06
N GLY H 304 -69.69 -32.23 37.99
CA GLY H 304 -69.54 -33.57 37.45
C GLY H 304 -69.67 -33.67 35.96
N TYR H 305 -69.47 -32.57 35.23
CA TYR H 305 -69.60 -32.55 33.79
C TYR H 305 -68.22 -32.56 33.17
N LYS H 306 -68.01 -33.45 32.19
CA LYS H 306 -66.73 -33.58 31.53
C LYS H 306 -66.75 -32.77 30.23
N LEU H 307 -65.60 -32.17 29.90
CA LEU H 307 -65.52 -31.34 28.71
C LEU H 307 -65.80 -32.14 27.45
N GLU H 308 -65.21 -33.32 27.32
CA GLU H 308 -65.50 -34.22 26.21
C GLU H 308 -66.92 -34.78 26.27
N ASN H 309 -67.64 -34.61 27.39
CA ASN H 309 -69.06 -34.92 27.45
C ASN H 309 -69.96 -33.78 26.98
N ALA H 310 -69.40 -32.60 26.71
CA ALA H 310 -70.20 -31.45 26.32
C ALA H 310 -70.72 -31.61 24.90
N THR H 311 -71.91 -31.05 24.66
CA THR H 311 -72.60 -31.12 23.38
C THR H 311 -72.91 -29.69 22.90
N LEU H 312 -73.54 -29.59 21.72
CA LEU H 312 -73.86 -28.28 21.17
C LEU H 312 -74.80 -27.50 22.09
N ASP H 313 -75.73 -28.19 22.73
CA ASP H 313 -76.70 -27.50 23.60
C ASP H 313 -76.01 -26.80 24.76
N TYR H 314 -75.02 -27.44 25.39
CA TYR H 314 -74.35 -26.84 26.53
C TYR H 314 -73.47 -25.65 26.14
N LEU H 315 -73.06 -25.57 24.87
CA LEU H 315 -72.26 -24.45 24.42
C LEU H 315 -73.07 -23.15 24.44
N GLY H 316 -72.34 -22.04 24.44
CA GLY H 316 -72.95 -20.73 24.31
C GLY H 316 -73.05 -20.30 22.87
N ARG H 317 -73.78 -19.21 22.64
CA ARG H 317 -73.92 -18.61 21.33
C ARG H 317 -73.97 -17.10 21.45
N ALA H 318 -73.08 -16.43 20.72
CA ALA H 318 -73.04 -14.98 20.63
C ALA H 318 -72.91 -14.61 19.16
N LYS H 319 -72.87 -13.31 18.87
CA LYS H 319 -72.79 -12.81 17.50
C LYS H 319 -71.40 -12.33 17.13
N ARG H 320 -70.83 -11.41 17.90
CA ARG H 320 -69.50 -10.88 17.65
C ARG H 320 -68.70 -10.88 18.94
N VAL H 321 -67.48 -11.41 18.88
CA VAL H 321 -66.51 -11.29 19.96
C VAL H 321 -65.21 -10.80 19.36
N THR H 322 -64.60 -9.83 20.04
CA THR H 322 -63.29 -9.32 19.70
C THR H 322 -62.32 -9.64 20.82
N ILE H 323 -61.10 -10.02 20.45
CA ILE H 323 -60.06 -10.38 21.40
C ILE H 323 -58.88 -9.46 21.12
N ASP H 324 -58.62 -8.53 22.04
CA ASP H 324 -57.49 -7.62 21.98
C ASP H 324 -56.49 -7.98 23.07
N LYS H 325 -55.37 -7.23 23.12
CA LYS H 325 -54.27 -7.56 24.02
C LYS H 325 -54.72 -7.53 25.46
N ASP H 326 -55.52 -6.53 25.83
CA ASP H 326 -56.00 -6.38 27.20
C ASP H 326 -57.37 -7.02 27.40
N ASN H 327 -58.37 -6.55 26.67
CA ASN H 327 -59.76 -6.84 26.97
C ASN H 327 -60.36 -7.81 25.96
N THR H 328 -61.66 -8.10 26.15
CA THR H 328 -62.41 -9.04 25.32
C THR H 328 -63.87 -8.65 25.38
N THR H 329 -64.44 -8.28 24.23
CA THR H 329 -65.79 -7.74 24.16
C THR H 329 -66.75 -8.82 23.69
N ILE H 330 -67.90 -8.92 24.36
CA ILE H 330 -68.96 -9.86 24.02
C ILE H 330 -70.24 -9.06 23.85
N VAL H 331 -70.88 -9.19 22.69
CA VAL H 331 -72.08 -8.43 22.34
C VAL H 331 -73.11 -9.38 21.78
N ASP H 332 -74.38 -9.18 22.17
CA ASP H 332 -75.50 -10.02 21.75
C ASP H 332 -75.24 -11.49 22.07
N GLY H 333 -75.17 -11.77 23.37
CA GLY H 333 -75.15 -13.15 23.83
C GLY H 333 -76.54 -13.74 23.75
N ALA H 334 -76.65 -14.94 23.18
CA ALA H 334 -77.94 -15.57 22.92
C ALA H 334 -78.48 -16.17 24.23
N GLY H 335 -78.90 -15.27 25.13
CA GLY H 335 -79.47 -15.66 26.40
C GLY H 335 -80.90 -15.17 26.51
N ASP H 336 -81.55 -15.58 27.60
CA ASP H 336 -82.93 -15.19 27.87
C ASP H 336 -82.93 -13.89 28.67
N LYS H 337 -83.60 -12.87 28.13
CA LYS H 337 -83.62 -11.56 28.77
C LYS H 337 -84.29 -11.64 30.14
N GLU H 338 -85.32 -12.47 30.28
CA GLU H 338 -86.01 -12.57 31.56
C GLU H 338 -85.08 -13.09 32.65
N ASP H 339 -84.30 -14.12 32.34
CA ASP H 339 -83.32 -14.62 33.31
C ASP H 339 -82.26 -13.59 33.61
N ILE H 340 -81.86 -12.79 32.62
CA ILE H 340 -80.87 -11.75 32.86
C ILE H 340 -81.41 -10.74 33.87
N LYS H 341 -82.65 -10.30 33.67
CA LYS H 341 -83.23 -9.33 34.61
C LYS H 341 -83.46 -9.97 35.98
N ALA H 342 -83.80 -11.25 36.01
CA ALA H 342 -83.94 -11.94 37.28
C ALA H 342 -82.60 -11.97 38.03
N ARG H 343 -81.51 -12.19 37.30
CA ARG H 343 -80.21 -12.19 37.97
C ARG H 343 -79.79 -10.78 38.37
N VAL H 344 -80.23 -9.76 37.64
CA VAL H 344 -80.04 -8.38 38.12
C VAL H 344 -80.79 -8.16 39.43
N ASN H 345 -82.02 -8.70 39.51
CA ASN H 345 -82.77 -8.63 40.75
C ASN H 345 -82.04 -9.34 41.87
N GLN H 346 -81.44 -10.50 41.57
CA GLN H 346 -80.65 -11.22 42.57
C GLN H 346 -79.44 -10.39 42.99
N ILE H 347 -78.82 -9.69 42.04
CA ILE H 347 -77.64 -8.88 42.36
C ILE H 347 -78.01 -7.76 43.33
N LYS H 348 -79.11 -7.06 43.05
CA LYS H 348 -79.51 -6.00 43.98
C LYS H 348 -79.99 -6.58 45.31
N LYS H 349 -80.57 -7.79 45.29
CA LYS H 349 -80.90 -8.46 46.54
C LYS H 349 -79.66 -8.72 47.36
N GLN H 350 -78.59 -9.19 46.72
CA GLN H 350 -77.33 -9.42 47.43
C GLN H 350 -76.73 -8.11 47.91
N ILE H 351 -76.88 -7.03 47.14
CA ILE H 351 -76.40 -5.73 47.57
C ILE H 351 -77.12 -5.30 48.83
N GLU H 352 -78.43 -5.54 48.90
CA GLU H 352 -79.17 -5.26 50.13
C GLU H 352 -78.73 -6.18 51.26
N ASN H 353 -78.40 -7.43 50.94
CA ASN H 353 -78.05 -8.40 51.97
C ASN H 353 -76.68 -8.13 52.59
N THR H 354 -75.69 -7.77 51.78
CA THR H 354 -74.33 -7.66 52.28
C THR H 354 -74.19 -6.47 53.22
N THR H 355 -73.13 -6.51 54.03
CA THR H 355 -72.81 -5.49 55.02
C THR H 355 -71.43 -4.90 54.85
N SER H 356 -70.44 -5.73 54.50
CA SER H 356 -69.08 -5.24 54.36
C SER H 356 -68.93 -4.40 53.10
N ASP H 357 -67.99 -3.45 53.15
CA ASP H 357 -67.81 -2.54 52.02
C ASP H 357 -67.19 -3.23 50.82
N TYR H 358 -66.27 -4.17 51.04
CA TYR H 358 -65.57 -4.79 49.91
C TYR H 358 -66.53 -5.58 49.04
N ASP H 359 -67.37 -6.43 49.65
CA ASP H 359 -68.33 -7.17 48.85
C ASP H 359 -69.39 -6.25 48.26
N ARG H 360 -69.69 -5.14 48.95
CA ARG H 360 -70.63 -4.16 48.41
C ARG H 360 -70.11 -3.57 47.10
N GLU H 361 -68.86 -3.09 47.10
CA GLU H 361 -68.32 -2.54 45.87
C GLU H 361 -68.10 -3.62 44.82
N LYS H 362 -67.77 -4.84 45.24
CA LYS H 362 -67.66 -5.94 44.28
C LYS H 362 -68.98 -6.16 43.57
N LEU H 363 -70.09 -6.19 44.31
CA LEU H 363 -71.39 -6.34 43.69
C LEU H 363 -71.76 -5.11 42.88
N GLN H 364 -71.24 -3.94 43.23
CA GLN H 364 -71.48 -2.77 42.40
C GLN H 364 -70.81 -2.92 41.03
N GLU H 365 -69.56 -3.40 41.01
CA GLU H 365 -68.95 -3.71 39.71
C GLU H 365 -69.71 -4.81 39.00
N ARG H 366 -70.25 -5.80 39.72
CA ARG H 366 -71.12 -6.79 39.07
C ARG H 366 -72.29 -6.13 38.35
N LEU H 367 -73.02 -5.27 39.06
CA LEU H 367 -74.20 -4.65 38.47
C LEU H 367 -73.82 -3.79 37.28
N ALA H 368 -72.79 -2.96 37.43
CA ALA H 368 -72.36 -2.11 36.32
C ALA H 368 -71.84 -2.93 35.16
N LYS H 369 -71.29 -4.12 35.43
CA LYS H 369 -70.69 -4.94 34.38
C LYS H 369 -71.74 -5.71 33.60
N LEU H 370 -72.83 -6.12 34.26
CA LEU H 370 -73.87 -6.89 33.58
C LEU H 370 -74.99 -5.98 33.07
N ALA H 371 -75.67 -5.26 33.97
CA ALA H 371 -76.88 -4.54 33.61
C ALA H 371 -76.63 -3.41 32.63
N GLY H 372 -75.39 -2.94 32.48
CA GLY H 372 -75.12 -1.87 31.55
C GLY H 372 -75.36 -2.28 30.10
N GLY H 373 -75.00 -3.52 29.75
CA GLY H 373 -75.09 -3.97 28.38
C GLY H 373 -73.93 -3.45 27.55
N VAL H 374 -74.07 -3.62 26.24
CA VAL H 374 -73.08 -3.19 25.26
C VAL H 374 -73.79 -2.36 24.21
N ALA H 375 -73.34 -1.12 24.04
CA ALA H 375 -73.85 -0.28 22.96
C ALA H 375 -73.15 -0.65 21.66
N VAL H 376 -73.89 -0.56 20.56
CA VAL H 376 -73.42 -0.97 19.25
C VAL H 376 -73.77 0.10 18.23
N ILE H 377 -72.84 0.34 17.31
CA ILE H 377 -73.01 1.33 16.24
C ILE H 377 -72.62 0.68 14.92
N LYS H 378 -73.53 0.72 13.96
CA LYS H 378 -73.39 0.10 12.65
C LYS H 378 -73.09 1.22 11.66
N VAL H 379 -71.80 1.50 11.46
CA VAL H 379 -71.42 2.67 10.67
C VAL H 379 -71.69 2.36 9.20
N GLY H 380 -72.83 2.83 8.69
CA GLY H 380 -73.22 2.64 7.31
C GLY H 380 -72.93 3.87 6.48
N ALA H 381 -72.58 3.66 5.22
CA ALA H 381 -72.33 4.75 4.28
C ALA H 381 -72.72 4.25 2.89
N ALA H 382 -72.32 5.00 1.86
CA ALA H 382 -72.77 4.68 0.50
C ALA H 382 -71.96 3.55 -0.10
N THR H 383 -70.65 3.74 -0.26
CA THR H 383 -69.77 2.76 -0.89
C THR H 383 -69.09 1.93 0.19
N GLU H 384 -68.19 1.04 -0.21
CA GLU H 384 -67.45 0.19 0.71
C GLU H 384 -66.24 0.89 1.31
N VAL H 385 -65.35 1.42 0.48
CA VAL H 385 -64.16 2.08 0.99
C VAL H 385 -64.54 3.32 1.82
N GLU H 386 -65.57 4.05 1.38
CA GLU H 386 -66.00 5.21 2.16
C GLU H 386 -66.57 4.77 3.51
N MET H 387 -67.30 3.65 3.54
CA MET H 387 -67.85 3.17 4.81
C MET H 387 -66.70 2.79 5.74
N LYS H 388 -65.69 2.10 5.21
CA LYS H 388 -64.59 1.67 6.06
C LYS H 388 -63.79 2.86 6.57
N GLU H 389 -63.60 3.88 5.72
CA GLU H 389 -63.01 5.12 6.19
C GLU H 389 -63.84 5.72 7.32
N LYS H 390 -65.17 5.78 7.13
CA LYS H 390 -66.05 6.33 8.15
C LYS H 390 -65.93 5.54 9.45
N LYS H 391 -65.76 4.23 9.36
CA LYS H 391 -65.52 3.43 10.56
C LYS H 391 -64.23 3.84 11.23
N ALA H 392 -63.19 4.13 10.44
CA ALA H 392 -61.94 4.59 11.02
C ALA H 392 -62.14 5.91 11.76
N ARG H 393 -62.84 6.86 11.15
CA ARG H 393 -63.12 8.12 11.83
C ARG H 393 -63.94 7.90 13.09
N VAL H 394 -64.91 6.98 13.04
CA VAL H 394 -65.75 6.73 14.20
C VAL H 394 -64.91 6.17 15.34
N GLU H 395 -64.01 5.23 15.04
CA GLU H 395 -63.15 4.67 16.07
C GLU H 395 -62.26 5.75 16.68
N ASP H 396 -61.69 6.61 15.84
CA ASP H 396 -60.84 7.69 16.34
C ASP H 396 -61.62 8.62 17.25
N ALA H 397 -62.82 9.02 16.82
CA ALA H 397 -63.64 9.90 17.63
C ALA H 397 -64.05 9.23 18.94
N LEU H 398 -64.36 7.94 18.89
CA LEU H 398 -64.71 7.20 20.10
C LEU H 398 -63.58 7.28 21.12
N HIS H 399 -62.36 6.89 20.70
CA HIS H 399 -61.24 6.88 21.64
C HIS H 399 -60.92 8.27 22.16
N ALA H 400 -60.95 9.28 21.29
CA ALA H 400 -60.72 10.65 21.73
C ALA H 400 -61.77 11.06 22.77
N THR H 401 -63.01 10.63 22.58
CA THR H 401 -64.05 10.95 23.55
C THR H 401 -63.82 10.25 24.87
N ARG H 402 -63.33 9.01 24.85
CA ARG H 402 -62.99 8.35 26.11
C ARG H 402 -61.94 9.14 26.87
N ALA H 403 -60.90 9.57 26.15
CA ALA H 403 -59.85 10.36 26.81
C ALA H 403 -60.43 11.66 27.37
N ALA H 404 -61.27 12.33 26.58
CA ALA H 404 -61.82 13.61 27.00
C ALA H 404 -62.69 13.47 28.24
N VAL H 405 -63.54 12.45 28.29
CA VAL H 405 -64.35 12.27 29.49
C VAL H 405 -63.48 11.87 30.67
N GLU H 406 -62.44 11.07 30.45
CA GLU H 406 -61.68 10.58 31.59
C GLU H 406 -60.90 11.71 32.26
N GLU H 407 -60.31 12.64 31.49
CA GLU H 407 -59.45 13.66 32.07
C GLU H 407 -59.73 15.06 31.52
N GLY H 408 -60.87 15.27 30.89
CA GLY H 408 -61.18 16.60 30.39
C GLY H 408 -60.37 16.93 29.14
N ILE H 409 -60.24 18.24 28.88
CA ILE H 409 -59.59 18.74 27.67
C ILE H 409 -58.61 19.84 28.06
N VAL H 410 -57.61 20.04 27.22
CA VAL H 410 -56.63 21.11 27.38
C VAL H 410 -56.36 21.74 26.02
N PRO H 411 -55.86 22.97 25.99
CA PRO H 411 -55.50 23.57 24.70
C PRO H 411 -54.43 22.76 23.99
N GLY H 412 -54.75 22.35 22.76
CA GLY H 412 -53.87 21.50 21.99
C GLY H 412 -52.75 22.29 21.34
N GLY H 413 -52.14 21.68 20.34
CA GLY H 413 -51.04 22.30 19.64
C GLY H 413 -49.76 22.40 20.43
N GLY H 414 -49.64 21.67 21.53
CA GLY H 414 -48.45 21.71 22.35
C GLY H 414 -48.36 22.88 23.30
N VAL H 415 -49.37 23.75 23.33
CA VAL H 415 -49.36 24.88 24.26
C VAL H 415 -49.81 24.51 25.66
N ALA H 416 -50.43 23.34 25.84
CA ALA H 416 -50.79 22.90 27.18
C ALA H 416 -49.56 22.74 28.05
N LEU H 417 -48.49 22.16 27.49
CA LEU H 417 -47.26 22.00 28.25
C LEU H 417 -46.55 23.34 28.46
N ILE H 418 -46.70 24.29 27.54
CA ILE H 418 -46.14 25.62 27.75
C ILE H 418 -46.82 26.29 28.93
N ARG H 419 -48.16 26.29 28.94
CA ARG H 419 -48.87 26.92 30.04
C ARG H 419 -48.66 26.19 31.36
N ALA H 420 -48.38 24.89 31.32
CA ALA H 420 -48.10 24.15 32.52
C ALA H 420 -46.75 24.51 33.13
N ALA H 421 -45.84 25.10 32.36
CA ALA H 421 -44.53 25.47 32.86
C ALA H 421 -44.57 26.58 33.90
N LYS H 422 -45.71 27.27 34.05
CA LYS H 422 -45.82 28.30 35.08
C LYS H 422 -45.68 27.75 36.48
N ALA H 423 -45.94 26.45 36.68
CA ALA H 423 -45.81 25.84 37.99
C ALA H 423 -44.37 25.66 38.43
N LEU H 424 -43.42 25.59 37.50
CA LEU H 424 -42.02 25.38 37.81
C LEU H 424 -41.26 26.68 38.04
N GLU H 425 -41.95 27.82 38.06
CA GLU H 425 -41.27 29.11 38.17
C GLU H 425 -40.55 29.24 39.51
N ASN H 426 -41.18 28.80 40.59
CA ASN H 426 -40.65 28.91 41.94
C ASN H 426 -40.47 27.53 42.58
N LEU H 427 -39.95 26.58 41.80
CA LEU H 427 -39.64 25.24 42.28
C LEU H 427 -38.13 25.09 42.35
N GLU H 428 -37.65 24.56 43.48
CA GLU H 428 -36.24 24.25 43.67
C GLU H 428 -36.13 22.93 44.40
N GLY H 429 -35.18 22.10 43.98
CA GLY H 429 -34.98 20.81 44.60
C GLY H 429 -34.15 20.92 45.86
N GLU H 430 -33.57 19.78 46.26
CA GLU H 430 -32.76 19.76 47.47
C GLU H 430 -31.37 20.34 47.23
N ASN H 431 -30.83 20.17 46.03
CA ASN H 431 -29.54 20.73 45.66
C ASN H 431 -29.61 21.36 44.26
N GLY H 432 -28.48 21.96 43.85
CA GLY H 432 -28.41 22.64 42.57
C GLY H 432 -28.61 21.73 41.38
N ASP H 433 -28.20 20.47 41.49
CA ASP H 433 -28.38 19.55 40.37
C ASP H 433 -29.86 19.25 40.14
N GLN H 434 -30.65 19.20 41.20
CA GLN H 434 -32.08 19.03 41.03
C GLN H 434 -32.69 20.24 40.34
N LYS H 435 -32.19 21.44 40.66
CA LYS H 435 -32.63 22.62 39.91
C LYS H 435 -32.21 22.54 38.46
N THR H 436 -31.04 21.97 38.18
CA THR H 436 -30.62 21.81 36.80
C THR H 436 -31.58 20.88 36.07
N GLY H 437 -32.01 19.82 36.75
CA GLY H 437 -33.03 18.94 36.17
C GLY H 437 -34.35 19.65 35.95
N VAL H 438 -34.75 20.52 36.89
CA VAL H 438 -35.97 21.29 36.72
C VAL H 438 -35.88 22.16 35.49
N LYS H 439 -34.76 22.84 35.31
CA LYS H 439 -34.56 23.65 34.10
C LYS H 439 -34.55 22.76 32.86
N ILE H 440 -34.02 21.55 32.99
CA ILE H 440 -33.93 20.63 31.86
C ILE H 440 -35.31 20.29 31.36
N VAL H 441 -36.20 19.88 32.26
CA VAL H 441 -37.55 19.55 31.83
C VAL H 441 -38.34 20.78 31.45
N ARG H 442 -38.07 21.94 32.06
CA ARG H 442 -38.76 23.17 31.66
C ARG H 442 -38.45 23.51 30.21
N ARG H 443 -37.18 23.46 29.82
CA ARG H 443 -36.83 23.73 28.42
C ARG H 443 -37.37 22.64 27.51
N ALA H 444 -37.52 21.41 28.02
CA ALA H 444 -37.96 20.30 27.19
C ALA H 444 -39.42 20.39 26.79
N LEU H 445 -40.27 21.01 27.62
CA LEU H 445 -41.68 21.12 27.29
C LEU H 445 -41.92 22.00 26.07
N GLU H 446 -40.95 22.82 25.69
CA GLU H 446 -41.07 23.66 24.51
C GLU H 446 -40.81 22.90 23.22
N GLU H 447 -40.11 21.77 23.29
CA GLU H 447 -39.73 21.06 22.07
C GLU H 447 -40.91 20.63 21.21
N PRO H 448 -42.03 20.12 21.77
CA PRO H 448 -43.18 19.82 20.91
C PRO H 448 -43.64 21.00 20.05
N LEU H 449 -44.01 22.13 20.67
CA LEU H 449 -44.51 23.26 19.90
C LEU H 449 -43.45 23.83 18.98
N ARG H 450 -42.19 23.84 19.43
CA ARG H 450 -41.11 24.27 18.56
C ARG H 450 -41.04 23.39 17.32
N GLN H 451 -41.24 22.08 17.49
CA GLN H 451 -41.20 21.19 16.34
C GLN H 451 -42.40 21.39 15.43
N ILE H 452 -43.59 21.62 15.99
CA ILE H 452 -44.75 21.89 15.15
C ILE H 452 -44.52 23.14 14.32
N VAL H 453 -44.03 24.21 14.96
CA VAL H 453 -43.87 25.45 14.22
C VAL H 453 -42.75 25.36 13.20
N ALA H 454 -41.65 24.69 13.54
CA ALA H 454 -40.56 24.50 12.58
C ALA H 454 -40.96 23.61 11.43
N ASN H 455 -41.86 22.66 11.66
CA ASN H 455 -42.38 21.84 10.58
C ASN H 455 -43.12 22.66 9.55
N ALA H 456 -43.75 23.76 9.97
CA ALA H 456 -44.36 24.70 9.03
C ALA H 456 -43.32 25.53 8.30
N GLY H 457 -42.05 25.47 8.68
CA GLY H 457 -41.02 26.29 8.08
C GLY H 457 -40.89 27.66 8.69
N LEU H 458 -41.82 28.08 9.53
CA LEU H 458 -41.67 29.31 10.29
C LEU H 458 -40.57 29.12 11.32
N GLU H 459 -40.14 30.21 11.95
CA GLU H 459 -39.02 30.19 12.87
C GLU H 459 -39.56 30.23 14.29
N GLY H 460 -39.21 29.23 15.10
CA GLY H 460 -40.04 28.87 16.23
C GLY H 460 -39.81 29.70 17.48
N SER H 461 -38.65 30.36 17.57
CA SER H 461 -38.35 31.12 18.78
C SER H 461 -39.38 32.22 19.00
N VAL H 462 -39.76 32.93 17.94
CA VAL H 462 -40.69 34.04 18.09
C VAL H 462 -42.08 33.54 18.49
N VAL H 463 -42.52 32.42 17.92
CA VAL H 463 -43.84 31.91 18.24
C VAL H 463 -43.87 31.40 19.68
N VAL H 464 -42.82 30.70 20.10
CA VAL H 464 -42.76 30.22 21.48
C VAL H 464 -42.74 31.40 22.45
N ASN H 465 -41.98 32.45 22.11
CA ASN H 465 -41.94 33.61 22.99
C ASN H 465 -43.30 34.29 23.09
N LYS H 466 -43.98 34.45 21.96
CA LYS H 466 -45.21 35.23 21.96
C LYS H 466 -46.40 34.41 22.43
N VAL H 467 -46.28 33.08 22.51
CA VAL H 467 -47.31 32.29 23.17
C VAL H 467 -47.03 32.18 24.67
N LYS H 468 -45.76 32.20 25.07
CA LYS H 468 -45.46 32.29 26.50
C LYS H 468 -45.91 33.63 27.07
N GLU H 469 -45.78 34.71 26.30
CA GLU H 469 -46.13 36.03 26.81
C GLU H 469 -47.60 36.12 27.17
N GLY H 470 -48.46 35.40 26.48
CA GLY H 470 -49.88 35.42 26.76
C GLY H 470 -50.22 34.68 28.04
N LYS H 471 -51.52 34.68 28.34
CA LYS H 471 -52.05 33.99 29.51
C LYS H 471 -53.33 33.27 29.11
N GLY H 472 -53.67 32.25 29.88
CA GLY H 472 -54.88 31.49 29.59
C GLY H 472 -54.69 30.59 28.39
N ASN H 473 -55.75 30.36 27.65
CA ASN H 473 -55.74 29.45 26.51
C ASN H 473 -55.27 30.13 25.22
N PHE H 474 -54.62 31.29 25.33
CA PHE H 474 -54.02 31.93 24.16
C PHE H 474 -52.97 30.99 23.57
N GLY H 475 -53.05 30.76 22.26
CA GLY H 475 -52.23 29.74 21.63
C GLY H 475 -52.13 29.95 20.14
N TYR H 476 -51.17 29.25 19.54
CA TYR H 476 -50.91 29.33 18.11
C TYR H 476 -51.66 28.21 17.40
N ASN H 477 -52.61 28.59 16.55
CA ASN H 477 -53.33 27.64 15.69
C ASN H 477 -52.51 27.43 14.44
N ALA H 478 -51.80 26.31 14.37
CA ALA H 478 -50.90 26.06 13.25
C ALA H 478 -51.65 25.89 11.94
N ARG H 479 -52.93 25.51 11.97
CA ARG H 479 -53.66 25.28 10.73
C ARG H 479 -53.84 26.57 9.94
N THR H 480 -54.15 27.67 10.64
CA THR H 480 -54.47 28.95 10.01
C THR H 480 -53.51 30.07 10.37
N GLU H 481 -52.44 29.79 11.11
CA GLU H 481 -51.42 30.78 11.45
C GLU H 481 -51.99 31.94 12.27
N GLU H 482 -53.13 31.75 12.92
CA GLU H 482 -53.73 32.73 13.80
C GLU H 482 -53.32 32.41 15.23
N TYR H 483 -53.85 33.17 16.19
CA TYR H 483 -53.36 33.18 17.56
C TYR H 483 -54.51 33.14 18.56
N ASP H 484 -55.43 32.19 18.39
CA ASP H 484 -56.41 31.87 19.42
C ASP H 484 -56.74 30.39 19.36
N LEU H 485 -56.91 29.77 20.54
CA LEU H 485 -57.23 28.36 20.66
C LEU H 485 -58.37 28.10 21.65
N ILE H 486 -59.07 29.12 22.12
CA ILE H 486 -60.12 28.94 23.13
C ILE H 486 -61.26 28.14 22.50
N GLU H 487 -61.89 28.71 21.48
CA GLU H 487 -62.99 28.06 20.76
C GLU H 487 -62.60 27.62 19.36
N ALA H 488 -61.32 27.78 18.98
CA ALA H 488 -60.92 27.43 17.63
C ALA H 488 -61.07 25.94 17.35
N GLY H 489 -61.04 25.12 18.39
CA GLY H 489 -61.28 23.70 18.23
C GLY H 489 -60.06 22.86 17.97
N VAL H 490 -58.86 23.40 18.19
CA VAL H 490 -57.65 22.59 18.18
C VAL H 490 -57.35 22.21 19.62
N ILE H 491 -57.95 21.11 20.07
CA ILE H 491 -57.90 20.69 21.46
C ILE H 491 -57.49 19.23 21.52
N ASP H 492 -56.59 18.93 22.44
CA ASP H 492 -56.11 17.57 22.71
C ASP H 492 -56.59 17.15 24.10
N PRO H 493 -56.78 15.86 24.34
CA PRO H 493 -57.13 15.43 25.71
C PRO H 493 -56.01 15.72 26.68
N ALA H 494 -56.38 15.94 27.94
CA ALA H 494 -55.39 16.07 28.99
C ALA H 494 -54.70 14.74 29.28
N LYS H 495 -55.43 13.63 29.13
CA LYS H 495 -54.87 12.32 29.41
C LYS H 495 -53.69 12.02 28.50
N VAL H 496 -53.81 12.31 27.20
CA VAL H 496 -52.75 11.93 26.28
C VAL H 496 -51.49 12.76 26.54
N THR H 497 -51.64 14.06 26.78
CA THR H 497 -50.49 14.89 27.10
C THR H 497 -49.84 14.45 28.40
N ARG H 498 -50.65 14.16 29.42
CA ARG H 498 -50.12 13.67 30.68
C ARG H 498 -49.33 12.38 30.47
N THR H 499 -49.92 11.41 29.77
CA THR H 499 -49.27 10.12 29.59
C THR H 499 -47.98 10.26 28.81
N ALA H 500 -47.98 11.10 27.77
CA ALA H 500 -46.77 11.33 27.01
C ALA H 500 -45.68 11.92 27.90
N LEU H 501 -46.04 12.89 28.74
CA LEU H 501 -45.03 13.53 29.58
C LEU H 501 -44.46 12.53 30.59
N GLN H 502 -45.32 11.75 31.24
CA GLN H 502 -44.82 10.78 32.21
C GLN H 502 -43.94 9.73 31.55
N ASN H 503 -44.34 9.21 30.39
CA ASN H 503 -43.51 8.22 29.72
C ASN H 503 -42.17 8.80 29.29
N ALA H 504 -42.18 10.02 28.77
CA ALA H 504 -40.92 10.65 28.37
C ALA H 504 -40.01 10.87 29.57
N ALA H 505 -40.56 11.34 30.69
CA ALA H 505 -39.75 11.53 31.88
C ALA H 505 -39.21 10.19 32.39
N SER H 506 -40.03 9.15 32.36
CA SER H 506 -39.59 7.86 32.85
C SER H 506 -38.43 7.32 32.02
N ILE H 507 -38.54 7.38 30.69
CA ILE H 507 -37.43 6.91 29.88
C ILE H 507 -36.20 7.80 30.01
N ALA H 508 -36.38 9.11 30.18
CA ALA H 508 -35.21 9.97 30.41
C ALA H 508 -34.48 9.56 31.67
N GLY H 509 -35.22 9.29 32.74
CA GLY H 509 -34.60 8.79 33.96
C GLY H 509 -33.94 7.44 33.77
N MET H 510 -34.56 6.56 32.98
CA MET H 510 -33.95 5.26 32.71
C MET H 510 -32.62 5.43 31.99
N LEU H 511 -32.57 6.30 30.99
CA LEU H 511 -31.36 6.44 30.19
C LEU H 511 -30.25 7.13 30.96
N LEU H 512 -30.57 8.19 31.71
CA LEU H 512 -29.54 9.00 32.31
C LEU H 512 -28.81 8.32 33.46
N THR H 513 -29.29 7.17 33.93
CA THR H 513 -28.70 6.46 35.06
C THR H 513 -28.11 5.11 34.66
N THR H 514 -27.78 4.92 33.38
CA THR H 514 -27.34 3.63 32.85
C THR H 514 -25.89 3.74 32.41
N GLU H 515 -25.02 2.91 33.00
CA GLU H 515 -23.68 2.70 32.47
C GLU H 515 -23.34 1.21 32.34
N CYS H 516 -24.21 0.45 31.69
CA CYS H 516 -23.79 -0.81 31.10
C CYS H 516 -24.83 -1.22 30.07
N VAL H 517 -24.37 -1.54 28.87
CA VAL H 517 -25.22 -2.03 27.79
C VAL H 517 -24.54 -3.26 27.24
N ILE H 518 -25.22 -4.41 27.32
CA ILE H 518 -24.67 -5.70 26.89
C ILE H 518 -25.55 -6.22 25.77
N THR H 519 -24.96 -6.38 24.58
CA THR H 519 -25.65 -6.77 23.37
C THR H 519 -24.92 -7.93 22.71
N GLU H 520 -25.70 -8.90 22.24
CA GLU H 520 -25.13 -10.04 21.54
C GLU H 520 -24.45 -9.60 20.25
N LYS H 521 -23.25 -10.12 20.03
CA LYS H 521 -22.54 -9.84 18.79
C LYS H 521 -23.27 -10.51 17.63
N PRO H 522 -23.45 -9.84 16.46
CA PRO H 522 -24.09 -10.46 15.26
C PRO H 522 -23.39 -11.77 14.91
N ALA I 1 -32.35 -4.42 9.68
CA ALA I 1 -31.65 -3.11 9.80
C ALA I 1 -31.95 -2.25 8.59
N LYS I 2 -32.06 -0.94 8.84
CA LYS I 2 -32.53 0.04 7.87
C LYS I 2 -31.47 1.12 7.68
N GLN I 3 -31.49 1.74 6.51
CA GLN I 3 -30.71 2.94 6.26
C GLN I 3 -31.65 4.14 6.23
N ILE I 4 -31.32 5.16 7.02
CA ILE I 4 -32.12 6.38 7.13
C ILE I 4 -31.31 7.52 6.55
N LYS I 5 -31.95 8.27 5.65
CA LYS I 5 -31.41 9.52 5.14
C LYS I 5 -32.35 10.65 5.58
N PHE I 6 -31.78 11.84 5.79
CA PHE I 6 -32.51 12.96 6.34
C PHE I 6 -32.33 14.20 5.47
N ASP I 7 -33.42 14.94 5.29
CA ASP I 7 -33.39 16.34 4.83
C ASP I 7 -32.75 16.42 3.45
N THR I 8 -31.73 17.25 3.24
CA THR I 8 -31.26 17.55 1.90
C THR I 8 -30.62 16.33 1.24
N ASP I 9 -29.91 15.50 2.00
CA ASP I 9 -29.32 14.29 1.41
C ASP I 9 -30.40 13.36 0.88
N ALA I 10 -31.46 13.15 1.67
CA ALA I 10 -32.56 12.31 1.22
C ALA I 10 -33.26 12.90 0.01
N ARG I 11 -33.51 14.21 0.03
CA ARG I 11 -34.21 14.82 -1.08
C ARG I 11 -33.37 14.80 -2.35
N ASN I 12 -32.05 14.93 -2.21
CA ASN I 12 -31.17 14.83 -3.37
C ASN I 12 -31.12 13.41 -3.90
N ALA I 13 -31.15 12.41 -3.02
CA ALA I 13 -31.21 11.02 -3.50
C ALA I 13 -32.49 10.78 -4.27
N LEU I 14 -33.61 11.28 -3.75
CA LEU I 14 -34.88 11.15 -4.45
C LEU I 14 -34.85 11.87 -5.78
N LEU I 15 -34.24 13.06 -5.81
CA LEU I 15 -34.09 13.78 -7.08
C LEU I 15 -33.27 12.99 -8.07
N ARG I 16 -32.21 12.34 -7.61
CA ARG I 16 -31.38 11.57 -8.51
C ARG I 16 -32.15 10.40 -9.09
N GLY I 17 -32.95 9.72 -8.27
CA GLY I 17 -33.78 8.64 -8.80
C GLY I 17 -34.79 9.12 -9.82
N VAL I 18 -35.49 10.21 -9.48
CA VAL I 18 -36.48 10.76 -10.40
C VAL I 18 -35.80 11.24 -11.67
N ASP I 19 -34.57 11.75 -11.56
CA ASP I 19 -33.84 12.17 -12.76
C ASP I 19 -33.50 10.98 -13.64
N LYS I 20 -33.03 9.89 -13.04
CA LYS I 20 -32.73 8.72 -13.86
C LYS I 20 -33.96 8.24 -14.60
N LEU I 21 -35.10 8.16 -13.90
CA LEU I 21 -36.34 7.76 -14.56
C LEU I 21 -36.74 8.76 -15.64
N ALA I 22 -36.63 10.05 -15.33
CA ALA I 22 -37.08 11.08 -16.26
C ALA I 22 -36.27 11.02 -17.55
N ASP I 23 -34.96 11.27 -17.48
CA ASP I 23 -34.15 11.20 -18.70
C ASP I 23 -34.13 9.80 -19.32
N ALA I 24 -34.55 8.76 -18.61
CA ALA I 24 -34.87 7.52 -19.31
C ALA I 24 -36.15 7.67 -20.14
N VAL I 25 -37.09 8.50 -19.70
CA VAL I 25 -38.40 8.58 -20.34
C VAL I 25 -38.60 9.86 -21.17
N LYS I 26 -37.83 10.93 -20.92
CA LYS I 26 -37.97 12.12 -21.76
C LYS I 26 -37.68 11.85 -23.22
N VAL I 27 -36.73 10.94 -23.51
CA VAL I 27 -36.20 10.78 -24.86
C VAL I 27 -37.21 10.24 -25.86
N THR I 28 -38.41 9.85 -25.43
CA THR I 28 -39.43 9.27 -26.28
C THR I 28 -40.74 10.04 -26.18
N LEU I 29 -40.65 11.36 -26.20
CA LEU I 29 -41.81 12.24 -26.15
C LEU I 29 -41.91 13.03 -27.45
N GLY I 30 -43.11 13.10 -28.01
CA GLY I 30 -43.35 13.80 -29.24
C GLY I 30 -43.33 12.88 -30.43
N PRO I 31 -43.85 13.33 -31.57
CA PRO I 31 -43.92 12.46 -32.75
C PRO I 31 -42.55 12.08 -33.32
N LYS I 32 -41.50 12.81 -33.00
CA LYS I 32 -40.15 12.56 -33.49
C LYS I 32 -39.23 12.14 -32.35
N GLY I 33 -39.74 11.29 -31.47
CA GLY I 33 -38.95 10.80 -30.37
C GLY I 33 -37.87 9.83 -30.83
N ARG I 34 -36.96 9.54 -29.93
CA ARG I 34 -35.82 8.67 -30.17
C ARG I 34 -36.04 7.31 -29.52
N ASN I 35 -35.08 6.43 -29.69
CA ASN I 35 -35.22 5.03 -29.31
C ASN I 35 -34.57 4.77 -27.94
N VAL I 36 -35.12 3.77 -27.25
CA VAL I 36 -34.57 3.27 -25.99
C VAL I 36 -34.51 1.76 -26.11
N ILE I 37 -33.31 1.20 -25.97
CA ILE I 37 -33.09 -0.23 -26.18
C ILE I 37 -33.21 -0.92 -24.83
N ILE I 38 -34.13 -1.88 -24.74
CA ILE I 38 -34.37 -2.66 -23.53
C ILE I 38 -34.01 -4.11 -23.83
N GLU I 39 -33.22 -4.73 -22.96
CA GLU I 39 -32.83 -6.11 -23.20
C GLU I 39 -34.03 -7.02 -23.03
N LYS I 40 -33.85 -8.26 -23.44
CA LYS I 40 -34.69 -9.36 -23.00
C LYS I 40 -33.78 -10.54 -22.69
N LYS I 41 -34.12 -11.29 -21.64
CA LYS I 41 -33.19 -12.27 -21.11
C LYS I 41 -32.92 -13.37 -22.12
N PHE I 42 -33.94 -13.76 -22.87
CA PHE I 42 -33.82 -14.69 -23.98
C PHE I 42 -34.32 -13.99 -25.23
N GLY I 43 -33.55 -14.08 -26.30
CA GLY I 43 -33.90 -13.45 -27.56
C GLY I 43 -33.26 -12.08 -27.72
N ALA I 44 -33.54 -11.48 -28.87
CA ALA I 44 -32.90 -10.23 -29.22
C ALA I 44 -33.41 -9.09 -28.32
N PRO I 45 -32.61 -8.04 -28.11
CA PRO I 45 -33.13 -6.88 -27.39
C PRO I 45 -34.19 -6.15 -28.18
N THR I 46 -35.08 -5.48 -27.47
CA THR I 46 -36.21 -4.78 -28.05
C THR I 46 -35.94 -3.29 -28.14
N ILE I 47 -36.33 -2.69 -29.25
CA ILE I 47 -36.21 -1.25 -29.49
C ILE I 47 -37.63 -0.68 -29.45
N THR I 48 -37.82 0.37 -28.66
CA THR I 48 -39.13 0.94 -28.41
C THR I 48 -39.09 2.45 -28.58
N LYS I 49 -40.22 3.00 -29.03
CA LYS I 49 -40.44 4.43 -29.11
C LYS I 49 -41.59 4.88 -28.19
N ASP I 50 -42.02 4.01 -27.27
CA ASP I 50 -43.12 4.29 -26.36
C ASP I 50 -42.59 4.43 -24.95
N GLY I 51 -43.01 5.49 -24.25
CA GLY I 51 -42.49 5.76 -22.92
C GLY I 51 -43.09 4.86 -21.85
N VAL I 52 -44.32 4.40 -22.05
CA VAL I 52 -44.93 3.50 -21.08
C VAL I 52 -44.12 2.20 -20.98
N THR I 53 -43.62 1.73 -22.12
CA THR I 53 -42.81 0.52 -22.12
C THR I 53 -41.52 0.72 -21.34
N VAL I 54 -40.87 1.87 -21.53
CA VAL I 54 -39.60 2.11 -20.85
C VAL I 54 -39.82 2.23 -19.34
N ALA I 55 -40.95 2.80 -18.94
CA ALA I 55 -41.19 3.08 -17.53
C ALA I 55 -41.27 1.80 -16.69
N LYS I 56 -41.74 0.70 -17.26
CA LYS I 56 -41.93 -0.52 -16.49
C LYS I 56 -40.62 -1.22 -16.13
N GLU I 57 -39.49 -0.80 -16.70
CA GLU I 57 -38.21 -1.49 -16.55
C GLU I 57 -37.16 -0.58 -15.93
N ILE I 58 -37.57 0.47 -15.23
CA ILE I 58 -36.65 1.38 -14.55
C ILE I 58 -36.60 0.96 -13.09
N GLU I 59 -35.63 0.12 -12.75
CA GLU I 59 -35.33 -0.26 -11.37
C GLU I 59 -33.85 0.00 -11.13
N LEU I 60 -33.53 0.71 -10.05
CA LEU I 60 -32.21 1.26 -9.85
C LEU I 60 -31.49 0.56 -8.70
N GLU I 61 -30.16 0.51 -8.79
CA GLU I 61 -29.37 -0.22 -7.83
C GLU I 61 -29.43 0.41 -6.45
N ASP I 62 -29.19 1.70 -6.35
CA ASP I 62 -29.21 2.37 -5.05
C ASP I 62 -30.65 2.41 -4.54
N PRO I 63 -30.93 1.92 -3.32
CA PRO I 63 -32.34 1.79 -2.91
C PRO I 63 -33.10 3.11 -2.86
N PHE I 64 -32.47 4.22 -2.46
CA PHE I 64 -33.20 5.47 -2.36
C PHE I 64 -33.65 5.97 -3.72
N GLU I 65 -32.75 5.91 -4.71
CA GLU I 65 -33.12 6.25 -6.07
C GLU I 65 -34.21 5.33 -6.59
N ASN I 66 -34.17 4.05 -6.20
CA ASN I 66 -35.22 3.13 -6.60
C ASN I 66 -36.57 3.55 -6.02
N MET I 67 -36.60 3.99 -4.77
CA MET I 67 -37.85 4.46 -4.19
C MET I 67 -38.37 5.66 -4.96
N GLY I 68 -37.50 6.62 -5.27
CA GLY I 68 -37.94 7.78 -6.03
C GLY I 68 -38.52 7.41 -7.38
N ALA I 69 -37.79 6.55 -8.11
CA ALA I 69 -38.24 6.14 -9.44
C ALA I 69 -39.57 5.39 -9.37
N GLN I 70 -39.71 4.47 -8.42
CA GLN I 70 -40.95 3.69 -8.32
C GLN I 70 -42.11 4.59 -7.92
N MET I 71 -41.86 5.57 -7.07
CA MET I 71 -42.93 6.48 -6.67
C MET I 71 -43.43 7.28 -7.87
N VAL I 72 -42.51 7.83 -8.65
CA VAL I 72 -42.93 8.61 -9.81
C VAL I 72 -43.60 7.72 -10.84
N LYS I 73 -43.15 6.46 -10.96
CA LYS I 73 -43.83 5.51 -11.84
C LYS I 73 -45.27 5.31 -11.38
N GLU I 74 -45.48 5.14 -10.07
CA GLU I 74 -46.81 4.86 -9.57
C GLU I 74 -47.73 6.04 -9.84
N VAL I 75 -47.31 7.24 -9.47
CA VAL I 75 -48.21 8.39 -9.59
C VAL I 75 -48.39 8.77 -11.05
N ALA I 76 -47.36 8.56 -11.87
CA ALA I 76 -47.50 8.88 -13.29
C ALA I 76 -48.43 7.91 -14.01
N SER I 77 -48.43 6.63 -13.63
CA SER I 77 -49.25 5.63 -14.29
C SER I 77 -50.74 5.81 -14.04
N LYS I 78 -51.14 6.65 -13.09
CA LYS I 78 -52.54 6.88 -12.79
C LYS I 78 -53.28 7.64 -13.89
N THR I 79 -52.57 8.16 -14.89
CA THR I 79 -53.19 8.91 -15.96
C THR I 79 -54.18 8.03 -16.72
N SER I 80 -55.22 8.67 -17.26
CA SER I 80 -56.30 7.94 -17.91
C SER I 80 -55.79 7.18 -19.14
N ASP I 81 -55.11 7.88 -20.04
CA ASP I 81 -54.68 7.28 -21.29
C ASP I 81 -53.37 6.54 -21.11
N VAL I 82 -53.27 5.38 -21.76
CA VAL I 82 -52.05 4.58 -21.83
C VAL I 82 -51.49 4.50 -23.25
N ALA I 83 -52.19 5.11 -24.22
CA ALA I 83 -51.71 5.08 -25.60
C ALA I 83 -50.36 5.78 -25.73
N GLY I 84 -50.21 6.95 -25.10
CA GLY I 84 -48.95 7.66 -25.16
C GLY I 84 -49.02 9.10 -24.70
N ASP I 85 -47.90 9.62 -24.23
CA ASP I 85 -47.74 11.02 -23.82
C ASP I 85 -48.55 11.36 -22.57
N GLY I 86 -49.13 10.37 -21.90
CA GLY I 86 -49.85 10.61 -20.67
C GLY I 86 -48.94 10.43 -19.48
N THR I 87 -48.25 9.29 -19.44
CA THR I 87 -47.24 9.06 -18.41
C THR I 87 -45.98 9.85 -18.67
N THR I 88 -45.58 10.00 -19.92
CA THR I 88 -44.34 10.70 -20.24
C THR I 88 -44.43 12.19 -19.88
N THR I 89 -45.53 12.84 -20.26
CA THR I 89 -45.69 14.25 -19.92
C THR I 89 -45.76 14.45 -18.42
N ALA I 90 -46.43 13.54 -17.71
CA ALA I 90 -46.49 13.64 -16.26
C ALA I 90 -45.11 13.51 -15.65
N THR I 91 -44.31 12.55 -16.14
CA THR I 91 -42.96 12.39 -15.61
C THR I 91 -42.10 13.61 -15.90
N VAL I 92 -42.21 14.17 -17.10
CA VAL I 92 -41.40 15.34 -17.46
C VAL I 92 -41.76 16.52 -16.58
N LEU I 93 -43.06 16.78 -16.40
CA LEU I 93 -43.48 17.88 -15.55
C LEU I 93 -43.06 17.67 -14.11
N ALA I 94 -43.16 16.43 -13.62
CA ALA I 94 -42.75 16.14 -12.25
C ALA I 94 -41.27 16.39 -12.08
N GLN I 95 -40.45 15.96 -13.03
CA GLN I 95 -39.01 16.20 -12.94
C GLN I 95 -38.71 17.69 -12.95
N ALA I 96 -39.38 18.44 -13.82
CA ALA I 96 -39.14 19.87 -13.91
C ALA I 96 -39.46 20.55 -12.58
N ILE I 97 -40.66 20.28 -12.04
CA ILE I 97 -41.07 20.94 -10.81
C ILE I 97 -40.16 20.52 -9.66
N VAL I 98 -39.81 19.23 -9.60
CA VAL I 98 -38.96 18.76 -8.51
C VAL I 98 -37.59 19.43 -8.56
N ARG I 99 -36.98 19.47 -9.74
CA ARG I 99 -35.66 20.08 -9.87
C ARG I 99 -35.70 21.56 -9.49
N GLU I 100 -36.67 22.30 -10.04
CA GLU I 100 -36.72 23.73 -9.75
C GLU I 100 -37.03 23.97 -8.28
N GLY I 101 -37.92 23.18 -7.68
CA GLY I 101 -38.25 23.36 -6.28
C GLY I 101 -37.08 23.08 -5.37
N LEU I 102 -36.28 22.06 -5.69
CA LEU I 102 -35.12 21.78 -4.86
C LEU I 102 -34.04 22.83 -5.05
N LYS I 103 -33.88 23.33 -6.28
CA LYS I 103 -32.94 24.42 -6.48
C LYS I 103 -33.35 25.65 -5.69
N ASN I 104 -34.66 25.90 -5.56
CA ASN I 104 -35.12 27.03 -4.77
C ASN I 104 -35.02 26.77 -3.27
N VAL I 105 -35.35 25.56 -2.80
CA VAL I 105 -35.26 25.29 -1.37
C VAL I 105 -33.82 25.30 -0.90
N ALA I 106 -32.87 24.96 -1.78
CA ALA I 106 -31.47 25.20 -1.47
C ALA I 106 -31.18 26.69 -1.26
N ALA I 107 -31.96 27.57 -1.87
CA ALA I 107 -31.83 29.01 -1.71
C ALA I 107 -32.63 29.56 -0.55
N GLY I 108 -33.24 28.71 0.27
CA GLY I 108 -33.89 29.13 1.49
C GLY I 108 -35.38 29.37 1.39
N ALA I 109 -36.10 28.59 0.60
CA ALA I 109 -37.55 28.69 0.51
C ALA I 109 -38.21 27.73 1.49
N ASN I 110 -39.39 28.13 1.97
CA ASN I 110 -40.20 27.27 2.83
C ASN I 110 -40.97 26.28 1.97
N PRO I 111 -40.75 24.96 2.09
CA PRO I 111 -41.44 24.03 1.18
C PRO I 111 -42.96 24.01 1.33
N MET I 112 -43.52 24.29 2.50
CA MET I 112 -44.97 24.39 2.63
C MET I 112 -45.54 25.47 1.72
N ASP I 113 -44.93 26.64 1.72
CA ASP I 113 -45.41 27.71 0.85
C ASP I 113 -45.20 27.37 -0.62
N LEU I 114 -44.10 26.69 -0.94
CA LEU I 114 -43.89 26.24 -2.32
C LEU I 114 -45.00 25.29 -2.75
N LYS I 115 -45.34 24.33 -1.88
CA LYS I 115 -46.38 23.37 -2.22
C LYS I 115 -47.73 24.04 -2.39
N ARG I 116 -48.06 24.97 -1.49
CA ARG I 116 -49.35 25.65 -1.60
C ARG I 116 -49.41 26.51 -2.85
N GLY I 117 -48.32 27.19 -3.18
CA GLY I 117 -48.30 27.99 -4.39
C GLY I 117 -48.40 27.13 -5.65
N ILE I 118 -47.71 26.00 -5.66
CA ILE I 118 -47.80 25.09 -6.80
C ILE I 118 -49.24 24.60 -6.94
N ASP I 119 -49.88 24.26 -5.83
CA ASP I 119 -51.26 23.79 -5.88
C ASP I 119 -52.19 24.88 -6.40
N LYS I 120 -52.00 26.13 -5.94
CA LYS I 120 -52.86 27.22 -6.38
C LYS I 120 -52.69 27.47 -7.87
N ALA I 121 -51.46 27.53 -8.35
CA ALA I 121 -51.22 27.77 -9.77
C ALA I 121 -51.70 26.59 -10.61
N VAL I 122 -51.60 25.38 -10.09
CA VAL I 122 -52.11 24.22 -10.82
C VAL I 122 -53.62 24.27 -10.91
N GLU I 123 -54.29 24.73 -9.85
CA GLU I 123 -55.73 24.94 -9.91
C GLU I 123 -56.08 25.96 -10.97
N ALA I 124 -55.31 27.05 -11.03
CA ALA I 124 -55.54 28.07 -12.06
C ALA I 124 -55.35 27.48 -13.46
N VAL I 125 -54.31 26.67 -13.63
CA VAL I 125 -54.03 26.09 -14.94
C VAL I 125 -55.15 25.13 -15.34
N VAL I 126 -55.66 24.35 -14.39
CA VAL I 126 -56.74 23.42 -14.71
C VAL I 126 -58.01 24.18 -15.07
N GLU I 127 -58.28 25.27 -14.36
CA GLU I 127 -59.43 26.10 -14.72
C GLU I 127 -59.29 26.65 -16.13
N GLU I 128 -58.10 27.14 -16.47
CA GLU I 128 -57.89 27.67 -17.82
C GLU I 128 -57.97 26.56 -18.85
N LEU I 129 -57.48 25.36 -18.52
CA LEU I 129 -57.59 24.23 -19.44
C LEU I 129 -59.04 23.89 -19.73
N LYS I 130 -59.88 23.88 -18.69
CA LYS I 130 -61.30 23.67 -18.92
C LYS I 130 -61.91 24.78 -19.74
N LYS I 131 -61.47 26.03 -19.51
CA LYS I 131 -62.00 27.15 -20.28
C LYS I 131 -61.65 27.04 -21.76
N MET I 132 -60.42 26.65 -22.08
CA MET I 132 -59.93 26.72 -23.45
C MET I 132 -60.46 25.60 -24.32
N ALA I 133 -60.61 24.41 -23.75
CA ALA I 133 -60.94 23.24 -24.56
C ALA I 133 -62.30 23.38 -25.22
N LYS I 134 -62.35 23.06 -26.52
CA LYS I 134 -63.62 23.08 -27.23
C LYS I 134 -64.40 21.81 -26.94
N PRO I 135 -65.74 21.85 -26.95
CA PRO I 135 -66.49 20.61 -26.79
C PRO I 135 -66.48 19.79 -28.07
N VAL I 136 -66.65 18.47 -27.89
CA VAL I 136 -66.87 17.56 -29.01
C VAL I 136 -68.24 16.93 -28.84
N ASN I 137 -69.25 17.56 -29.42
CA ASN I 137 -70.62 17.08 -29.37
C ASN I 137 -71.23 17.25 -30.75
N GLY I 138 -71.38 16.14 -31.47
CA GLY I 138 -71.90 16.18 -32.82
C GLY I 138 -71.23 15.14 -33.70
N LYS I 139 -72.05 14.35 -34.40
CA LYS I 139 -71.58 13.15 -35.10
C LYS I 139 -70.38 13.44 -36.01
N GLU I 140 -70.42 14.57 -36.72
CA GLU I 140 -69.32 14.90 -37.62
C GLU I 140 -68.02 15.05 -36.87
N GLU I 141 -68.05 15.74 -35.73
CA GLU I 141 -66.81 15.96 -34.98
C GLU I 141 -66.41 14.76 -34.15
N ILE I 142 -67.34 13.89 -33.75
CA ILE I 142 -66.91 12.61 -33.16
C ILE I 142 -66.14 11.82 -34.20
N ALA I 143 -66.67 11.77 -35.43
CA ALA I 143 -65.96 11.08 -36.50
C ALA I 143 -64.60 11.72 -36.75
N GLN I 144 -64.55 13.06 -36.74
CA GLN I 144 -63.30 13.75 -37.00
C GLN I 144 -62.26 13.41 -35.94
N VAL I 145 -62.60 13.55 -34.66
CA VAL I 145 -61.63 13.29 -33.59
C VAL I 145 -61.20 11.83 -33.61
N ALA I 146 -62.13 10.92 -33.90
CA ALA I 146 -61.76 9.51 -34.01
C ALA I 146 -60.74 9.32 -35.14
N THR I 147 -60.98 9.98 -36.28
CA THR I 147 -60.06 9.83 -37.41
C THR I 147 -58.68 10.37 -37.09
N ILE I 148 -58.60 11.52 -36.41
CA ILE I 148 -57.28 12.05 -36.06
C ILE I 148 -56.59 11.12 -35.07
N SER I 149 -57.35 10.55 -34.14
CA SER I 149 -56.74 9.66 -33.15
C SER I 149 -56.35 8.30 -33.72
N ALA I 150 -56.72 8.00 -34.96
CA ALA I 150 -56.49 6.68 -35.57
C ALA I 150 -55.53 6.77 -36.76
N ASN I 151 -54.55 7.66 -36.68
CA ASN I 151 -53.56 7.82 -37.74
C ASN I 151 -54.19 8.17 -39.08
N ASN I 152 -55.26 8.96 -39.03
CA ASN I 152 -55.90 9.53 -40.22
C ASN I 152 -56.35 8.45 -41.20
N ASP I 153 -57.35 7.68 -40.75
CA ASP I 153 -58.13 6.82 -41.61
C ASP I 153 -59.62 7.05 -41.36
N PRO I 154 -60.48 6.96 -42.38
CA PRO I 154 -61.91 7.25 -42.13
C PRO I 154 -62.72 6.05 -41.65
N GLU I 155 -62.30 4.83 -41.96
CA GLU I 155 -63.14 3.67 -41.70
C GLU I 155 -63.31 3.42 -40.22
N ILE I 156 -62.21 3.35 -39.47
CA ILE I 156 -62.31 3.18 -38.02
C ILE I 156 -63.03 4.35 -37.38
N GLY I 157 -62.77 5.56 -37.88
CA GLY I 157 -63.44 6.73 -37.32
C GLY I 157 -64.95 6.67 -37.48
N LYS I 158 -65.42 6.35 -38.68
CA LYS I 158 -66.86 6.26 -38.88
C LYS I 158 -67.45 5.11 -38.09
N LEU I 159 -66.76 3.98 -38.03
CA LEU I 159 -67.28 2.84 -37.26
C LEU I 159 -67.46 3.21 -35.80
N ILE I 160 -66.44 3.79 -35.20
CA ILE I 160 -66.49 4.07 -33.78
C ILE I 160 -67.47 5.20 -33.49
N ALA I 161 -67.59 6.17 -34.41
CA ALA I 161 -68.59 7.22 -34.23
C ALA I 161 -70.00 6.66 -34.29
N GLU I 162 -70.25 5.74 -35.23
CA GLU I 162 -71.56 5.11 -35.31
C GLU I 162 -71.85 4.35 -34.03
N ALA I 163 -70.86 3.63 -33.50
CA ALA I 163 -71.06 2.91 -32.25
C ALA I 163 -71.42 3.87 -31.11
N MET I 164 -70.68 4.97 -31.00
CA MET I 164 -70.92 5.93 -29.93
C MET I 164 -72.32 6.52 -30.03
N GLU I 165 -72.75 6.84 -31.26
CA GLU I 165 -74.10 7.37 -31.44
C GLU I 165 -75.14 6.33 -31.05
N LYS I 166 -74.92 5.06 -31.42
CA LYS I 166 -75.91 4.04 -31.13
C LYS I 166 -76.06 3.81 -29.63
N VAL I 167 -74.96 3.56 -28.92
CA VAL I 167 -75.10 3.17 -27.52
C VAL I 167 -75.36 4.38 -26.64
N GLY I 168 -74.88 5.55 -27.01
CA GLY I 168 -74.97 6.75 -26.20
C GLY I 168 -73.62 7.18 -25.67
N LYS I 169 -73.65 8.30 -24.93
CA LYS I 169 -72.41 8.94 -24.50
C LYS I 169 -71.79 8.18 -23.33
N ASP I 170 -72.62 7.76 -22.37
CA ASP I 170 -72.15 7.07 -21.18
C ASP I 170 -72.16 5.55 -21.33
N GLY I 171 -72.33 5.03 -22.54
CA GLY I 171 -72.41 3.61 -22.76
C GLY I 171 -71.09 2.91 -22.58
N VAL I 172 -70.98 1.74 -23.20
CA VAL I 172 -69.77 0.93 -23.18
C VAL I 172 -69.58 0.30 -24.55
N ILE I 173 -68.37 0.39 -25.08
CA ILE I 173 -67.95 -0.33 -26.28
C ILE I 173 -66.79 -1.24 -25.88
N THR I 174 -66.71 -2.39 -26.52
CA THR I 174 -65.55 -3.26 -26.37
C THR I 174 -65.20 -3.87 -27.71
N VAL I 175 -63.90 -4.04 -27.93
CA VAL I 175 -63.37 -4.52 -29.20
C VAL I 175 -63.38 -6.04 -29.16
N GLU I 176 -63.73 -6.66 -30.29
CA GLU I 176 -63.86 -8.10 -30.38
C GLU I 176 -63.10 -8.63 -31.59
N GLU I 177 -62.51 -9.81 -31.40
CA GLU I 177 -61.73 -10.48 -32.43
C GLU I 177 -62.68 -11.15 -33.41
N SER I 178 -62.67 -10.68 -34.66
CA SER I 178 -63.59 -11.20 -35.67
C SER I 178 -62.98 -12.42 -36.35
N LYS I 179 -63.88 -13.29 -36.84
CA LYS I 179 -63.51 -14.41 -37.70
C LYS I 179 -63.89 -14.18 -39.15
N SER I 180 -64.27 -12.96 -39.53
CA SER I 180 -64.55 -12.60 -40.91
C SER I 180 -63.87 -11.28 -41.22
N THR I 181 -63.52 -11.08 -42.49
CA THR I 181 -62.75 -9.92 -42.91
C THR I 181 -63.56 -8.64 -42.96
N GLU I 182 -64.87 -8.69 -42.77
CA GLU I 182 -65.74 -7.52 -42.79
C GLU I 182 -66.12 -7.21 -41.34
N THR I 183 -66.06 -5.94 -40.98
CA THR I 183 -66.20 -5.52 -39.60
C THR I 183 -67.69 -5.33 -39.26
N THR I 184 -68.13 -5.97 -38.18
CA THR I 184 -69.54 -5.97 -37.78
C THR I 184 -69.69 -5.27 -36.43
N LEU I 185 -70.80 -4.56 -36.27
CA LEU I 185 -71.12 -3.84 -35.04
C LEU I 185 -72.60 -4.03 -34.75
N ASP I 186 -72.90 -4.64 -33.61
CA ASP I 186 -74.27 -4.90 -33.19
C ASP I 186 -74.37 -4.51 -31.73
N VAL I 187 -75.49 -3.86 -31.39
CA VAL I 187 -75.76 -3.43 -30.02
C VAL I 187 -76.58 -4.52 -29.34
N VAL I 188 -76.14 -4.94 -28.16
CA VAL I 188 -76.66 -6.12 -27.49
C VAL I 188 -76.75 -5.87 -25.99
N GLU I 189 -77.29 -6.85 -25.29
CA GLU I 189 -77.47 -6.76 -23.84
C GLU I 189 -76.25 -7.27 -23.10
N GLY I 190 -75.90 -6.56 -22.04
CA GLY I 190 -74.76 -6.93 -21.22
C GLY I 190 -74.64 -6.00 -20.04
N MET I 191 -73.79 -6.41 -19.09
CA MET I 191 -73.56 -5.66 -17.86
C MET I 191 -72.11 -5.23 -17.81
N GLN I 192 -71.87 -4.19 -17.01
CA GLN I 192 -70.55 -3.55 -16.92
C GLN I 192 -70.48 -2.91 -15.54
N PHE I 193 -69.78 -3.55 -14.61
CA PHE I 193 -69.72 -3.09 -13.22
C PHE I 193 -68.28 -3.07 -12.73
N ASP I 194 -68.04 -2.23 -11.74
CA ASP I 194 -66.68 -1.82 -11.35
C ASP I 194 -66.16 -2.60 -10.15
N ARG I 195 -66.01 -3.92 -10.29
CA ARG I 195 -65.34 -4.75 -9.30
C ARG I 195 -64.45 -5.74 -10.04
N GLY I 196 -63.13 -5.58 -9.90
CA GLY I 196 -62.19 -6.38 -10.63
C GLY I 196 -61.88 -7.71 -9.98
N TYR I 197 -60.94 -8.42 -10.58
CA TYR I 197 -60.51 -9.72 -10.08
C TYR I 197 -59.98 -9.61 -8.64
N LEU I 198 -59.99 -10.74 -7.94
CA LEU I 198 -59.51 -10.81 -6.57
C LEU I 198 -58.07 -11.29 -6.46
N SER I 199 -57.39 -11.53 -7.59
CA SER I 199 -56.02 -12.00 -7.54
C SER I 199 -55.33 -11.61 -8.85
N PRO I 200 -54.10 -11.10 -8.82
CA PRO I 200 -53.46 -10.69 -10.07
C PRO I 200 -52.94 -11.83 -10.93
N TYR I 201 -52.94 -13.06 -10.42
CA TYR I 201 -52.42 -14.20 -11.17
C TYR I 201 -53.41 -14.75 -12.19
N PHE I 202 -54.65 -14.26 -12.22
CA PHE I 202 -55.66 -14.76 -13.13
C PHE I 202 -55.65 -14.06 -14.48
N VAL I 203 -54.70 -13.17 -14.71
CA VAL I 203 -54.57 -12.54 -16.02
C VAL I 203 -54.29 -13.61 -17.07
N THR I 204 -55.02 -13.54 -18.18
CA THR I 204 -54.81 -14.41 -19.33
C THR I 204 -53.95 -13.73 -20.38
N ASP I 205 -54.21 -12.46 -20.66
CA ASP I 205 -53.38 -11.64 -21.54
C ASP I 205 -52.59 -10.70 -20.62
N SER I 206 -51.39 -11.14 -20.25
CA SER I 206 -50.55 -10.34 -19.36
C SER I 206 -50.00 -9.08 -20.02
N GLU I 207 -50.09 -8.98 -21.35
CA GLU I 207 -49.55 -7.81 -22.03
C GLU I 207 -50.36 -6.55 -21.68
N LYS I 208 -51.69 -6.69 -21.60
CA LYS I 208 -52.57 -5.57 -21.30
C LYS I 208 -53.22 -5.65 -19.93
N MET I 209 -53.00 -6.72 -19.16
CA MET I 209 -53.49 -6.85 -17.79
C MET I 209 -55.03 -6.86 -17.73
N GLU I 210 -55.64 -7.82 -18.44
CA GLU I 210 -56.99 -8.29 -18.13
C GLU I 210 -57.05 -9.80 -18.32
N ALA I 211 -58.08 -10.41 -17.75
CA ALA I 211 -58.37 -11.82 -17.93
C ALA I 211 -59.51 -12.00 -18.93
N VAL I 212 -59.44 -13.07 -19.71
CA VAL I 212 -60.42 -13.36 -20.76
C VAL I 212 -60.92 -14.78 -20.56
N LEU I 213 -62.24 -14.94 -20.54
CA LEU I 213 -62.89 -16.24 -20.49
C LEU I 213 -63.86 -16.36 -21.66
N GLU I 214 -63.77 -17.45 -22.41
CA GLU I 214 -64.59 -17.68 -23.59
C GLU I 214 -65.81 -18.49 -23.19
N ASN I 215 -67.00 -17.95 -23.46
CA ASN I 215 -68.27 -18.62 -23.17
C ASN I 215 -68.33 -19.04 -21.70
N PRO I 216 -68.30 -18.08 -20.78
CA PRO I 216 -68.21 -18.42 -19.36
C PRO I 216 -69.54 -18.90 -18.79
N TYR I 217 -69.44 -19.48 -17.60
CA TYR I 217 -70.59 -19.78 -16.75
C TYR I 217 -70.58 -18.83 -15.57
N ILE I 218 -71.76 -18.51 -15.06
CA ILE I 218 -71.91 -17.58 -13.95
C ILE I 218 -72.80 -18.23 -12.89
N LEU I 219 -72.23 -18.47 -11.71
CA LEU I 219 -73.01 -18.87 -10.54
C LEU I 219 -73.36 -17.61 -9.77
N ILE I 220 -74.60 -17.54 -9.29
CA ILE I 220 -75.11 -16.38 -8.59
C ILE I 220 -75.19 -16.73 -7.11
N TYR I 221 -74.10 -16.45 -6.39
CA TYR I 221 -74.03 -16.59 -4.94
C TYR I 221 -73.93 -15.20 -4.31
N ASP I 222 -74.44 -15.08 -3.09
CA ASP I 222 -74.62 -13.79 -2.45
C ASP I 222 -73.71 -13.53 -1.26
N LYS I 223 -73.14 -14.57 -0.65
CA LYS I 223 -72.43 -14.45 0.62
C LYS I 223 -71.03 -15.06 0.51
N LYS I 224 -70.24 -14.82 1.56
CA LYS I 224 -68.83 -15.14 1.57
C LYS I 224 -68.59 -16.63 1.42
N ILE I 225 -67.51 -16.98 0.74
CA ILE I 225 -66.99 -18.33 0.66
C ILE I 225 -65.53 -18.29 1.10
N SER I 226 -65.13 -19.26 1.92
CA SER I 226 -63.77 -19.30 2.46
C SER I 226 -63.09 -20.64 2.28
N ASN I 227 -63.85 -21.73 2.40
CA ASN I 227 -63.27 -23.06 2.59
C ASN I 227 -63.39 -23.91 1.33
N MET I 228 -62.62 -25.00 1.33
CA MET I 228 -62.71 -26.01 0.28
C MET I 228 -64.08 -26.67 0.29
N LYS I 229 -64.60 -26.98 1.48
CA LYS I 229 -65.61 -28.02 1.65
C LYS I 229 -66.96 -27.70 1.02
N ASP I 230 -67.20 -26.45 0.62
CA ASP I 230 -68.54 -26.01 0.22
C ASP I 230 -68.61 -25.58 -1.24
N LEU I 231 -67.69 -26.07 -2.09
CA LEU I 231 -67.78 -25.76 -3.51
C LEU I 231 -67.34 -26.88 -4.45
N LEU I 232 -67.14 -28.11 -3.96
CA LEU I 232 -66.56 -29.16 -4.80
C LEU I 232 -67.42 -29.54 -6.01
N PRO I 233 -68.71 -29.89 -5.86
CA PRO I 233 -69.45 -30.42 -7.02
C PRO I 233 -69.59 -29.43 -8.15
N ILE I 234 -69.60 -28.14 -7.85
CA ILE I 234 -69.64 -27.14 -8.92
C ILE I 234 -68.38 -27.24 -9.76
N LEU I 235 -67.22 -27.40 -9.12
CA LEU I 235 -65.98 -27.58 -9.87
C LEU I 235 -66.03 -28.86 -10.69
N GLU I 236 -66.52 -29.95 -10.09
CA GLU I 236 -66.56 -31.21 -10.84
C GLU I 236 -67.45 -31.09 -12.07
N LYS I 237 -68.64 -30.54 -11.92
CA LYS I 237 -69.55 -30.40 -13.05
C LYS I 237 -69.00 -29.44 -14.09
N VAL I 238 -68.37 -28.34 -13.65
CA VAL I 238 -67.81 -27.39 -14.60
C VAL I 238 -66.68 -28.03 -15.40
N ALA I 239 -65.80 -28.77 -14.72
CA ALA I 239 -64.72 -29.45 -15.43
C ALA I 239 -65.27 -30.46 -16.42
N GLN I 240 -66.31 -31.22 -16.01
CA GLN I 240 -66.93 -32.16 -16.94
C GLN I 240 -67.54 -31.44 -18.14
N SER I 241 -68.18 -30.30 -17.91
CA SER I 241 -68.76 -29.53 -19.00
C SER I 241 -67.71 -28.87 -19.89
N GLY I 242 -66.50 -28.70 -19.38
CA GLY I 242 -65.41 -28.17 -20.20
C GLY I 242 -65.60 -26.76 -20.67
N LYS I 243 -66.04 -25.85 -19.79
CA LYS I 243 -66.16 -24.43 -20.07
C LYS I 243 -65.58 -23.63 -18.92
N PRO I 244 -65.05 -22.42 -19.17
CA PRO I 244 -64.63 -21.58 -18.04
C PRO I 244 -65.81 -21.10 -17.22
N LEU I 245 -65.52 -20.85 -15.93
CA LEU I 245 -66.56 -20.41 -14.98
C LEU I 245 -66.23 -19.01 -14.46
N LEU I 246 -67.25 -18.22 -14.15
CA LEU I 246 -67.14 -16.91 -13.56
C LEU I 246 -67.94 -16.91 -12.26
N ILE I 247 -67.38 -16.27 -11.23
CA ILE I 247 -67.96 -16.25 -9.89
C ILE I 247 -68.13 -14.79 -9.48
N ILE I 248 -69.32 -14.44 -9.00
CA ILE I 248 -69.52 -13.20 -8.25
C ILE I 248 -69.93 -13.59 -6.84
N ALA I 249 -69.41 -12.86 -5.86
CA ALA I 249 -69.64 -13.26 -4.47
C ALA I 249 -69.38 -12.06 -3.57
N GLU I 250 -69.87 -12.17 -2.34
CA GLU I 250 -69.58 -11.14 -1.35
C GLU I 250 -68.09 -11.07 -1.08
N ASP I 251 -67.45 -12.23 -0.93
CA ASP I 251 -66.01 -12.27 -0.70
C ASP I 251 -65.53 -13.70 -0.85
N VAL I 252 -64.34 -13.86 -1.43
CA VAL I 252 -63.59 -15.11 -1.42
C VAL I 252 -62.27 -14.83 -0.71
N GLU I 253 -61.99 -15.59 0.35
CA GLU I 253 -60.81 -15.35 1.17
C GLU I 253 -60.30 -16.63 1.79
N GLY I 254 -59.00 -16.83 1.74
CA GLY I 254 -58.34 -17.86 2.53
C GLY I 254 -58.13 -19.14 1.74
N GLU I 255 -58.55 -20.27 2.31
CA GLU I 255 -58.28 -21.56 1.71
C GLU I 255 -58.97 -21.70 0.35
N ALA I 256 -60.19 -21.18 0.21
CA ALA I 256 -60.84 -21.20 -1.08
C ALA I 256 -60.04 -20.40 -2.10
N LEU I 257 -59.51 -19.24 -1.70
CA LEU I 257 -58.69 -18.46 -2.60
C LEU I 257 -57.46 -19.23 -3.03
N ALA I 258 -56.81 -19.91 -2.08
CA ALA I 258 -55.65 -20.72 -2.43
C ALA I 258 -56.04 -21.83 -3.39
N THR I 259 -57.23 -22.40 -3.22
CA THR I 259 -57.70 -23.45 -4.12
C THR I 259 -57.85 -22.92 -5.54
N LEU I 260 -58.57 -21.81 -5.70
CA LEU I 260 -58.78 -21.32 -7.06
C LEU I 260 -57.47 -20.83 -7.67
N VAL I 261 -56.58 -20.29 -6.84
CA VAL I 261 -55.26 -19.88 -7.31
C VAL I 261 -54.50 -21.09 -7.84
N VAL I 262 -54.50 -22.19 -7.08
CA VAL I 262 -53.72 -23.36 -7.46
C VAL I 262 -54.27 -23.96 -8.74
N ASN I 263 -55.58 -24.17 -8.81
CA ASN I 263 -56.11 -24.83 -9.99
C ASN I 263 -56.07 -23.95 -11.23
N LYS I 264 -56.13 -22.62 -11.07
CA LYS I 264 -55.95 -21.77 -12.24
C LYS I 264 -54.49 -21.74 -12.69
N LEU I 265 -53.55 -21.68 -11.74
CA LEU I 265 -52.14 -21.62 -12.10
C LEU I 265 -51.68 -22.94 -12.73
N ARG I 266 -52.18 -24.07 -12.25
CA ARG I 266 -51.80 -25.36 -12.83
C ARG I 266 -52.37 -25.53 -14.23
N GLY I 267 -53.37 -24.74 -14.61
CA GLY I 267 -54.02 -24.87 -15.92
C GLY I 267 -55.05 -25.99 -15.90
N THR I 268 -55.61 -26.30 -14.74
CA THR I 268 -56.61 -27.39 -14.56
C THR I 268 -58.01 -26.81 -14.57
N LEU I 269 -58.20 -25.62 -14.02
CA LEU I 269 -59.52 -24.95 -13.97
C LEU I 269 -59.37 -23.46 -14.36
N LYS I 270 -59.95 -23.04 -15.48
CA LYS I 270 -59.89 -21.62 -15.92
C LYS I 270 -61.04 -20.86 -15.25
N VAL I 271 -60.94 -20.60 -13.94
CA VAL I 271 -62.01 -19.90 -13.17
C VAL I 271 -61.45 -18.57 -12.63
N CYS I 272 -62.22 -17.49 -12.74
CA CYS I 272 -61.82 -16.15 -12.20
C CYS I 272 -63.01 -15.59 -11.41
N ALA I 273 -62.79 -15.17 -10.17
CA ALA I 273 -63.88 -14.66 -9.29
C ALA I 273 -63.79 -13.15 -9.14
N VAL I 274 -64.92 -12.47 -8.92
CA VAL I 274 -64.96 -11.03 -8.70
C VAL I 274 -65.94 -10.76 -7.58
N LYS I 275 -65.86 -9.57 -6.99
CA LYS I 275 -66.73 -9.23 -5.88
C LYS I 275 -68.13 -8.88 -6.38
N ALA I 276 -69.09 -9.00 -5.49
CA ALA I 276 -70.48 -8.67 -5.80
C ALA I 276 -70.65 -7.14 -5.87
N PRO I 277 -71.58 -6.63 -6.71
CA PRO I 277 -71.84 -5.18 -6.80
C PRO I 277 -72.95 -4.75 -5.86
N GLY I 278 -73.11 -3.44 -5.66
CA GLY I 278 -74.19 -2.87 -4.89
C GLY I 278 -73.95 -2.90 -3.39
N PHE I 279 -75.04 -2.67 -2.65
CA PHE I 279 -74.96 -2.54 -1.20
C PHE I 279 -76.31 -2.92 -0.59
N GLY I 280 -76.29 -3.91 0.30
CA GLY I 280 -77.48 -4.36 0.99
C GLY I 280 -78.67 -4.71 0.10
N ASP I 281 -79.77 -3.99 0.30
CA ASP I 281 -80.96 -4.23 -0.50
C ASP I 281 -80.68 -4.02 -1.98
N ARG I 282 -79.95 -2.95 -2.30
CA ARG I 282 -79.62 -2.72 -3.70
C ARG I 282 -78.59 -3.73 -4.19
N ARG I 283 -77.75 -4.27 -3.31
CA ARG I 283 -76.89 -5.38 -3.72
C ARG I 283 -77.74 -6.55 -4.19
N LYS I 284 -78.75 -6.91 -3.40
CA LYS I 284 -79.64 -8.00 -3.81
C LYS I 284 -80.35 -7.67 -5.11
N ALA I 285 -80.83 -6.43 -5.25
CA ALA I 285 -81.58 -6.06 -6.45
C ALA I 285 -80.72 -6.15 -7.70
N MET I 286 -79.50 -5.60 -7.66
CA MET I 286 -78.64 -5.63 -8.83
C MET I 286 -78.07 -7.02 -9.11
N LEU I 287 -77.80 -7.83 -8.08
CA LEU I 287 -77.51 -9.23 -8.37
C LEU I 287 -78.68 -9.92 -9.04
N GLU I 288 -79.91 -9.63 -8.62
CA GLU I 288 -81.06 -10.22 -9.29
C GLU I 288 -81.11 -9.78 -10.75
N ASP I 289 -80.80 -8.51 -11.02
CA ASP I 289 -80.82 -8.03 -12.40
C ASP I 289 -79.78 -8.74 -13.24
N ILE I 290 -78.55 -8.87 -12.74
CA ILE I 290 -77.53 -9.57 -13.53
C ILE I 290 -77.90 -11.03 -13.68
N ALA I 291 -78.50 -11.64 -12.65
CA ALA I 291 -78.88 -13.04 -12.73
C ALA I 291 -79.93 -13.26 -13.81
N ILE I 292 -80.97 -12.43 -13.84
CA ILE I 292 -82.00 -12.60 -14.86
C ILE I 292 -81.46 -12.25 -16.24
N LEU I 293 -80.50 -11.33 -16.34
CA LEU I 293 -79.87 -11.09 -17.64
C LEU I 293 -79.14 -12.34 -18.13
N THR I 294 -78.30 -12.92 -17.28
CA THR I 294 -77.55 -14.10 -17.67
C THR I 294 -78.39 -15.37 -17.66
N GLY I 295 -79.65 -15.30 -17.21
CA GLY I 295 -80.57 -16.42 -17.32
C GLY I 295 -80.59 -17.36 -16.14
N GLY I 296 -79.58 -17.31 -15.27
CA GLY I 296 -79.57 -18.15 -14.08
C GLY I 296 -80.53 -17.63 -13.04
N THR I 297 -80.38 -18.17 -11.82
CA THR I 297 -81.18 -17.76 -10.68
C THR I 297 -80.26 -17.50 -9.49
N VAL I 298 -80.74 -16.65 -8.59
CA VAL I 298 -79.95 -16.32 -7.40
C VAL I 298 -79.93 -17.51 -6.45
N ILE I 299 -78.75 -17.79 -5.90
CA ILE I 299 -78.55 -18.83 -4.90
C ILE I 299 -78.48 -18.12 -3.55
N SER I 300 -79.53 -18.28 -2.75
CA SER I 300 -79.65 -17.56 -1.48
C SER I 300 -80.33 -18.43 -0.44
N GLU I 301 -79.98 -18.18 0.82
CA GLU I 301 -80.71 -18.76 1.94
C GLU I 301 -82.05 -18.08 2.17
N GLU I 302 -82.28 -16.92 1.56
CA GLU I 302 -83.62 -16.34 1.57
C GLU I 302 -84.60 -17.23 0.83
N THR I 303 -84.17 -17.82 -0.29
CA THR I 303 -84.93 -18.81 -1.03
C THR I 303 -84.42 -20.23 -0.82
N GLY I 304 -83.57 -20.44 0.20
CA GLY I 304 -83.18 -21.78 0.60
C GLY I 304 -82.41 -22.56 -0.43
N TYR I 305 -81.40 -21.96 -1.06
CA TYR I 305 -80.57 -22.63 -2.04
C TYR I 305 -79.12 -22.63 -1.55
N LYS I 306 -78.48 -23.79 -1.64
CA LYS I 306 -77.09 -23.97 -1.26
C LYS I 306 -76.22 -23.98 -2.53
N LEU I 307 -74.95 -23.61 -2.35
CA LEU I 307 -74.05 -23.52 -3.50
C LEU I 307 -73.83 -24.88 -4.15
N GLU I 308 -73.55 -25.92 -3.35
CA GLU I 308 -73.40 -27.25 -3.92
C GLU I 308 -74.74 -27.86 -4.29
N ASN I 309 -75.85 -27.33 -3.77
CA ASN I 309 -77.16 -27.68 -4.30
C ASN I 309 -77.33 -27.14 -5.72
N ALA I 310 -76.60 -26.09 -6.07
CA ALA I 310 -76.76 -25.47 -7.38
C ALA I 310 -76.34 -26.43 -8.49
N THR I 311 -76.85 -26.19 -9.71
CA THR I 311 -76.62 -27.08 -10.83
C THR I 311 -76.51 -26.31 -12.14
N LEU I 312 -76.26 -27.02 -13.23
CA LEU I 312 -76.08 -26.38 -14.53
C LEU I 312 -77.30 -25.56 -14.95
N ASP I 313 -78.50 -26.03 -14.60
CA ASP I 313 -79.70 -25.32 -15.02
C ASP I 313 -79.81 -23.94 -14.37
N TYR I 314 -79.36 -23.80 -13.11
CA TYR I 314 -79.41 -22.50 -12.45
C TYR I 314 -78.23 -21.61 -12.77
N LEU I 315 -77.18 -22.13 -13.40
CA LEU I 315 -76.02 -21.30 -13.71
C LEU I 315 -76.40 -20.20 -14.70
N GLY I 316 -75.48 -19.25 -14.86
CA GLY I 316 -75.67 -18.12 -15.76
C GLY I 316 -74.72 -18.21 -16.93
N ARG I 317 -75.28 -18.14 -18.14
CA ARG I 317 -74.54 -18.35 -19.37
C ARG I 317 -74.34 -17.04 -20.12
N ALA I 318 -73.15 -16.90 -20.70
CA ALA I 318 -72.83 -15.78 -21.58
C ALA I 318 -71.79 -16.28 -22.58
N LYS I 319 -71.45 -15.42 -23.55
CA LYS I 319 -70.50 -15.78 -24.60
C LYS I 319 -69.14 -15.16 -24.44
N ARG I 320 -69.01 -14.04 -23.72
CA ARG I 320 -67.71 -13.43 -23.49
C ARG I 320 -67.73 -12.58 -22.22
N VAL I 321 -66.65 -12.67 -21.46
CA VAL I 321 -66.42 -11.82 -20.30
C VAL I 321 -64.95 -11.43 -20.26
N THR I 322 -64.69 -10.23 -19.75
CA THR I 322 -63.33 -9.74 -19.50
C THR I 322 -63.25 -9.22 -18.08
N ILE I 323 -62.09 -9.43 -17.45
CA ILE I 323 -61.85 -9.04 -16.07
C ILE I 323 -60.56 -8.22 -16.05
N ASP I 324 -60.66 -6.96 -15.64
CA ASP I 324 -59.52 -6.08 -15.47
C ASP I 324 -59.42 -5.66 -14.00
N LYS I 325 -58.46 -4.79 -13.70
CA LYS I 325 -58.21 -4.41 -12.32
C LYS I 325 -59.41 -3.68 -11.73
N ASP I 326 -60.01 -2.75 -12.49
CA ASP I 326 -61.13 -1.96 -12.00
C ASP I 326 -62.47 -2.55 -12.43
N ASN I 327 -62.69 -2.66 -13.74
CA ASN I 327 -63.99 -2.98 -14.30
C ASN I 327 -64.07 -4.47 -14.64
N THR I 328 -65.22 -4.87 -15.17
CA THR I 328 -65.43 -6.23 -15.67
C THR I 328 -66.67 -6.21 -16.56
N THR I 329 -66.52 -6.74 -17.77
CA THR I 329 -67.47 -6.52 -18.85
C THR I 329 -68.25 -7.80 -19.14
N ILE I 330 -69.54 -7.78 -18.86
CA ILE I 330 -70.45 -8.87 -19.15
C ILE I 330 -71.20 -8.51 -20.43
N VAL I 331 -71.08 -9.36 -21.45
CA VAL I 331 -71.69 -9.10 -22.75
C VAL I 331 -72.44 -10.34 -23.21
N ASP I 332 -73.64 -10.15 -23.74
CA ASP I 332 -74.49 -11.22 -24.26
C ASP I 332 -74.75 -12.30 -23.19
N GLY I 333 -75.39 -11.87 -22.11
CA GLY I 333 -75.87 -12.83 -21.13
C GLY I 333 -77.05 -13.60 -21.69
N ALA I 334 -76.98 -14.92 -21.64
CA ALA I 334 -78.02 -15.78 -22.21
C ALA I 334 -79.26 -15.65 -21.33
N GLY I 335 -80.22 -14.85 -21.79
CA GLY I 335 -81.45 -14.66 -21.06
C GLY I 335 -82.59 -14.34 -22.00
N ASP I 336 -83.80 -14.65 -21.55
CA ASP I 336 -84.99 -14.44 -22.37
C ASP I 336 -85.27 -12.95 -22.50
N LYS I 337 -85.32 -12.47 -23.74
CA LYS I 337 -85.46 -11.04 -23.99
C LYS I 337 -86.76 -10.48 -23.44
N GLU I 338 -87.84 -11.25 -23.51
CA GLU I 338 -89.12 -10.78 -22.98
C GLU I 338 -89.03 -10.54 -21.48
N ASP I 339 -88.30 -11.40 -20.77
CA ASP I 339 -88.10 -11.20 -19.34
C ASP I 339 -87.35 -9.89 -19.06
N ILE I 340 -86.32 -9.59 -19.86
CA ILE I 340 -85.58 -8.36 -19.64
C ILE I 340 -86.45 -7.16 -19.94
N LYS I 341 -87.30 -7.25 -20.97
CA LYS I 341 -88.20 -6.15 -21.29
C LYS I 341 -89.18 -5.95 -20.13
N ALA I 342 -89.67 -7.05 -19.55
CA ALA I 342 -90.54 -6.94 -18.37
C ALA I 342 -89.83 -6.27 -17.21
N ARG I 343 -88.56 -6.63 -16.98
CA ARG I 343 -87.80 -5.99 -15.90
C ARG I 343 -87.61 -4.50 -16.17
N VAL I 344 -87.39 -4.12 -17.42
CA VAL I 344 -87.27 -2.70 -17.75
C VAL I 344 -88.59 -1.99 -17.48
N ASN I 345 -89.71 -2.64 -17.81
CA ASN I 345 -91.02 -2.06 -17.50
C ASN I 345 -91.17 -1.86 -16.00
N GLN I 346 -90.79 -2.86 -15.21
CA GLN I 346 -90.90 -2.73 -13.76
C GLN I 346 -89.97 -1.63 -13.25
N ILE I 347 -88.82 -1.46 -13.89
CA ILE I 347 -87.88 -0.42 -13.47
C ILE I 347 -88.52 0.95 -13.67
N LYS I 348 -89.09 1.20 -14.84
CA LYS I 348 -89.68 2.53 -15.05
C LYS I 348 -90.96 2.69 -14.23
N LYS I 349 -91.67 1.60 -13.96
CA LYS I 349 -92.80 1.67 -13.04
C LYS I 349 -92.34 2.10 -11.66
N GLN I 350 -91.23 1.55 -11.18
CA GLN I 350 -90.67 1.99 -9.90
C GLN I 350 -90.22 3.44 -9.96
N ILE I 351 -89.65 3.86 -11.09
CA ILE I 351 -89.24 5.26 -11.24
C ILE I 351 -90.45 6.18 -11.11
N GLU I 352 -91.56 5.81 -11.73
CA GLU I 352 -92.79 6.58 -11.55
C GLU I 352 -93.31 6.50 -10.13
N ASN I 353 -93.14 5.35 -9.47
CA ASN I 353 -93.71 5.16 -8.14
C ASN I 353 -92.95 5.91 -7.06
N THR I 354 -91.61 5.92 -7.13
CA THR I 354 -90.83 6.54 -6.08
C THR I 354 -91.01 8.05 -6.08
N THR I 355 -90.68 8.67 -4.96
CA THR I 355 -90.80 10.11 -4.75
C THR I 355 -89.48 10.75 -4.36
N SER I 356 -88.65 10.08 -3.57
CA SER I 356 -87.39 10.66 -3.14
C SER I 356 -86.41 10.76 -4.31
N ASP I 357 -85.56 11.79 -4.25
CA ASP I 357 -84.67 12.08 -5.36
C ASP I 357 -83.50 11.12 -5.44
N TYR I 358 -83.07 10.53 -4.32
CA TYR I 358 -81.86 9.73 -4.30
C TYR I 358 -82.16 8.28 -4.66
N ASP I 359 -83.30 7.77 -4.20
CA ASP I 359 -83.81 6.51 -4.73
C ASP I 359 -84.10 6.64 -6.22
N ARG I 360 -84.67 7.77 -6.63
CA ARG I 360 -84.86 8.04 -8.05
C ARG I 360 -83.54 8.04 -8.79
N GLU I 361 -82.48 8.59 -8.17
CA GLU I 361 -81.18 8.65 -8.85
C GLU I 361 -80.63 7.25 -9.07
N LYS I 362 -80.66 6.39 -8.04
CA LYS I 362 -80.17 5.03 -8.28
C LYS I 362 -81.07 4.29 -9.27
N LEU I 363 -82.37 4.56 -9.27
CA LEU I 363 -83.25 3.87 -10.20
C LEU I 363 -82.95 4.27 -11.65
N GLN I 364 -82.71 5.55 -11.90
CA GLN I 364 -82.29 5.97 -13.23
C GLN I 364 -80.94 5.38 -13.60
N GLU I 365 -80.03 5.28 -12.64
CA GLU I 365 -78.75 4.62 -12.92
C GLU I 365 -78.97 3.17 -13.32
N ARG I 366 -79.89 2.48 -12.63
CA ARG I 366 -80.20 1.10 -12.96
C ARG I 366 -80.79 0.99 -14.35
N LEU I 367 -81.69 1.91 -14.70
CA LEU I 367 -82.32 1.86 -16.01
C LEU I 367 -81.28 2.04 -17.11
N ALA I 368 -80.36 2.99 -16.92
CA ALA I 368 -79.26 3.14 -17.88
C ALA I 368 -78.40 1.90 -17.91
N LYS I 369 -78.19 1.27 -16.75
CA LYS I 369 -77.33 0.10 -16.68
C LYS I 369 -77.91 -1.05 -17.48
N LEU I 370 -79.19 -1.35 -17.29
CA LEU I 370 -79.81 -2.51 -17.91
C LEU I 370 -80.26 -2.24 -19.33
N ALA I 371 -81.06 -1.20 -19.54
CA ALA I 371 -81.68 -0.97 -20.84
C ALA I 371 -80.64 -0.67 -21.90
N GLY I 372 -79.57 0.03 -21.53
CA GLY I 372 -78.56 0.44 -22.49
C GLY I 372 -77.88 -0.72 -23.18
N GLY I 373 -77.51 -1.73 -22.40
CA GLY I 373 -76.81 -2.86 -22.97
C GLY I 373 -75.36 -2.55 -23.26
N VAL I 374 -74.76 -3.41 -24.07
CA VAL I 374 -73.35 -3.35 -24.43
C VAL I 374 -73.26 -3.33 -25.95
N ALA I 375 -72.33 -2.54 -26.47
CA ALA I 375 -72.02 -2.51 -27.89
C ALA I 375 -70.70 -3.20 -28.14
N VAL I 376 -70.62 -3.97 -29.23
CA VAL I 376 -69.44 -4.74 -29.58
C VAL I 376 -69.08 -4.45 -31.03
N ILE I 377 -67.80 -4.24 -31.29
CA ILE I 377 -67.27 -4.06 -32.64
C ILE I 377 -66.32 -5.21 -32.93
N LYS I 378 -66.59 -5.91 -34.03
CA LYS I 378 -65.87 -7.12 -34.43
C LYS I 378 -65.00 -6.73 -35.62
N VAL I 379 -63.80 -6.22 -35.36
CA VAL I 379 -62.95 -5.67 -36.41
C VAL I 379 -62.34 -6.82 -37.20
N GLY I 380 -62.48 -6.75 -38.53
CA GLY I 380 -61.95 -7.76 -39.41
C GLY I 380 -61.07 -7.14 -40.47
N ALA I 381 -60.15 -7.96 -40.98
CA ALA I 381 -59.18 -7.52 -41.98
C ALA I 381 -58.84 -8.73 -42.85
N ALA I 382 -57.75 -8.63 -43.61
CA ALA I 382 -57.35 -9.71 -44.49
C ALA I 382 -56.63 -10.82 -43.73
N THR I 383 -55.47 -10.51 -43.15
CA THR I 383 -54.60 -11.50 -42.54
C THR I 383 -54.72 -11.46 -41.02
N GLU I 384 -53.82 -12.19 -40.34
CA GLU I 384 -53.89 -12.37 -38.89
C GLU I 384 -53.22 -11.23 -38.15
N VAL I 385 -51.92 -11.04 -38.38
CA VAL I 385 -51.19 -10.02 -37.64
C VAL I 385 -51.72 -8.63 -37.97
N GLU I 386 -52.14 -8.42 -39.23
CA GLU I 386 -52.78 -7.16 -39.57
C GLU I 386 -54.05 -6.98 -38.76
N MET I 387 -54.82 -8.04 -38.55
CA MET I 387 -56.04 -7.92 -37.75
C MET I 387 -55.73 -7.53 -36.31
N LYS I 388 -54.74 -8.16 -35.69
CA LYS I 388 -54.37 -7.73 -34.33
C LYS I 388 -53.87 -6.29 -34.33
N GLU I 389 -53.19 -5.87 -35.39
CA GLU I 389 -52.77 -4.48 -35.51
C GLU I 389 -53.97 -3.53 -35.58
N LYS I 390 -55.01 -3.91 -36.32
CA LYS I 390 -56.24 -3.12 -36.31
C LYS I 390 -56.90 -3.12 -34.94
N LYS I 391 -56.84 -4.25 -34.24
CA LYS I 391 -57.38 -4.32 -32.88
C LYS I 391 -56.69 -3.32 -31.97
N ALA I 392 -55.36 -3.26 -32.04
CA ALA I 392 -54.61 -2.32 -31.21
C ALA I 392 -55.01 -0.88 -31.54
N ARG I 393 -55.05 -0.54 -32.83
CA ARG I 393 -55.40 0.82 -33.20
C ARG I 393 -56.82 1.19 -32.79
N VAL I 394 -57.78 0.29 -32.99
CA VAL I 394 -59.16 0.63 -32.65
C VAL I 394 -59.32 0.74 -31.14
N GLU I 395 -58.60 -0.07 -30.35
CA GLU I 395 -58.68 0.10 -28.90
C GLU I 395 -58.12 1.45 -28.47
N ASP I 396 -56.96 1.84 -29.04
CA ASP I 396 -56.40 3.14 -28.71
C ASP I 396 -57.35 4.26 -29.09
N ALA I 397 -57.95 4.16 -30.28
CA ALA I 397 -58.90 5.16 -30.72
C ALA I 397 -60.12 5.18 -29.81
N LEU I 398 -60.53 4.01 -29.32
CA LEU I 398 -61.68 3.96 -28.40
C LEU I 398 -61.39 4.75 -27.13
N HIS I 399 -60.24 4.51 -26.52
CA HIS I 399 -59.93 5.22 -25.28
C HIS I 399 -59.79 6.72 -25.53
N ALA I 400 -59.11 7.08 -26.62
CA ALA I 400 -58.92 8.50 -26.93
C ALA I 400 -60.25 9.19 -27.21
N THR I 401 -61.12 8.55 -27.99
CA THR I 401 -62.41 9.13 -28.30
C THR I 401 -63.28 9.25 -27.07
N ARG I 402 -63.21 8.27 -26.17
CA ARG I 402 -63.97 8.37 -24.93
C ARG I 402 -63.51 9.57 -24.12
N ALA I 403 -62.20 9.76 -23.99
CA ALA I 403 -61.71 10.92 -23.26
C ALA I 403 -62.14 12.23 -23.91
N ALA I 404 -62.02 12.30 -25.24
CA ALA I 404 -62.37 13.53 -25.95
C ALA I 404 -63.85 13.86 -25.81
N VAL I 405 -64.71 12.84 -25.90
CA VAL I 405 -66.14 13.05 -25.70
C VAL I 405 -66.40 13.48 -24.25
N GLU I 406 -65.62 12.96 -23.31
CA GLU I 406 -65.81 13.32 -21.91
C GLU I 406 -65.56 14.80 -21.68
N GLU I 407 -64.34 15.27 -21.99
CA GLU I 407 -63.95 16.64 -21.62
C GLU I 407 -63.17 17.34 -22.72
N GLY I 408 -63.63 17.23 -23.96
CA GLY I 408 -63.13 18.09 -25.01
C GLY I 408 -61.71 17.76 -25.44
N ILE I 409 -61.16 18.67 -26.23
CA ILE I 409 -59.82 18.56 -26.80
C ILE I 409 -59.06 19.86 -26.60
N VAL I 410 -57.74 19.78 -26.74
CA VAL I 410 -56.87 20.95 -26.66
C VAL I 410 -55.77 20.80 -27.70
N PRO I 411 -55.07 21.88 -28.03
CA PRO I 411 -53.96 21.77 -28.97
C PRO I 411 -52.90 20.78 -28.47
N GLY I 412 -52.36 19.99 -29.40
CA GLY I 412 -51.37 18.99 -29.07
C GLY I 412 -49.95 19.54 -29.07
N GLY I 413 -49.00 18.62 -28.94
CA GLY I 413 -47.60 19.00 -28.92
C GLY I 413 -47.19 19.86 -27.75
N GLY I 414 -47.95 19.84 -26.66
CA GLY I 414 -47.64 20.66 -25.52
C GLY I 414 -48.01 22.11 -25.65
N VAL I 415 -48.65 22.50 -26.76
CA VAL I 415 -49.03 23.89 -26.95
C VAL I 415 -50.14 24.30 -25.98
N ALA I 416 -50.96 23.33 -25.56
CA ALA I 416 -52.04 23.65 -24.64
C ALA I 416 -51.49 24.15 -23.31
N LEU I 417 -50.44 23.52 -22.81
CA LEU I 417 -49.85 23.99 -21.56
C LEU I 417 -49.16 25.32 -21.74
N ILE I 418 -48.63 25.61 -22.93
CA ILE I 418 -48.03 26.90 -23.18
C ILE I 418 -49.10 27.99 -23.12
N ARG I 419 -50.23 27.78 -23.80
CA ARG I 419 -51.30 28.76 -23.76
C ARG I 419 -51.92 28.87 -22.38
N ALA I 420 -51.83 27.83 -21.57
CA ALA I 420 -52.32 27.88 -20.20
C ALA I 420 -51.45 28.75 -19.31
N ALA I 421 -50.23 29.08 -19.73
CA ALA I 421 -49.37 29.95 -18.95
C ALA I 421 -49.93 31.35 -18.78
N LYS I 422 -50.85 31.78 -19.65
CA LYS I 422 -51.45 33.09 -19.53
C LYS I 422 -52.27 33.25 -18.25
N ALA I 423 -52.68 32.16 -17.62
CA ALA I 423 -53.54 32.24 -16.44
C ALA I 423 -52.77 32.51 -15.16
N LEU I 424 -51.43 32.60 -15.22
CA LEU I 424 -50.61 32.82 -14.04
C LEU I 424 -49.91 34.18 -14.07
N GLU I 425 -50.49 35.16 -14.77
CA GLU I 425 -49.82 36.46 -14.92
C GLU I 425 -50.20 37.36 -13.74
N ASN I 426 -51.49 37.61 -13.56
CA ASN I 426 -52.00 38.44 -12.47
C ASN I 426 -52.34 37.63 -11.22
N LEU I 427 -51.71 36.48 -11.03
CA LEU I 427 -51.97 35.60 -9.90
C LEU I 427 -50.78 35.64 -8.95
N GLU I 428 -51.00 36.17 -7.75
CA GLU I 428 -49.98 36.27 -6.71
C GLU I 428 -50.50 35.62 -5.45
N GLY I 429 -49.64 34.84 -4.80
CA GLY I 429 -50.02 34.07 -3.62
C GLY I 429 -50.03 34.93 -2.37
N GLU I 430 -50.04 34.23 -1.23
CA GLU I 430 -50.10 34.94 0.05
C GLU I 430 -48.77 35.55 0.42
N ASN I 431 -47.66 34.93 0.02
CA ASN I 431 -46.33 35.44 0.29
C ASN I 431 -45.41 35.22 -0.91
N GLY I 432 -44.16 35.60 -0.74
CA GLY I 432 -43.19 35.48 -1.82
C GLY I 432 -42.90 34.05 -2.24
N ASP I 433 -42.90 33.11 -1.29
CA ASP I 433 -42.59 31.73 -1.65
C ASP I 433 -43.70 31.12 -2.50
N GLN I 434 -44.95 31.51 -2.25
CA GLN I 434 -46.03 31.04 -3.11
C GLN I 434 -45.87 31.59 -4.52
N LYS I 435 -45.44 32.84 -4.65
CA LYS I 435 -45.14 33.38 -5.96
C LYS I 435 -43.97 32.65 -6.61
N THR I 436 -43.00 32.22 -5.81
CA THR I 436 -41.91 31.43 -6.36
C THR I 436 -42.41 30.11 -6.90
N GLY I 437 -43.34 29.47 -6.18
CA GLY I 437 -43.94 28.24 -6.69
C GLY I 437 -44.73 28.48 -7.96
N VAL I 438 -45.44 29.61 -8.03
CA VAL I 438 -46.18 29.97 -9.23
C VAL I 438 -45.21 30.11 -10.40
N LYS I 439 -44.10 30.81 -10.18
CA LYS I 439 -43.08 30.94 -11.21
C LYS I 439 -42.53 29.58 -11.60
N ILE I 440 -42.37 28.69 -10.62
CA ILE I 440 -41.79 27.39 -10.87
C ILE I 440 -42.67 26.59 -11.81
N VAL I 441 -43.97 26.53 -11.53
CA VAL I 441 -44.86 25.79 -12.41
C VAL I 441 -45.05 26.51 -13.74
N ARG I 442 -44.92 27.84 -13.78
CA ARG I 442 -44.99 28.53 -15.05
C ARG I 442 -43.82 28.12 -15.95
N ARG I 443 -42.61 28.04 -15.39
CA ARG I 443 -41.48 27.54 -16.16
C ARG I 443 -41.68 26.08 -16.54
N ALA I 444 -42.24 25.27 -15.63
CA ALA I 444 -42.41 23.85 -15.87
C ALA I 444 -43.39 23.56 -17.00
N LEU I 445 -44.40 24.41 -17.21
CA LEU I 445 -45.37 24.16 -18.28
C LEU I 445 -44.72 24.17 -19.66
N GLU I 446 -43.57 24.82 -19.81
CA GLU I 446 -42.89 24.87 -21.08
C GLU I 446 -42.06 23.62 -21.36
N GLU I 447 -41.90 22.73 -20.40
CA GLU I 447 -40.97 21.62 -20.56
C GLU I 447 -41.47 20.54 -21.51
N PRO I 448 -42.76 20.18 -21.53
CA PRO I 448 -43.21 19.20 -22.54
C PRO I 448 -42.91 19.61 -23.98
N LEU I 449 -43.28 20.83 -24.39
CA LEU I 449 -42.99 21.25 -25.76
C LEU I 449 -41.49 21.39 -25.99
N ARG I 450 -40.77 21.89 -24.99
CA ARG I 450 -39.32 22.03 -25.12
C ARG I 450 -38.68 20.68 -25.36
N GLN I 451 -39.14 19.64 -24.66
CA GLN I 451 -38.61 18.30 -24.89
C GLN I 451 -39.07 17.75 -26.23
N ILE I 452 -40.31 18.03 -26.63
CA ILE I 452 -40.83 17.53 -27.89
C ILE I 452 -39.96 18.02 -29.04
N VAL I 453 -39.56 19.29 -28.98
CA VAL I 453 -38.71 19.83 -30.04
C VAL I 453 -37.24 19.53 -29.80
N ALA I 454 -36.83 19.24 -28.57
CA ALA I 454 -35.43 18.89 -28.32
C ALA I 454 -35.11 17.49 -28.84
N ASN I 455 -36.06 16.55 -28.72
CA ASN I 455 -35.85 15.24 -29.31
C ASN I 455 -35.83 15.29 -30.82
N ALA I 456 -36.38 16.33 -31.43
CA ALA I 456 -36.20 16.57 -32.86
C ALA I 456 -34.85 17.20 -33.17
N GLY I 457 -34.07 17.54 -32.15
CA GLY I 457 -32.73 18.08 -32.36
C GLY I 457 -32.70 19.43 -33.02
N LEU I 458 -33.62 20.31 -32.64
CA LEU I 458 -33.67 21.69 -33.08
C LEU I 458 -33.38 22.60 -31.89
N GLU I 459 -33.29 23.89 -32.16
CA GLU I 459 -33.16 24.88 -31.10
C GLU I 459 -34.51 25.02 -30.42
N GLY I 460 -34.56 24.69 -29.13
CA GLY I 460 -35.84 24.66 -28.43
C GLY I 460 -36.33 26.02 -28.00
N SER I 461 -35.38 26.87 -27.57
CA SER I 461 -35.75 28.17 -27.04
C SER I 461 -36.48 29.02 -28.09
N VAL I 462 -35.99 29.01 -29.33
CA VAL I 462 -36.61 29.83 -30.37
C VAL I 462 -38.03 29.34 -30.64
N VAL I 463 -38.22 28.03 -30.69
CA VAL I 463 -39.54 27.48 -31.00
C VAL I 463 -40.52 27.83 -29.88
N VAL I 464 -40.12 27.65 -28.63
CA VAL I 464 -41.05 27.96 -27.55
C VAL I 464 -41.33 29.45 -27.52
N ASN I 465 -40.34 30.30 -27.78
CA ASN I 465 -40.57 31.73 -27.78
C ASN I 465 -41.56 32.14 -28.86
N LYS I 466 -41.38 31.66 -30.08
CA LYS I 466 -42.24 32.10 -31.16
C LYS I 466 -43.62 31.45 -31.06
N VAL I 467 -43.74 30.31 -30.37
CA VAL I 467 -45.06 29.77 -30.06
C VAL I 467 -45.74 30.64 -29.02
N LYS I 468 -45.00 31.09 -28.00
CA LYS I 468 -45.58 31.98 -27.01
C LYS I 468 -46.02 33.30 -27.63
N GLU I 469 -45.29 33.78 -28.62
CA GLU I 469 -45.68 35.01 -29.31
C GLU I 469 -47.03 34.87 -29.98
N GLY I 470 -47.41 33.66 -30.40
CA GLY I 470 -48.71 33.43 -30.98
C GLY I 470 -49.79 33.41 -29.93
N LYS I 471 -51.02 33.16 -30.38
CA LYS I 471 -52.19 33.17 -29.53
C LYS I 471 -53.20 32.15 -30.03
N GLY I 472 -54.12 31.78 -29.15
CA GLY I 472 -55.15 30.82 -29.49
C GLY I 472 -54.57 29.45 -29.81
N ASN I 473 -54.90 28.91 -30.98
CA ASN I 473 -54.49 27.58 -31.38
C ASN I 473 -53.25 27.59 -32.26
N PHE I 474 -52.54 28.71 -32.36
CA PHE I 474 -51.27 28.74 -33.08
C PHE I 474 -50.24 27.94 -32.30
N GLY I 475 -49.46 27.14 -33.02
CA GLY I 475 -48.49 26.28 -32.34
C GLY I 475 -47.57 25.62 -33.33
N TYR I 476 -46.70 24.76 -32.79
CA TYR I 476 -45.69 24.05 -33.56
C TYR I 476 -46.11 22.60 -33.75
N ASN I 477 -46.24 22.18 -35.00
CA ASN I 477 -46.43 20.79 -35.35
C ASN I 477 -45.06 20.18 -35.59
N ALA I 478 -44.60 19.36 -34.65
CA ALA I 478 -43.26 18.79 -34.74
C ALA I 478 -43.10 17.86 -35.93
N ARG I 479 -44.19 17.27 -36.43
CA ARG I 479 -44.07 16.31 -37.52
C ARG I 479 -43.67 16.99 -38.81
N THR I 480 -44.32 18.10 -39.15
CA THR I 480 -44.13 18.78 -40.42
C THR I 480 -43.34 20.08 -40.32
N GLU I 481 -42.93 20.48 -39.11
CA GLU I 481 -42.06 21.63 -38.91
C GLU I 481 -42.67 22.94 -39.43
N GLU I 482 -43.99 22.98 -39.59
CA GLU I 482 -44.73 24.19 -39.90
C GLU I 482 -45.31 24.76 -38.61
N TYR I 483 -46.15 25.79 -38.73
CA TYR I 483 -46.69 26.51 -37.57
C TYR I 483 -48.19 26.77 -37.75
N ASP I 484 -48.94 25.73 -38.09
CA ASP I 484 -50.40 25.77 -38.04
C ASP I 484 -50.91 24.53 -37.31
N LEU I 485 -51.87 24.73 -36.41
CA LEU I 485 -52.36 23.66 -35.55
C LEU I 485 -53.86 23.69 -35.35
N ILE I 486 -54.59 24.60 -36.01
CA ILE I 486 -56.03 24.71 -35.78
C ILE I 486 -56.70 23.46 -36.35
N GLU I 487 -56.57 23.27 -37.67
CA GLU I 487 -57.16 22.15 -38.38
C GLU I 487 -56.13 21.14 -38.86
N ALA I 488 -54.84 21.37 -38.58
CA ALA I 488 -53.81 20.44 -39.03
C ALA I 488 -54.00 19.06 -38.42
N GLY I 489 -54.57 18.98 -37.23
CA GLY I 489 -54.97 17.71 -36.66
C GLY I 489 -53.90 17.03 -35.83
N VAL I 490 -53.32 17.77 -34.89
CA VAL I 490 -52.57 17.19 -33.78
C VAL I 490 -53.20 17.72 -32.51
N ILE I 491 -53.79 16.82 -31.72
CA ILE I 491 -54.66 17.18 -30.61
C ILE I 491 -54.63 16.07 -29.58
N ASP I 492 -54.68 16.45 -28.31
CA ASP I 492 -54.80 15.54 -27.19
C ASP I 492 -56.08 15.86 -26.42
N PRO I 493 -56.67 14.91 -25.70
CA PRO I 493 -57.81 15.25 -24.85
C PRO I 493 -57.39 16.19 -23.74
N ALA I 494 -58.34 16.99 -23.27
CA ALA I 494 -58.06 17.82 -22.10
C ALA I 494 -57.91 16.97 -20.85
N LYS I 495 -58.57 15.81 -20.80
CA LYS I 495 -58.50 14.96 -19.62
C LYS I 495 -57.09 14.44 -19.39
N VAL I 496 -56.40 14.01 -20.44
CA VAL I 496 -55.08 13.43 -20.23
C VAL I 496 -54.09 14.51 -19.79
N THR I 497 -54.16 15.71 -20.38
CA THR I 497 -53.28 16.79 -19.95
C THR I 497 -53.58 17.22 -18.52
N ARG I 498 -54.86 17.31 -18.17
CA ARG I 498 -55.24 17.68 -16.82
C ARG I 498 -54.71 16.67 -15.82
N THR I 499 -54.91 15.38 -16.11
CA THR I 499 -54.44 14.34 -15.21
C THR I 499 -52.93 14.36 -15.08
N ALA I 500 -52.22 14.57 -16.19
CA ALA I 500 -50.77 14.61 -16.13
C ALA I 500 -50.29 15.76 -15.27
N LEU I 501 -50.86 16.94 -15.46
CA LEU I 501 -50.42 18.09 -14.68
C LEU I 501 -50.75 17.92 -13.20
N GLN I 502 -51.94 17.41 -12.89
CA GLN I 502 -52.32 17.23 -11.50
C GLN I 502 -51.46 16.17 -10.82
N ASN I 503 -51.14 15.09 -11.53
CA ASN I 503 -50.24 14.08 -10.97
C ASN I 503 -48.86 14.67 -10.74
N ALA I 504 -48.37 15.48 -11.68
CA ALA I 504 -47.06 16.10 -11.51
C ALA I 504 -47.06 17.01 -10.30
N ALA I 505 -48.11 17.80 -10.12
CA ALA I 505 -48.19 18.68 -8.96
C ALA I 505 -48.25 17.88 -7.66
N SER I 506 -49.03 16.81 -7.65
CA SER I 506 -49.15 16.00 -6.44
C SER I 506 -47.81 15.40 -6.05
N ILE I 507 -47.10 14.79 -7.01
CA ILE I 507 -45.82 14.19 -6.68
C ILE I 507 -44.75 15.23 -6.38
N ALA I 508 -44.81 16.40 -7.00
CA ALA I 508 -43.87 17.45 -6.64
C ALA I 508 -44.07 17.90 -5.20
N GLY I 509 -45.32 18.16 -4.81
CA GLY I 509 -45.60 18.50 -3.43
C GLY I 509 -45.26 17.39 -2.46
N MET I 510 -45.39 16.14 -2.89
CA MET I 510 -45.05 15.02 -2.02
C MET I 510 -43.55 14.92 -1.81
N LEU I 511 -42.77 15.11 -2.87
CA LEU I 511 -41.32 14.96 -2.77
C LEU I 511 -40.67 16.16 -2.10
N LEU I 512 -41.18 17.36 -2.33
CA LEU I 512 -40.58 18.57 -1.76
C LEU I 512 -40.80 18.69 -0.26
N THR I 513 -41.64 17.85 0.33
CA THR I 513 -42.03 18.00 1.73
C THR I 513 -41.66 16.77 2.54
N THR I 514 -40.41 16.31 2.40
CA THR I 514 -39.95 15.10 3.06
C THR I 514 -38.56 15.34 3.66
N GLU I 515 -38.33 14.82 4.86
CA GLU I 515 -36.99 14.78 5.46
C GLU I 515 -36.67 13.41 6.04
N CYS I 516 -37.18 12.33 5.43
CA CYS I 516 -36.86 10.99 5.88
C CYS I 516 -37.17 10.01 4.77
N VAL I 517 -36.22 9.13 4.49
CA VAL I 517 -36.41 8.02 3.56
C VAL I 517 -35.83 6.78 4.22
N ILE I 518 -36.66 5.73 4.35
CA ILE I 518 -36.29 4.48 5.00
C ILE I 518 -36.12 3.42 3.93
N THR I 519 -35.00 2.69 3.98
CA THR I 519 -34.69 1.63 3.05
C THR I 519 -34.14 0.42 3.80
N GLU I 520 -34.29 -0.75 3.20
CA GLU I 520 -33.71 -1.96 3.76
C GLU I 520 -32.29 -2.13 3.24
N LYS I 521 -31.40 -2.61 4.11
CA LYS I 521 -30.03 -2.83 3.67
C LYS I 521 -30.01 -3.95 2.65
N PRO I 522 -29.38 -3.77 1.47
CA PRO I 522 -29.26 -4.84 0.44
C PRO I 522 -28.64 -6.10 1.04
N ALA J 1 -30.18 -4.59 -9.69
CA ALA J 1 -31.27 -3.90 -10.44
C ALA J 1 -30.79 -3.62 -11.87
N LYS J 2 -31.49 -2.72 -12.57
CA LYS J 2 -31.21 -2.43 -13.96
C LYS J 2 -30.42 -1.11 -14.04
N GLN J 3 -29.22 -1.17 -14.62
CA GLN J 3 -28.41 0.02 -14.80
C GLN J 3 -28.72 0.66 -16.15
N ILE J 4 -28.50 1.97 -16.23
CA ILE J 4 -28.87 2.76 -17.39
C ILE J 4 -27.66 3.55 -17.84
N LYS J 5 -27.38 3.55 -19.14
CA LYS J 5 -26.40 4.41 -19.77
C LYS J 5 -27.12 5.37 -20.71
N PHE J 6 -26.60 6.61 -20.80
CA PHE J 6 -27.31 7.70 -21.44
C PHE J 6 -26.45 8.35 -22.51
N ASP J 7 -27.09 8.68 -23.64
CA ASP J 7 -26.53 9.57 -24.64
C ASP J 7 -25.23 9.03 -25.25
N THR J 8 -24.17 9.85 -25.33
CA THR J 8 -22.99 9.46 -26.10
C THR J 8 -22.29 8.26 -25.49
N ASP J 9 -22.37 8.09 -24.17
CA ASP J 9 -21.78 6.90 -23.55
C ASP J 9 -22.48 5.63 -24.04
N ALA J 10 -23.81 5.64 -24.06
CA ALA J 10 -24.56 4.49 -24.55
C ALA J 10 -24.28 4.24 -26.03
N ARG J 11 -24.25 5.31 -26.83
CA ARG J 11 -23.97 5.13 -28.25
C ARG J 11 -22.57 4.59 -28.48
N ASN J 12 -21.59 5.02 -27.68
CA ASN J 12 -20.24 4.50 -27.82
C ASN J 12 -20.16 3.04 -27.42
N ALA J 13 -20.88 2.65 -26.37
CA ALA J 13 -20.90 1.23 -26.00
C ALA J 13 -21.51 0.39 -27.12
N LEU J 14 -22.60 0.87 -27.71
CA LEU J 14 -23.20 0.15 -28.82
C LEU J 14 -22.25 0.09 -30.01
N LEU J 15 -21.54 1.18 -30.26
CA LEU J 15 -20.54 1.20 -31.34
C LEU J 15 -19.47 0.15 -31.08
N ARG J 16 -19.02 0.04 -29.83
CA ARG J 16 -18.00 -0.96 -29.50
C ARG J 16 -18.52 -2.37 -29.76
N GLY J 17 -19.76 -2.64 -29.37
CA GLY J 17 -20.33 -3.95 -29.64
C GLY J 17 -20.41 -4.27 -31.12
N VAL J 18 -20.89 -3.31 -31.91
CA VAL J 18 -20.98 -3.51 -33.36
C VAL J 18 -19.59 -3.65 -33.96
N ASP J 19 -18.61 -2.93 -33.42
CA ASP J 19 -17.23 -3.05 -33.88
C ASP J 19 -16.72 -4.47 -33.66
N LYS J 20 -16.94 -5.01 -32.46
CA LYS J 20 -16.46 -6.36 -32.17
C LYS J 20 -17.12 -7.38 -33.09
N LEU J 21 -18.45 -7.29 -33.23
CA LEU J 21 -19.15 -8.25 -34.08
C LEU J 21 -18.70 -8.12 -35.53
N ALA J 22 -18.61 -6.89 -36.04
CA ALA J 22 -18.23 -6.70 -37.44
C ALA J 22 -16.81 -7.19 -37.69
N ASP J 23 -15.87 -6.82 -36.83
CA ASP J 23 -14.50 -7.26 -36.99
C ASP J 23 -14.36 -8.77 -36.89
N ALA J 24 -15.20 -9.43 -36.08
CA ALA J 24 -15.20 -10.88 -36.08
C ALA J 24 -15.78 -11.45 -37.37
N VAL J 25 -16.82 -10.82 -37.91
CA VAL J 25 -17.50 -11.31 -39.09
C VAL J 25 -16.89 -10.76 -40.38
N LYS J 26 -16.23 -9.61 -40.33
CA LYS J 26 -15.67 -8.99 -41.52
C LYS J 26 -14.58 -9.85 -42.14
N VAL J 27 -13.97 -10.72 -41.33
CA VAL J 27 -12.80 -11.47 -41.76
C VAL J 27 -13.15 -12.36 -42.94
N THR J 28 -14.30 -13.01 -42.87
CA THR J 28 -14.75 -13.98 -43.86
C THR J 28 -15.71 -13.28 -44.81
N LEU J 29 -15.15 -12.61 -45.82
CA LEU J 29 -15.96 -11.92 -46.82
C LEU J 29 -15.28 -12.07 -48.17
N GLY J 30 -16.08 -12.26 -49.21
CA GLY J 30 -15.56 -12.41 -50.54
C GLY J 30 -14.98 -13.79 -50.78
N PRO J 31 -14.49 -14.03 -52.00
CA PRO J 31 -13.94 -15.35 -52.31
C PRO J 31 -12.56 -15.60 -51.74
N LYS J 32 -11.96 -14.62 -51.07
CA LYS J 32 -10.60 -14.75 -50.55
C LYS J 32 -10.57 -14.22 -49.13
N GLY J 33 -11.54 -14.66 -48.32
CA GLY J 33 -11.59 -14.31 -46.91
C GLY J 33 -10.69 -15.21 -46.09
N ARG J 34 -10.44 -14.78 -44.84
CA ARG J 34 -9.56 -15.50 -43.94
C ARG J 34 -10.39 -16.34 -42.98
N ASN J 35 -9.68 -17.04 -42.09
CA ASN J 35 -10.29 -18.04 -41.19
C ASN J 35 -10.51 -17.50 -39.78
N VAL J 36 -11.54 -18.00 -39.09
CA VAL J 36 -11.87 -17.62 -37.73
C VAL J 36 -12.02 -18.90 -36.93
N ILE J 37 -11.62 -18.85 -35.65
CA ILE J 37 -11.50 -20.03 -34.79
C ILE J 37 -12.66 -19.94 -33.81
N ILE J 38 -13.33 -21.07 -33.57
CA ILE J 38 -14.34 -21.17 -32.53
C ILE J 38 -14.12 -22.46 -31.76
N GLU J 39 -14.28 -22.38 -30.45
CA GLU J 39 -14.08 -23.56 -29.60
C GLU J 39 -15.31 -24.46 -29.65
N LYS J 40 -15.07 -25.72 -29.32
CA LYS J 40 -16.12 -26.70 -29.11
C LYS J 40 -15.85 -27.32 -27.74
N LYS J 41 -16.87 -27.41 -26.89
CA LYS J 41 -16.66 -27.91 -25.52
C LYS J 41 -16.05 -29.32 -25.57
N PHE J 42 -16.59 -30.22 -26.40
CA PHE J 42 -16.13 -31.60 -26.50
C PHE J 42 -15.65 -31.82 -27.93
N GLY J 43 -14.36 -31.71 -28.15
CA GLY J 43 -13.74 -31.96 -29.44
C GLY J 43 -12.82 -30.84 -29.87
N ALA J 44 -12.30 -30.98 -31.08
CA ALA J 44 -11.33 -30.05 -31.60
C ALA J 44 -11.99 -28.71 -31.93
N PRO J 45 -11.23 -27.62 -31.99
CA PRO J 45 -11.81 -26.35 -32.41
C PRO J 45 -12.13 -26.35 -33.89
N THR J 46 -13.10 -25.52 -34.26
CA THR J 46 -13.58 -25.44 -35.64
C THR J 46 -12.95 -24.26 -36.35
N ILE J 47 -12.50 -24.50 -37.57
CA ILE J 47 -11.87 -23.50 -38.42
C ILE J 47 -12.86 -23.25 -39.56
N THR J 48 -13.33 -22.00 -39.67
CA THR J 48 -14.44 -21.69 -40.56
C THR J 48 -14.14 -20.44 -41.39
N LYS J 49 -14.81 -20.37 -42.54
CA LYS J 49 -14.75 -19.23 -43.44
C LYS J 49 -16.14 -18.71 -43.81
N ASP J 50 -17.18 -19.10 -43.05
CA ASP J 50 -18.55 -18.70 -43.32
C ASP J 50 -18.92 -17.64 -42.30
N GLY J 51 -19.46 -16.52 -42.77
CA GLY J 51 -19.82 -15.44 -41.88
C GLY J 51 -20.95 -15.77 -40.93
N VAL J 52 -21.90 -16.59 -41.37
CA VAL J 52 -23.08 -16.84 -40.54
C VAL J 52 -22.69 -17.63 -39.30
N THR J 53 -21.85 -18.65 -39.45
CA THR J 53 -21.44 -19.43 -38.28
C THR J 53 -20.54 -18.63 -37.36
N VAL J 54 -19.71 -17.74 -37.91
CA VAL J 54 -18.91 -16.86 -37.07
C VAL J 54 -19.81 -15.95 -36.24
N ALA J 55 -20.84 -15.38 -36.87
CA ALA J 55 -21.72 -14.46 -36.16
C ALA J 55 -22.54 -15.18 -35.10
N LYS J 56 -22.91 -16.44 -35.34
CA LYS J 56 -23.84 -17.13 -34.47
C LYS J 56 -23.27 -17.40 -33.08
N GLU J 57 -21.94 -17.35 -32.92
CA GLU J 57 -21.27 -17.65 -31.66
C GLU J 57 -20.55 -16.42 -31.10
N ILE J 58 -21.15 -15.25 -31.25
CA ILE J 58 -20.59 -13.99 -30.77
C ILE J 58 -21.53 -13.43 -29.70
N GLU J 59 -21.06 -13.45 -28.45
CA GLU J 59 -21.70 -12.72 -27.37
C GLU J 59 -20.57 -12.17 -26.51
N LEU J 60 -20.85 -11.07 -25.81
CA LEU J 60 -19.81 -10.26 -25.19
C LEU J 60 -20.10 -10.09 -23.70
N GLU J 61 -19.03 -9.91 -22.93
CA GLU J 61 -19.16 -9.85 -21.48
C GLU J 61 -19.88 -8.58 -21.05
N ASP J 62 -19.48 -7.43 -21.56
CA ASP J 62 -20.13 -6.18 -21.22
C ASP J 62 -21.55 -6.21 -21.78
N PRO J 63 -22.61 -6.05 -20.97
CA PRO J 63 -23.96 -6.21 -21.52
C PRO J 63 -24.34 -5.19 -22.58
N PHE J 64 -23.71 -4.01 -22.58
CA PHE J 64 -24.03 -3.02 -23.61
C PHE J 64 -23.46 -3.43 -24.96
N GLU J 65 -22.21 -3.89 -24.96
CA GLU J 65 -21.61 -4.38 -26.19
C GLU J 65 -22.37 -5.61 -26.70
N ASN J 66 -22.78 -6.48 -25.78
CA ASN J 66 -23.57 -7.64 -26.17
C ASN J 66 -24.91 -7.21 -26.76
N MET J 67 -25.54 -6.18 -26.19
CA MET J 67 -26.79 -5.69 -26.74
C MET J 67 -26.60 -5.20 -28.16
N GLY J 68 -25.58 -4.39 -28.40
CA GLY J 68 -25.33 -3.90 -29.74
C GLY J 68 -25.06 -5.02 -30.72
N ALA J 69 -24.23 -5.99 -30.30
CA ALA J 69 -23.89 -7.10 -31.19
C ALA J 69 -25.12 -7.93 -31.53
N GLN J 70 -25.93 -8.29 -30.53
CA GLN J 70 -27.11 -9.10 -30.81
C GLN J 70 -28.12 -8.33 -31.64
N MET J 71 -28.21 -7.01 -31.47
CA MET J 71 -29.11 -6.22 -32.28
C MET J 71 -28.69 -6.23 -33.75
N VAL J 72 -27.40 -6.01 -34.02
CA VAL J 72 -26.95 -6.05 -35.40
C VAL J 72 -27.10 -7.47 -35.96
N LYS J 73 -26.92 -8.49 -35.11
CA LYS J 73 -27.18 -9.85 -35.55
C LYS J 73 -28.62 -10.03 -35.98
N GLU J 74 -29.56 -9.62 -35.14
CA GLU J 74 -30.97 -9.91 -35.40
C GLU J 74 -31.45 -9.17 -36.63
N VAL J 75 -31.04 -7.91 -36.81
CA VAL J 75 -31.51 -7.18 -37.99
C VAL J 75 -30.73 -7.60 -39.22
N ALA J 76 -29.47 -8.03 -39.06
CA ALA J 76 -28.69 -8.46 -40.21
C ALA J 76 -29.05 -9.87 -40.66
N SER J 77 -29.66 -10.69 -39.80
CA SER J 77 -30.00 -12.06 -40.14
C SER J 77 -31.32 -12.18 -40.88
N LYS J 78 -32.07 -11.10 -41.04
CA LYS J 78 -33.37 -11.15 -41.71
C LYS J 78 -33.25 -11.18 -43.22
N THR J 79 -32.04 -11.16 -43.78
CA THR J 79 -31.90 -11.22 -45.23
C THR J 79 -32.32 -12.59 -45.74
N SER J 80 -32.73 -12.63 -47.01
CA SER J 80 -33.25 -13.86 -47.59
C SER J 80 -32.17 -14.94 -47.68
N ASP J 81 -31.01 -14.60 -48.23
CA ASP J 81 -29.97 -15.58 -48.47
C ASP J 81 -29.38 -16.09 -47.17
N VAL J 82 -29.11 -17.39 -47.13
CA VAL J 82 -28.35 -18.03 -46.06
C VAL J 82 -27.06 -18.68 -46.56
N ALA J 83 -26.81 -18.67 -47.87
CA ALA J 83 -25.59 -19.27 -48.39
C ALA J 83 -24.36 -18.49 -47.92
N GLY J 84 -24.38 -17.18 -48.05
CA GLY J 84 -23.28 -16.36 -47.58
C GLY J 84 -23.27 -15.01 -48.23
N ASP J 85 -22.45 -14.12 -47.65
CA ASP J 85 -22.21 -12.78 -48.15
C ASP J 85 -23.45 -11.88 -48.08
N GLY J 86 -24.50 -12.30 -47.38
CA GLY J 86 -25.67 -11.47 -47.18
C GLY J 86 -25.68 -10.87 -45.79
N THR J 87 -25.40 -11.72 -44.78
CA THR J 87 -25.27 -11.22 -43.42
C THR J 87 -23.95 -10.50 -43.21
N THR J 88 -22.88 -11.02 -43.79
CA THR J 88 -21.58 -10.36 -43.68
C THR J 88 -21.61 -8.98 -44.34
N THR J 89 -22.20 -8.88 -45.53
CA THR J 89 -22.27 -7.59 -46.21
C THR J 89 -23.13 -6.60 -45.42
N ALA J 90 -24.25 -7.08 -44.88
CA ALA J 90 -25.10 -6.22 -44.07
C ALA J 90 -24.35 -5.71 -42.84
N THR J 91 -23.59 -6.59 -42.19
CA THR J 91 -22.83 -6.16 -41.02
C THR J 91 -21.74 -5.17 -41.41
N VAL J 92 -21.09 -5.38 -42.56
CA VAL J 92 -20.06 -4.46 -43.03
C VAL J 92 -20.65 -3.07 -43.23
N LEU J 93 -21.76 -3.00 -43.97
CA LEU J 93 -22.37 -1.71 -44.23
C LEU J 93 -22.87 -1.07 -42.95
N ALA J 94 -23.43 -1.86 -42.04
CA ALA J 94 -23.91 -1.31 -40.78
C ALA J 94 -22.76 -0.72 -39.98
N GLN J 95 -21.63 -1.42 -39.91
CA GLN J 95 -20.49 -0.88 -39.19
C GLN J 95 -19.99 0.40 -39.83
N ALA J 96 -19.90 0.43 -41.17
CA ALA J 96 -19.41 1.62 -41.84
C ALA J 96 -20.30 2.82 -41.55
N ILE J 97 -21.60 2.65 -41.75
CA ILE J 97 -22.53 3.76 -41.56
C ILE J 97 -22.53 4.20 -40.10
N VAL J 98 -22.57 3.25 -39.16
CA VAL J 98 -22.68 3.62 -37.76
C VAL J 98 -21.41 4.34 -37.31
N ARG J 99 -20.24 3.83 -37.68
CA ARG J 99 -18.98 4.47 -37.31
C ARG J 99 -18.93 5.89 -37.83
N GLU J 100 -19.14 6.06 -39.13
CA GLU J 100 -18.94 7.39 -39.71
C GLU J 100 -20.04 8.36 -39.25
N GLY J 101 -21.26 7.85 -39.05
CA GLY J 101 -22.32 8.70 -38.54
C GLY J 101 -22.13 9.13 -37.12
N LEU J 102 -21.61 8.25 -36.26
CA LEU J 102 -21.31 8.66 -34.89
C LEU J 102 -20.14 9.63 -34.87
N LYS J 103 -19.19 9.48 -35.78
CA LYS J 103 -18.14 10.48 -35.91
C LYS J 103 -18.73 11.83 -36.31
N ASN J 104 -19.73 11.82 -37.18
CA ASN J 104 -20.34 13.07 -37.62
C ASN J 104 -21.21 13.71 -36.56
N VAL J 105 -22.00 12.93 -35.82
CA VAL J 105 -22.79 13.51 -34.74
C VAL J 105 -21.88 14.00 -33.62
N ALA J 106 -20.72 13.37 -33.44
CA ALA J 106 -19.73 13.95 -32.55
C ALA J 106 -19.27 15.34 -33.01
N ALA J 107 -19.38 15.62 -34.31
CA ALA J 107 -19.06 16.93 -34.85
C ALA J 107 -20.22 17.92 -34.77
N GLY J 108 -21.36 17.51 -34.23
CA GLY J 108 -22.45 18.41 -33.92
C GLY J 108 -23.68 18.32 -34.81
N ALA J 109 -23.76 17.31 -35.68
CA ALA J 109 -24.91 17.19 -36.56
C ALA J 109 -26.13 16.66 -35.79
N ASN J 110 -27.30 16.87 -36.39
CA ASN J 110 -28.57 16.42 -35.84
C ASN J 110 -28.80 14.97 -36.27
N PRO J 111 -28.92 14.01 -35.35
CA PRO J 111 -29.16 12.62 -35.80
C PRO J 111 -30.43 12.43 -36.61
N MET J 112 -31.47 13.21 -36.35
CA MET J 112 -32.74 13.03 -37.06
C MET J 112 -32.56 13.24 -38.56
N ASP J 113 -31.91 14.35 -38.94
CA ASP J 113 -31.73 14.62 -40.35
C ASP J 113 -30.68 13.71 -40.96
N LEU J 114 -29.71 13.26 -40.16
CA LEU J 114 -28.78 12.25 -40.64
C LEU J 114 -29.52 10.97 -41.02
N LYS J 115 -30.44 10.53 -40.17
CA LYS J 115 -31.22 9.34 -40.46
C LYS J 115 -32.10 9.54 -41.68
N ARG J 116 -32.73 10.71 -41.80
CA ARG J 116 -33.58 10.95 -42.96
C ARG J 116 -32.76 10.97 -44.25
N GLY J 117 -31.57 11.58 -44.21
CA GLY J 117 -30.72 11.57 -45.39
C GLY J 117 -30.25 10.18 -45.75
N ILE J 118 -29.91 9.37 -44.75
CA ILE J 118 -29.49 8.00 -45.02
C ILE J 118 -30.63 7.23 -45.66
N ASP J 119 -31.86 7.41 -45.15
CA ASP J 119 -33.00 6.72 -45.72
C ASP J 119 -33.27 7.17 -47.15
N LYS J 120 -33.17 8.48 -47.41
CA LYS J 120 -33.43 8.98 -48.75
C LYS J 120 -32.40 8.45 -49.74
N ALA J 121 -31.12 8.49 -49.37
CA ALA J 121 -30.09 7.96 -50.25
C ALA J 121 -30.22 6.45 -50.42
N VAL J 122 -30.69 5.75 -49.39
CA VAL J 122 -30.88 4.31 -49.50
C VAL J 122 -31.98 4.01 -50.50
N GLU J 123 -33.09 4.76 -50.45
CA GLU J 123 -34.14 4.59 -51.43
C GLU J 123 -33.64 4.88 -52.83
N ALA J 124 -32.84 5.94 -52.99
CA ALA J 124 -32.30 6.27 -54.30
C ALA J 124 -31.39 5.16 -54.82
N VAL J 125 -30.56 4.60 -53.94
CA VAL J 125 -29.66 3.53 -54.35
C VAL J 125 -30.44 2.28 -54.72
N VAL J 126 -31.54 2.00 -54.01
CA VAL J 126 -32.36 0.85 -54.34
C VAL J 126 -33.02 1.04 -55.70
N GLU J 127 -33.47 2.27 -55.99
CA GLU J 127 -34.03 2.56 -57.31
C GLU J 127 -32.98 2.35 -58.39
N GLU J 128 -31.77 2.84 -58.16
CA GLU J 128 -30.69 2.64 -59.13
C GLU J 128 -30.36 1.17 -59.31
N LEU J 129 -30.38 0.40 -58.22
CA LEU J 129 -30.10 -1.03 -58.31
C LEU J 129 -31.17 -1.74 -59.12
N LYS J 130 -32.43 -1.36 -58.92
CA LYS J 130 -33.50 -1.94 -59.74
C LYS J 130 -33.31 -1.59 -61.20
N LYS J 131 -32.87 -0.37 -61.49
CA LYS J 131 -32.60 0.00 -62.88
C LYS J 131 -31.45 -0.83 -63.44
N MET J 132 -30.41 -1.06 -62.65
CA MET J 132 -29.17 -1.64 -63.16
C MET J 132 -29.27 -3.16 -63.32
N ALA J 133 -30.26 -3.79 -62.71
CA ALA J 133 -30.31 -5.25 -62.68
C ALA J 133 -30.55 -5.82 -64.07
N LYS J 134 -30.00 -7.00 -64.31
CA LYS J 134 -30.22 -7.73 -65.55
C LYS J 134 -31.40 -8.67 -65.36
N PRO J 135 -32.49 -8.56 -66.12
CA PRO J 135 -33.56 -9.57 -66.00
C PRO J 135 -33.08 -10.93 -66.47
N VAL J 136 -33.59 -11.96 -65.82
CA VAL J 136 -33.24 -13.35 -66.12
C VAL J 136 -34.55 -14.08 -66.39
N ASN J 137 -34.72 -14.56 -67.62
CA ASN J 137 -35.96 -15.24 -68.01
C ASN J 137 -35.65 -16.12 -69.21
N GLY J 138 -35.99 -17.41 -69.10
CA GLY J 138 -35.68 -18.38 -70.13
C GLY J 138 -34.71 -19.42 -69.63
N LYS J 139 -35.00 -20.71 -69.92
CA LYS J 139 -34.25 -21.80 -69.33
C LYS J 139 -32.76 -21.71 -69.61
N GLU J 140 -32.36 -21.08 -70.72
CA GLU J 140 -30.94 -20.91 -70.99
C GLU J 140 -30.27 -20.10 -69.89
N GLU J 141 -30.82 -18.93 -69.57
CA GLU J 141 -30.20 -18.11 -68.53
C GLU J 141 -30.51 -18.62 -67.13
N ILE J 142 -31.62 -19.35 -66.91
CA ILE J 142 -31.77 -20.00 -65.60
C ILE J 142 -30.66 -21.01 -65.41
N ALA J 143 -30.36 -21.81 -66.43
CA ALA J 143 -29.26 -22.76 -66.32
C ALA J 143 -27.94 -22.05 -66.12
N GLN J 144 -27.74 -20.93 -66.83
CA GLN J 144 -26.49 -20.19 -66.69
C GLN J 144 -26.30 -19.68 -65.28
N VAL J 145 -27.32 -19.04 -64.71
CA VAL J 145 -27.18 -18.48 -63.37
C VAL J 145 -27.05 -19.59 -62.35
N ALA J 146 -27.74 -20.72 -62.55
CA ALA J 146 -27.56 -21.85 -61.63
C ALA J 146 -26.13 -22.37 -61.69
N THR J 147 -25.58 -22.50 -62.90
CA THR J 147 -24.21 -22.98 -63.04
C THR J 147 -23.22 -22.04 -62.38
N ILE J 148 -23.44 -20.73 -62.50
CA ILE J 148 -22.59 -19.79 -61.79
C ILE J 148 -22.73 -19.98 -60.29
N SER J 149 -23.95 -20.14 -59.80
CA SER J 149 -24.17 -20.28 -58.37
C SER J 149 -23.74 -21.64 -57.84
N ALA J 150 -23.78 -22.68 -58.68
CA ALA J 150 -23.50 -24.04 -58.27
C ALA J 150 -22.06 -24.45 -58.60
N ASN J 151 -21.14 -23.49 -58.50
CA ASN J 151 -19.70 -23.72 -58.70
C ASN J 151 -19.40 -24.39 -60.05
N ASN J 152 -20.12 -23.96 -61.09
CA ASN J 152 -19.79 -24.30 -62.47
C ASN J 152 -19.79 -25.82 -62.71
N ASP J 153 -20.98 -26.41 -62.59
CA ASP J 153 -21.20 -27.80 -63.01
C ASP J 153 -22.44 -27.77 -63.90
N PRO J 154 -22.35 -28.15 -65.19
CA PRO J 154 -23.56 -28.08 -66.03
C PRO J 154 -24.67 -29.00 -65.57
N GLU J 155 -24.37 -30.13 -64.94
CA GLU J 155 -25.40 -31.09 -64.58
C GLU J 155 -26.37 -30.50 -63.56
N ILE J 156 -25.84 -29.94 -62.47
CA ILE J 156 -26.72 -29.41 -61.42
C ILE J 156 -27.51 -28.23 -61.95
N GLY J 157 -26.87 -27.35 -62.72
CA GLY J 157 -27.58 -26.20 -63.25
C GLY J 157 -28.71 -26.61 -64.18
N LYS J 158 -28.44 -27.58 -65.07
CA LYS J 158 -29.47 -28.12 -65.94
C LYS J 158 -30.60 -28.71 -65.10
N LEU J 159 -30.27 -29.39 -64.01
CA LEU J 159 -31.29 -30.01 -63.17
C LEU J 159 -32.22 -28.96 -62.57
N ILE J 160 -31.64 -27.95 -61.90
CA ILE J 160 -32.49 -26.92 -61.29
C ILE J 160 -33.25 -26.15 -62.35
N ALA J 161 -32.64 -25.92 -63.52
CA ALA J 161 -33.33 -25.20 -64.58
C ALA J 161 -34.56 -25.97 -65.06
N GLU J 162 -34.42 -27.28 -65.25
CA GLU J 162 -35.56 -28.06 -65.69
C GLU J 162 -36.63 -28.11 -64.61
N ALA J 163 -36.22 -28.21 -63.35
CA ALA J 163 -37.18 -28.18 -62.26
C ALA J 163 -37.94 -26.87 -62.24
N MET J 164 -37.23 -25.75 -62.43
CA MET J 164 -37.87 -24.45 -62.47
C MET J 164 -38.86 -24.37 -63.62
N GLU J 165 -38.47 -24.84 -64.80
CA GLU J 165 -39.34 -24.73 -65.96
C GLU J 165 -40.58 -25.60 -65.78
N LYS J 166 -40.43 -26.79 -65.21
CA LYS J 166 -41.58 -27.66 -65.03
C LYS J 166 -42.53 -27.13 -63.97
N VAL J 167 -42.00 -26.70 -62.82
CA VAL J 167 -42.86 -26.28 -61.72
C VAL J 167 -43.41 -24.87 -61.92
N GLY J 168 -42.71 -24.03 -62.69
CA GLY J 168 -43.13 -22.65 -62.91
C GLY J 168 -42.34 -21.68 -62.05
N LYS J 169 -42.58 -20.39 -62.32
CA LYS J 169 -41.85 -19.33 -61.64
C LYS J 169 -42.12 -19.36 -60.14
N ASP J 170 -43.39 -19.35 -59.76
CA ASP J 170 -43.80 -19.27 -58.36
C ASP J 170 -43.99 -20.63 -57.72
N GLY J 171 -43.60 -21.70 -58.40
CA GLY J 171 -43.78 -23.04 -57.87
C GLY J 171 -42.96 -23.28 -56.63
N VAL J 172 -42.99 -24.53 -56.18
CA VAL J 172 -42.26 -24.98 -55.00
C VAL J 172 -41.36 -26.13 -55.40
N ILE J 173 -40.11 -26.09 -54.96
CA ILE J 173 -39.14 -27.14 -55.17
C ILE J 173 -38.56 -27.51 -53.81
N THR J 174 -38.46 -28.81 -53.55
CA THR J 174 -37.86 -29.32 -52.33
C THR J 174 -36.86 -30.41 -52.68
N VAL J 175 -35.80 -30.51 -51.87
CA VAL J 175 -34.74 -31.48 -52.08
C VAL J 175 -34.86 -32.58 -51.03
N GLU J 176 -34.25 -33.73 -51.32
CA GLU J 176 -34.24 -34.82 -50.36
C GLU J 176 -33.00 -35.69 -50.58
N GLU J 177 -32.58 -36.33 -49.49
CA GLU J 177 -31.50 -37.31 -49.53
C GLU J 177 -32.13 -38.61 -50.03
N SER J 178 -32.06 -38.82 -51.34
CA SER J 178 -32.61 -40.03 -51.91
C SER J 178 -31.65 -41.20 -51.65
N LYS J 179 -32.19 -42.42 -51.76
CA LYS J 179 -31.43 -43.64 -51.55
C LYS J 179 -30.76 -44.15 -52.82
N SER J 180 -30.91 -43.46 -53.94
CA SER J 180 -30.38 -43.89 -55.23
C SER J 180 -29.12 -43.08 -55.57
N THR J 181 -28.33 -43.66 -56.48
CA THR J 181 -27.12 -43.01 -56.97
C THR J 181 -27.35 -42.23 -58.26
N GLU J 182 -28.55 -42.28 -58.83
CA GLU J 182 -28.94 -41.40 -59.93
C GLU J 182 -29.79 -40.27 -59.38
N THR J 183 -29.67 -39.10 -60.01
CA THR J 183 -30.44 -37.91 -59.65
C THR J 183 -31.56 -37.74 -60.67
N THR J 184 -32.80 -37.67 -60.18
CA THR J 184 -33.98 -37.69 -61.04
C THR J 184 -34.95 -36.59 -60.63
N LEU J 185 -35.82 -36.25 -61.57
CA LEU J 185 -36.82 -35.19 -61.41
C LEU J 185 -38.21 -35.77 -61.57
N ASP J 186 -39.10 -35.45 -60.64
CA ASP J 186 -40.49 -35.88 -60.72
C ASP J 186 -41.38 -34.83 -60.07
N VAL J 187 -42.46 -34.47 -60.77
CA VAL J 187 -43.42 -33.48 -60.29
C VAL J 187 -44.51 -34.25 -59.56
N VAL J 188 -44.94 -33.72 -58.41
CA VAL J 188 -45.76 -34.46 -57.46
C VAL J 188 -46.90 -33.57 -56.99
N GLU J 189 -48.03 -34.19 -56.65
CA GLU J 189 -49.09 -33.47 -55.97
C GLU J 189 -48.70 -33.22 -54.53
N GLY J 190 -48.64 -31.95 -54.15
CA GLY J 190 -48.26 -31.55 -52.81
C GLY J 190 -48.65 -30.10 -52.61
N MET J 191 -48.23 -29.55 -51.48
CA MET J 191 -48.79 -28.31 -50.99
C MET J 191 -47.80 -27.60 -50.09
N GLN J 192 -48.05 -26.30 -49.88
CA GLN J 192 -47.29 -25.48 -48.95
C GLN J 192 -48.24 -24.54 -48.23
N PHE J 193 -47.90 -24.17 -47.01
CA PHE J 193 -48.57 -23.07 -46.35
C PHE J 193 -47.59 -22.46 -45.35
N ASP J 194 -47.74 -21.15 -45.12
CA ASP J 194 -46.65 -20.32 -44.59
C ASP J 194 -46.70 -20.19 -43.07
N ARG J 195 -47.17 -21.22 -42.36
CA ARG J 195 -47.22 -21.24 -40.90
C ARG J 195 -46.38 -22.39 -40.38
N GLY J 196 -45.38 -22.06 -39.58
CA GLY J 196 -44.44 -23.03 -39.06
C GLY J 196 -44.91 -23.70 -37.79
N TYR J 197 -43.94 -24.21 -37.04
CA TYR J 197 -44.21 -24.96 -35.83
C TYR J 197 -44.68 -24.05 -34.71
N LEU J 198 -44.85 -24.64 -33.52
CA LEU J 198 -45.39 -23.94 -32.36
C LEU J 198 -44.44 -23.89 -31.17
N SER J 199 -43.26 -24.52 -31.26
CA SER J 199 -42.31 -24.52 -30.15
C SER J 199 -40.89 -24.70 -30.68
N PRO J 200 -39.93 -23.85 -30.30
CA PRO J 200 -38.55 -24.06 -30.76
C PRO J 200 -37.88 -25.31 -30.22
N TYR J 201 -38.50 -26.04 -29.28
CA TYR J 201 -37.95 -27.27 -28.74
C TYR J 201 -38.33 -28.49 -29.57
N PHE J 202 -38.59 -28.31 -30.87
CA PHE J 202 -39.29 -29.32 -31.65
C PHE J 202 -38.56 -29.60 -32.97
N VAL J 203 -37.33 -29.17 -33.12
CA VAL J 203 -36.65 -29.19 -34.41
C VAL J 203 -35.76 -30.42 -34.49
N THR J 204 -35.93 -31.19 -35.56
CA THR J 204 -35.09 -32.38 -35.76
C THR J 204 -33.75 -32.00 -36.36
N ASP J 205 -33.77 -31.43 -37.56
CA ASP J 205 -32.54 -31.05 -38.26
C ASP J 205 -32.08 -29.71 -37.71
N SER J 206 -31.52 -29.75 -36.51
CA SER J 206 -31.03 -28.53 -35.87
C SER J 206 -29.89 -27.87 -36.62
N GLU J 207 -29.23 -28.59 -37.53
CA GLU J 207 -28.23 -27.97 -38.38
C GLU J 207 -28.85 -26.95 -39.34
N LYS J 208 -30.11 -27.17 -39.72
CA LYS J 208 -30.82 -26.30 -40.66
C LYS J 208 -32.09 -25.70 -40.08
N MET J 209 -32.40 -25.95 -38.81
CA MET J 209 -33.56 -25.37 -38.14
C MET J 209 -34.87 -25.78 -38.83
N GLU J 210 -34.98 -27.05 -39.22
CA GLU J 210 -36.19 -27.60 -39.82
C GLU J 210 -36.49 -28.96 -39.21
N ALA J 211 -37.78 -29.24 -38.99
CA ALA J 211 -38.25 -30.52 -38.52
C ALA J 211 -38.82 -31.30 -39.69
N VAL J 212 -38.29 -32.50 -39.93
CA VAL J 212 -38.71 -33.35 -41.05
C VAL J 212 -39.36 -34.60 -40.47
N LEU J 213 -40.51 -34.97 -41.03
CA LEU J 213 -41.21 -36.20 -40.71
C LEU J 213 -41.07 -37.17 -41.87
N GLU J 214 -41.02 -38.46 -41.56
CA GLU J 214 -40.97 -39.52 -42.56
C GLU J 214 -42.28 -40.32 -42.49
N ASN J 215 -43.08 -40.21 -43.54
CA ASN J 215 -44.36 -40.89 -43.64
C ASN J 215 -45.29 -40.50 -42.47
N PRO J 216 -45.71 -39.25 -42.39
CA PRO J 216 -46.57 -38.83 -41.28
C PRO J 216 -48.05 -39.04 -41.58
N TYR J 217 -48.84 -38.96 -40.52
CA TYR J 217 -50.30 -39.00 -40.60
C TYR J 217 -50.85 -37.61 -40.32
N ILE J 218 -51.98 -37.29 -40.96
CA ILE J 218 -52.52 -35.94 -41.01
C ILE J 218 -53.98 -35.98 -40.59
N LEU J 219 -54.33 -35.15 -39.60
CA LEU J 219 -55.71 -34.87 -39.22
C LEU J 219 -55.98 -33.39 -39.45
N ILE J 220 -57.26 -33.06 -39.62
CA ILE J 220 -57.67 -31.76 -40.14
C ILE J 220 -58.81 -31.29 -39.25
N TYR J 221 -58.48 -30.42 -38.28
CA TYR J 221 -59.41 -29.98 -37.25
C TYR J 221 -59.80 -28.53 -37.47
N ASP J 222 -60.92 -28.14 -36.85
CA ASP J 222 -61.50 -26.81 -36.99
C ASP J 222 -61.42 -26.02 -35.69
N LYS J 223 -61.72 -26.65 -34.56
CA LYS J 223 -61.84 -25.95 -33.29
C LYS J 223 -60.49 -25.91 -32.58
N LYS J 224 -60.49 -25.46 -31.33
CA LYS J 224 -59.29 -25.19 -30.57
C LYS J 224 -58.84 -26.43 -29.81
N ILE J 225 -57.54 -26.48 -29.49
CA ILE J 225 -56.99 -27.42 -28.51
C ILE J 225 -56.24 -26.61 -27.47
N SER J 226 -56.57 -26.87 -26.20
CA SER J 226 -55.84 -26.32 -25.06
C SER J 226 -55.56 -27.33 -23.96
N ASN J 227 -56.13 -28.53 -24.03
CA ASN J 227 -56.05 -29.53 -22.97
C ASN J 227 -55.67 -30.88 -23.56
N MET J 228 -55.45 -31.84 -22.66
CA MET J 228 -55.02 -33.19 -23.03
C MET J 228 -56.18 -34.17 -23.08
N LYS J 229 -57.27 -33.90 -22.34
CA LYS J 229 -58.30 -34.89 -22.09
C LYS J 229 -59.06 -35.34 -23.33
N ASP J 230 -58.98 -34.61 -24.44
CA ASP J 230 -59.69 -34.96 -25.67
C ASP J 230 -58.74 -35.48 -26.75
N LEU J 231 -57.47 -35.73 -26.41
CA LEU J 231 -56.44 -36.09 -27.38
C LEU J 231 -55.90 -37.50 -27.18
N LEU J 232 -56.47 -38.30 -26.27
CA LEU J 232 -55.91 -39.62 -25.98
C LEU J 232 -55.99 -40.57 -27.17
N PRO J 233 -57.15 -40.83 -27.78
CA PRO J 233 -57.22 -41.90 -28.80
C PRO J 233 -56.32 -41.65 -29.98
N ILE J 234 -56.12 -40.40 -30.36
CA ILE J 234 -55.29 -40.09 -31.52
C ILE J 234 -53.86 -40.54 -31.26
N LEU J 235 -53.33 -40.20 -30.07
CA LEU J 235 -51.95 -40.56 -29.78
C LEU J 235 -51.80 -42.05 -29.52
N GLU J 236 -52.82 -42.71 -28.95
CA GLU J 236 -52.73 -44.16 -28.83
C GLU J 236 -52.69 -44.82 -30.20
N LYS J 237 -53.57 -44.41 -31.11
CA LYS J 237 -53.56 -44.99 -32.45
C LYS J 237 -52.24 -44.73 -33.17
N VAL J 238 -51.70 -43.51 -33.04
CA VAL J 238 -50.44 -43.20 -33.71
C VAL J 238 -49.30 -44.02 -33.11
N ALA J 239 -49.24 -44.12 -31.79
CA ALA J 239 -48.18 -44.89 -31.16
C ALA J 239 -48.24 -46.35 -31.58
N GLN J 240 -49.45 -46.91 -31.65
CA GLN J 240 -49.58 -48.26 -32.20
C GLN J 240 -49.26 -48.31 -33.69
N SER J 241 -49.37 -47.18 -34.38
CA SER J 241 -49.07 -47.16 -35.81
C SER J 241 -47.57 -47.19 -36.07
N GLY J 242 -46.77 -46.60 -35.18
CA GLY J 242 -45.34 -46.59 -35.39
C GLY J 242 -44.87 -45.70 -36.52
N LYS J 243 -45.62 -44.65 -36.87
CA LYS J 243 -45.23 -43.64 -37.84
C LYS J 243 -45.39 -42.26 -37.22
N PRO J 244 -44.70 -41.21 -37.75
CA PRO J 244 -44.92 -39.83 -37.26
C PRO J 244 -46.35 -39.37 -37.47
N LEU J 245 -46.77 -38.31 -36.80
CA LEU J 245 -48.09 -37.68 -36.93
C LEU J 245 -47.88 -36.19 -37.13
N LEU J 246 -48.72 -35.60 -37.96
CA LEU J 246 -48.83 -34.16 -38.12
C LEU J 246 -50.25 -33.75 -37.75
N ILE J 247 -50.39 -32.76 -36.89
CA ILE J 247 -51.69 -32.27 -36.43
C ILE J 247 -51.83 -30.81 -36.88
N ILE J 248 -52.86 -30.55 -37.67
CA ILE J 248 -53.22 -29.20 -38.10
C ILE J 248 -54.54 -28.85 -37.45
N ALA J 249 -54.55 -27.77 -36.68
CA ALA J 249 -55.69 -27.35 -35.88
C ALA J 249 -55.75 -25.83 -35.87
N GLU J 250 -56.73 -25.29 -35.15
CA GLU J 250 -56.84 -23.85 -35.02
C GLU J 250 -55.70 -23.31 -34.14
N ASP J 251 -55.48 -23.92 -32.98
CA ASP J 251 -54.42 -23.48 -32.09
C ASP J 251 -54.23 -24.54 -31.01
N VAL J 252 -52.99 -24.94 -30.78
CA VAL J 252 -52.61 -25.83 -29.69
C VAL J 252 -51.76 -25.02 -28.72
N GLU J 253 -52.17 -25.00 -27.45
CA GLU J 253 -51.51 -24.14 -26.48
C GLU J 253 -51.67 -24.74 -25.08
N GLY J 254 -50.85 -24.23 -24.16
CA GLY J 254 -50.96 -24.57 -22.76
C GLY J 254 -50.66 -26.02 -22.44
N GLU J 255 -51.63 -26.71 -21.84
CA GLU J 255 -51.43 -28.09 -21.41
C GLU J 255 -51.11 -29.00 -22.59
N ALA J 256 -51.78 -28.80 -23.73
CA ALA J 256 -51.52 -29.65 -24.89
C ALA J 256 -50.08 -29.47 -25.38
N LEU J 257 -49.62 -28.22 -25.48
CA LEU J 257 -48.23 -28.00 -25.89
C LEU J 257 -47.26 -28.58 -24.88
N ALA J 258 -47.56 -28.44 -23.59
CA ALA J 258 -46.69 -29.01 -22.57
C ALA J 258 -46.60 -30.53 -22.71
N THR J 259 -47.75 -31.19 -22.93
CA THR J 259 -47.75 -32.64 -23.09
C THR J 259 -46.97 -33.05 -24.35
N LEU J 260 -47.18 -32.33 -25.45
CA LEU J 260 -46.44 -32.65 -26.67
C LEU J 260 -44.95 -32.47 -26.49
N VAL J 261 -44.52 -31.39 -25.84
CA VAL J 261 -43.10 -31.20 -25.61
C VAL J 261 -42.54 -32.27 -24.69
N VAL J 262 -43.33 -32.68 -23.69
CA VAL J 262 -42.87 -33.71 -22.76
C VAL J 262 -42.66 -35.03 -23.50
N ASN J 263 -43.61 -35.42 -24.35
CA ASN J 263 -43.50 -36.69 -25.05
C ASN J 263 -42.59 -36.62 -26.28
N LYS J 264 -42.22 -35.43 -26.75
CA LYS J 264 -41.31 -35.28 -27.87
C LYS J 264 -39.85 -35.14 -27.44
N LEU J 265 -39.58 -34.40 -26.36
CA LEU J 265 -38.22 -34.36 -25.83
C LEU J 265 -37.81 -35.72 -25.28
N ARG J 266 -38.75 -36.45 -24.67
CA ARG J 266 -38.49 -37.83 -24.32
C ARG J 266 -38.34 -38.72 -25.55
N GLY J 267 -38.85 -38.29 -26.70
CA GLY J 267 -38.78 -39.07 -27.91
C GLY J 267 -39.84 -40.13 -28.04
N THR J 268 -40.82 -40.16 -27.14
CA THR J 268 -41.81 -41.23 -27.16
C THR J 268 -42.69 -41.16 -28.40
N LEU J 269 -43.02 -39.96 -28.84
CA LEU J 269 -43.90 -39.76 -30.00
C LEU J 269 -43.32 -38.69 -30.91
N LYS J 270 -43.34 -38.98 -32.22
CA LYS J 270 -42.86 -38.05 -33.24
C LYS J 270 -44.08 -37.34 -33.83
N VAL J 271 -44.40 -36.18 -33.27
CA VAL J 271 -45.61 -35.44 -33.63
C VAL J 271 -45.18 -34.23 -34.44
N CYS J 272 -46.17 -33.48 -34.93
CA CYS J 272 -45.89 -32.15 -35.45
C CYS J 272 -47.17 -31.33 -35.46
N ALA J 273 -47.00 -30.06 -35.08
CA ALA J 273 -48.11 -29.14 -34.87
C ALA J 273 -47.88 -27.87 -35.68
N VAL J 274 -48.88 -27.51 -36.49
CA VAL J 274 -48.87 -26.26 -37.26
C VAL J 274 -50.26 -25.66 -37.19
N LYS J 275 -50.30 -24.33 -37.27
CA LYS J 275 -51.57 -23.63 -37.23
C LYS J 275 -52.31 -23.79 -38.55
N ALA J 276 -53.62 -23.73 -38.48
CA ALA J 276 -54.44 -23.83 -39.67
C ALA J 276 -54.20 -22.63 -40.58
N PRO J 277 -54.23 -22.81 -41.92
CA PRO J 277 -54.11 -21.68 -42.88
C PRO J 277 -55.49 -21.17 -43.30
N GLY J 278 -55.61 -19.88 -43.64
CA GLY J 278 -56.83 -19.27 -44.13
C GLY J 278 -57.49 -18.35 -43.13
N PHE J 279 -58.74 -18.03 -43.43
CA PHE J 279 -59.56 -17.16 -42.59
C PHE J 279 -61.04 -17.46 -42.78
N GLY J 280 -61.69 -17.94 -41.73
CA GLY J 280 -63.13 -18.10 -41.73
C GLY J 280 -63.63 -19.04 -42.81
N ASP J 281 -64.46 -18.52 -43.71
CA ASP J 281 -64.89 -19.33 -44.85
C ASP J 281 -63.71 -19.76 -45.70
N ARG J 282 -62.72 -18.87 -45.90
CA ARG J 282 -61.51 -19.26 -46.60
C ARG J 282 -60.77 -20.35 -45.85
N ARG J 283 -60.76 -20.27 -44.52
CA ARG J 283 -60.13 -21.31 -43.70
C ARG J 283 -60.80 -22.64 -43.93
N LYS J 284 -62.14 -22.65 -43.92
CA LYS J 284 -62.85 -23.90 -44.17
C LYS J 284 -62.55 -24.43 -45.56
N ALA J 285 -62.50 -23.54 -46.55
CA ALA J 285 -62.23 -23.95 -47.92
C ALA J 285 -60.87 -24.63 -48.05
N MET J 286 -59.80 -23.97 -47.60
CA MET J 286 -58.48 -24.57 -47.75
C MET J 286 -58.21 -25.71 -46.78
N LEU J 287 -58.87 -25.74 -45.62
CA LEU J 287 -58.79 -26.94 -44.79
C LEU J 287 -59.40 -28.12 -45.53
N GLU J 288 -60.51 -27.87 -46.24
CA GLU J 288 -61.10 -28.93 -47.05
C GLU J 288 -60.14 -29.35 -48.17
N ASP J 289 -59.47 -28.38 -48.81
CA ASP J 289 -58.59 -28.72 -49.92
C ASP J 289 -57.36 -29.53 -49.46
N ILE J 290 -56.71 -29.12 -48.37
CA ILE J 290 -55.67 -29.97 -47.80
C ILE J 290 -56.21 -31.33 -47.39
N ALA J 291 -57.44 -31.38 -46.87
CA ALA J 291 -57.99 -32.67 -46.47
C ALA J 291 -58.14 -33.61 -47.65
N ILE J 292 -58.65 -33.11 -48.78
CA ILE J 292 -58.80 -34.00 -49.94
C ILE J 292 -57.43 -34.32 -50.51
N LEU J 293 -56.47 -33.39 -50.40
CA LEU J 293 -55.12 -33.69 -50.89
C LEU J 293 -54.49 -34.84 -50.12
N THR J 294 -54.64 -34.84 -48.80
CA THR J 294 -53.98 -35.84 -47.97
C THR J 294 -54.76 -37.14 -47.86
N GLY J 295 -55.93 -37.24 -48.47
CA GLY J 295 -56.68 -38.48 -48.50
C GLY J 295 -57.62 -38.69 -47.34
N GLY J 296 -57.45 -37.96 -46.24
CA GLY J 296 -58.33 -38.05 -45.10
C GLY J 296 -59.57 -37.20 -45.28
N THR J 297 -60.25 -36.95 -44.17
CA THR J 297 -61.45 -36.12 -44.11
C THR J 297 -61.27 -35.08 -43.01
N VAL J 298 -62.03 -33.99 -43.13
CA VAL J 298 -62.03 -32.99 -42.09
C VAL J 298 -62.77 -33.51 -40.86
N ILE J 299 -62.17 -33.31 -39.70
CA ILE J 299 -62.79 -33.64 -38.42
C ILE J 299 -63.24 -32.32 -37.80
N SER J 300 -64.53 -32.23 -37.47
CA SER J 300 -65.08 -30.96 -37.01
C SER J 300 -66.47 -31.17 -36.45
N GLU J 301 -66.89 -30.22 -35.61
CA GLU J 301 -68.24 -30.20 -35.07
C GLU J 301 -69.26 -29.67 -36.06
N GLU J 302 -68.82 -29.04 -37.15
CA GLU J 302 -69.76 -28.60 -38.18
C GLU J 302 -70.50 -29.79 -38.77
N THR J 303 -69.78 -30.88 -39.02
CA THR J 303 -70.37 -32.12 -39.51
C THR J 303 -70.63 -33.13 -38.39
N GLY J 304 -70.40 -32.76 -37.13
CA GLY J 304 -70.89 -33.53 -36.00
C GLY J 304 -70.01 -34.68 -35.55
N TYR J 305 -68.69 -34.48 -35.54
CA TYR J 305 -67.73 -35.46 -35.04
C TYR J 305 -66.93 -34.87 -33.89
N LYS J 306 -66.42 -35.76 -33.04
CA LYS J 306 -65.59 -35.41 -31.90
C LYS J 306 -64.11 -35.57 -32.25
N LEU J 307 -63.26 -34.81 -31.55
CA LEU J 307 -61.82 -34.95 -31.75
C LEU J 307 -61.36 -36.35 -31.34
N GLU J 308 -61.98 -36.93 -30.32
CA GLU J 308 -61.70 -38.31 -29.94
C GLU J 308 -62.35 -39.34 -30.86
N ASN J 309 -63.32 -38.92 -31.68
CA ASN J 309 -63.98 -39.87 -32.58
C ASN J 309 -63.11 -40.22 -33.77
N ALA J 310 -62.17 -39.36 -34.15
CA ALA J 310 -61.35 -39.60 -35.33
C ALA J 310 -60.51 -40.85 -35.15
N THR J 311 -60.35 -41.60 -36.25
CA THR J 311 -59.65 -42.88 -36.27
C THR J 311 -58.65 -42.90 -37.41
N LEU J 312 -58.07 -44.08 -37.66
CA LEU J 312 -57.03 -44.21 -38.67
C LEU J 312 -57.57 -43.87 -40.06
N ASP J 313 -58.79 -44.32 -40.36
CA ASP J 313 -59.34 -44.10 -41.70
C ASP J 313 -59.54 -42.62 -42.00
N TYR J 314 -59.84 -41.82 -40.97
CA TYR J 314 -60.08 -40.40 -41.16
C TYR J 314 -58.79 -39.58 -41.21
N LEU J 315 -57.63 -40.19 -40.93
CA LEU J 315 -56.37 -39.49 -41.03
C LEU J 315 -55.95 -39.35 -42.49
N GLY J 316 -54.94 -38.51 -42.71
CA GLY J 316 -54.39 -38.25 -44.02
C GLY J 316 -52.93 -38.69 -44.09
N ARG J 317 -52.52 -39.27 -45.21
CA ARG J 317 -51.22 -39.89 -45.33
C ARG J 317 -50.36 -39.17 -46.36
N ALA J 318 -49.10 -38.94 -46.00
CA ALA J 318 -48.10 -38.41 -46.90
C ALA J 318 -46.82 -39.20 -46.67
N LYS J 319 -45.75 -38.80 -47.36
CA LYS J 319 -44.45 -39.47 -47.23
C LYS J 319 -43.42 -38.59 -46.52
N ARG J 320 -43.45 -37.28 -46.72
CA ARG J 320 -42.57 -36.39 -45.99
C ARG J 320 -43.26 -35.04 -45.82
N VAL J 321 -42.96 -34.38 -44.70
CA VAL J 321 -43.49 -33.05 -44.39
C VAL J 321 -42.38 -32.28 -43.69
N THR J 322 -41.79 -31.32 -44.39
CA THR J 322 -40.76 -30.46 -43.83
C THR J 322 -41.42 -29.28 -43.15
N ILE J 323 -40.99 -28.99 -41.92
CA ILE J 323 -41.61 -27.98 -41.08
C ILE J 323 -40.49 -27.13 -40.50
N ASP J 324 -40.43 -25.86 -40.93
CA ASP J 324 -39.45 -24.89 -40.45
C ASP J 324 -40.18 -23.73 -39.76
N LYS J 325 -39.41 -22.71 -39.39
CA LYS J 325 -39.95 -21.59 -38.60
C LYS J 325 -41.04 -20.86 -39.37
N ASP J 326 -40.80 -20.56 -40.64
CA ASP J 326 -41.74 -19.79 -41.45
C ASP J 326 -42.63 -20.67 -42.31
N ASN J 327 -42.05 -21.50 -43.16
CA ASN J 327 -42.77 -22.22 -44.20
C ASN J 327 -42.92 -23.69 -43.81
N THR J 328 -43.75 -24.39 -44.59
CA THR J 328 -44.11 -25.78 -44.30
C THR J 328 -44.56 -26.43 -45.60
N THR J 329 -44.06 -27.63 -45.89
CA THR J 329 -44.26 -28.28 -47.18
C THR J 329 -44.90 -29.64 -47.02
N ILE J 330 -45.90 -29.92 -47.86
CA ILE J 330 -46.51 -31.24 -48.00
C ILE J 330 -46.13 -31.77 -49.37
N VAL J 331 -45.71 -33.04 -49.43
CA VAL J 331 -45.39 -33.69 -50.70
C VAL J 331 -46.05 -35.06 -50.73
N ASP J 332 -46.68 -35.38 -51.87
CA ASP J 332 -47.38 -36.66 -52.06
C ASP J 332 -48.41 -36.89 -50.96
N GLY J 333 -49.41 -36.00 -50.94
CA GLY J 333 -50.59 -36.25 -50.13
C GLY J 333 -51.36 -37.41 -50.73
N ALA J 334 -51.42 -38.53 -50.02
CA ALA J 334 -51.96 -39.76 -50.57
C ALA J 334 -53.48 -39.65 -50.68
N GLY J 335 -53.91 -38.97 -51.74
CA GLY J 335 -55.31 -38.82 -52.07
C GLY J 335 -55.60 -39.37 -53.46
N ASP J 336 -56.88 -39.50 -53.77
CA ASP J 336 -57.30 -40.04 -55.05
C ASP J 336 -57.21 -38.93 -56.08
N LYS J 337 -56.36 -39.14 -57.10
CA LYS J 337 -56.07 -38.09 -58.07
C LYS J 337 -57.29 -37.73 -58.91
N GLU J 338 -58.22 -38.67 -59.12
CA GLU J 338 -59.45 -38.34 -59.84
C GLU J 338 -60.21 -37.26 -59.10
N ASP J 339 -60.33 -37.40 -57.78
CA ASP J 339 -60.96 -36.36 -56.98
C ASP J 339 -60.15 -35.07 -57.00
N ILE J 340 -58.82 -35.17 -57.14
CA ILE J 340 -58.00 -33.97 -57.20
C ILE J 340 -58.35 -33.16 -58.44
N LYS J 341 -58.41 -33.83 -59.60
CA LYS J 341 -58.77 -33.08 -60.80
C LYS J 341 -60.24 -32.66 -60.79
N ALA J 342 -61.11 -33.39 -60.11
CA ALA J 342 -62.48 -32.92 -59.95
C ALA J 342 -62.52 -31.63 -59.15
N ARG J 343 -61.72 -31.55 -58.09
CA ARG J 343 -61.62 -30.33 -57.30
C ARG J 343 -61.07 -29.20 -58.15
N VAL J 344 -60.08 -29.49 -59.00
CA VAL J 344 -59.54 -28.46 -59.89
C VAL J 344 -60.64 -27.94 -60.81
N ASN J 345 -61.45 -28.84 -61.35
CA ASN J 345 -62.53 -28.42 -62.23
C ASN J 345 -63.55 -27.57 -61.49
N GLN J 346 -63.90 -27.93 -60.26
CA GLN J 346 -64.88 -27.14 -59.52
C GLN J 346 -64.30 -25.79 -59.14
N ILE J 347 -62.99 -25.73 -58.87
CA ILE J 347 -62.33 -24.45 -58.64
C ILE J 347 -62.44 -23.58 -59.88
N LYS J 348 -62.20 -24.16 -61.05
CA LYS J 348 -62.38 -23.44 -62.30
C LYS J 348 -63.82 -22.97 -62.46
N LYS J 349 -64.78 -23.78 -62.02
CA LYS J 349 -66.19 -23.39 -62.11
C LYS J 349 -66.46 -22.16 -61.24
N GLN J 350 -65.92 -22.12 -60.03
CA GLN J 350 -66.07 -20.91 -59.22
C GLN J 350 -65.36 -19.73 -59.85
N ILE J 351 -64.20 -19.97 -60.48
CA ILE J 351 -63.49 -18.87 -61.15
C ILE J 351 -64.36 -18.28 -62.25
N GLU J 352 -65.04 -19.13 -63.00
CA GLU J 352 -65.96 -18.64 -64.03
C GLU J 352 -67.17 -17.96 -63.40
N ASN J 353 -67.62 -18.44 -62.24
CA ASN J 353 -68.84 -17.93 -61.62
C ASN J 353 -68.62 -16.69 -60.77
N THR J 354 -67.43 -16.50 -60.22
CA THR J 354 -67.18 -15.35 -59.37
C THR J 354 -67.13 -14.06 -60.19
N THR J 355 -67.39 -12.94 -59.50
CA THR J 355 -67.39 -11.61 -60.11
C THR J 355 -66.51 -10.62 -59.37
N SER J 356 -66.45 -10.68 -58.04
CA SER J 356 -65.67 -9.73 -57.27
C SER J 356 -64.18 -10.01 -57.44
N ASP J 357 -63.42 -8.95 -57.69
CA ASP J 357 -62.02 -9.10 -58.05
C ASP J 357 -61.19 -9.68 -56.91
N TYR J 358 -61.56 -9.39 -55.66
CA TYR J 358 -60.83 -9.97 -54.53
C TYR J 358 -61.03 -11.48 -54.47
N ASP J 359 -62.29 -11.93 -54.56
CA ASP J 359 -62.56 -13.36 -54.56
C ASP J 359 -61.95 -14.03 -55.78
N ARG J 360 -62.00 -13.37 -56.94
CA ARG J 360 -61.37 -13.92 -58.13
C ARG J 360 -59.87 -14.07 -57.92
N GLU J 361 -59.23 -13.07 -57.32
CA GLU J 361 -57.79 -13.12 -57.09
C GLU J 361 -57.44 -14.27 -56.15
N LYS J 362 -58.20 -14.42 -55.06
CA LYS J 362 -57.90 -15.52 -54.15
C LYS J 362 -58.22 -16.87 -54.79
N LEU J 363 -59.17 -16.90 -55.74
CA LEU J 363 -59.45 -18.15 -56.44
C LEU J 363 -58.32 -18.52 -57.39
N GLN J 364 -57.74 -17.54 -58.09
CA GLN J 364 -56.56 -17.85 -58.89
C GLN J 364 -55.40 -18.28 -58.01
N GLU J 365 -55.26 -17.66 -56.84
CA GLU J 365 -54.27 -18.12 -55.87
C GLU J 365 -54.50 -19.57 -55.54
N ARG J 366 -55.75 -19.95 -55.26
CA ARG J 366 -56.07 -21.32 -54.89
C ARG J 366 -55.72 -22.28 -56.03
N LEU J 367 -56.10 -21.92 -57.26
CA LEU J 367 -55.87 -22.81 -58.40
C LEU J 367 -54.38 -23.00 -58.66
N ALA J 368 -53.64 -21.90 -58.80
CA ALA J 368 -52.20 -22.00 -59.01
C ALA J 368 -51.49 -22.66 -57.83
N LYS J 369 -52.11 -22.64 -56.65
CA LYS J 369 -51.55 -23.26 -55.47
C LYS J 369 -51.69 -24.77 -55.53
N LEU J 370 -52.85 -25.26 -55.98
CA LEU J 370 -53.14 -26.69 -55.88
C LEU J 370 -52.78 -27.41 -57.17
N ALA J 371 -53.32 -26.96 -58.30
CA ALA J 371 -53.04 -27.62 -59.57
C ALA J 371 -51.57 -27.58 -59.95
N GLY J 372 -50.80 -26.64 -59.40
CA GLY J 372 -49.39 -26.57 -59.73
C GLY J 372 -48.61 -27.77 -59.25
N GLY J 373 -48.90 -28.25 -58.04
CA GLY J 373 -48.17 -29.36 -57.46
C GLY J 373 -46.87 -28.91 -56.81
N VAL J 374 -46.00 -29.90 -56.59
CA VAL J 374 -44.69 -29.68 -55.97
C VAL J 374 -43.64 -30.40 -56.80
N ALA J 375 -42.51 -29.72 -57.01
CA ALA J 375 -41.36 -30.35 -57.64
C ALA J 375 -40.55 -31.09 -56.59
N VAL J 376 -40.10 -32.29 -56.95
CA VAL J 376 -39.32 -33.15 -56.06
C VAL J 376 -38.07 -33.55 -56.84
N ILE J 377 -36.90 -33.34 -56.25
CA ILE J 377 -35.62 -33.59 -56.90
C ILE J 377 -34.82 -34.55 -56.03
N LYS J 378 -34.99 -35.85 -56.29
CA LYS J 378 -34.18 -36.88 -55.66
C LYS J 378 -32.77 -36.76 -56.21
N VAL J 379 -31.81 -36.43 -55.34
CA VAL J 379 -30.42 -36.31 -55.78
C VAL J 379 -29.74 -37.68 -55.73
N GLY J 380 -28.57 -37.77 -56.35
CA GLY J 380 -27.82 -39.01 -56.38
C GLY J 380 -26.34 -38.76 -56.55
N ALA J 381 -25.54 -39.64 -55.96
CA ALA J 381 -24.09 -39.62 -56.11
C ALA J 381 -23.56 -41.01 -55.76
N ALA J 382 -22.25 -41.11 -55.54
CA ALA J 382 -21.63 -42.40 -55.26
C ALA J 382 -21.74 -42.76 -53.78
N THR J 383 -21.15 -41.95 -52.91
CA THR J 383 -21.02 -42.27 -51.49
C THR J 383 -21.82 -41.31 -50.62
N GLU J 384 -21.89 -41.62 -49.32
CA GLU J 384 -22.83 -40.98 -48.40
C GLU J 384 -22.50 -39.52 -48.17
N VAL J 385 -21.33 -39.24 -47.58
CA VAL J 385 -20.98 -37.86 -47.27
C VAL J 385 -20.86 -37.05 -48.55
N GLU J 386 -20.48 -37.70 -49.66
CA GLU J 386 -20.55 -37.05 -50.96
C GLU J 386 -21.98 -36.64 -51.28
N MET J 387 -22.95 -37.53 -51.02
CA MET J 387 -24.35 -37.20 -51.28
C MET J 387 -24.80 -36.03 -50.42
N LYS J 388 -24.37 -35.97 -49.17
CA LYS J 388 -24.76 -34.85 -48.32
C LYS J 388 -24.14 -33.53 -48.80
N GLU J 389 -22.89 -33.58 -49.26
CA GLU J 389 -22.29 -32.39 -49.85
C GLU J 389 -23.07 -31.95 -51.08
N LYS J 390 -23.47 -32.90 -51.92
CA LYS J 390 -24.27 -32.61 -53.10
C LYS J 390 -25.60 -32.00 -52.70
N LYS J 391 -26.23 -32.53 -51.65
CA LYS J 391 -27.51 -32.00 -51.20
C LYS J 391 -27.38 -30.57 -50.72
N ALA J 392 -26.32 -30.27 -49.97
CA ALA J 392 -26.11 -28.89 -49.51
C ALA J 392 -25.93 -27.95 -50.70
N ARG J 393 -25.13 -28.38 -51.68
CA ARG J 393 -24.93 -27.56 -52.87
C ARG J 393 -26.24 -27.37 -53.62
N VAL J 394 -27.06 -28.41 -53.71
CA VAL J 394 -28.35 -28.27 -54.39
C VAL J 394 -29.24 -27.30 -53.62
N GLU J 395 -29.20 -27.34 -52.29
CA GLU J 395 -30.06 -26.46 -51.51
C GLU J 395 -29.69 -25.00 -51.72
N ASP J 396 -28.42 -24.65 -51.54
CA ASP J 396 -28.09 -23.23 -51.64
C ASP J 396 -28.13 -22.77 -53.09
N ALA J 397 -27.82 -23.65 -54.05
CA ALA J 397 -28.00 -23.29 -55.45
C ALA J 397 -29.47 -23.02 -55.78
N LEU J 398 -30.37 -23.85 -55.24
CA LEU J 398 -31.79 -23.64 -55.46
C LEU J 398 -32.23 -22.30 -54.90
N HIS J 399 -31.81 -21.99 -53.67
CA HIS J 399 -32.20 -20.73 -53.05
C HIS J 399 -31.68 -19.54 -53.85
N ALA J 400 -30.42 -19.61 -54.29
CA ALA J 400 -29.87 -18.53 -55.11
C ALA J 400 -30.64 -18.39 -56.41
N THR J 401 -31.06 -19.52 -56.99
CA THR J 401 -31.84 -19.46 -58.21
C THR J 401 -33.17 -18.76 -57.98
N ARG J 402 -33.85 -19.06 -56.86
CA ARG J 402 -35.11 -18.37 -56.57
C ARG J 402 -34.88 -16.88 -56.45
N ALA J 403 -33.83 -16.47 -55.74
CA ALA J 403 -33.57 -15.04 -55.59
C ALA J 403 -33.30 -14.39 -56.94
N ALA J 404 -32.52 -15.07 -57.79
CA ALA J 404 -32.18 -14.53 -59.10
C ALA J 404 -33.42 -14.31 -59.95
N VAL J 405 -34.32 -15.31 -60.00
CA VAL J 405 -35.54 -15.09 -60.77
C VAL J 405 -36.43 -14.05 -60.10
N GLU J 406 -36.35 -13.92 -58.78
CA GLU J 406 -37.20 -12.97 -58.08
C GLU J 406 -36.88 -11.54 -58.48
N GLU J 407 -35.59 -11.17 -58.50
CA GLU J 407 -35.22 -9.78 -58.76
C GLU J 407 -34.01 -9.64 -59.67
N GLY J 408 -33.66 -10.67 -60.42
CA GLY J 408 -32.61 -10.52 -61.42
C GLY J 408 -31.21 -10.57 -60.84
N ILE J 409 -30.26 -10.16 -61.68
CA ILE J 409 -28.84 -10.31 -61.43
C ILE J 409 -28.16 -8.95 -61.54
N VAL J 410 -27.15 -8.75 -60.71
CA VAL J 410 -26.37 -7.52 -60.65
C VAL J 410 -24.90 -7.93 -60.51
N PRO J 411 -23.92 -7.20 -61.05
CA PRO J 411 -22.52 -7.61 -60.84
C PRO J 411 -22.13 -7.57 -59.38
N GLY J 412 -21.84 -8.75 -58.84
CA GLY J 412 -21.48 -8.90 -57.44
C GLY J 412 -20.02 -8.62 -57.18
N GLY J 413 -19.56 -9.06 -56.01
CA GLY J 413 -18.22 -8.76 -55.56
C GLY J 413 -18.04 -7.38 -55.00
N GLY J 414 -19.13 -6.67 -54.68
CA GLY J 414 -19.06 -5.34 -54.13
C GLY J 414 -19.17 -4.22 -55.13
N VAL J 415 -18.95 -4.48 -56.42
CA VAL J 415 -19.06 -3.42 -57.42
C VAL J 415 -20.51 -2.99 -57.60
N ALA J 416 -21.47 -3.82 -57.21
CA ALA J 416 -22.88 -3.43 -57.24
C ALA J 416 -23.10 -2.15 -56.45
N LEU J 417 -22.59 -2.10 -55.23
CA LEU J 417 -22.74 -0.93 -54.40
C LEU J 417 -21.83 0.22 -54.83
N ILE J 418 -20.72 -0.07 -55.51
CA ILE J 418 -19.91 0.99 -56.09
C ILE J 418 -20.70 1.73 -57.14
N ARG J 419 -21.31 1.00 -58.06
CA ARG J 419 -21.90 1.62 -59.24
C ARG J 419 -23.31 2.15 -59.01
N ALA J 420 -23.95 1.76 -57.92
CA ALA J 420 -25.20 2.40 -57.52
C ALA J 420 -24.96 3.76 -56.86
N ALA J 421 -23.71 4.11 -56.55
CA ALA J 421 -23.39 5.42 -56.01
C ALA J 421 -23.56 6.54 -57.03
N LYS J 422 -23.72 6.22 -58.31
CA LYS J 422 -23.97 7.27 -59.29
C LYS J 422 -25.27 8.01 -59.01
N ALA J 423 -26.27 7.32 -58.47
CA ALA J 423 -27.53 7.96 -58.14
C ALA J 423 -27.38 9.02 -57.05
N LEU J 424 -26.45 8.83 -56.13
CA LEU J 424 -26.20 9.79 -55.07
C LEU J 424 -25.30 10.93 -55.51
N GLU J 425 -24.89 10.97 -56.78
CA GLU J 425 -24.01 12.04 -57.24
C GLU J 425 -24.71 13.39 -57.17
N ASN J 426 -25.92 13.46 -57.68
CA ASN J 426 -26.72 14.69 -57.73
C ASN J 426 -27.96 14.47 -56.88
N LEU J 427 -27.83 14.74 -55.59
CA LEU J 427 -28.92 14.58 -54.65
C LEU J 427 -28.72 15.56 -53.51
N GLU J 428 -29.71 16.44 -53.31
CA GLU J 428 -29.67 17.46 -52.27
C GLU J 428 -30.83 17.23 -51.32
N GLY J 429 -30.53 17.14 -50.03
CA GLY J 429 -31.56 17.06 -49.01
C GLY J 429 -32.17 18.42 -48.75
N GLU J 430 -32.99 18.48 -47.69
CA GLU J 430 -33.63 19.74 -47.36
C GLU J 430 -32.64 20.70 -46.72
N ASN J 431 -31.69 20.17 -45.95
CA ASN J 431 -30.66 20.96 -45.28
C ASN J 431 -29.29 20.31 -45.51
N GLY J 432 -28.28 20.85 -44.84
CA GLY J 432 -26.93 20.32 -44.96
C GLY J 432 -26.69 19.04 -44.20
N ASP J 433 -27.42 18.82 -43.10
CA ASP J 433 -27.25 17.58 -42.35
C ASP J 433 -27.65 16.37 -43.20
N GLN J 434 -28.73 16.49 -43.97
CA GLN J 434 -29.10 15.41 -44.87
C GLN J 434 -28.05 15.21 -45.96
N LYS J 435 -27.45 16.31 -46.44
CA LYS J 435 -26.41 16.15 -47.45
C LYS J 435 -25.21 15.40 -46.88
N THR J 436 -24.79 15.71 -45.66
CA THR J 436 -23.66 14.96 -45.11
C THR J 436 -24.08 13.53 -44.79
N GLY J 437 -25.37 13.28 -44.51
CA GLY J 437 -25.82 11.90 -44.43
C GLY J 437 -25.70 11.16 -45.74
N VAL J 438 -26.05 11.84 -46.84
CA VAL J 438 -25.88 11.25 -48.16
C VAL J 438 -24.42 10.96 -48.43
N LYS J 439 -23.55 11.90 -48.07
CA LYS J 439 -22.11 11.67 -48.16
C LYS J 439 -21.70 10.48 -47.30
N ILE J 440 -22.34 10.34 -46.14
CA ILE J 440 -21.94 9.33 -45.17
C ILE J 440 -22.20 7.94 -45.76
N VAL J 441 -23.37 7.76 -46.37
CA VAL J 441 -23.65 6.49 -47.02
C VAL J 441 -22.90 6.34 -48.34
N ARG J 442 -22.53 7.44 -48.99
CA ARG J 442 -21.68 7.33 -50.18
C ARG J 442 -20.33 6.73 -49.81
N ARG J 443 -19.75 7.17 -48.69
CA ARG J 443 -18.51 6.57 -48.24
C ARG J 443 -18.71 5.10 -47.87
N ALA J 444 -19.86 4.78 -47.27
CA ALA J 444 -20.08 3.46 -46.71
C ALA J 444 -20.31 2.38 -47.77
N LEU J 445 -20.85 2.74 -48.93
CA LEU J 445 -21.11 1.73 -49.96
C LEU J 445 -19.83 1.09 -50.48
N GLU J 446 -18.68 1.75 -50.32
CA GLU J 446 -17.41 1.20 -50.77
C GLU J 446 -16.81 0.21 -49.78
N GLU J 447 -17.32 0.15 -48.55
CA GLU J 447 -16.70 -0.71 -47.54
C GLU J 447 -16.73 -2.18 -47.91
N PRO J 448 -17.83 -2.74 -48.44
CA PRO J 448 -17.80 -4.16 -48.84
C PRO J 448 -16.69 -4.51 -49.82
N LEU J 449 -16.53 -3.76 -50.92
CA LEU J 449 -15.46 -4.05 -51.85
C LEU J 449 -14.10 -3.81 -51.21
N ARG J 450 -13.98 -2.72 -50.44
CA ARG J 450 -12.70 -2.40 -49.82
C ARG J 450 -12.25 -3.52 -48.89
N GLN J 451 -13.18 -4.11 -48.15
CA GLN J 451 -12.82 -5.20 -47.26
C GLN J 451 -12.72 -6.52 -47.98
N ILE J 452 -13.41 -6.69 -49.11
CA ILE J 452 -13.19 -7.88 -49.94
C ILE J 452 -11.74 -7.92 -50.39
N VAL J 453 -11.22 -6.78 -50.85
CA VAL J 453 -9.84 -6.73 -51.33
C VAL J 453 -8.81 -6.54 -50.22
N ALA J 454 -9.22 -6.07 -49.04
CA ALA J 454 -8.30 -5.98 -47.91
C ALA J 454 -8.13 -7.31 -47.19
N ASN J 455 -9.16 -8.16 -47.16
CA ASN J 455 -8.92 -9.55 -46.77
C ASN J 455 -8.01 -10.28 -47.74
N ALA J 456 -7.97 -9.84 -48.99
CA ALA J 456 -7.00 -10.37 -49.95
C ALA J 456 -5.61 -9.79 -49.77
N GLY J 457 -5.43 -8.81 -48.88
CA GLY J 457 -4.14 -8.27 -48.56
C GLY J 457 -3.69 -7.09 -49.40
N LEU J 458 -4.41 -6.77 -50.47
CA LEU J 458 -4.06 -5.66 -51.35
C LEU J 458 -4.68 -4.37 -50.84
N GLU J 459 -4.03 -3.26 -51.18
CA GLU J 459 -4.51 -1.95 -50.76
C GLU J 459 -5.75 -1.58 -51.56
N GLY J 460 -6.82 -1.21 -50.86
CA GLY J 460 -8.11 -1.03 -51.50
C GLY J 460 -8.28 0.24 -52.30
N SER J 461 -7.49 1.27 -51.99
CA SER J 461 -7.70 2.57 -52.63
C SER J 461 -7.52 2.49 -54.13
N VAL J 462 -6.47 1.82 -54.59
CA VAL J 462 -6.18 1.76 -56.02
C VAL J 462 -7.30 1.04 -56.76
N VAL J 463 -7.77 -0.09 -56.23
CA VAL J 463 -8.79 -0.84 -56.94
C VAL J 463 -10.12 -0.11 -56.92
N VAL J 464 -10.47 0.53 -55.80
CA VAL J 464 -11.72 1.26 -55.76
C VAL J 464 -11.69 2.45 -56.71
N ASN J 465 -10.54 3.13 -56.81
CA ASN J 465 -10.45 4.23 -57.77
C ASN J 465 -10.58 3.71 -59.19
N LYS J 466 -9.81 2.68 -59.54
CA LYS J 466 -9.80 2.18 -60.91
C LYS J 466 -11.13 1.54 -61.30
N VAL J 467 -11.92 1.07 -60.33
CA VAL J 467 -13.24 0.53 -60.64
C VAL J 467 -14.32 1.61 -60.62
N LYS J 468 -14.09 2.73 -59.91
CA LYS J 468 -14.94 3.89 -60.11
C LYS J 468 -14.76 4.47 -61.50
N GLU J 469 -13.53 4.44 -62.03
CA GLU J 469 -13.26 5.06 -63.32
C GLU J 469 -14.01 4.40 -64.47
N GLY J 470 -14.47 3.16 -64.32
CA GLY J 470 -15.10 2.45 -65.41
C GLY J 470 -16.57 2.79 -65.57
N LYS J 471 -17.22 2.06 -66.47
CA LYS J 471 -18.66 2.14 -66.66
C LYS J 471 -19.22 0.75 -66.93
N GLY J 472 -20.51 0.60 -66.68
CA GLY J 472 -21.22 -0.62 -67.06
C GLY J 472 -21.10 -1.73 -66.04
N ASN J 473 -20.59 -2.88 -66.47
CA ASN J 473 -20.34 -4.03 -65.60
C ASN J 473 -18.86 -4.30 -65.40
N PHE J 474 -18.01 -3.32 -65.69
CA PHE J 474 -16.60 -3.38 -65.32
C PHE J 474 -16.47 -3.57 -63.82
N GLY J 475 -15.61 -4.49 -63.40
CA GLY J 475 -15.43 -4.74 -61.99
C GLY J 475 -14.18 -5.55 -61.73
N TYR J 476 -13.90 -5.75 -60.44
CA TYR J 476 -12.72 -6.46 -59.97
C TYR J 476 -13.12 -7.86 -59.56
N ASN J 477 -12.47 -8.87 -60.15
CA ASN J 477 -12.69 -10.27 -59.80
C ASN J 477 -11.61 -10.66 -58.79
N ALA J 478 -12.01 -10.87 -57.54
CA ALA J 478 -11.05 -11.19 -56.49
C ALA J 478 -10.43 -12.57 -56.65
N ARG J 479 -10.99 -13.43 -57.51
CA ARG J 479 -10.43 -14.76 -57.67
C ARG J 479 -9.19 -14.70 -58.56
N THR J 480 -9.35 -14.27 -59.82
CA THR J 480 -8.27 -14.25 -60.80
C THR J 480 -7.47 -12.97 -60.81
N GLU J 481 -7.82 -11.97 -60.00
CA GLU J 481 -7.12 -10.69 -59.96
C GLU J 481 -7.13 -9.98 -61.31
N GLU J 482 -8.18 -10.19 -62.11
CA GLU J 482 -8.39 -9.51 -63.36
C GLU J 482 -9.42 -8.40 -63.16
N TYR J 483 -9.84 -7.78 -64.25
CA TYR J 483 -10.67 -6.58 -64.23
C TYR J 483 -11.83 -6.70 -65.22
N ASP J 484 -12.56 -7.81 -65.16
CA ASP J 484 -13.76 -7.97 -65.96
C ASP J 484 -14.74 -8.89 -65.25
N LEU J 485 -16.02 -8.50 -65.22
CA LEU J 485 -17.09 -9.31 -64.62
C LEU J 485 -18.32 -9.43 -65.51
N ILE J 486 -18.22 -9.09 -66.81
CA ILE J 486 -19.43 -9.01 -67.62
C ILE J 486 -19.99 -10.43 -67.86
N GLU J 487 -19.22 -11.29 -68.54
CA GLU J 487 -19.53 -12.72 -68.62
C GLU J 487 -18.69 -13.55 -67.66
N ALA J 488 -17.78 -12.96 -66.90
CA ALA J 488 -16.77 -13.74 -66.18
C ALA J 488 -17.38 -14.72 -65.18
N GLY J 489 -18.62 -14.52 -64.77
CA GLY J 489 -19.32 -15.50 -63.99
C GLY J 489 -19.24 -15.29 -62.50
N VAL J 490 -18.99 -14.07 -62.05
CA VAL J 490 -19.13 -13.69 -60.65
C VAL J 490 -20.32 -12.75 -60.57
N ILE J 491 -21.38 -13.17 -59.88
CA ILE J 491 -22.61 -12.42 -59.77
C ILE J 491 -23.23 -12.66 -58.40
N ASP J 492 -24.10 -11.74 -58.01
CA ASP J 492 -24.95 -11.87 -56.84
C ASP J 492 -26.38 -11.56 -57.24
N PRO J 493 -27.38 -12.12 -56.55
CA PRO J 493 -28.75 -11.66 -56.80
C PRO J 493 -28.91 -10.20 -56.43
N ALA J 494 -29.75 -9.50 -57.18
CA ALA J 494 -30.06 -8.12 -56.82
C ALA J 494 -30.81 -8.06 -55.50
N LYS J 495 -31.62 -9.08 -55.22
CA LYS J 495 -32.43 -9.09 -54.00
C LYS J 495 -31.56 -9.08 -52.76
N VAL J 496 -30.50 -9.89 -52.74
CA VAL J 496 -29.71 -9.99 -51.52
C VAL J 496 -28.96 -8.69 -51.26
N THR J 497 -28.43 -8.05 -52.31
CA THR J 497 -27.75 -6.78 -52.11
C THR J 497 -28.73 -5.70 -51.65
N ARG J 498 -29.90 -5.66 -52.27
CA ARG J 498 -30.90 -4.67 -51.88
C ARG J 498 -31.31 -4.86 -50.43
N THR J 499 -31.62 -6.09 -50.03
CA THR J 499 -32.07 -6.32 -48.67
C THR J 499 -30.97 -6.08 -47.66
N ALA J 500 -29.73 -6.46 -48.00
CA ALA J 500 -28.62 -6.22 -47.09
C ALA J 500 -28.42 -4.73 -46.87
N LEU J 501 -28.48 -3.95 -47.96
CA LEU J 501 -28.34 -2.51 -47.82
C LEU J 501 -29.48 -1.94 -46.98
N GLN J 502 -30.70 -2.40 -47.22
CA GLN J 502 -31.85 -1.87 -46.51
C GLN J 502 -31.76 -2.17 -45.01
N ASN J 503 -31.40 -3.39 -44.65
CA ASN J 503 -31.28 -3.73 -43.24
C ASN J 503 -30.12 -3.01 -42.58
N ALA J 504 -28.99 -2.85 -43.27
CA ALA J 504 -27.89 -2.08 -42.71
C ALA J 504 -28.31 -0.64 -42.46
N ALA J 505 -29.05 -0.05 -43.40
CA ALA J 505 -29.54 1.31 -43.21
C ALA J 505 -30.51 1.38 -42.04
N SER J 506 -31.39 0.39 -41.92
CA SER J 506 -32.37 0.40 -40.83
C SER J 506 -31.67 0.32 -39.48
N ILE J 507 -30.70 -0.58 -39.34
CA ILE J 507 -30.01 -0.68 -38.05
C ILE J 507 -29.16 0.55 -37.80
N ALA J 508 -28.56 1.15 -38.83
CA ALA J 508 -27.78 2.36 -38.63
C ALA J 508 -28.66 3.50 -38.15
N GLY J 509 -29.83 3.68 -38.78
CA GLY J 509 -30.74 4.71 -38.32
C GLY J 509 -31.28 4.44 -36.93
N MET J 510 -31.58 3.18 -36.63
CA MET J 510 -32.10 2.82 -35.32
C MET J 510 -31.05 2.92 -34.23
N LEU J 511 -29.76 2.92 -34.59
CA LEU J 511 -28.68 3.05 -33.62
C LEU J 511 -28.20 4.48 -33.45
N LEU J 512 -28.23 5.28 -34.51
CA LEU J 512 -27.89 6.70 -34.38
C LEU J 512 -28.93 7.48 -33.60
N THR J 513 -30.12 6.93 -33.42
CA THR J 513 -31.26 7.63 -32.80
C THR J 513 -31.64 6.98 -31.48
N THR J 514 -30.64 6.62 -30.68
CA THR J 514 -30.84 6.10 -29.33
C THR J 514 -30.20 7.02 -28.32
N GLU J 515 -30.82 7.12 -27.15
CA GLU J 515 -30.32 7.96 -26.06
C GLU J 515 -30.42 7.26 -24.72
N CYS J 516 -30.68 5.96 -24.69
CA CYS J 516 -30.72 5.22 -23.44
C CYS J 516 -30.61 3.73 -23.74
N VAL J 517 -29.75 3.05 -22.97
CA VAL J 517 -29.65 1.60 -22.99
C VAL J 517 -29.71 1.13 -21.55
N ILE J 518 -30.37 0.00 -21.31
CA ILE J 518 -30.65 -0.51 -19.98
C ILE J 518 -30.20 -1.96 -19.91
N THR J 519 -29.47 -2.31 -18.86
CA THR J 519 -28.97 -3.67 -18.63
C THR J 519 -29.15 -4.03 -17.16
N GLU J 520 -29.48 -5.30 -16.91
CA GLU J 520 -29.55 -5.80 -15.55
C GLU J 520 -28.16 -6.26 -15.11
N LYS J 521 -27.75 -5.81 -13.94
CA LYS J 521 -26.40 -6.12 -13.47
C LYS J 521 -26.38 -7.57 -13.01
N PRO J 522 -25.64 -8.49 -13.67
CA PRO J 522 -25.64 -9.94 -13.32
C PRO J 522 -24.78 -10.18 -12.08
N ALA K 1 -19.97 -13.39 -21.84
CA ALA K 1 -18.85 -14.27 -21.40
C ALA K 1 -18.19 -14.96 -22.58
N LYS K 2 -17.40 -14.20 -23.34
CA LYS K 2 -16.65 -14.75 -24.46
C LYS K 2 -15.51 -13.80 -24.82
N GLN K 3 -14.28 -14.32 -24.76
CA GLN K 3 -13.10 -13.54 -25.10
C GLN K 3 -12.82 -13.65 -26.59
N ILE K 4 -12.75 -12.50 -27.27
CA ILE K 4 -12.48 -12.42 -28.70
C ILE K 4 -11.16 -11.67 -28.86
N LYS K 5 -10.23 -12.28 -29.59
CA LYS K 5 -8.94 -11.69 -29.91
C LYS K 5 -8.84 -11.48 -31.42
N PHE K 6 -7.98 -10.55 -31.82
CA PHE K 6 -7.95 -10.05 -33.20
C PHE K 6 -6.51 -9.83 -33.63
N ASP K 7 -6.34 -9.71 -34.94
CA ASP K 7 -5.11 -9.18 -35.52
C ASP K 7 -3.95 -10.14 -35.24
N THR K 8 -2.74 -9.63 -35.00
CA THR K 8 -1.60 -10.49 -34.72
C THR K 8 -1.56 -10.95 -33.28
N ASP K 9 -2.37 -10.39 -32.38
CA ASP K 9 -2.41 -10.88 -31.02
C ASP K 9 -2.92 -12.31 -30.95
N ALA K 10 -3.99 -12.60 -31.70
CA ALA K 10 -4.51 -13.97 -31.75
C ALA K 10 -3.49 -14.91 -32.36
N ARG K 11 -2.81 -14.48 -33.41
CA ARG K 11 -1.80 -15.33 -34.03
C ARG K 11 -0.64 -15.58 -33.08
N ASN K 12 -0.26 -14.57 -32.28
CA ASN K 12 0.78 -14.77 -31.28
C ASN K 12 0.35 -15.76 -30.22
N ALA K 13 -0.91 -15.69 -29.78
CA ALA K 13 -1.41 -16.67 -28.83
C ALA K 13 -1.36 -18.07 -29.41
N LEU K 14 -1.80 -18.22 -30.67
CA LEU K 14 -1.74 -19.52 -31.31
C LEU K 14 -0.32 -20.02 -31.43
N LEU K 15 0.61 -19.13 -31.80
CA LEU K 15 2.01 -19.53 -31.90
C LEU K 15 2.55 -19.96 -30.55
N ARG K 16 2.17 -19.27 -29.47
CA ARG K 16 2.62 -19.68 -28.15
C ARG K 16 2.11 -21.08 -27.81
N GLY K 17 0.85 -21.34 -28.11
CA GLY K 17 0.31 -22.67 -27.83
C GLY K 17 1.01 -23.75 -28.62
N VAL K 18 1.20 -23.51 -29.92
CA VAL K 18 1.87 -24.50 -30.76
C VAL K 18 3.32 -24.68 -30.31
N ASP K 19 3.96 -23.59 -29.89
CA ASP K 19 5.34 -23.67 -29.42
C ASP K 19 5.44 -24.54 -28.19
N LYS K 20 4.53 -24.35 -27.23
CA LYS K 20 4.56 -25.18 -26.03
C LYS K 20 4.29 -26.63 -26.36
N LEU K 21 3.29 -26.90 -27.20
CA LEU K 21 2.98 -28.28 -27.55
C LEU K 21 4.15 -28.95 -28.26
N ALA K 22 4.73 -28.27 -29.26
CA ALA K 22 5.82 -28.88 -29.99
C ALA K 22 7.03 -29.09 -29.10
N ASP K 23 7.39 -28.09 -28.29
CA ASP K 23 8.51 -28.27 -27.37
C ASP K 23 8.27 -29.42 -26.41
N ALA K 24 7.00 -29.67 -26.04
CA ALA K 24 6.71 -30.85 -25.24
C ALA K 24 6.92 -32.12 -26.05
N VAL K 25 6.54 -32.13 -27.32
CA VAL K 25 6.49 -33.37 -28.10
C VAL K 25 7.77 -33.60 -28.89
N LYS K 26 8.42 -32.54 -29.35
CA LYS K 26 9.54 -32.67 -30.27
C LYS K 26 10.83 -33.09 -29.60
N VAL K 27 10.88 -33.14 -28.27
CA VAL K 27 12.08 -33.63 -27.60
C VAL K 27 12.28 -35.13 -27.83
N THR K 28 11.23 -35.85 -28.19
CA THR K 28 11.29 -37.31 -28.33
C THR K 28 11.69 -37.76 -29.73
N LEU K 29 11.84 -36.84 -30.68
CA LEU K 29 12.10 -37.24 -32.05
C LEU K 29 13.51 -37.80 -32.18
N GLY K 30 13.63 -38.90 -32.93
CA GLY K 30 14.91 -39.50 -33.21
C GLY K 30 15.26 -40.59 -32.22
N PRO K 31 16.24 -41.44 -32.58
CA PRO K 31 16.58 -42.56 -31.70
C PRO K 31 17.20 -42.13 -30.39
N LYS K 32 17.91 -41.00 -30.35
CA LYS K 32 18.55 -40.50 -29.15
C LYS K 32 17.68 -39.46 -28.47
N GLY K 33 16.37 -39.60 -28.59
CA GLY K 33 15.46 -38.67 -27.96
C GLY K 33 15.50 -38.78 -26.45
N ARG K 34 15.02 -37.73 -25.81
CA ARG K 34 15.05 -37.60 -24.37
C ARG K 34 13.68 -37.88 -23.78
N ASN K 35 13.67 -38.17 -22.49
CA ASN K 35 12.47 -38.63 -21.80
C ASN K 35 11.54 -37.48 -21.47
N VAL K 36 10.26 -37.81 -21.31
CA VAL K 36 9.23 -36.86 -20.89
C VAL K 36 8.41 -37.53 -19.80
N ILE K 37 8.29 -36.86 -18.66
CA ILE K 37 7.55 -37.39 -17.51
C ILE K 37 6.11 -36.90 -17.58
N ILE K 38 5.17 -37.84 -17.50
CA ILE K 38 3.74 -37.55 -17.51
C ILE K 38 3.21 -37.84 -16.11
N GLU K 39 2.58 -36.85 -15.49
CA GLU K 39 2.05 -37.02 -14.15
C GLU K 39 0.68 -37.68 -14.23
N LYS K 40 0.50 -38.77 -13.49
CA LYS K 40 -0.73 -39.54 -13.50
C LYS K 40 -1.56 -39.18 -12.27
N LYS K 41 -2.88 -39.24 -12.44
CA LYS K 41 -3.78 -38.89 -11.35
C LYS K 41 -3.57 -39.80 -10.14
N PHE K 42 -3.38 -41.09 -10.39
CA PHE K 42 -3.08 -42.07 -9.36
C PHE K 42 -1.95 -42.94 -9.84
N GLY K 43 -1.02 -43.26 -8.95
CA GLY K 43 0.08 -44.15 -9.26
C GLY K 43 1.35 -43.41 -9.61
N ALA K 44 2.35 -44.19 -9.99
CA ALA K 44 3.66 -43.61 -10.27
C ALA K 44 3.63 -42.80 -11.55
N PRO K 45 4.51 -41.80 -11.69
CA PRO K 45 4.61 -41.10 -12.98
C PRO K 45 5.18 -42.02 -14.04
N THR K 46 4.82 -41.75 -15.29
CA THR K 46 5.21 -42.56 -16.43
C THR K 46 6.29 -41.85 -17.22
N ILE K 47 7.15 -42.64 -17.86
CA ILE K 47 8.28 -42.15 -18.65
C ILE K 47 8.03 -42.59 -20.08
N THR K 48 8.14 -41.65 -21.01
CA THR K 48 7.90 -41.92 -22.42
C THR K 48 8.97 -41.26 -23.27
N LYS K 49 9.47 -42.03 -24.24
CA LYS K 49 10.29 -41.51 -25.33
C LYS K 49 9.53 -41.45 -26.65
N ASP K 50 8.21 -41.64 -26.62
CA ASP K 50 7.40 -41.75 -27.82
C ASP K 50 6.48 -40.54 -27.84
N GLY K 51 6.52 -39.81 -28.96
CA GLY K 51 5.83 -38.53 -29.04
C GLY K 51 4.31 -38.64 -28.98
N VAL K 52 3.73 -39.68 -29.58
CA VAL K 52 2.28 -39.75 -29.64
C VAL K 52 1.65 -39.88 -28.26
N THR K 53 2.35 -40.46 -27.30
CA THR K 53 1.86 -40.47 -25.92
C THR K 53 1.93 -39.07 -25.30
N VAL K 54 2.94 -38.28 -25.65
CA VAL K 54 3.08 -36.96 -25.07
C VAL K 54 1.99 -36.03 -25.57
N ALA K 55 1.64 -36.14 -26.86
CA ALA K 55 0.67 -35.23 -27.44
C ALA K 55 -0.70 -35.38 -26.80
N LYS K 56 -1.14 -36.62 -26.57
CA LYS K 56 -2.48 -36.86 -26.06
C LYS K 56 -2.68 -36.35 -24.64
N GLU K 57 -1.61 -36.04 -23.91
CA GLU K 57 -1.68 -35.68 -22.51
C GLU K 57 -1.42 -34.20 -22.27
N ILE K 58 -1.57 -33.37 -23.31
CA ILE K 58 -1.23 -31.95 -23.27
C ILE K 58 -2.51 -31.15 -23.43
N GLU K 59 -2.74 -30.22 -22.51
CA GLU K 59 -3.79 -29.22 -22.62
C GLU K 59 -3.39 -28.08 -21.70
N LEU K 60 -3.47 -26.85 -22.19
CA LEU K 60 -2.88 -25.70 -21.53
C LEU K 60 -3.96 -24.90 -20.81
N GLU K 61 -3.52 -24.10 -19.84
CA GLU K 61 -4.47 -23.35 -19.01
C GLU K 61 -5.07 -22.16 -19.73
N ASP K 62 -4.29 -21.50 -20.60
CA ASP K 62 -4.81 -20.37 -21.36
C ASP K 62 -5.65 -20.92 -22.51
N PRO K 63 -6.95 -20.58 -22.61
CA PRO K 63 -7.77 -21.24 -23.64
C PRO K 63 -7.30 -21.00 -25.05
N PHE K 64 -6.71 -19.84 -25.35
CA PHE K 64 -6.23 -19.59 -26.71
C PHE K 64 -5.06 -20.52 -27.03
N GLU K 65 -4.09 -20.58 -26.13
CA GLU K 65 -2.95 -21.48 -26.31
C GLU K 65 -3.42 -22.92 -26.39
N ASN K 66 -4.34 -23.32 -25.52
CA ASN K 66 -4.83 -24.68 -25.51
C ASN K 66 -5.53 -25.02 -26.82
N MET K 67 -6.33 -24.10 -27.33
CA MET K 67 -7.04 -24.32 -28.59
C MET K 67 -6.07 -24.45 -29.77
N GLY K 68 -5.04 -23.61 -29.82
CA GLY K 68 -4.03 -23.77 -30.85
C GLY K 68 -3.33 -25.11 -30.78
N ALA K 69 -2.96 -25.52 -29.56
CA ALA K 69 -2.34 -26.83 -29.38
C ALA K 69 -3.29 -27.95 -29.78
N GLN K 70 -4.57 -27.81 -29.44
CA GLN K 70 -5.53 -28.85 -29.79
C GLN K 70 -5.65 -29.00 -31.30
N MET K 71 -5.66 -27.90 -32.04
CA MET K 71 -5.77 -28.04 -33.48
C MET K 71 -4.50 -28.62 -34.09
N VAL K 72 -3.32 -28.22 -33.61
CA VAL K 72 -2.11 -28.81 -34.19
C VAL K 72 -2.05 -30.30 -33.84
N LYS K 73 -2.56 -30.68 -32.67
CA LYS K 73 -2.75 -32.09 -32.38
C LYS K 73 -3.66 -32.75 -33.42
N GLU K 74 -4.82 -32.15 -33.67
CA GLU K 74 -5.83 -32.79 -34.50
C GLU K 74 -5.34 -33.00 -35.92
N VAL K 75 -4.69 -31.99 -36.49
CA VAL K 75 -4.07 -32.19 -37.80
C VAL K 75 -2.89 -33.15 -37.73
N ALA K 76 -2.14 -33.18 -36.62
CA ALA K 76 -0.99 -34.07 -36.54
C ALA K 76 -1.41 -35.53 -36.57
N SER K 77 -2.49 -35.89 -35.89
CA SER K 77 -2.92 -37.28 -35.78
C SER K 77 -3.47 -37.84 -37.08
N LYS K 78 -3.72 -37.02 -38.09
CA LYS K 78 -4.28 -37.50 -39.34
C LYS K 78 -3.26 -38.23 -40.21
N THR K 79 -1.99 -38.25 -39.83
CA THR K 79 -1.03 -39.12 -40.47
C THR K 79 -1.39 -40.58 -40.18
N SER K 80 -1.07 -41.46 -41.13
CA SER K 80 -1.45 -42.85 -41.00
C SER K 80 -0.70 -43.55 -39.87
N ASP K 81 0.62 -43.38 -39.84
CA ASP K 81 1.44 -44.12 -38.89
C ASP K 81 1.17 -43.67 -37.46
N VAL K 82 1.24 -44.63 -36.54
CA VAL K 82 1.15 -44.38 -35.11
C VAL K 82 2.36 -44.90 -34.35
N ALA K 83 3.27 -45.62 -35.01
CA ALA K 83 4.41 -46.22 -34.32
C ALA K 83 5.35 -45.15 -33.76
N GLY K 84 5.68 -44.15 -34.58
CA GLY K 84 6.60 -43.11 -34.13
C GLY K 84 7.14 -42.26 -35.27
N ASP K 85 7.46 -41.01 -34.95
CA ASP K 85 8.02 -40.03 -35.90
C ASP K 85 7.05 -39.68 -37.02
N GLY K 86 5.77 -40.01 -36.86
CA GLY K 86 4.75 -39.63 -37.83
C GLY K 86 4.08 -38.34 -37.44
N THR K 87 3.59 -38.27 -36.21
CA THR K 87 2.98 -37.06 -35.69
C THR K 87 4.00 -36.06 -35.16
N THR K 88 5.08 -36.54 -34.57
CA THR K 88 6.11 -35.62 -34.05
C THR K 88 6.77 -34.85 -35.18
N THR K 89 7.06 -35.52 -36.29
CA THR K 89 7.64 -34.83 -37.44
C THR K 89 6.68 -33.78 -37.99
N ALA K 90 5.39 -34.12 -38.05
CA ALA K 90 4.40 -33.16 -38.52
C ALA K 90 4.33 -31.95 -37.59
N THR K 91 4.37 -32.18 -36.29
CA THR K 91 4.34 -31.06 -35.34
C THR K 91 5.59 -30.20 -35.47
N VAL K 92 6.75 -30.83 -35.68
CA VAL K 92 7.98 -30.08 -35.86
C VAL K 92 7.87 -29.18 -37.08
N LEU K 93 7.42 -29.76 -38.20
CA LEU K 93 7.33 -28.98 -39.43
C LEU K 93 6.32 -27.85 -39.27
N ALA K 94 5.20 -28.12 -38.61
CA ALA K 94 4.20 -27.08 -38.38
C ALA K 94 4.77 -25.95 -37.54
N GLN K 95 5.50 -26.28 -36.48
CA GLN K 95 6.10 -25.27 -35.64
C GLN K 95 7.07 -24.41 -36.43
N ALA K 96 7.94 -25.05 -37.22
CA ALA K 96 8.94 -24.30 -37.98
C ALA K 96 8.28 -23.37 -38.99
N ILE K 97 7.34 -23.90 -39.77
CA ILE K 97 6.70 -23.09 -40.80
C ILE K 97 5.91 -21.95 -40.15
N VAL K 98 5.20 -22.23 -39.05
CA VAL K 98 4.39 -21.19 -38.42
C VAL K 98 5.27 -20.08 -37.87
N ARG K 99 6.37 -20.44 -37.19
CA ARG K 99 7.22 -19.40 -36.62
C ARG K 99 7.86 -18.55 -37.72
N GLU K 100 8.37 -19.20 -38.77
CA GLU K 100 8.99 -18.42 -39.84
C GLU K 100 7.95 -17.56 -40.55
N GLY K 101 6.76 -18.10 -40.80
CA GLY K 101 5.73 -17.33 -41.46
C GLY K 101 5.28 -16.13 -40.65
N LEU K 102 5.18 -16.28 -39.33
CA LEU K 102 4.76 -15.15 -38.51
C LEU K 102 5.88 -14.12 -38.40
N LYS K 103 7.12 -14.57 -38.28
CA LYS K 103 8.22 -13.62 -38.28
C LYS K 103 8.30 -12.87 -39.60
N ASN K 104 7.86 -13.50 -40.70
CA ASN K 104 7.85 -12.83 -41.99
C ASN K 104 6.64 -11.94 -42.20
N VAL K 105 5.48 -12.30 -41.65
CA VAL K 105 4.32 -11.43 -41.76
C VAL K 105 4.47 -10.20 -40.86
N ALA K 106 5.25 -10.31 -39.79
CA ALA K 106 5.63 -9.11 -39.06
C ALA K 106 6.41 -8.14 -39.94
N ALA K 107 7.11 -8.62 -40.96
CA ALA K 107 7.87 -7.79 -41.88
C ALA K 107 7.02 -7.25 -43.02
N GLY K 108 5.71 -7.46 -43.00
CA GLY K 108 4.83 -6.87 -43.97
C GLY K 108 4.46 -7.74 -45.15
N ALA K 109 4.80 -9.01 -45.14
CA ALA K 109 4.45 -9.89 -46.23
C ALA K 109 2.95 -10.22 -46.21
N ASN K 110 2.39 -10.41 -47.39
CA ASN K 110 0.99 -10.79 -47.51
C ASN K 110 0.81 -12.21 -46.99
N PRO K 111 -0.05 -12.44 -45.98
CA PRO K 111 -0.22 -13.83 -45.51
C PRO K 111 -0.77 -14.76 -46.56
N MET K 112 -1.68 -14.29 -47.42
CA MET K 112 -2.29 -15.18 -48.40
C MET K 112 -1.28 -15.64 -49.44
N ASP K 113 -0.42 -14.73 -49.89
CA ASP K 113 0.62 -15.15 -50.83
C ASP K 113 1.64 -16.05 -50.15
N LEU K 114 1.91 -15.84 -48.86
CA LEU K 114 2.77 -16.77 -48.14
C LEU K 114 2.17 -18.16 -48.11
N LYS K 115 0.86 -18.26 -47.85
CA LYS K 115 0.20 -19.55 -47.86
C LYS K 115 0.26 -20.20 -49.24
N ARG K 116 0.02 -19.41 -50.29
CA ARG K 116 0.03 -19.96 -51.63
C ARG K 116 1.43 -20.46 -52.00
N GLY K 117 2.46 -19.70 -51.63
CA GLY K 117 3.82 -20.15 -51.89
C GLY K 117 4.17 -21.41 -51.12
N ILE K 118 3.73 -21.50 -49.86
CA ILE K 118 3.99 -22.69 -49.07
C ILE K 118 3.33 -23.89 -49.72
N ASP K 119 2.08 -23.73 -50.17
CA ASP K 119 1.38 -24.84 -50.82
C ASP K 119 2.07 -25.25 -52.11
N LYS K 120 2.49 -24.28 -52.93
CA LYS K 120 3.13 -24.60 -54.20
C LYS K 120 4.44 -25.33 -53.97
N ALA K 121 5.25 -24.85 -53.03
CA ALA K 121 6.52 -25.52 -52.77
C ALA K 121 6.31 -26.88 -52.12
N VAL K 122 5.24 -27.04 -51.35
CA VAL K 122 4.93 -28.35 -50.79
C VAL K 122 4.53 -29.31 -51.91
N GLU K 123 3.82 -28.80 -52.91
CA GLU K 123 3.52 -29.60 -54.10
C GLU K 123 4.82 -30.03 -54.79
N ALA K 124 5.75 -29.10 -54.93
CA ALA K 124 7.04 -29.44 -55.54
C ALA K 124 7.75 -30.52 -54.73
N VAL K 125 7.77 -30.37 -53.42
CA VAL K 125 8.44 -31.34 -52.55
C VAL K 125 7.75 -32.69 -52.63
N VAL K 126 6.42 -32.71 -52.68
CA VAL K 126 5.70 -33.98 -52.71
C VAL K 126 5.99 -34.72 -54.01
N GLU K 127 6.01 -34.01 -55.13
CA GLU K 127 6.37 -34.67 -56.38
C GLU K 127 7.83 -35.15 -56.38
N GLU K 128 8.75 -34.36 -55.83
CA GLU K 128 10.13 -34.82 -55.72
C GLU K 128 10.22 -36.07 -54.86
N LEU K 129 9.46 -36.10 -53.76
CA LEU K 129 9.44 -37.27 -52.88
C LEU K 129 8.89 -38.49 -53.58
N LYS K 130 7.84 -38.30 -54.37
CA LYS K 130 7.30 -39.41 -55.16
C LYS K 130 8.32 -39.94 -56.14
N LYS K 131 9.08 -39.04 -56.78
CA LYS K 131 10.05 -39.49 -57.77
C LYS K 131 11.23 -40.21 -57.11
N MET K 132 11.72 -39.70 -55.98
CA MET K 132 12.96 -40.22 -55.42
C MET K 132 12.77 -41.54 -54.69
N ALA K 133 11.59 -41.78 -54.13
CA ALA K 133 11.38 -42.94 -53.27
C ALA K 133 11.60 -44.24 -54.04
N LYS K 134 12.35 -45.16 -53.44
CA LYS K 134 12.55 -46.47 -54.02
C LYS K 134 11.29 -47.31 -53.79
N PRO K 135 10.72 -47.93 -54.82
CA PRO K 135 9.54 -48.77 -54.58
C PRO K 135 9.95 -50.16 -54.10
N VAL K 136 9.03 -50.79 -53.37
CA VAL K 136 9.22 -52.13 -52.84
C VAL K 136 8.21 -53.05 -53.54
N ASN K 137 8.73 -54.04 -54.26
CA ASN K 137 7.91 -54.94 -55.09
C ASN K 137 8.69 -56.25 -55.22
N GLY K 138 8.33 -57.22 -54.40
CA GLY K 138 9.00 -58.51 -54.40
C GLY K 138 9.20 -59.10 -53.03
N LYS K 139 9.04 -60.42 -52.93
CA LYS K 139 9.06 -61.14 -51.67
C LYS K 139 10.31 -60.81 -50.84
N GLU K 140 11.48 -60.87 -51.47
CA GLU K 140 12.73 -60.59 -50.76
C GLU K 140 12.75 -59.17 -50.18
N GLU K 141 12.34 -58.17 -50.96
CA GLU K 141 12.44 -56.79 -50.48
C GLU K 141 11.32 -56.41 -49.51
N ILE K 142 10.13 -57.01 -49.62
CA ILE K 142 9.17 -56.84 -48.53
C ILE K 142 9.75 -57.46 -47.26
N ALA K 143 10.45 -58.59 -47.37
CA ALA K 143 11.08 -59.15 -46.18
C ALA K 143 12.13 -58.19 -45.62
N GLN K 144 12.91 -57.56 -46.49
CA GLN K 144 13.93 -56.61 -46.02
C GLN K 144 13.29 -55.45 -45.29
N VAL K 145 12.22 -54.89 -45.85
CA VAL K 145 11.56 -53.75 -45.22
C VAL K 145 10.95 -54.17 -43.90
N ALA K 146 10.34 -55.36 -43.84
CA ALA K 146 9.78 -55.84 -42.59
C ALA K 146 10.86 -56.05 -41.53
N THR K 147 12.02 -56.60 -41.92
CA THR K 147 13.11 -56.77 -40.98
C THR K 147 13.60 -55.43 -40.43
N ILE K 148 13.77 -54.44 -41.30
CA ILE K 148 14.13 -53.11 -40.82
C ILE K 148 13.04 -52.56 -39.92
N SER K 149 11.79 -52.95 -40.16
CA SER K 149 10.69 -52.49 -39.33
C SER K 149 10.64 -53.21 -37.98
N ALA K 150 11.02 -54.49 -37.97
CA ALA K 150 10.87 -55.35 -36.79
C ALA K 150 12.14 -55.43 -35.95
N ASN K 151 12.95 -54.37 -35.95
CA ASN K 151 14.14 -54.30 -35.10
C ASN K 151 15.14 -55.41 -35.39
N ASN K 152 15.24 -55.82 -36.65
CA ASN K 152 16.23 -56.81 -37.10
C ASN K 152 16.07 -58.13 -36.35
N ASP K 153 14.91 -58.76 -36.60
CA ASP K 153 14.59 -60.06 -36.04
C ASP K 153 13.88 -60.85 -37.14
N PRO K 154 14.60 -61.60 -37.98
CA PRO K 154 14.03 -62.05 -39.27
C PRO K 154 12.71 -62.82 -39.21
N GLU K 155 12.37 -63.52 -38.13
CA GLU K 155 11.22 -64.41 -38.21
C GLU K 155 9.91 -63.64 -38.38
N ILE K 156 9.76 -62.52 -37.68
CA ILE K 156 8.55 -61.72 -37.84
C ILE K 156 8.46 -61.16 -39.26
N GLY K 157 9.59 -60.70 -39.79
CA GLY K 157 9.59 -60.19 -41.15
C GLY K 157 9.21 -61.24 -42.17
N LYS K 158 9.76 -62.45 -42.02
CA LYS K 158 9.42 -63.54 -42.91
C LYS K 158 7.94 -63.87 -42.81
N LEU K 159 7.41 -63.92 -41.59
CA LEU K 159 6.00 -64.24 -41.39
C LEU K 159 5.11 -63.21 -42.07
N ILE K 160 5.35 -61.93 -41.81
CA ILE K 160 4.46 -60.90 -42.34
C ILE K 160 4.59 -60.80 -43.85
N ALA K 161 5.81 -60.97 -44.37
CA ALA K 161 5.99 -60.96 -45.82
C ALA K 161 5.25 -62.12 -46.48
N GLU K 162 5.29 -63.30 -45.88
CA GLU K 162 4.55 -64.43 -46.45
C GLU K 162 3.05 -64.18 -46.37
N ALA K 163 2.59 -63.53 -45.29
CA ALA K 163 1.18 -63.18 -45.19
C ALA K 163 0.77 -62.24 -46.32
N MET K 164 1.58 -61.21 -46.56
CA MET K 164 1.31 -60.28 -47.65
C MET K 164 1.31 -60.98 -49.00
N GLU K 165 2.28 -61.87 -49.23
CA GLU K 165 2.37 -62.57 -50.50
C GLU K 165 1.14 -63.45 -50.70
N LYS K 166 0.71 -64.16 -49.65
CA LYS K 166 -0.42 -65.06 -49.79
C LYS K 166 -1.72 -64.30 -50.03
N VAL K 167 -2.00 -63.29 -49.22
CA VAL K 167 -3.25 -62.54 -49.38
C VAL K 167 -3.16 -61.56 -50.53
N GLY K 168 -2.21 -60.63 -50.49
CA GLY K 168 -2.01 -59.70 -51.58
C GLY K 168 -1.53 -58.33 -51.14
N LYS K 169 -1.41 -57.42 -52.11
CA LYS K 169 -0.92 -56.08 -51.82
C LYS K 169 -1.92 -55.29 -50.98
N ASP K 170 -3.18 -55.30 -51.40
CA ASP K 170 -4.21 -54.43 -50.83
C ASP K 170 -5.17 -55.20 -49.91
N GLY K 171 -4.91 -56.45 -49.61
CA GLY K 171 -5.81 -57.25 -48.82
C GLY K 171 -5.72 -56.90 -47.34
N VAL K 172 -6.48 -57.66 -46.55
CA VAL K 172 -6.66 -57.40 -45.12
C VAL K 172 -5.91 -58.46 -44.32
N ILE K 173 -5.15 -58.00 -43.33
CA ILE K 173 -4.43 -58.84 -42.39
C ILE K 173 -4.91 -58.45 -40.99
N THR K 174 -5.04 -59.45 -40.11
CA THR K 174 -5.43 -59.20 -38.72
C THR K 174 -4.63 -60.11 -37.80
N VAL K 175 -4.39 -59.64 -36.59
CA VAL K 175 -3.50 -60.28 -35.64
C VAL K 175 -4.26 -60.58 -34.36
N GLU K 176 -4.06 -61.79 -33.83
CA GLU K 176 -4.76 -62.29 -32.66
C GLU K 176 -3.76 -62.69 -31.59
N GLU K 177 -4.17 -62.50 -30.34
CA GLU K 177 -3.46 -63.06 -29.20
C GLU K 177 -3.77 -64.55 -29.15
N SER K 178 -2.77 -65.38 -29.40
CA SER K 178 -2.97 -66.81 -29.59
C SER K 178 -2.95 -67.50 -28.22
N LYS K 179 -2.89 -68.83 -28.24
CA LYS K 179 -2.75 -69.65 -27.04
C LYS K 179 -1.54 -70.56 -27.05
N SER K 180 -0.72 -70.52 -28.10
CA SER K 180 0.47 -71.36 -28.22
C SER K 180 1.73 -70.51 -28.12
N THR K 181 2.86 -71.19 -27.96
CA THR K 181 4.16 -70.54 -28.03
C THR K 181 4.64 -70.34 -29.46
N GLU K 182 4.06 -71.04 -30.43
CA GLU K 182 4.40 -70.90 -31.83
C GLU K 182 3.51 -69.86 -32.50
N THR K 183 3.90 -69.46 -33.70
CA THR K 183 3.14 -68.52 -34.52
C THR K 183 2.67 -69.24 -35.77
N THR K 184 1.36 -69.22 -36.02
CA THR K 184 0.75 -69.87 -37.17
C THR K 184 0.02 -68.84 -38.01
N LEU K 185 0.01 -69.08 -39.32
CA LEU K 185 -0.56 -68.16 -40.31
C LEU K 185 -1.51 -68.94 -41.20
N ASP K 186 -2.79 -68.56 -41.18
CA ASP K 186 -3.82 -69.20 -41.98
C ASP K 186 -4.54 -68.14 -42.80
N VAL K 187 -4.92 -68.53 -44.02
CA VAL K 187 -5.73 -67.70 -44.90
C VAL K 187 -7.14 -68.24 -44.85
N VAL K 188 -8.00 -67.56 -44.08
CA VAL K 188 -9.39 -67.99 -43.88
C VAL K 188 -10.30 -66.97 -44.54
N GLU K 189 -11.59 -67.24 -44.52
CA GLU K 189 -12.59 -66.40 -45.18
C GLU K 189 -13.18 -65.40 -44.20
N GLY K 190 -13.49 -64.22 -44.72
CA GLY K 190 -13.99 -63.14 -43.91
C GLY K 190 -14.33 -61.94 -44.79
N MET K 191 -14.54 -60.81 -44.14
CA MET K 191 -14.90 -59.59 -44.84
C MET K 191 -14.36 -58.37 -44.11
N GLN K 192 -14.23 -57.26 -44.84
CA GLN K 192 -13.94 -55.96 -44.27
C GLN K 192 -14.88 -54.96 -44.92
N PHE K 193 -15.39 -54.02 -44.13
CA PHE K 193 -16.18 -52.92 -44.66
C PHE K 193 -15.82 -51.65 -43.92
N ASP K 194 -15.93 -50.53 -44.64
CA ASP K 194 -15.35 -49.26 -44.19
C ASP K 194 -16.40 -48.41 -43.48
N ARG K 195 -16.77 -48.85 -42.28
CA ARG K 195 -17.64 -48.06 -41.41
C ARG K 195 -17.61 -48.68 -40.03
N GLY K 196 -17.30 -47.85 -39.04
CA GLY K 196 -17.00 -48.31 -37.70
C GLY K 196 -18.16 -48.24 -36.73
N TYR K 197 -17.82 -48.20 -35.45
CA TYR K 197 -18.82 -48.18 -34.39
C TYR K 197 -19.67 -46.92 -34.48
N LEU K 198 -20.92 -47.05 -34.00
CA LEU K 198 -21.86 -45.94 -33.99
C LEU K 198 -21.73 -45.05 -32.76
N SER K 199 -20.89 -45.39 -31.80
CA SER K 199 -20.60 -44.47 -30.70
C SER K 199 -19.25 -44.86 -30.10
N PRO K 200 -18.54 -43.91 -29.48
CA PRO K 200 -17.23 -44.26 -28.90
C PRO K 200 -17.32 -45.01 -27.59
N TYR K 201 -18.51 -45.18 -27.02
CA TYR K 201 -18.68 -45.84 -25.73
C TYR K 201 -18.75 -47.36 -25.85
N PHE K 202 -18.33 -47.91 -26.99
CA PHE K 202 -18.35 -49.35 -27.24
C PHE K 202 -16.97 -49.97 -27.24
N VAL K 203 -15.91 -49.17 -27.07
CA VAL K 203 -14.55 -49.68 -27.15
C VAL K 203 -14.31 -50.65 -26.01
N THR K 204 -13.73 -51.81 -26.36
CA THR K 204 -13.27 -52.76 -25.34
C THR K 204 -11.81 -52.51 -25.02
N ASP K 205 -10.95 -52.52 -26.03
CA ASP K 205 -9.53 -52.22 -25.87
C ASP K 205 -9.37 -50.71 -25.93
N SER K 206 -9.43 -50.07 -24.77
CA SER K 206 -9.24 -48.63 -24.68
C SER K 206 -7.80 -48.21 -24.96
N GLU K 207 -6.86 -49.15 -25.02
CA GLU K 207 -5.48 -48.78 -25.32
C GLU K 207 -5.34 -48.34 -26.77
N LYS K 208 -5.96 -49.07 -27.70
CA LYS K 208 -5.85 -48.80 -29.13
C LYS K 208 -7.18 -48.42 -29.78
N MET K 209 -8.20 -48.09 -28.98
CA MET K 209 -9.46 -47.54 -29.50
C MET K 209 -10.15 -48.53 -30.45
N GLU K 210 -10.21 -49.80 -30.04
CA GLU K 210 -10.84 -50.85 -30.83
C GLU K 210 -11.74 -51.70 -29.95
N ALA K 211 -12.85 -52.16 -30.53
CA ALA K 211 -13.77 -53.08 -29.87
C ALA K 211 -13.68 -54.42 -30.56
N VAL K 212 -13.34 -55.46 -29.80
CA VAL K 212 -13.19 -56.82 -30.30
C VAL K 212 -14.21 -57.70 -29.59
N LEU K 213 -14.95 -58.48 -30.38
CA LEU K 213 -15.98 -59.37 -29.87
C LEU K 213 -15.53 -60.82 -30.06
N GLU K 214 -15.56 -61.60 -28.98
CA GLU K 214 -15.12 -62.99 -29.00
C GLU K 214 -16.30 -63.89 -29.34
N ASN K 215 -16.32 -64.43 -30.55
CA ASN K 215 -17.37 -65.29 -31.06
C ASN K 215 -18.74 -64.63 -30.90
N PRO K 216 -19.04 -63.58 -31.69
CA PRO K 216 -20.32 -62.89 -31.56
C PRO K 216 -21.42 -63.52 -32.40
N TYR K 217 -22.63 -62.95 -32.33
CA TYR K 217 -23.74 -63.28 -33.21
C TYR K 217 -23.99 -62.10 -34.13
N ILE K 218 -23.99 -62.34 -35.44
CA ILE K 218 -24.20 -61.30 -36.44
C ILE K 218 -25.65 -61.36 -36.88
N LEU K 219 -26.36 -60.24 -36.73
CA LEU K 219 -27.71 -60.07 -37.26
C LEU K 219 -27.66 -59.20 -38.50
N ILE K 220 -28.61 -59.44 -39.40
CA ILE K 220 -28.62 -58.84 -40.74
C ILE K 220 -29.99 -58.19 -40.90
N TYR K 221 -30.04 -56.87 -40.78
CA TYR K 221 -31.26 -56.10 -40.98
C TYR K 221 -30.98 -54.97 -41.96
N ASP K 222 -32.04 -54.48 -42.61
CA ASP K 222 -31.95 -53.51 -43.70
C ASP K 222 -32.72 -52.22 -43.47
N LYS K 223 -33.63 -52.19 -42.51
CA LYS K 223 -34.47 -51.02 -42.25
C LYS K 223 -34.00 -50.32 -40.98
N LYS K 224 -34.62 -49.19 -40.67
CA LYS K 224 -34.13 -48.30 -39.64
C LYS K 224 -34.38 -48.88 -38.25
N ILE K 225 -33.40 -48.68 -37.37
CA ILE K 225 -33.53 -48.97 -35.94
C ILE K 225 -33.66 -47.63 -35.23
N SER K 226 -34.82 -47.39 -34.63
CA SER K 226 -35.03 -46.20 -33.80
C SER K 226 -35.68 -46.54 -32.45
N ASN K 227 -36.49 -47.58 -32.43
CA ASN K 227 -37.33 -47.91 -31.27
C ASN K 227 -36.84 -49.18 -30.59
N MET K 228 -36.93 -49.18 -29.26
CA MET K 228 -36.56 -50.35 -28.46
C MET K 228 -37.65 -51.42 -28.45
N LYS K 229 -38.88 -51.08 -28.83
CA LYS K 229 -39.99 -52.00 -28.67
C LYS K 229 -39.86 -53.23 -29.57
N ASP K 230 -39.26 -53.07 -30.74
CA ASP K 230 -39.10 -54.17 -31.69
C ASP K 230 -37.88 -55.03 -31.39
N LEU K 231 -37.06 -54.66 -30.41
CA LEU K 231 -35.77 -55.27 -30.18
C LEU K 231 -35.74 -56.22 -28.99
N LEU K 232 -36.87 -56.45 -28.32
CA LEU K 232 -36.87 -57.24 -27.09
C LEU K 232 -36.42 -58.68 -27.32
N PRO K 233 -37.13 -59.49 -28.10
CA PRO K 233 -36.84 -60.94 -28.09
C PRO K 233 -35.44 -61.27 -28.58
N ILE K 234 -34.88 -60.49 -29.50
CA ILE K 234 -33.51 -60.73 -29.94
C ILE K 234 -32.56 -60.60 -28.76
N LEU K 235 -32.71 -59.52 -27.98
CA LEU K 235 -31.85 -59.32 -26.82
C LEU K 235 -32.08 -60.41 -25.78
N GLU K 236 -33.34 -60.81 -25.56
CA GLU K 236 -33.60 -61.86 -24.58
C GLU K 236 -32.95 -63.18 -24.98
N LYS K 237 -33.14 -63.61 -26.24
CA LYS K 237 -32.59 -64.90 -26.64
C LYS K 237 -31.08 -64.85 -26.74
N VAL K 238 -30.50 -63.69 -27.06
CA VAL K 238 -29.05 -63.58 -27.05
C VAL K 238 -28.51 -63.66 -25.63
N ALA K 239 -29.17 -62.97 -24.68
CA ALA K 239 -28.73 -63.02 -23.30
C ALA K 239 -28.82 -64.43 -22.74
N GLN K 240 -29.91 -65.15 -23.07
CA GLN K 240 -29.98 -66.56 -22.72
C GLN K 240 -28.86 -67.36 -23.39
N SER K 241 -28.57 -67.05 -24.66
CA SER K 241 -27.43 -67.68 -25.32
C SER K 241 -26.11 -67.31 -24.64
N GLY K 242 -26.04 -66.13 -24.03
CA GLY K 242 -24.83 -65.73 -23.33
C GLY K 242 -23.62 -65.56 -24.22
N LYS K 243 -23.80 -65.08 -25.45
CA LYS K 243 -22.74 -64.73 -26.36
C LYS K 243 -22.91 -63.30 -26.84
N PRO K 244 -21.86 -62.67 -27.36
CA PRO K 244 -22.03 -61.31 -27.90
C PRO K 244 -22.87 -61.30 -29.17
N LEU K 245 -23.36 -60.11 -29.50
CA LEU K 245 -24.22 -59.90 -30.67
C LEU K 245 -23.71 -58.68 -31.42
N LEU K 246 -24.00 -58.63 -32.73
CA LEU K 246 -23.58 -57.53 -33.58
C LEU K 246 -24.76 -57.08 -34.43
N ILE K 247 -24.91 -55.75 -34.57
CA ILE K 247 -25.92 -55.14 -35.44
C ILE K 247 -25.23 -54.56 -36.65
N ILE K 248 -25.68 -54.97 -37.83
CA ILE K 248 -25.28 -54.37 -39.10
C ILE K 248 -26.59 -53.98 -39.77
N ALA K 249 -27.03 -52.75 -39.54
CA ALA K 249 -28.33 -52.25 -39.98
C ALA K 249 -28.15 -50.95 -40.73
N GLU K 250 -29.26 -50.42 -41.25
CA GLU K 250 -29.22 -49.17 -41.98
C GLU K 250 -28.75 -48.03 -41.08
N ASP K 251 -29.37 -47.89 -39.91
CA ASP K 251 -28.97 -46.87 -38.96
C ASP K 251 -29.63 -47.15 -37.62
N VAL K 252 -28.86 -46.99 -36.54
CA VAL K 252 -29.37 -47.04 -35.18
C VAL K 252 -29.21 -45.66 -34.57
N GLU K 253 -30.30 -45.11 -34.03
CA GLU K 253 -30.29 -43.76 -33.51
C GLU K 253 -31.35 -43.61 -32.43
N GLY K 254 -31.17 -42.60 -31.59
CA GLY K 254 -32.21 -42.24 -30.64
C GLY K 254 -32.27 -43.19 -29.46
N GLU K 255 -33.48 -43.53 -29.06
CA GLU K 255 -33.67 -44.38 -27.88
C GLU K 255 -33.03 -45.74 -28.06
N ALA K 256 -32.94 -46.24 -29.29
CA ALA K 256 -32.25 -47.49 -29.53
C ALA K 256 -30.77 -47.38 -29.13
N LEU K 257 -30.12 -46.30 -29.56
CA LEU K 257 -28.72 -46.10 -29.17
C LEU K 257 -28.60 -45.85 -27.67
N ALA K 258 -29.57 -45.15 -27.07
CA ALA K 258 -29.51 -44.92 -25.63
C ALA K 258 -29.58 -46.25 -24.87
N THR K 259 -30.50 -47.12 -25.26
CA THR K 259 -30.60 -48.43 -24.63
C THR K 259 -29.35 -49.25 -24.86
N LEU K 260 -28.80 -49.20 -26.08
CA LEU K 260 -27.58 -49.94 -26.35
C LEU K 260 -26.42 -49.44 -25.50
N VAL K 261 -26.30 -48.13 -25.34
CA VAL K 261 -25.22 -47.56 -24.53
C VAL K 261 -25.39 -47.95 -23.08
N VAL K 262 -26.63 -47.90 -22.57
CA VAL K 262 -26.86 -48.28 -21.18
C VAL K 262 -26.53 -49.76 -20.97
N ASN K 263 -26.93 -50.60 -21.91
CA ASN K 263 -26.68 -52.04 -21.76
C ASN K 263 -25.18 -52.34 -21.83
N LYS K 264 -24.46 -51.67 -22.73
CA LYS K 264 -23.03 -51.93 -22.87
C LYS K 264 -22.24 -51.38 -21.70
N LEU K 265 -22.52 -50.13 -21.30
CA LEU K 265 -21.77 -49.53 -20.20
C LEU K 265 -22.02 -50.26 -18.89
N ARG K 266 -23.26 -50.73 -18.67
CA ARG K 266 -23.52 -51.57 -17.51
C ARG K 266 -22.87 -52.94 -17.63
N GLY K 267 -22.49 -53.36 -18.82
CA GLY K 267 -21.91 -54.67 -18.99
C GLY K 267 -22.91 -55.81 -18.89
N THR K 268 -24.21 -55.49 -18.90
CA THR K 268 -25.22 -56.55 -18.84
C THR K 268 -25.13 -57.46 -20.05
N LEU K 269 -24.90 -56.89 -21.23
CA LEU K 269 -24.72 -57.66 -22.46
C LEU K 269 -23.59 -57.03 -23.25
N LYS K 270 -22.97 -57.83 -24.13
CA LYS K 270 -21.81 -57.43 -24.90
C LYS K 270 -22.23 -57.33 -26.36
N VAL K 271 -22.58 -56.12 -26.79
CA VAL K 271 -23.17 -55.88 -28.09
C VAL K 271 -22.39 -54.77 -28.78
N CYS K 272 -22.40 -54.77 -30.11
CA CYS K 272 -21.75 -53.74 -30.89
C CYS K 272 -22.56 -53.44 -32.13
N ALA K 273 -22.62 -52.15 -32.49
CA ALA K 273 -23.45 -51.66 -33.57
C ALA K 273 -22.59 -50.95 -34.61
N VAL K 274 -22.88 -51.20 -35.89
CA VAL K 274 -22.28 -50.48 -37.00
C VAL K 274 -23.37 -50.22 -38.04
N LYS K 275 -22.98 -49.56 -39.13
CA LYS K 275 -23.90 -49.21 -40.19
C LYS K 275 -23.94 -50.32 -41.24
N ALA K 276 -24.84 -50.18 -42.20
CA ALA K 276 -24.92 -51.07 -43.36
C ALA K 276 -24.09 -50.51 -44.48
N PRO K 277 -23.14 -51.27 -45.08
CA PRO K 277 -22.26 -50.75 -46.16
C PRO K 277 -22.96 -50.79 -47.51
N GLY K 278 -22.68 -49.82 -48.39
CA GLY K 278 -23.24 -49.77 -49.73
C GLY K 278 -24.32 -48.72 -49.89
N PHE K 279 -25.12 -48.92 -50.96
CA PHE K 279 -26.16 -47.93 -51.35
C PHE K 279 -27.30 -48.55 -52.12
N GLY K 280 -28.48 -48.69 -51.52
CA GLY K 280 -29.67 -49.16 -52.19
C GLY K 280 -29.54 -50.58 -52.70
N ASP K 281 -29.49 -50.72 -54.04
CA ASP K 281 -29.24 -52.03 -54.62
C ASP K 281 -27.88 -52.56 -54.20
N ARG K 282 -26.87 -51.70 -54.18
CA ARG K 282 -25.55 -52.10 -53.70
C ARG K 282 -25.61 -52.51 -52.24
N ARG K 283 -26.39 -51.79 -51.43
CA ARG K 283 -26.53 -52.12 -50.03
C ARG K 283 -27.17 -53.49 -49.86
N LYS K 284 -28.24 -53.76 -50.61
CA LYS K 284 -28.89 -55.06 -50.53
C LYS K 284 -27.94 -56.18 -50.95
N ALA K 285 -27.22 -55.98 -52.05
CA ALA K 285 -26.31 -57.02 -52.53
C ALA K 285 -25.22 -57.32 -51.51
N MET K 286 -24.55 -56.27 -51.01
CA MET K 286 -23.48 -56.48 -50.06
C MET K 286 -24.00 -57.07 -48.74
N LEU K 287 -25.17 -56.62 -48.28
CA LEU K 287 -25.73 -57.20 -47.07
C LEU K 287 -26.03 -58.68 -47.25
N GLU K 288 -26.58 -59.06 -48.40
CA GLU K 288 -26.82 -60.48 -48.66
C GLU K 288 -25.51 -61.25 -48.67
N ASP K 289 -24.47 -60.68 -49.29
CA ASP K 289 -23.19 -61.36 -49.35
C ASP K 289 -22.62 -61.60 -47.95
N ILE K 290 -22.53 -60.56 -47.12
CA ILE K 290 -22.02 -60.78 -45.76
C ILE K 290 -22.94 -61.68 -44.96
N ALA K 291 -24.26 -61.59 -45.17
CA ALA K 291 -25.21 -62.37 -44.40
C ALA K 291 -24.97 -63.86 -44.62
N ILE K 292 -24.95 -64.28 -45.88
CA ILE K 292 -24.76 -65.71 -46.15
C ILE K 292 -23.29 -66.10 -46.07
N LEU K 293 -22.37 -65.13 -46.00
CA LEU K 293 -21.01 -65.45 -45.61
C LEU K 293 -20.98 -65.93 -44.16
N THR K 294 -21.58 -65.17 -43.25
CA THR K 294 -21.59 -65.57 -41.85
C THR K 294 -22.63 -66.64 -41.53
N GLY K 295 -23.33 -67.18 -42.54
CA GLY K 295 -24.29 -68.24 -42.32
C GLY K 295 -25.66 -67.79 -41.90
N GLY K 296 -25.83 -66.52 -41.53
CA GLY K 296 -27.14 -66.00 -41.20
C GLY K 296 -27.95 -65.73 -42.45
N THR K 297 -29.14 -65.16 -42.23
CA THR K 297 -30.07 -64.83 -43.29
C THR K 297 -30.48 -63.37 -43.19
N VAL K 298 -30.79 -62.77 -44.35
CA VAL K 298 -31.20 -61.38 -44.40
C VAL K 298 -32.58 -61.23 -43.77
N ILE K 299 -32.74 -60.20 -42.96
CA ILE K 299 -34.01 -59.86 -42.31
C ILE K 299 -34.50 -58.56 -42.92
N SER K 300 -35.54 -58.65 -43.74
CA SER K 300 -36.04 -57.49 -44.47
C SER K 300 -37.54 -57.67 -44.72
N GLU K 301 -38.22 -56.54 -44.95
CA GLU K 301 -39.63 -56.57 -45.27
C GLU K 301 -39.89 -56.92 -46.72
N GLU K 302 -38.89 -56.83 -47.59
CA GLU K 302 -39.05 -57.30 -48.96
C GLU K 302 -39.36 -58.79 -48.98
N THR K 303 -38.72 -59.57 -48.11
CA THR K 303 -38.98 -61.00 -47.98
C THR K 303 -39.86 -61.32 -46.78
N GLY K 304 -40.50 -60.33 -46.17
CA GLY K 304 -41.49 -60.59 -45.14
C GLY K 304 -40.97 -61.21 -43.86
N TYR K 305 -39.84 -60.72 -43.34
CA TYR K 305 -39.38 -61.05 -42.00
C TYR K 305 -39.32 -59.78 -41.17
N LYS K 306 -39.73 -59.89 -39.91
CA LYS K 306 -39.68 -58.80 -38.95
C LYS K 306 -38.39 -58.89 -38.13
N LEU K 307 -38.05 -57.79 -37.45
CA LEU K 307 -36.88 -57.81 -36.58
C LEU K 307 -37.09 -58.75 -35.41
N GLU K 308 -38.26 -58.71 -34.77
CA GLU K 308 -38.54 -59.62 -33.68
C GLU K 308 -38.79 -61.05 -34.15
N ASN K 309 -38.96 -61.26 -35.46
CA ASN K 309 -39.05 -62.62 -35.97
C ASN K 309 -37.70 -63.34 -35.94
N ALA K 310 -36.60 -62.59 -35.83
CA ALA K 310 -35.27 -63.20 -35.86
C ALA K 310 -35.07 -64.14 -34.69
N THR K 311 -34.28 -65.20 -34.93
CA THR K 311 -34.02 -66.22 -33.92
C THR K 311 -32.55 -66.64 -33.95
N LEU K 312 -32.19 -67.64 -33.13
CA LEU K 312 -30.82 -68.14 -33.12
C LEU K 312 -30.42 -68.70 -34.48
N ASP K 313 -31.30 -69.51 -35.08
CA ASP K 313 -30.96 -70.17 -36.33
C ASP K 313 -30.75 -69.17 -37.46
N TYR K 314 -31.56 -68.13 -37.53
CA TYR K 314 -31.39 -67.13 -38.58
C TYR K 314 -30.15 -66.27 -38.36
N LEU K 315 -29.72 -66.12 -37.11
CA LEU K 315 -28.54 -65.31 -36.82
C LEU K 315 -27.29 -65.95 -37.42
N GLY K 316 -26.32 -65.10 -37.75
CA GLY K 316 -25.04 -65.55 -38.26
C GLY K 316 -24.00 -65.60 -37.17
N ARG K 317 -23.10 -66.57 -37.27
CA ARG K 317 -22.05 -66.80 -36.30
C ARG K 317 -20.70 -66.45 -36.90
N ALA K 318 -19.82 -65.93 -36.05
CA ALA K 318 -18.43 -65.67 -36.41
C ALA K 318 -17.57 -66.02 -35.21
N LYS K 319 -16.25 -66.03 -35.42
CA LYS K 319 -15.29 -66.30 -34.37
C LYS K 319 -14.78 -65.04 -33.70
N ARG K 320 -14.39 -64.03 -34.48
CA ARG K 320 -13.97 -62.74 -33.93
C ARG K 320 -14.43 -61.64 -34.86
N VAL K 321 -14.82 -60.52 -34.29
CA VAL K 321 -15.14 -59.31 -35.02
C VAL K 321 -14.44 -58.15 -34.35
N THR K 322 -13.73 -57.33 -35.12
CA THR K 322 -13.04 -56.15 -34.63
C THR K 322 -13.72 -54.92 -35.19
N ILE K 323 -13.92 -53.91 -34.34
CA ILE K 323 -14.59 -52.68 -34.70
C ILE K 323 -13.69 -51.53 -34.26
N ASP K 324 -13.16 -50.80 -35.23
CA ASP K 324 -12.42 -49.57 -34.98
C ASP K 324 -13.25 -48.39 -35.46
N LYS K 325 -12.66 -47.19 -35.42
CA LYS K 325 -13.39 -45.99 -35.83
C LYS K 325 -13.75 -46.05 -37.31
N ASP K 326 -12.81 -46.47 -38.16
CA ASP K 326 -13.00 -46.37 -39.62
C ASP K 326 -13.59 -47.65 -40.20
N ASN K 327 -12.90 -48.77 -40.04
CA ASN K 327 -13.22 -50.01 -40.72
C ASN K 327 -13.90 -50.98 -39.76
N THR K 328 -14.10 -52.20 -40.23
CA THR K 328 -14.61 -53.29 -39.41
C THR K 328 -14.19 -54.58 -40.07
N THR K 329 -13.76 -55.58 -39.29
CA THR K 329 -13.27 -56.84 -39.81
C THR K 329 -14.10 -57.99 -39.24
N ILE K 330 -14.60 -58.85 -40.12
CA ILE K 330 -15.26 -60.09 -39.76
C ILE K 330 -14.36 -61.24 -40.20
N VAL K 331 -13.90 -62.04 -39.24
CA VAL K 331 -12.99 -63.15 -39.50
C VAL K 331 -13.66 -64.45 -39.08
N ASP K 332 -13.58 -65.46 -39.96
CA ASP K 332 -14.19 -66.77 -39.75
C ASP K 332 -15.70 -66.63 -39.50
N GLY K 333 -16.39 -66.09 -40.50
CA GLY K 333 -17.84 -66.16 -40.50
C GLY K 333 -18.30 -67.58 -40.78
N ALA K 334 -19.13 -68.12 -39.91
CA ALA K 334 -19.53 -69.51 -39.98
C ALA K 334 -20.39 -69.72 -41.23
N GLY K 335 -19.79 -70.35 -42.24
CA GLY K 335 -20.51 -70.68 -43.45
C GLY K 335 -19.85 -71.86 -44.16
N ASP K 336 -20.64 -72.50 -45.01
CA ASP K 336 -20.16 -73.66 -45.75
C ASP K 336 -19.57 -73.21 -47.08
N LYS K 337 -18.44 -73.83 -47.44
CA LYS K 337 -17.60 -73.34 -48.52
C LYS K 337 -18.17 -73.59 -49.92
N GLU K 338 -19.07 -74.57 -50.06
CA GLU K 338 -19.60 -74.89 -51.38
C GLU K 338 -20.33 -73.70 -51.99
N ASP K 339 -21.22 -73.09 -51.21
CA ASP K 339 -21.91 -71.90 -51.71
C ASP K 339 -21.03 -70.66 -51.69
N ILE K 340 -19.96 -70.63 -50.89
CA ILE K 340 -18.97 -69.56 -51.03
C ILE K 340 -18.39 -69.59 -52.44
N LYS K 341 -17.93 -70.76 -52.88
CA LYS K 341 -17.33 -70.83 -54.20
C LYS K 341 -18.36 -70.71 -55.31
N ALA K 342 -19.59 -71.15 -55.07
CA ALA K 342 -20.65 -70.89 -56.04
C ALA K 342 -20.91 -69.39 -56.19
N ARG K 343 -20.89 -68.65 -55.09
CA ARG K 343 -20.96 -67.20 -55.17
C ARG K 343 -19.78 -66.63 -55.95
N VAL K 344 -18.58 -67.16 -55.73
CA VAL K 344 -17.43 -66.71 -56.51
C VAL K 344 -17.69 -66.92 -58.00
N ASN K 345 -18.23 -68.10 -58.34
CA ASN K 345 -18.51 -68.41 -59.74
C ASN K 345 -19.54 -67.45 -60.31
N GLN K 346 -20.57 -67.08 -59.53
CA GLN K 346 -21.58 -66.20 -60.10
C GLN K 346 -21.15 -64.74 -60.10
N ILE K 347 -20.23 -64.32 -59.21
CA ILE K 347 -19.59 -63.03 -59.43
C ILE K 347 -18.83 -63.05 -60.75
N LYS K 348 -18.13 -64.14 -61.03
CA LYS K 348 -17.48 -64.25 -62.34
C LYS K 348 -18.50 -64.23 -63.47
N LYS K 349 -19.67 -64.82 -63.26
CA LYS K 349 -20.66 -64.86 -64.34
C LYS K 349 -21.26 -63.49 -64.61
N GLN K 350 -21.52 -62.67 -63.59
CA GLN K 350 -21.93 -61.29 -63.85
C GLN K 350 -20.77 -60.42 -64.32
N ILE K 351 -19.52 -60.77 -64.01
CA ILE K 351 -18.40 -60.08 -64.63
C ILE K 351 -18.41 -60.33 -66.14
N GLU K 352 -18.63 -61.58 -66.53
CA GLU K 352 -18.70 -61.91 -67.95
C GLU K 352 -19.92 -61.27 -68.61
N ASN K 353 -21.07 -61.29 -67.94
CA ASN K 353 -22.31 -60.83 -68.55
C ASN K 353 -22.36 -59.32 -68.72
N THR K 354 -21.84 -58.56 -67.76
CA THR K 354 -21.96 -57.12 -67.80
C THR K 354 -21.13 -56.53 -68.94
N THR K 355 -21.46 -55.29 -69.31
CA THR K 355 -20.82 -54.58 -70.41
C THR K 355 -20.20 -53.27 -70.01
N SER K 356 -20.85 -52.51 -69.12
CA SER K 356 -20.36 -51.19 -68.77
C SER K 356 -19.08 -51.27 -67.95
N ASP K 357 -18.24 -50.25 -68.11
CA ASP K 357 -16.99 -50.19 -67.37
C ASP K 357 -17.22 -50.03 -65.87
N TYR K 358 -18.22 -49.24 -65.48
CA TYR K 358 -18.44 -48.99 -64.06
C TYR K 358 -18.93 -50.24 -63.34
N ASP K 359 -19.90 -50.95 -63.94
CA ASP K 359 -20.37 -52.20 -63.34
C ASP K 359 -19.27 -53.25 -63.35
N ARG K 360 -18.46 -53.28 -64.41
CA ARG K 360 -17.32 -54.19 -64.43
C ARG K 360 -16.38 -53.89 -63.27
N GLU K 361 -16.10 -52.61 -63.02
CA GLU K 361 -15.21 -52.24 -61.93
C GLU K 361 -15.79 -52.64 -60.59
N LYS K 362 -17.08 -52.38 -60.37
CA LYS K 362 -17.66 -52.69 -59.07
C LYS K 362 -17.72 -54.20 -58.84
N LEU K 363 -18.05 -54.97 -59.88
CA LEU K 363 -18.04 -56.42 -59.72
C LEU K 363 -16.62 -56.92 -59.47
N GLN K 364 -15.62 -56.30 -60.12
CA GLN K 364 -14.24 -56.68 -59.88
C GLN K 364 -13.85 -56.45 -58.42
N GLU K 365 -14.24 -55.30 -57.86
CA GLU K 365 -13.85 -55.03 -56.48
C GLU K 365 -14.63 -55.90 -55.50
N ARG K 366 -15.88 -56.24 -55.83
CA ARG K 366 -16.61 -57.22 -55.03
C ARG K 366 -15.87 -58.55 -55.01
N LEU K 367 -15.45 -59.04 -56.18
CA LEU K 367 -14.72 -60.29 -56.23
C LEU K 367 -13.43 -60.20 -55.44
N ALA K 368 -12.73 -59.07 -55.56
CA ALA K 368 -11.46 -58.91 -54.86
C ALA K 368 -11.66 -58.97 -53.35
N LYS K 369 -12.69 -58.30 -52.82
CA LYS K 369 -12.88 -58.30 -51.38
C LYS K 369 -13.60 -59.54 -50.86
N LEU K 370 -14.23 -60.32 -51.72
CA LEU K 370 -14.95 -61.52 -51.28
C LEU K 370 -14.04 -62.74 -51.36
N ALA K 371 -13.52 -63.04 -52.55
CA ALA K 371 -12.71 -64.24 -52.73
C ALA K 371 -11.36 -64.14 -52.02
N GLY K 372 -10.90 -62.94 -51.70
CA GLY K 372 -9.60 -62.81 -51.07
C GLY K 372 -9.54 -63.44 -49.68
N GLY K 373 -10.65 -63.36 -48.94
CA GLY K 373 -10.66 -63.84 -47.58
C GLY K 373 -9.97 -62.86 -46.65
N VAL K 374 -9.56 -63.39 -45.50
CA VAL K 374 -8.86 -62.62 -44.47
C VAL K 374 -7.65 -63.43 -44.00
N ALA K 375 -6.51 -62.77 -43.84
CA ALA K 375 -5.35 -63.40 -43.23
C ALA K 375 -5.44 -63.30 -41.72
N VAL K 376 -4.92 -64.32 -41.05
CA VAL K 376 -4.80 -64.36 -39.61
C VAL K 376 -3.41 -64.84 -39.26
N ILE K 377 -2.77 -64.18 -38.30
CA ILE K 377 -1.51 -64.63 -37.72
C ILE K 377 -1.71 -64.77 -36.23
N LYS K 378 -1.55 -66.00 -35.74
CA LYS K 378 -1.77 -66.35 -34.34
C LYS K 378 -0.41 -66.34 -33.65
N VAL K 379 0.10 -65.13 -33.39
CA VAL K 379 1.44 -64.99 -32.84
C VAL K 379 1.51 -65.60 -31.45
N GLY K 380 2.65 -66.21 -31.14
CA GLY K 380 2.83 -66.87 -29.86
C GLY K 380 4.24 -66.69 -29.34
N ALA K 381 4.40 -66.92 -28.04
CA ALA K 381 5.69 -66.76 -27.38
C ALA K 381 5.70 -67.60 -26.11
N ALA K 382 6.87 -67.65 -25.46
CA ALA K 382 7.05 -68.52 -24.30
C ALA K 382 6.20 -68.05 -23.12
N THR K 383 6.41 -66.83 -22.65
CA THR K 383 5.69 -66.29 -21.51
C THR K 383 4.46 -65.55 -22.01
N GLU K 384 3.82 -64.77 -21.13
CA GLU K 384 2.63 -64.00 -21.45
C GLU K 384 2.95 -62.54 -21.73
N VAL K 385 3.78 -61.93 -20.89
CA VAL K 385 4.19 -60.55 -21.14
C VAL K 385 5.01 -60.49 -22.42
N GLU K 386 5.86 -61.48 -22.67
CA GLU K 386 6.58 -61.54 -23.94
C GLU K 386 5.61 -61.73 -25.10
N MET K 387 4.54 -62.49 -24.90
CA MET K 387 3.56 -62.69 -25.96
C MET K 387 2.89 -61.37 -26.33
N LYS K 388 2.42 -60.62 -25.33
CA LYS K 388 1.77 -59.35 -25.65
C LYS K 388 2.76 -58.34 -26.23
N GLU K 389 4.01 -58.35 -25.75
CA GLU K 389 5.02 -57.47 -26.34
C GLU K 389 5.24 -57.81 -27.81
N LYS K 390 5.36 -59.10 -28.13
CA LYS K 390 5.53 -59.50 -29.52
C LYS K 390 4.32 -59.15 -30.35
N LYS K 391 3.12 -59.23 -29.77
CA LYS K 391 1.91 -58.86 -30.50
C LYS K 391 1.93 -57.37 -30.86
N ALA K 392 2.33 -56.53 -29.90
CA ALA K 392 2.45 -55.10 -30.21
C ALA K 392 3.50 -54.86 -31.28
N ARG K 393 4.63 -55.56 -31.19
CA ARG K 393 5.67 -55.40 -32.21
C ARG K 393 5.16 -55.79 -33.59
N VAL K 394 4.41 -56.88 -33.66
CA VAL K 394 3.87 -57.31 -34.94
C VAL K 394 2.87 -56.29 -35.46
N GLU K 395 2.10 -55.66 -34.57
CA GLU K 395 1.15 -54.63 -35.01
C GLU K 395 1.88 -53.47 -35.67
N ASP K 396 2.94 -52.97 -35.02
CA ASP K 396 3.72 -51.89 -35.61
C ASP K 396 4.34 -52.31 -36.93
N ALA K 397 4.86 -53.54 -36.99
CA ALA K 397 5.45 -54.02 -38.24
C ALA K 397 4.42 -54.07 -39.36
N LEU K 398 3.21 -54.51 -39.05
CA LEU K 398 2.15 -54.58 -40.05
C LEU K 398 1.81 -53.20 -40.58
N HIS K 399 1.64 -52.22 -39.68
CA HIS K 399 1.33 -50.88 -40.15
C HIS K 399 2.44 -50.34 -41.04
N ALA K 400 3.69 -50.47 -40.60
CA ALA K 400 4.81 -49.92 -41.35
C ALA K 400 4.95 -50.60 -42.72
N THR K 401 4.83 -51.92 -42.77
CA THR K 401 5.05 -52.61 -44.03
C THR K 401 3.90 -52.37 -45.01
N ARG K 402 2.66 -52.25 -44.53
CA ARG K 402 1.60 -51.87 -45.44
C ARG K 402 1.85 -50.48 -46.02
N ALA K 403 2.29 -49.52 -45.21
CA ALA K 403 2.60 -48.19 -45.75
C ALA K 403 3.72 -48.27 -46.79
N ALA K 404 4.78 -49.01 -46.48
CA ALA K 404 5.93 -49.09 -47.38
C ALA K 404 5.55 -49.74 -48.70
N VAL K 405 4.73 -50.80 -48.65
CA VAL K 405 4.21 -51.37 -49.89
C VAL K 405 3.35 -50.36 -50.61
N GLU K 406 2.64 -49.50 -49.88
CA GLU K 406 1.75 -48.55 -50.54
C GLU K 406 2.53 -47.57 -51.40
N GLU K 407 3.47 -46.83 -50.82
CA GLU K 407 4.19 -45.78 -51.58
C GLU K 407 5.71 -45.87 -51.41
N GLY K 408 6.23 -47.08 -51.28
CA GLY K 408 7.67 -47.25 -51.27
C GLY K 408 8.34 -46.71 -50.03
N ILE K 409 9.66 -46.52 -50.12
CA ILE K 409 10.51 -46.13 -49.00
C ILE K 409 11.34 -44.92 -49.38
N VAL K 410 11.80 -44.20 -48.37
CA VAL K 410 12.75 -43.10 -48.53
C VAL K 410 13.77 -43.20 -47.41
N PRO K 411 14.97 -42.62 -47.57
CA PRO K 411 15.93 -42.63 -46.47
C PRO K 411 15.43 -41.79 -45.30
N GLY K 412 15.26 -42.42 -44.15
CA GLY K 412 14.62 -41.77 -43.02
C GLY K 412 15.61 -40.96 -42.20
N GLY K 413 15.20 -40.69 -40.96
CA GLY K 413 16.01 -39.86 -40.09
C GLY K 413 15.98 -38.39 -40.44
N GLY K 414 14.99 -37.95 -41.21
CA GLY K 414 14.87 -36.56 -41.57
C GLY K 414 15.70 -36.13 -42.76
N VAL K 415 16.46 -37.03 -43.37
CA VAL K 415 17.28 -36.64 -44.52
C VAL K 415 16.48 -36.59 -45.81
N ALA K 416 15.41 -37.39 -45.93
CA ALA K 416 14.62 -37.39 -47.16
C ALA K 416 14.04 -36.01 -47.44
N LEU K 417 13.54 -35.34 -46.41
CA LEU K 417 13.04 -33.99 -46.59
C LEU K 417 14.15 -32.99 -46.89
N ILE K 418 15.38 -33.26 -46.45
CA ILE K 418 16.49 -32.41 -46.86
C ILE K 418 16.70 -32.52 -48.36
N ARG K 419 16.64 -33.75 -48.88
CA ARG K 419 16.91 -33.92 -50.31
C ARG K 419 15.82 -33.32 -51.19
N ALA K 420 14.58 -33.24 -50.68
CA ALA K 420 13.51 -32.63 -51.45
C ALA K 420 13.73 -31.14 -51.68
N ALA K 421 14.58 -30.49 -50.91
CA ALA K 421 14.88 -29.09 -51.11
C ALA K 421 15.50 -28.79 -52.46
N LYS K 422 16.09 -29.79 -53.12
CA LYS K 422 16.62 -29.59 -54.47
C LYS K 422 15.53 -29.19 -55.45
N ALA K 423 14.30 -29.61 -55.23
CA ALA K 423 13.19 -29.21 -56.09
C ALA K 423 12.80 -27.74 -55.91
N LEU K 424 13.25 -27.11 -54.84
CA LEU K 424 12.96 -25.70 -54.58
C LEU K 424 14.09 -24.78 -54.98
N GLU K 425 15.09 -25.28 -55.70
CA GLU K 425 16.21 -24.43 -56.09
C GLU K 425 15.80 -23.44 -57.18
N ASN K 426 15.04 -23.91 -58.17
CA ASN K 426 14.67 -23.09 -59.33
C ASN K 426 13.16 -23.00 -59.49
N LEU K 427 12.45 -22.70 -58.40
CA LEU K 427 11.01 -22.47 -58.43
C LEU K 427 10.74 -21.10 -57.82
N GLU K 428 9.94 -20.31 -58.51
CA GLU K 428 9.64 -18.93 -58.14
C GLU K 428 8.14 -18.70 -58.28
N GLY K 429 7.58 -17.92 -57.36
CA GLY K 429 6.16 -17.60 -57.38
C GLY K 429 5.86 -16.45 -58.32
N GLU K 430 4.59 -16.01 -58.27
CA GLU K 430 4.19 -14.93 -59.15
C GLU K 430 4.77 -13.60 -58.68
N ASN K 431 5.07 -13.49 -57.39
CA ASN K 431 5.63 -12.29 -56.80
C ASN K 431 6.72 -12.63 -55.80
N GLY K 432 7.14 -11.66 -54.99
CA GLY K 432 8.15 -11.91 -53.99
C GLY K 432 7.63 -12.60 -52.74
N ASP K 433 6.37 -12.36 -52.38
CA ASP K 433 5.84 -12.97 -51.17
C ASP K 433 5.80 -14.49 -51.28
N GLN K 434 5.39 -15.01 -52.43
CA GLN K 434 5.42 -16.46 -52.63
C GLN K 434 6.85 -16.97 -52.60
N LYS K 435 7.81 -16.18 -53.09
CA LYS K 435 9.19 -16.65 -53.07
C LYS K 435 9.71 -16.74 -51.65
N THR K 436 9.39 -15.78 -50.79
CA THR K 436 9.82 -15.92 -49.40
C THR K 436 9.06 -17.03 -48.70
N GLY K 437 7.82 -17.33 -49.12
CA GLY K 437 7.16 -18.52 -48.60
C GLY K 437 7.89 -19.80 -49.01
N VAL K 438 8.36 -19.84 -50.26
CA VAL K 438 9.15 -20.98 -50.73
C VAL K 438 10.41 -21.10 -49.90
N LYS K 439 11.05 -19.97 -49.59
CA LYS K 439 12.23 -20.00 -48.73
C LYS K 439 11.87 -20.52 -47.34
N ILE K 440 10.71 -20.10 -46.82
CA ILE K 440 10.30 -20.51 -45.48
C ILE K 440 10.16 -22.02 -45.41
N VAL K 441 9.48 -22.63 -46.38
CA VAL K 441 9.38 -24.08 -46.36
C VAL K 441 10.70 -24.74 -46.74
N ARG K 442 11.57 -24.05 -47.49
CA ARG K 442 12.87 -24.60 -47.81
C ARG K 442 13.69 -24.81 -46.55
N ARG K 443 13.72 -23.82 -45.67
CA ARG K 443 14.44 -24.00 -44.42
C ARG K 443 13.68 -24.86 -43.42
N ALA K 444 12.35 -24.92 -43.51
CA ALA K 444 11.59 -25.71 -42.56
C ALA K 444 11.82 -27.20 -42.73
N LEU K 445 12.20 -27.65 -43.94
CA LEU K 445 12.52 -29.06 -44.13
C LEU K 445 13.79 -29.47 -43.39
N GLU K 446 14.63 -28.51 -43.00
CA GLU K 446 15.86 -28.81 -42.28
C GLU K 446 15.62 -29.15 -40.82
N GLU K 447 14.46 -28.81 -40.27
CA GLU K 447 14.27 -28.78 -38.83
C GLU K 447 14.11 -30.18 -38.25
N PRO K 448 13.44 -31.14 -38.92
CA PRO K 448 13.41 -32.50 -38.35
C PRO K 448 14.77 -33.12 -38.14
N LEU K 449 15.65 -33.09 -39.14
CA LEU K 449 16.99 -33.64 -38.96
C LEU K 449 17.78 -32.83 -37.94
N ARG K 450 17.60 -31.51 -37.96
CA ARG K 450 18.31 -30.67 -36.99
C ARG K 450 17.93 -31.03 -35.57
N GLN K 451 16.65 -31.28 -35.32
CA GLN K 451 16.24 -31.70 -33.99
C GLN K 451 16.64 -33.14 -33.69
N ILE K 452 16.67 -34.01 -34.69
CA ILE K 452 17.10 -35.38 -34.44
C ILE K 452 18.53 -35.39 -33.93
N VAL K 453 19.39 -34.59 -34.54
CA VAL K 453 20.78 -34.54 -34.10
C VAL K 453 21.00 -33.62 -32.91
N ALA K 454 20.08 -32.68 -32.65
CA ALA K 454 20.17 -31.86 -31.45
C ALA K 454 19.73 -32.60 -30.21
N ASN K 455 18.80 -33.54 -30.33
CA ASN K 455 18.42 -34.35 -29.18
C ASN K 455 19.59 -35.18 -28.67
N ALA K 456 20.47 -35.65 -29.56
CA ALA K 456 21.67 -36.36 -29.14
C ALA K 456 22.71 -35.45 -28.51
N GLY K 457 22.51 -34.13 -28.56
CA GLY K 457 23.44 -33.19 -27.96
C GLY K 457 24.51 -32.67 -28.89
N LEU K 458 24.68 -33.25 -30.06
CA LEU K 458 25.61 -32.74 -31.04
C LEU K 458 25.03 -31.48 -31.66
N GLU K 459 25.89 -30.68 -32.29
CA GLU K 459 25.43 -29.45 -32.91
C GLU K 459 24.89 -29.81 -34.29
N GLY K 460 23.88 -29.06 -34.74
CA GLY K 460 23.16 -29.41 -35.94
C GLY K 460 23.67 -28.87 -37.25
N SER K 461 24.26 -27.66 -37.26
CA SER K 461 24.62 -27.02 -38.52
C SER K 461 25.66 -27.82 -39.27
N VAL K 462 26.70 -28.30 -38.59
CA VAL K 462 27.72 -29.07 -39.28
C VAL K 462 27.13 -30.36 -39.84
N VAL K 463 26.24 -31.00 -39.08
CA VAL K 463 25.69 -32.28 -39.52
C VAL K 463 24.78 -32.09 -40.72
N VAL K 464 23.94 -31.06 -40.69
CA VAL K 464 23.03 -30.85 -41.80
C VAL K 464 23.81 -30.40 -43.04
N ASN K 465 24.89 -29.64 -42.87
CA ASN K 465 25.71 -29.30 -44.03
C ASN K 465 26.34 -30.55 -44.62
N LYS K 466 26.90 -31.42 -43.76
CA LYS K 466 27.51 -32.64 -44.25
C LYS K 466 26.50 -33.52 -44.96
N VAL K 467 25.25 -33.51 -44.49
CA VAL K 467 24.21 -34.29 -45.15
C VAL K 467 23.86 -33.64 -46.49
N LYS K 468 23.83 -32.31 -46.54
CA LYS K 468 23.47 -31.60 -47.76
C LYS K 468 24.49 -31.83 -48.86
N GLU K 469 25.77 -31.91 -48.50
CA GLU K 469 26.81 -32.02 -49.53
C GLU K 469 26.72 -33.31 -50.32
N GLY K 470 26.25 -34.39 -49.71
CA GLY K 470 26.37 -35.70 -50.32
C GLY K 470 25.37 -35.95 -51.43
N LYS K 471 25.73 -36.89 -52.31
CA LYS K 471 24.87 -37.35 -53.40
C LYS K 471 24.55 -38.82 -53.19
N GLY K 472 23.38 -39.23 -53.67
CA GLY K 472 22.82 -40.53 -53.38
C GLY K 472 21.87 -40.48 -52.21
N ASN K 473 21.81 -41.56 -51.42
CA ASN K 473 21.06 -41.58 -50.16
C ASN K 473 21.97 -41.30 -48.97
N PHE K 474 22.98 -40.46 -49.16
CA PHE K 474 23.93 -40.15 -48.11
C PHE K 474 23.20 -39.49 -46.95
N GLY K 475 23.48 -39.93 -45.73
CA GLY K 475 22.75 -39.38 -44.60
C GLY K 475 23.37 -39.78 -43.28
N TYR K 476 22.98 -39.03 -42.25
CA TYR K 476 23.52 -39.21 -40.91
C TYR K 476 22.69 -40.23 -40.15
N ASN K 477 23.33 -41.30 -39.69
CA ASN K 477 22.69 -42.31 -38.86
C ASN K 477 22.93 -41.92 -37.40
N ALA K 478 21.88 -41.44 -36.74
CA ALA K 478 22.00 -40.99 -35.36
C ALA K 478 22.38 -42.12 -34.41
N ARG K 479 21.96 -43.36 -34.70
CA ARG K 479 22.26 -44.47 -33.82
C ARG K 479 23.76 -44.74 -33.75
N THR K 480 24.40 -44.91 -34.90
CA THR K 480 25.81 -45.27 -34.99
C THR K 480 26.71 -44.09 -35.34
N GLU K 481 26.19 -42.86 -35.32
CA GLU K 481 26.92 -41.62 -35.66
C GLU K 481 27.81 -41.80 -36.90
N GLU K 482 27.32 -42.54 -37.89
CA GLU K 482 27.99 -42.76 -39.16
C GLU K 482 27.27 -41.98 -40.25
N TYR K 483 27.74 -42.14 -41.50
CA TYR K 483 27.29 -41.34 -42.63
C TYR K 483 27.00 -42.22 -43.84
N ASP K 484 26.19 -43.27 -43.65
CA ASP K 484 25.72 -44.06 -44.77
C ASP K 484 24.38 -44.70 -44.42
N LEU K 485 23.37 -44.47 -45.27
CA LEU K 485 22.01 -44.95 -45.03
C LEU K 485 21.46 -45.79 -46.18
N ILE K 486 22.27 -46.13 -47.17
CA ILE K 486 21.77 -46.86 -48.34
C ILE K 486 21.32 -48.24 -47.89
N GLU K 487 22.27 -49.04 -47.40
CA GLU K 487 22.00 -50.39 -46.91
C GLU K 487 22.12 -50.49 -45.40
N ALA K 488 22.47 -49.41 -44.70
CA ALA K 488 22.62 -49.47 -43.26
C ALA K 488 21.32 -49.86 -42.58
N GLY K 489 20.19 -49.43 -43.12
CA GLY K 489 18.91 -49.95 -42.70
C GLY K 489 18.16 -49.08 -41.71
N VAL K 490 18.19 -47.76 -41.91
CA VAL K 490 17.25 -46.84 -41.27
C VAL K 490 16.48 -46.16 -42.39
N ILE K 491 15.16 -46.39 -42.40
CA ILE K 491 14.29 -45.96 -43.49
C ILE K 491 12.94 -45.60 -42.91
N ASP K 492 12.17 -44.86 -43.69
CA ASP K 492 10.79 -44.52 -43.40
C ASP K 492 9.98 -44.70 -44.67
N PRO K 493 8.68 -44.97 -44.57
CA PRO K 493 7.84 -44.94 -45.77
C PRO K 493 7.83 -43.55 -46.38
N ALA K 494 7.73 -43.51 -47.72
CA ALA K 494 7.54 -42.23 -48.37
C ALA K 494 6.20 -41.63 -48.00
N LYS K 495 5.19 -42.48 -47.77
CA LYS K 495 3.85 -41.98 -47.49
C LYS K 495 3.81 -41.23 -46.18
N VAL K 496 4.50 -41.72 -45.14
CA VAL K 496 4.37 -41.07 -43.84
C VAL K 496 5.02 -39.69 -43.87
N THR K 497 6.18 -39.58 -44.53
CA THR K 497 6.80 -38.26 -44.68
C THR K 497 5.93 -37.34 -45.52
N ARG K 498 5.36 -37.87 -46.60
CA ARG K 498 4.49 -37.08 -47.47
C ARG K 498 3.30 -36.52 -46.69
N THR K 499 2.58 -37.39 -45.99
CA THR K 499 1.37 -36.94 -45.29
C THR K 499 1.70 -36.08 -44.09
N ALA K 500 2.81 -36.34 -43.39
CA ALA K 500 3.19 -35.47 -42.29
C ALA K 500 3.50 -34.07 -42.78
N LEU K 501 4.28 -33.96 -43.87
CA LEU K 501 4.58 -32.65 -44.43
C LEU K 501 3.31 -31.97 -44.92
N GLN K 502 2.41 -32.73 -45.56
CA GLN K 502 1.18 -32.12 -46.06
C GLN K 502 0.32 -31.59 -44.92
N ASN K 503 0.17 -32.36 -43.84
CA ASN K 503 -0.62 -31.90 -42.72
C ASN K 503 0.02 -30.67 -42.07
N ALA K 504 1.35 -30.69 -41.91
CA ALA K 504 2.02 -29.55 -41.32
C ALA K 504 1.85 -28.31 -42.17
N ALA K 505 1.98 -28.46 -43.49
CA ALA K 505 1.81 -27.31 -44.39
C ALA K 505 0.39 -26.79 -44.37
N SER K 506 -0.59 -27.70 -44.36
CA SER K 506 -1.98 -27.29 -44.35
C SER K 506 -2.31 -26.50 -43.09
N ILE K 507 -1.92 -27.02 -41.92
CA ILE K 507 -2.24 -26.28 -40.70
C ILE K 507 -1.39 -25.03 -40.57
N ALA K 508 -0.19 -24.99 -41.15
CA ALA K 508 0.59 -23.76 -41.14
C ALA K 508 -0.10 -22.68 -41.95
N GLY K 509 -0.54 -23.02 -43.17
CA GLY K 509 -1.31 -22.08 -43.95
C GLY K 509 -2.61 -21.67 -43.30
N MET K 510 -3.23 -22.56 -42.54
CA MET K 510 -4.47 -22.23 -41.88
C MET K 510 -4.25 -21.33 -40.67
N LEU K 511 -3.24 -21.61 -39.85
CA LEU K 511 -2.92 -20.76 -38.72
C LEU K 511 -2.46 -19.38 -39.17
N LEU K 512 -1.63 -19.31 -40.21
CA LEU K 512 -1.19 -18.01 -40.70
C LEU K 512 -2.35 -17.18 -41.21
N THR K 513 -3.37 -17.84 -41.77
CA THR K 513 -4.47 -17.11 -42.38
C THR K 513 -5.40 -16.50 -41.33
N THR K 514 -5.49 -17.11 -40.15
CA THR K 514 -6.46 -16.65 -39.15
C THR K 514 -6.12 -15.26 -38.66
N GLU K 515 -7.16 -14.47 -38.36
CA GLU K 515 -6.99 -13.22 -37.64
C GLU K 515 -8.10 -12.93 -36.64
N CYS K 516 -8.87 -13.94 -36.24
CA CYS K 516 -9.79 -13.80 -35.11
C CYS K 516 -9.98 -15.17 -34.47
N VAL K 517 -9.95 -15.19 -33.14
CA VAL K 517 -10.13 -16.40 -32.35
C VAL K 517 -11.18 -16.12 -31.29
N ILE K 518 -12.10 -17.06 -31.11
CA ILE K 518 -13.27 -16.89 -30.26
C ILE K 518 -13.20 -17.91 -29.13
N THR K 519 -13.41 -17.44 -27.91
CA THR K 519 -13.10 -18.20 -26.70
C THR K 519 -14.11 -17.88 -25.62
N GLU K 520 -14.55 -18.90 -24.89
CA GLU K 520 -15.48 -18.73 -23.78
C GLU K 520 -14.72 -18.57 -22.47
N LYS K 521 -15.16 -17.61 -21.66
CA LYS K 521 -14.46 -17.29 -20.42
C LYS K 521 -14.64 -18.44 -19.43
N PRO K 522 -13.56 -19.11 -18.96
CA PRO K 522 -13.67 -20.18 -17.93
C PRO K 522 -14.10 -19.58 -16.60
N ALA L 1 -6.07 -27.27 -14.76
CA ALA L 1 -5.61 -27.34 -16.18
C ALA L 1 -4.33 -28.20 -16.27
N LYS L 2 -3.21 -27.65 -16.76
CA LYS L 2 -1.96 -28.39 -16.79
C LYS L 2 -0.81 -27.40 -16.82
N GLN L 3 0.31 -27.78 -16.21
CA GLN L 3 1.52 -26.97 -16.18
C GLN L 3 2.63 -27.72 -16.92
N ILE L 4 3.54 -26.97 -17.51
CA ILE L 4 4.68 -27.51 -18.24
C ILE L 4 5.93 -26.77 -17.80
N LYS L 5 6.97 -27.53 -17.51
CA LYS L 5 8.30 -26.99 -17.21
C LYS L 5 9.30 -27.69 -18.13
N PHE L 6 10.22 -26.91 -18.69
CA PHE L 6 11.14 -27.38 -19.71
C PHE L 6 12.58 -27.29 -19.25
N ASP L 7 13.36 -28.31 -19.62
CA ASP L 7 14.83 -28.28 -19.61
C ASP L 7 15.32 -28.04 -18.17
N THR L 8 16.27 -27.12 -17.96
CA THR L 8 16.88 -26.97 -16.64
C THR L 8 15.88 -26.56 -15.58
N ASP L 9 14.85 -25.79 -15.95
CA ASP L 9 13.86 -25.37 -14.98
C ASP L 9 13.11 -26.58 -14.43
N ALA L 10 12.78 -27.54 -15.29
CA ALA L 10 12.17 -28.79 -14.83
C ALA L 10 13.16 -29.63 -14.04
N ARG L 11 14.38 -29.75 -14.55
CA ARG L 11 15.35 -30.64 -13.93
C ARG L 11 15.71 -30.19 -12.54
N ASN L 12 15.74 -28.88 -12.29
CA ASN L 12 16.02 -28.39 -10.94
C ASN L 12 14.88 -28.72 -9.99
N ALA L 13 13.64 -28.66 -10.46
CA ALA L 13 12.52 -29.08 -9.62
C ALA L 13 12.62 -30.56 -9.29
N LEU L 14 12.97 -31.38 -10.28
CA LEU L 14 13.16 -32.80 -10.02
C LEU L 14 14.28 -33.01 -9.01
N LEU L 15 15.38 -32.27 -9.15
CA LEU L 15 16.46 -32.34 -8.18
C LEU L 15 15.99 -31.98 -6.80
N ARG L 16 15.18 -30.93 -6.68
CA ARG L 16 14.71 -30.52 -5.36
C ARG L 16 13.89 -31.63 -4.71
N GLY L 17 13.01 -32.26 -5.48
CA GLY L 17 12.24 -33.36 -4.94
C GLY L 17 13.09 -34.52 -4.50
N VAL L 18 14.05 -34.92 -5.35
CA VAL L 18 14.91 -36.05 -5.01
C VAL L 18 15.79 -35.70 -3.82
N ASP L 19 16.24 -34.46 -3.73
CA ASP L 19 17.06 -34.06 -2.59
C ASP L 19 16.25 -34.12 -1.30
N LYS L 20 15.00 -33.65 -1.33
CA LYS L 20 14.18 -33.72 -0.14
C LYS L 20 13.96 -35.16 0.30
N LEU L 21 13.58 -36.03 -0.64
CA LEU L 21 13.35 -37.43 -0.27
C LEU L 21 14.63 -38.09 0.22
N ALA L 22 15.74 -37.87 -0.47
CA ALA L 22 16.99 -38.50 -0.07
C ALA L 22 17.45 -38.02 1.29
N ASP L 23 17.36 -36.71 1.55
CA ASP L 23 17.70 -36.21 2.87
C ASP L 23 16.79 -36.80 3.93
N ALA L 24 15.53 -37.04 3.61
CA ALA L 24 14.65 -37.69 4.57
C ALA L 24 15.10 -39.12 4.87
N VAL L 25 15.50 -39.87 3.84
CA VAL L 25 15.77 -41.29 4.01
C VAL L 25 17.26 -41.60 4.20
N LYS L 26 18.16 -40.84 3.58
CA LYS L 26 19.58 -41.15 3.66
C LYS L 26 20.14 -41.10 5.07
N VAL L 27 19.48 -40.35 5.96
CA VAL L 27 20.05 -40.09 7.27
C VAL L 27 19.98 -41.27 8.22
N THR L 28 19.08 -42.22 7.98
CA THR L 28 18.98 -43.41 8.81
C THR L 28 19.82 -44.57 8.27
N LEU L 29 20.77 -44.28 7.38
CA LEU L 29 21.59 -45.32 6.78
C LEU L 29 22.76 -45.66 7.67
N GLY L 30 22.76 -46.86 8.22
CA GLY L 30 23.87 -47.37 9.01
C GLY L 30 23.42 -47.84 10.37
N PRO L 31 24.31 -48.56 11.08
CA PRO L 31 23.94 -49.08 12.41
C PRO L 31 23.86 -48.02 13.49
N LYS L 32 24.45 -46.85 13.28
CA LYS L 32 24.41 -45.73 14.22
C LYS L 32 23.58 -44.60 13.65
N GLY L 33 22.52 -44.94 12.94
CA GLY L 33 21.69 -43.94 12.33
C GLY L 33 20.91 -43.13 13.34
N ARG L 34 20.39 -42.01 12.87
CA ARG L 34 19.57 -41.13 13.70
C ARG L 34 18.10 -41.52 13.55
N ASN L 35 17.23 -40.81 14.26
CA ASN L 35 15.80 -41.11 14.31
C ASN L 35 15.02 -40.14 13.46
N VAL L 36 13.91 -40.62 12.90
CA VAL L 36 12.97 -39.82 12.11
C VAL L 36 11.61 -39.90 12.79
N ILE L 37 11.06 -38.74 13.16
CA ILE L 37 9.73 -38.68 13.74
C ILE L 37 8.73 -38.56 12.59
N ILE L 38 7.91 -39.59 12.42
CA ILE L 38 6.93 -39.66 11.33
C ILE L 38 5.56 -39.34 11.90
N GLU L 39 4.65 -38.97 11.00
CA GLU L 39 3.31 -38.57 11.42
C GLU L 39 2.46 -39.78 11.77
N LYS L 40 1.34 -39.50 12.43
CA LYS L 40 0.28 -40.47 12.63
C LYS L 40 -1.03 -39.70 12.62
N LYS L 41 -2.02 -40.23 11.88
CA LYS L 41 -3.30 -39.53 11.77
C LYS L 41 -4.00 -39.45 13.12
N PHE L 42 -3.91 -40.53 13.90
CA PHE L 42 -4.43 -40.56 15.26
C PHE L 42 -3.40 -41.26 16.13
N GLY L 43 -3.31 -40.85 17.38
CA GLY L 43 -2.39 -41.45 18.33
C GLY L 43 -1.07 -40.72 18.38
N ALA L 44 -0.14 -41.29 19.13
CA ALA L 44 1.15 -40.65 19.32
C ALA L 44 2.02 -40.85 18.09
N PRO L 45 2.96 -39.93 17.82
CA PRO L 45 3.84 -40.10 16.67
C PRO L 45 4.81 -41.26 16.87
N THR L 46 5.24 -41.83 15.75
CA THR L 46 6.11 -43.00 15.75
C THR L 46 7.55 -42.59 15.44
N ILE L 47 8.49 -43.22 16.14
CA ILE L 47 9.91 -43.06 15.86
C ILE L 47 10.29 -44.19 14.90
N THR L 48 11.21 -43.90 13.98
CA THR L 48 11.64 -44.88 13.00
C THR L 48 13.14 -44.75 12.78
N LYS L 49 13.81 -45.90 12.64
CA LYS L 49 15.20 -45.98 12.24
C LYS L 49 15.38 -46.73 10.92
N ASP L 50 14.36 -47.42 10.44
CA ASP L 50 14.40 -48.15 9.18
C ASP L 50 13.96 -47.17 8.09
N GLY L 51 14.76 -47.06 7.03
CA GLY L 51 14.50 -46.08 6.00
C GLY L 51 13.30 -46.38 5.12
N VAL L 52 12.84 -47.62 5.08
CA VAL L 52 11.73 -47.96 4.20
C VAL L 52 10.46 -47.25 4.68
N THR L 53 10.20 -47.28 5.99
CA THR L 53 8.98 -46.64 6.50
C THR L 53 9.19 -45.14 6.71
N VAL L 54 10.37 -44.62 6.38
CA VAL L 54 10.50 -43.18 6.14
C VAL L 54 10.12 -42.86 4.71
N ALA L 55 10.35 -43.79 3.78
CA ALA L 55 10.09 -43.54 2.38
C ALA L 55 8.60 -43.63 2.04
N LYS L 56 7.88 -44.56 2.66
CA LYS L 56 6.51 -44.85 2.24
C LYS L 56 5.57 -43.69 2.50
N GLU L 57 5.92 -42.75 3.37
CA GLU L 57 5.06 -41.64 3.77
C GLU L 57 5.69 -40.30 3.42
N ILE L 58 6.29 -40.21 2.23
CA ILE L 58 6.86 -38.97 1.71
C ILE L 58 6.08 -38.60 0.45
N GLU L 59 5.50 -37.41 0.46
CA GLU L 59 4.91 -36.82 -0.73
C GLU L 59 4.79 -35.33 -0.50
N LEU L 60 5.20 -34.55 -1.49
CA LEU L 60 5.43 -33.12 -1.31
C LEU L 60 4.28 -32.30 -1.89
N GLU L 61 4.25 -31.03 -1.49
CA GLU L 61 3.13 -30.17 -1.89
C GLU L 61 3.20 -29.84 -3.36
N ASP L 62 4.32 -29.30 -3.83
CA ASP L 62 4.45 -28.92 -5.22
C ASP L 62 4.43 -30.18 -6.07
N PRO L 63 3.63 -30.25 -7.14
CA PRO L 63 3.57 -31.50 -7.91
C PRO L 63 4.90 -31.93 -8.52
N PHE L 64 5.75 -31.00 -8.92
CA PHE L 64 7.00 -31.37 -9.58
C PHE L 64 7.92 -32.13 -8.63
N GLU L 65 8.18 -31.55 -7.46
CA GLU L 65 9.07 -32.21 -6.50
C GLU L 65 8.47 -33.51 -6.02
N ASN L 66 7.14 -33.53 -5.79
CA ASN L 66 6.48 -34.75 -5.36
C ASN L 66 6.64 -35.86 -6.40
N MET L 67 6.43 -35.53 -7.67
CA MET L 67 6.54 -36.56 -8.69
C MET L 67 7.98 -37.04 -8.83
N GLY L 68 8.95 -36.14 -8.66
CA GLY L 68 10.34 -36.59 -8.61
C GLY L 68 10.59 -37.59 -7.51
N ALA L 69 10.10 -37.29 -6.31
CA ALA L 69 10.23 -38.22 -5.20
C ALA L 69 9.55 -39.54 -5.52
N GLN L 70 8.43 -39.50 -6.24
CA GLN L 70 7.75 -40.74 -6.61
C GLN L 70 8.59 -41.56 -7.59
N MET L 71 9.26 -40.90 -8.53
CA MET L 71 10.22 -41.64 -9.38
C MET L 71 11.25 -42.36 -8.53
N VAL L 72 11.84 -41.65 -7.57
CA VAL L 72 12.93 -42.25 -6.81
C VAL L 72 12.40 -43.40 -5.97
N LYS L 73 11.21 -43.24 -5.38
CA LYS L 73 10.61 -44.33 -4.61
C LYS L 73 10.32 -45.54 -5.49
N GLU L 74 9.75 -45.31 -6.68
CA GLU L 74 9.38 -46.42 -7.55
C GLU L 74 10.61 -47.20 -7.98
N VAL L 75 11.65 -46.50 -8.44
CA VAL L 75 12.84 -47.21 -8.90
C VAL L 75 13.56 -47.86 -7.73
N ALA L 76 13.62 -47.18 -6.58
CA ALA L 76 14.36 -47.71 -5.45
C ALA L 76 13.68 -48.93 -4.84
N SER L 77 12.35 -48.97 -4.86
CA SER L 77 11.61 -50.06 -4.23
C SER L 77 11.71 -51.38 -4.98
N LYS L 78 12.28 -51.39 -6.18
CA LYS L 78 12.41 -52.63 -6.94
C LYS L 78 13.54 -53.52 -6.44
N THR L 79 14.35 -53.06 -5.50
CA THR L 79 15.40 -53.90 -4.96
C THR L 79 14.80 -55.11 -4.24
N SER L 80 15.50 -56.24 -4.32
CA SER L 80 14.99 -57.49 -3.77
C SER L 80 14.81 -57.41 -2.26
N ASP L 81 15.78 -56.85 -1.55
CA ASP L 81 15.70 -56.78 -0.09
C ASP L 81 14.62 -55.80 0.33
N VAL L 82 14.00 -56.09 1.48
CA VAL L 82 13.07 -55.18 2.13
C VAL L 82 13.37 -54.99 3.61
N ALA L 83 14.28 -55.77 4.18
CA ALA L 83 14.59 -55.63 5.61
C ALA L 83 15.22 -54.28 5.91
N GLY L 84 16.17 -53.86 5.08
CA GLY L 84 16.83 -52.58 5.29
C GLY L 84 18.11 -52.48 4.49
N ASP L 85 18.54 -51.24 4.29
CA ASP L 85 19.79 -50.91 3.60
C ASP L 85 19.79 -51.33 2.14
N GLY L 86 18.62 -51.65 1.58
CA GLY L 86 18.49 -51.94 0.16
C GLY L 86 17.90 -50.78 -0.58
N THR L 87 16.85 -50.18 -0.01
CA THR L 87 16.18 -49.04 -0.62
C THR L 87 16.83 -47.72 -0.25
N THR L 88 17.61 -47.68 0.82
CA THR L 88 18.28 -46.45 1.23
C THR L 88 19.56 -46.21 0.45
N THR L 89 20.34 -47.26 0.22
CA THR L 89 21.56 -47.10 -0.57
C THR L 89 21.22 -46.68 -2.00
N ALA L 90 20.14 -47.20 -2.55
CA ALA L 90 19.72 -46.81 -3.89
C ALA L 90 19.37 -45.32 -3.92
N THR L 91 18.62 -44.84 -2.94
CA THR L 91 18.27 -43.43 -2.88
C THR L 91 19.51 -42.57 -2.73
N VAL L 92 20.45 -42.99 -1.89
CA VAL L 92 21.67 -42.23 -1.68
C VAL L 92 22.47 -42.12 -2.97
N LEU L 93 22.71 -43.25 -3.62
CA LEU L 93 23.50 -43.24 -4.85
C LEU L 93 22.78 -42.45 -5.94
N ALA L 94 21.45 -42.55 -6.01
CA ALA L 94 20.71 -41.78 -6.99
C ALA L 94 20.88 -40.29 -6.75
N GLN L 95 20.79 -39.86 -5.48
CA GLN L 95 20.98 -38.45 -5.18
C GLN L 95 22.36 -37.98 -5.59
N ALA L 96 23.39 -38.74 -5.23
CA ALA L 96 24.76 -38.33 -5.53
C ALA L 96 24.98 -38.22 -7.04
N ILE L 97 24.60 -39.27 -7.78
CA ILE L 97 24.85 -39.30 -9.21
C ILE L 97 24.05 -38.20 -9.89
N VAL L 98 22.77 -38.04 -9.54
CA VAL L 98 21.93 -37.06 -10.21
C VAL L 98 22.43 -35.66 -9.92
N ARG L 99 22.81 -35.38 -8.67
CA ARG L 99 23.29 -34.05 -8.31
C ARG L 99 24.53 -33.70 -9.11
N GLU L 100 25.56 -34.55 -9.05
CA GLU L 100 26.79 -34.25 -9.76
C GLU L 100 26.55 -34.17 -11.27
N GLY L 101 25.73 -35.07 -11.80
CA GLY L 101 25.44 -35.04 -13.22
C GLY L 101 24.77 -33.76 -13.65
N LEU L 102 23.83 -33.26 -12.85
CA LEU L 102 23.13 -32.05 -13.27
C LEU L 102 24.01 -30.82 -13.14
N LYS L 103 24.86 -30.75 -12.12
CA LYS L 103 25.79 -29.62 -12.06
C LYS L 103 26.81 -29.68 -13.19
N ASN L 104 27.16 -30.90 -13.63
CA ASN L 104 28.08 -31.00 -14.78
C ASN L 104 27.37 -30.70 -16.10
N VAL L 105 26.08 -31.02 -16.21
CA VAL L 105 25.31 -30.61 -17.38
C VAL L 105 25.23 -29.10 -17.42
N ALA L 106 25.11 -28.46 -16.27
CA ALA L 106 25.19 -27.00 -16.22
C ALA L 106 26.55 -26.50 -16.70
N ALA L 107 27.59 -27.31 -16.55
CA ALA L 107 28.92 -26.96 -17.04
C ALA L 107 29.09 -27.21 -18.53
N GLY L 108 28.05 -27.65 -19.23
CA GLY L 108 28.08 -27.78 -20.68
C GLY L 108 28.29 -29.19 -21.20
N ALA L 109 28.26 -30.20 -20.35
CA ALA L 109 28.45 -31.56 -20.81
C ALA L 109 27.23 -32.05 -21.58
N ASN L 110 27.46 -33.03 -22.45
CA ASN L 110 26.37 -33.64 -23.20
C ASN L 110 25.67 -34.65 -22.30
N PRO L 111 24.37 -34.48 -21.99
CA PRO L 111 23.72 -35.47 -21.09
C PRO L 111 23.69 -36.88 -21.63
N MET L 112 23.58 -37.06 -22.95
CA MET L 112 23.56 -38.41 -23.50
C MET L 112 24.87 -39.12 -23.23
N ASP L 113 25.99 -38.42 -23.42
CA ASP L 113 27.29 -39.01 -23.12
C ASP L 113 27.44 -39.29 -21.63
N LEU L 114 26.90 -38.41 -20.79
CA LEU L 114 26.93 -38.65 -19.35
C LEU L 114 26.19 -39.93 -18.99
N LYS L 115 25.01 -40.13 -19.58
CA LYS L 115 24.25 -41.34 -19.30
C LYS L 115 24.98 -42.58 -19.79
N ARG L 116 25.56 -42.51 -20.99
CA ARG L 116 26.29 -43.67 -21.51
C ARG L 116 27.47 -44.00 -20.61
N GLY L 117 28.20 -42.98 -20.18
CA GLY L 117 29.34 -43.23 -19.30
C GLY L 117 28.91 -43.80 -17.96
N ILE L 118 27.81 -43.30 -17.40
CA ILE L 118 27.31 -43.81 -16.14
C ILE L 118 26.96 -45.29 -16.28
N ASP L 119 26.27 -45.64 -17.37
CA ASP L 119 25.90 -47.03 -17.59
C ASP L 119 27.15 -47.91 -17.76
N LYS L 120 28.13 -47.45 -18.52
CA LYS L 120 29.32 -48.25 -18.76
C LYS L 120 30.09 -48.48 -17.47
N ALA L 121 30.27 -47.43 -16.68
CA ALA L 121 31.00 -47.59 -15.42
C ALA L 121 30.22 -48.44 -14.43
N VAL L 122 28.89 -48.36 -14.45
CA VAL L 122 28.11 -49.22 -13.57
C VAL L 122 28.25 -50.67 -13.99
N GLU L 123 28.36 -50.92 -15.29
CA GLU L 123 28.64 -52.28 -15.76
C GLU L 123 29.98 -52.75 -15.23
N ALA L 124 31.00 -51.90 -15.30
CA ALA L 124 32.32 -52.28 -14.80
C ALA L 124 32.27 -52.57 -13.29
N VAL L 125 31.56 -51.73 -12.54
CA VAL L 125 31.49 -51.93 -11.09
C VAL L 125 30.73 -53.21 -10.77
N VAL L 126 29.69 -53.53 -11.55
CA VAL L 126 28.95 -54.76 -11.33
C VAL L 126 29.85 -55.97 -11.58
N GLU L 127 30.65 -55.92 -12.64
CA GLU L 127 31.56 -57.03 -12.92
C GLU L 127 32.57 -57.19 -11.79
N GLU L 128 33.14 -56.09 -11.30
CA GLU L 128 34.08 -56.21 -10.19
C GLU L 128 33.40 -56.69 -8.92
N LEU L 129 32.13 -56.32 -8.71
CA LEU L 129 31.44 -56.77 -7.51
C LEU L 129 31.18 -58.27 -7.55
N LYS L 130 30.83 -58.79 -8.73
CA LYS L 130 30.75 -60.24 -8.89
C LYS L 130 32.10 -60.87 -8.60
N LYS L 131 33.18 -60.33 -9.20
CA LYS L 131 34.49 -60.94 -9.03
C LYS L 131 34.97 -60.87 -7.57
N MET L 132 34.45 -59.91 -6.79
CA MET L 132 34.93 -59.69 -5.44
C MET L 132 34.13 -60.47 -4.40
N ALA L 133 32.89 -60.80 -4.73
CA ALA L 133 32.01 -61.45 -3.75
C ALA L 133 32.54 -62.82 -3.38
N LYS L 134 32.26 -63.23 -2.14
CA LYS L 134 32.61 -64.57 -1.67
C LYS L 134 31.39 -65.47 -1.80
N PRO L 135 31.39 -66.46 -2.69
CA PRO L 135 30.25 -67.38 -2.73
C PRO L 135 30.14 -68.20 -1.45
N VAL L 136 28.89 -68.53 -1.11
CA VAL L 136 28.56 -69.30 0.10
C VAL L 136 27.92 -70.60 -0.35
N ASN L 137 28.56 -71.72 0.01
CA ASN L 137 28.10 -73.05 -0.43
C ASN L 137 28.51 -74.06 0.65
N GLY L 138 27.59 -74.37 1.54
CA GLY L 138 27.78 -75.45 2.49
C GLY L 138 27.11 -75.18 3.81
N LYS L 139 27.03 -76.23 4.62
CA LYS L 139 26.25 -76.21 5.86
C LYS L 139 26.76 -75.13 6.81
N GLU L 140 28.05 -75.16 7.11
CA GLU L 140 28.55 -74.31 8.19
C GLU L 140 28.62 -72.84 7.76
N GLU L 141 28.99 -72.54 6.52
CA GLU L 141 28.99 -71.14 6.11
C GLU L 141 27.58 -70.61 5.92
N ILE L 142 26.64 -71.45 5.47
CA ILE L 142 25.25 -71.02 5.43
C ILE L 142 24.76 -70.69 6.84
N ALA L 143 25.12 -71.53 7.82
CA ALA L 143 24.75 -71.24 9.20
C ALA L 143 25.40 -69.94 9.67
N GLN L 144 26.65 -69.69 9.27
CA GLN L 144 27.34 -68.49 9.69
C GLN L 144 26.64 -67.24 9.16
N VAL L 145 26.31 -67.23 7.85
CA VAL L 145 25.63 -66.07 7.30
C VAL L 145 24.24 -65.91 7.92
N ALA L 146 23.55 -67.02 8.18
CA ALA L 146 22.25 -66.92 8.83
C ALA L 146 22.37 -66.30 10.22
N THR L 147 23.39 -66.70 10.98
CA THR L 147 23.60 -66.11 12.30
C THR L 147 23.92 -64.63 12.20
N ILE L 148 24.77 -64.25 11.24
CA ILE L 148 25.13 -62.85 11.09
C ILE L 148 23.91 -62.02 10.73
N SER L 149 23.02 -62.57 9.90
CA SER L 149 21.84 -61.82 9.50
C SER L 149 20.85 -61.62 10.63
N ALA L 150 20.80 -62.54 11.60
CA ALA L 150 19.77 -62.56 12.64
C ALA L 150 20.28 -62.04 13.97
N ASN L 151 21.28 -61.16 13.96
CA ASN L 151 21.83 -60.57 15.18
C ASN L 151 22.38 -61.62 16.13
N ASN L 152 23.05 -62.64 15.58
CA ASN L 152 23.90 -63.56 16.33
C ASN L 152 23.09 -64.34 17.39
N ASP L 153 22.19 -65.17 16.89
CA ASP L 153 21.57 -66.22 17.69
C ASP L 153 21.87 -67.55 16.99
N PRO L 154 22.79 -68.38 17.50
CA PRO L 154 23.10 -69.63 16.78
C PRO L 154 21.92 -70.54 16.52
N GLU L 155 20.88 -70.49 17.36
CA GLU L 155 19.75 -71.39 17.19
C GLU L 155 19.06 -71.17 15.84
N ILE L 156 18.67 -69.93 15.55
CA ILE L 156 17.97 -69.68 14.30
C ILE L 156 18.89 -69.91 13.11
N GLY L 157 20.18 -69.58 13.25
CA GLY L 157 21.10 -69.82 12.16
C GLY L 157 21.20 -71.29 11.79
N LYS L 158 21.36 -72.15 12.81
CA LYS L 158 21.30 -73.58 12.56
C LYS L 158 19.97 -73.96 11.93
N LEU L 159 18.88 -73.31 12.35
CA LEU L 159 17.58 -73.76 11.87
C LEU L 159 17.41 -73.45 10.38
N ILE L 160 17.79 -72.25 9.95
CA ILE L 160 17.69 -71.93 8.53
C ILE L 160 18.67 -72.78 7.73
N ALA L 161 19.86 -73.06 8.29
CA ALA L 161 20.79 -73.95 7.57
C ALA L 161 20.17 -75.32 7.36
N GLU L 162 19.53 -75.86 8.40
CA GLU L 162 18.89 -77.16 8.28
C GLU L 162 17.75 -77.12 7.27
N ALA L 163 16.96 -76.06 7.28
CA ALA L 163 15.85 -75.95 6.32
C ALA L 163 16.37 -75.95 4.89
N MET L 164 17.38 -75.13 4.61
CA MET L 164 17.94 -75.09 3.27
C MET L 164 18.54 -76.43 2.87
N GLU L 165 19.28 -77.08 3.77
CA GLU L 165 19.86 -78.36 3.42
C GLU L 165 18.78 -79.41 3.20
N LYS L 166 17.66 -79.32 3.90
CA LYS L 166 16.61 -80.30 3.74
C LYS L 166 15.87 -80.14 2.42
N VAL L 167 15.55 -78.91 2.01
CA VAL L 167 14.94 -78.68 0.70
C VAL L 167 15.98 -78.38 -0.36
N GLY L 168 16.72 -77.28 -0.23
CA GLY L 168 17.74 -76.94 -1.19
C GLY L 168 17.94 -75.45 -1.39
N LYS L 169 18.84 -75.11 -2.33
CA LYS L 169 19.14 -73.71 -2.58
C LYS L 169 17.95 -72.96 -3.17
N ASP L 170 17.36 -73.50 -4.22
CA ASP L 170 16.35 -72.80 -5.00
C ASP L 170 14.94 -73.07 -4.55
N GLY L 171 14.73 -73.87 -3.52
CA GLY L 171 13.40 -74.24 -3.09
C GLY L 171 12.72 -73.13 -2.31
N VAL L 172 11.53 -73.45 -1.81
CA VAL L 172 10.67 -72.50 -1.12
C VAL L 172 10.51 -72.91 0.34
N ILE L 173 10.53 -71.92 1.22
CA ILE L 173 10.43 -72.10 2.66
C ILE L 173 9.58 -70.97 3.23
N THR L 174 8.53 -71.34 3.98
CA THR L 174 7.52 -70.39 4.45
C THR L 174 7.40 -70.44 5.96
N VAL L 175 7.11 -69.28 6.55
CA VAL L 175 7.14 -69.05 7.99
C VAL L 175 5.72 -68.71 8.46
N GLU L 176 5.27 -69.36 9.54
CA GLU L 176 3.93 -69.16 10.07
C GLU L 176 3.94 -68.92 11.57
N GLU L 177 2.93 -68.20 12.02
CA GLU L 177 2.64 -67.92 13.42
C GLU L 177 2.32 -69.23 14.11
N SER L 178 3.27 -69.76 14.88
CA SER L 178 3.17 -71.11 15.43
C SER L 178 2.05 -71.20 16.47
N LYS L 179 1.89 -72.40 17.03
CA LYS L 179 0.92 -72.70 18.08
C LYS L 179 1.55 -73.11 19.39
N SER L 180 2.75 -73.68 19.38
CA SER L 180 3.43 -74.17 20.57
C SER L 180 4.56 -73.24 20.97
N THR L 181 5.32 -73.68 21.98
CA THR L 181 6.51 -72.96 22.42
C THR L 181 7.79 -73.44 21.74
N GLU L 182 7.83 -74.71 21.34
CA GLU L 182 8.98 -75.27 20.64
C GLU L 182 8.87 -75.01 19.15
N THR L 183 10.02 -74.76 18.52
CA THR L 183 10.09 -74.54 17.09
C THR L 183 10.37 -75.86 16.38
N THR L 184 9.56 -76.17 15.37
CA THR L 184 9.64 -77.43 14.65
C THR L 184 9.67 -77.19 13.15
N LEU L 185 10.48 -78.00 12.47
CA LEU L 185 10.68 -77.92 11.03
C LEU L 185 10.18 -79.22 10.41
N ASP L 186 9.47 -79.13 9.30
CA ASP L 186 8.96 -80.29 8.60
C ASP L 186 8.82 -79.98 7.12
N VAL L 187 9.12 -80.97 6.29
CA VAL L 187 9.03 -80.85 4.84
C VAL L 187 7.70 -81.45 4.41
N VAL L 188 6.88 -80.66 3.73
CA VAL L 188 5.56 -81.09 3.26
C VAL L 188 5.45 -80.77 1.78
N GLU L 189 4.66 -81.57 1.08
CA GLU L 189 4.41 -81.30 -0.33
C GLU L 189 3.64 -80.00 -0.50
N GLY L 190 4.04 -79.22 -1.50
CA GLY L 190 3.39 -77.95 -1.76
C GLY L 190 3.82 -77.41 -3.11
N MET L 191 3.23 -76.25 -3.46
CA MET L 191 3.33 -75.68 -4.80
C MET L 191 3.77 -74.22 -4.73
N GLN L 192 4.29 -73.75 -5.86
CA GLN L 192 4.83 -72.40 -6.01
C GLN L 192 4.75 -72.00 -7.47
N PHE L 193 3.91 -71.02 -7.79
CA PHE L 193 3.86 -70.47 -9.14
C PHE L 193 3.74 -68.95 -9.04
N ASP L 194 4.27 -68.26 -10.04
CA ASP L 194 4.55 -66.83 -9.93
C ASP L 194 3.47 -66.01 -10.64
N ARG L 195 2.37 -65.81 -9.92
CA ARG L 195 1.35 -64.84 -10.30
C ARG L 195 0.42 -64.64 -9.11
N GLY L 196 0.28 -63.40 -8.67
CA GLY L 196 -0.38 -63.10 -7.41
C GLY L 196 -1.82 -62.67 -7.52
N TYR L 197 -2.30 -61.95 -6.51
CA TYR L 197 -3.68 -61.48 -6.50
C TYR L 197 -3.93 -60.50 -7.64
N LEU L 198 -5.18 -60.47 -8.11
CA LEU L 198 -5.61 -59.59 -9.18
C LEU L 198 -6.35 -58.36 -8.65
N SER L 199 -6.28 -58.09 -7.34
CA SER L 199 -6.93 -56.94 -6.76
C SER L 199 -6.19 -56.56 -5.49
N PRO L 200 -5.68 -55.33 -5.34
CA PRO L 200 -5.00 -54.98 -4.10
C PRO L 200 -5.93 -54.70 -2.93
N TYR L 201 -7.23 -54.72 -3.15
CA TYR L 201 -8.20 -54.57 -2.06
C TYR L 201 -8.39 -55.86 -1.26
N PHE L 202 -7.83 -56.98 -1.72
CA PHE L 202 -8.07 -58.27 -1.11
C PHE L 202 -7.09 -58.60 0.01
N VAL L 203 -6.04 -57.81 0.21
CA VAL L 203 -5.05 -58.13 1.23
C VAL L 203 -5.66 -57.88 2.60
N THR L 204 -5.55 -58.88 3.47
CA THR L 204 -5.97 -58.77 4.87
C THR L 204 -4.83 -58.30 5.75
N ASP L 205 -3.69 -58.99 5.66
CA ASP L 205 -2.46 -58.59 6.34
C ASP L 205 -1.74 -57.58 5.45
N SER L 206 -2.07 -56.31 5.64
CA SER L 206 -1.42 -55.24 4.90
C SER L 206 -0.04 -54.88 5.47
N GLU L 207 0.30 -55.38 6.67
CA GLU L 207 1.62 -55.09 7.22
C GLU L 207 2.73 -55.64 6.33
N LYS L 208 2.52 -56.81 5.74
CA LYS L 208 3.43 -57.40 4.76
C LYS L 208 2.83 -57.51 3.36
N MET L 209 1.65 -56.90 3.11
CA MET L 209 1.05 -56.85 1.77
C MET L 209 0.86 -58.26 1.19
N GLU L 210 0.32 -59.17 2.01
CA GLU L 210 -0.01 -60.51 1.58
C GLU L 210 -1.40 -60.87 2.06
N ALA L 211 -2.22 -61.39 1.15
CA ALA L 211 -3.56 -61.87 1.49
C ALA L 211 -3.44 -63.30 1.99
N VAL L 212 -3.78 -63.52 3.25
CA VAL L 212 -3.61 -64.82 3.91
C VAL L 212 -4.97 -65.51 4.00
N LEU L 213 -4.99 -66.80 3.65
CA LEU L 213 -6.18 -67.63 3.71
C LEU L 213 -5.88 -68.86 4.56
N GLU L 214 -6.75 -69.14 5.52
CA GLU L 214 -6.62 -70.29 6.41
C GLU L 214 -7.70 -71.30 6.03
N ASN L 215 -7.27 -72.52 5.71
CA ASN L 215 -8.15 -73.59 5.25
C ASN L 215 -9.01 -73.17 4.07
N PRO L 216 -8.44 -72.88 2.91
CA PRO L 216 -9.23 -72.48 1.76
C PRO L 216 -9.63 -73.69 0.90
N TYR L 217 -10.77 -73.53 0.23
CA TYR L 217 -11.17 -74.41 -0.86
C TYR L 217 -10.55 -73.91 -2.15
N ILE L 218 -10.27 -74.83 -3.08
CA ILE L 218 -9.62 -74.51 -4.35
C ILE L 218 -10.44 -75.13 -5.46
N LEU L 219 -10.75 -74.33 -6.48
CA LEU L 219 -11.35 -74.82 -7.72
C LEU L 219 -10.38 -74.61 -8.86
N ILE L 220 -10.35 -75.57 -9.78
CA ILE L 220 -9.40 -75.57 -10.90
C ILE L 220 -10.19 -75.44 -12.19
N TYR L 221 -10.29 -74.21 -12.69
CA TYR L 221 -11.05 -73.89 -13.90
C TYR L 221 -10.10 -73.48 -15.02
N ASP L 222 -10.47 -73.84 -16.24
CA ASP L 222 -9.60 -73.68 -17.41
C ASP L 222 -9.97 -72.50 -18.29
N LYS L 223 -11.22 -72.02 -18.23
CA LYS L 223 -11.69 -70.94 -19.09
C LYS L 223 -11.77 -69.63 -18.30
N LYS L 224 -12.36 -68.62 -18.94
CA LYS L 224 -12.50 -67.30 -18.36
C LYS L 224 -13.72 -67.25 -17.45
N ILE L 225 -13.80 -66.19 -16.63
CA ILE L 225 -14.94 -65.96 -15.75
C ILE L 225 -15.24 -64.46 -15.76
N SER L 226 -16.32 -64.07 -16.44
CA SER L 226 -16.67 -62.66 -16.59
C SER L 226 -17.93 -62.31 -15.81
N ASN L 227 -18.99 -63.11 -15.99
CA ASN L 227 -20.29 -62.80 -15.42
C ASN L 227 -20.51 -63.56 -14.12
N MET L 228 -21.26 -62.93 -13.23
CA MET L 228 -21.58 -63.49 -11.92
C MET L 228 -22.55 -64.67 -12.02
N LYS L 229 -23.38 -64.72 -13.07
CA LYS L 229 -24.54 -65.59 -13.11
C LYS L 229 -24.22 -67.08 -13.00
N ASP L 230 -22.98 -67.50 -13.22
CA ASP L 230 -22.61 -68.92 -13.20
C ASP L 230 -21.85 -69.27 -11.92
N LEU L 231 -22.03 -68.49 -10.86
CA LEU L 231 -21.18 -68.57 -9.68
C LEU L 231 -21.94 -68.73 -8.37
N LEU L 232 -23.27 -68.88 -8.40
CA LEU L 232 -24.03 -68.91 -7.15
C LEU L 232 -23.74 -70.15 -6.31
N PRO L 233 -23.91 -71.38 -6.82
CA PRO L 233 -23.84 -72.55 -5.91
C PRO L 233 -22.49 -72.74 -5.28
N ILE L 234 -21.39 -72.46 -6.00
CA ILE L 234 -20.07 -72.68 -5.43
C ILE L 234 -19.84 -71.75 -4.25
N LEU L 235 -20.11 -70.45 -4.45
CA LEU L 235 -19.97 -69.49 -3.36
C LEU L 235 -20.89 -69.82 -2.21
N GLU L 236 -22.13 -70.23 -2.52
CA GLU L 236 -23.07 -70.55 -1.46
C GLU L 236 -22.58 -71.73 -0.63
N LYS L 237 -22.24 -72.85 -1.26
CA LYS L 237 -21.81 -74.02 -0.50
C LYS L 237 -20.51 -73.76 0.23
N VAL L 238 -19.64 -72.90 -0.32
CA VAL L 238 -18.46 -72.49 0.43
C VAL L 238 -18.87 -71.74 1.69
N ALA L 239 -19.87 -70.86 1.57
CA ALA L 239 -20.35 -70.13 2.75
C ALA L 239 -20.93 -71.08 3.79
N GLN L 240 -21.72 -72.07 3.37
CA GLN L 240 -22.24 -73.03 4.35
C GLN L 240 -21.12 -73.86 4.94
N SER L 241 -20.07 -74.13 4.17
CA SER L 241 -18.90 -74.81 4.72
C SER L 241 -18.21 -73.97 5.79
N GLY L 242 -18.36 -72.65 5.74
CA GLY L 242 -17.76 -71.80 6.75
C GLY L 242 -16.27 -71.65 6.66
N LYS L 243 -15.69 -71.87 5.47
CA LYS L 243 -14.25 -71.78 5.25
C LYS L 243 -13.99 -70.92 4.02
N PRO L 244 -12.80 -70.32 3.90
CA PRO L 244 -12.51 -69.52 2.69
C PRO L 244 -12.36 -70.39 1.46
N LEU L 245 -12.03 -69.72 0.35
CA LEU L 245 -11.96 -70.35 -0.97
C LEU L 245 -10.88 -69.65 -1.79
N LEU L 246 -10.38 -70.36 -2.81
CA LEU L 246 -9.38 -69.82 -3.71
C LEU L 246 -9.86 -70.03 -5.15
N ILE L 247 -9.92 -68.93 -5.90
CA ILE L 247 -10.37 -68.96 -7.29
C ILE L 247 -9.15 -68.97 -8.20
N ILE L 248 -8.90 -70.12 -8.83
CA ILE L 248 -7.90 -70.25 -9.89
C ILE L 248 -8.65 -70.45 -11.19
N ALA L 249 -8.47 -69.53 -12.13
CA ALA L 249 -9.09 -69.60 -13.45
C ALA L 249 -8.13 -69.01 -14.46
N GLU L 250 -8.53 -69.05 -15.73
CA GLU L 250 -7.69 -68.52 -16.80
C GLU L 250 -7.53 -67.01 -16.64
N ASP L 251 -8.63 -66.27 -16.69
CA ASP L 251 -8.60 -64.83 -16.52
C ASP L 251 -9.99 -64.36 -16.13
N VAL L 252 -10.13 -63.89 -14.90
CA VAL L 252 -11.36 -63.28 -14.43
C VAL L 252 -11.31 -61.80 -14.75
N GLU L 253 -12.45 -61.23 -15.12
CA GLU L 253 -12.49 -59.81 -15.48
C GLU L 253 -13.94 -59.32 -15.53
N GLY L 254 -14.19 -58.21 -14.85
CA GLY L 254 -15.43 -57.47 -15.05
C GLY L 254 -16.40 -57.62 -13.89
N GLU L 255 -17.66 -57.94 -14.22
CA GLU L 255 -18.72 -57.99 -13.21
C GLU L 255 -18.44 -59.02 -12.13
N ALA L 256 -17.74 -60.10 -12.49
CA ALA L 256 -17.32 -61.06 -11.47
C ALA L 256 -16.43 -60.38 -10.45
N LEU L 257 -15.47 -59.57 -10.90
CA LEU L 257 -14.61 -58.84 -9.97
C LEU L 257 -15.39 -57.82 -9.16
N ALA L 258 -16.35 -57.13 -9.80
CA ALA L 258 -17.19 -56.21 -9.03
C ALA L 258 -17.87 -56.94 -7.89
N THR L 259 -18.45 -58.11 -8.18
CA THR L 259 -19.14 -58.88 -7.15
C THR L 259 -18.18 -59.32 -6.05
N LEU L 260 -17.08 -60.02 -6.43
CA LEU L 260 -16.14 -60.62 -5.44
C LEU L 260 -15.50 -59.51 -4.58
N VAL L 261 -15.20 -58.34 -5.15
CA VAL L 261 -14.68 -57.22 -4.38
C VAL L 261 -15.76 -56.71 -3.44
N VAL L 262 -17.01 -56.69 -3.88
CA VAL L 262 -18.09 -56.18 -3.03
C VAL L 262 -18.22 -57.03 -1.78
N ASN L 263 -18.31 -58.35 -1.91
CA ASN L 263 -18.55 -59.13 -0.69
C ASN L 263 -17.27 -59.34 0.10
N LYS L 264 -16.10 -59.20 -0.51
CA LYS L 264 -14.85 -59.30 0.23
C LYS L 264 -14.59 -58.05 1.06
N LEU L 265 -14.86 -56.88 0.50
CA LEU L 265 -14.74 -55.65 1.28
C LEU L 265 -15.79 -55.61 2.38
N ARG L 266 -16.98 -56.13 2.11
CA ARG L 266 -17.98 -56.31 3.17
C ARG L 266 -17.54 -57.35 4.19
N GLY L 267 -16.64 -58.25 3.82
CA GLY L 267 -16.14 -59.25 4.73
C GLY L 267 -17.03 -60.46 4.91
N THR L 268 -18.14 -60.55 4.16
CA THR L 268 -19.04 -61.68 4.32
C THR L 268 -18.37 -62.99 3.90
N LEU L 269 -17.56 -62.96 2.85
CA LEU L 269 -16.90 -64.15 2.32
C LEU L 269 -15.40 -63.92 2.29
N LYS L 270 -14.66 -64.94 2.71
CA LYS L 270 -13.20 -64.95 2.63
C LYS L 270 -12.81 -65.68 1.35
N VAL L 271 -12.15 -64.98 0.43
CA VAL L 271 -11.87 -65.51 -0.89
C VAL L 271 -10.68 -64.78 -1.46
N CYS L 272 -9.97 -65.44 -2.38
CA CYS L 272 -8.89 -64.81 -3.14
C CYS L 272 -8.85 -65.42 -4.52
N ALA L 273 -8.58 -64.58 -5.52
CA ALA L 273 -8.61 -64.96 -6.92
C ALA L 273 -7.26 -64.70 -7.56
N VAL L 274 -6.76 -65.68 -8.31
CA VAL L 274 -5.46 -65.61 -8.96
C VAL L 274 -5.54 -66.31 -10.30
N LYS L 275 -4.73 -65.84 -11.24
CA LYS L 275 -4.70 -66.43 -12.57
C LYS L 275 -4.07 -67.81 -12.54
N ALA L 276 -4.25 -68.56 -13.62
CA ALA L 276 -3.65 -69.87 -13.76
C ALA L 276 -2.22 -69.75 -14.28
N PRO L 277 -1.36 -70.76 -14.03
CA PRO L 277 0.02 -70.76 -14.53
C PRO L 277 0.19 -71.56 -15.81
N GLY L 278 1.04 -71.10 -16.73
CA GLY L 278 1.41 -71.85 -17.93
C GLY L 278 0.95 -71.19 -19.21
N PHE L 279 0.97 -71.99 -20.27
CA PHE L 279 0.58 -71.53 -21.60
C PHE L 279 0.08 -72.72 -22.40
N GLY L 280 -1.22 -72.72 -22.69
CA GLY L 280 -1.77 -73.72 -23.61
C GLY L 280 -1.74 -75.12 -23.03
N ASP L 281 -1.18 -76.05 -23.81
CA ASP L 281 -1.10 -77.44 -23.37
C ASP L 281 -0.30 -77.56 -22.07
N ARG L 282 0.80 -76.81 -21.96
CA ARG L 282 1.55 -76.77 -20.72
C ARG L 282 0.68 -76.23 -19.58
N ARG L 283 -0.16 -75.23 -19.89
CA ARG L 283 -1.06 -74.72 -18.85
C ARG L 283 -1.97 -75.82 -18.34
N LYS L 284 -2.62 -76.57 -19.25
CA LYS L 284 -3.53 -77.63 -18.81
C LYS L 284 -2.79 -78.70 -18.03
N ALA L 285 -1.57 -79.05 -18.45
CA ALA L 285 -0.78 -80.02 -17.72
C ALA L 285 -0.56 -79.55 -16.28
N MET L 286 -0.21 -78.29 -16.10
CA MET L 286 0.00 -77.82 -14.74
C MET L 286 -1.30 -77.65 -13.96
N LEU L 287 -2.44 -77.36 -14.62
CA LEU L 287 -3.69 -77.41 -13.87
C LEU L 287 -3.95 -78.81 -13.35
N GLU L 288 -3.66 -79.83 -14.17
CA GLU L 288 -3.81 -81.20 -13.70
C GLU L 288 -2.90 -81.45 -12.50
N ASP L 289 -1.67 -80.92 -12.56
CA ASP L 289 -0.75 -81.10 -11.43
C ASP L 289 -1.28 -80.44 -10.16
N ILE L 290 -1.75 -79.20 -10.23
CA ILE L 290 -2.22 -78.57 -8.99
C ILE L 290 -3.49 -79.25 -8.50
N ALA L 291 -4.35 -79.68 -9.41
CA ALA L 291 -5.58 -80.35 -9.02
C ALA L 291 -5.30 -81.65 -8.28
N ILE L 292 -4.37 -82.47 -8.80
CA ILE L 292 -4.07 -83.72 -8.11
C ILE L 292 -3.23 -83.48 -6.86
N LEU L 293 -2.50 -82.37 -6.78
CA LEU L 293 -1.80 -82.07 -5.54
C LEU L 293 -2.79 -81.72 -4.44
N THR L 294 -3.75 -80.84 -4.74
CA THR L 294 -4.76 -80.49 -3.74
C THR L 294 -5.82 -81.58 -3.56
N GLY L 295 -5.78 -82.64 -4.35
CA GLY L 295 -6.71 -83.74 -4.21
C GLY L 295 -8.05 -83.56 -4.89
N GLY L 296 -8.29 -82.41 -5.52
CA GLY L 296 -9.54 -82.16 -6.21
C GLY L 296 -9.50 -82.67 -7.63
N THR L 297 -10.43 -82.16 -8.43
CA THR L 297 -10.53 -82.49 -9.85
C THR L 297 -10.75 -81.22 -10.66
N VAL L 298 -10.32 -81.26 -11.91
CA VAL L 298 -10.42 -80.09 -12.78
C VAL L 298 -11.86 -79.90 -13.23
N ILE L 299 -12.21 -78.65 -13.54
CA ILE L 299 -13.49 -78.29 -14.12
C ILE L 299 -13.19 -77.86 -15.55
N SER L 300 -13.50 -78.74 -16.51
CA SER L 300 -13.15 -78.53 -17.90
C SER L 300 -14.30 -78.94 -18.82
N GLU L 301 -14.50 -78.14 -19.86
CA GLU L 301 -15.45 -78.48 -20.91
C GLU L 301 -14.97 -79.65 -21.75
N GLU L 302 -13.66 -79.80 -21.92
CA GLU L 302 -13.14 -80.93 -22.68
C GLU L 302 -13.51 -82.25 -22.02
N THR L 303 -13.35 -82.34 -20.71
CA THR L 303 -13.81 -83.49 -19.93
C THR L 303 -15.28 -83.40 -19.56
N GLY L 304 -15.90 -82.23 -19.67
CA GLY L 304 -17.34 -82.11 -19.53
C GLY L 304 -17.85 -81.90 -18.12
N TYR L 305 -17.36 -80.85 -17.45
CA TYR L 305 -17.96 -80.37 -16.20
C TYR L 305 -18.12 -78.87 -16.29
N LYS L 306 -19.32 -78.39 -16.00
CA LYS L 306 -19.61 -76.96 -15.94
C LYS L 306 -19.37 -76.44 -14.52
N LEU L 307 -19.05 -75.13 -14.44
CA LEU L 307 -18.68 -74.55 -13.16
C LEU L 307 -19.81 -74.61 -12.16
N GLU L 308 -21.05 -74.37 -12.60
CA GLU L 308 -22.21 -74.50 -11.74
C GLU L 308 -22.31 -75.91 -11.13
N ASN L 309 -21.84 -76.92 -11.88
CA ASN L 309 -21.95 -78.30 -11.44
C ASN L 309 -20.91 -78.67 -10.38
N ALA L 310 -19.82 -77.91 -10.29
CA ALA L 310 -18.75 -78.23 -9.36
C ALA L 310 -19.28 -78.27 -7.92
N THR L 311 -18.91 -79.34 -7.22
CA THR L 311 -19.44 -79.66 -5.90
C THR L 311 -18.32 -79.56 -4.86
N LEU L 312 -18.67 -79.84 -3.60
CA LEU L 312 -17.68 -79.86 -2.54
C LEU L 312 -16.58 -80.87 -2.82
N ASP L 313 -16.96 -82.05 -3.32
CA ASP L 313 -15.97 -83.08 -3.58
C ASP L 313 -14.97 -82.67 -4.65
N TYR L 314 -15.43 -82.00 -5.71
CA TYR L 314 -14.54 -81.62 -6.80
C TYR L 314 -13.57 -80.51 -6.40
N LEU L 315 -13.82 -79.82 -5.28
CA LEU L 315 -12.92 -78.76 -4.84
C LEU L 315 -11.65 -79.35 -4.25
N GLY L 316 -10.63 -78.50 -4.12
CA GLY L 316 -9.39 -78.84 -3.48
C GLY L 316 -9.35 -78.30 -2.06
N ARG L 317 -8.48 -78.89 -1.24
CA ARG L 317 -8.39 -78.58 0.18
C ARG L 317 -6.93 -78.48 0.59
N ALA L 318 -6.57 -77.31 1.11
CA ALA L 318 -5.25 -77.09 1.69
C ALA L 318 -5.44 -76.44 3.07
N LYS L 319 -4.34 -76.32 3.80
CA LYS L 319 -4.33 -75.72 5.13
C LYS L 319 -3.90 -74.27 5.14
N ARG L 320 -2.99 -73.88 4.24
CA ARG L 320 -2.32 -72.59 4.33
C ARG L 320 -1.95 -72.19 2.90
N VAL L 321 -2.55 -71.11 2.43
CA VAL L 321 -2.24 -70.52 1.12
C VAL L 321 -1.92 -69.05 1.32
N THR L 322 -0.79 -68.62 0.78
CA THR L 322 -0.35 -67.23 0.85
C THR L 322 -0.44 -66.62 -0.53
N ILE L 323 -1.05 -65.44 -0.60
CA ILE L 323 -1.21 -64.69 -1.85
C ILE L 323 -0.64 -63.30 -1.59
N ASP L 324 0.46 -62.97 -2.25
CA ASP L 324 1.05 -61.64 -2.23
C ASP L 324 1.09 -61.10 -3.65
N LYS L 325 1.77 -59.97 -3.84
CA LYS L 325 1.73 -59.28 -5.12
C LYS L 325 2.31 -60.15 -6.25
N ASP L 326 3.38 -60.87 -5.97
CA ASP L 326 4.13 -61.56 -7.02
C ASP L 326 3.69 -63.01 -7.21
N ASN L 327 3.80 -63.82 -6.15
CA ASN L 327 3.71 -65.27 -6.24
C ASN L 327 2.61 -65.80 -5.34
N THR L 328 2.43 -67.12 -5.35
CA THR L 328 1.44 -67.79 -4.51
C THR L 328 1.91 -69.18 -4.14
N THR L 329 1.75 -69.53 -2.86
CA THR L 329 2.17 -70.82 -2.34
C THR L 329 0.95 -71.63 -1.93
N ILE L 330 1.00 -72.93 -2.25
CA ILE L 330 0.04 -73.92 -1.75
C ILE L 330 0.85 -74.94 -0.95
N VAL L 331 0.48 -75.12 0.32
CA VAL L 331 1.19 -76.03 1.22
C VAL L 331 0.16 -76.91 1.92
N ASP L 332 0.61 -78.11 2.31
CA ASP L 332 -0.23 -79.13 2.94
C ASP L 332 -1.35 -79.54 1.99
N GLY L 333 -0.95 -79.94 0.78
CA GLY L 333 -1.90 -80.37 -0.22
C GLY L 333 -2.64 -81.63 0.19
N ALA L 334 -3.92 -81.50 0.47
CA ALA L 334 -4.73 -82.63 0.93
C ALA L 334 -5.05 -83.52 -0.27
N GLY L 335 -4.18 -84.51 -0.49
CA GLY L 335 -4.39 -85.48 -1.54
C GLY L 335 -3.72 -86.79 -1.17
N ASP L 336 -4.11 -87.83 -1.90
CA ASP L 336 -3.49 -89.14 -1.72
C ASP L 336 -2.02 -89.05 -2.11
N LYS L 337 -1.14 -89.17 -1.12
CA LYS L 337 0.30 -89.08 -1.36
C LYS L 337 0.79 -90.09 -2.39
N GLU L 338 0.17 -91.28 -2.42
CA GLU L 338 0.58 -92.28 -3.38
C GLU L 338 0.35 -91.79 -4.80
N ASP L 339 -0.78 -91.11 -5.03
CA ASP L 339 -1.01 -90.49 -6.34
C ASP L 339 0.04 -89.42 -6.63
N ILE L 340 0.56 -88.76 -5.60
CA ILE L 340 1.59 -87.75 -5.85
C ILE L 340 2.86 -88.40 -6.37
N LYS L 341 3.36 -89.45 -5.68
CA LYS L 341 4.51 -90.13 -6.28
C LYS L 341 4.17 -90.81 -7.59
N ALA L 342 2.91 -91.18 -7.82
CA ALA L 342 2.55 -91.70 -9.14
C ALA L 342 2.73 -90.65 -10.22
N ARG L 343 2.36 -89.40 -9.92
CA ARG L 343 2.62 -88.30 -10.83
C ARG L 343 4.13 -88.10 -11.03
N VAL L 344 4.91 -88.25 -9.97
CA VAL L 344 6.37 -88.17 -10.12
C VAL L 344 6.86 -89.27 -11.07
N ASN L 345 6.33 -90.49 -10.90
CA ASN L 345 6.74 -91.60 -11.76
C ASN L 345 6.39 -91.33 -13.21
N GLN L 346 5.18 -90.83 -13.46
CA GLN L 346 4.80 -90.51 -14.83
C GLN L 346 5.64 -89.37 -15.39
N ILE L 347 5.98 -88.39 -14.56
CA ILE L 347 6.80 -87.27 -15.02
C ILE L 347 8.19 -87.77 -15.42
N LYS L 348 8.80 -88.63 -14.60
CA LYS L 348 10.12 -89.13 -14.97
C LYS L 348 10.05 -90.07 -16.17
N LYS L 349 8.96 -90.83 -16.31
CA LYS L 349 8.76 -91.61 -17.52
C LYS L 349 8.73 -90.72 -18.75
N GLN L 350 8.00 -89.60 -18.67
CA GLN L 350 8.01 -88.64 -19.75
C GLN L 350 9.42 -88.07 -19.97
N ILE L 351 10.17 -87.90 -18.90
CA ILE L 351 11.52 -87.34 -19.02
C ILE L 351 12.42 -88.27 -19.83
N GLU L 352 12.38 -89.57 -19.54
CA GLU L 352 13.12 -90.48 -20.40
C GLU L 352 12.49 -90.62 -21.78
N ASN L 353 11.19 -90.34 -21.93
CA ASN L 353 10.56 -90.46 -23.23
C ASN L 353 10.92 -89.29 -24.15
N THR L 354 10.96 -88.07 -23.61
CA THR L 354 11.18 -86.90 -24.45
C THR L 354 12.62 -86.87 -24.96
N THR L 355 12.82 -86.12 -26.05
CA THR L 355 14.11 -85.98 -26.71
C THR L 355 14.58 -84.53 -26.81
N SER L 356 13.66 -83.59 -27.05
CA SER L 356 14.06 -82.21 -27.21
C SER L 356 14.56 -81.63 -25.88
N ASP L 357 15.44 -80.64 -25.97
CA ASP L 357 16.02 -80.05 -24.78
C ASP L 357 15.04 -79.14 -24.05
N TYR L 358 14.26 -78.35 -24.80
CA TYR L 358 13.35 -77.40 -24.16
C TYR L 358 12.25 -78.12 -23.39
N ASP L 359 11.62 -79.11 -24.00
CA ASP L 359 10.63 -79.90 -23.29
C ASP L 359 11.24 -80.66 -22.12
N ARG L 360 12.49 -81.10 -22.28
CA ARG L 360 13.18 -81.75 -21.17
C ARG L 360 13.35 -80.79 -20.00
N GLU L 361 13.73 -79.54 -20.28
CA GLU L 361 13.86 -78.54 -19.22
C GLU L 361 12.53 -78.29 -18.55
N LYS L 362 11.45 -78.19 -19.34
CA LYS L 362 10.15 -77.93 -18.76
C LYS L 362 9.70 -79.10 -17.88
N LEU L 363 9.94 -80.33 -18.32
CA LEU L 363 9.60 -81.49 -17.51
C LEU L 363 10.47 -81.55 -16.25
N GLN L 364 11.74 -81.16 -16.35
CA GLN L 364 12.61 -81.15 -15.17
C GLN L 364 12.12 -80.15 -14.13
N GLU L 365 11.67 -78.96 -14.57
CA GLU L 365 11.14 -78.02 -13.58
C GLU L 365 9.76 -78.44 -13.07
N ARG L 366 8.97 -79.17 -13.87
CA ARG L 366 7.79 -79.82 -13.30
C ARG L 366 8.19 -80.77 -12.17
N LEU L 367 9.21 -81.59 -12.42
CA LEU L 367 9.67 -82.55 -11.43
C LEU L 367 10.14 -81.84 -10.17
N ALA L 368 10.92 -80.76 -10.34
CA ALA L 368 11.39 -80.00 -9.19
C ALA L 368 10.24 -79.39 -8.42
N LYS L 369 9.23 -78.85 -9.12
CA LYS L 369 8.14 -78.17 -8.43
C LYS L 369 7.21 -79.16 -7.72
N LEU L 370 7.09 -80.38 -8.23
CA LEU L 370 6.22 -81.37 -7.60
C LEU L 370 6.96 -82.12 -6.50
N ALA L 371 8.04 -82.83 -6.84
CA ALA L 371 8.74 -83.67 -5.88
C ALA L 371 9.46 -82.87 -4.81
N GLY L 372 9.80 -81.60 -5.08
CA GLY L 372 10.57 -80.83 -4.12
C GLY L 372 9.80 -80.58 -2.83
N GLY L 373 8.52 -80.26 -2.94
CA GLY L 373 7.74 -79.91 -1.77
C GLY L 373 8.09 -78.53 -1.25
N VAL L 374 7.60 -78.26 -0.04
CA VAL L 374 7.83 -76.99 0.65
C VAL L 374 8.19 -77.29 2.09
N ALA L 375 9.27 -76.68 2.58
CA ALA L 375 9.68 -76.85 3.97
C ALA L 375 9.01 -75.76 4.81
N VAL L 376 8.03 -76.16 5.59
CA VAL L 376 7.22 -75.28 6.40
C VAL L 376 7.83 -75.22 7.79
N ILE L 377 7.97 -74.01 8.34
CA ILE L 377 8.59 -73.81 9.64
C ILE L 377 7.60 -73.15 10.61
N LYS L 378 7.58 -73.68 11.82
CA LYS L 378 6.61 -73.32 12.86
C LYS L 378 7.40 -72.65 13.99
N VAL L 379 7.43 -71.32 13.98
CA VAL L 379 8.34 -70.57 14.86
C VAL L 379 7.70 -70.43 16.23
N GLY L 380 8.19 -71.18 17.19
CA GLY L 380 7.66 -71.17 18.55
C GLY L 380 8.59 -70.45 19.52
N ALA L 381 8.01 -69.66 20.42
CA ALA L 381 8.73 -69.02 21.51
C ALA L 381 7.77 -68.86 22.68
N ALA L 382 8.12 -68.01 23.64
CA ALA L 382 7.42 -68.02 24.92
C ALA L 382 6.09 -67.27 24.89
N THR L 383 6.13 -65.96 24.70
CA THR L 383 4.94 -65.11 24.78
C THR L 383 4.43 -64.81 23.38
N GLU L 384 3.36 -64.02 23.29
CA GLU L 384 2.74 -63.70 22.01
C GLU L 384 3.54 -62.66 21.24
N VAL L 385 3.69 -61.46 21.80
CA VAL L 385 4.34 -60.38 21.08
C VAL L 385 5.82 -60.68 20.86
N GLU L 386 6.48 -61.29 21.86
CA GLU L 386 7.87 -61.67 21.64
C GLU L 386 8.00 -62.72 20.56
N MET L 387 7.06 -63.67 20.50
CA MET L 387 7.16 -64.69 19.47
C MET L 387 6.91 -64.07 18.10
N LYS L 388 5.99 -63.10 18.03
CA LYS L 388 5.74 -62.41 16.76
C LYS L 388 6.98 -61.64 16.30
N GLU L 389 7.63 -60.93 17.23
CA GLU L 389 8.86 -60.23 16.88
C GLU L 389 9.92 -61.23 16.41
N LYS L 390 10.04 -62.36 17.11
CA LYS L 390 10.99 -63.38 16.72
C LYS L 390 10.69 -63.89 15.32
N LYS L 391 9.41 -64.09 15.00
CA LYS L 391 9.02 -64.50 13.65
C LYS L 391 9.46 -63.46 12.63
N ALA L 392 9.32 -62.18 12.97
CA ALA L 392 9.78 -61.14 12.06
C ALA L 392 11.29 -61.24 11.80
N ARG L 393 12.07 -61.47 12.87
CA ARG L 393 13.51 -61.63 12.67
C ARG L 393 13.80 -62.85 11.81
N VAL L 394 13.03 -63.92 12.00
CA VAL L 394 13.21 -65.11 11.20
C VAL L 394 12.94 -64.82 9.73
N GLU L 395 11.89 -64.05 9.44
CA GLU L 395 11.61 -63.71 8.05
C GLU L 395 12.72 -62.86 7.44
N ASP L 396 13.26 -61.92 8.22
CA ASP L 396 14.37 -61.12 7.72
C ASP L 396 15.57 -62.00 7.41
N ALA L 397 15.88 -62.94 8.32
CA ALA L 397 16.99 -63.85 8.09
C ALA L 397 16.73 -64.74 6.87
N LEU L 398 15.48 -65.16 6.69
CA LEU L 398 15.08 -65.90 5.50
C LEU L 398 15.49 -65.15 4.24
N HIS L 399 14.96 -63.94 4.07
CA HIS L 399 15.21 -63.20 2.83
C HIS L 399 16.69 -62.91 2.64
N ALA L 400 17.38 -62.51 3.72
CA ALA L 400 18.80 -62.24 3.62
C ALA L 400 19.58 -63.46 3.18
N THR L 401 19.24 -64.64 3.72
CA THR L 401 19.96 -65.85 3.38
C THR L 401 19.68 -66.27 1.94
N ARG L 402 18.45 -66.10 1.47
CA ARG L 402 18.17 -66.38 0.06
C ARG L 402 19.03 -65.52 -0.84
N ALA L 403 19.09 -64.21 -0.58
CA ALA L 403 19.94 -63.35 -1.41
C ALA L 403 21.41 -63.76 -1.31
N ALA L 404 21.87 -64.07 -0.09
CA ALA L 404 23.27 -64.40 0.13
C ALA L 404 23.67 -65.63 -0.67
N VAL L 405 22.83 -66.67 -0.66
CA VAL L 405 23.15 -67.82 -1.50
C VAL L 405 22.98 -67.51 -2.97
N GLU L 406 22.07 -66.60 -3.33
CA GLU L 406 21.84 -66.32 -4.74
C GLU L 406 23.06 -65.71 -5.41
N GLU L 407 23.74 -64.75 -4.75
CA GLU L 407 24.86 -64.08 -5.41
C GLU L 407 26.09 -63.91 -4.50
N GLY L 408 26.07 -64.46 -3.30
CA GLY L 408 27.24 -64.49 -2.45
C GLY L 408 27.36 -63.27 -1.55
N ILE L 409 28.48 -63.24 -0.82
CA ILE L 409 28.69 -62.32 0.29
C ILE L 409 29.69 -61.26 -0.14
N VAL L 410 29.47 -60.03 0.30
CA VAL L 410 30.37 -58.90 0.02
C VAL L 410 30.52 -58.11 1.31
N PRO L 411 31.68 -57.51 1.61
CA PRO L 411 31.79 -56.72 2.86
C PRO L 411 30.91 -55.48 2.80
N GLY L 412 29.93 -55.40 3.70
CA GLY L 412 28.98 -54.32 3.69
C GLY L 412 29.42 -53.13 4.53
N GLY L 413 28.45 -52.28 4.82
CA GLY L 413 28.75 -51.02 5.49
C GLY L 413 29.33 -49.97 4.60
N GLY L 414 29.27 -50.14 3.28
CA GLY L 414 29.74 -49.17 2.33
C GLY L 414 31.11 -49.42 1.76
N VAL L 415 31.92 -50.27 2.40
CA VAL L 415 33.21 -50.61 1.81
C VAL L 415 33.05 -51.44 0.55
N ALA L 416 31.88 -52.07 0.35
CA ALA L 416 31.62 -52.84 -0.86
C ALA L 416 31.85 -52.02 -2.11
N LEU L 417 31.23 -50.86 -2.19
CA LEU L 417 31.35 -50.02 -3.37
C LEU L 417 32.69 -49.31 -3.44
N ILE L 418 33.32 -49.04 -2.30
CA ILE L 418 34.65 -48.44 -2.30
C ILE L 418 35.64 -49.39 -2.94
N ARG L 419 35.65 -50.66 -2.51
CA ARG L 419 36.59 -51.61 -3.07
C ARG L 419 36.29 -51.90 -4.54
N ALA L 420 35.05 -51.78 -4.97
CA ALA L 420 34.71 -51.94 -6.37
C ALA L 420 35.15 -50.77 -7.24
N ALA L 421 35.56 -49.66 -6.62
CA ALA L 421 36.02 -48.50 -7.38
C ALA L 421 37.36 -48.75 -8.07
N LYS L 422 38.08 -49.81 -7.71
CA LYS L 422 39.34 -50.10 -8.37
C LYS L 422 39.15 -50.46 -9.85
N ALA L 423 37.96 -50.91 -10.24
CA ALA L 423 37.70 -51.19 -11.64
C ALA L 423 37.77 -49.94 -12.51
N LEU L 424 37.35 -48.80 -11.99
CA LEU L 424 37.27 -47.56 -12.75
C LEU L 424 38.58 -46.80 -12.78
N GLU L 425 39.70 -47.43 -12.42
CA GLU L 425 40.97 -46.72 -12.41
C GLU L 425 41.46 -46.45 -13.82
N ASN L 426 41.39 -47.45 -14.69
CA ASN L 426 41.92 -47.40 -16.05
C ASN L 426 40.83 -47.66 -17.07
N LEU L 427 39.68 -47.01 -16.90
CA LEU L 427 38.55 -47.15 -17.82
C LEU L 427 38.20 -45.79 -18.38
N GLU L 428 38.25 -45.67 -19.71
CA GLU L 428 37.98 -44.43 -20.42
C GLU L 428 36.88 -44.65 -21.43
N GLY L 429 36.02 -43.63 -21.57
CA GLY L 429 34.93 -43.67 -22.53
C GLY L 429 35.37 -43.20 -23.91
N GLU L 430 34.37 -43.06 -24.78
CA GLU L 430 34.66 -42.67 -26.16
C GLU L 430 35.10 -41.22 -26.25
N ASN L 431 34.45 -40.33 -25.52
CA ASN L 431 34.80 -38.91 -25.48
C ASN L 431 34.83 -38.46 -24.03
N GLY L 432 35.27 -37.21 -23.83
CA GLY L 432 35.52 -36.70 -22.50
C GLY L 432 34.31 -36.67 -21.59
N ASP L 433 33.11 -36.53 -22.15
CA ASP L 433 31.91 -36.48 -21.32
C ASP L 433 31.66 -37.81 -20.63
N GLN L 434 31.92 -38.93 -21.32
CA GLN L 434 31.84 -40.23 -20.66
C GLN L 434 32.89 -40.36 -19.56
N LYS L 435 34.07 -39.80 -19.75
CA LYS L 435 35.06 -39.80 -18.68
C LYS L 435 34.57 -38.99 -17.48
N THR L 436 33.88 -37.88 -17.75
CA THR L 436 33.30 -37.10 -16.66
C THR L 436 32.24 -37.90 -15.93
N GLY L 437 31.42 -38.65 -16.68
CA GLY L 437 30.44 -39.52 -16.03
C GLY L 437 31.09 -40.61 -15.20
N VAL L 438 32.20 -41.16 -15.69
CA VAL L 438 32.95 -42.15 -14.93
C VAL L 438 33.44 -41.55 -13.62
N LYS L 439 33.95 -40.32 -13.67
CA LYS L 439 34.36 -39.64 -12.46
C LYS L 439 33.17 -39.42 -11.53
N ILE L 440 32.03 -39.07 -12.11
CA ILE L 440 30.84 -38.77 -11.31
C ILE L 440 30.40 -40.00 -10.54
N VAL L 441 30.34 -41.16 -11.20
CA VAL L 441 29.96 -42.37 -10.49
C VAL L 441 31.07 -42.84 -9.57
N ARG L 442 32.35 -42.55 -9.89
CA ARG L 442 33.43 -42.86 -8.96
C ARG L 442 33.20 -42.17 -7.62
N ARG L 443 32.96 -40.85 -7.65
CA ARG L 443 32.72 -40.14 -6.40
C ARG L 443 31.44 -40.60 -5.72
N ALA L 444 30.45 -41.07 -6.49
CA ALA L 444 29.18 -41.47 -5.91
C ALA L 444 29.30 -42.74 -5.07
N LEU L 445 30.19 -43.66 -5.45
CA LEU L 445 30.33 -44.90 -4.70
C LEU L 445 30.80 -44.65 -3.28
N GLU L 446 31.47 -43.53 -3.03
CA GLU L 446 31.93 -43.21 -1.69
C GLU L 446 30.83 -42.63 -0.80
N GLU L 447 29.74 -42.18 -1.40
CA GLU L 447 28.74 -41.45 -0.61
C GLU L 447 28.06 -42.33 0.43
N PRO L 448 27.70 -43.59 0.16
CA PRO L 448 27.08 -44.41 1.22
C PRO L 448 27.90 -44.52 2.49
N LEU L 449 29.17 -44.90 2.40
CA LEU L 449 30.00 -44.98 3.60
C LEU L 449 30.16 -43.61 4.24
N ARG L 450 30.27 -42.57 3.41
CA ARG L 450 30.42 -41.22 3.95
C ARG L 450 29.20 -40.83 4.76
N GLN L 451 28.01 -41.21 4.32
CA GLN L 451 26.81 -40.90 5.09
C GLN L 451 26.66 -41.82 6.29
N ILE L 452 27.12 -43.07 6.19
CA ILE L 452 27.10 -43.95 7.36
C ILE L 452 27.94 -43.36 8.47
N VAL L 453 29.14 -42.88 8.16
CA VAL L 453 29.96 -42.29 9.20
C VAL L 453 29.51 -40.88 9.55
N ALA L 454 28.84 -40.17 8.64
CA ALA L 454 28.26 -38.88 9.00
C ALA L 454 27.16 -39.05 10.04
N ASN L 455 26.38 -40.13 9.93
CA ASN L 455 25.39 -40.41 10.94
C ASN L 455 26.02 -40.67 12.31
N ALA L 456 27.23 -41.20 12.34
CA ALA L 456 27.96 -41.39 13.58
C ALA L 456 28.54 -40.09 14.12
N GLY L 457 28.48 -39.00 13.37
CA GLY L 457 28.95 -37.72 13.83
C GLY L 457 30.44 -37.48 13.67
N LEU L 458 31.18 -38.47 13.17
CA LEU L 458 32.62 -38.32 12.96
C LEU L 458 32.87 -37.66 11.61
N GLU L 459 34.13 -37.28 11.39
CA GLU L 459 34.52 -36.72 10.11
C GLU L 459 34.62 -37.82 9.07
N GLY L 460 34.10 -37.55 7.88
CA GLY L 460 33.99 -38.58 6.86
C GLY L 460 35.23 -38.79 6.03
N SER L 461 35.89 -37.69 5.64
CA SER L 461 36.98 -37.78 4.67
C SER L 461 38.11 -38.65 5.19
N VAL L 462 38.44 -38.53 6.47
CA VAL L 462 39.53 -39.32 7.05
C VAL L 462 39.22 -40.81 6.96
N VAL L 463 38.00 -41.21 7.30
CA VAL L 463 37.70 -42.63 7.32
C VAL L 463 37.58 -43.18 5.89
N VAL L 464 37.02 -42.40 4.97
CA VAL L 464 36.97 -42.86 3.58
C VAL L 464 38.38 -43.03 3.02
N ASN L 465 39.27 -42.08 3.33
CA ASN L 465 40.65 -42.20 2.88
C ASN L 465 41.32 -43.43 3.49
N LYS L 466 41.08 -43.68 4.78
CA LYS L 466 41.72 -44.81 5.42
C LYS L 466 41.24 -46.14 4.85
N VAL L 467 39.93 -46.29 4.62
CA VAL L 467 39.46 -47.53 4.02
C VAL L 467 39.97 -47.66 2.59
N LYS L 468 40.07 -46.55 1.85
CA LYS L 468 40.59 -46.63 0.49
C LYS L 468 42.04 -47.10 0.49
N GLU L 469 42.85 -46.62 1.43
CA GLU L 469 44.25 -47.01 1.49
C GLU L 469 44.43 -48.51 1.73
N GLY L 470 43.48 -49.16 2.39
CA GLY L 470 43.58 -50.57 2.63
C GLY L 470 43.31 -51.38 1.38
N LYS L 471 43.22 -52.69 1.57
CA LYS L 471 42.92 -53.62 0.49
C LYS L 471 42.13 -54.80 1.02
N GLY L 472 41.50 -55.53 0.12
CA GLY L 472 40.72 -56.69 0.52
C GLY L 472 39.47 -56.25 1.26
N ASN L 473 39.10 -57.02 2.27
CA ASN L 473 37.90 -56.74 3.06
C ASN L 473 38.18 -55.81 4.24
N PHE L 474 39.30 -55.07 4.19
CA PHE L 474 39.58 -54.08 5.23
C PHE L 474 38.59 -52.93 5.13
N GLY L 475 38.06 -52.51 6.26
CA GLY L 475 37.10 -51.42 6.25
C GLY L 475 36.70 -51.01 7.65
N TYR L 476 35.73 -50.11 7.71
CA TYR L 476 35.32 -49.46 8.95
C TYR L 476 34.10 -50.16 9.53
N ASN L 477 34.17 -50.51 10.81
CA ASN L 477 33.05 -51.11 11.52
C ASN L 477 32.35 -49.99 12.28
N ALA L 478 31.20 -49.55 11.75
CA ALA L 478 30.52 -48.42 12.35
C ALA L 478 30.02 -48.72 13.76
N ARG L 479 29.80 -49.99 14.10
CA ARG L 479 29.26 -50.32 15.41
C ARG L 479 30.31 -50.17 16.50
N THR L 480 31.54 -50.60 16.23
CA THR L 480 32.58 -50.74 17.24
C THR L 480 33.77 -49.79 17.04
N GLU L 481 33.75 -48.95 16.01
CA GLU L 481 34.76 -47.93 15.74
C GLU L 481 36.07 -48.52 15.21
N GLU L 482 36.23 -49.84 15.16
CA GLU L 482 37.50 -50.45 14.79
C GLU L 482 37.65 -50.46 13.26
N TYR L 483 38.66 -51.16 12.77
CA TYR L 483 39.04 -51.15 11.37
C TYR L 483 39.33 -52.56 10.86
N ASP L 484 38.40 -53.49 11.11
CA ASP L 484 38.51 -54.84 10.58
C ASP L 484 37.10 -55.34 10.28
N LEU L 485 36.91 -55.93 9.08
CA LEU L 485 35.59 -56.38 8.65
C LEU L 485 35.63 -57.78 8.03
N ILE L 486 36.75 -58.50 8.14
CA ILE L 486 36.94 -59.71 7.34
C ILE L 486 36.03 -60.79 7.91
N GLU L 487 36.29 -61.20 9.15
CA GLU L 487 35.40 -62.10 9.88
C GLU L 487 34.49 -61.37 10.86
N ALA L 488 34.53 -60.03 10.89
CA ALA L 488 33.92 -59.29 11.98
C ALA L 488 32.41 -59.45 12.06
N GLY L 489 31.77 -59.92 11.00
CA GLY L 489 30.36 -60.19 11.05
C GLY L 489 29.48 -59.00 10.72
N VAL L 490 29.98 -58.05 9.93
CA VAL L 490 29.14 -57.03 9.32
C VAL L 490 29.25 -57.21 7.80
N ILE L 491 28.24 -57.86 7.24
CA ILE L 491 28.22 -58.26 5.83
C ILE L 491 26.84 -57.97 5.26
N ASP L 492 26.81 -57.70 3.95
CA ASP L 492 25.59 -57.59 3.17
C ASP L 492 25.68 -58.51 1.96
N PRO L 493 24.56 -59.02 1.44
CA PRO L 493 24.63 -59.82 0.21
C PRO L 493 25.12 -58.99 -0.97
N ALA L 494 25.76 -59.68 -1.92
CA ALA L 494 26.19 -59.01 -3.13
C ALA L 494 25.00 -58.55 -3.97
N LYS L 495 23.91 -59.33 -3.97
CA LYS L 495 22.78 -59.00 -4.81
C LYS L 495 22.15 -57.68 -4.41
N VAL L 496 22.01 -57.41 -3.11
CA VAL L 496 21.35 -56.19 -2.70
C VAL L 496 22.19 -54.98 -3.10
N THR L 497 23.51 -55.07 -2.95
CA THR L 497 24.38 -53.96 -3.34
C THR L 497 24.34 -53.73 -4.85
N ARG L 498 24.44 -54.80 -5.63
CA ARG L 498 24.43 -54.62 -7.08
C ARG L 498 23.07 -54.14 -7.57
N THR L 499 21.99 -54.59 -6.94
CA THR L 499 20.66 -54.12 -7.31
C THR L 499 20.51 -52.64 -6.98
N ALA L 500 21.01 -52.22 -5.82
CA ALA L 500 20.95 -50.81 -5.47
C ALA L 500 21.73 -49.96 -6.46
N LEU L 501 22.93 -50.42 -6.84
CA LEU L 501 23.74 -49.65 -7.78
C LEU L 501 23.04 -49.56 -9.14
N GLN L 502 22.51 -50.68 -9.64
CA GLN L 502 21.87 -50.66 -10.95
C GLN L 502 20.62 -49.79 -10.94
N ASN L 503 19.82 -49.87 -9.87
CA ASN L 503 18.62 -49.04 -9.82
C ASN L 503 18.98 -47.56 -9.72
N ALA L 504 20.02 -47.24 -8.95
CA ALA L 504 20.48 -45.86 -8.86
C ALA L 504 20.92 -45.35 -10.22
N ALA L 505 21.66 -46.19 -10.97
CA ALA L 505 22.09 -45.80 -12.30
C ALA L 505 20.91 -45.60 -13.22
N SER L 506 19.89 -46.46 -13.12
CA SER L 506 18.72 -46.33 -13.98
C SER L 506 17.98 -45.02 -13.72
N ILE L 507 17.76 -44.69 -12.44
CA ILE L 507 17.04 -43.44 -12.16
C ILE L 507 17.91 -42.26 -12.57
N ALA L 508 19.23 -42.35 -12.39
CA ALA L 508 20.11 -41.26 -12.77
C ALA L 508 20.05 -41.01 -14.27
N GLY L 509 20.14 -42.07 -15.07
CA GLY L 509 20.02 -41.91 -16.51
C GLY L 509 18.67 -41.39 -16.93
N MET L 510 17.60 -41.88 -16.30
CA MET L 510 16.26 -41.46 -16.66
C MET L 510 15.97 -40.01 -16.27
N LEU L 511 16.64 -39.49 -15.25
CA LEU L 511 16.40 -38.13 -14.77
C LEU L 511 17.33 -37.11 -15.38
N LEU L 512 18.58 -37.46 -15.67
CA LEU L 512 19.47 -36.52 -16.34
C LEU L 512 19.05 -36.26 -17.78
N THR L 513 18.32 -37.18 -18.39
CA THR L 513 17.95 -37.12 -19.81
C THR L 513 16.48 -36.79 -19.99
N THR L 514 15.97 -35.87 -19.18
CA THR L 514 14.59 -35.40 -19.24
C THR L 514 14.60 -33.90 -19.45
N GLU L 515 13.77 -33.42 -20.40
CA GLU L 515 13.67 -31.99 -20.66
C GLU L 515 12.21 -31.57 -20.84
N CYS L 516 11.27 -32.30 -20.27
CA CYS L 516 9.87 -31.89 -20.33
C CYS L 516 9.13 -32.59 -19.21
N VAL L 517 8.39 -31.82 -18.41
CA VAL L 517 7.64 -32.33 -17.28
C VAL L 517 6.26 -31.69 -17.32
N ILE L 518 5.21 -32.50 -17.18
CA ILE L 518 3.84 -32.01 -17.21
C ILE L 518 3.08 -32.60 -16.03
N THR L 519 2.50 -31.72 -15.20
CA THR L 519 1.73 -32.11 -14.03
C THR L 519 0.45 -31.27 -13.97
N GLU L 520 -0.56 -31.85 -13.33
CA GLU L 520 -1.86 -31.19 -13.21
C GLU L 520 -1.81 -30.02 -12.25
N LYS L 521 -2.59 -29.00 -12.55
CA LYS L 521 -2.79 -27.91 -11.61
C LYS L 521 -3.61 -28.42 -10.42
N PRO L 522 -3.14 -28.25 -9.17
CA PRO L 522 -3.90 -28.67 -7.95
C PRO L 522 -5.26 -28.00 -7.93
N ALA M 1 1.02 -33.12 0.10
CA ALA M 1 0.61 -32.23 1.21
C ALA M 1 1.33 -32.59 2.50
N LYS M 2 2.61 -32.23 2.58
CA LYS M 2 3.40 -32.45 3.78
C LYS M 2 4.49 -31.38 3.87
N GLN M 3 4.87 -31.05 5.09
CA GLN M 3 6.03 -30.20 5.36
C GLN M 3 7.06 -31.01 6.12
N ILE M 4 8.30 -30.97 5.66
CA ILE M 4 9.41 -31.69 6.27
C ILE M 4 10.47 -30.65 6.65
N LYS M 5 10.88 -30.68 7.91
CA LYS M 5 11.96 -29.86 8.42
C LYS M 5 13.12 -30.75 8.83
N PHE M 6 14.34 -30.28 8.60
CA PHE M 6 15.54 -31.07 8.80
C PHE M 6 16.49 -30.40 9.78
N ASP M 7 17.11 -31.21 10.64
CA ASP M 7 18.27 -30.80 11.43
C ASP M 7 17.83 -29.72 12.42
N THR M 8 18.54 -28.59 12.53
CA THR M 8 18.35 -27.67 13.64
C THR M 8 16.94 -27.09 13.65
N ASP M 9 16.36 -26.85 12.48
CA ASP M 9 14.99 -26.32 12.45
C ASP M 9 14.01 -27.32 13.09
N ALA M 10 14.11 -28.59 12.72
CA ALA M 10 13.22 -29.59 13.29
C ALA M 10 13.45 -29.77 14.79
N ARG M 11 14.72 -29.82 15.20
CA ARG M 11 15.00 -29.97 16.62
C ARG M 11 14.53 -28.76 17.41
N ASN M 12 14.59 -27.56 16.83
CA ASN M 12 14.11 -26.38 17.52
C ASN M 12 12.60 -26.36 17.61
N ALA M 13 11.90 -26.85 16.58
CA ALA M 13 10.45 -27.00 16.68
C ALA M 13 10.09 -27.99 17.78
N LEU M 14 10.81 -29.12 17.85
CA LEU M 14 10.59 -30.07 18.92
C LEU M 14 10.85 -29.44 20.28
N LEU M 15 11.93 -28.67 20.40
CA LEU M 15 12.24 -27.99 21.66
C LEU M 15 11.13 -27.04 22.04
N ARG M 16 10.60 -26.28 21.09
CA ARG M 16 9.52 -25.34 21.41
C ARG M 16 8.28 -26.08 21.90
N GLY M 17 7.92 -27.18 21.23
CA GLY M 17 6.75 -27.93 21.67
C GLY M 17 6.93 -28.53 23.05
N VAL M 18 8.09 -29.15 23.29
CA VAL M 18 8.33 -29.76 24.59
C VAL M 18 8.43 -28.69 25.67
N ASP M 19 8.97 -27.53 25.34
CA ASP M 19 9.03 -26.44 26.32
C ASP M 19 7.64 -25.98 26.70
N LYS M 20 6.75 -25.84 25.71
CA LYS M 20 5.39 -25.44 26.03
C LYS M 20 4.70 -26.48 26.90
N LEU M 21 4.84 -27.77 26.55
CA LEU M 21 4.22 -28.82 27.35
C LEU M 21 4.77 -28.83 28.78
N ALA M 22 6.09 -28.76 28.91
CA ALA M 22 6.69 -28.84 30.23
C ALA M 22 6.32 -27.64 31.08
N ASP M 23 6.40 -26.42 30.52
CA ASP M 23 5.98 -25.24 31.26
C ASP M 23 4.51 -25.32 31.64
N ALA M 24 3.69 -25.95 30.80
CA ALA M 24 2.30 -26.17 31.16
C ALA M 24 2.18 -27.15 32.32
N VAL M 25 3.09 -28.12 32.41
CA VAL M 25 3.04 -29.14 33.46
C VAL M 25 3.95 -28.82 34.65
N LYS M 26 5.02 -28.06 34.45
CA LYS M 26 5.93 -27.73 35.54
C LYS M 26 5.24 -26.98 36.66
N VAL M 27 4.18 -26.24 36.33
CA VAL M 27 3.53 -25.35 37.29
C VAL M 27 3.01 -26.13 38.47
N THR M 28 2.39 -27.29 38.22
CA THR M 28 1.82 -28.12 39.27
C THR M 28 2.86 -29.18 39.65
N LEU M 29 3.67 -28.84 40.64
CA LEU M 29 4.69 -29.75 41.14
C LEU M 29 4.95 -29.45 42.61
N GLY M 30 5.03 -30.50 43.43
CA GLY M 30 5.30 -30.36 44.83
C GLY M 30 4.07 -29.97 45.61
N PRO M 31 4.20 -29.81 46.92
CA PRO M 31 3.04 -29.45 47.75
C PRO M 31 2.72 -27.97 47.72
N LYS M 32 3.60 -27.13 47.19
CA LYS M 32 3.37 -25.70 47.07
C LYS M 32 3.27 -25.28 45.60
N GLY M 33 2.64 -26.13 44.79
CA GLY M 33 2.43 -25.83 43.39
C GLY M 33 1.37 -24.75 43.21
N ARG M 34 1.09 -24.45 41.95
CA ARG M 34 0.14 -23.42 41.57
C ARG M 34 -0.92 -24.00 40.64
N ASN M 35 -2.03 -23.27 40.53
CA ASN M 35 -3.21 -23.73 39.83
C ASN M 35 -3.04 -23.65 38.32
N VAL M 36 -3.89 -24.38 37.61
CA VAL M 36 -4.05 -24.26 36.18
C VAL M 36 -5.54 -24.32 35.88
N ILE M 37 -6.03 -23.40 35.06
CA ILE M 37 -7.45 -23.33 34.72
C ILE M 37 -7.62 -23.84 33.29
N ILE M 38 -8.52 -24.81 33.13
CA ILE M 38 -8.83 -25.40 31.83
C ILE M 38 -10.34 -25.46 31.71
N GLU M 39 -10.86 -24.94 30.60
CA GLU M 39 -12.29 -25.04 30.30
C GLU M 39 -12.61 -26.36 29.62
N LYS M 40 -13.83 -26.83 29.88
CA LYS M 40 -14.46 -27.87 29.10
C LYS M 40 -15.31 -27.20 28.04
N LYS M 41 -15.67 -27.96 27.00
CA LYS M 41 -16.39 -27.35 25.88
C LYS M 41 -17.75 -26.82 26.32
N PHE M 42 -18.34 -27.43 27.34
CA PHE M 42 -19.63 -27.00 27.89
C PHE M 42 -19.52 -26.93 29.40
N GLY M 43 -19.95 -25.82 29.97
CA GLY M 43 -20.08 -25.69 31.41
C GLY M 43 -18.98 -24.88 32.09
N ALA M 44 -18.63 -25.29 33.30
CA ALA M 44 -17.72 -24.51 34.13
C ALA M 44 -16.29 -24.62 33.63
N PRO M 45 -15.45 -23.62 33.93
CA PRO M 45 -14.00 -23.87 33.91
C PRO M 45 -13.59 -24.69 35.12
N THR M 46 -12.48 -25.43 34.95
CA THR M 46 -11.98 -26.35 35.97
C THR M 46 -10.57 -25.96 36.37
N ILE M 47 -10.31 -25.99 37.68
CA ILE M 47 -8.99 -25.75 38.25
C ILE M 47 -8.40 -27.10 38.61
N THR M 48 -7.08 -27.24 38.39
CA THR M 48 -6.36 -28.51 38.63
C THR M 48 -5.06 -28.21 39.34
N LYS M 49 -4.52 -29.17 40.09
CA LYS M 49 -3.26 -29.06 40.81
C LYS M 49 -2.33 -30.25 40.59
N ASP M 50 -2.65 -31.17 39.69
CA ASP M 50 -1.76 -32.26 39.32
C ASP M 50 -1.41 -32.15 37.84
N GLY M 51 -0.22 -32.65 37.49
CA GLY M 51 0.23 -32.56 36.12
C GLY M 51 -0.45 -33.52 35.17
N VAL M 52 -1.11 -34.56 35.69
CA VAL M 52 -1.69 -35.56 34.80
C VAL M 52 -2.84 -34.95 34.00
N THR M 53 -3.77 -34.28 34.68
CA THR M 53 -4.90 -33.70 33.97
C THR M 53 -4.45 -32.57 33.06
N VAL M 54 -3.50 -31.75 33.51
CA VAL M 54 -2.97 -30.70 32.65
C VAL M 54 -2.26 -31.33 31.46
N ALA M 55 -1.61 -32.46 31.66
CA ALA M 55 -0.93 -33.14 30.55
C ALA M 55 -1.92 -33.58 29.49
N LYS M 56 -3.08 -34.09 29.91
CA LYS M 56 -4.05 -34.62 28.96
C LYS M 56 -4.69 -33.55 28.08
N GLU M 57 -4.55 -32.26 28.42
CA GLU M 57 -5.21 -31.17 27.71
C GLU M 57 -4.17 -30.25 27.06
N ILE M 58 -3.17 -30.85 26.42
CA ILE M 58 -2.18 -30.14 25.62
C ILE M 58 -2.28 -30.66 24.20
N GLU M 59 -2.52 -29.76 23.25
CA GLU M 59 -2.49 -30.09 21.82
C GLU M 59 -2.37 -28.77 21.08
N LEU M 60 -1.30 -28.62 20.32
CA LEU M 60 -0.88 -27.32 19.82
C LEU M 60 -1.29 -27.14 18.37
N GLU M 61 -1.10 -25.92 17.87
CA GLU M 61 -1.56 -25.57 16.52
C GLU M 61 -0.49 -25.89 15.49
N ASP M 62 0.75 -25.51 15.75
CA ASP M 62 1.84 -25.83 14.83
C ASP M 62 2.02 -27.34 14.89
N PRO M 63 1.97 -28.07 13.76
CA PRO M 63 2.03 -29.53 13.86
C PRO M 63 3.32 -30.07 14.46
N PHE M 64 4.45 -29.40 14.25
CA PHE M 64 5.71 -29.90 14.79
C PHE M 64 5.73 -29.80 16.31
N GLU M 65 5.27 -28.67 16.85
CA GLU M 65 5.22 -28.50 18.29
C GLU M 65 4.23 -29.47 18.92
N ASN M 66 3.08 -29.66 18.27
CA ASN M 66 2.10 -30.63 18.74
C ASN M 66 2.71 -32.02 18.74
N MET M 67 3.50 -32.34 17.71
CA MET M 67 4.12 -33.65 17.61
C MET M 67 5.10 -33.88 18.76
N GLY M 68 5.93 -32.88 19.05
CA GLY M 68 6.85 -33.01 20.18
C GLY M 68 6.14 -33.12 21.51
N ALA M 69 5.08 -32.34 21.70
CA ALA M 69 4.31 -32.42 22.93
C ALA M 69 3.72 -33.82 23.11
N GLN M 70 3.12 -34.36 22.05
CA GLN M 70 2.54 -35.71 22.16
C GLN M 70 3.62 -36.73 22.42
N MET M 71 4.80 -36.55 21.83
CA MET M 71 5.92 -37.46 22.06
C MET M 71 6.27 -37.53 23.55
N VAL M 72 6.55 -36.37 24.14
CA VAL M 72 6.97 -36.36 25.54
C VAL M 72 5.83 -36.78 26.44
N LYS M 73 4.59 -36.43 26.10
CA LYS M 73 3.45 -36.87 26.90
C LYS M 73 3.34 -38.38 26.90
N GLU M 74 3.47 -39.01 25.73
CA GLU M 74 3.28 -40.45 25.65
C GLU M 74 4.37 -41.19 26.41
N VAL M 75 5.64 -40.83 26.18
CA VAL M 75 6.70 -41.59 26.85
C VAL M 75 6.72 -41.27 28.34
N ALA M 76 6.35 -40.04 28.72
CA ALA M 76 6.27 -39.69 30.13
C ALA M 76 5.06 -40.33 30.82
N SER M 77 4.05 -40.73 30.06
CA SER M 77 2.88 -41.40 30.63
C SER M 77 3.12 -42.86 30.97
N LYS M 78 4.28 -43.40 30.64
CA LYS M 78 4.57 -44.82 30.86
C LYS M 78 4.94 -45.15 32.30
N THR M 79 4.99 -44.17 33.19
CA THR M 79 5.22 -44.49 34.60
C THR M 79 3.99 -45.13 35.20
N SER M 80 4.21 -46.17 36.01
CA SER M 80 3.10 -46.94 36.55
C SER M 80 2.19 -46.09 37.43
N ASP M 81 2.76 -45.25 38.28
CA ASP M 81 1.96 -44.43 39.18
C ASP M 81 1.10 -43.47 38.38
N VAL M 82 -0.10 -43.22 38.91
CA VAL M 82 -1.04 -42.26 38.33
C VAL M 82 -1.47 -41.20 39.33
N ALA M 83 -1.02 -41.28 40.59
CA ALA M 83 -1.42 -40.29 41.59
C ALA M 83 -0.84 -38.91 41.28
N GLY M 84 0.45 -38.85 41.02
CA GLY M 84 1.10 -37.59 40.70
C GLY M 84 2.58 -37.64 40.99
N ASP M 85 3.27 -36.61 40.47
CA ASP M 85 4.72 -36.41 40.64
C ASP M 85 5.55 -37.48 39.93
N GLY M 86 4.93 -38.38 39.16
CA GLY M 86 5.66 -39.35 38.38
C GLY M 86 5.81 -38.89 36.95
N THR M 87 4.70 -38.52 36.33
CA THR M 87 4.73 -37.94 34.99
C THR M 87 5.17 -36.50 34.99
N THR M 88 4.92 -35.76 36.07
CA THR M 88 5.41 -34.40 36.17
C THR M 88 6.92 -34.35 36.24
N THR M 89 7.51 -35.18 37.10
CA THR M 89 8.97 -35.21 37.21
C THR M 89 9.60 -35.69 35.92
N ALA M 90 8.97 -36.66 35.24
CA ALA M 90 9.49 -37.12 33.97
C ALA M 90 9.52 -35.99 32.95
N THR M 91 8.45 -35.23 32.85
CA THR M 91 8.41 -34.11 31.91
C THR M 91 9.44 -33.05 32.29
N VAL M 92 9.61 -32.78 33.58
CA VAL M 92 10.57 -31.77 34.03
C VAL M 92 11.98 -32.19 33.62
N LEU M 93 12.36 -33.42 33.94
CA LEU M 93 13.69 -33.89 33.61
C LEU M 93 13.90 -33.95 32.11
N ALA M 94 12.88 -34.41 31.37
CA ALA M 94 13.02 -34.50 29.92
C ALA M 94 13.24 -33.13 29.31
N GLN M 95 12.47 -32.13 29.75
CA GLN M 95 12.63 -30.79 29.20
C GLN M 95 14.02 -30.25 29.55
N ALA M 96 14.47 -30.46 30.78
CA ALA M 96 15.79 -29.97 31.17
C ALA M 96 16.89 -30.59 30.33
N ILE M 97 16.90 -31.91 30.22
CA ILE M 97 17.95 -32.59 29.50
C ILE M 97 17.90 -32.25 28.02
N VAL M 98 16.69 -32.18 27.44
CA VAL M 98 16.58 -31.88 26.02
C VAL M 98 17.04 -30.46 25.74
N ARG M 99 16.64 -29.50 26.59
CA ARG M 99 17.09 -28.13 26.41
C ARG M 99 18.61 -28.06 26.43
N GLU M 100 19.22 -28.61 27.47
CA GLU M 100 20.67 -28.48 27.59
C GLU M 100 21.37 -29.27 26.50
N GLY M 101 20.77 -30.37 26.03
CA GLY M 101 21.38 -31.14 24.96
C GLY M 101 21.43 -30.38 23.65
N LEU M 102 20.31 -29.78 23.24
CA LEU M 102 20.35 -28.94 22.05
C LEU M 102 21.26 -27.73 22.27
N LYS M 103 21.18 -27.12 23.43
CA LYS M 103 21.91 -25.90 23.73
C LYS M 103 23.41 -26.14 23.82
N ASN M 104 23.83 -27.40 23.98
CA ASN M 104 25.22 -27.81 23.88
C ASN M 104 25.61 -28.31 22.50
N VAL M 105 24.75 -29.04 21.80
CA VAL M 105 25.09 -29.50 20.45
C VAL M 105 25.19 -28.33 19.49
N ALA M 106 24.56 -27.20 19.79
CA ALA M 106 24.82 -25.99 19.02
C ALA M 106 26.29 -25.60 19.05
N ALA M 107 27.03 -25.97 20.08
CA ALA M 107 28.45 -25.69 20.20
C ALA M 107 29.33 -26.70 19.48
N GLY M 108 28.75 -27.62 18.72
CA GLY M 108 29.49 -28.57 17.92
C GLY M 108 29.66 -29.96 18.50
N ALA M 109 28.94 -30.30 19.57
CA ALA M 109 29.04 -31.63 20.14
C ALA M 109 28.39 -32.66 19.23
N ASN M 110 28.76 -33.92 19.44
CA ASN M 110 28.23 -35.04 18.67
C ASN M 110 27.01 -35.59 19.38
N PRO M 111 25.81 -35.59 18.79
CA PRO M 111 24.64 -36.11 19.53
C PRO M 111 24.73 -37.57 19.94
N MET M 112 25.38 -38.44 19.15
CA MET M 112 25.50 -39.84 19.56
C MET M 112 26.29 -39.95 20.85
N ASP M 113 27.39 -39.22 20.97
CA ASP M 113 28.18 -39.29 22.19
C ASP M 113 27.40 -38.71 23.37
N LEU M 114 26.62 -37.66 23.14
CA LEU M 114 25.77 -37.13 24.20
C LEU M 114 24.75 -38.17 24.65
N LYS M 115 24.15 -38.88 23.70
CA LYS M 115 23.18 -39.91 24.04
C LYS M 115 23.81 -41.02 24.85
N ARG M 116 25.00 -41.47 24.42
CA ARG M 116 25.67 -42.55 25.15
C ARG M 116 26.05 -42.10 26.55
N GLY M 117 26.53 -40.86 26.69
CA GLY M 117 26.88 -40.36 28.01
C GLY M 117 25.66 -40.24 28.91
N ILE M 118 24.54 -39.74 28.37
CA ILE M 118 23.32 -39.63 29.16
C ILE M 118 22.86 -41.00 29.60
N ASP M 119 22.87 -41.98 28.70
CA ASP M 119 22.44 -43.32 29.05
C ASP M 119 23.35 -43.94 30.12
N LYS M 120 24.66 -43.76 29.97
CA LYS M 120 25.61 -44.34 30.91
C LYS M 120 25.46 -43.72 32.30
N ALA M 121 25.36 -42.39 32.35
CA ALA M 121 25.19 -41.74 33.65
C ALA M 121 23.82 -42.06 34.25
N VAL M 122 22.80 -42.27 33.41
CA VAL M 122 21.50 -42.65 33.94
C VAL M 122 21.56 -44.05 34.54
N GLU M 123 22.29 -44.96 33.89
CA GLU M 123 22.47 -46.28 34.47
C GLU M 123 23.19 -46.21 35.80
N ALA M 124 24.24 -45.38 35.88
CA ALA M 124 24.96 -45.22 37.14
C ALA M 124 24.06 -44.63 38.22
N VAL M 125 23.26 -43.64 37.85
CA VAL M 125 22.35 -43.02 38.81
C VAL M 125 21.31 -44.02 39.27
N VAL M 126 20.84 -44.89 38.37
CA VAL M 126 19.87 -45.92 38.76
C VAL M 126 20.50 -46.90 39.73
N GLU M 127 21.76 -47.28 39.50
CA GLU M 127 22.44 -48.17 40.43
C GLU M 127 22.57 -47.51 41.81
N GLU M 128 22.99 -46.24 41.84
CA GLU M 128 23.12 -45.54 43.12
C GLU M 128 21.77 -45.40 43.81
N LEU M 129 20.71 -45.13 43.04
CA LEU M 129 19.37 -45.01 43.60
C LEU M 129 18.93 -46.32 44.22
N LYS M 130 19.19 -47.43 43.54
CA LYS M 130 18.86 -48.74 44.09
C LYS M 130 19.63 -48.99 45.37
N LYS M 131 20.91 -48.62 45.40
CA LYS M 131 21.70 -48.80 46.61
C LYS M 131 21.21 -47.89 47.73
N MET M 132 20.53 -46.80 47.38
CA MET M 132 20.13 -45.81 48.38
C MET M 132 18.78 -46.14 49.00
N ALA M 133 17.88 -46.76 48.24
CA ALA M 133 16.52 -46.99 48.72
C ALA M 133 16.51 -47.93 49.91
N LYS M 134 15.82 -47.52 50.97
CA LYS M 134 15.73 -48.35 52.16
C LYS M 134 14.66 -49.43 51.96
N PRO M 135 14.84 -50.67 52.38
CA PRO M 135 13.78 -51.67 52.18
C PRO M 135 12.65 -51.48 53.18
N VAL M 136 11.46 -51.87 52.75
CA VAL M 136 10.27 -51.94 53.61
C VAL M 136 9.88 -53.41 53.68
N ASN M 137 9.92 -53.96 54.90
CA ASN M 137 9.68 -55.39 55.10
C ASN M 137 9.17 -55.57 56.53
N GLY M 138 7.86 -55.69 56.67
CA GLY M 138 7.24 -55.80 57.97
C GLY M 138 5.91 -55.06 58.03
N LYS M 139 4.94 -55.62 58.76
CA LYS M 139 3.61 -55.02 58.78
C LYS M 139 3.65 -53.63 59.38
N GLU M 140 4.54 -53.39 60.35
CA GLU M 140 4.61 -52.08 60.97
C GLU M 140 5.07 -51.02 59.98
N GLU M 141 6.16 -51.28 59.26
CA GLU M 141 6.64 -50.29 58.31
C GLU M 141 5.76 -50.21 57.07
N ILE M 142 5.06 -51.28 56.70
CA ILE M 142 4.07 -51.16 55.64
C ILE M 142 2.94 -50.24 56.08
N ALA M 143 2.51 -50.36 57.35
CA ALA M 143 1.52 -49.44 57.86
C ALA M 143 2.04 -48.00 57.83
N GLN M 144 3.32 -47.81 58.19
CA GLN M 144 3.88 -46.47 58.18
C GLN M 144 3.89 -45.86 56.79
N VAL M 145 4.35 -46.63 55.80
CA VAL M 145 4.42 -46.09 54.44
C VAL M 145 3.02 -45.86 53.89
N ALA M 146 2.07 -46.73 54.24
CA ALA M 146 0.68 -46.49 53.85
C ALA M 146 0.15 -45.20 54.46
N THR M 147 0.43 -44.97 55.74
CA THR M 147 -0.05 -43.76 56.41
C THR M 147 0.55 -42.51 55.77
N ILE M 148 1.85 -42.54 55.47
CA ILE M 148 2.45 -41.40 54.77
C ILE M 148 1.79 -41.21 53.41
N SER M 149 1.45 -42.31 52.74
CA SER M 149 0.77 -42.20 51.46
C SER M 149 -0.64 -41.64 51.61
N ALA M 150 -1.31 -41.94 52.73
CA ALA M 150 -2.72 -41.62 52.92
C ALA M 150 -2.93 -40.36 53.75
N ASN M 151 -2.00 -39.43 53.70
CA ASN M 151 -2.11 -38.14 54.39
C ASN M 151 -2.37 -38.32 55.89
N ASN M 152 -1.57 -39.19 56.50
CA ASN M 152 -1.54 -39.37 57.96
C ASN M 152 -2.92 -39.75 58.49
N ASP M 153 -3.38 -40.93 58.08
CA ASP M 153 -4.67 -41.47 58.54
C ASP M 153 -4.34 -42.92 58.95
N PRO M 154 -4.31 -43.27 60.25
CA PRO M 154 -3.87 -44.62 60.61
C PRO M 154 -4.84 -45.74 60.25
N GLU M 155 -6.14 -45.46 60.11
CA GLU M 155 -7.07 -46.56 59.90
C GLU M 155 -6.83 -47.22 58.53
N ILE M 156 -6.57 -46.41 57.51
CA ILE M 156 -6.28 -46.98 56.20
C ILE M 156 -4.93 -47.65 56.24
N GLY M 157 -4.00 -47.09 57.04
CA GLY M 157 -2.69 -47.71 57.15
C GLY M 157 -2.77 -49.13 57.68
N LYS M 158 -3.49 -49.32 58.79
CA LYS M 158 -3.66 -50.69 59.27
C LYS M 158 -4.48 -51.53 58.33
N LEU M 159 -5.44 -50.93 57.60
CA LEU M 159 -6.23 -51.71 56.67
C LEU M 159 -5.37 -52.31 55.56
N ILE M 160 -4.58 -51.47 54.88
CA ILE M 160 -3.74 -51.99 53.81
C ILE M 160 -2.62 -52.85 54.36
N ALA M 161 -2.09 -52.56 55.55
CA ALA M 161 -1.05 -53.41 56.11
C ALA M 161 -1.59 -54.81 56.37
N GLU M 162 -2.77 -54.90 56.99
CA GLU M 162 -3.37 -56.21 57.25
C GLU M 162 -3.66 -56.93 55.94
N ALA M 163 -4.20 -56.21 54.94
CA ALA M 163 -4.51 -56.84 53.66
C ALA M 163 -3.25 -57.38 53.00
N MET M 164 -2.17 -56.60 53.03
CA MET M 164 -0.95 -57.03 52.38
C MET M 164 -0.34 -58.24 53.07
N GLU M 165 -0.34 -58.28 54.41
CA GLU M 165 0.21 -59.47 55.05
C GLU M 165 -0.68 -60.68 54.82
N LYS M 166 -1.99 -60.46 54.71
CA LYS M 166 -2.90 -61.59 54.49
C LYS M 166 -2.69 -62.19 53.10
N VAL M 167 -2.70 -61.35 52.06
CA VAL M 167 -2.69 -61.89 50.70
C VAL M 167 -1.29 -62.29 50.24
N GLY M 168 -0.27 -61.53 50.63
CA GLY M 168 1.10 -61.76 50.21
C GLY M 168 1.67 -60.56 49.47
N LYS M 169 2.98 -60.62 49.27
CA LYS M 169 3.70 -59.52 48.63
C LYS M 169 3.26 -59.36 47.18
N ASP M 170 3.27 -60.45 46.42
CA ASP M 170 2.84 -60.44 45.03
C ASP M 170 1.34 -60.60 44.88
N GLY M 171 0.60 -60.73 45.98
CA GLY M 171 -0.83 -60.89 45.90
C GLY M 171 -1.52 -59.70 45.28
N VAL M 172 -2.84 -59.84 45.13
CA VAL M 172 -3.68 -58.86 44.45
C VAL M 172 -4.70 -58.32 45.44
N ILE M 173 -4.93 -57.01 45.35
CA ILE M 173 -5.96 -56.32 46.12
C ILE M 173 -6.97 -55.76 45.13
N THR M 174 -8.24 -55.72 45.54
CA THR M 174 -9.29 -55.06 44.79
C THR M 174 -10.15 -54.23 45.74
N VAL M 175 -10.39 -52.98 45.36
CA VAL M 175 -11.16 -52.04 46.16
C VAL M 175 -12.52 -51.87 45.51
N GLU M 176 -13.57 -51.90 46.33
CA GLU M 176 -14.94 -51.83 45.86
C GLU M 176 -15.74 -50.87 46.72
N GLU M 177 -16.78 -50.31 46.11
CA GLU M 177 -17.67 -49.34 46.74
C GLU M 177 -18.70 -50.09 47.57
N SER M 178 -18.45 -50.21 48.87
CA SER M 178 -19.38 -50.90 49.75
C SER M 178 -20.68 -50.11 49.88
N LYS M 179 -21.73 -50.83 50.25
CA LYS M 179 -23.01 -50.22 50.61
C LYS M 179 -23.14 -49.99 52.10
N SER M 180 -22.23 -50.51 52.91
CA SER M 180 -22.31 -50.44 54.37
C SER M 180 -21.51 -49.26 54.90
N THR M 181 -21.68 -49.00 56.19
CA THR M 181 -20.99 -47.90 56.87
C THR M 181 -19.66 -48.31 57.48
N GLU M 182 -19.34 -49.61 57.51
CA GLU M 182 -18.10 -50.11 58.08
C GLU M 182 -17.24 -50.75 56.99
N THR M 183 -15.95 -50.49 57.05
CA THR M 183 -15.00 -51.05 56.10
C THR M 183 -14.49 -52.39 56.62
N THR M 184 -14.91 -53.48 55.98
CA THR M 184 -14.51 -54.82 56.33
C THR M 184 -13.57 -55.37 55.28
N LEU M 185 -12.91 -56.48 55.61
CA LEU M 185 -11.97 -57.16 54.73
C LEU M 185 -12.37 -58.62 54.61
N ASP M 186 -12.30 -59.14 53.39
CA ASP M 186 -12.59 -60.53 53.10
C ASP M 186 -11.52 -61.08 52.16
N VAL M 187 -11.33 -62.40 52.23
CA VAL M 187 -10.48 -63.13 51.31
C VAL M 187 -11.40 -64.09 50.56
N VAL M 188 -11.43 -63.95 49.24
CA VAL M 188 -12.31 -64.74 48.38
C VAL M 188 -11.51 -65.23 47.19
N GLU M 189 -12.02 -66.28 46.54
CA GLU M 189 -11.37 -66.80 45.35
C GLU M 189 -11.53 -65.82 44.19
N GLY M 190 -10.59 -65.88 43.27
CA GLY M 190 -10.62 -64.98 42.13
C GLY M 190 -9.49 -65.28 41.17
N MET M 191 -9.23 -64.33 40.29
CA MET M 191 -8.29 -64.53 39.20
C MET M 191 -7.70 -63.19 38.78
N GLN M 192 -6.61 -63.26 38.01
CA GLN M 192 -6.03 -62.08 37.39
C GLN M 192 -5.03 -62.53 36.35
N PHE M 193 -5.13 -61.96 35.15
CA PHE M 193 -4.15 -62.20 34.10
C PHE M 193 -3.97 -60.92 33.30
N ASP M 194 -2.80 -60.82 32.66
CA ASP M 194 -2.34 -59.54 32.10
C ASP M 194 -2.79 -59.39 30.63
N ARG M 195 -4.09 -59.18 30.46
CA ARG M 195 -4.65 -58.86 29.16
C ARG M 195 -6.01 -58.21 29.36
N GLY M 196 -6.26 -57.15 28.59
CA GLY M 196 -7.45 -56.34 28.76
C GLY M 196 -8.44 -56.43 27.62
N TYR M 197 -9.14 -55.33 27.37
CA TYR M 197 -10.21 -55.29 26.38
C TYR M 197 -9.62 -55.13 24.97
N LEU M 198 -10.44 -55.43 23.97
CA LEU M 198 -10.03 -55.46 22.58
C LEU M 198 -10.37 -54.19 21.81
N SER M 199 -10.93 -53.17 22.46
CA SER M 199 -11.32 -51.95 21.76
C SER M 199 -11.38 -50.78 22.73
N PRO M 200 -10.89 -49.59 22.36
CA PRO M 200 -10.94 -48.46 23.29
C PRO M 200 -12.28 -47.77 23.38
N TYR M 201 -13.26 -48.18 22.56
CA TYR M 201 -14.61 -47.64 22.65
C TYR M 201 -15.44 -48.37 23.71
N PHE M 202 -14.81 -49.24 24.51
CA PHE M 202 -15.53 -50.21 25.33
C PHE M 202 -15.40 -49.87 26.81
N VAL M 203 -15.14 -48.61 27.15
CA VAL M 203 -14.93 -48.19 28.53
C VAL M 203 -16.25 -47.67 29.09
N THR M 204 -16.64 -48.22 30.24
CA THR M 204 -17.85 -47.77 30.93
C THR M 204 -17.52 -46.60 31.85
N ASP M 205 -16.59 -46.79 32.78
CA ASP M 205 -16.12 -45.74 33.67
C ASP M 205 -14.94 -45.05 32.98
N SER M 206 -15.23 -44.01 32.21
CA SER M 206 -14.20 -43.27 31.50
C SER M 206 -13.37 -42.37 32.41
N GLU M 207 -13.74 -42.27 33.70
CA GLU M 207 -12.97 -41.42 34.60
C GLU M 207 -11.59 -41.98 34.85
N LYS M 208 -11.46 -43.31 34.98
CA LYS M 208 -10.17 -43.97 35.16
C LYS M 208 -9.83 -44.89 34.00
N MET M 209 -10.52 -44.75 32.87
CA MET M 209 -10.21 -45.51 31.65
C MET M 209 -10.34 -47.01 31.87
N GLU M 210 -11.33 -47.41 32.68
CA GLU M 210 -11.52 -48.81 33.03
C GLU M 210 -12.99 -49.17 32.84
N ALA M 211 -13.22 -50.39 32.34
CA ALA M 211 -14.55 -50.94 32.16
C ALA M 211 -14.86 -51.90 33.29
N VAL M 212 -16.13 -51.97 33.68
CA VAL M 212 -16.58 -52.74 34.84
C VAL M 212 -17.90 -53.40 34.53
N LEU M 213 -18.09 -54.62 35.03
CA LEU M 213 -19.35 -55.34 34.96
C LEU M 213 -19.78 -55.70 36.37
N GLU M 214 -21.09 -55.85 36.56
CA GLU M 214 -21.69 -56.21 37.84
C GLU M 214 -22.54 -57.46 37.65
N ASN M 215 -22.11 -58.56 38.28
CA ASN M 215 -22.79 -59.84 38.19
C ASN M 215 -22.88 -60.32 36.75
N PRO M 216 -21.75 -60.60 36.08
CA PRO M 216 -21.80 -60.95 34.67
C PRO M 216 -21.93 -62.44 34.42
N TYR M 217 -22.03 -62.83 33.15
CA TYR M 217 -21.96 -64.21 32.71
C TYR M 217 -20.65 -64.44 32.00
N ILE M 218 -19.98 -65.54 32.29
CA ILE M 218 -18.66 -65.85 31.75
C ILE M 218 -18.78 -67.08 30.88
N LEU M 219 -18.52 -66.93 29.59
CA LEU M 219 -18.41 -68.06 28.67
C LEU M 219 -16.94 -68.35 28.43
N ILE M 220 -16.62 -69.63 28.31
CA ILE M 220 -15.25 -70.11 28.13
C ILE M 220 -15.21 -70.72 26.73
N TYR M 221 -14.35 -70.18 25.87
CA TYR M 221 -14.23 -70.61 24.49
C TYR M 221 -12.76 -70.80 24.13
N ASP M 222 -12.50 -71.74 23.21
CA ASP M 222 -11.15 -72.16 22.87
C ASP M 222 -10.67 -71.67 21.52
N LYS M 223 -11.58 -71.45 20.57
CA LYS M 223 -11.22 -71.08 19.20
C LYS M 223 -11.44 -69.59 18.97
N LYS M 224 -11.28 -69.19 17.71
CA LYS M 224 -11.45 -67.79 17.34
C LYS M 224 -12.92 -67.47 17.14
N ILE M 225 -13.24 -66.18 17.13
CA ILE M 225 -14.58 -65.69 16.81
C ILE M 225 -14.42 -64.59 15.78
N SER M 226 -15.06 -64.76 14.62
CA SER M 226 -14.91 -63.84 13.49
C SER M 226 -16.23 -63.29 12.97
N ASN M 227 -17.27 -64.11 12.91
CA ASN M 227 -18.49 -63.78 12.19
C ASN M 227 -19.68 -63.68 13.15
N MET M 228 -20.79 -63.19 12.60
CA MET M 228 -21.99 -62.95 13.38
C MET M 228 -22.85 -64.21 13.49
N LYS M 229 -22.82 -65.05 12.45
CA LYS M 229 -23.79 -66.14 12.31
C LYS M 229 -23.70 -67.21 13.37
N ASP M 230 -22.63 -67.25 14.18
CA ASP M 230 -22.36 -68.39 15.04
C ASP M 230 -22.67 -68.13 16.51
N LEU M 231 -23.05 -66.90 16.87
CA LEU M 231 -23.21 -66.52 18.28
C LEU M 231 -24.52 -65.77 18.51
N LEU M 232 -25.57 -66.12 17.78
CA LEU M 232 -26.88 -65.54 18.06
C LEU M 232 -27.44 -66.02 19.39
N PRO M 233 -27.70 -67.31 19.61
CA PRO M 233 -28.52 -67.71 20.76
C PRO M 233 -27.88 -67.42 22.09
N ILE M 234 -26.54 -67.44 22.19
CA ILE M 234 -25.91 -67.10 23.46
C ILE M 234 -26.23 -65.66 23.83
N LEU M 235 -26.15 -64.75 22.87
CA LEU M 235 -26.51 -63.36 23.12
C LEU M 235 -27.99 -63.24 23.45
N GLU M 236 -28.85 -63.97 22.74
CA GLU M 236 -30.28 -63.87 23.02
C GLU M 236 -30.61 -64.35 24.42
N LYS M 237 -30.06 -65.50 24.84
CA LYS M 237 -30.36 -65.99 26.19
C LYS M 237 -29.75 -65.08 27.24
N VAL M 238 -28.59 -64.48 26.96
CA VAL M 238 -28.03 -63.51 27.90
C VAL M 238 -28.95 -62.31 28.05
N ALA M 239 -29.43 -61.76 26.92
CA ALA M 239 -30.30 -60.60 26.97
C ALA M 239 -31.60 -60.92 27.69
N GLN M 240 -32.15 -62.12 27.47
CA GLN M 240 -33.31 -62.54 28.25
C GLN M 240 -32.96 -62.64 29.73
N SER M 241 -31.76 -63.11 30.06
CA SER M 241 -31.33 -63.17 31.44
C SER M 241 -31.24 -61.78 32.06
N GLY M 242 -30.82 -60.78 31.28
CA GLY M 242 -30.67 -59.43 31.79
C GLY M 242 -29.47 -59.22 32.68
N LYS M 243 -28.33 -59.81 32.33
CA LYS M 243 -27.08 -59.67 33.07
C LYS M 243 -25.96 -59.37 32.09
N PRO M 244 -24.85 -58.76 32.55
CA PRO M 244 -23.71 -58.57 31.64
C PRO M 244 -23.05 -59.90 31.29
N LEU M 245 -22.19 -59.85 30.27
CA LEU M 245 -21.54 -61.04 29.75
C LEU M 245 -20.05 -60.78 29.53
N LEU M 246 -19.21 -61.62 30.13
CA LEU M 246 -17.79 -61.67 29.82
C LEU M 246 -17.55 -62.79 28.82
N ILE M 247 -16.63 -62.56 27.89
CA ILE M 247 -16.31 -63.51 26.83
C ILE M 247 -14.82 -63.79 26.88
N ILE M 248 -14.47 -65.08 26.96
CA ILE M 248 -13.09 -65.54 26.86
C ILE M 248 -13.00 -66.40 25.61
N ALA M 249 -12.25 -65.92 24.62
CA ALA M 249 -12.05 -66.62 23.36
C ALA M 249 -10.57 -66.51 22.97
N GLU M 250 -10.17 -67.30 21.97
CA GLU M 250 -8.80 -67.23 21.49
C GLU M 250 -8.50 -65.84 20.93
N ASP M 251 -9.39 -65.33 20.08
CA ASP M 251 -9.24 -63.98 19.52
C ASP M 251 -10.57 -63.62 18.86
N VAL M 252 -11.05 -62.40 19.12
CA VAL M 252 -12.28 -61.89 18.54
C VAL M 252 -11.94 -60.77 17.58
N GLU M 253 -12.49 -60.83 16.37
CA GLU M 253 -12.19 -59.83 15.35
C GLU M 253 -13.33 -59.76 14.34
N GLY M 254 -13.34 -58.67 13.59
CA GLY M 254 -14.19 -58.56 12.42
C GLY M 254 -15.64 -58.24 12.76
N GLU M 255 -16.57 -58.88 12.06
CA GLU M 255 -17.98 -58.57 12.22
C GLU M 255 -18.47 -58.87 13.63
N ALA M 256 -17.87 -59.84 14.31
CA ALA M 256 -18.23 -60.11 15.69
C ALA M 256 -17.95 -58.90 16.56
N LEU M 257 -16.73 -58.36 16.47
CA LEU M 257 -16.41 -57.14 17.22
C LEU M 257 -17.28 -55.98 16.79
N ALA M 258 -17.58 -55.87 15.50
CA ALA M 258 -18.42 -54.77 15.03
C ALA M 258 -19.80 -54.82 15.66
N THR M 259 -20.43 -56.00 15.64
CA THR M 259 -21.75 -56.14 16.24
C THR M 259 -21.70 -55.96 17.75
N LEU M 260 -20.63 -56.43 18.40
CA LEU M 260 -20.49 -56.19 19.83
C LEU M 260 -20.42 -54.70 20.14
N VAL M 261 -19.64 -53.97 19.35
CA VAL M 261 -19.52 -52.52 19.55
C VAL M 261 -20.87 -51.86 19.31
N VAL M 262 -21.62 -52.32 18.30
CA VAL M 262 -22.92 -51.74 18.02
C VAL M 262 -23.86 -51.95 19.19
N ASN M 263 -23.94 -53.19 19.69
CA ASN M 263 -24.84 -53.50 20.78
C ASN M 263 -24.45 -52.80 22.08
N LYS M 264 -23.16 -52.59 22.33
CA LYS M 264 -22.75 -51.86 23.51
C LYS M 264 -23.07 -50.37 23.37
N LEU M 265 -22.63 -49.75 22.27
CA LEU M 265 -22.86 -48.32 22.08
C LEU M 265 -24.34 -47.99 22.03
N ARG M 266 -25.14 -48.86 21.42
CA ARG M 266 -26.59 -48.68 21.45
C ARG M 266 -27.17 -48.92 22.84
N GLY M 267 -26.43 -49.56 23.74
CA GLY M 267 -26.91 -49.79 25.08
C GLY M 267 -27.88 -50.94 25.21
N THR M 268 -28.12 -51.69 24.14
CA THR M 268 -29.04 -52.82 24.21
C THR M 268 -28.52 -53.90 25.15
N LEU M 269 -27.22 -54.17 25.10
CA LEU M 269 -26.62 -55.31 25.78
C LEU M 269 -25.39 -54.86 26.56
N LYS M 270 -25.18 -55.51 27.71
CA LYS M 270 -23.93 -55.39 28.46
C LYS M 270 -23.10 -56.64 28.16
N VAL M 271 -21.89 -56.43 27.62
CA VAL M 271 -21.04 -57.54 27.19
C VAL M 271 -19.59 -57.14 27.44
N CYS M 272 -18.70 -58.15 27.41
CA CYS M 272 -17.27 -57.91 27.45
C CYS M 272 -16.56 -59.03 26.71
N ALA M 273 -15.30 -58.78 26.36
CA ALA M 273 -14.49 -59.78 25.68
C ALA M 273 -13.02 -59.49 25.91
N VAL M 274 -12.27 -60.51 26.36
CA VAL M 274 -10.83 -60.43 26.54
C VAL M 274 -10.20 -61.70 25.96
N LYS M 275 -8.91 -61.62 25.68
CA LYS M 275 -8.20 -62.71 25.02
C LYS M 275 -8.02 -63.89 25.98
N ALA M 276 -7.65 -65.03 25.42
CA ALA M 276 -7.49 -66.24 26.20
C ALA M 276 -6.20 -66.16 27.02
N PRO M 277 -6.22 -66.54 28.32
CA PRO M 277 -4.98 -66.60 29.15
C PRO M 277 -4.19 -67.89 28.95
N GLY M 278 -2.91 -67.81 28.56
CA GLY M 278 -1.99 -68.93 28.50
C GLY M 278 -1.43 -69.15 27.11
N PHE M 279 -0.92 -70.36 26.87
CA PHE M 279 -0.36 -70.71 25.58
C PHE M 279 -0.31 -72.21 25.39
N GLY M 280 -0.91 -72.68 24.30
CA GLY M 280 -0.90 -74.09 23.97
C GLY M 280 -1.57 -74.95 25.03
N ASP M 281 -0.85 -75.99 25.45
CA ASP M 281 -1.32 -76.80 26.58
C ASP M 281 -1.55 -75.94 27.81
N ARG M 282 -0.75 -74.89 27.98
CA ARG M 282 -0.94 -74.01 29.13
C ARG M 282 -2.19 -73.17 28.97
N ARG M 283 -2.53 -72.78 27.74
CA ARG M 283 -3.81 -72.11 27.51
C ARG M 283 -4.96 -73.02 27.85
N LYS M 284 -4.91 -74.27 27.38
CA LYS M 284 -6.00 -75.19 27.66
C LYS M 284 -6.15 -75.42 29.17
N ALA M 285 -5.03 -75.63 29.86
CA ALA M 285 -5.07 -75.91 31.28
C ALA M 285 -5.57 -74.70 32.08
N MET M 286 -5.05 -73.51 31.79
CA MET M 286 -5.47 -72.34 32.54
C MET M 286 -6.91 -71.94 32.21
N LEU M 287 -7.35 -72.19 30.97
CA LEU M 287 -8.75 -71.98 30.64
C LEU M 287 -9.64 -72.91 31.46
N GLU M 288 -9.24 -74.18 31.58
CA GLU M 288 -9.97 -75.10 32.46
C GLU M 288 -9.94 -74.61 33.91
N ASP M 289 -8.84 -73.99 34.32
CA ASP M 289 -8.73 -73.51 35.69
C ASP M 289 -9.72 -72.38 35.96
N ILE M 290 -9.80 -71.40 35.05
CA ILE M 290 -10.75 -70.32 35.27
C ILE M 290 -12.17 -70.87 35.18
N ALA M 291 -12.40 -71.87 34.31
CA ALA M 291 -13.72 -72.46 34.20
C ALA M 291 -14.14 -73.13 35.50
N ILE M 292 -13.24 -73.90 36.11
CA ILE M 292 -13.60 -74.56 37.37
C ILE M 292 -13.59 -73.59 38.54
N LEU M 293 -12.95 -72.43 38.38
CA LEU M 293 -13.09 -71.38 39.39
C LEU M 293 -14.48 -70.76 39.33
N THR M 294 -14.95 -70.41 38.14
CA THR M 294 -16.20 -69.68 38.01
C THR M 294 -17.43 -70.57 38.03
N GLY M 295 -17.26 -71.90 38.03
CA GLY M 295 -18.38 -72.83 38.10
C GLY M 295 -18.97 -73.22 36.76
N GLY M 296 -18.44 -72.70 35.65
CA GLY M 296 -18.92 -73.07 34.33
C GLY M 296 -18.17 -74.26 33.78
N THR M 297 -18.21 -74.38 32.45
CA THR M 297 -17.49 -75.42 31.73
C THR M 297 -16.86 -74.84 30.48
N VAL M 298 -15.81 -75.50 30.00
CA VAL M 298 -15.11 -75.06 28.80
C VAL M 298 -15.93 -75.44 27.57
N ILE M 299 -15.75 -74.68 26.49
CA ILE M 299 -16.35 -74.95 25.19
C ILE M 299 -15.21 -75.13 24.21
N SER M 300 -15.15 -76.30 23.57
CA SER M 300 -14.07 -76.59 22.63
C SER M 300 -14.52 -77.70 21.67
N GLU M 301 -13.89 -77.72 20.49
CA GLU M 301 -14.14 -78.77 19.52
C GLU M 301 -13.46 -80.08 19.89
N GLU M 302 -12.41 -80.04 20.71
CA GLU M 302 -11.75 -81.26 21.14
C GLU M 302 -12.71 -82.16 21.90
N THR M 303 -13.52 -81.56 22.77
CA THR M 303 -14.54 -82.28 23.54
C THR M 303 -15.93 -82.13 22.98
N GLY M 304 -16.06 -81.68 21.73
CA GLY M 304 -17.33 -81.72 21.03
C GLY M 304 -18.45 -80.86 21.59
N TYR M 305 -18.16 -79.62 21.96
CA TYR M 305 -19.16 -78.61 22.28
C TYR M 305 -19.07 -77.46 21.28
N LYS M 306 -20.23 -77.06 20.76
CA LYS M 306 -20.35 -75.93 19.84
C LYS M 306 -20.77 -74.70 20.63
N LEU M 307 -20.24 -73.54 20.24
CA LEU M 307 -20.56 -72.29 20.91
C LEU M 307 -22.07 -72.07 21.00
N GLU M 308 -22.82 -72.41 19.96
CA GLU M 308 -24.28 -72.35 20.04
C GLU M 308 -24.85 -73.35 21.04
N ASN M 309 -24.17 -74.48 21.26
CA ASN M 309 -24.69 -75.48 22.20
C ASN M 309 -24.58 -75.01 23.65
N ALA M 310 -23.74 -73.99 23.91
CA ALA M 310 -23.60 -73.48 25.27
C ALA M 310 -24.90 -72.91 25.79
N THR M 311 -25.13 -73.05 27.10
CA THR M 311 -26.38 -72.63 27.73
C THR M 311 -26.12 -72.04 29.11
N LEU M 312 -27.20 -71.72 29.84
CA LEU M 312 -27.06 -71.13 31.16
C LEU M 312 -26.31 -72.05 32.12
N ASP M 313 -26.58 -73.36 32.03
CA ASP M 313 -25.90 -74.31 32.90
C ASP M 313 -24.38 -74.29 32.69
N TYR M 314 -23.94 -74.24 31.44
CA TYR M 314 -22.52 -74.26 31.13
C TYR M 314 -21.83 -72.92 31.41
N LEU M 315 -22.58 -71.82 31.42
CA LEU M 315 -21.97 -70.51 31.57
C LEU M 315 -21.38 -70.34 32.97
N GLY M 316 -20.40 -69.44 33.06
CA GLY M 316 -19.76 -69.10 34.32
C GLY M 316 -20.35 -67.83 34.90
N ARG M 317 -20.26 -67.70 36.22
CA ARG M 317 -20.87 -66.60 36.94
C ARG M 317 -19.88 -65.99 37.92
N ALA M 318 -20.00 -64.68 38.11
CA ALA M 318 -19.23 -63.95 39.11
C ALA M 318 -20.09 -62.78 39.58
N LYS M 319 -19.49 -61.90 40.38
CA LYS M 319 -20.18 -60.72 40.91
C LYS M 319 -19.53 -59.42 40.48
N ARG M 320 -18.20 -59.33 40.46
CA ARG M 320 -17.49 -58.12 40.05
C ARG M 320 -16.34 -58.51 39.14
N VAL M 321 -16.44 -58.10 37.88
CA VAL M 321 -15.40 -58.31 36.87
C VAL M 321 -14.97 -56.93 36.38
N THR M 322 -13.68 -56.65 36.46
CA THR M 322 -13.11 -55.36 36.08
C THR M 322 -12.16 -55.54 34.92
N ILE M 323 -12.29 -54.69 33.90
CA ILE M 323 -11.48 -54.76 32.69
C ILE M 323 -10.83 -53.39 32.53
N ASP M 324 -9.49 -53.37 32.53
CA ASP M 324 -8.73 -52.20 32.13
C ASP M 324 -7.87 -52.57 30.92
N LYS M 325 -7.04 -51.62 30.47
CA LYS M 325 -6.26 -51.83 29.25
C LYS M 325 -5.30 -53.01 29.38
N ASP M 326 -4.57 -53.07 30.48
CA ASP M 326 -3.47 -54.04 30.61
C ASP M 326 -3.96 -55.36 31.20
N ASN M 327 -4.52 -55.32 32.40
CA ASN M 327 -4.88 -56.50 33.17
C ASN M 327 -6.39 -56.60 33.28
N THR M 328 -6.85 -57.53 34.11
CA THR M 328 -8.25 -57.63 34.50
C THR M 328 -8.36 -58.59 35.67
N THR M 329 -9.40 -58.39 36.48
CA THR M 329 -9.58 -59.12 37.73
C THR M 329 -10.95 -59.79 37.76
N ILE M 330 -10.96 -61.03 38.25
CA ILE M 330 -12.17 -61.78 38.56
C ILE M 330 -12.18 -62.00 40.06
N VAL M 331 -13.33 -61.75 40.70
CA VAL M 331 -13.49 -61.94 42.14
C VAL M 331 -14.71 -62.80 42.42
N ASP M 332 -14.53 -63.79 43.29
CA ASP M 332 -15.60 -64.62 43.84
C ASP M 332 -16.41 -65.30 42.73
N GLY M 333 -15.72 -66.13 41.99
CA GLY M 333 -16.37 -66.99 41.02
C GLY M 333 -17.32 -67.95 41.70
N ALA M 334 -18.55 -68.04 41.20
CA ALA M 334 -19.58 -68.89 41.81
C ALA M 334 -19.26 -70.34 41.48
N GLY M 335 -18.47 -70.97 42.36
CA GLY M 335 -18.06 -72.34 42.19
C GLY M 335 -18.09 -73.09 43.50
N ASP M 336 -17.97 -74.42 43.39
CA ASP M 336 -17.95 -75.28 44.55
C ASP M 336 -16.53 -75.31 45.09
N LYS M 337 -16.39 -75.11 46.40
CA LYS M 337 -15.07 -74.91 46.99
C LYS M 337 -14.26 -76.21 46.99
N GLU M 338 -14.95 -77.35 47.12
CA GLU M 338 -14.27 -78.64 47.13
C GLU M 338 -13.49 -78.87 45.84
N ASP M 339 -14.07 -78.52 44.69
CA ASP M 339 -13.36 -78.71 43.43
C ASP M 339 -12.15 -77.79 43.33
N ILE M 340 -12.21 -76.59 43.90
CA ILE M 340 -11.07 -75.70 43.82
C ILE M 340 -9.91 -76.24 44.66
N LYS M 341 -10.21 -76.70 45.88
CA LYS M 341 -9.14 -77.28 46.67
C LYS M 341 -8.64 -78.59 46.06
N ALA M 342 -9.51 -79.34 45.39
CA ALA M 342 -9.07 -80.53 44.67
C ALA M 342 -8.11 -80.14 43.54
N ARG M 343 -8.42 -79.05 42.84
CA ARG M 343 -7.54 -78.56 41.80
C ARG M 343 -6.18 -78.18 42.38
N VAL M 344 -6.19 -77.53 43.55
CA VAL M 344 -4.93 -77.15 44.19
C VAL M 344 -4.13 -78.39 44.56
N ASN M 345 -4.80 -79.41 45.11
CA ASN M 345 -4.09 -80.63 45.48
C ASN M 345 -3.52 -81.34 44.26
N GLN M 346 -4.27 -81.37 43.15
CA GLN M 346 -3.74 -81.97 41.93
C GLN M 346 -2.56 -81.15 41.40
N ILE M 347 -2.63 -79.82 41.53
CA ILE M 347 -1.53 -78.97 41.11
C ILE M 347 -0.27 -79.32 41.89
N LYS M 348 -0.38 -79.43 43.22
CA LYS M 348 0.83 -79.76 43.98
C LYS M 348 1.27 -81.19 43.73
N LYS M 349 0.34 -82.10 43.44
CA LYS M 349 0.73 -83.44 43.01
C LYS M 349 1.64 -83.39 41.79
N GLN M 350 1.22 -82.65 40.77
CA GLN M 350 2.08 -82.47 39.61
C GLN M 350 3.37 -81.73 39.94
N ILE M 351 3.35 -80.85 40.95
CA ILE M 351 4.58 -80.17 41.34
C ILE M 351 5.60 -81.17 41.86
N GLU M 352 5.16 -82.10 42.72
CA GLU M 352 6.06 -83.17 43.13
C GLU M 352 6.45 -84.06 41.95
N ASN M 353 5.52 -84.35 41.05
CA ASN M 353 5.82 -85.29 39.97
C ASN M 353 6.79 -84.72 38.94
N THR M 354 6.66 -83.45 38.59
CA THR M 354 7.45 -82.89 37.51
C THR M 354 8.93 -82.79 37.89
N THR M 355 9.78 -82.72 36.87
CA THR M 355 11.23 -82.67 37.02
C THR M 355 11.86 -81.44 36.38
N SER M 356 11.42 -81.06 35.18
CA SER M 356 12.03 -79.94 34.49
C SER M 356 11.76 -78.64 35.25
N ASP M 357 12.81 -77.82 35.38
CA ASP M 357 12.71 -76.59 36.17
C ASP M 357 11.73 -75.61 35.57
N TYR M 358 11.67 -75.52 34.23
CA TYR M 358 10.78 -74.55 33.59
C TYR M 358 9.32 -74.89 33.86
N ASP M 359 8.93 -76.14 33.62
CA ASP M 359 7.57 -76.56 33.95
C ASP M 359 7.31 -76.46 35.44
N ARG M 360 8.35 -76.72 36.25
CA ARG M 360 8.22 -76.52 37.70
C ARG M 360 7.81 -75.10 38.01
N GLU M 361 8.52 -74.11 37.45
CA GLU M 361 8.25 -72.71 37.73
C GLU M 361 6.87 -72.32 37.24
N LYS M 362 6.49 -72.80 36.05
CA LYS M 362 5.13 -72.57 35.56
C LYS M 362 4.10 -73.10 36.55
N LEU M 363 4.36 -74.26 37.12
CA LEU M 363 3.42 -74.83 38.09
C LEU M 363 3.36 -73.99 39.36
N GLN M 364 4.52 -73.51 39.85
CA GLN M 364 4.46 -72.69 41.07
C GLN M 364 3.69 -71.40 40.83
N GLU M 365 3.94 -70.73 39.71
CA GLU M 365 3.22 -69.48 39.47
C GLU M 365 1.73 -69.74 39.24
N ARG M 366 1.38 -70.86 38.63
CA ARG M 366 -0.04 -71.21 38.52
C ARG M 366 -0.66 -71.44 39.90
N LEU M 367 0.04 -72.18 40.77
CA LEU M 367 -0.49 -72.43 42.11
C LEU M 367 -0.67 -71.13 42.87
N ALA M 368 0.31 -70.24 42.79
CA ALA M 368 0.19 -68.96 43.49
C ALA M 368 -0.96 -68.14 42.92
N LYS M 369 -1.07 -68.04 41.60
CA LYS M 369 -2.07 -67.18 41.00
C LYS M 369 -3.48 -67.74 41.11
N LEU M 370 -3.63 -69.04 41.38
CA LEU M 370 -4.95 -69.62 41.62
C LEU M 370 -5.30 -69.64 43.11
N ALA M 371 -4.51 -70.34 43.92
CA ALA M 371 -4.87 -70.60 45.31
C ALA M 371 -4.75 -69.37 46.20
N GLY M 372 -3.98 -68.36 45.80
CA GLY M 372 -3.82 -67.19 46.64
C GLY M 372 -5.13 -66.44 46.87
N GLY M 373 -6.02 -66.48 45.89
CA GLY M 373 -7.28 -65.78 46.00
C GLY M 373 -7.12 -64.29 45.76
N VAL M 374 -8.25 -63.59 45.87
CA VAL M 374 -8.31 -62.15 45.69
C VAL M 374 -8.77 -61.53 47.00
N ALA M 375 -7.97 -60.62 47.54
CA ALA M 375 -8.39 -59.83 48.68
C ALA M 375 -9.45 -58.84 48.24
N VAL M 376 -10.38 -58.53 49.15
CA VAL M 376 -11.53 -57.69 48.87
C VAL M 376 -11.58 -56.64 49.97
N ILE M 377 -11.19 -55.41 49.64
CA ILE M 377 -11.26 -54.28 50.57
C ILE M 377 -12.58 -53.57 50.28
N LYS M 378 -13.53 -53.72 51.18
CA LYS M 378 -14.88 -53.19 51.01
C LYS M 378 -14.91 -51.83 51.70
N VAL M 379 -14.85 -50.77 50.90
CA VAL M 379 -14.64 -49.42 51.41
C VAL M 379 -15.98 -48.82 51.79
N GLY M 380 -16.27 -48.76 53.09
CA GLY M 380 -17.53 -48.22 53.59
C GLY M 380 -17.31 -47.00 54.45
N ALA M 381 -18.14 -46.00 54.26
CA ALA M 381 -18.09 -44.77 55.06
C ALA M 381 -19.51 -44.20 55.14
N ALA M 382 -19.64 -42.97 55.66
CA ALA M 382 -20.93 -42.47 56.08
C ALA M 382 -21.81 -42.03 54.91
N THR M 383 -21.43 -40.94 54.24
CA THR M 383 -22.24 -40.41 53.14
C THR M 383 -21.75 -41.04 51.84
N GLU M 384 -22.17 -40.50 50.70
CA GLU M 384 -21.81 -41.07 49.40
C GLU M 384 -20.57 -40.40 48.82
N VAL M 385 -20.57 -39.07 48.72
CA VAL M 385 -19.47 -38.39 48.03
C VAL M 385 -18.18 -38.50 48.85
N GLU M 386 -18.28 -38.36 50.17
CA GLU M 386 -17.08 -38.51 50.98
C GLU M 386 -16.57 -39.94 50.93
N MET M 387 -17.49 -40.90 50.85
CA MET M 387 -17.08 -42.30 50.65
C MET M 387 -16.37 -42.46 49.31
N LYS M 388 -16.82 -41.73 48.29
CA LYS M 388 -16.21 -41.87 46.97
C LYS M 388 -14.78 -41.34 46.96
N GLU M 389 -14.57 -40.15 47.54
CA GLU M 389 -13.20 -39.65 47.60
C GLU M 389 -12.36 -40.51 48.54
N LYS M 390 -12.97 -41.13 49.54
CA LYS M 390 -12.27 -42.09 50.36
C LYS M 390 -11.80 -43.29 49.54
N LYS M 391 -12.67 -43.78 48.64
CA LYS M 391 -12.31 -44.88 47.76
C LYS M 391 -11.15 -44.47 46.87
N ALA M 392 -11.18 -43.24 46.36
CA ALA M 392 -10.06 -42.76 45.55
C ALA M 392 -8.78 -42.72 46.40
N ARG M 393 -8.89 -42.28 47.65
CA ARG M 393 -7.71 -42.17 48.50
C ARG M 393 -7.10 -43.55 48.73
N VAL M 394 -7.93 -44.55 49.02
CA VAL M 394 -7.37 -45.87 49.28
C VAL M 394 -6.87 -46.53 48.01
N GLU M 395 -7.45 -46.23 46.85
CA GLU M 395 -6.86 -46.73 45.61
C GLU M 395 -5.45 -46.17 45.41
N ASP M 396 -5.30 -44.86 45.62
CA ASP M 396 -3.98 -44.25 45.51
C ASP M 396 -3.01 -44.84 46.52
N ALA M 397 -3.47 -45.04 47.75
CA ALA M 397 -2.61 -45.64 48.77
C ALA M 397 -2.22 -47.06 48.41
N LEU M 398 -3.14 -47.82 47.83
CA LEU M 398 -2.83 -49.17 47.38
C LEU M 398 -1.70 -49.15 46.36
N HIS M 399 -1.82 -48.28 45.35
CA HIS M 399 -0.78 -48.21 44.33
C HIS M 399 0.55 -47.79 44.93
N ALA M 400 0.54 -46.78 45.80
CA ALA M 400 1.79 -46.29 46.37
C ALA M 400 2.45 -47.35 47.23
N THR M 401 1.67 -48.04 48.07
CA THR M 401 2.24 -49.10 48.91
C THR M 401 2.78 -50.23 48.05
N ARG M 402 2.10 -50.58 46.97
CA ARG M 402 2.60 -51.65 46.11
C ARG M 402 3.94 -51.27 45.50
N ALA M 403 4.08 -50.03 45.03
CA ALA M 403 5.38 -49.61 44.50
C ALA M 403 6.45 -49.63 45.58
N ALA M 404 6.11 -49.14 46.77
CA ALA M 404 7.09 -49.06 47.86
C ALA M 404 7.59 -50.45 48.25
N VAL M 405 6.68 -51.42 48.38
CA VAL M 405 7.14 -52.78 48.66
C VAL M 405 7.87 -53.37 47.46
N GLU M 406 7.56 -52.93 46.24
CA GLU M 406 8.23 -53.45 45.06
C GLU M 406 9.72 -53.13 45.09
N GLU M 407 10.07 -51.85 45.27
CA GLU M 407 11.46 -51.42 45.08
C GLU M 407 11.92 -50.41 46.13
N GLY M 408 11.41 -50.50 47.34
CA GLY M 408 11.87 -49.64 48.41
C GLY M 408 11.41 -48.20 48.23
N ILE M 409 11.90 -47.35 49.13
CA ILE M 409 11.51 -45.94 49.19
C ILE M 409 12.76 -45.09 49.36
N VAL M 410 12.62 -43.81 48.98
CA VAL M 410 13.70 -42.84 49.09
C VAL M 410 13.12 -41.50 49.49
N PRO M 411 13.96 -40.55 49.93
CA PRO M 411 13.45 -39.21 50.25
C PRO M 411 12.78 -38.56 49.06
N GLY M 412 11.68 -37.87 49.33
CA GLY M 412 10.86 -37.26 48.30
C GLY M 412 11.23 -35.81 48.06
N GLY M 413 10.42 -35.16 47.22
CA GLY M 413 10.65 -33.77 46.89
C GLY M 413 11.86 -33.52 46.02
N GLY M 414 12.32 -34.54 45.30
CA GLY M 414 13.49 -34.40 44.45
C GLY M 414 14.82 -34.56 45.15
N VAL M 415 14.82 -34.83 46.46
CA VAL M 415 16.07 -35.01 47.18
C VAL M 415 16.77 -36.28 46.75
N ALA M 416 16.00 -37.31 46.38
CA ALA M 416 16.60 -38.58 45.99
C ALA M 416 17.46 -38.41 44.74
N LEU M 417 16.98 -37.66 43.76
CA LEU M 417 17.79 -37.40 42.57
C LEU M 417 19.00 -36.53 42.87
N ILE M 418 18.88 -35.61 43.84
CA ILE M 418 20.05 -34.84 44.26
C ILE M 418 21.11 -35.77 44.81
N ARG M 419 20.74 -36.64 45.74
CA ARG M 419 21.71 -37.48 46.41
C ARG M 419 22.31 -38.53 45.50
N ALA M 420 21.64 -38.88 44.42
CA ALA M 420 22.19 -39.82 43.45
C ALA M 420 23.27 -39.21 42.57
N ALA M 421 23.40 -37.87 42.58
CA ALA M 421 24.43 -37.22 41.79
C ALA M 421 25.84 -37.47 42.31
N LYS M 422 25.98 -38.00 43.53
CA LYS M 422 27.31 -38.33 44.04
C LYS M 422 27.99 -39.41 43.23
N ALA M 423 27.21 -40.29 42.60
CA ALA M 423 27.78 -41.37 41.82
C ALA M 423 28.42 -40.91 40.53
N LEU M 424 27.97 -39.77 39.97
CA LEU M 424 28.49 -39.27 38.71
C LEU M 424 29.72 -38.39 38.87
N GLU M 425 30.25 -38.25 40.08
CA GLU M 425 31.39 -37.36 40.29
C GLU M 425 32.63 -37.87 39.55
N ASN M 426 32.86 -39.18 39.56
CA ASN M 426 34.05 -39.79 39.00
C ASN M 426 33.75 -40.72 37.83
N LEU M 427 32.64 -40.49 37.13
CA LEU M 427 32.24 -41.27 35.97
C LEU M 427 32.56 -40.49 34.71
N GLU M 428 33.53 -40.96 33.95
CA GLU M 428 34.00 -40.30 32.74
C GLU M 428 33.77 -41.23 31.54
N GLY M 429 33.43 -40.62 30.41
CA GLY M 429 33.18 -41.36 29.19
C GLY M 429 34.46 -41.65 28.43
N GLU M 430 34.28 -42.25 27.25
CA GLU M 430 35.41 -42.56 26.40
C GLU M 430 35.99 -41.30 25.76
N ASN M 431 35.15 -40.34 25.41
CA ASN M 431 35.55 -39.07 24.82
C ASN M 431 34.99 -37.91 25.64
N GLY M 432 35.27 -36.68 25.18
CA GLY M 432 34.82 -35.51 25.91
C GLY M 432 33.34 -35.25 25.79
N ASP M 433 32.75 -35.58 24.64
CA ASP M 433 31.33 -35.34 24.45
C ASP M 433 30.49 -36.18 25.40
N GLN M 434 30.91 -37.41 25.68
CA GLN M 434 30.21 -38.21 26.68
C GLN M 434 30.33 -37.58 28.06
N LYS M 435 31.48 -36.97 28.37
CA LYS M 435 31.59 -36.26 29.64
C LYS M 435 30.63 -35.07 29.68
N THR M 436 30.47 -34.38 28.55
CA THR M 436 29.50 -33.30 28.50
C THR M 436 28.08 -33.82 28.71
N GLY M 437 27.77 -34.99 28.16
CA GLY M 437 26.46 -35.59 28.43
C GLY M 437 26.28 -35.96 29.90
N VAL M 438 27.33 -36.48 30.52
CA VAL M 438 27.29 -36.80 31.94
C VAL M 438 27.02 -35.54 32.75
N LYS M 439 27.71 -34.46 32.43
CA LYS M 439 27.45 -33.18 33.09
C LYS M 439 26.03 -32.71 32.82
N ILE M 440 25.52 -32.93 31.61
CA ILE M 440 24.18 -32.47 31.24
C ILE M 440 23.14 -33.16 32.11
N VAL M 441 23.25 -34.48 32.26
CA VAL M 441 22.28 -35.19 33.08
C VAL M 441 22.52 -34.97 34.56
N ARG M 442 23.74 -34.60 34.97
CA ARG M 442 23.96 -34.18 36.34
C ARG M 442 23.19 -32.90 36.64
N ARG M 443 23.29 -31.90 35.75
CA ARG M 443 22.65 -30.62 35.99
C ARG M 443 21.12 -30.72 35.97
N ALA M 444 20.57 -31.80 35.41
CA ALA M 444 19.12 -31.97 35.33
C ALA M 444 18.54 -32.61 36.58
N LEU M 445 19.34 -33.27 37.40
CA LEU M 445 18.80 -33.95 38.57
C LEU M 445 18.33 -32.97 39.63
N GLU M 446 18.93 -31.77 39.67
CA GLU M 446 18.46 -30.74 40.60
C GLU M 446 17.33 -29.90 40.04
N GLU M 447 17.00 -30.05 38.76
CA GLU M 447 15.90 -29.26 38.21
C GLU M 447 14.56 -29.61 38.85
N PRO M 448 14.23 -30.87 39.12
CA PRO M 448 12.99 -31.15 39.90
C PRO M 448 12.96 -30.45 41.25
N LEU M 449 14.04 -30.52 42.02
CA LEU M 449 14.08 -29.81 43.30
C LEU M 449 13.96 -28.31 43.09
N ARG M 450 14.68 -27.79 42.08
CA ARG M 450 14.63 -26.36 41.80
C ARG M 450 13.23 -25.91 41.46
N GLN M 451 12.42 -26.75 40.82
CA GLN M 451 11.08 -26.31 40.48
C GLN M 451 10.08 -26.52 41.60
N ILE M 452 10.24 -27.55 42.45
CA ILE M 452 9.35 -27.63 43.60
C ILE M 452 9.55 -26.40 44.48
N VAL M 453 10.79 -25.91 44.59
CA VAL M 453 11.01 -24.69 45.37
C VAL M 453 10.78 -23.41 44.57
N ALA M 454 10.81 -23.47 43.24
CA ALA M 454 10.46 -22.29 42.45
C ALA M 454 8.96 -22.02 42.49
N ASN M 455 8.14 -23.07 42.47
CA ASN M 455 6.72 -22.89 42.72
C ASN M 455 6.44 -22.38 44.12
N ALA M 456 7.34 -22.64 45.07
CA ALA M 456 7.21 -22.08 46.40
C ALA M 456 7.55 -20.60 46.45
N GLY M 457 8.10 -20.03 45.38
CA GLY M 457 8.41 -18.62 45.34
C GLY M 457 9.74 -18.22 45.94
N LEU M 458 10.57 -19.19 46.31
CA LEU M 458 11.87 -18.93 46.93
C LEU M 458 12.98 -19.23 45.94
N GLU M 459 14.16 -18.67 46.20
CA GLU M 459 15.31 -18.90 45.34
C GLU M 459 15.79 -20.33 45.49
N GLY M 460 15.85 -21.06 44.38
CA GLY M 460 16.28 -22.45 44.44
C GLY M 460 17.75 -22.63 44.68
N SER M 461 18.56 -21.60 44.41
CA SER M 461 20.00 -21.72 44.53
C SER M 461 20.41 -22.05 45.97
N VAL M 462 19.90 -21.28 46.93
CA VAL M 462 20.31 -21.46 48.31
C VAL M 462 19.90 -22.83 48.82
N VAL M 463 18.67 -23.26 48.54
CA VAL M 463 18.19 -24.52 49.08
C VAL M 463 18.93 -25.69 48.44
N VAL M 464 19.19 -25.63 47.14
CA VAL M 464 19.86 -26.75 46.49
C VAL M 464 21.31 -26.81 46.93
N ASN M 465 21.97 -25.67 47.08
CA ASN M 465 23.34 -25.68 47.56
C ASN M 465 23.40 -26.25 48.98
N LYS M 466 22.48 -25.83 49.85
CA LYS M 466 22.57 -26.22 51.24
C LYS M 466 22.10 -27.66 51.47
N VAL M 467 21.27 -28.20 50.57
CA VAL M 467 20.95 -29.63 50.65
C VAL M 467 22.04 -30.49 50.03
N LYS M 468 22.75 -29.96 49.03
CA LYS M 468 23.95 -30.66 48.57
C LYS M 468 24.98 -30.72 49.68
N GLU M 469 25.10 -29.65 50.47
CA GLU M 469 26.02 -29.65 51.60
C GLU M 469 25.69 -30.72 52.63
N GLY M 470 24.43 -31.15 52.71
CA GLY M 470 24.04 -32.18 53.65
C GLY M 470 24.43 -33.57 53.16
N LYS M 471 23.96 -34.57 53.92
CA LYS M 471 24.25 -35.97 53.60
C LYS M 471 23.09 -36.83 54.03
N GLY M 472 23.03 -38.04 53.46
CA GLY M 472 21.96 -38.97 53.77
C GLY M 472 20.62 -38.50 53.26
N ASN M 473 19.64 -38.40 54.16
CA ASN M 473 18.28 -38.01 53.81
C ASN M 473 17.96 -36.58 54.24
N PHE M 474 18.98 -35.76 54.51
CA PHE M 474 18.77 -34.34 54.75
C PHE M 474 18.12 -33.73 53.52
N GLY M 475 17.06 -32.94 53.73
CA GLY M 475 16.26 -32.50 52.61
C GLY M 475 15.36 -31.35 52.96
N TYR M 476 14.68 -30.85 51.93
CA TYR M 476 13.79 -29.69 52.05
C TYR M 476 12.34 -30.16 52.11
N ASN M 477 11.69 -29.89 53.22
CA ASN M 477 10.26 -30.17 53.37
C ASN M 477 9.55 -28.92 52.87
N ALA M 478 9.03 -28.98 51.65
CA ALA M 478 8.36 -27.82 51.07
C ALA M 478 7.07 -27.47 51.81
N ARG M 479 6.48 -28.41 52.55
CA ARG M 479 5.25 -28.12 53.26
C ARG M 479 5.48 -27.15 54.42
N THR M 480 6.49 -27.44 55.25
CA THR M 480 6.70 -26.76 56.52
C THR M 480 8.00 -25.96 56.57
N GLU M 481 8.89 -26.12 55.59
CA GLU M 481 10.07 -25.27 55.44
C GLU M 481 11.08 -25.44 56.58
N GLU M 482 11.13 -26.62 57.19
CA GLU M 482 12.28 -27.07 57.97
C GLU M 482 13.06 -28.09 57.13
N TYR M 483 14.20 -28.53 57.67
CA TYR M 483 15.21 -29.22 56.88
C TYR M 483 15.45 -30.64 57.39
N ASP M 484 14.37 -31.41 57.61
CA ASP M 484 14.51 -32.82 57.93
C ASP M 484 13.45 -33.63 57.18
N LEU M 485 13.89 -34.72 56.55
CA LEU M 485 13.01 -35.62 55.81
C LEU M 485 13.14 -37.07 56.26
N ILE M 486 13.93 -37.36 57.29
CA ILE M 486 14.26 -38.75 57.62
C ILE M 486 13.01 -39.43 58.14
N GLU M 487 12.50 -38.97 59.28
CA GLU M 487 11.22 -39.42 59.82
C GLU M 487 10.09 -38.44 59.56
N ALA M 488 10.35 -37.32 58.87
CA ALA M 488 9.32 -36.31 58.69
C ALA M 488 8.14 -36.85 57.89
N GLY M 489 8.38 -37.81 57.01
CA GLY M 489 7.28 -38.51 56.37
C GLY M 489 6.80 -37.88 55.09
N VAL M 490 7.72 -37.35 54.29
CA VAL M 490 7.44 -36.99 52.90
C VAL M 490 8.44 -37.78 52.06
N ILE M 491 7.93 -38.70 51.25
CA ILE M 491 8.74 -39.66 50.51
C ILE M 491 8.10 -39.93 49.16
N ASP M 492 8.80 -40.72 48.36
CA ASP M 492 8.29 -41.27 47.12
C ASP M 492 8.88 -42.66 46.98
N PRO M 493 8.19 -43.60 46.34
CA PRO M 493 8.84 -44.88 46.05
C PRO M 493 10.04 -44.68 45.15
N ALA M 494 11.08 -45.49 45.40
CA ALA M 494 12.25 -45.43 44.54
C ALA M 494 11.91 -45.89 43.12
N LYS M 495 10.90 -46.76 42.99
CA LYS M 495 10.54 -47.27 41.67
C LYS M 495 10.03 -46.16 40.78
N VAL M 496 9.20 -45.25 41.31
CA VAL M 496 8.64 -44.21 40.46
C VAL M 496 9.72 -43.24 40.02
N THR M 497 10.66 -42.91 40.91
CA THR M 497 11.75 -42.03 40.53
C THR M 497 12.66 -42.70 39.50
N ARG M 498 12.94 -43.98 39.69
CA ARG M 498 13.74 -44.73 38.71
C ARG M 498 13.08 -44.70 37.34
N THR M 499 11.79 -45.05 37.29
CA THR M 499 11.10 -45.08 36.00
C THR M 499 11.00 -43.70 35.38
N ALA M 500 10.77 -42.67 36.19
CA ALA M 500 10.69 -41.33 35.65
C ALA M 500 12.00 -40.90 35.03
N LEU M 501 13.11 -41.14 35.73
CA LEU M 501 14.41 -40.78 35.18
C LEU M 501 14.71 -41.57 33.92
N GLN M 502 14.36 -42.86 33.90
CA GLN M 502 14.65 -43.68 32.73
C GLN M 502 13.85 -43.21 31.52
N ASN M 503 12.57 -42.92 31.70
CA ASN M 503 11.76 -42.42 30.59
C ASN M 503 12.24 -41.05 30.13
N ALA M 504 12.67 -40.19 31.07
CA ALA M 504 13.23 -38.91 30.67
C ALA M 504 14.47 -39.09 29.82
N ALA M 505 15.35 -40.02 30.23
CA ALA M 505 16.54 -40.29 29.44
C ALA M 505 16.18 -40.84 28.07
N SER M 506 15.17 -41.71 28.00
CA SER M 506 14.77 -42.29 26.72
C SER M 506 14.31 -41.22 25.75
N ILE M 507 13.37 -40.36 26.17
CA ILE M 507 12.92 -39.30 25.28
C ILE M 507 14.01 -38.28 25.00
N ALA M 508 14.90 -38.01 25.96
CA ALA M 508 15.99 -37.09 25.68
C ALA M 508 16.89 -37.63 24.58
N GLY M 509 17.27 -38.91 24.68
CA GLY M 509 18.07 -39.51 23.64
C GLY M 509 17.36 -39.56 22.31
N MET M 510 16.06 -39.84 22.32
CA MET M 510 15.33 -39.97 21.07
C MET M 510 15.12 -38.62 20.39
N LEU M 511 15.03 -37.54 21.15
CA LEU M 511 14.93 -36.20 20.55
C LEU M 511 16.28 -35.65 20.15
N LEU M 512 17.33 -35.93 20.91
CA LEU M 512 18.66 -35.45 20.54
C LEU M 512 19.11 -36.00 19.20
N THR M 513 18.81 -37.26 18.93
CA THR M 513 19.21 -37.92 17.69
C THR M 513 18.10 -37.84 16.65
N THR M 514 17.31 -36.77 16.68
CA THR M 514 16.25 -36.52 15.71
C THR M 514 16.66 -35.35 14.84
N GLU M 515 16.55 -35.54 13.53
CA GLU M 515 16.92 -34.54 12.53
C GLU M 515 16.00 -34.55 11.31
N CYS M 516 14.80 -35.11 11.44
CA CYS M 516 13.82 -35.06 10.35
C CYS M 516 12.45 -35.31 10.96
N VAL M 517 11.51 -34.40 10.73
CA VAL M 517 10.17 -34.48 11.27
C VAL M 517 9.18 -34.24 10.14
N ILE M 518 8.18 -35.11 10.03
CA ILE M 518 7.23 -35.11 8.92
C ILE M 518 5.83 -34.91 9.49
N THR M 519 5.12 -33.91 8.95
CA THR M 519 3.75 -33.61 9.33
C THR M 519 2.96 -33.23 8.09
N GLU M 520 1.64 -33.15 8.25
CA GLU M 520 0.73 -32.82 7.16
C GLU M 520 0.43 -31.32 7.09
N LYS M 521 0.11 -30.88 5.89
CA LYS M 521 -0.43 -29.54 5.70
C LYS M 521 -1.86 -29.54 6.23
N PRO M 522 -2.21 -28.68 7.22
CA PRO M 522 -3.61 -28.57 7.73
C PRO M 522 -4.62 -28.77 6.60
N ALA N 1 -6.49 -27.89 18.22
CA ALA N 1 -5.48 -26.93 18.69
C ALA N 1 -5.93 -26.29 20.00
N LYS N 2 -4.99 -25.74 20.79
CA LYS N 2 -5.30 -25.10 22.06
C LYS N 2 -4.32 -23.96 22.29
N GLN N 3 -4.83 -22.80 22.67
CA GLN N 3 -3.98 -21.66 22.99
C GLN N 3 -3.52 -21.79 24.43
N ILE N 4 -2.30 -21.32 24.70
CA ILE N 4 -1.71 -21.41 26.03
C ILE N 4 -1.06 -20.06 26.34
N LYS N 5 -1.38 -19.50 27.51
CA LYS N 5 -0.77 -18.29 28.01
C LYS N 5 -0.20 -18.55 29.40
N PHE N 6 1.01 -18.03 29.64
CA PHE N 6 1.78 -18.32 30.84
C PHE N 6 1.98 -17.06 31.68
N ASP N 7 1.82 -17.23 32.99
CA ASP N 7 2.31 -16.27 34.00
C ASP N 7 1.64 -14.93 33.81
N THR N 8 2.39 -13.83 33.66
CA THR N 8 1.82 -12.49 33.79
C THR N 8 0.78 -12.20 32.71
N ASP N 9 1.03 -12.64 31.48
CA ASP N 9 0.06 -12.41 30.41
C ASP N 9 -1.27 -13.09 30.72
N ALA N 10 -1.21 -14.34 31.19
CA ALA N 10 -2.43 -15.07 31.52
C ALA N 10 -3.16 -14.41 32.68
N ARG N 11 -2.43 -14.04 33.72
CA ARG N 11 -3.07 -13.40 34.87
C ARG N 11 -3.69 -12.06 34.49
N ASN N 12 -3.02 -11.31 33.61
CA ASN N 12 -3.57 -10.03 33.18
C ASN N 12 -4.82 -10.21 32.34
N ALA N 13 -4.84 -11.23 31.47
CA ALA N 13 -6.05 -11.51 30.71
C ALA N 13 -7.20 -11.89 31.65
N LEU N 14 -6.91 -12.70 32.67
CA LEU N 14 -7.95 -13.05 33.63
C LEU N 14 -8.43 -11.84 34.39
N LEU N 15 -7.51 -10.94 34.77
CA LEU N 15 -7.91 -9.70 35.43
C LEU N 15 -8.80 -8.89 34.51
N ARG N 16 -8.49 -8.85 33.22
CA ARG N 16 -9.33 -8.13 32.27
C ARG N 16 -10.75 -8.69 32.25
N GLY N 17 -10.87 -10.02 32.18
CA GLY N 17 -12.19 -10.62 32.18
C GLY N 17 -12.96 -10.35 33.48
N VAL N 18 -12.28 -10.50 34.61
CA VAL N 18 -12.94 -10.27 35.89
C VAL N 18 -13.32 -8.81 36.05
N ASP N 19 -12.48 -7.90 35.56
CA ASP N 19 -12.82 -6.48 35.60
C ASP N 19 -14.04 -6.19 34.76
N LYS N 20 -14.11 -6.79 33.58
CA LYS N 20 -15.28 -6.56 32.72
C LYS N 20 -16.54 -7.06 33.39
N LEU N 21 -16.50 -8.25 33.98
CA LEU N 21 -17.67 -8.76 34.68
C LEU N 21 -18.01 -7.88 35.89
N ALA N 22 -16.98 -7.38 36.57
CA ALA N 22 -17.21 -6.50 37.72
C ALA N 22 -17.95 -5.25 37.28
N ASP N 23 -17.36 -4.47 36.37
CA ASP N 23 -18.01 -3.24 35.92
C ASP N 23 -19.35 -3.51 35.26
N ALA N 24 -19.59 -4.73 34.77
CA ALA N 24 -20.93 -5.11 34.38
C ALA N 24 -21.85 -5.21 35.59
N VAL N 25 -21.37 -5.77 36.71
CA VAL N 25 -22.23 -6.11 37.83
C VAL N 25 -22.19 -5.09 38.97
N LYS N 26 -21.04 -4.47 39.25
CA LYS N 26 -20.91 -3.65 40.46
C LYS N 26 -21.82 -2.43 40.44
N VAL N 27 -22.23 -1.95 39.28
CA VAL N 27 -23.04 -0.73 39.22
C VAL N 27 -24.42 -0.92 39.84
N THR N 28 -24.97 -2.14 39.80
CA THR N 28 -26.31 -2.40 40.33
C THR N 28 -26.24 -2.86 41.78
N LEU N 29 -25.55 -2.05 42.60
CA LEU N 29 -25.29 -2.38 43.99
C LEU N 29 -25.92 -1.31 44.86
N GLY N 30 -26.78 -1.73 45.79
CA GLY N 30 -27.32 -0.85 46.80
C GLY N 30 -28.72 -0.36 46.51
N PRO N 31 -29.25 0.49 47.39
CA PRO N 31 -30.58 1.05 47.15
C PRO N 31 -30.61 2.03 46.00
N LYS N 32 -29.67 2.96 45.94
CA LYS N 32 -29.55 3.92 44.85
C LYS N 32 -28.50 3.38 43.89
N GLY N 33 -28.92 2.42 43.07
CA GLY N 33 -28.03 1.76 42.13
C GLY N 33 -28.41 2.11 40.70
N ARG N 34 -27.47 1.85 39.81
CA ARG N 34 -27.64 2.11 38.39
C ARG N 34 -28.44 0.98 37.75
N ASN N 35 -28.76 1.14 36.47
CA ASN N 35 -29.56 0.17 35.73
C ASN N 35 -28.83 -0.26 34.46
N VAL N 36 -28.92 -1.55 34.15
CA VAL N 36 -28.21 -2.17 33.04
C VAL N 36 -29.24 -2.77 32.09
N ILE N 37 -29.07 -2.52 30.79
CA ILE N 37 -30.02 -2.99 29.78
C ILE N 37 -29.50 -4.26 29.13
N ILE N 38 -30.43 -5.08 28.68
CA ILE N 38 -30.17 -6.41 28.15
C ILE N 38 -30.76 -6.50 26.75
N GLU N 39 -29.97 -6.93 25.79
CA GLU N 39 -30.48 -7.27 24.47
C GLU N 39 -30.85 -8.74 24.48
N LYS N 40 -32.12 -9.03 24.22
CA LYS N 40 -32.63 -10.40 24.21
C LYS N 40 -33.20 -10.73 22.84
N LYS N 41 -33.00 -11.98 22.43
CA LYS N 41 -33.29 -12.38 21.06
C LYS N 41 -34.80 -12.38 20.83
N PHE N 42 -35.23 -11.57 19.85
CA PHE N 42 -36.64 -11.49 19.48
C PHE N 42 -37.50 -11.07 20.66
N GLY N 43 -37.11 -9.96 21.28
CA GLY N 43 -37.84 -9.42 22.41
C GLY N 43 -37.47 -7.98 22.61
N ALA N 44 -38.16 -7.36 23.57
CA ALA N 44 -37.93 -5.94 23.85
C ALA N 44 -36.71 -5.76 24.75
N PRO N 45 -36.22 -4.53 24.88
CA PRO N 45 -35.29 -4.23 25.97
C PRO N 45 -35.86 -4.63 27.32
N THR N 46 -35.00 -5.17 28.18
CA THR N 46 -35.31 -5.35 29.59
C THR N 46 -34.15 -4.84 30.43
N ILE N 47 -34.46 -3.95 31.36
CA ILE N 47 -33.47 -3.42 32.29
C ILE N 47 -33.54 -4.23 33.58
N THR N 48 -32.45 -4.17 34.34
CA THR N 48 -32.35 -4.90 35.59
C THR N 48 -31.49 -4.12 36.56
N LYS N 49 -32.03 -3.87 37.75
CA LYS N 49 -31.30 -3.23 38.83
C LYS N 49 -30.78 -4.24 39.84
N ASP N 50 -30.82 -5.53 39.53
CA ASP N 50 -30.38 -6.60 40.40
C ASP N 50 -29.15 -7.26 39.81
N GLY N 51 -28.12 -7.46 40.64
CA GLY N 51 -26.85 -7.93 40.16
C GLY N 51 -26.81 -9.39 39.77
N VAL N 52 -27.74 -10.21 40.27
CA VAL N 52 -27.77 -11.61 39.88
C VAL N 52 -28.18 -11.75 38.43
N THR N 53 -29.18 -10.97 38.01
CA THR N 53 -29.67 -11.09 36.64
C THR N 53 -28.63 -10.59 35.64
N VAL N 54 -27.99 -9.46 35.91
CA VAL N 54 -27.03 -8.92 34.94
C VAL N 54 -25.79 -9.81 34.83
N ALA N 55 -25.51 -10.62 35.85
CA ALA N 55 -24.34 -11.48 35.79
C ALA N 55 -24.51 -12.59 34.76
N LYS N 56 -25.71 -13.16 34.66
CA LYS N 56 -25.88 -14.38 33.90
C LYS N 56 -25.79 -14.16 32.39
N GLU N 57 -26.05 -12.94 31.91
CA GLU N 57 -25.96 -12.63 30.49
C GLU N 57 -24.59 -12.07 30.11
N ILE N 58 -23.54 -12.50 30.81
CA ILE N 58 -22.16 -12.09 30.54
C ILE N 58 -21.43 -13.28 29.94
N GLU N 59 -20.92 -13.10 28.73
CA GLU N 59 -20.13 -14.11 28.05
C GLU N 59 -19.31 -13.41 26.97
N LEU N 60 -17.99 -13.47 27.10
CA LEU N 60 -17.09 -12.61 26.34
C LEU N 60 -16.49 -13.37 25.16
N GLU N 61 -16.08 -12.61 24.14
CA GLU N 61 -15.53 -13.23 22.94
C GLU N 61 -14.16 -13.85 23.20
N ASP N 62 -13.26 -13.11 23.82
CA ASP N 62 -11.92 -13.62 24.08
C ASP N 62 -12.03 -14.79 25.07
N PRO N 63 -11.51 -15.98 24.75
CA PRO N 63 -11.71 -17.10 25.68
C PRO N 63 -11.09 -16.88 27.04
N PHE N 64 -9.94 -16.21 27.14
CA PHE N 64 -9.29 -16.04 28.45
C PHE N 64 -10.13 -15.17 29.37
N GLU N 65 -10.55 -14.00 28.87
CA GLU N 65 -11.45 -13.16 29.64
C GLU N 65 -12.75 -13.89 29.94
N ASN N 66 -13.19 -14.75 29.03
CA ASN N 66 -14.40 -15.52 29.27
C ASN N 66 -14.23 -16.47 30.45
N MET N 67 -13.08 -17.17 30.53
CA MET N 67 -12.94 -18.10 31.66
C MET N 67 -12.81 -17.34 32.95
N GLY N 68 -12.13 -16.19 32.94
CA GLY N 68 -12.11 -15.37 34.15
C GLY N 68 -13.50 -14.94 34.58
N ALA N 69 -14.32 -14.53 33.61
CA ALA N 69 -15.68 -14.11 33.91
C ALA N 69 -16.48 -15.25 34.51
N GLN N 70 -16.48 -16.41 33.86
CA GLN N 70 -17.26 -17.53 34.37
C GLN N 70 -16.72 -18.03 35.70
N MET N 71 -15.40 -17.95 35.90
CA MET N 71 -14.80 -18.33 37.18
C MET N 71 -15.39 -17.50 38.32
N VAL N 72 -15.30 -16.17 38.17
CA VAL N 72 -15.79 -15.32 39.25
C VAL N 72 -17.30 -15.44 39.37
N LYS N 73 -18.00 -15.62 38.25
CA LYS N 73 -19.45 -15.79 38.28
C LYS N 73 -19.84 -17.02 39.09
N GLU N 74 -19.17 -18.14 38.83
CA GLU N 74 -19.55 -19.38 39.50
C GLU N 74 -19.19 -19.35 40.97
N VAL N 75 -17.95 -18.96 41.31
CA VAL N 75 -17.57 -19.02 42.72
C VAL N 75 -18.31 -17.96 43.51
N ALA N 76 -18.62 -16.83 42.89
CA ALA N 76 -19.41 -15.80 43.57
C ALA N 76 -20.85 -16.23 43.80
N SER N 77 -21.42 -17.04 42.92
CA SER N 77 -22.82 -17.44 43.03
C SER N 77 -23.05 -18.59 44.00
N LYS N 78 -22.00 -19.17 44.59
CA LYS N 78 -22.16 -20.24 45.55
C LYS N 78 -22.76 -19.77 46.88
N THR N 79 -22.85 -18.46 47.11
CA THR N 79 -23.53 -17.97 48.29
C THR N 79 -25.00 -18.37 48.28
N SER N 80 -25.58 -18.45 49.48
CA SER N 80 -26.95 -18.92 49.59
C SER N 80 -27.94 -17.89 49.07
N ASP N 81 -27.76 -16.62 49.43
CA ASP N 81 -28.75 -15.60 49.11
C ASP N 81 -28.83 -15.38 47.60
N VAL N 82 -30.07 -15.22 47.12
CA VAL N 82 -30.34 -14.86 45.74
C VAL N 82 -31.18 -13.59 45.62
N ALA N 83 -31.65 -13.03 46.74
CA ALA N 83 -32.44 -11.81 46.67
C ALA N 83 -31.62 -10.65 46.11
N GLY N 84 -30.38 -10.52 46.56
CA GLY N 84 -29.52 -9.45 46.08
C GLY N 84 -28.39 -9.19 47.04
N ASP N 85 -27.36 -8.53 46.52
CA ASP N 85 -26.18 -8.12 47.28
C ASP N 85 -25.38 -9.30 47.83
N GLY N 86 -25.63 -10.51 47.34
CA GLY N 86 -24.87 -11.68 47.73
C GLY N 86 -23.88 -12.07 46.66
N THR N 87 -24.32 -12.06 45.41
CA THR N 87 -23.46 -12.34 44.28
C THR N 87 -22.76 -11.10 43.74
N THR N 88 -23.21 -9.90 44.14
CA THR N 88 -22.58 -8.65 43.73
C THR N 88 -21.51 -8.21 44.71
N THR N 89 -21.79 -8.33 46.02
CA THR N 89 -20.79 -8.00 47.02
C THR N 89 -19.56 -8.89 46.86
N ALA N 90 -19.78 -10.19 46.66
CA ALA N 90 -18.67 -11.10 46.47
C ALA N 90 -17.88 -10.74 45.22
N THR N 91 -18.56 -10.34 44.15
CA THR N 91 -17.87 -10.01 42.92
C THR N 91 -17.03 -8.75 43.07
N VAL N 92 -17.56 -7.71 43.73
CA VAL N 92 -16.77 -6.50 43.88
C VAL N 92 -15.57 -6.78 44.78
N LEU N 93 -15.77 -7.57 45.85
CA LEU N 93 -14.65 -7.93 46.70
C LEU N 93 -13.60 -8.72 45.93
N ALA N 94 -14.04 -9.64 45.08
CA ALA N 94 -13.11 -10.44 44.30
C ALA N 94 -12.31 -9.57 43.34
N GLN N 95 -12.98 -8.64 42.66
CA GLN N 95 -12.28 -7.72 41.77
C GLN N 95 -11.25 -6.91 42.53
N ALA N 96 -11.64 -6.37 43.69
CA ALA N 96 -10.73 -5.57 44.49
C ALA N 96 -9.49 -6.36 44.88
N ILE N 97 -9.70 -7.53 45.48
CA ILE N 97 -8.57 -8.31 45.99
C ILE N 97 -7.70 -8.78 44.85
N VAL N 98 -8.31 -9.25 43.75
CA VAL N 98 -7.53 -9.76 42.63
C VAL N 98 -6.70 -8.64 42.01
N ARG N 99 -7.31 -7.47 41.80
CA ARG N 99 -6.59 -6.36 41.20
C ARG N 99 -5.40 -5.98 42.07
N GLU N 100 -5.63 -5.74 43.36
CA GLU N 100 -4.55 -5.31 44.22
C GLU N 100 -3.47 -6.39 44.35
N GLY N 101 -3.88 -7.65 44.51
CA GLY N 101 -2.91 -8.71 44.65
C GLY N 101 -2.05 -8.91 43.41
N LEU N 102 -2.67 -8.96 42.24
CA LEU N 102 -1.90 -9.16 41.01
C LEU N 102 -1.00 -7.97 40.75
N LYS N 103 -1.49 -6.76 41.01
CA LYS N 103 -0.76 -5.56 40.66
C LYS N 103 0.23 -5.15 41.75
N ASN N 104 0.21 -5.84 42.90
CA ASN N 104 1.33 -5.82 43.84
C ASN N 104 2.34 -6.93 43.61
N VAL N 105 1.88 -8.13 43.25
CA VAL N 105 2.81 -9.24 43.04
C VAL N 105 3.56 -9.06 41.73
N ALA N 106 3.06 -8.21 40.83
CA ALA N 106 3.89 -7.75 39.73
C ALA N 106 5.04 -6.87 40.21
N ALA N 107 4.92 -6.27 41.40
CA ALA N 107 5.96 -5.45 41.98
C ALA N 107 6.89 -6.23 42.91
N GLY N 108 6.96 -7.56 42.77
CA GLY N 108 7.99 -8.35 43.39
C GLY N 108 7.59 -9.16 44.61
N ALA N 109 6.31 -9.25 44.93
CA ALA N 109 5.90 -10.06 46.07
C ALA N 109 5.88 -11.54 45.70
N ASN N 110 5.69 -12.39 46.72
CA ASN N 110 5.53 -13.82 46.55
C ASN N 110 4.04 -14.16 46.48
N PRO N 111 3.52 -14.72 45.39
CA PRO N 111 2.06 -14.98 45.35
C PRO N 111 1.58 -15.95 46.42
N MET N 112 2.36 -16.96 46.77
CA MET N 112 1.89 -17.95 47.73
C MET N 112 1.82 -17.35 49.14
N ASP N 113 2.83 -16.56 49.51
CA ASP N 113 2.75 -15.86 50.79
C ASP N 113 1.59 -14.88 50.79
N LEU N 114 1.30 -14.26 49.64
CA LEU N 114 0.16 -13.37 49.55
C LEU N 114 -1.14 -14.12 49.81
N LYS N 115 -1.28 -15.32 49.22
CA LYS N 115 -2.47 -16.12 49.45
C LYS N 115 -2.56 -16.52 50.92
N ARG N 116 -1.43 -16.87 51.53
CA ARG N 116 -1.43 -17.24 52.94
C ARG N 116 -1.91 -16.08 53.80
N GLY N 117 -1.40 -14.87 53.53
CA GLY N 117 -1.84 -13.72 54.29
C GLY N 117 -3.31 -13.40 54.08
N ILE N 118 -3.78 -13.53 52.83
CA ILE N 118 -5.18 -13.26 52.53
C ILE N 118 -6.07 -14.22 53.31
N ASP N 119 -5.72 -15.50 53.31
CA ASP N 119 -6.50 -16.48 54.05
C ASP N 119 -6.46 -16.22 55.55
N LYS N 120 -5.28 -15.87 56.08
CA LYS N 120 -5.17 -15.60 57.51
C LYS N 120 -6.05 -14.44 57.92
N ALA N 121 -5.99 -13.34 57.17
CA ALA N 121 -6.81 -12.18 57.51
C ALA N 121 -8.28 -12.42 57.25
N VAL N 122 -8.62 -13.30 56.31
CA VAL N 122 -10.02 -13.66 56.12
C VAL N 122 -10.51 -14.47 57.32
N GLU N 123 -9.67 -15.33 57.87
CA GLU N 123 -10.03 -16.03 59.10
C GLU N 123 -10.24 -15.04 60.23
N ALA N 124 -9.36 -14.04 60.34
CA ALA N 124 -9.50 -13.05 61.39
C ALA N 124 -10.79 -12.25 61.25
N VAL N 125 -11.08 -11.81 60.02
CA VAL N 125 -12.26 -10.97 59.82
C VAL N 125 -13.55 -11.77 59.96
N VAL N 126 -13.57 -13.06 59.56
CA VAL N 126 -14.79 -13.82 59.80
C VAL N 126 -14.96 -14.09 61.29
N GLU N 127 -13.88 -14.28 62.04
CA GLU N 127 -14.01 -14.40 63.49
C GLU N 127 -14.60 -13.13 64.08
N GLU N 128 -14.11 -11.97 63.65
CA GLU N 128 -14.67 -10.71 64.15
C GLU N 128 -16.12 -10.54 63.73
N LEU N 129 -16.46 -10.98 62.53
CA LEU N 129 -17.84 -10.92 62.07
C LEU N 129 -18.75 -11.77 62.93
N LYS N 130 -18.30 -12.97 63.30
CA LYS N 130 -19.05 -13.80 64.24
C LYS N 130 -19.21 -13.09 65.57
N LYS N 131 -18.15 -12.43 66.04
CA LYS N 131 -18.23 -11.74 67.32
C LYS N 131 -19.24 -10.59 67.27
N MET N 132 -19.32 -9.89 66.14
CA MET N 132 -20.11 -8.66 66.07
C MET N 132 -21.60 -8.95 65.98
N ALA N 133 -21.98 -10.10 65.43
CA ALA N 133 -23.37 -10.32 65.04
C ALA N 133 -24.31 -10.32 66.25
N LYS N 134 -25.44 -9.66 66.09
CA LYS N 134 -26.49 -9.67 67.11
C LYS N 134 -27.40 -10.87 66.87
N PRO N 135 -27.56 -11.79 67.83
CA PRO N 135 -28.44 -12.94 67.57
C PRO N 135 -29.89 -12.53 67.52
N VAL N 136 -30.67 -13.33 66.80
CA VAL N 136 -32.12 -13.19 66.73
C VAL N 136 -32.75 -14.50 67.22
N ASN N 137 -33.55 -14.42 68.27
CA ASN N 137 -34.20 -15.60 68.84
C ASN N 137 -35.41 -15.11 69.65
N GLY N 138 -36.59 -15.24 69.07
CA GLY N 138 -37.83 -14.82 69.70
C GLY N 138 -38.78 -14.18 68.71
N LYS N 139 -40.07 -14.24 69.03
CA LYS N 139 -41.12 -13.91 68.06
C LYS N 139 -41.02 -12.44 67.63
N GLU N 140 -40.88 -11.52 68.58
CA GLU N 140 -40.92 -10.12 68.22
C GLU N 140 -39.74 -9.73 67.33
N GLU N 141 -38.56 -10.30 67.58
CA GLU N 141 -37.39 -9.89 66.81
C GLU N 141 -37.29 -10.63 65.48
N ILE N 142 -37.77 -11.88 65.40
CA ILE N 142 -37.85 -12.50 64.07
C ILE N 142 -38.92 -11.79 63.24
N ALA N 143 -39.99 -11.31 63.87
CA ALA N 143 -40.94 -10.49 63.14
C ALA N 143 -40.30 -9.20 62.65
N GLN N 144 -39.48 -8.57 63.49
CA GLN N 144 -38.83 -7.33 63.08
C GLN N 144 -37.88 -7.57 61.91
N VAL N 145 -37.06 -8.63 61.97
CA VAL N 145 -36.13 -8.87 60.89
C VAL N 145 -36.86 -9.30 59.62
N ALA N 146 -37.99 -10.02 59.76
CA ALA N 146 -38.80 -10.31 58.58
C ALA N 146 -39.35 -9.03 57.96
N THR N 147 -39.84 -8.10 58.79
CA THR N 147 -40.37 -6.85 58.26
C THR N 147 -39.30 -6.04 57.55
N ILE N 148 -38.10 -5.99 58.13
CA ILE N 148 -36.98 -5.37 57.43
C ILE N 148 -36.69 -6.11 56.13
N SER N 149 -36.92 -7.43 56.12
CA SER N 149 -36.70 -8.21 54.92
C SER N 149 -37.78 -7.98 53.86
N ALA N 150 -39.01 -7.71 54.29
CA ALA N 150 -40.17 -7.69 53.39
C ALA N 150 -40.62 -6.27 53.04
N ASN N 151 -39.65 -5.36 52.87
CA ASN N 151 -39.91 -3.98 52.46
C ASN N 151 -40.94 -3.29 53.34
N ASN N 152 -40.86 -3.54 54.65
CA ASN N 152 -41.68 -2.87 55.65
C ASN N 152 -43.17 -3.12 55.41
N ASP N 153 -43.54 -4.40 55.45
CA ASP N 153 -44.93 -4.83 55.36
C ASP N 153 -45.17 -5.62 56.65
N PRO N 154 -45.87 -5.08 57.65
CA PRO N 154 -45.97 -5.80 58.93
C PRO N 154 -46.65 -7.16 58.83
N GLU N 155 -47.62 -7.33 57.93
CA GLU N 155 -48.44 -8.54 57.98
C GLU N 155 -47.65 -9.77 57.53
N ILE N 156 -46.79 -9.63 56.52
CA ILE N 156 -45.99 -10.77 56.09
C ILE N 156 -44.96 -11.11 57.16
N GLY N 157 -44.37 -10.09 57.80
CA GLY N 157 -43.45 -10.36 58.89
C GLY N 157 -44.12 -11.10 60.03
N LYS N 158 -45.32 -10.67 60.43
CA LYS N 158 -46.04 -11.39 61.47
C LYS N 158 -46.34 -12.81 61.05
N LEU N 159 -46.76 -13.01 59.80
CA LEU N 159 -47.13 -14.34 59.35
C LEU N 159 -45.93 -15.27 59.38
N ILE N 160 -44.80 -14.82 58.83
CA ILE N 160 -43.63 -15.70 58.79
C ILE N 160 -43.05 -15.92 60.18
N ALA N 161 -43.06 -14.90 61.05
CA ALA N 161 -42.60 -15.10 62.42
C ALA N 161 -43.44 -16.17 63.11
N GLU N 162 -44.76 -16.07 62.96
CA GLU N 162 -45.63 -17.08 63.53
C GLU N 162 -45.31 -18.45 62.97
N ALA N 163 -45.15 -18.55 61.65
CA ALA N 163 -44.91 -19.85 61.02
C ALA N 163 -43.63 -20.50 61.52
N MET N 164 -42.54 -19.73 61.57
CA MET N 164 -41.30 -20.29 62.04
C MET N 164 -41.34 -20.58 63.52
N GLU N 165 -42.27 -19.96 64.26
CA GLU N 165 -42.51 -20.41 65.63
C GLU N 165 -43.22 -21.77 65.64
N LYS N 166 -44.22 -21.97 64.76
CA LYS N 166 -44.96 -23.23 64.80
C LYS N 166 -44.05 -24.40 64.43
N VAL N 167 -43.32 -24.28 63.33
CA VAL N 167 -42.64 -25.47 62.79
C VAL N 167 -41.34 -25.75 63.53
N GLY N 168 -40.60 -24.72 63.92
CA GLY N 168 -39.30 -24.86 64.53
C GLY N 168 -38.21 -24.22 63.69
N LYS N 169 -37.09 -23.94 64.36
CA LYS N 169 -36.00 -23.23 63.71
C LYS N 169 -35.42 -24.04 62.55
N ASP N 170 -35.07 -25.29 62.80
CA ASP N 170 -34.52 -26.16 61.77
C ASP N 170 -35.59 -26.71 60.83
N GLY N 171 -36.87 -26.48 61.11
CA GLY N 171 -37.92 -27.05 60.30
C GLY N 171 -37.97 -26.45 58.92
N VAL N 172 -38.95 -26.92 58.14
CA VAL N 172 -39.10 -26.57 56.74
C VAL N 172 -40.38 -25.77 56.55
N ILE N 173 -40.26 -24.65 55.84
CA ILE N 173 -41.38 -23.80 55.46
C ILE N 173 -41.34 -23.66 53.95
N THR N 174 -42.50 -23.78 53.30
CA THR N 174 -42.60 -23.66 51.85
C THR N 174 -43.76 -22.75 51.48
N VAL N 175 -43.61 -22.09 50.33
CA VAL N 175 -44.58 -21.14 49.81
C VAL N 175 -45.05 -21.66 48.45
N GLU N 176 -46.32 -21.39 48.15
CA GLU N 176 -46.95 -21.87 46.92
C GLU N 176 -48.09 -20.95 46.54
N GLU N 177 -48.34 -20.87 45.24
CA GLU N 177 -49.36 -20.00 44.68
C GLU N 177 -50.74 -20.55 45.06
N SER N 178 -51.62 -19.66 45.49
CA SER N 178 -52.92 -20.04 46.03
C SER N 178 -54.04 -19.69 45.05
N LYS N 179 -55.25 -20.16 45.39
CA LYS N 179 -56.45 -19.86 44.63
C LYS N 179 -57.35 -18.83 45.30
N SER N 180 -57.25 -18.67 46.63
CA SER N 180 -58.13 -17.79 47.38
C SER N 180 -57.59 -16.38 47.40
N THR N 181 -58.32 -15.50 48.09
CA THR N 181 -57.95 -14.10 48.21
C THR N 181 -57.37 -13.75 49.57
N GLU N 182 -57.51 -14.62 50.56
CA GLU N 182 -56.95 -14.43 51.89
C GLU N 182 -55.59 -15.09 51.98
N THR N 183 -54.88 -14.78 53.06
CA THR N 183 -53.58 -15.38 53.36
C THR N 183 -53.65 -16.08 54.70
N THR N 184 -53.36 -17.39 54.70
CA THR N 184 -53.45 -18.21 55.90
C THR N 184 -52.32 -19.22 55.92
N LEU N 185 -52.27 -19.99 57.00
CA LEU N 185 -51.12 -20.81 57.34
C LEU N 185 -51.57 -22.11 57.99
N ASP N 186 -51.10 -23.22 57.44
CA ASP N 186 -51.30 -24.54 58.03
C ASP N 186 -49.94 -25.24 58.10
N VAL N 187 -49.89 -26.28 58.92
CA VAL N 187 -48.71 -27.13 59.05
C VAL N 187 -49.16 -28.56 58.83
N VAL N 188 -48.62 -29.20 57.79
CA VAL N 188 -48.99 -30.55 57.41
C VAL N 188 -47.78 -31.47 57.61
N GLU N 189 -48.01 -32.76 57.44
CA GLU N 189 -46.93 -33.73 57.46
C GLU N 189 -46.25 -33.77 56.10
N GLY N 190 -45.00 -34.19 56.10
CA GLY N 190 -44.23 -34.22 54.88
C GLY N 190 -42.76 -34.41 55.16
N MET N 191 -42.01 -34.59 54.07
CA MET N 191 -40.59 -34.88 54.14
C MET N 191 -39.83 -33.95 53.19
N GLN N 192 -38.58 -33.67 53.54
CA GLN N 192 -37.67 -32.98 52.63
C GLN N 192 -36.30 -33.60 52.79
N PHE N 193 -35.71 -34.06 51.69
CA PHE N 193 -34.43 -34.76 51.69
C PHE N 193 -33.51 -34.14 50.65
N ASP N 194 -32.24 -34.04 51.01
CA ASP N 194 -31.27 -33.29 50.22
C ASP N 194 -30.72 -34.09 49.04
N ARG N 195 -31.62 -34.55 48.17
CA ARG N 195 -31.26 -35.19 46.90
C ARG N 195 -32.19 -34.64 45.84
N GLY N 196 -31.62 -33.97 44.83
CA GLY N 196 -32.40 -33.31 43.81
C GLY N 196 -32.67 -34.19 42.60
N TYR N 197 -32.99 -33.55 41.48
CA TYR N 197 -33.25 -34.26 40.24
C TYR N 197 -31.97 -34.92 39.74
N LEU N 198 -32.10 -35.72 38.68
CA LEU N 198 -31.00 -36.45 38.08
C LEU N 198 -30.42 -35.80 36.83
N SER N 199 -31.21 -34.99 36.12
CA SER N 199 -30.73 -34.22 34.99
C SER N 199 -31.58 -32.96 34.89
N PRO N 200 -31.07 -31.89 34.29
CA PRO N 200 -31.73 -30.59 34.37
C PRO N 200 -32.88 -30.40 33.40
N TYR N 201 -33.28 -31.43 32.66
CA TYR N 201 -34.33 -31.30 31.64
C TYR N 201 -35.72 -31.59 32.20
N PHE N 202 -35.90 -31.46 33.52
CA PHE N 202 -37.23 -31.53 34.15
C PHE N 202 -37.67 -30.21 34.74
N VAL N 203 -36.82 -29.18 34.72
CA VAL N 203 -37.17 -27.88 35.29
C VAL N 203 -38.39 -27.34 34.55
N THR N 204 -39.49 -27.15 35.29
CA THR N 204 -40.69 -26.52 34.75
C THR N 204 -40.70 -25.03 35.02
N ASP N 205 -40.35 -24.62 36.23
CA ASP N 205 -40.23 -23.20 36.59
C ASP N 205 -38.80 -22.78 36.29
N SER N 206 -38.52 -22.52 35.01
CA SER N 206 -37.19 -22.09 34.60
C SER N 206 -36.81 -20.75 35.22
N GLU N 207 -37.79 -19.93 35.61
CA GLU N 207 -37.48 -18.68 36.26
C GLU N 207 -36.83 -18.89 37.63
N LYS N 208 -37.14 -20.02 38.29
CA LYS N 208 -36.64 -20.31 39.62
C LYS N 208 -35.83 -21.60 39.70
N MET N 209 -35.50 -22.22 38.58
CA MET N 209 -34.69 -23.44 38.54
C MET N 209 -35.29 -24.56 39.41
N GLU N 210 -36.62 -24.71 39.33
CA GLU N 210 -37.33 -25.75 40.07
C GLU N 210 -38.30 -26.47 39.15
N ALA N 211 -38.59 -27.72 39.51
CA ALA N 211 -39.60 -28.54 38.85
C ALA N 211 -40.65 -28.92 39.86
N VAL N 212 -41.92 -28.78 39.48
CA VAL N 212 -43.06 -28.99 40.38
C VAL N 212 -44.03 -29.95 39.71
N LEU N 213 -44.55 -30.89 40.51
CA LEU N 213 -45.57 -31.83 40.07
C LEU N 213 -46.75 -31.76 41.01
N GLU N 214 -47.95 -31.65 40.45
CA GLU N 214 -49.18 -31.49 41.22
C GLU N 214 -49.92 -32.81 41.29
N ASN N 215 -50.30 -33.21 42.51
CA ASN N 215 -50.98 -34.47 42.79
C ASN N 215 -50.21 -35.62 42.16
N PRO N 216 -48.97 -35.86 42.55
CA PRO N 216 -48.13 -36.82 41.83
C PRO N 216 -48.33 -38.26 42.31
N TYR N 217 -47.65 -39.17 41.62
CA TYR N 217 -47.60 -40.58 42.00
C TYR N 217 -46.17 -40.94 42.36
N ILE N 218 -46.01 -41.55 43.53
CA ILE N 218 -44.69 -41.77 44.14
C ILE N 218 -44.43 -43.27 44.15
N LEU N 219 -43.40 -43.69 43.41
CA LEU N 219 -42.99 -45.09 43.39
C LEU N 219 -41.83 -45.26 44.35
N ILE N 220 -42.02 -46.15 45.33
CA ILE N 220 -41.02 -46.45 46.33
C ILE N 220 -40.23 -47.67 45.89
N TYR N 221 -39.08 -47.43 45.24
CA TYR N 221 -38.24 -48.48 44.71
C TYR N 221 -36.88 -48.45 45.40
N ASP N 222 -36.25 -49.62 45.51
CA ASP N 222 -35.00 -49.79 46.24
C ASP N 222 -33.81 -50.17 45.38
N LYS N 223 -34.02 -50.75 44.20
CA LYS N 223 -32.95 -51.26 43.36
C LYS N 223 -32.65 -50.29 42.23
N LYS N 224 -31.79 -50.73 41.31
CA LYS N 224 -31.35 -49.85 40.24
C LYS N 224 -32.41 -49.78 39.14
N ILE N 225 -32.23 -48.80 38.24
CA ILE N 225 -33.02 -48.68 37.03
C ILE N 225 -32.06 -48.41 35.89
N SER N 226 -32.03 -49.32 34.91
CA SER N 226 -31.17 -49.20 33.74
C SER N 226 -31.90 -49.44 32.43
N ASN N 227 -32.89 -50.32 32.41
CA ASN N 227 -33.47 -50.85 31.18
C ASN N 227 -34.88 -50.32 30.96
N MET N 228 -35.17 -49.98 29.70
CA MET N 228 -36.49 -49.48 29.33
C MET N 228 -37.57 -50.55 29.45
N LYS N 229 -37.19 -51.81 29.23
CA LYS N 229 -38.18 -52.87 29.02
C LYS N 229 -39.05 -53.14 30.24
N ASP N 230 -38.61 -52.78 31.43
CA ASP N 230 -39.22 -53.28 32.66
C ASP N 230 -40.24 -52.34 33.28
N LEU N 231 -40.31 -51.08 32.84
CA LEU N 231 -41.13 -50.06 33.51
C LEU N 231 -42.33 -49.64 32.67
N LEU N 232 -42.71 -50.44 31.67
CA LEU N 232 -43.82 -50.04 30.80
C LEU N 232 -45.14 -49.87 31.54
N PRO N 233 -45.67 -50.87 32.26
CA PRO N 233 -47.03 -50.74 32.79
C PRO N 233 -47.21 -49.59 33.76
N ILE N 234 -46.17 -49.25 34.52
CA ILE N 234 -46.26 -48.08 35.41
C ILE N 234 -46.51 -46.83 34.59
N LEU N 235 -45.74 -46.64 33.52
CA LEU N 235 -45.93 -45.47 32.66
C LEU N 235 -47.30 -45.50 31.99
N GLU N 236 -47.74 -46.66 31.52
CA GLU N 236 -49.04 -46.73 30.85
C GLU N 236 -50.17 -46.37 31.81
N LYS N 237 -50.16 -46.91 33.03
CA LYS N 237 -51.24 -46.60 33.96
C LYS N 237 -51.12 -45.19 34.51
N VAL N 238 -49.91 -44.61 34.51
CA VAL N 238 -49.78 -43.21 34.89
C VAL N 238 -50.39 -42.32 33.82
N ALA N 239 -50.11 -42.62 32.55
CA ALA N 239 -50.71 -41.86 31.46
C ALA N 239 -52.23 -42.00 31.47
N GLN N 240 -52.74 -43.21 31.71
CA GLN N 240 -54.17 -43.40 31.85
C GLN N 240 -54.72 -42.70 33.08
N SER N 241 -53.90 -42.51 34.12
CA SER N 241 -54.33 -41.76 35.29
C SER N 241 -54.38 -40.26 35.02
N GLY N 242 -53.57 -39.77 34.08
CA GLY N 242 -53.57 -38.36 33.79
C GLY N 242 -53.01 -37.49 34.88
N LYS N 243 -52.09 -38.03 35.69
CA LYS N 243 -51.43 -37.32 36.77
C LYS N 243 -49.93 -37.55 36.68
N PRO N 244 -49.12 -36.70 37.30
CA PRO N 244 -47.67 -36.91 37.23
C PRO N 244 -47.21 -38.06 38.13
N LEU N 245 -46.06 -38.62 37.74
CA LEU N 245 -45.38 -39.67 38.51
C LEU N 245 -43.97 -39.18 38.79
N LEU N 246 -43.57 -39.24 40.06
CA LEU N 246 -42.21 -38.89 40.47
C LEU N 246 -41.48 -40.18 40.84
N ILE N 247 -40.27 -40.32 40.32
CA ILE N 247 -39.50 -41.56 40.39
C ILE N 247 -38.48 -41.40 41.51
N ILE N 248 -38.56 -42.25 42.52
CA ILE N 248 -37.54 -42.38 43.56
C ILE N 248 -36.98 -43.78 43.43
N ALA N 249 -35.77 -43.88 42.87
CA ALA N 249 -35.08 -45.15 42.64
C ALA N 249 -33.64 -45.02 43.11
N GLU N 250 -32.96 -46.16 43.15
CA GLU N 250 -31.57 -46.17 43.61
C GLU N 250 -30.66 -45.45 42.61
N ASP N 251 -30.78 -45.79 41.33
CA ASP N 251 -29.94 -45.17 40.31
C ASP N 251 -30.59 -45.33 38.95
N VAL N 252 -31.03 -44.23 38.35
CA VAL N 252 -31.59 -44.21 37.02
C VAL N 252 -30.52 -43.74 36.05
N GLU N 253 -30.24 -44.53 35.02
CA GLU N 253 -29.19 -44.20 34.08
C GLU N 253 -29.45 -44.90 32.76
N GLY N 254 -28.89 -44.34 31.69
CA GLY N 254 -28.86 -45.02 30.41
C GLY N 254 -30.13 -44.83 29.61
N GLU N 255 -30.61 -45.91 29.00
CA GLU N 255 -31.76 -45.84 28.11
C GLU N 255 -33.01 -45.41 28.86
N ALA N 256 -33.14 -45.78 30.14
CA ALA N 256 -34.27 -45.32 30.93
C ALA N 256 -34.28 -43.79 31.05
N LEU N 257 -33.12 -43.22 31.38
CA LEU N 257 -33.02 -41.77 31.44
C LEU N 257 -33.30 -41.13 30.09
N ALA N 258 -32.76 -41.71 29.02
CA ALA N 258 -32.99 -41.16 27.69
C ALA N 258 -34.48 -41.17 27.35
N THR N 259 -35.18 -42.26 27.66
CA THR N 259 -36.60 -42.36 27.33
C THR N 259 -37.43 -41.39 28.16
N LEU N 260 -37.16 -41.27 29.47
CA LEU N 260 -37.97 -40.36 30.25
C LEU N 260 -37.67 -38.90 29.88
N VAL N 261 -36.42 -38.58 29.53
CA VAL N 261 -36.13 -37.26 29.01
C VAL N 261 -36.90 -37.01 27.72
N VAL N 262 -36.96 -38.01 26.83
CA VAL N 262 -37.64 -37.84 25.55
C VAL N 262 -39.11 -37.55 25.77
N ASN N 263 -39.79 -38.38 26.59
CA ASN N 263 -41.22 -38.18 26.77
C ASN N 263 -41.54 -36.97 27.66
N LYS N 264 -40.61 -36.54 28.51
CA LYS N 264 -40.82 -35.30 29.26
C LYS N 264 -40.68 -34.08 28.36
N LEU N 265 -39.65 -34.05 27.52
CA LEU N 265 -39.47 -32.92 26.61
C LEU N 265 -40.59 -32.84 25.60
N ARG N 266 -41.07 -33.99 25.11
CA ARG N 266 -42.23 -34.01 24.22
C ARG N 266 -43.52 -33.61 24.92
N GLY N 267 -43.54 -33.61 26.26
CA GLY N 267 -44.72 -33.19 27.00
C GLY N 267 -45.79 -34.23 27.15
N THR N 268 -45.60 -35.43 26.59
CA THR N 268 -46.61 -36.47 26.67
C THR N 268 -46.82 -36.91 28.12
N LEU N 269 -45.74 -37.03 28.88
CA LEU N 269 -45.75 -37.57 30.23
C LEU N 269 -45.06 -36.60 31.17
N LYS N 270 -45.75 -36.19 32.23
CA LYS N 270 -45.17 -35.35 33.28
C LYS N 270 -44.49 -36.27 34.30
N VAL N 271 -43.17 -36.43 34.18
CA VAL N 271 -42.41 -37.34 35.01
C VAL N 271 -41.15 -36.64 35.50
N CYS N 272 -40.70 -37.01 36.69
CA CYS N 272 -39.44 -36.53 37.23
C CYS N 272 -38.81 -37.65 38.06
N ALA N 273 -37.48 -37.61 38.15
CA ALA N 273 -36.71 -38.63 38.86
C ALA N 273 -35.74 -37.96 39.82
N VAL N 274 -35.59 -38.54 41.00
CA VAL N 274 -34.67 -38.06 42.02
C VAL N 274 -33.97 -39.25 42.66
N LYS N 275 -32.79 -38.99 43.21
CA LYS N 275 -32.02 -40.04 43.86
C LYS N 275 -32.71 -40.48 45.16
N ALA N 276 -32.44 -41.70 45.56
CA ALA N 276 -33.08 -42.27 46.74
C ALA N 276 -32.48 -41.63 48.01
N PRO N 277 -33.32 -41.11 48.94
CA PRO N 277 -32.82 -40.50 50.20
C PRO N 277 -32.27 -41.57 51.13
N GLY N 278 -31.21 -41.28 51.88
CA GLY N 278 -30.62 -42.19 52.85
C GLY N 278 -29.43 -42.95 52.29
N PHE N 279 -28.95 -43.89 53.10
CA PHE N 279 -27.72 -44.62 52.80
C PHE N 279 -27.84 -46.04 53.36
N GLY N 280 -27.90 -47.03 52.47
CA GLY N 280 -27.76 -48.42 52.87
C GLY N 280 -28.94 -48.97 53.63
N ASP N 281 -28.66 -49.63 54.75
CA ASP N 281 -29.73 -50.13 55.61
C ASP N 281 -30.63 -48.99 56.08
N ARG N 282 -30.05 -47.83 56.40
CA ARG N 282 -30.89 -46.70 56.70
C ARG N 282 -31.52 -46.09 55.46
N ARG N 283 -30.97 -46.33 54.25
CA ARG N 283 -31.73 -45.98 53.05
C ARG N 283 -33.04 -46.76 53.02
N LYS N 284 -32.98 -48.06 53.31
CA LYS N 284 -34.20 -48.85 53.40
C LYS N 284 -35.10 -48.33 54.51
N ALA N 285 -34.51 -47.93 55.64
CA ALA N 285 -35.31 -47.41 56.75
C ALA N 285 -36.11 -46.16 56.35
N MET N 286 -35.43 -45.11 55.91
CA MET N 286 -36.17 -43.92 55.52
C MET N 286 -37.04 -44.15 54.29
N LEU N 287 -36.70 -45.10 53.42
CA LEU N 287 -37.58 -45.38 52.29
C LEU N 287 -38.90 -45.97 52.76
N GLU N 288 -38.87 -46.91 53.71
CA GLU N 288 -40.13 -47.47 54.17
C GLU N 288 -40.89 -46.47 55.05
N ASP N 289 -40.17 -45.59 55.75
CA ASP N 289 -40.86 -44.53 56.49
C ASP N 289 -41.59 -43.57 55.55
N ILE N 290 -40.94 -43.12 54.47
CA ILE N 290 -41.63 -42.22 53.55
C ILE N 290 -42.71 -42.97 52.77
N ALA N 291 -42.56 -44.27 52.58
CA ALA N 291 -43.65 -45.05 52.00
C ALA N 291 -44.89 -44.97 52.87
N ILE N 292 -44.73 -45.21 54.18
CA ILE N 292 -45.88 -45.13 55.08
C ILE N 292 -46.34 -43.68 55.26
N LEU N 293 -45.48 -42.71 55.01
CA LEU N 293 -45.97 -41.33 54.91
C LEU N 293 -46.93 -41.18 53.74
N THR N 294 -46.44 -41.40 52.51
CA THR N 294 -47.26 -41.15 51.34
C THR N 294 -48.41 -42.13 51.17
N GLY N 295 -48.42 -43.23 51.94
CA GLY N 295 -49.49 -44.20 51.86
C GLY N 295 -49.31 -45.27 50.81
N GLY N 296 -48.18 -45.30 50.11
CA GLY N 296 -47.90 -46.35 49.16
C GLY N 296 -47.25 -47.55 49.83
N THR N 297 -46.59 -48.37 48.99
CA THR N 297 -45.88 -49.55 49.45
C THR N 297 -44.54 -49.64 48.75
N VAL N 298 -43.58 -50.25 49.45
CA VAL N 298 -42.24 -50.40 48.91
C VAL N 298 -42.24 -51.41 47.77
N ILE N 299 -41.37 -51.19 46.80
CA ILE N 299 -41.15 -52.11 45.68
C ILE N 299 -39.69 -52.54 45.77
N SER N 300 -39.44 -53.72 46.35
CA SER N 300 -38.09 -54.21 46.57
C SER N 300 -38.09 -55.73 46.49
N GLU N 301 -36.93 -56.28 46.19
CA GLU N 301 -36.80 -57.71 45.97
C GLU N 301 -36.79 -58.52 47.26
N GLU N 302 -36.45 -57.91 48.40
CA GLU N 302 -36.47 -58.65 49.65
C GLU N 302 -37.89 -59.05 50.04
N THR N 303 -38.89 -58.32 49.54
CA THR N 303 -40.29 -58.68 49.70
C THR N 303 -40.94 -59.15 48.40
N GLY N 304 -40.14 -59.41 47.37
CA GLY N 304 -40.63 -60.09 46.19
C GLY N 304 -41.64 -59.34 45.35
N TYR N 305 -41.42 -58.05 45.13
CA TYR N 305 -42.18 -57.27 44.15
C TYR N 305 -41.23 -56.80 43.06
N LYS N 306 -41.44 -57.31 41.85
CA LYS N 306 -40.75 -56.78 40.68
C LYS N 306 -41.25 -55.36 40.39
N LEU N 307 -40.53 -54.66 39.52
CA LEU N 307 -40.87 -53.27 39.24
C LEU N 307 -42.24 -53.16 38.57
N GLU N 308 -42.52 -54.04 37.61
CA GLU N 308 -43.79 -54.00 36.91
C GLU N 308 -44.97 -54.48 37.76
N ASN N 309 -44.70 -55.08 38.92
CA ASN N 309 -45.79 -55.46 39.81
C ASN N 309 -46.48 -54.25 40.43
N ALA N 310 -45.80 -53.10 40.44
CA ALA N 310 -46.38 -51.89 41.04
C ALA N 310 -47.63 -51.47 40.28
N THR N 311 -48.65 -51.04 41.03
CA THR N 311 -49.94 -50.64 40.47
C THR N 311 -50.42 -49.36 41.15
N LEU N 312 -51.65 -48.95 40.83
CA LEU N 312 -52.22 -47.75 41.43
C LEU N 312 -52.25 -47.84 42.95
N ASP N 313 -52.71 -48.97 43.48
CA ASP N 313 -52.80 -49.15 44.92
C ASP N 313 -51.42 -49.11 45.59
N TYR N 314 -50.41 -49.72 44.96
CA TYR N 314 -49.07 -49.71 45.54
C TYR N 314 -48.39 -48.36 45.44
N LEU N 315 -48.75 -47.53 44.46
CA LEU N 315 -48.09 -46.25 44.28
C LEU N 315 -48.42 -45.29 45.44
N GLY N 316 -47.50 -44.39 45.71
CA GLY N 316 -47.66 -43.39 46.75
C GLY N 316 -48.23 -42.10 46.20
N ARG N 317 -49.10 -41.47 46.99
CA ARG N 317 -49.84 -40.28 46.56
C ARG N 317 -49.67 -39.17 47.58
N ALA N 318 -49.54 -37.95 47.06
CA ALA N 318 -49.47 -36.72 47.84
C ALA N 318 -50.12 -35.63 46.99
N LYS N 319 -49.88 -34.36 47.34
CA LYS N 319 -50.43 -33.23 46.60
C LYS N 319 -49.38 -32.43 45.85
N ARG N 320 -48.38 -31.88 46.54
CA ARG N 320 -47.41 -30.98 45.94
C ARG N 320 -46.00 -31.51 46.21
N VAL N 321 -45.13 -31.37 45.23
CA VAL N 321 -43.71 -31.68 45.36
C VAL N 321 -42.91 -30.69 44.55
N THR N 322 -41.79 -30.23 45.10
CA THR N 322 -40.86 -29.34 44.41
C THR N 322 -39.52 -30.04 44.30
N ILE N 323 -38.89 -29.94 43.13
CA ILE N 323 -37.61 -30.58 42.85
C ILE N 323 -36.64 -29.46 42.50
N ASP N 324 -35.91 -28.96 43.49
CA ASP N 324 -34.85 -28.01 43.25
C ASP N 324 -33.55 -28.77 43.00
N LYS N 325 -32.48 -28.03 42.70
CA LYS N 325 -31.23 -28.66 42.29
C LYS N 325 -30.66 -29.54 43.40
N ASP N 326 -30.71 -29.07 44.63
CA ASP N 326 -30.14 -29.80 45.76
C ASP N 326 -31.16 -30.74 46.40
N ASN N 327 -32.27 -30.18 46.90
CA ASN N 327 -33.21 -30.89 47.74
C ASN N 327 -34.50 -31.20 46.98
N THR N 328 -35.46 -31.76 47.70
CA THR N 328 -36.78 -32.08 47.17
C THR N 328 -37.76 -32.08 48.34
N THR N 329 -38.96 -31.53 48.09
CA THR N 329 -39.96 -31.35 49.12
C THR N 329 -41.15 -32.27 48.89
N ILE N 330 -41.60 -32.90 49.98
CA ILE N 330 -42.83 -33.68 50.03
C ILE N 330 -43.70 -33.03 51.09
N VAL N 331 -44.91 -32.63 50.71
CA VAL N 331 -45.82 -31.92 51.61
C VAL N 331 -47.17 -32.64 51.60
N ASP N 332 -47.68 -32.90 52.81
CA ASP N 332 -48.97 -33.56 53.06
C ASP N 332 -49.03 -34.83 52.22
N GLY N 333 -48.19 -35.78 52.63
CA GLY N 333 -48.23 -37.11 52.05
C GLY N 333 -49.55 -37.77 52.40
N ALA N 334 -50.34 -38.13 51.39
CA ALA N 334 -51.70 -38.62 51.61
C ALA N 334 -51.60 -40.03 52.20
N GLY N 335 -51.48 -40.08 53.52
CA GLY N 335 -51.49 -41.33 54.23
C GLY N 335 -52.22 -41.17 55.55
N ASP N 336 -52.82 -42.26 56.00
CA ASP N 336 -53.61 -42.25 57.22
C ASP N 336 -52.74 -41.91 58.41
N LYS N 337 -53.21 -41.00 59.26
CA LYS N 337 -52.36 -40.43 60.30
C LYS N 337 -52.16 -41.38 61.48
N GLU N 338 -53.03 -42.37 61.65
CA GLU N 338 -52.87 -43.28 62.78
C GLU N 338 -51.56 -44.05 62.68
N ASP N 339 -51.28 -44.62 61.51
CA ASP N 339 -49.98 -45.27 61.32
C ASP N 339 -48.82 -44.28 61.39
N ILE N 340 -49.06 -43.00 61.10
CA ILE N 340 -47.97 -42.02 61.24
C ILE N 340 -47.62 -41.85 62.71
N LYS N 341 -48.61 -41.66 63.58
CA LYS N 341 -48.25 -41.55 64.99
C LYS N 341 -47.76 -42.89 65.53
N ALA N 342 -48.18 -44.01 64.95
CA ALA N 342 -47.59 -45.29 65.33
C ALA N 342 -46.11 -45.35 64.97
N ARG N 343 -45.75 -44.83 63.80
CA ARG N 343 -44.35 -44.69 63.42
C ARG N 343 -43.59 -43.84 64.43
N VAL N 344 -44.20 -42.74 64.86
CA VAL N 344 -43.52 -41.87 65.82
C VAL N 344 -43.38 -42.57 67.17
N ASN N 345 -44.37 -43.37 67.56
CA ASN N 345 -44.27 -44.15 68.79
C ASN N 345 -43.14 -45.16 68.71
N GLN N 346 -43.02 -45.89 67.60
CA GLN N 346 -41.94 -46.85 67.49
C GLN N 346 -40.60 -46.14 67.39
N ILE N 347 -40.60 -44.90 66.88
CA ILE N 347 -39.37 -44.11 66.85
C ILE N 347 -38.92 -43.80 68.27
N LYS N 348 -39.84 -43.38 69.15
CA LYS N 348 -39.39 -43.16 70.52
C LYS N 348 -39.07 -44.46 71.26
N LYS N 349 -39.72 -45.56 70.89
CA LYS N 349 -39.31 -46.86 71.42
C LYS N 349 -37.86 -47.14 71.03
N GLN N 350 -37.49 -46.82 69.79
CA GLN N 350 -36.10 -46.92 69.40
C GLN N 350 -35.21 -45.96 70.18
N ILE N 351 -35.74 -44.77 70.51
CA ILE N 351 -34.94 -43.80 71.28
C ILE N 351 -34.56 -44.41 72.63
N GLU N 352 -35.54 -44.94 73.36
CA GLU N 352 -35.21 -45.53 74.65
C GLU N 352 -34.50 -46.87 74.51
N ASN N 353 -34.57 -47.52 73.34
CA ASN N 353 -33.90 -48.80 73.17
C ASN N 353 -32.41 -48.63 72.90
N THR N 354 -32.03 -47.71 72.01
CA THR N 354 -30.66 -47.62 71.55
C THR N 354 -29.72 -47.16 72.65
N THR N 355 -28.42 -47.31 72.39
CA THR N 355 -27.37 -46.97 73.36
C THR N 355 -26.30 -46.06 72.76
N SER N 356 -25.96 -46.27 71.49
CA SER N 356 -24.83 -45.56 70.90
C SER N 356 -25.22 -44.14 70.49
N ASP N 357 -24.24 -43.23 70.59
CA ASP N 357 -24.52 -41.82 70.33
C ASP N 357 -24.80 -41.57 68.85
N TYR N 358 -24.12 -42.30 67.96
CA TYR N 358 -24.33 -42.09 66.53
C TYR N 358 -25.75 -42.52 66.15
N ASP N 359 -26.19 -43.66 66.67
CA ASP N 359 -27.57 -44.09 66.47
C ASP N 359 -28.55 -43.05 67.00
N ARG N 360 -28.31 -42.57 68.22
CA ARG N 360 -29.21 -41.61 68.82
C ARG N 360 -29.30 -40.34 67.99
N GLU N 361 -28.16 -39.82 67.54
CA GLU N 361 -28.16 -38.60 66.75
C GLU N 361 -28.92 -38.80 65.45
N LYS N 362 -28.61 -39.88 64.71
CA LYS N 362 -29.22 -40.02 63.40
C LYS N 362 -30.72 -40.24 63.53
N LEU N 363 -31.17 -41.05 64.49
CA LEU N 363 -32.60 -41.28 64.60
C LEU N 363 -33.33 -40.11 65.25
N GLN N 364 -32.67 -39.28 66.05
CA GLN N 364 -33.29 -38.00 66.43
C GLN N 364 -33.48 -37.13 65.20
N GLU N 365 -32.51 -37.15 64.29
CA GLU N 365 -32.69 -36.44 63.02
C GLU N 365 -33.89 -36.99 62.28
N ARG N 366 -34.07 -38.31 62.27
CA ARG N 366 -35.25 -38.90 61.63
C ARG N 366 -36.53 -38.45 62.32
N LEU N 367 -36.53 -38.41 63.66
CA LEU N 367 -37.73 -37.99 64.39
C LEU N 367 -38.09 -36.56 64.00
N ALA N 368 -37.12 -35.66 64.00
CA ALA N 368 -37.37 -34.29 63.57
C ALA N 368 -37.81 -34.25 62.10
N LYS N 369 -37.35 -35.19 61.29
CA LYS N 369 -37.65 -35.16 59.86
C LYS N 369 -39.10 -35.57 59.60
N LEU N 370 -39.58 -36.62 60.27
CA LEU N 370 -40.98 -37.02 60.11
C LEU N 370 -41.92 -36.18 60.96
N ALA N 371 -41.78 -36.25 62.28
CA ALA N 371 -42.75 -35.61 63.16
C ALA N 371 -42.65 -34.09 63.14
N GLY N 372 -41.59 -33.52 62.58
CA GLY N 372 -41.45 -32.07 62.57
C GLY N 372 -42.55 -31.38 61.78
N GLY N 373 -42.97 -31.98 60.68
CA GLY N 373 -44.01 -31.42 59.84
C GLY N 373 -43.47 -30.38 58.86
N VAL N 374 -44.36 -29.94 57.98
CA VAL N 374 -44.05 -28.98 56.92
C VAL N 374 -45.01 -27.81 57.08
N ALA N 375 -44.46 -26.60 57.17
CA ALA N 375 -45.28 -25.41 57.26
C ALA N 375 -45.66 -24.94 55.86
N VAL N 376 -46.95 -24.71 55.65
CA VAL N 376 -47.49 -24.31 54.35
C VAL N 376 -48.28 -23.01 54.55
N ILE N 377 -48.08 -22.06 53.65
CA ILE N 377 -48.67 -20.73 53.74
C ILE N 377 -49.44 -20.47 52.44
N LYS N 378 -50.74 -20.19 52.58
CA LYS N 378 -51.65 -20.02 51.45
C LYS N 378 -51.71 -18.54 51.11
N VAL N 379 -50.60 -18.01 50.57
CA VAL N 379 -50.48 -16.58 50.29
C VAL N 379 -51.54 -16.19 49.25
N GLY N 380 -52.29 -15.13 49.54
CA GLY N 380 -53.36 -14.70 48.66
C GLY N 380 -53.63 -13.21 48.79
N ALA N 381 -54.04 -12.61 47.69
CA ALA N 381 -54.32 -11.18 47.62
C ALA N 381 -55.39 -10.96 46.54
N ALA N 382 -55.52 -9.72 46.07
CA ALA N 382 -56.64 -9.36 45.20
C ALA N 382 -56.48 -9.90 43.78
N THR N 383 -55.45 -9.47 43.06
CA THR N 383 -55.26 -9.79 41.66
C THR N 383 -54.12 -10.77 41.48
N GLU N 384 -54.07 -11.39 40.28
CA GLU N 384 -53.13 -12.48 40.04
C GLU N 384 -51.69 -11.99 40.09
N VAL N 385 -51.39 -10.95 39.31
CA VAL N 385 -49.99 -10.54 39.14
C VAL N 385 -49.44 -9.98 40.46
N GLU N 386 -50.27 -9.23 41.18
CA GLU N 386 -49.84 -8.80 42.51
C GLU N 386 -49.66 -9.99 43.43
N MET N 387 -50.45 -11.05 43.26
CA MET N 387 -50.25 -12.25 44.06
C MET N 387 -48.92 -12.92 43.73
N LYS N 388 -48.55 -12.93 42.45
CA LYS N 388 -47.24 -13.44 42.06
C LYS N 388 -46.13 -12.64 42.71
N GLU N 389 -46.23 -11.31 42.63
CA GLU N 389 -45.22 -10.45 43.26
C GLU N 389 -45.18 -10.67 44.77
N LYS N 390 -46.35 -10.85 45.37
CA LYS N 390 -46.41 -11.08 46.80
C LYS N 390 -45.75 -12.39 47.18
N LYS N 391 -45.97 -13.46 46.40
CA LYS N 391 -45.33 -14.73 46.74
C LYS N 391 -43.82 -14.63 46.55
N ALA N 392 -43.38 -13.86 45.56
CA ALA N 392 -41.95 -13.64 45.40
C ALA N 392 -41.39 -12.94 46.63
N ARG N 393 -42.10 -11.93 47.13
CA ARG N 393 -41.66 -11.25 48.34
C ARG N 393 -41.62 -12.20 49.52
N VAL N 394 -42.61 -13.08 49.63
CA VAL N 394 -42.64 -14.04 50.72
C VAL N 394 -41.43 -14.97 50.63
N GLU N 395 -41.08 -15.41 49.42
CA GLU N 395 -39.93 -16.29 49.25
C GLU N 395 -38.64 -15.58 49.67
N ASP N 396 -38.47 -14.33 49.24
CA ASP N 396 -37.25 -13.60 49.62
C ASP N 396 -37.20 -13.39 51.12
N ALA N 397 -38.34 -13.06 51.73
CA ALA N 397 -38.38 -12.90 53.18
C ALA N 397 -38.06 -14.21 53.88
N LEU N 398 -38.52 -15.33 53.32
CA LEU N 398 -38.25 -16.63 53.92
C LEU N 398 -36.77 -16.93 53.92
N HIS N 399 -36.12 -16.74 52.78
CA HIS N 399 -34.69 -16.99 52.70
C HIS N 399 -33.91 -16.07 53.66
N ALA N 400 -34.23 -14.77 53.65
CA ALA N 400 -33.52 -13.84 54.49
C ALA N 400 -33.72 -14.13 55.97
N THR N 401 -34.95 -14.43 56.37
CA THR N 401 -35.23 -14.72 57.77
C THR N 401 -34.56 -16.01 58.20
N ARG N 402 -34.53 -17.03 57.33
CA ARG N 402 -33.83 -18.26 57.66
C ARG N 402 -32.36 -17.99 57.91
N ALA N 403 -31.72 -17.20 57.05
CA ALA N 403 -30.32 -16.87 57.27
C ALA N 403 -30.12 -16.10 58.57
N ALA N 404 -31.03 -15.17 58.85
CA ALA N 404 -30.92 -14.36 60.06
C ALA N 404 -31.00 -15.22 61.32
N VAL N 405 -31.95 -16.17 61.36
CA VAL N 405 -32.03 -17.03 62.53
C VAL N 405 -30.82 -17.95 62.57
N GLU N 406 -30.26 -18.29 61.40
CA GLU N 406 -29.11 -19.19 61.37
C GLU N 406 -27.92 -18.56 62.06
N GLU N 407 -27.47 -17.39 61.60
CA GLU N 407 -26.21 -16.80 62.07
C GLU N 407 -26.35 -15.31 62.32
N GLY N 408 -27.44 -14.91 62.99
CA GLY N 408 -27.57 -13.53 63.43
C GLY N 408 -27.70 -12.55 62.28
N ILE N 409 -27.48 -11.29 62.62
CA ILE N 409 -27.54 -10.18 61.67
C ILE N 409 -26.37 -9.24 61.94
N VAL N 410 -26.06 -8.42 60.95
CA VAL N 410 -24.99 -7.43 61.06
C VAL N 410 -25.46 -6.12 60.45
N PRO N 411 -24.85 -4.98 60.82
CA PRO N 411 -25.15 -3.73 60.11
C PRO N 411 -24.80 -3.82 58.64
N GLY N 412 -25.81 -3.73 57.78
CA GLY N 412 -25.63 -3.92 56.35
C GLY N 412 -25.18 -2.65 55.65
N GLY N 413 -25.33 -2.67 54.34
CA GLY N 413 -24.95 -1.53 53.53
C GLY N 413 -23.45 -1.34 53.38
N GLY N 414 -22.67 -2.39 53.55
CA GLY N 414 -21.23 -2.32 53.40
C GLY N 414 -20.47 -1.89 54.64
N VAL N 415 -21.16 -1.56 55.73
CA VAL N 415 -20.48 -1.13 56.95
C VAL N 415 -20.12 -2.30 57.87
N ALA N 416 -20.73 -3.46 57.69
CA ALA N 416 -20.33 -4.63 58.47
C ALA N 416 -18.88 -4.98 58.23
N LEU N 417 -18.46 -4.96 56.97
CA LEU N 417 -17.07 -5.24 56.65
C LEU N 417 -16.16 -4.11 57.13
N ILE N 418 -16.65 -2.89 57.23
CA ILE N 418 -15.86 -1.80 57.81
C ILE N 418 -15.59 -2.09 59.28
N ARG N 419 -16.65 -2.34 60.05
CA ARG N 419 -16.47 -2.58 61.48
C ARG N 419 -15.77 -3.90 61.76
N ALA N 420 -15.73 -4.81 60.79
CA ALA N 420 -14.99 -6.06 60.94
C ALA N 420 -13.50 -5.89 60.67
N ALA N 421 -13.08 -4.77 60.09
CA ALA N 421 -11.68 -4.52 59.80
C ALA N 421 -10.89 -4.09 61.04
N LYS N 422 -11.55 -3.85 62.17
CA LYS N 422 -10.81 -3.51 63.39
C LYS N 422 -9.92 -4.66 63.84
N ALA N 423 -10.32 -5.90 63.56
CA ALA N 423 -9.51 -7.04 63.97
C ALA N 423 -8.21 -7.13 63.19
N LEU N 424 -8.09 -6.45 62.06
CA LEU N 424 -6.89 -6.46 61.25
C LEU N 424 -5.86 -5.43 61.68
N GLU N 425 -6.09 -4.75 62.82
CA GLU N 425 -5.23 -3.65 63.21
C GLU N 425 -3.83 -4.12 63.59
N ASN N 426 -3.74 -5.13 64.46
CA ASN N 426 -2.48 -5.57 65.06
C ASN N 426 -2.22 -7.04 64.74
N LEU N 427 -2.39 -7.41 63.47
CA LEU N 427 -2.13 -8.76 63.00
C LEU N 427 -1.04 -8.70 61.94
N GLU N 428 0.07 -9.40 62.20
CA GLU N 428 1.21 -9.43 61.30
C GLU N 428 1.49 -10.87 60.89
N GLY N 429 1.71 -11.07 59.59
CA GLY N 429 2.01 -12.37 59.06
C GLY N 429 3.45 -12.77 59.35
N GLU N 430 3.79 -13.99 58.93
CA GLU N 430 5.13 -14.52 59.19
C GLU N 430 6.20 -13.72 58.47
N ASN N 431 5.88 -13.12 57.33
CA ASN N 431 6.83 -12.33 56.55
C ASN N 431 6.17 -11.05 56.06
N GLY N 432 6.93 -10.26 55.31
CA GLY N 432 6.42 -9.00 54.79
C GLY N 432 5.32 -9.17 53.77
N ASP N 433 5.41 -10.21 52.93
CA ASP N 433 4.40 -10.41 51.90
C ASP N 433 3.05 -10.75 52.50
N GLN N 434 3.03 -11.49 53.60
CA GLN N 434 1.74 -11.77 54.25
C GLN N 434 1.16 -10.52 54.88
N LYS N 435 1.99 -9.65 55.43
CA LYS N 435 1.47 -8.36 55.89
C LYS N 435 0.95 -7.53 54.72
N THR N 436 1.59 -7.65 53.55
CA THR N 436 1.07 -6.99 52.36
C THR N 436 -0.30 -7.53 52.00
N GLY N 437 -0.48 -8.84 52.08
CA GLY N 437 -1.78 -9.43 51.83
C GLY N 437 -2.83 -8.99 52.85
N VAL N 438 -2.42 -8.87 54.11
CA VAL N 438 -3.32 -8.36 55.14
C VAL N 438 -3.76 -6.95 54.80
N LYS N 439 -2.81 -6.11 54.39
CA LYS N 439 -3.15 -4.75 53.98
C LYS N 439 -4.09 -4.77 52.78
N ILE N 440 -3.85 -5.68 51.83
CA ILE N 440 -4.64 -5.74 50.62
C ILE N 440 -6.08 -6.07 50.95
N VAL N 441 -6.31 -7.12 51.75
CA VAL N 441 -7.67 -7.46 52.11
C VAL N 441 -8.30 -6.40 53.01
N ARG N 442 -7.50 -5.73 53.84
CA ARG N 442 -8.05 -4.61 54.62
C ARG N 442 -8.58 -3.53 53.69
N ARG N 443 -7.83 -3.23 52.63
CA ARG N 443 -8.23 -2.19 51.66
C ARG N 443 -9.45 -2.68 50.87
N ALA N 444 -9.60 -3.99 50.68
CA ALA N 444 -10.69 -4.54 49.88
C ALA N 444 -12.00 -4.65 50.64
N LEU N 445 -11.97 -4.64 51.98
CA LEU N 445 -13.20 -4.81 52.74
C LEU N 445 -14.12 -3.62 52.58
N GLU N 446 -13.57 -2.43 52.35
CA GLU N 446 -14.33 -1.19 52.28
C GLU N 446 -14.81 -0.85 50.87
N GLU N 447 -14.54 -1.72 49.89
CA GLU N 447 -14.97 -1.42 48.52
C GLU N 447 -16.47 -1.51 48.33
N PRO N 448 -17.21 -2.40 49.00
CA PRO N 448 -18.69 -2.31 48.91
C PRO N 448 -19.25 -0.96 49.32
N LEU N 449 -18.72 -0.34 50.38
CA LEU N 449 -19.22 0.99 50.75
C LEU N 449 -18.81 2.04 49.73
N ARG N 450 -17.55 1.98 49.28
CA ARG N 450 -17.07 2.89 48.25
C ARG N 450 -17.98 2.86 47.04
N GLN N 451 -18.34 1.67 46.56
CA GLN N 451 -19.15 1.60 45.36
C GLN N 451 -20.64 1.78 45.60
N ILE N 452 -21.13 1.46 46.80
CA ILE N 452 -22.54 1.70 47.08
C ILE N 452 -22.80 3.18 47.13
N VAL N 453 -21.84 3.99 47.59
CA VAL N 453 -22.00 5.44 47.55
C VAL N 453 -21.51 6.05 46.26
N ALA N 454 -20.63 5.39 45.51
CA ALA N 454 -20.27 5.87 44.19
C ALA N 454 -21.43 5.72 43.22
N ASN N 455 -22.25 4.68 43.39
CA ASN N 455 -23.45 4.55 42.58
C ASN N 455 -24.44 5.68 42.86
N ALA N 456 -24.44 6.23 44.08
CA ALA N 456 -25.21 7.42 44.39
C ALA N 456 -24.54 8.70 43.91
N GLY N 457 -23.32 8.62 43.39
CA GLY N 457 -22.66 9.75 42.80
C GLY N 457 -22.11 10.77 43.77
N LEU N 458 -21.93 10.39 45.04
CA LEU N 458 -21.31 11.24 46.05
C LEU N 458 -19.84 10.85 46.19
N GLU N 459 -19.07 11.72 46.82
CA GLU N 459 -17.67 11.43 47.06
C GLU N 459 -17.55 10.32 48.09
N GLY N 460 -16.82 9.27 47.75
CA GLY N 460 -16.78 8.08 48.58
C GLY N 460 -15.80 8.16 49.73
N SER N 461 -14.69 8.88 49.52
CA SER N 461 -13.65 8.94 50.53
C SER N 461 -14.16 9.61 51.81
N VAL N 462 -14.91 10.71 51.66
CA VAL N 462 -15.39 11.42 52.85
C VAL N 462 -16.31 10.52 53.67
N VAL N 463 -17.24 9.85 53.00
CA VAL N 463 -18.23 9.06 53.73
C VAL N 463 -17.57 7.83 54.35
N VAL N 464 -16.67 7.17 53.64
CA VAL N 464 -16.05 5.99 54.22
C VAL N 464 -15.13 6.37 55.37
N ASN N 465 -14.43 7.51 55.27
CA ASN N 465 -13.59 7.94 56.38
C ASN N 465 -14.44 8.23 57.61
N LYS N 466 -15.48 9.04 57.47
CA LYS N 466 -16.26 9.43 58.64
C LYS N 466 -17.24 8.35 59.06
N VAL N 467 -17.34 7.25 58.31
CA VAL N 467 -17.92 6.02 58.85
C VAL N 467 -16.88 5.28 59.67
N LYS N 468 -15.62 5.30 59.22
CA LYS N 468 -14.57 4.62 59.96
C LYS N 468 -14.31 5.25 61.32
N GLU N 469 -14.45 6.58 61.42
CA GLU N 469 -14.25 7.21 62.73
C GLU N 469 -15.29 6.75 63.75
N GLY N 470 -16.46 6.28 63.32
CA GLY N 470 -17.49 5.85 64.23
C GLY N 470 -17.19 4.47 64.82
N LYS N 471 -18.11 4.04 65.68
CA LYS N 471 -18.00 2.73 66.32
C LYS N 471 -19.41 2.19 66.53
N GLY N 472 -19.49 0.89 66.77
CA GLY N 472 -20.78 0.26 66.97
C GLY N 472 -21.47 0.02 65.65
N ASN N 473 -22.71 0.46 65.53
CA ASN N 473 -23.50 0.32 64.32
C ASN N 473 -23.65 1.63 63.56
N PHE N 474 -22.84 2.64 63.88
CA PHE N 474 -22.82 3.87 63.11
C PHE N 474 -22.44 3.57 61.67
N GLY N 475 -23.20 4.12 60.73
CA GLY N 475 -22.96 3.83 59.33
C GLY N 475 -23.81 4.70 58.43
N TYR N 476 -23.55 4.57 57.13
CA TYR N 476 -24.21 5.37 56.11
C TYR N 476 -25.44 4.64 55.60
N ASN N 477 -26.61 5.24 55.82
CA ASN N 477 -27.86 4.78 55.22
C ASN N 477 -27.99 5.42 53.85
N ALA N 478 -27.67 4.66 52.81
CA ALA N 478 -27.62 5.22 51.46
C ALA N 478 -28.99 5.70 50.99
N ARG N 479 -30.08 5.09 51.47
CA ARG N 479 -31.41 5.45 51.00
C ARG N 479 -31.74 6.89 51.35
N THR N 480 -31.53 7.29 52.60
CA THR N 480 -31.93 8.59 53.11
C THR N 480 -30.78 9.55 53.34
N GLU N 481 -29.54 9.13 53.11
CA GLU N 481 -28.36 9.99 53.29
C GLU N 481 -28.27 10.49 54.72
N GLU N 482 -28.54 9.61 55.68
CA GLU N 482 -28.42 9.86 57.12
C GLU N 482 -27.25 9.05 57.65
N TYR N 483 -27.04 9.10 58.96
CA TYR N 483 -25.88 8.51 59.63
C TYR N 483 -26.29 7.75 60.89
N ASP N 484 -27.29 6.87 60.75
CA ASP N 484 -27.60 5.92 61.81
C ASP N 484 -28.11 4.63 61.19
N LEU N 485 -27.82 3.44 61.77
CA LEU N 485 -28.40 2.16 61.27
C LEU N 485 -28.86 1.27 62.43
N ILE N 486 -28.61 1.66 63.68
CA ILE N 486 -28.91 0.76 64.80
C ILE N 486 -30.31 0.20 64.62
N GLU N 487 -31.31 1.07 64.67
CA GLU N 487 -32.71 0.70 64.50
C GLU N 487 -33.27 1.10 63.15
N ALA N 488 -32.49 1.83 62.33
CA ALA N 488 -32.97 2.22 61.00
C ALA N 488 -33.27 1.01 60.12
N GLY N 489 -32.68 -0.14 60.43
CA GLY N 489 -33.09 -1.38 59.82
C GLY N 489 -32.77 -1.52 58.35
N VAL N 490 -31.59 -1.08 57.93
CA VAL N 490 -31.00 -1.57 56.69
C VAL N 490 -29.89 -2.52 57.13
N ILE N 491 -30.20 -3.82 57.09
CA ILE N 491 -29.37 -4.86 57.66
C ILE N 491 -29.26 -6.02 56.69
N ASP N 492 -28.22 -6.83 56.90
CA ASP N 492 -27.97 -8.04 56.15
C ASP N 492 -27.71 -9.17 57.12
N PRO N 493 -28.07 -10.42 56.80
CA PRO N 493 -27.63 -11.53 57.64
C PRO N 493 -26.11 -11.63 57.67
N ALA N 494 -25.59 -12.02 58.82
CA ALA N 494 -24.15 -12.22 58.93
C ALA N 494 -23.67 -13.33 58.01
N LYS N 495 -24.51 -14.33 57.78
CA LYS N 495 -24.09 -15.47 56.96
C LYS N 495 -23.80 -15.05 55.53
N VAL N 496 -24.66 -14.20 54.95
CA VAL N 496 -24.46 -13.84 53.54
C VAL N 496 -23.19 -13.01 53.37
N THR N 497 -22.94 -12.08 54.29
CA THR N 497 -21.70 -11.30 54.21
C THR N 497 -20.49 -12.19 54.42
N ARG N 498 -20.56 -13.09 55.40
CA ARG N 498 -19.44 -13.99 55.67
C ARG N 498 -19.12 -14.85 54.46
N THR N 499 -20.14 -15.47 53.86
CA THR N 499 -19.87 -16.37 52.75
C THR N 499 -19.48 -15.60 51.50
N ALA N 500 -20.00 -14.39 51.30
CA ALA N 500 -19.54 -13.58 50.18
C ALA N 500 -18.07 -13.26 50.32
N LEU N 501 -17.65 -12.86 51.52
CA LEU N 501 -16.24 -12.55 51.73
C LEU N 501 -15.37 -13.80 51.58
N GLN N 502 -15.84 -14.93 52.11
CA GLN N 502 -15.07 -16.16 51.99
C GLN N 502 -14.93 -16.60 50.54
N ASN N 503 -15.99 -16.48 49.76
CA ASN N 503 -15.92 -16.83 48.35
C ASN N 503 -14.99 -15.89 47.59
N ALA N 504 -15.05 -14.59 47.91
CA ALA N 504 -14.15 -13.64 47.26
C ALA N 504 -12.69 -13.97 47.59
N ALA N 505 -12.41 -14.28 48.85
CA ALA N 505 -11.07 -14.67 49.22
C ALA N 505 -10.63 -15.94 48.50
N SER N 506 -11.55 -16.90 48.39
CA SER N 506 -11.23 -18.16 47.72
C SER N 506 -10.85 -17.92 46.27
N ILE N 507 -11.71 -17.22 45.52
CA ILE N 507 -11.43 -17.02 44.11
C ILE N 507 -10.19 -16.15 43.93
N ALA N 508 -9.97 -15.18 44.80
CA ALA N 508 -8.74 -14.39 44.72
C ALA N 508 -7.52 -15.27 44.93
N GLY N 509 -7.59 -16.19 45.89
CA GLY N 509 -6.47 -17.09 46.11
C GLY N 509 -6.21 -18.00 44.93
N MET N 510 -7.27 -18.58 44.36
CA MET N 510 -7.07 -19.44 43.21
C MET N 510 -6.62 -18.67 41.96
N LEU N 511 -6.91 -17.37 41.89
CA LEU N 511 -6.56 -16.59 40.72
C LEU N 511 -5.17 -15.99 40.82
N LEU N 512 -4.70 -15.68 42.03
CA LEU N 512 -3.34 -15.17 42.19
C LEU N 512 -2.29 -16.26 42.04
N THR N 513 -2.67 -17.53 42.20
CA THR N 513 -1.75 -18.65 42.14
C THR N 513 -1.99 -19.48 40.88
N THR N 514 -2.17 -18.80 39.75
CA THR N 514 -2.33 -19.43 38.45
C THR N 514 -1.30 -18.82 37.50
N GLU N 515 -0.43 -19.67 36.93
CA GLU N 515 0.46 -19.20 35.86
C GLU N 515 0.42 -20.17 34.67
N CYS N 516 -0.76 -20.66 34.33
CA CYS N 516 -0.94 -21.40 33.09
C CYS N 516 -2.43 -21.45 32.77
N VAL N 517 -2.76 -21.21 31.51
CA VAL N 517 -4.13 -21.12 31.05
C VAL N 517 -4.20 -21.85 29.73
N ILE N 518 -5.29 -22.58 29.50
CA ILE N 518 -5.45 -23.43 28.31
C ILE N 518 -6.85 -23.17 27.75
N THR N 519 -6.92 -22.79 26.48
CA THR N 519 -8.17 -22.49 25.79
C THR N 519 -8.11 -23.04 24.36
N GLU N 520 -9.28 -23.28 23.76
CA GLU N 520 -9.34 -23.70 22.36
C GLU N 520 -9.20 -22.50 21.44
N LYS N 521 -8.59 -22.75 20.28
CA LYS N 521 -8.69 -21.81 19.17
C LYS N 521 -10.03 -22.03 18.46
N PRO N 522 -10.85 -20.99 18.22
CA PRO N 522 -12.14 -21.12 17.48
C PRO N 522 -11.91 -21.87 16.17
#